data_3ZQJ
#
_entry.id   3ZQJ
#
_cell.length_a   258.227
_cell.length_b   258.227
_cell.length_c   204.554
_cell.angle_alpha   90.00
_cell.angle_beta   90.00
_cell.angle_gamma   120.00
#
_symmetry.space_group_name_H-M   'P 32 2 1'
#
loop_
_entity.id
_entity.type
_entity.pdbx_description
1 polymer 'UVRABC SYSTEM PROTEIN A'
2 non-polymer 'ZINC ION'
#
_entity_poly.entity_id   1
_entity_poly.type   'polypeptide(L)'
_entity_poly.pdbx_seq_one_letter_code
;MGHHHHHHHHHHSSGHIEGRHMADRLIVKGAREHNLRSVDLDLPRDALIVFTGLSGSGKSSLAFDTIFAEGQRRYVESLS
AYARQFLGQMDKPDVDFIEGLSPAVSIDQKSTNRNPRSTVGTITEVYDYLRLLYARAGTPHCPTCGERVARQTPQQIVDQ
VLAMPEGTRFLVLAPVVRTRKGEFADLFDKLNAQGYSRVRVDGVVHPLTDPPKLKKQEKHDIEVVVDRLTVKAAAKRRLT
DSVETALNLADGIVVLEFVDHELGAPHREQRFSEKLACPNGHALAVDDLEPRSFSFNSPYGACPECSGLGIRKEVDPELV
VPDPDRTLAQGAVAPWSNGHTAEYFTRMMAGLGEALGFDVDTPWRKLPAKARKAILEGADEQVHVRYRNRYGRTRSYYAD
FEGVLAFLQRKMSQTESEQMKERYEGFMRDVPCPVCAGTRLKPEILAVTLAGESKGEHGAKSIAEVCELSIADCADFLNA
LTLGPREQAIAGQVLKEIRSRLGFLLDVGLEYLSLSRAAATLSGGEAQRIRLATQIGSGLVGVLYVLDEPSIGLHQRDNR
RLIETLTRLRDLGNTLIVVEHDEDTIEHADWIVDIGPGAGEHGGRIVHSGPYDELLRNKDSITGAYLSGRESIEIPAIRR
SVDPRRQLTVVGAREHNLRGIDVSFPLGVLTSVTGVSGSGKSTLVNDILAAVLANRLNGARQVPGRHTRVTGLDYLDKLV
RVDQSPIGRTPRSNPATYTGVFDKIRTLFAATTEAKVRGYQPGRFSFNVKGGRCEACTGDGTIKIEMNFLPDVYVPCEVC
QGARYNRETLEVHYKGKTVSEVLDMSIEEAAEFFEPIAGVHRYLRTLVDVGLGYVRLGQPAPTLSGGEAQRVKLASELQK
RSTGRTVYILDEPTTGLHFDDIRKLLNVINGLVDKGNTVIVIEHNLDVIKTSDWIIDLGPEGGAGGGTVVAQGTPEDVAA
VPASYTGKFLAEVVGGGASAATSRSNRRRNVSA
;
_entity_poly.pdbx_strand_id   A,B,C,D,E,F
#
loop_
_chem_comp.id
_chem_comp.type
_chem_comp.name
_chem_comp.formula
ZN non-polymer 'ZINC ION' 'Zn 2'
#
# COMPACT_ATOMS: atom_id res chain seq x y z
N ALA A 23 33.08 10.53 -4.38
CA ALA A 23 33.73 10.77 -3.04
C ALA A 23 35.22 11.15 -3.12
N ASP A 24 35.56 12.23 -2.43
CA ASP A 24 36.92 12.65 -2.16
C ASP A 24 37.15 12.17 -0.72
N ARG A 25 36.72 10.94 -0.49
CA ARG A 25 36.75 10.32 0.82
C ARG A 25 37.39 8.94 0.87
N LEU A 26 38.21 8.74 1.88
CA LEU A 26 38.69 7.42 2.23
C LEU A 26 37.66 6.72 3.09
N ILE A 27 37.24 5.55 2.64
CA ILE A 27 36.16 4.81 3.30
C ILE A 27 36.51 3.35 3.59
N VAL A 28 36.30 2.93 4.85
CA VAL A 28 36.56 1.57 5.28
C VAL A 28 35.33 0.94 5.96
N LYS A 29 34.99 -0.26 5.53
CA LYS A 29 33.88 -1.00 6.11
C LYS A 29 34.38 -2.32 6.65
N GLY A 30 34.02 -2.58 7.91
CA GLY A 30 34.34 -3.82 8.61
C GLY A 30 35.83 -4.08 8.64
N ALA A 31 36.58 -3.29 9.40
CA ALA A 31 37.99 -3.57 9.55
C ALA A 31 37.92 -4.40 10.82
N ARG A 32 38.56 -5.56 10.75
CA ARG A 32 38.63 -6.50 11.86
C ARG A 32 40.10 -6.86 12.13
N GLU A 33 41.01 -6.23 11.82
CA GLU A 33 42.32 -6.85 11.97
C GLU A 33 42.70 -7.26 13.39
N HIS A 34 42.54 -6.56 14.49
CA HIS A 34 43.03 -7.21 15.68
C HIS A 34 42.12 -7.29 16.83
N ASN A 35 41.81 -6.20 17.49
CA ASN A 35 40.74 -6.37 18.45
C ASN A 35 39.75 -5.42 17.80
N LEU A 36 40.03 -5.08 16.54
CA LEU A 36 39.23 -4.12 15.81
C LEU A 36 37.88 -4.78 15.63
N ARG A 37 36.82 -4.11 16.05
CA ARG A 37 35.46 -4.67 15.96
C ARG A 37 34.69 -4.35 14.68
N SER A 38 35.18 -4.84 13.54
CA SER A 38 34.46 -4.63 12.28
C SER A 38 34.17 -3.14 12.07
N VAL A 39 35.14 -2.30 12.39
CA VAL A 39 34.98 -0.85 12.31
C VAL A 39 34.79 -0.29 10.90
N ASP A 40 33.93 0.72 10.81
CA ASP A 40 33.67 1.44 9.56
C ASP A 40 34.05 2.91 9.70
N LEU A 41 34.77 3.44 8.73
CA LEU A 41 35.20 4.85 8.78
C LEU A 41 34.94 5.58 7.46
N ASP A 42 34.73 6.88 7.55
CA ASP A 42 34.51 7.70 6.40
C ASP A 42 35.36 8.92 6.50
N LEU A 43 36.61 8.77 6.08
CA LEU A 43 37.59 9.81 6.29
C LEU A 43 37.73 10.76 5.11
N PRO A 44 38.04 12.03 5.41
CA PRO A 44 38.27 13.05 4.40
C PRO A 44 39.62 12.87 3.80
N ARG A 45 39.68 12.35 2.57
CA ARG A 45 40.93 12.38 1.81
C ARG A 45 41.50 13.82 1.70
N ASP A 46 42.78 13.99 1.52
CA ASP A 46 43.39 15.32 1.38
C ASP A 46 43.34 16.15 2.62
N ALA A 47 43.36 15.46 3.75
CA ALA A 47 43.35 16.07 5.05
C ALA A 47 44.54 15.58 5.83
N LEU A 48 44.92 16.30 6.86
CA LEU A 48 45.79 15.70 7.85
C LEU A 48 44.88 15.02 8.85
N ILE A 49 44.68 13.71 8.75
CA ILE A 49 43.92 12.97 9.75
C ILE A 49 44.81 12.51 10.89
N VAL A 50 44.37 12.62 12.14
CA VAL A 50 45.14 12.10 13.26
C VAL A 50 44.34 11.03 14.00
N PHE A 51 44.96 9.87 14.19
CA PHE A 51 44.36 8.79 14.97
C PHE A 51 44.76 8.98 16.40
N THR A 52 43.85 8.65 17.31
CA THR A 52 44.02 9.03 18.70
C THR A 52 43.31 8.13 19.71
N GLY A 53 43.92 7.98 20.88
CA GLY A 53 43.33 7.16 21.93
C GLY A 53 44.31 6.52 22.88
N LEU A 54 43.79 5.71 23.79
CA LEU A 54 44.61 5.01 24.78
C LEU A 54 45.46 3.96 24.10
N SER A 55 46.62 3.66 24.69
CA SER A 55 47.52 2.68 24.10
C SER A 55 46.83 1.32 24.00
N GLY A 56 47.06 0.65 22.89
CA GLY A 56 46.40 -0.65 22.62
C GLY A 56 44.90 -0.52 22.39
N SER A 57 44.53 0.69 21.97
CA SER A 57 43.18 1.01 21.55
C SER A 57 42.85 0.24 20.26
N GLY A 58 43.88 -0.06 19.47
CA GLY A 58 43.73 -0.54 18.09
C GLY A 58 44.17 0.48 17.03
N LYS A 59 44.68 1.60 17.53
CA LYS A 59 45.14 2.73 16.71
C LYS A 59 45.90 2.15 15.51
N SER A 60 46.86 1.28 15.79
CA SER A 60 47.82 0.89 14.77
C SER A 60 47.28 -0.18 13.84
N SER A 61 46.41 -1.00 14.39
CA SER A 61 45.83 -2.06 13.61
C SER A 61 45.07 -1.40 12.55
N LEU A 62 44.38 -0.33 12.90
CA LEU A 62 43.62 0.40 11.89
C LEU A 62 44.49 1.19 10.89
N ALA A 63 45.34 2.07 11.44
CA ALA A 63 46.23 2.95 10.66
C ALA A 63 47.13 2.12 9.74
N PHE A 64 47.91 1.24 10.37
CA PHE A 64 49.01 0.57 9.70
C PHE A 64 48.67 -0.82 9.24
N ASP A 65 48.14 -1.66 10.09
CA ASP A 65 47.88 -3.02 9.66
C ASP A 65 46.77 -3.19 8.63
N THR A 66 45.81 -2.28 8.65
CA THR A 66 44.71 -2.31 7.68
C THR A 66 44.88 -1.24 6.59
N ILE A 67 44.73 0.05 6.95
CA ILE A 67 44.68 1.12 5.93
C ILE A 67 45.94 1.16 5.03
N PHE A 68 47.08 1.52 5.63
CA PHE A 68 48.38 1.52 4.94
C PHE A 68 48.64 0.21 4.22
N ALA A 69 48.68 -0.88 4.99
CA ALA A 69 48.99 -2.21 4.50
C ALA A 69 48.24 -2.49 3.20
N GLU A 70 46.95 -2.13 3.18
CA GLU A 70 46.19 -2.28 1.96
C GLU A 70 46.59 -1.25 0.90
N GLY A 71 46.87 -0.03 1.32
CA GLY A 71 47.31 1.00 0.40
C GLY A 71 48.46 0.50 -0.46
N GLN A 72 49.49 0.02 0.24
CA GLN A 72 50.72 -0.49 -0.37
C GLN A 72 50.38 -1.67 -1.28
N ARG A 73 49.72 -2.66 -0.68
CA ARG A 73 49.47 -3.94 -1.34
C ARG A 73 48.80 -3.77 -2.71
N ARG A 74 47.59 -3.23 -2.69
CA ARG A 74 46.86 -2.99 -3.91
C ARG A 74 47.72 -2.31 -4.96
N TYR A 75 48.59 -1.40 -4.55
CA TYR A 75 49.40 -0.74 -5.57
C TYR A 75 50.46 -1.67 -6.11
N VAL A 76 51.11 -2.40 -5.21
CA VAL A 76 52.23 -3.23 -5.58
C VAL A 76 51.74 -4.37 -6.44
N GLU A 77 50.54 -4.86 -6.18
CA GLU A 77 49.97 -5.86 -7.05
C GLU A 77 50.05 -5.47 -8.51
N SER A 78 50.15 -4.18 -8.81
CA SER A 78 50.17 -3.72 -10.20
C SER A 78 51.52 -4.02 -10.80
N LEU A 79 52.58 -3.86 -10.01
CA LEU A 79 53.96 -3.79 -10.48
C LEU A 79 54.23 -4.74 -11.60
N SER A 80 54.21 -6.03 -11.30
CA SER A 80 54.28 -7.02 -12.35
C SER A 80 53.24 -8.01 -11.97
N ALA A 81 52.59 -8.58 -12.96
CA ALA A 81 51.72 -9.72 -12.72
C ALA A 81 52.47 -10.78 -11.90
N TYR A 82 53.81 -10.82 -11.97
CA TYR A 82 54.61 -11.74 -11.15
C TYR A 82 54.64 -11.40 -9.68
N ALA A 83 54.97 -10.16 -9.32
CA ALA A 83 55.10 -9.78 -7.92
C ALA A 83 53.74 -9.91 -7.29
N ARG A 84 52.71 -9.78 -8.13
CA ARG A 84 51.34 -10.08 -7.79
C ARG A 84 51.18 -11.48 -7.14
N GLN A 85 51.96 -12.45 -7.59
CA GLN A 85 51.99 -13.81 -7.00
C GLN A 85 52.76 -13.83 -5.70
N PHE A 86 54.04 -13.42 -5.75
CA PHE A 86 54.91 -13.27 -4.57
C PHE A 86 54.15 -12.63 -3.42
N LEU A 87 53.15 -11.81 -3.78
CA LEU A 87 52.28 -11.12 -2.83
C LEU A 87 51.19 -12.01 -2.31
N GLY A 88 50.56 -12.75 -3.23
CA GLY A 88 49.53 -13.72 -2.86
C GLY A 88 49.73 -14.39 -1.51
N GLN A 89 50.99 -14.71 -1.15
CA GLN A 89 51.28 -15.45 0.09
C GLN A 89 51.26 -14.59 1.36
N MET A 90 50.69 -13.40 1.26
CA MET A 90 50.53 -12.55 2.42
C MET A 90 49.18 -12.75 3.05
N ASP A 91 49.13 -12.57 4.36
CA ASP A 91 47.87 -12.49 5.05
C ASP A 91 47.16 -11.15 4.79
N LYS A 92 46.46 -11.02 3.65
CA LYS A 92 45.67 -9.82 3.35
C LYS A 92 44.88 -9.34 4.59
N PRO A 93 44.96 -8.04 4.91
CA PRO A 93 44.44 -7.63 6.19
C PRO A 93 42.95 -7.88 6.22
N ASP A 94 42.43 -8.17 7.40
CA ASP A 94 41.02 -8.44 7.52
C ASP A 94 40.13 -7.18 7.57
N VAL A 95 39.70 -6.75 6.39
CA VAL A 95 38.68 -5.71 6.22
C VAL A 95 37.58 -6.28 5.37
N ASP A 96 36.50 -5.54 5.19
CA ASP A 96 35.50 -6.01 4.24
C ASP A 96 35.66 -5.31 2.92
N PHE A 97 35.71 -4.00 2.96
CA PHE A 97 35.73 -3.21 1.76
C PHE A 97 36.36 -1.92 2.12
N ILE A 98 37.40 -1.54 1.40
CA ILE A 98 37.88 -0.17 1.51
C ILE A 98 38.01 0.47 0.17
N GLU A 99 38.05 1.79 0.16
CA GLU A 99 37.98 2.52 -1.10
C GLU A 99 38.23 4.01 -0.97
N GLY A 100 38.70 4.61 -2.05
CA GLY A 100 39.27 5.95 -1.93
C GLY A 100 40.64 5.82 -1.30
N LEU A 101 41.32 4.75 -1.72
CA LEU A 101 42.61 4.34 -1.14
C LEU A 101 43.73 4.73 -2.10
N SER A 102 44.64 5.57 -1.62
CA SER A 102 45.81 6.01 -2.38
C SER A 102 46.86 4.98 -2.06
N PRO A 103 47.81 4.74 -2.97
CA PRO A 103 48.99 3.95 -2.65
C PRO A 103 49.64 4.49 -1.36
N ALA A 104 49.92 3.63 -0.40
CA ALA A 104 50.31 4.14 0.90
C ALA A 104 51.82 4.04 1.16
N VAL A 105 52.31 4.84 2.11
CA VAL A 105 53.72 4.87 2.46
C VAL A 105 53.78 5.02 3.94
N SER A 106 54.52 4.13 4.59
CA SER A 106 54.61 4.20 6.03
C SER A 106 55.84 4.97 6.50
N ILE A 107 55.64 5.82 7.50
CA ILE A 107 56.75 6.55 8.12
C ILE A 107 56.72 6.33 9.64
N ASP A 108 57.23 5.18 10.07
CA ASP A 108 57.29 4.82 11.48
C ASP A 108 58.68 5.12 11.95
N GLN A 109 59.09 4.48 13.05
CA GLN A 109 60.44 4.57 13.60
C GLN A 109 60.98 3.18 13.95
N LYS A 110 60.59 2.18 13.16
CA LYS A 110 60.88 0.76 13.38
C LYS A 110 62.33 0.22 13.35
N SER A 111 63.11 0.67 12.38
CA SER A 111 64.43 0.12 12.15
C SER A 111 65.57 1.11 12.37
N THR A 112 66.55 0.64 13.14
CA THR A 112 67.77 1.39 13.40
C THR A 112 68.87 0.39 13.10
N ASN A 113 69.09 0.14 11.81
CA ASN A 113 70.03 -0.89 11.41
C ASN A 113 71.45 -0.56 11.86
N ARG A 114 72.13 -1.58 12.34
CA ARG A 114 73.44 -1.46 12.98
C ARG A 114 74.61 -1.58 12.03
N ASN A 115 74.35 -1.70 10.74
CA ASN A 115 75.44 -1.85 9.79
C ASN A 115 76.35 -0.63 9.91
N PRO A 116 77.66 -0.89 10.03
CA PRO A 116 78.65 0.18 10.22
C PRO A 116 78.89 1.15 9.06
N ARG A 117 78.98 0.64 7.83
CA ARG A 117 79.31 1.47 6.67
C ARG A 117 78.30 2.55 6.31
N SER A 118 77.03 2.19 6.40
CA SER A 118 75.91 3.07 6.05
C SER A 118 75.82 4.33 6.92
N THR A 119 75.78 5.49 6.28
CA THR A 119 75.74 6.79 6.96
C THR A 119 74.60 7.64 6.42
N VAL A 120 74.29 8.72 7.15
CA VAL A 120 73.31 9.68 6.70
C VAL A 120 73.54 9.94 5.23
N GLY A 121 74.78 10.28 4.91
CA GLY A 121 75.19 10.49 3.53
C GLY A 121 74.65 9.44 2.60
N THR A 122 74.80 8.19 3.01
CA THR A 122 74.46 7.05 2.17
C THR A 122 72.95 6.87 2.15
N ILE A 123 72.35 6.78 3.34
CA ILE A 123 70.91 6.71 3.51
C ILE A 123 70.16 7.73 2.64
N THR A 124 70.62 8.97 2.63
CA THR A 124 69.91 10.02 1.92
C THR A 124 70.29 10.09 0.45
N GLU A 125 71.22 9.23 0.05
CA GLU A 125 71.77 9.19 -1.32
C GLU A 125 72.59 10.43 -1.61
N VAL A 126 72.63 11.37 -0.67
CA VAL A 126 73.36 12.61 -0.85
C VAL A 126 74.81 12.26 -1.11
N TYR A 127 75.32 11.23 -0.42
CA TYR A 127 76.72 10.86 -0.62
C TYR A 127 76.94 10.44 -2.07
N ASP A 128 76.05 9.57 -2.57
CA ASP A 128 76.06 9.20 -3.98
C ASP A 128 76.30 10.40 -4.88
N TYR A 129 75.45 11.40 -4.80
CA TYR A 129 75.60 12.59 -5.61
C TYR A 129 76.93 13.25 -5.36
N LEU A 130 77.40 13.26 -4.13
CA LEU A 130 78.69 13.86 -3.84
C LEU A 130 79.80 13.23 -4.71
N ARG A 131 79.79 11.91 -4.81
CA ARG A 131 80.83 11.20 -5.55
C ARG A 131 80.84 11.59 -7.02
N LEU A 132 79.64 11.71 -7.60
CA LEU A 132 79.51 12.14 -8.98
C LEU A 132 80.04 13.56 -9.10
N LEU A 133 79.74 14.37 -8.10
CA LEU A 133 80.13 15.78 -8.09
C LEU A 133 81.65 15.92 -8.02
N TYR A 134 82.26 15.06 -7.20
CA TYR A 134 83.71 15.05 -7.03
C TYR A 134 84.43 14.40 -8.17
N ALA A 135 83.88 13.30 -8.63
CA ALA A 135 84.43 12.58 -9.75
C ALA A 135 84.51 13.48 -10.97
N ARG A 136 83.49 14.31 -11.17
CA ARG A 136 83.40 14.98 -12.45
C ARG A 136 83.69 16.48 -12.47
N ALA A 137 83.89 17.08 -11.29
CA ALA A 137 84.31 18.48 -11.11
C ALA A 137 85.21 18.51 -9.93
N GLY A 138 86.10 19.49 -9.88
CA GLY A 138 87.03 19.56 -8.76
C GLY A 138 88.12 18.49 -8.74
N THR A 139 89.36 18.98 -8.65
CA THR A 139 90.55 18.28 -9.10
C THR A 139 91.38 17.55 -8.02
N PRO A 140 92.00 16.41 -8.40
CA PRO A 140 92.83 15.53 -7.55
C PRO A 140 94.26 15.96 -7.45
N HIS A 141 94.88 15.53 -6.36
CA HIS A 141 96.22 15.98 -6.01
C HIS A 141 96.92 14.76 -5.44
N CYS A 142 98.24 14.69 -5.55
CA CYS A 142 98.98 13.64 -4.85
C CYS A 142 98.92 13.91 -3.34
N PRO A 143 98.89 12.85 -2.54
CA PRO A 143 98.87 12.96 -1.08
C PRO A 143 100.09 13.64 -0.44
N THR A 144 101.31 13.36 -0.91
CA THR A 144 102.50 13.95 -0.30
C THR A 144 103.06 15.11 -1.13
N CYS A 145 103.68 14.83 -2.26
CA CYS A 145 104.24 15.92 -3.06
C CYS A 145 103.12 16.89 -3.43
N GLY A 146 101.97 16.34 -3.83
CA GLY A 146 100.78 17.14 -4.04
C GLY A 146 100.62 17.92 -5.34
N GLU A 147 101.53 17.72 -6.29
CA GLU A 147 101.42 18.43 -7.56
C GLU A 147 100.16 17.96 -8.29
N ARG A 148 99.44 18.89 -8.93
CA ARG A 148 98.24 18.50 -9.64
C ARG A 148 98.56 17.18 -10.31
N VAL A 149 97.62 16.24 -10.34
CA VAL A 149 97.96 14.90 -10.82
C VAL A 149 97.86 14.73 -12.33
N ALA A 150 98.98 14.37 -12.95
CA ALA A 150 99.06 14.15 -14.39
C ALA A 150 98.63 12.74 -14.79
N ARG A 151 98.86 12.40 -16.05
CA ARG A 151 98.75 11.03 -16.51
C ARG A 151 100.20 10.64 -16.78
N GLN A 152 100.46 9.40 -17.22
CA GLN A 152 101.81 8.82 -17.24
C GLN A 152 102.04 7.85 -18.39
N THR A 153 103.19 7.95 -19.09
CA THR A 153 103.47 7.11 -20.29
C THR A 153 104.02 5.71 -19.95
N PRO A 154 103.51 4.65 -20.63
CA PRO A 154 103.94 3.26 -20.37
C PRO A 154 105.41 3.15 -20.06
N GLN A 155 106.16 4.01 -20.71
CA GLN A 155 107.61 4.08 -20.55
C GLN A 155 108.03 4.38 -19.09
N GLN A 156 107.60 5.52 -18.57
CA GLN A 156 107.95 5.88 -17.21
C GLN A 156 107.14 5.11 -16.17
N ILE A 157 106.29 4.19 -16.63
CA ILE A 157 105.74 3.14 -15.76
C ILE A 157 106.70 1.94 -15.72
N VAL A 158 107.38 1.68 -16.83
CA VAL A 158 108.43 0.67 -16.86
C VAL A 158 109.66 1.13 -16.03
N ASP A 159 109.87 2.44 -16.01
CA ASP A 159 110.99 3.06 -15.31
C ASP A 159 110.80 3.08 -13.79
N GLN A 160 109.56 3.34 -13.38
CA GLN A 160 109.23 3.20 -11.99
C GLN A 160 109.57 1.78 -11.54
N VAL A 161 109.11 0.78 -12.29
CA VAL A 161 109.25 -0.61 -11.83
C VAL A 161 110.67 -1.13 -11.93
N LEU A 162 111.42 -0.64 -12.93
CA LEU A 162 112.82 -1.01 -13.08
C LEU A 162 113.68 -0.52 -11.89
N ALA A 163 113.49 0.75 -11.51
CA ALA A 163 114.07 1.33 -10.31
C ALA A 163 113.78 0.57 -9.00
N MET A 164 112.84 -0.38 -8.98
CA MET A 164 112.51 -1.08 -7.75
C MET A 164 113.67 -1.87 -7.19
N PRO A 165 113.60 -2.18 -5.88
CA PRO A 165 114.40 -3.19 -5.14
C PRO A 165 114.67 -4.54 -5.85
N GLU A 166 115.96 -4.83 -6.02
CA GLU A 166 116.48 -6.06 -6.62
C GLU A 166 116.15 -7.14 -5.64
N GLY A 167 115.71 -8.28 -6.16
CA GLY A 167 115.43 -9.45 -5.35
C GLY A 167 113.97 -9.46 -4.94
N THR A 168 113.30 -8.35 -5.18
CA THR A 168 111.87 -8.29 -4.96
C THR A 168 111.28 -9.20 -6.02
N ARG A 169 110.29 -10.01 -5.65
CA ARG A 169 109.62 -10.85 -6.63
C ARG A 169 108.16 -10.45 -6.67
N PHE A 170 107.64 -10.16 -7.85
CA PHE A 170 106.24 -9.79 -7.92
C PHE A 170 105.59 -10.43 -9.14
N LEU A 171 104.29 -10.71 -9.09
CA LEU A 171 103.60 -11.25 -10.25
C LEU A 171 103.03 -10.10 -11.08
N VAL A 172 103.67 -9.71 -12.18
CA VAL A 172 103.02 -8.81 -13.16
C VAL A 172 101.58 -9.38 -13.34
N LEU A 173 100.60 -8.54 -13.04
CA LEU A 173 99.19 -8.92 -13.08
C LEU A 173 98.48 -7.82 -13.87
N ALA A 174 97.53 -8.20 -14.72
CA ALA A 174 96.79 -7.23 -15.53
C ALA A 174 95.25 -7.33 -15.34
N PRO A 175 94.67 -6.32 -14.70
CA PRO A 175 93.23 -6.31 -14.42
C PRO A 175 92.48 -5.76 -15.62
N VAL A 176 92.30 -6.60 -16.62
CA VAL A 176 91.62 -6.21 -17.85
C VAL A 176 90.22 -5.80 -17.47
N VAL A 177 89.60 -6.55 -16.57
CA VAL A 177 88.24 -6.21 -16.18
C VAL A 177 88.22 -5.71 -14.74
N ARG A 178 87.94 -4.41 -14.59
CA ARG A 178 87.86 -3.81 -13.27
C ARG A 178 86.44 -3.86 -12.73
N THR A 179 85.96 -5.04 -12.33
CA THR A 179 84.61 -5.09 -11.76
C THR A 179 83.39 -4.77 -12.65
N ARG A 180 83.56 -4.49 -13.94
CA ARG A 180 82.39 -4.26 -14.77
C ARG A 180 81.70 -5.61 -15.00
N LYS A 181 80.42 -5.61 -15.32
CA LYS A 181 79.72 -6.86 -15.59
C LYS A 181 79.61 -7.21 -17.07
N GLY A 182 79.48 -8.52 -17.26
CA GLY A 182 79.45 -9.14 -18.56
C GLY A 182 79.61 -10.63 -18.36
N GLU A 183 79.69 -11.36 -19.46
CA GLU A 183 80.01 -12.79 -19.48
C GLU A 183 81.20 -12.87 -20.44
N PHE A 184 82.33 -13.44 -20.06
CA PHE A 184 83.45 -13.17 -20.95
C PHE A 184 84.02 -14.34 -21.78
N ALA A 185 83.15 -15.19 -22.29
CA ALA A 185 83.59 -16.40 -23.00
C ALA A 185 84.47 -16.04 -24.17
N ASP A 186 84.10 -14.99 -24.89
CA ASP A 186 84.89 -14.52 -26.01
C ASP A 186 86.26 -14.06 -25.51
N LEU A 187 86.28 -13.43 -24.34
CA LEU A 187 87.48 -12.86 -23.78
C LEU A 187 88.47 -13.92 -23.36
N PHE A 188 87.99 -14.95 -22.67
CA PHE A 188 88.82 -16.11 -22.29
C PHE A 188 89.60 -16.77 -23.47
N ASP A 189 88.88 -17.04 -24.54
CA ASP A 189 89.50 -17.48 -25.78
C ASP A 189 90.60 -16.55 -26.27
N LYS A 190 90.31 -15.27 -26.51
CA LYS A 190 91.34 -14.33 -27.01
C LYS A 190 92.58 -14.35 -26.07
N LEU A 191 92.39 -14.83 -24.85
CA LEU A 191 93.50 -15.04 -23.93
C LEU A 191 94.14 -16.42 -24.03
N ASN A 192 93.37 -17.46 -24.36
CA ASN A 192 93.99 -18.73 -24.75
C ASN A 192 94.59 -18.62 -26.13
N ALA A 193 94.16 -17.60 -26.89
CA ALA A 193 94.68 -17.34 -28.23
C ALA A 193 96.18 -17.03 -28.19
N GLN A 194 96.65 -16.42 -27.11
CA GLN A 194 98.09 -16.35 -26.91
C GLN A 194 98.46 -16.94 -25.57
N GLY A 195 97.67 -17.93 -25.15
CA GLY A 195 97.97 -18.84 -24.04
C GLY A 195 98.45 -18.29 -22.72
N TYR A 196 97.63 -18.41 -21.68
CA TYR A 196 98.02 -17.87 -20.40
C TYR A 196 97.86 -18.87 -19.28
N SER A 197 96.71 -19.54 -19.23
CA SER A 197 96.48 -20.65 -18.31
C SER A 197 96.45 -20.22 -16.85
N ARG A 198 96.55 -18.92 -16.62
CA ARG A 198 96.58 -18.37 -15.26
C ARG A 198 95.64 -17.20 -15.10
N VAL A 199 94.34 -17.47 -15.03
CA VAL A 199 93.35 -16.42 -14.89
C VAL A 199 92.61 -16.44 -13.57
N ARG A 200 92.61 -15.31 -12.88
CA ARG A 200 91.87 -15.13 -11.65
C ARG A 200 90.61 -14.39 -11.97
N VAL A 201 89.48 -14.99 -11.64
CA VAL A 201 88.18 -14.35 -11.84
C VAL A 201 87.38 -14.36 -10.55
N ASP A 202 86.93 -13.20 -10.10
CA ASP A 202 86.13 -13.10 -8.88
C ASP A 202 86.82 -13.76 -7.70
N GLY A 203 88.13 -13.56 -7.58
CA GLY A 203 88.90 -14.18 -6.50
C GLY A 203 89.58 -15.47 -6.91
N VAL A 204 88.78 -16.51 -7.13
CA VAL A 204 89.26 -17.82 -7.56
C VAL A 204 90.05 -17.82 -8.87
N VAL A 205 91.16 -18.59 -8.88
CA VAL A 205 92.04 -18.73 -10.05
C VAL A 205 91.54 -19.88 -10.93
N HIS A 206 91.51 -19.64 -12.24
CA HIS A 206 91.08 -20.64 -13.20
C HIS A 206 92.15 -20.89 -14.26
N PRO A 207 92.36 -22.19 -14.60
CA PRO A 207 93.31 -22.53 -15.65
C PRO A 207 92.68 -22.11 -16.97
N LEU A 208 93.21 -21.05 -17.58
CA LEU A 208 92.60 -20.39 -18.76
C LEU A 208 92.24 -21.32 -19.94
N THR A 209 92.83 -22.52 -19.96
CA THR A 209 92.32 -23.61 -20.80
C THR A 209 90.84 -23.82 -20.46
N ASP A 210 90.60 -24.21 -19.20
CA ASP A 210 89.24 -24.30 -18.62
C ASP A 210 88.84 -23.08 -17.76
N PRO A 211 88.14 -22.10 -18.40
CA PRO A 211 87.56 -20.93 -17.76
C PRO A 211 86.21 -21.29 -17.13
N PRO A 212 85.57 -20.35 -16.40
CA PRO A 212 84.18 -20.63 -16.01
C PRO A 212 83.19 -19.86 -16.87
N LYS A 213 81.95 -20.34 -16.89
CA LYS A 213 80.87 -19.62 -17.52
C LYS A 213 80.43 -18.54 -16.56
N LEU A 214 80.26 -17.33 -17.10
CA LEU A 214 79.93 -16.18 -16.29
C LEU A 214 78.48 -15.67 -16.53
N LYS A 215 77.88 -15.05 -15.52
CA LYS A 215 76.57 -14.40 -15.66
C LYS A 215 76.77 -13.03 -16.28
N LYS A 216 76.16 -12.80 -17.44
CA LYS A 216 76.30 -11.52 -18.08
C LYS A 216 75.82 -10.43 -17.11
N GLN A 217 74.95 -10.86 -16.19
CA GLN A 217 74.25 -9.97 -15.25
C GLN A 217 75.12 -9.49 -14.07
N GLU A 218 75.97 -10.35 -13.50
CA GLU A 218 76.85 -9.98 -12.38
C GLU A 218 78.11 -9.26 -12.82
N LYS A 219 78.52 -8.25 -12.05
CA LYS A 219 79.75 -7.55 -12.34
C LYS A 219 80.81 -8.55 -12.04
N HIS A 220 82.03 -8.35 -12.59
CA HIS A 220 83.10 -9.36 -12.54
C HIS A 220 84.51 -8.85 -12.32
N ASP A 221 85.40 -9.76 -11.93
CA ASP A 221 86.81 -9.42 -11.69
C ASP A 221 87.83 -10.41 -12.27
N ILE A 222 88.28 -10.10 -13.48
CA ILE A 222 89.11 -10.95 -14.34
C ILE A 222 90.48 -10.32 -14.53
N GLU A 223 91.49 -10.88 -13.87
CA GLU A 223 92.86 -10.47 -14.13
C GLU A 223 93.70 -11.66 -14.54
N VAL A 224 94.49 -11.46 -15.61
CA VAL A 224 95.41 -12.49 -16.08
C VAL A 224 96.79 -12.22 -15.54
N VAL A 225 97.39 -13.31 -15.05
CA VAL A 225 98.78 -13.30 -14.67
C VAL A 225 99.57 -13.20 -15.98
N VAL A 226 100.43 -12.20 -16.07
CA VAL A 226 101.19 -11.92 -17.27
C VAL A 226 102.60 -12.43 -17.14
N ASP A 227 103.03 -12.68 -15.88
CA ASP A 227 104.42 -13.02 -15.52
C ASP A 227 104.65 -13.13 -13.99
N ARG A 228 105.40 -14.13 -13.54
CA ARG A 228 105.96 -14.11 -12.19
C ARG A 228 107.39 -13.72 -12.47
N LEU A 229 107.87 -12.65 -11.89
CA LEU A 229 109.22 -12.17 -12.24
C LEU A 229 110.25 -12.14 -11.10
N THR A 230 111.09 -11.07 -11.12
CA THR A 230 112.06 -10.66 -10.08
C THR A 230 113.06 -9.62 -10.60
N VAL A 231 113.41 -8.63 -9.77
CA VAL A 231 114.07 -7.42 -10.23
C VAL A 231 115.59 -7.51 -10.27
N LYS A 232 116.09 -8.52 -11.00
CA LYS A 232 117.49 -8.57 -11.44
C LYS A 232 117.77 -7.41 -12.43
N ALA A 233 118.90 -6.73 -12.26
CA ALA A 233 119.49 -5.93 -13.37
C ALA A 233 119.87 -6.94 -14.47
N ALA A 234 119.55 -6.64 -15.73
CA ALA A 234 119.48 -7.66 -16.80
C ALA A 234 118.50 -8.86 -16.51
N ALA A 235 117.26 -8.49 -16.15
CA ALA A 235 116.03 -9.23 -16.46
C ALA A 235 115.09 -8.13 -17.02
N LYS A 236 115.62 -6.90 -17.06
CA LYS A 236 115.03 -5.70 -17.68
C LYS A 236 114.27 -5.99 -18.95
N ARG A 237 114.64 -7.05 -19.64
CA ARG A 237 113.97 -7.33 -20.89
C ARG A 237 112.60 -7.93 -20.67
N ARG A 238 112.50 -8.93 -19.78
CA ARG A 238 111.19 -9.44 -19.34
C ARG A 238 110.43 -8.43 -18.44
N LEU A 239 111.16 -7.73 -17.56
CA LEU A 239 110.57 -6.62 -16.79
C LEU A 239 109.91 -5.65 -17.73
N THR A 240 110.64 -5.10 -18.69
CA THR A 240 110.03 -4.21 -19.68
C THR A 240 108.96 -4.91 -20.55
N ASP A 241 109.18 -6.18 -20.86
CA ASP A 241 108.35 -6.94 -21.80
C ASP A 241 107.05 -7.45 -21.24
N SER A 242 106.93 -7.45 -19.93
CA SER A 242 105.70 -7.89 -19.30
C SER A 242 104.85 -6.67 -18.98
N VAL A 243 105.52 -5.64 -18.43
CA VAL A 243 104.86 -4.43 -17.95
C VAL A 243 104.09 -3.72 -19.08
N GLU A 244 104.68 -3.68 -20.28
CA GLU A 244 104.02 -3.06 -21.42
C GLU A 244 102.82 -3.88 -21.82
N THR A 245 102.92 -5.20 -21.66
CA THR A 245 101.85 -6.10 -22.07
C THR A 245 100.60 -5.97 -21.19
N ALA A 246 100.82 -5.94 -19.87
CA ALA A 246 99.75 -5.69 -18.92
C ALA A 246 99.18 -4.29 -19.13
N LEU A 247 100.03 -3.27 -19.21
CA LEU A 247 99.55 -1.94 -19.56
C LEU A 247 98.70 -1.90 -20.83
N ASN A 248 98.68 -2.98 -21.58
CA ASN A 248 98.09 -2.95 -22.90
C ASN A 248 96.81 -3.70 -22.94
N LEU A 249 96.75 -4.66 -22.08
CA LEU A 249 95.83 -5.71 -22.20
C LEU A 249 94.70 -5.38 -21.22
N ALA A 250 95.09 -4.76 -20.11
CA ALA A 250 94.22 -4.27 -19.03
C ALA A 250 94.20 -2.75 -19.07
N ASP A 251 94.18 -2.19 -20.27
CA ASP A 251 94.01 -0.74 -20.45
C ASP A 251 94.96 0.22 -19.70
N GLY A 252 96.25 -0.07 -19.66
CA GLY A 252 97.23 0.81 -19.04
C GLY A 252 97.42 0.66 -17.54
N ILE A 253 96.66 -0.25 -16.94
CA ILE A 253 96.78 -0.65 -15.57
C ILE A 253 97.66 -1.89 -15.49
N VAL A 254 98.80 -1.76 -14.78
CA VAL A 254 99.54 -2.93 -14.28
C VAL A 254 99.35 -2.95 -12.81
N VAL A 255 99.25 -4.14 -12.26
CA VAL A 255 99.32 -4.30 -10.81
C VAL A 255 100.29 -5.44 -10.49
N LEU A 256 101.48 -5.09 -10.03
CA LEU A 256 102.45 -6.07 -9.60
C LEU A 256 102.07 -6.43 -8.19
N GLU A 257 101.92 -7.72 -7.92
CA GLU A 257 101.45 -8.21 -6.64
C GLU A 257 102.57 -9.01 -6.07
N PHE A 258 103.32 -8.42 -5.14
CA PHE A 258 104.58 -8.96 -4.55
C PHE A 258 104.51 -10.37 -3.92
N VAL A 259 105.68 -10.89 -3.55
CA VAL A 259 105.76 -12.09 -2.69
C VAL A 259 106.61 -11.80 -1.39
N ASP A 260 107.71 -11.04 -1.53
CA ASP A 260 108.59 -10.63 -0.39
C ASP A 260 107.97 -9.68 0.66
N GLU A 269 100.89 -5.61 -2.74
CA GLU A 269 100.70 -5.23 -4.16
C GLU A 269 100.88 -3.73 -4.39
N GLN A 270 101.37 -3.39 -5.58
CA GLN A 270 101.46 -2.00 -6.04
C GLN A 270 100.88 -1.78 -7.48
N ARG A 271 100.04 -0.76 -7.63
CA ARG A 271 99.31 -0.56 -8.88
C ARG A 271 99.76 0.69 -9.57
N PHE A 272 99.85 0.63 -10.90
CA PHE A 272 100.27 1.76 -11.72
C PHE A 272 99.18 2.07 -12.74
N SER A 273 98.85 3.35 -12.91
CA SER A 273 97.86 3.80 -13.91
C SER A 273 98.46 4.73 -14.96
N GLU A 274 98.03 4.55 -16.19
CA GLU A 274 98.47 5.42 -17.28
C GLU A 274 97.89 6.83 -17.13
N LYS A 275 96.83 6.94 -16.33
CA LYS A 275 96.00 8.15 -16.33
C LYS A 275 96.09 8.98 -15.05
N LEU A 276 96.68 8.39 -14.02
CA LEU A 276 96.78 9.05 -12.75
C LEU A 276 98.19 8.90 -12.12
N ALA A 277 98.99 9.96 -12.10
CA ALA A 277 100.33 9.78 -11.55
C ALA A 277 100.85 10.99 -10.82
N CYS A 278 101.60 10.75 -9.76
CA CYS A 278 102.28 11.83 -9.10
C CYS A 278 103.30 12.24 -10.16
N PRO A 279 103.50 13.54 -10.30
CA PRO A 279 104.47 14.03 -11.29
C PRO A 279 105.84 13.54 -10.89
N ASN A 280 106.06 13.50 -9.58
CA ASN A 280 107.36 13.24 -8.98
C ASN A 280 107.48 11.79 -8.57
N GLY A 281 106.71 10.97 -9.26
CA GLY A 281 106.78 9.54 -9.15
C GLY A 281 106.46 8.91 -7.81
N HIS A 282 105.60 9.52 -7.00
CA HIS A 282 105.05 8.77 -5.85
C HIS A 282 104.02 7.84 -6.44
N ALA A 283 103.95 6.68 -5.79
CA ALA A 283 102.95 5.67 -6.10
C ALA A 283 101.57 6.22 -5.79
N LEU A 284 100.58 5.82 -6.59
CA LEU A 284 99.22 6.12 -6.27
C LEU A 284 98.49 4.81 -6.30
N ALA A 285 97.76 4.58 -5.22
CA ALA A 285 97.12 3.30 -4.90
C ALA A 285 95.69 3.18 -5.45
N VAL A 286 95.34 4.09 -6.38
CA VAL A 286 94.01 4.16 -7.00
C VAL A 286 94.13 4.53 -8.48
N ASP A 287 93.54 3.70 -9.33
CA ASP A 287 93.70 3.76 -10.82
C ASP A 287 92.98 4.94 -11.47
N ASP A 288 91.65 4.86 -11.52
CA ASP A 288 90.80 5.93 -12.01
C ASP A 288 90.25 6.73 -10.84
N LEU A 289 89.73 7.89 -11.21
CA LEU A 289 89.11 8.88 -10.32
C LEU A 289 87.61 8.82 -10.57
N GLU A 290 87.16 7.63 -10.95
CA GLU A 290 85.76 7.36 -11.28
C GLU A 290 84.93 7.52 -10.01
N PRO A 291 83.65 7.78 -10.19
CA PRO A 291 82.78 8.06 -9.04
C PRO A 291 82.82 6.93 -8.03
N ARG A 292 82.83 5.67 -8.44
CA ARG A 292 82.95 4.63 -7.41
C ARG A 292 84.14 4.79 -6.50
N SER A 293 85.18 5.46 -7.00
CA SER A 293 86.47 5.50 -6.31
C SER A 293 86.40 6.25 -5.00
N PHE A 294 85.18 6.73 -4.72
CA PHE A 294 84.88 7.60 -3.58
C PHE A 294 84.08 6.82 -2.53
N SER A 295 83.16 5.99 -3.01
CA SER A 295 82.49 5.04 -2.17
C SER A 295 83.52 4.35 -1.32
N PHE A 296 83.44 4.59 -0.03
CA PHE A 296 84.14 3.81 0.94
C PHE A 296 83.37 2.50 1.15
N ASN A 297 82.52 2.14 0.20
CA ASN A 297 81.96 0.79 0.20
C ASN A 297 82.61 -0.11 -0.82
N SER A 298 83.00 0.48 -1.95
CA SER A 298 83.79 -0.22 -2.94
C SER A 298 85.21 -0.29 -2.46
N PRO A 299 85.88 -1.38 -2.78
CA PRO A 299 87.27 -1.61 -2.37
C PRO A 299 88.14 -0.52 -2.98
N TYR A 300 87.71 0.00 -4.12
CA TYR A 300 88.47 1.00 -4.85
C TYR A 300 88.72 2.29 -4.05
N GLY A 301 87.74 2.78 -3.30
CA GLY A 301 88.00 3.98 -2.55
C GLY A 301 88.22 3.71 -1.09
N ALA A 302 87.58 2.66 -0.59
CA ALA A 302 87.60 2.35 0.82
C ALA A 302 89.03 2.35 1.39
N CYS A 303 89.19 2.83 2.62
CA CYS A 303 90.50 2.84 3.29
C CYS A 303 90.96 1.43 3.55
N PRO A 304 92.13 1.08 2.99
CA PRO A 304 92.61 -0.30 2.92
C PRO A 304 92.72 -0.97 4.30
N GLU A 305 93.22 -0.24 5.29
CA GLU A 305 93.32 -0.72 6.68
C GLU A 305 92.01 -1.19 7.28
N CYS A 306 91.01 -0.30 7.32
CA CYS A 306 89.68 -0.59 7.91
C CYS A 306 88.63 -0.94 6.86
N SER A 307 89.03 -0.83 5.59
CA SER A 307 88.19 -1.05 4.41
C SER A 307 86.94 -0.19 4.39
N GLY A 308 87.11 1.08 4.76
CA GLY A 308 86.03 2.07 4.79
C GLY A 308 85.01 1.84 5.89
N LEU A 309 85.36 0.98 6.84
CA LEU A 309 84.65 0.86 8.10
C LEU A 309 84.86 2.08 8.96
N GLY A 310 86.03 2.72 8.83
CA GLY A 310 86.40 3.99 9.48
C GLY A 310 86.98 3.82 10.87
N ILE A 311 86.66 2.69 11.48
CA ILE A 311 86.93 2.44 12.87
C ILE A 311 87.79 1.19 13.09
N ARG A 312 88.57 1.18 14.19
CA ARG A 312 89.22 -0.06 14.67
C ARG A 312 88.94 -0.30 16.18
N LYS A 313 88.51 -1.52 16.53
CA LYS A 313 88.25 -1.94 17.92
C LYS A 313 89.60 -2.02 18.58
N GLU A 314 89.86 -1.24 19.62
CA GLU A 314 91.23 -1.14 20.10
C GLU A 314 91.38 -0.88 21.59
N VAL A 315 91.87 -1.88 22.31
CA VAL A 315 91.94 -1.90 23.78
C VAL A 315 92.47 -0.63 24.44
N ASP A 316 91.58 0.02 25.17
CA ASP A 316 91.89 1.24 25.90
C ASP A 316 92.70 0.92 27.15
N PRO A 317 93.47 1.90 27.59
CA PRO A 317 94.25 1.79 28.82
C PRO A 317 93.31 2.29 29.91
N GLU A 318 92.10 2.62 29.46
CA GLU A 318 91.07 3.19 30.30
C GLU A 318 90.60 2.32 31.47
N LEU A 319 90.41 1.01 31.31
CA LEU A 319 89.96 0.31 32.50
C LEU A 319 90.83 0.68 33.70
N VAL A 320 90.19 1.01 34.81
CA VAL A 320 90.92 1.41 35.99
C VAL A 320 90.16 2.52 36.71
N VAL A 321 90.80 3.30 37.59
CA VAL A 321 90.02 4.19 38.45
C VAL A 321 91.08 4.97 39.24
N PRO A 322 92.34 4.88 38.77
CA PRO A 322 93.49 5.52 39.42
C PRO A 322 93.57 5.60 40.96
N ASP A 323 92.46 5.79 41.67
CA ASP A 323 92.51 5.83 43.14
C ASP A 323 92.65 4.49 43.87
N PRO A 324 91.90 3.47 43.44
CA PRO A 324 91.96 2.15 44.07
C PRO A 324 93.15 1.35 43.59
N ASP A 325 93.69 0.43 44.40
CA ASP A 325 94.79 -0.36 43.90
C ASP A 325 94.99 -1.69 44.62
N ARG A 326 94.71 -2.74 43.85
CA ARG A 326 95.26 -4.07 44.03
C ARG A 326 94.67 -4.94 45.14
N THR A 327 94.17 -4.37 46.23
CA THR A 327 93.42 -5.19 47.22
C THR A 327 92.21 -5.85 46.52
N LEU A 328 91.58 -6.85 47.18
CA LEU A 328 90.24 -7.36 46.77
C LEU A 328 89.13 -6.28 47.02
N ALA A 329 89.18 -5.62 48.17
CA ALA A 329 88.28 -4.53 48.47
C ALA A 329 88.74 -3.28 47.73
N GLN A 330 90.02 -3.24 47.40
CA GLN A 330 90.60 -2.13 46.65
C GLN A 330 91.28 -2.65 45.40
N GLY A 331 90.50 -2.79 44.32
CA GLY A 331 91.00 -3.36 43.05
C GLY A 331 91.29 -2.35 41.94
N ALA A 332 92.37 -2.60 41.19
CA ALA A 332 92.92 -1.60 40.27
C ALA A 332 92.72 -1.99 38.84
N VAL A 333 93.18 -3.19 38.52
CA VAL A 333 93.24 -3.69 37.15
C VAL A 333 92.02 -4.56 36.83
N ALA A 334 91.05 -3.93 36.15
CA ALA A 334 89.67 -4.42 36.06
C ALA A 334 89.49 -5.86 35.57
N PRO A 335 90.33 -6.31 34.62
CA PRO A 335 90.08 -7.66 34.17
C PRO A 335 90.45 -8.64 35.26
N TRP A 336 91.16 -8.14 36.27
CA TRP A 336 91.76 -8.96 37.32
C TRP A 336 91.13 -8.80 38.72
N SER A 337 89.83 -8.54 38.76
CA SER A 337 89.11 -8.37 40.02
C SER A 337 88.01 -9.33 40.43
N ASN A 338 88.40 -10.37 41.18
CA ASN A 338 87.54 -11.49 41.60
C ASN A 338 87.83 -12.17 42.96
N GLY A 339 87.73 -13.49 42.96
CA GLY A 339 88.07 -14.28 44.12
C GLY A 339 89.37 -14.98 43.75
N HIS A 340 89.26 -16.09 43.03
CA HIS A 340 90.45 -16.83 42.58
C HIS A 340 91.33 -16.04 41.60
N THR A 341 90.70 -15.37 40.64
CA THR A 341 91.42 -14.58 39.64
C THR A 341 92.14 -13.39 40.28
N ALA A 342 91.43 -12.76 41.20
CA ALA A 342 91.92 -11.61 41.96
C ALA A 342 93.01 -11.95 42.97
N GLU A 343 92.82 -13.04 43.71
CA GLU A 343 93.83 -13.45 44.68
C GLU A 343 95.10 -13.80 43.91
N TYR A 344 94.90 -14.47 42.79
CA TYR A 344 95.98 -14.93 41.92
C TYR A 344 96.86 -13.86 41.26
N PHE A 345 96.27 -12.76 40.78
CA PHE A 345 97.09 -11.78 40.06
C PHE A 345 97.71 -10.70 40.89
N THR A 346 96.98 -10.24 41.91
CA THR A 346 97.47 -9.27 42.94
C THR A 346 98.84 -9.71 43.44
N ARG A 347 98.88 -10.97 43.88
CA ARG A 347 100.08 -11.65 44.34
C ARG A 347 101.20 -11.50 43.32
N MET A 348 100.91 -11.83 42.07
CA MET A 348 101.94 -11.80 41.05
C MET A 348 102.40 -10.40 40.64
N MET A 349 101.60 -9.40 40.96
CA MET A 349 101.93 -8.00 40.67
C MET A 349 103.07 -7.59 41.61
N ALA A 350 102.74 -7.47 42.90
CA ALA A 350 103.75 -7.32 43.97
C ALA A 350 104.81 -8.42 43.87
N GLY A 351 104.44 -9.53 43.24
CA GLY A 351 105.37 -10.58 42.86
C GLY A 351 106.58 -10.03 42.12
N LEU A 352 106.37 -9.08 41.22
CA LEU A 352 107.48 -8.35 40.62
C LEU A 352 107.59 -6.91 41.20
N GLY A 353 106.80 -6.64 42.24
CA GLY A 353 106.57 -5.28 42.78
C GLY A 353 107.42 -4.82 43.94
N GLU A 354 108.18 -5.77 44.49
CA GLU A 354 109.39 -5.45 45.23
C GLU A 354 110.59 -5.76 44.32
N ALA A 355 110.30 -6.37 43.18
CA ALA A 355 111.30 -6.76 42.19
C ALA A 355 111.36 -5.74 41.06
N LEU A 356 110.60 -4.66 41.21
CA LEU A 356 110.77 -3.47 40.37
C LEU A 356 110.45 -2.28 41.26
N GLY A 357 110.07 -2.56 42.50
CA GLY A 357 109.90 -1.54 43.56
C GLY A 357 108.64 -0.68 43.49
N PHE A 358 107.47 -1.31 43.54
CA PHE A 358 106.21 -0.59 43.43
C PHE A 358 105.10 -1.21 44.25
N ASP A 359 105.38 -2.32 44.92
CA ASP A 359 104.41 -3.04 45.79
C ASP A 359 102.99 -3.26 45.18
N VAL A 360 101.99 -3.35 46.06
CA VAL A 360 100.59 -3.54 45.67
C VAL A 360 99.74 -2.56 46.46
N ASP A 361 100.34 -1.42 46.75
CA ASP A 361 99.77 -0.46 47.68
C ASP A 361 100.15 0.99 47.37
N THR A 362 100.17 1.26 46.06
CA THR A 362 100.34 2.58 45.46
C THR A 362 99.22 2.66 44.41
N PRO A 363 98.61 3.84 44.25
CA PRO A 363 97.49 4.03 43.29
C PRO A 363 97.93 3.93 41.83
N TRP A 364 97.06 3.48 40.92
CA TRP A 364 97.50 3.36 39.50
C TRP A 364 98.26 4.58 38.93
N ARG A 365 97.78 5.80 39.21
CA ARG A 365 98.55 6.96 38.80
C ARG A 365 99.69 7.20 39.78
N LYS A 366 100.68 6.32 39.82
CA LYS A 366 101.75 6.45 40.83
C LYS A 366 103.20 6.27 40.34
N LEU A 367 103.52 5.10 39.79
CA LEU A 367 104.86 4.89 39.24
C LEU A 367 104.71 4.67 37.74
N PRO A 368 105.34 5.54 36.94
CA PRO A 368 105.24 5.42 35.48
C PRO A 368 105.86 4.11 34.96
N ALA A 369 107.01 3.74 35.50
CA ALA A 369 107.67 2.51 35.10
C ALA A 369 106.83 1.29 35.45
N LYS A 370 106.22 1.35 36.64
CA LYS A 370 105.40 0.27 37.15
C LYS A 370 104.12 -0.03 36.35
N ALA A 371 103.44 1.03 35.94
CA ALA A 371 102.21 0.92 35.15
C ALA A 371 102.45 0.32 33.76
N ARG A 372 103.53 0.74 33.11
CA ARG A 372 103.86 0.25 31.78
C ARG A 372 104.19 -1.25 31.80
N LYS A 373 104.32 -1.80 33.00
CA LYS A 373 104.62 -3.21 33.16
C LYS A 373 103.38 -4.08 32.96
N ALA A 374 102.43 -3.96 33.89
CA ALA A 374 101.19 -4.72 33.81
C ALA A 374 100.50 -4.53 32.46
N ILE A 375 100.79 -3.39 31.82
CA ILE A 375 100.20 -3.09 30.52
C ILE A 375 100.97 -3.75 29.39
N LEU A 376 102.26 -3.43 29.30
CA LEU A 376 103.12 -4.00 28.26
C LEU A 376 103.62 -5.38 28.65
N GLU A 377 104.89 -5.64 28.36
CA GLU A 377 105.53 -6.90 28.73
C GLU A 377 106.54 -6.67 29.85
N GLY A 378 107.01 -5.43 29.95
CA GLY A 378 107.95 -5.04 30.99
C GLY A 378 109.24 -5.83 31.04
N ALA A 379 109.58 -6.26 32.24
CA ALA A 379 110.78 -7.04 32.54
C ALA A 379 110.81 -8.43 31.88
N ASP A 380 109.66 -9.10 31.87
CA ASP A 380 109.58 -10.45 31.32
C ASP A 380 110.53 -11.40 32.06
N GLU A 381 110.65 -11.17 33.36
CA GLU A 381 111.50 -11.99 34.23
C GLU A 381 110.59 -12.93 35.01
N GLN A 382 110.92 -14.22 35.00
CA GLN A 382 110.05 -15.20 35.63
C GLN A 382 109.75 -14.77 37.05
N VAL A 383 108.49 -14.93 37.45
CA VAL A 383 108.03 -14.49 38.77
C VAL A 383 107.64 -15.67 39.67
N HIS A 384 107.91 -15.53 40.97
CA HIS A 384 107.69 -16.61 41.91
C HIS A 384 106.21 -16.78 42.21
N VAL A 385 105.68 -17.94 41.88
CA VAL A 385 104.27 -18.18 42.11
C VAL A 385 104.19 -19.28 43.13
N ARG A 386 103.55 -18.98 44.26
CA ARG A 386 103.39 -19.98 45.31
C ARG A 386 101.92 -20.41 45.43
N TYR A 387 101.68 -21.70 45.35
CA TYR A 387 100.32 -22.22 45.42
C TYR A 387 100.21 -23.46 46.30
N ARG A 388 99.01 -23.70 46.84
CA ARG A 388 98.74 -24.87 47.67
C ARG A 388 98.23 -26.01 46.78
N ASN A 389 98.79 -27.20 46.96
CA ASN A 389 98.54 -28.29 46.01
C ASN A 389 97.10 -28.74 46.17
N ARG A 390 96.69 -29.63 45.27
CA ARG A 390 95.36 -30.27 45.25
C ARG A 390 94.82 -30.79 46.63
N TYR A 391 95.74 -31.26 47.49
CA TYR A 391 95.45 -31.76 48.86
C TYR A 391 95.91 -30.76 49.93
N GLY A 392 97.14 -30.28 49.77
CA GLY A 392 97.72 -29.25 50.65
C GLY A 392 99.22 -29.10 50.39
N ARG A 393 99.72 -30.02 49.56
CA ARG A 393 101.16 -30.27 49.34
C ARG A 393 102.09 -29.08 49.06
N THR A 394 101.63 -28.12 48.27
CA THR A 394 102.37 -26.88 48.05
C THR A 394 103.58 -26.49 47.23
N ARG A 395 104.68 -27.21 47.45
CA ARG A 395 106.05 -26.68 47.45
C ARG A 395 106.54 -26.78 45.97
N SER A 396 105.87 -25.99 45.12
CA SER A 396 106.11 -25.96 43.66
C SER A 396 106.04 -24.54 43.00
N TYR A 397 106.50 -24.49 41.74
CA TYR A 397 106.08 -23.56 40.62
C TYR A 397 106.52 -22.09 40.53
N TYR A 398 106.58 -21.61 39.28
CA TYR A 398 106.73 -20.19 38.97
C TYR A 398 105.79 -19.93 37.82
N ALA A 399 105.96 -18.76 37.19
CA ALA A 399 105.21 -18.39 35.97
C ALA A 399 106.16 -17.74 34.96
N ASP A 400 106.40 -18.47 33.87
CA ASP A 400 107.40 -18.17 32.81
C ASP A 400 107.37 -16.71 32.34
N PHE A 401 106.37 -16.00 32.83
CA PHE A 401 105.96 -14.71 32.34
C PHE A 401 105.29 -13.94 33.47
N GLU A 402 105.46 -12.62 33.48
CA GLU A 402 104.47 -11.77 34.09
C GLU A 402 103.35 -11.97 33.07
N GLY A 403 102.29 -12.64 33.51
CA GLY A 403 101.07 -12.82 32.71
C GLY A 403 100.75 -11.47 32.11
N VAL A 404 101.50 -11.13 31.07
CA VAL A 404 101.46 -9.84 30.38
C VAL A 404 100.00 -9.42 30.07
N LEU A 405 99.53 -8.32 30.69
CA LEU A 405 98.07 -8.00 30.70
C LEU A 405 97.38 -7.84 29.34
N ALA A 406 97.86 -6.90 28.53
CA ALA A 406 97.38 -6.70 27.16
C ALA A 406 97.51 -7.96 26.23
N PHE A 407 98.19 -8.98 26.72
CA PHE A 407 98.20 -10.30 26.09
C PHE A 407 97.27 -11.28 26.81
N LEU A 408 97.00 -11.10 28.11
CA LEU A 408 95.88 -11.85 28.75
C LEU A 408 94.66 -11.62 27.86
N GLN A 409 94.56 -10.41 27.36
CA GLN A 409 93.48 -9.98 26.50
C GLN A 409 93.45 -10.71 25.17
N ARG A 410 94.42 -10.49 24.29
CA ARG A 410 94.46 -11.23 23.02
C ARG A 410 94.23 -12.71 23.29
N LYS A 411 94.93 -13.23 24.32
CA LYS A 411 94.81 -14.64 24.73
C LYS A 411 93.36 -15.07 24.96
N MET A 412 92.75 -14.58 26.04
CA MET A 412 91.41 -14.97 26.43
C MET A 412 90.31 -14.57 25.43
N SER A 413 90.56 -13.56 24.61
CA SER A 413 89.55 -13.30 23.61
C SER A 413 89.54 -14.58 22.77
N GLN A 414 90.74 -15.04 22.43
CA GLN A 414 90.97 -16.31 21.75
C GLN A 414 90.64 -17.58 22.55
N THR A 415 90.99 -17.57 23.85
CA THR A 415 90.93 -18.76 24.70
C THR A 415 89.55 -19.39 24.93
N GLU A 416 88.55 -18.55 25.17
CA GLU A 416 87.18 -19.03 25.40
C GLU A 416 86.22 -18.43 24.40
N SER A 417 85.59 -19.31 23.63
CA SER A 417 84.58 -18.91 22.67
C SER A 417 83.24 -18.84 23.39
N GLU A 418 82.58 -17.67 23.32
CA GLU A 418 81.43 -17.36 24.18
C GLU A 418 80.83 -15.95 23.92
N GLN A 419 79.81 -15.60 24.72
CA GLN A 419 79.46 -14.22 25.01
C GLN A 419 80.67 -13.58 25.71
N MET A 420 81.37 -14.39 26.51
CA MET A 420 82.58 -14.01 27.22
C MET A 420 83.49 -13.26 26.30
N LYS A 421 83.58 -13.70 25.06
CA LYS A 421 84.45 -12.99 24.14
C LYS A 421 84.13 -11.50 24.07
N GLU A 422 82.83 -11.16 24.00
CA GLU A 422 82.35 -9.75 23.98
C GLU A 422 82.56 -9.12 25.36
N ARG A 423 82.46 -9.94 26.40
CA ARG A 423 82.72 -9.53 27.77
C ARG A 423 84.15 -9.06 27.93
N TYR A 424 85.10 -9.71 27.28
CA TYR A 424 86.48 -9.24 27.30
C TYR A 424 86.61 -8.04 26.38
N GLU A 425 85.87 -8.06 25.26
CA GLU A 425 85.96 -6.97 24.29
C GLU A 425 85.70 -5.64 24.96
N GLY A 426 85.01 -5.72 26.10
CA GLY A 426 84.63 -4.57 26.92
C GLY A 426 85.77 -3.70 27.41
N PHE A 427 87.01 -4.07 27.08
CA PHE A 427 88.20 -3.31 27.46
C PHE A 427 88.81 -2.62 26.26
N MET A 428 88.09 -2.75 25.14
CA MET A 428 88.42 -2.04 23.92
C MET A 428 87.35 -1.03 23.62
N ARG A 429 87.65 -0.21 22.61
CA ARG A 429 86.93 1.01 22.32
C ARG A 429 86.98 1.13 20.82
N ASP A 430 85.84 1.20 20.15
CA ASP A 430 85.92 1.61 18.76
C ASP A 430 86.68 2.97 18.69
N VAL A 431 87.61 3.12 17.75
CA VAL A 431 88.34 4.39 17.52
C VAL A 431 88.71 4.65 16.04
N PRO A 432 88.97 5.92 15.66
CA PRO A 432 89.19 6.16 14.25
C PRO A 432 90.41 5.40 13.82
N CYS A 433 90.56 5.00 12.80
CA CYS A 433 91.69 4.38 12.15
C CYS A 433 92.77 5.46 11.79
N PRO A 434 93.95 5.21 12.25
CA PRO A 434 95.08 6.11 12.04
C PRO A 434 95.34 6.24 10.56
N VAL A 435 95.20 5.16 9.78
CA VAL A 435 95.56 5.35 8.39
C VAL A 435 94.56 6.28 7.67
N CYS A 436 93.35 6.15 7.74
CA CYS A 436 92.23 6.72 6.95
C CYS A 436 91.58 7.91 7.62
N ALA A 437 92.34 8.02 9.01
CA ALA A 437 91.98 9.13 9.87
C ALA A 437 90.54 9.03 10.39
N GLY A 438 89.93 7.85 10.29
CA GLY A 438 88.52 7.69 10.63
C GLY A 438 87.70 7.82 9.38
N THR A 439 88.22 8.56 8.42
CA THR A 439 87.45 8.99 7.27
C THR A 439 86.91 7.83 6.39
N ARG A 440 87.31 6.59 6.69
CA ARG A 440 86.93 5.40 5.87
C ARG A 440 87.44 5.51 4.44
N LEU A 441 88.45 6.32 4.18
CA LEU A 441 88.89 6.53 2.80
C LEU A 441 90.40 6.38 2.47
N LYS A 442 90.59 5.75 1.32
CA LYS A 442 91.86 5.80 0.63
C LYS A 442 92.20 7.26 0.37
N PRO A 443 93.26 7.67 1.02
CA PRO A 443 94.02 8.87 1.04
C PRO A 443 94.13 9.65 -0.28
N GLU A 444 94.22 8.94 -1.40
CA GLU A 444 94.45 9.61 -2.67
C GLU A 444 93.18 10.35 -2.97
N ILE A 445 92.06 9.69 -2.63
CA ILE A 445 90.72 10.20 -2.76
C ILE A 445 90.57 11.45 -1.89
N LEU A 446 90.90 11.31 -0.62
CA LEU A 446 91.00 12.45 0.28
C LEU A 446 91.75 13.64 -0.33
N ALA A 447 92.46 13.43 -1.42
CA ALA A 447 93.27 14.48 -2.00
C ALA A 447 92.49 15.20 -3.08
N VAL A 448 91.32 14.65 -3.48
CA VAL A 448 90.46 15.26 -4.50
C VAL A 448 89.69 16.37 -3.83
N THR A 449 89.42 17.45 -4.53
CA THR A 449 89.19 18.66 -3.81
C THR A 449 88.32 19.63 -4.52
N LEU A 450 87.25 20.01 -3.83
CA LEU A 450 86.25 20.94 -4.39
C LEU A 450 86.50 22.40 -3.98
N ALA A 451 87.03 23.18 -4.90
CA ALA A 451 87.60 24.48 -4.54
C ALA A 451 86.59 25.59 -4.33
N GLY A 452 86.06 25.62 -3.11
CA GLY A 452 85.15 26.65 -2.67
C GLY A 452 85.46 27.39 -1.38
N GLU A 453 85.85 28.65 -1.52
CA GLU A 453 86.13 29.55 -0.40
C GLU A 453 87.39 29.07 0.38
N SER A 454 87.29 28.90 1.69
CA SER A 454 88.46 28.65 2.52
C SER A 454 89.27 27.41 2.20
N LYS A 455 88.60 26.29 1.96
CA LYS A 455 89.30 25.08 1.59
C LYS A 455 88.55 24.29 0.52
N GLY A 456 89.30 23.66 -0.39
CA GLY A 456 88.68 22.77 -1.34
C GLY A 456 88.61 21.48 -0.56
N GLU A 457 87.75 21.50 0.45
CA GLU A 457 87.65 20.39 1.40
C GLU A 457 87.40 19.11 0.61
N HIS A 458 87.83 17.99 1.17
CA HIS A 458 87.60 16.70 0.55
C HIS A 458 86.10 16.43 0.69
N GLY A 459 85.60 15.41 0.00
CA GLY A 459 84.21 15.09 0.13
C GLY A 459 83.96 14.77 1.60
N ALA A 460 84.90 14.06 2.21
CA ALA A 460 84.81 13.74 3.64
C ALA A 460 84.84 14.98 4.52
N LYS A 461 85.66 15.97 4.16
CA LYS A 461 85.69 17.18 4.97
C LYS A 461 84.29 17.77 4.95
N SER A 462 83.67 17.78 3.77
CA SER A 462 82.30 18.24 3.62
C SER A 462 81.31 17.37 4.39
N ILE A 463 81.52 16.05 4.33
CA ILE A 463 80.63 15.09 4.99
C ILE A 463 80.64 15.25 6.51
N ALA A 464 81.84 15.46 7.03
CA ALA A 464 82.15 15.53 8.44
C ALA A 464 81.83 16.92 8.98
N GLU A 465 81.26 17.74 8.12
CA GLU A 465 80.90 19.10 8.49
C GLU A 465 79.91 18.97 9.62
N VAL A 466 80.00 19.89 10.58
CA VAL A 466 79.29 19.81 11.85
C VAL A 466 77.77 19.80 11.75
N CYS A 467 77.23 20.62 10.86
CA CYS A 467 75.79 20.73 10.72
C CYS A 467 75.38 20.63 9.27
N GLU A 468 74.12 20.30 9.03
CA GLU A 468 73.63 20.16 7.67
C GLU A 468 73.83 21.50 7.01
N LEU A 469 73.62 22.57 7.79
CA LEU A 469 73.83 23.92 7.31
C LEU A 469 75.30 24.12 6.93
N SER A 470 76.22 23.57 7.73
CA SER A 470 77.64 23.73 7.44
C SER A 470 77.97 23.25 6.02
N ILE A 471 77.50 22.05 5.70
CA ILE A 471 77.68 21.44 4.38
C ILE A 471 76.93 22.19 3.28
N ALA A 472 75.70 22.60 3.59
CA ALA A 472 74.85 23.27 2.61
C ALA A 472 75.45 24.60 2.18
N ASP A 473 76.02 25.32 3.15
CA ASP A 473 76.68 26.60 2.87
C ASP A 473 77.82 26.52 1.88
N CYS A 474 78.72 25.55 2.05
CA CYS A 474 79.79 25.34 1.09
C CYS A 474 79.32 24.79 -0.27
N ALA A 475 78.46 23.77 -0.21
CA ALA A 475 77.91 23.13 -1.42
C ALA A 475 76.97 24.04 -2.20
N ASP A 476 76.13 24.73 -1.47
CA ASP A 476 75.13 25.66 -2.00
C ASP A 476 75.62 27.03 -2.48
N PHE A 477 76.50 27.66 -1.71
CA PHE A 477 76.99 28.99 -2.07
C PHE A 477 78.48 28.97 -2.39
N LEU A 478 79.30 28.93 -1.35
CA LEU A 478 80.76 28.80 -1.54
C LEU A 478 81.11 28.04 -2.85
N ASN A 479 80.15 27.27 -3.37
CA ASN A 479 80.42 26.53 -4.57
C ASN A 479 80.05 26.90 -6.01
N ALA A 480 78.75 26.92 -6.36
CA ALA A 480 78.27 27.07 -7.78
C ALA A 480 78.99 28.26 -8.40
N LEU A 481 79.23 29.25 -7.53
CA LEU A 481 79.76 30.59 -7.84
C LEU A 481 81.27 30.50 -8.13
N THR A 482 81.84 29.31 -7.92
CA THR A 482 83.14 28.92 -8.49
C THR A 482 83.01 27.46 -9.02
N LEU A 483 81.84 27.13 -9.56
CA LEU A 483 81.72 25.90 -10.35
C LEU A 483 81.93 26.26 -11.79
N GLY A 484 83.18 26.06 -12.22
CA GLY A 484 83.74 26.50 -13.49
C GLY A 484 82.98 26.05 -14.72
N PRO A 485 83.12 26.80 -15.82
CA PRO A 485 82.22 26.74 -16.97
C PRO A 485 82.21 25.38 -17.65
N ARG A 486 83.31 24.65 -17.55
CA ARG A 486 83.34 23.27 -18.01
C ARG A 486 82.42 22.41 -17.13
N GLU A 487 82.59 22.55 -15.81
CA GLU A 487 82.00 21.68 -14.79
C GLU A 487 80.58 22.04 -14.44
N GLN A 488 80.26 23.33 -14.60
CA GLN A 488 78.89 23.81 -14.50
C GLN A 488 78.03 23.09 -15.55
N ALA A 489 78.59 22.81 -16.72
CA ALA A 489 77.88 22.15 -17.81
C ALA A 489 77.70 20.66 -17.57
N ILE A 490 78.71 20.06 -16.96
CA ILE A 490 78.76 18.59 -16.77
C ILE A 490 78.33 18.09 -15.34
N ALA A 491 78.36 18.98 -14.36
CA ALA A 491 78.14 18.62 -12.96
C ALA A 491 77.19 19.61 -12.28
N GLY A 492 76.70 20.58 -13.03
CA GLY A 492 75.93 21.69 -12.46
C GLY A 492 74.61 21.21 -11.88
N GLN A 493 73.93 20.36 -12.64
CA GLN A 493 72.67 19.78 -12.25
C GLN A 493 72.81 18.96 -11.00
N VAL A 494 73.85 18.12 -10.97
CA VAL A 494 74.18 17.33 -9.79
C VAL A 494 74.30 18.21 -8.57
N LEU A 495 75.04 19.32 -8.71
CA LEU A 495 75.27 20.24 -7.59
C LEU A 495 73.96 20.77 -7.09
N LYS A 496 73.00 20.94 -8.00
CA LYS A 496 71.70 21.43 -7.63
C LYS A 496 70.95 20.37 -6.84
N GLU A 497 70.94 19.16 -7.37
CA GLU A 497 70.24 18.05 -6.76
C GLU A 497 70.68 17.81 -5.34
N ILE A 498 71.93 18.16 -5.07
CA ILE A 498 72.50 17.99 -3.74
C ILE A 498 71.84 18.98 -2.81
N ARG A 499 71.97 20.29 -3.10
CA ARG A 499 71.45 21.32 -2.17
C ARG A 499 69.94 21.25 -1.94
N SER A 500 69.18 20.85 -2.94
CA SER A 500 67.76 20.60 -2.76
C SER A 500 67.55 19.70 -1.58
N ARG A 501 68.31 18.60 -1.61
CA ARG A 501 68.24 17.54 -0.63
C ARG A 501 68.73 17.96 0.74
N LEU A 502 69.86 18.65 0.79
CA LEU A 502 70.33 19.23 2.05
C LEU A 502 69.21 20.11 2.60
N GLY A 503 68.63 20.89 1.69
CA GLY A 503 67.48 21.73 2.00
C GLY A 503 66.48 20.97 2.84
N PHE A 504 65.81 20.00 2.23
CA PHE A 504 64.73 19.32 2.93
C PHE A 504 65.17 18.82 4.29
N LEU A 505 66.44 18.41 4.40
CA LEU A 505 66.96 17.99 5.69
C LEU A 505 66.87 19.08 6.73
N LEU A 506 67.31 20.28 6.38
CA LEU A 506 67.14 21.43 7.27
C LEU A 506 65.67 21.61 7.64
N ASP A 507 64.81 21.56 6.64
CA ASP A 507 63.39 21.68 6.83
C ASP A 507 62.87 20.77 7.93
N VAL A 508 63.24 19.50 7.92
CA VAL A 508 62.80 18.56 8.96
C VAL A 508 63.59 18.84 10.26
N GLY A 509 64.41 19.88 10.20
CA GLY A 509 65.13 20.39 11.37
C GLY A 509 66.31 19.55 11.76
N LEU A 510 66.84 18.82 10.80
CA LEU A 510 68.02 18.00 10.98
C LEU A 510 69.33 18.77 10.72
N GLU A 511 69.31 20.09 10.88
CA GLU A 511 70.50 20.89 10.57
C GLU A 511 71.72 20.44 11.35
N TYR A 512 71.51 19.85 12.50
CA TYR A 512 72.58 19.72 13.46
C TYR A 512 73.42 18.49 13.29
N LEU A 513 72.92 17.49 12.57
CA LEU A 513 73.79 16.34 12.38
C LEU A 513 74.60 16.53 11.13
N SER A 514 75.53 15.61 10.89
CA SER A 514 76.47 15.72 9.80
C SER A 514 76.16 14.65 8.80
N LEU A 515 76.55 14.87 7.53
CA LEU A 515 76.35 13.88 6.46
C LEU A 515 77.07 12.58 6.76
N SER A 516 78.20 12.69 7.45
CA SER A 516 79.06 11.56 7.70
C SER A 516 78.64 10.72 8.89
N ARG A 517 77.65 11.15 9.66
CA ARG A 517 77.21 10.40 10.85
C ARG A 517 76.73 9.01 10.52
N ALA A 518 77.06 8.05 11.37
CA ALA A 518 76.63 6.67 11.14
C ALA A 518 75.11 6.55 11.19
N ALA A 519 74.56 5.78 10.26
CA ALA A 519 73.12 5.59 10.18
C ALA A 519 72.55 4.90 11.41
N ALA A 520 73.27 3.90 11.92
CA ALA A 520 72.83 3.14 13.08
C ALA A 520 72.64 3.99 14.32
N THR A 521 73.56 4.93 14.53
CA THR A 521 73.54 5.79 15.71
C THR A 521 72.27 6.64 15.81
N LEU A 522 71.82 7.18 14.69
CA LEU A 522 70.63 8.03 14.69
C LEU A 522 69.43 7.40 15.41
N SER A 523 68.73 8.25 16.16
CA SER A 523 67.55 7.86 16.97
C SER A 523 66.45 7.49 16.02
N GLY A 524 65.48 6.75 16.51
CA GLY A 524 64.34 6.41 15.67
C GLY A 524 63.71 7.64 15.05
N GLY A 525 63.55 8.66 15.89
CA GLY A 525 63.02 9.93 15.47
C GLY A 525 63.83 10.46 14.32
N GLU A 526 65.12 10.64 14.56
CA GLU A 526 66.02 11.20 13.57
C GLU A 526 65.93 10.43 12.26
N ALA A 527 65.94 9.10 12.35
CA ALA A 527 65.80 8.22 11.19
C ALA A 527 64.54 8.56 10.43
N GLN A 528 63.44 8.58 11.16
CA GLN A 528 62.12 8.89 10.64
C GLN A 528 62.05 10.27 10.03
N ARG A 529 62.38 11.30 10.81
CA ARG A 529 62.59 12.65 10.29
C ARG A 529 63.35 12.71 8.95
N ILE A 530 64.34 11.86 8.75
CA ILE A 530 65.00 11.72 7.46
C ILE A 530 64.01 11.22 6.40
N ARG A 531 63.45 10.03 6.64
CA ARG A 531 62.50 9.42 5.72
C ARG A 531 61.50 10.47 5.27
N LEU A 532 61.03 11.28 6.21
CA LEU A 532 60.08 12.33 5.89
C LEU A 532 60.69 13.32 4.90
N ALA A 533 61.98 13.64 5.09
CA ALA A 533 62.67 14.56 4.18
C ALA A 533 62.74 13.98 2.76
N THR A 534 63.02 12.68 2.69
CA THR A 534 63.07 11.96 1.42
C THR A 534 61.70 11.97 0.77
N GLN A 535 60.69 11.57 1.55
CA GLN A 535 59.33 11.48 1.04
C GLN A 535 58.74 12.83 0.61
N ILE A 536 58.96 13.86 1.43
CA ILE A 536 58.43 15.19 1.10
C ILE A 536 59.04 15.72 -0.18
N GLY A 537 60.34 15.51 -0.32
CA GLY A 537 61.06 15.92 -1.52
C GLY A 537 60.61 15.14 -2.74
N SER A 538 60.37 13.85 -2.54
CA SER A 538 60.01 12.94 -3.62
C SER A 538 59.16 13.64 -4.67
N GLY A 539 58.37 14.61 -4.25
CA GLY A 539 57.51 15.34 -5.17
C GLY A 539 56.33 14.51 -5.61
N LEU A 540 56.03 13.50 -4.81
CA LEU A 540 54.93 12.62 -5.10
C LEU A 540 53.67 13.24 -4.60
N VAL A 541 52.63 13.01 -5.37
CA VAL A 541 51.35 13.46 -5.05
C VAL A 541 50.36 12.26 -5.08
N GLY A 542 49.35 12.30 -4.23
CA GLY A 542 48.24 11.34 -4.38
C GLY A 542 48.49 10.16 -3.49
N VAL A 543 49.52 10.31 -2.68
CA VAL A 543 49.97 9.30 -1.73
C VAL A 543 49.21 9.49 -0.42
N LEU A 544 48.95 8.37 0.25
CA LEU A 544 48.51 8.33 1.64
C LEU A 544 49.68 8.08 2.58
N TYR A 545 50.22 9.09 3.28
CA TYR A 545 51.37 8.85 4.19
C TYR A 545 50.83 8.52 5.53
N VAL A 546 51.25 7.40 6.09
CA VAL A 546 50.75 7.01 7.40
C VAL A 546 51.89 7.05 8.38
N LEU A 547 51.85 7.99 9.31
CA LEU A 547 53.01 8.27 10.15
C LEU A 547 52.84 7.83 11.57
N ASP A 548 53.90 7.30 12.15
CA ASP A 548 53.80 6.83 13.48
C ASP A 548 54.49 7.72 14.47
N GLU A 549 53.67 8.53 15.14
CA GLU A 549 54.06 9.33 16.29
C GLU A 549 55.34 10.14 16.08
N PRO A 550 55.38 11.01 15.06
CA PRO A 550 56.62 11.60 14.67
C PRO A 550 57.14 12.64 15.66
N SER A 551 56.29 13.01 16.63
CA SER A 551 56.69 13.96 17.66
C SER A 551 57.65 13.33 18.66
N ILE A 552 57.99 12.07 18.44
CA ILE A 552 58.82 11.32 19.37
C ILE A 552 60.24 11.80 19.27
N GLY A 553 60.93 11.74 20.40
CA GLY A 553 62.32 12.17 20.50
C GLY A 553 62.57 13.53 19.90
N LEU A 554 61.52 14.33 19.88
CA LEU A 554 61.55 15.65 19.31
C LEU A 554 61.21 16.60 20.43
N HIS A 555 61.94 17.70 20.54
CA HIS A 555 61.71 18.62 21.64
C HIS A 555 60.41 19.34 21.45
N GLN A 556 59.86 19.84 22.55
CA GLN A 556 58.63 20.58 22.43
C GLN A 556 58.77 21.78 21.47
N ARG A 557 59.96 22.34 21.36
CA ARG A 557 60.24 23.45 20.46
C ARG A 557 59.99 23.04 19.01
N ASP A 558 60.87 22.21 18.48
CA ASP A 558 60.77 21.70 17.11
C ASP A 558 59.42 21.06 16.76
N ASN A 559 58.49 21.03 17.72
CA ASN A 559 57.20 20.40 17.45
C ASN A 559 56.36 21.20 16.47
N ARG A 560 56.10 22.45 16.81
CA ARG A 560 55.28 23.24 15.93
C ARG A 560 55.93 23.43 14.55
N ARG A 561 57.25 23.28 14.47
CA ARG A 561 57.97 23.28 13.18
C ARG A 561 57.60 22.08 12.32
N LEU A 562 57.67 20.91 12.93
CA LEU A 562 57.32 19.66 12.28
C LEU A 562 55.85 19.64 11.80
N ILE A 563 54.94 20.12 12.63
CA ILE A 563 53.55 20.23 12.20
C ILE A 563 53.44 21.01 10.87
N GLU A 564 54.34 21.94 10.61
CA GLU A 564 54.30 22.66 9.37
C GLU A 564 54.68 21.74 8.25
N THR A 565 55.81 21.07 8.41
CA THR A 565 56.31 20.20 7.34
C THR A 565 55.28 19.14 7.06
N LEU A 566 54.62 18.67 8.11
CA LEU A 566 53.49 17.76 7.97
C LEU A 566 52.42 18.34 7.08
N THR A 567 52.03 19.58 7.38
CA THR A 567 50.97 20.20 6.62
C THR A 567 51.40 20.39 5.21
N ARG A 568 52.60 20.92 5.00
CA ARG A 568 53.00 21.17 3.61
C ARG A 568 53.03 19.88 2.81
N LEU A 569 53.26 18.77 3.51
CA LEU A 569 53.14 17.45 2.89
C LEU A 569 51.69 17.20 2.47
N ARG A 570 50.72 17.53 3.32
CA ARG A 570 49.33 17.42 2.91
C ARG A 570 49.10 18.37 1.76
N ASP A 571 49.50 19.61 1.97
CA ASP A 571 49.19 20.67 1.03
C ASP A 571 49.72 20.42 -0.36
N LEU A 572 50.91 19.84 -0.48
CA LEU A 572 51.38 19.31 -1.77
C LEU A 572 50.37 18.53 -2.59
N GLY A 573 49.44 17.86 -1.93
CA GLY A 573 48.43 17.15 -2.67
C GLY A 573 48.24 15.74 -2.17
N ASN A 574 48.75 15.50 -0.96
CA ASN A 574 48.65 14.18 -0.32
C ASN A 574 47.68 14.22 0.82
N THR A 575 47.66 13.13 1.58
CA THR A 575 46.69 12.92 2.64
C THR A 575 47.39 12.14 3.72
N LEU A 576 47.39 12.66 4.93
CA LEU A 576 48.13 12.00 6.02
C LEU A 576 47.24 11.29 7.03
N ILE A 577 47.78 10.28 7.69
CA ILE A 577 47.14 9.72 8.86
C ILE A 577 48.22 9.63 9.89
N VAL A 578 48.10 10.36 10.99
CA VAL A 578 49.15 10.35 11.98
C VAL A 578 48.65 9.79 13.29
N VAL A 579 49.19 8.65 13.71
CA VAL A 579 48.92 8.12 15.04
C VAL A 579 49.64 9.01 16.04
N GLU A 580 48.92 9.56 17.00
CA GLU A 580 49.50 10.57 17.88
C GLU A 580 48.83 10.74 19.24
N HIS A 581 49.59 11.23 20.22
CA HIS A 581 48.99 11.66 21.49
C HIS A 581 49.42 13.07 21.91
N ASP A 582 50.07 13.80 21.00
CA ASP A 582 50.60 15.12 21.33
C ASP A 582 49.53 16.18 21.21
N GLU A 583 49.39 17.03 22.24
CA GLU A 583 48.34 18.07 22.25
C GLU A 583 48.37 18.84 20.93
N ASP A 584 49.50 19.43 20.60
CA ASP A 584 49.60 20.34 19.45
C ASP A 584 49.22 19.66 18.14
N THR A 585 49.85 18.52 17.87
CA THR A 585 49.51 17.77 16.67
C THR A 585 48.01 17.56 16.58
N ILE A 586 47.41 17.01 17.64
CA ILE A 586 45.97 16.80 17.67
C ILE A 586 45.23 18.10 17.44
N GLU A 587 45.52 19.14 18.25
CA GLU A 587 44.93 20.48 18.07
C GLU A 587 44.95 20.83 16.55
N HIS A 588 46.11 20.68 15.92
CA HIS A 588 46.27 20.96 14.51
C HIS A 588 45.66 19.97 13.50
N ALA A 589 45.01 18.91 13.96
CA ALA A 589 44.51 17.91 13.02
C ALA A 589 43.32 18.44 12.21
N ASP A 590 43.18 18.01 10.95
CA ASP A 590 42.01 18.35 10.14
C ASP A 590 40.81 17.53 10.53
N TRP A 591 41.06 16.39 11.12
CA TRP A 591 40.02 15.44 11.41
C TRP A 591 40.62 14.45 12.37
N ILE A 592 39.82 13.86 13.25
CA ILE A 592 40.40 13.01 14.25
C ILE A 592 39.61 11.74 14.37
N VAL A 593 40.27 10.60 14.34
CA VAL A 593 39.60 9.37 14.68
C VAL A 593 40.12 9.04 16.06
N ASP A 594 39.22 8.98 17.05
CA ASP A 594 39.55 8.53 18.41
C ASP A 594 39.16 7.08 18.52
N ILE A 595 40.06 6.24 19.01
CA ILE A 595 39.83 4.80 18.87
C ILE A 595 39.43 4.07 20.15
N GLY A 596 38.55 3.10 19.98
CA GLY A 596 37.83 2.44 21.05
C GLY A 596 38.44 2.70 22.41
N PRO A 597 37.58 3.07 23.35
CA PRO A 597 38.00 3.32 24.73
C PRO A 597 38.44 2.02 25.41
N GLY A 598 39.35 2.13 26.37
CA GLY A 598 39.87 0.96 27.07
C GLY A 598 41.01 0.27 26.35
N ALA A 599 41.45 -0.85 26.93
CA ALA A 599 42.60 -1.59 26.39
C ALA A 599 42.23 -3.00 25.93
N GLY A 600 42.68 -3.35 24.72
CA GLY A 600 42.41 -4.64 24.13
C GLY A 600 40.93 -4.91 23.95
N GLU A 601 40.47 -6.09 24.37
CA GLU A 601 39.06 -6.44 24.23
C GLU A 601 38.18 -5.20 24.38
N HIS A 602 38.49 -4.40 25.41
CA HIS A 602 37.73 -3.19 25.77
C HIS A 602 37.80 -2.07 24.73
N GLY A 603 38.81 -2.11 23.87
CA GLY A 603 38.90 -1.17 22.74
C GLY A 603 38.47 -1.62 21.35
N GLY A 604 39.12 -1.07 20.33
CA GLY A 604 38.94 -1.55 18.97
C GLY A 604 37.66 -1.09 18.31
N ARG A 605 37.06 -0.01 18.83
CA ARG A 605 35.85 0.60 18.28
C ARG A 605 36.04 2.07 17.96
N ILE A 606 35.47 2.61 16.89
CA ILE A 606 35.69 4.07 16.66
C ILE A 606 34.95 5.05 17.58
N VAL A 607 35.55 5.38 18.72
CA VAL A 607 34.91 6.29 19.66
C VAL A 607 34.50 7.63 19.03
N HIS A 608 35.40 8.29 18.30
CA HIS A 608 35.05 9.54 17.61
C HIS A 608 35.63 9.56 16.20
N SER A 609 35.00 10.28 15.28
CA SER A 609 35.63 10.49 14.01
C SER A 609 35.03 11.74 13.46
N GLY A 610 35.73 12.84 13.63
CA GLY A 610 35.24 14.12 13.17
C GLY A 610 36.20 15.18 13.62
N PRO A 611 35.84 16.45 13.38
CA PRO A 611 36.68 17.60 13.70
C PRO A 611 37.06 17.66 15.15
N TYR A 612 38.01 18.53 15.48
CA TYR A 612 38.51 18.72 16.85
C TYR A 612 37.42 19.13 17.84
N ASP A 613 36.66 20.16 17.48
CA ASP A 613 35.61 20.67 18.35
C ASP A 613 34.71 19.55 18.78
N GLU A 614 34.09 18.92 17.76
CA GLU A 614 33.14 17.85 17.97
C GLU A 614 33.66 16.79 18.93
N LEU A 615 34.97 16.54 18.88
CA LEU A 615 35.61 15.57 19.77
C LEU A 615 35.54 16.04 21.20
N LEU A 616 35.72 17.33 21.44
CA LEU A 616 35.67 17.88 22.80
C LEU A 616 34.32 17.61 23.47
N ARG A 617 33.26 17.77 22.67
CA ARG A 617 31.88 17.46 23.06
C ARG A 617 31.71 16.01 23.53
N ASN A 618 32.26 15.08 22.76
CA ASN A 618 32.23 13.68 23.12
C ASN A 618 32.67 13.42 24.57
N LYS A 619 31.72 12.89 25.32
CA LYS A 619 31.88 12.63 26.73
C LYS A 619 32.49 11.27 26.99
N ASP A 620 32.52 10.44 25.95
CA ASP A 620 33.08 9.10 26.02
C ASP A 620 34.54 9.02 25.58
N SER A 621 35.07 10.13 25.05
CA SER A 621 36.47 10.23 24.67
C SER A 621 37.32 10.53 25.87
N ILE A 622 38.22 9.62 26.22
CA ILE A 622 39.16 9.82 27.32
C ILE A 622 40.05 10.93 26.87
N THR A 623 40.34 10.91 25.57
CA THR A 623 41.07 11.95 24.86
C THR A 623 40.37 13.32 25.05
N GLY A 624 39.15 13.44 24.54
CA GLY A 624 38.36 14.64 24.76
C GLY A 624 38.44 15.16 26.17
N ALA A 625 38.42 14.26 27.15
CA ALA A 625 38.45 14.65 28.54
C ALA A 625 39.69 15.49 28.78
N TYR A 626 40.85 14.85 28.72
CA TYR A 626 42.12 15.58 28.86
C TYR A 626 42.19 16.82 27.97
N LEU A 627 41.74 16.65 26.73
CA LEU A 627 41.79 17.67 25.68
C LEU A 627 40.93 18.89 25.99
N SER A 628 39.74 18.66 26.55
CA SER A 628 38.85 19.73 26.93
C SER A 628 39.30 20.32 28.26
N GLY A 629 39.80 19.49 29.15
CA GLY A 629 40.24 19.96 30.44
C GLY A 629 39.59 19.22 31.59
N ARG A 630 38.49 18.52 31.28
CA ARG A 630 37.82 17.64 32.25
C ARG A 630 38.84 16.77 32.96
N GLU A 631 40.02 16.64 32.38
CA GLU A 631 41.05 15.81 32.96
C GLU A 631 42.39 16.45 32.72
N SER A 632 43.32 16.24 33.64
CA SER A 632 44.68 16.63 33.41
C SER A 632 45.59 15.83 34.31
N ILE A 633 46.89 16.12 34.25
CA ILE A 633 47.83 15.66 35.26
C ILE A 633 48.27 16.89 36.01
N GLU A 634 48.07 16.89 37.32
CA GLU A 634 48.25 18.07 38.12
C GLU A 634 49.68 18.21 38.66
N ILE A 635 50.22 19.43 38.65
CA ILE A 635 51.59 19.70 39.14
C ILE A 635 51.63 19.55 40.67
N PRO A 636 52.36 18.53 41.19
CA PRO A 636 52.39 18.25 42.63
C PRO A 636 52.56 19.54 43.47
N ALA A 637 51.68 19.78 44.44
CA ALA A 637 51.74 21.04 45.19
C ALA A 637 52.96 21.06 46.11
N ILE A 638 53.33 19.89 46.61
CA ILE A 638 54.57 19.71 47.34
C ILE A 638 55.50 18.73 46.64
N ARG A 639 56.65 19.26 46.19
CA ARG A 639 57.66 18.52 45.42
C ARG A 639 58.61 17.77 46.32
N ARG A 640 59.38 16.85 45.76
CA ARG A 640 60.40 16.17 46.55
C ARG A 640 61.57 17.10 46.68
N SER A 641 62.11 17.22 47.89
CA SER A 641 63.27 18.06 48.11
C SER A 641 64.57 17.30 47.91
N VAL A 642 65.58 17.99 47.38
CA VAL A 642 66.81 17.37 46.93
C VAL A 642 67.92 17.36 47.99
N ASP A 643 68.68 16.27 48.07
CA ASP A 643 69.74 16.17 49.07
C ASP A 643 71.10 16.42 48.43
N PRO A 644 71.75 17.53 48.83
CA PRO A 644 73.10 17.86 48.33
C PRO A 644 74.14 16.81 48.69
N ARG A 645 74.12 16.32 49.92
CA ARG A 645 75.09 15.30 50.33
C ARG A 645 74.89 13.97 49.56
N ARG A 646 73.66 13.66 49.16
CA ARG A 646 73.36 12.42 48.41
C ARG A 646 72.95 12.70 46.93
N GLN A 647 73.97 12.74 46.06
CA GLN A 647 73.90 13.16 44.65
C GLN A 647 74.83 12.33 43.77
N LEU A 648 74.31 11.73 42.70
CA LEU A 648 75.16 10.96 41.78
C LEU A 648 75.70 11.87 40.68
N THR A 649 77.04 11.89 40.51
CA THR A 649 77.68 12.93 39.68
C THR A 649 78.63 12.49 38.59
N VAL A 650 78.29 12.80 37.34
CA VAL A 650 79.17 12.47 36.22
C VAL A 650 80.16 13.60 36.10
N VAL A 651 81.45 13.27 36.05
CA VAL A 651 82.47 14.30 36.03
C VAL A 651 83.25 14.26 34.74
N GLY A 652 83.33 15.41 34.08
CA GLY A 652 84.11 15.57 32.86
C GLY A 652 83.71 14.69 31.69
N ALA A 653 82.44 14.76 31.29
CA ALA A 653 81.94 13.99 30.18
C ALA A 653 82.43 14.56 28.86
N ARG A 654 83.34 13.85 28.22
CA ARG A 654 83.96 14.27 26.97
C ARG A 654 83.28 13.68 25.71
N GLU A 655 82.39 12.71 25.90
CA GLU A 655 81.96 11.88 24.80
C GLU A 655 81.12 12.68 23.80
N HIS A 656 81.32 12.39 22.52
CA HIS A 656 80.70 13.09 21.39
C HIS A 656 80.61 14.62 21.57
N ASN A 657 79.41 15.17 21.54
CA ASN A 657 79.25 16.62 21.59
C ASN A 657 79.26 17.18 22.99
N LEU A 658 79.25 16.29 24.00
CA LEU A 658 79.38 16.69 25.41
C LEU A 658 80.71 17.38 25.63
N ARG A 659 80.68 18.50 26.34
CA ARG A 659 81.84 19.34 26.39
C ARG A 659 82.52 19.26 27.73
N GLY A 660 83.04 18.07 28.06
CA GLY A 660 83.65 17.83 29.37
C GLY A 660 82.86 18.40 30.54
N ILE A 661 81.56 18.16 30.58
CA ILE A 661 80.70 18.71 31.63
C ILE A 661 80.71 17.88 32.91
N ASP A 662 80.49 18.55 34.04
CA ASP A 662 80.18 17.89 35.29
C ASP A 662 78.71 18.06 35.54
N VAL A 663 78.04 16.96 35.82
CA VAL A 663 76.59 16.94 36.01
C VAL A 663 76.22 16.07 37.21
N SER A 664 75.39 16.62 38.10
CA SER A 664 74.98 15.90 39.29
C SER A 664 73.49 15.60 39.27
N PHE A 665 73.16 14.32 39.39
CA PHE A 665 71.77 13.87 39.50
C PHE A 665 71.46 13.63 40.94
N PRO A 666 70.46 14.31 41.48
CA PRO A 666 70.06 14.11 42.86
C PRO A 666 69.48 12.71 43.06
N LEU A 667 69.96 12.02 44.08
CA LEU A 667 69.45 10.67 44.38
C LEU A 667 68.08 10.66 45.10
N GLY A 668 67.34 9.56 44.98
CA GLY A 668 66.04 9.43 45.62
C GLY A 668 65.00 10.46 45.23
N VAL A 669 65.01 10.82 43.96
CA VAL A 669 64.07 11.79 43.46
C VAL A 669 63.84 11.62 41.93
N LEU A 670 62.79 12.25 41.43
CA LEU A 670 62.48 12.22 39.99
C LEU A 670 63.24 13.27 39.18
N THR A 671 64.14 12.78 38.34
CA THR A 671 64.89 13.65 37.45
C THR A 671 64.55 13.41 35.97
N SER A 672 64.15 14.47 35.28
CA SER A 672 64.05 14.44 33.86
C SER A 672 65.29 15.10 33.28
N VAL A 673 65.99 14.40 32.40
CA VAL A 673 66.98 15.04 31.56
C VAL A 673 66.23 15.53 30.32
N THR A 674 66.31 16.83 30.03
CA THR A 674 65.61 17.44 28.91
C THR A 674 66.54 18.23 28.03
N GLY A 675 65.99 18.70 26.91
CA GLY A 675 66.76 19.49 25.96
C GLY A 675 66.39 19.06 24.56
N VAL A 676 66.81 19.85 23.59
CA VAL A 676 66.45 19.60 22.20
C VAL A 676 67.14 18.34 21.69
N SER A 677 66.77 17.90 20.50
CA SER A 677 67.37 16.71 19.91
C SER A 677 68.81 17.02 19.50
N GLY A 678 69.74 16.21 20.00
CA GLY A 678 71.13 16.34 19.60
C GLY A 678 71.99 16.99 20.64
N SER A 679 71.40 17.32 21.78
CA SER A 679 72.10 18.08 22.82
C SER A 679 72.91 17.19 23.71
N GLY A 680 72.86 15.89 23.49
CA GLY A 680 73.63 14.94 24.29
C GLY A 680 72.85 14.24 25.40
N LYS A 681 71.54 14.46 25.41
CA LYS A 681 70.64 13.85 26.40
C LYS A 681 71.03 12.36 26.58
N SER A 682 71.06 11.63 25.46
CA SER A 682 71.43 10.22 25.41
C SER A 682 72.88 9.85 25.71
N THR A 683 73.83 10.63 25.18
CA THR A 683 75.25 10.31 25.34
C THR A 683 75.66 10.35 26.80
N LEU A 684 75.15 11.36 27.49
CA LEU A 684 75.34 11.51 28.93
C LEU A 684 74.73 10.34 29.69
N VAL A 685 73.41 10.26 29.67
CA VAL A 685 72.69 9.34 30.52
C VAL A 685 72.93 7.87 30.15
N ASN A 686 73.03 7.58 28.85
CA ASN A 686 73.13 6.20 28.40
C ASN A 686 74.55 5.68 28.19
N ASP A 687 75.38 6.44 27.47
CA ASP A 687 76.70 5.94 27.11
C ASP A 687 77.66 6.12 28.23
N ILE A 688 77.41 7.09 29.11
CA ILE A 688 78.31 7.31 30.23
C ILE A 688 77.73 7.05 31.63
N LEU A 689 76.61 7.70 31.95
CA LEU A 689 75.99 7.55 33.27
C LEU A 689 75.49 6.15 33.60
N ALA A 690 74.87 5.52 32.60
CA ALA A 690 74.30 4.19 32.71
C ALA A 690 75.39 3.14 32.58
N ALA A 691 76.29 3.32 31.63
CA ALA A 691 77.28 2.31 31.29
C ALA A 691 78.20 2.13 32.45
N VAL A 692 78.47 3.22 33.17
CA VAL A 692 79.25 3.13 34.40
C VAL A 692 78.52 2.35 35.50
N LEU A 693 77.33 2.81 35.90
CA LEU A 693 76.53 2.07 36.87
C LEU A 693 76.38 0.59 36.53
N ALA A 694 76.17 0.26 35.26
CA ALA A 694 76.06 -1.15 34.94
C ALA A 694 77.36 -1.83 35.35
N ASN A 695 78.49 -1.18 35.06
CA ASN A 695 79.81 -1.67 35.45
C ASN A 695 80.10 -1.73 36.96
N ARG A 696 79.66 -0.69 37.68
CA ARG A 696 79.94 -0.54 39.09
C ARG A 696 78.82 -1.03 40.02
N LEU A 697 77.72 -1.52 39.48
CA LEU A 697 76.66 -1.98 40.36
C LEU A 697 76.15 -3.33 39.96
N ASN A 698 76.26 -3.65 38.68
CA ASN A 698 75.75 -4.92 38.16
C ASN A 698 76.85 -5.69 37.47
N GLY A 699 78.05 -5.12 37.47
CA GLY A 699 79.25 -5.79 36.99
C GLY A 699 79.24 -6.34 35.58
N ALA A 700 78.61 -5.65 34.63
CA ALA A 700 78.80 -5.96 33.22
C ALA A 700 80.12 -5.34 32.84
N ARG A 701 80.78 -5.91 31.86
CA ARG A 701 82.01 -5.30 31.36
C ARG A 701 81.70 -4.57 30.03
N GLN A 702 81.12 -3.39 30.20
CA GLN A 702 80.52 -2.62 29.10
C GLN A 702 81.18 -1.24 28.99
N VAL A 703 81.38 -0.75 27.77
CA VAL A 703 82.30 0.36 27.45
C VAL A 703 81.69 1.75 27.64
N PRO A 704 81.96 2.44 28.77
CA PRO A 704 81.32 3.74 28.88
C PRO A 704 82.03 4.79 28.02
N GLY A 705 81.23 5.70 27.47
CA GLY A 705 81.73 6.85 26.72
C GLY A 705 82.75 7.64 27.53
N ARG A 706 83.74 8.21 26.83
CA ARG A 706 84.86 8.93 27.42
C ARG A 706 84.42 9.93 28.48
N HIS A 707 84.94 9.80 29.70
CA HIS A 707 84.66 10.78 30.77
C HIS A 707 85.70 10.67 31.86
N THR A 708 85.55 11.47 32.92
CA THR A 708 86.47 11.40 34.03
C THR A 708 86.05 10.36 35.04
N ARG A 709 84.96 10.62 35.78
CA ARG A 709 84.33 9.57 36.61
C ARG A 709 83.01 9.91 37.28
N VAL A 710 82.57 8.99 38.12
CA VAL A 710 81.25 9.10 38.74
C VAL A 710 81.35 9.13 40.27
N THR A 711 80.62 10.06 40.85
CA THR A 711 80.73 10.42 42.26
C THR A 711 79.84 9.63 43.21
N GLY A 712 80.45 9.35 44.36
CA GLY A 712 79.87 8.58 45.45
C GLY A 712 79.64 7.22 44.89
N LEU A 713 78.36 7.00 44.52
CA LEU A 713 77.87 5.84 43.79
C LEU A 713 77.60 4.62 44.68
N ASP A 714 78.35 4.51 45.79
CA ASP A 714 78.12 3.44 46.76
C ASP A 714 76.81 3.65 47.53
N TYR A 715 76.07 4.71 47.18
CA TYR A 715 74.75 4.99 47.74
C TYR A 715 73.65 4.17 47.06
N LEU A 716 74.06 3.27 46.17
CA LEU A 716 73.12 2.54 45.33
C LEU A 716 73.40 1.03 45.31
N ASP A 717 72.33 0.25 45.34
CA ASP A 717 72.44 -1.20 45.24
C ASP A 717 72.70 -1.60 43.81
N LYS A 718 71.70 -1.43 42.94
CA LYS A 718 71.81 -1.82 41.53
C LYS A 718 71.14 -0.85 40.54
N LEU A 719 71.38 -1.09 39.26
CA LEU A 719 70.85 -0.25 38.19
C LEU A 719 69.83 -1.01 37.35
N VAL A 720 68.72 -0.35 37.07
CA VAL A 720 67.70 -0.89 36.20
C VAL A 720 67.61 -0.01 34.97
N ARG A 721 68.12 -0.50 33.84
CA ARG A 721 68.05 0.25 32.60
C ARG A 721 66.90 -0.33 31.78
N VAL A 722 65.76 0.35 31.82
CA VAL A 722 64.62 -0.03 30.98
C VAL A 722 64.73 0.59 29.59
N ASP A 723 65.47 -0.14 28.77
CA ASP A 723 65.68 0.15 27.39
C ASP A 723 64.34 0.14 26.66
N GLN A 724 64.26 0.70 25.46
CA GLN A 724 63.07 0.46 24.65
C GLN A 724 63.22 -0.61 23.56
N SER A 725 64.33 -1.34 23.63
CA SER A 725 64.71 -2.31 22.61
C SER A 725 63.73 -3.47 22.65
N PRO A 726 63.60 -4.22 21.55
CA PRO A 726 62.67 -5.33 21.52
C PRO A 726 62.97 -6.34 22.64
N ILE A 727 61.91 -6.89 23.23
CA ILE A 727 62.00 -7.99 24.19
C ILE A 727 62.76 -9.21 23.64
N GLY A 728 62.51 -9.50 22.36
CA GLY A 728 63.09 -10.64 21.70
C GLY A 728 62.97 -10.42 20.22
N ARG A 729 63.82 -11.09 19.47
CA ARG A 729 63.88 -10.93 18.02
C ARG A 729 63.07 -12.06 17.35
N THR A 730 62.85 -13.15 18.09
CA THR A 730 62.11 -14.31 17.60
C THR A 730 60.72 -14.34 18.20
N PRO A 731 59.78 -15.02 17.54
CA PRO A 731 58.46 -15.26 18.14
C PRO A 731 58.53 -16.26 19.29
N ARG A 732 59.75 -16.65 19.67
CA ARG A 732 60.02 -17.52 20.82
C ARG A 732 59.85 -16.79 22.12
N SER A 733 60.12 -15.49 22.10
CA SER A 733 60.05 -14.65 23.28
C SER A 733 58.63 -14.13 23.48
N ASN A 734 58.11 -14.33 24.68
CA ASN A 734 56.75 -13.96 25.02
C ASN A 734 56.65 -13.41 26.43
N PRO A 735 55.55 -12.75 26.73
CA PRO A 735 55.34 -12.21 28.08
C PRO A 735 55.35 -13.38 29.03
N ALA A 736 54.74 -14.49 28.60
CA ALA A 736 54.74 -15.72 29.38
C ALA A 736 56.18 -16.21 29.56
N THR A 737 56.98 -16.11 28.50
CA THR A 737 58.38 -16.51 28.59
C THR A 737 59.21 -15.48 29.37
N TYR A 738 59.22 -14.25 28.87
CA TYR A 738 60.07 -13.18 29.39
C TYR A 738 59.91 -12.97 30.87
N THR A 739 58.70 -12.76 31.37
CA THR A 739 58.56 -12.61 32.80
C THR A 739 58.81 -13.93 33.54
N GLY A 740 58.74 -15.05 32.81
CA GLY A 740 58.99 -16.39 33.39
C GLY A 740 57.83 -16.95 34.17
N VAL A 741 56.62 -16.47 33.86
CA VAL A 741 55.40 -16.98 34.46
C VAL A 741 55.05 -18.32 33.81
N PHE A 742 55.56 -18.55 32.61
CA PHE A 742 55.19 -19.73 31.86
C PHE A 742 55.73 -21.02 32.47
N ASP A 743 56.92 -20.94 33.09
CA ASP A 743 57.47 -22.06 33.84
C ASP A 743 56.44 -22.49 34.87
N LYS A 744 55.95 -21.50 35.60
CA LYS A 744 55.01 -21.74 36.67
C LYS A 744 53.66 -22.22 36.15
N ILE A 745 53.46 -22.12 34.84
CA ILE A 745 52.19 -22.56 34.27
C ILE A 745 52.40 -23.92 33.68
N ARG A 746 53.52 -24.12 32.98
CA ARG A 746 53.85 -25.43 32.45
C ARG A 746 53.80 -26.49 33.54
N THR A 747 54.15 -26.09 34.77
CA THR A 747 54.04 -26.99 35.93
C THR A 747 52.57 -27.21 36.32
N LEU A 748 51.80 -26.12 36.40
CA LEU A 748 50.36 -26.21 36.67
C LEU A 748 49.62 -27.11 35.72
N PHE A 749 50.18 -27.26 34.53
CA PHE A 749 49.60 -28.08 33.47
C PHE A 749 50.03 -29.53 33.59
N ALA A 750 51.34 -29.78 33.70
CA ALA A 750 51.89 -31.13 33.85
C ALA A 750 51.24 -31.80 35.04
N ALA A 751 51.15 -31.06 36.14
CA ALA A 751 50.50 -31.52 37.35
C ALA A 751 48.98 -31.39 37.25
N THR A 752 48.40 -32.00 36.21
CA THR A 752 46.95 -32.06 36.10
C THR A 752 46.44 -33.42 35.66
N THR A 753 45.24 -33.75 36.14
CA THR A 753 44.61 -35.06 35.96
C THR A 753 44.76 -35.64 34.52
N GLU A 754 44.42 -34.83 33.51
CA GLU A 754 44.47 -35.23 32.09
C GLU A 754 45.89 -35.39 31.59
N ALA A 755 46.81 -34.61 32.17
CA ALA A 755 48.19 -34.56 31.72
C ALA A 755 48.97 -35.74 32.26
N LYS A 756 48.77 -36.00 33.55
CA LYS A 756 49.48 -37.08 34.22
C LYS A 756 49.03 -38.43 33.66
N VAL A 757 47.75 -38.54 33.30
CA VAL A 757 47.22 -39.77 32.69
C VAL A 757 47.84 -40.01 31.32
N ARG A 758 48.37 -38.97 30.70
CA ARG A 758 49.07 -39.13 29.44
C ARG A 758 50.58 -39.16 29.64
N GLY A 759 51.04 -38.86 30.86
CA GLY A 759 52.47 -38.82 31.18
C GLY A 759 53.17 -37.61 30.61
N TYR A 760 52.56 -36.44 30.77
CA TYR A 760 53.12 -35.23 30.23
C TYR A 760 53.85 -34.43 31.29
N GLN A 761 55.15 -34.25 31.06
CA GLN A 761 56.00 -33.47 31.95
C GLN A 761 55.88 -31.96 31.62
N PRO A 762 56.37 -31.12 32.52
CA PRO A 762 56.17 -29.67 32.38
C PRO A 762 56.75 -29.23 31.06
N GLY A 763 57.80 -29.92 30.64
CA GLY A 763 58.59 -29.60 29.47
C GLY A 763 57.81 -29.62 28.17
N ARG A 764 56.88 -30.55 28.07
CA ARG A 764 56.10 -30.68 26.86
C ARG A 764 55.35 -29.38 26.61
N PHE A 765 54.87 -28.75 27.68
CA PHE A 765 54.14 -27.51 27.50
C PHE A 765 55.01 -26.33 27.14
N SER A 766 56.30 -26.58 26.94
CA SER A 766 57.20 -25.55 26.49
C SER A 766 57.30 -25.64 24.98
N PHE A 767 56.87 -24.58 24.29
CA PHE A 767 56.98 -24.50 22.83
C PHE A 767 58.44 -24.38 22.35
N ASN A 768 59.37 -24.34 23.29
CA ASN A 768 60.79 -24.30 22.98
C ASN A 768 61.46 -25.65 22.88
N VAL A 769 60.70 -26.71 23.14
CA VAL A 769 61.27 -27.99 23.52
C VAL A 769 60.69 -29.17 22.72
N LYS A 770 61.55 -30.05 22.24
CA LYS A 770 61.21 -30.93 21.13
C LYS A 770 59.88 -31.69 21.27
N GLY A 771 59.48 -32.11 22.45
CA GLY A 771 58.20 -32.79 22.58
C GLY A 771 57.02 -31.90 22.99
N GLY A 772 55.96 -31.90 22.17
CA GLY A 772 54.73 -31.16 22.47
C GLY A 772 54.43 -29.88 21.68
N ARG A 773 55.46 -29.28 21.14
CA ARG A 773 55.32 -28.12 20.29
C ARG A 773 55.16 -28.58 18.86
N CYS A 774 54.30 -27.89 18.10
CA CYS A 774 54.12 -28.19 16.69
C CYS A 774 55.45 -28.25 15.93
N GLU A 775 55.62 -29.28 15.12
CA GLU A 775 56.82 -29.44 14.29
C GLU A 775 57.05 -28.63 12.99
N ALA A 776 56.07 -27.81 12.60
CA ALA A 776 56.13 -27.09 11.32
C ALA A 776 56.66 -25.70 11.66
N CYS A 777 56.14 -25.13 12.74
CA CYS A 777 56.59 -23.85 13.25
C CYS A 777 57.67 -23.95 14.32
N THR A 778 58.00 -25.17 14.72
CA THR A 778 58.85 -25.36 15.89
C THR A 778 58.31 -24.69 17.14
N GLY A 779 57.00 -24.46 17.14
CA GLY A 779 56.28 -23.85 18.24
C GLY A 779 56.19 -22.34 18.28
N ASP A 780 56.72 -21.67 17.27
CA ASP A 780 56.61 -20.22 17.18
C ASP A 780 55.15 -19.81 17.02
N GLY A 781 54.43 -20.59 16.22
CA GLY A 781 53.01 -20.36 15.91
C GLY A 781 52.83 -19.68 14.55
N THR A 782 53.87 -19.01 14.10
CA THR A 782 53.81 -18.30 12.84
C THR A 782 55.11 -18.61 12.08
N ILE A 783 55.19 -18.19 10.83
CA ILE A 783 56.42 -18.41 10.05
C ILE A 783 56.84 -17.14 9.32
N LYS A 784 58.09 -16.71 9.52
CA LYS A 784 58.68 -15.59 8.77
C LYS A 784 58.89 -15.95 7.29
N ILE A 785 58.04 -15.40 6.45
CA ILE A 785 58.10 -15.71 5.04
C ILE A 785 58.78 -14.53 4.39
N GLU A 786 59.90 -14.79 3.74
CA GLU A 786 60.64 -13.69 3.17
C GLU A 786 59.82 -13.02 2.09
N MET A 787 59.74 -11.70 2.20
CA MET A 787 59.17 -10.86 1.16
C MET A 787 60.33 -10.14 0.51
N ASN A 788 60.30 -9.95 -0.78
CA ASN A 788 61.49 -9.47 -1.42
C ASN A 788 61.81 -7.98 -1.49
N PHE A 789 60.82 -7.23 -1.95
CA PHE A 789 60.89 -5.80 -2.20
C PHE A 789 60.18 -5.22 -0.99
N LEU A 790 59.02 -5.78 -0.68
CA LEU A 790 58.30 -5.45 0.53
C LEU A 790 59.04 -6.06 1.69
N PRO A 791 58.69 -5.66 2.90
CA PRO A 791 59.35 -6.18 4.08
C PRO A 791 58.83 -7.54 4.46
N ASP A 792 59.74 -8.39 4.98
CA ASP A 792 59.39 -9.72 5.44
C ASP A 792 58.29 -9.61 6.48
N VAL A 793 57.43 -10.62 6.54
CA VAL A 793 56.27 -10.62 7.42
C VAL A 793 55.90 -12.04 7.88
N TYR A 794 55.34 -12.17 9.10
CA TYR A 794 54.96 -13.47 9.66
C TYR A 794 53.55 -13.89 9.25
N VAL A 795 53.44 -15.10 8.73
CA VAL A 795 52.15 -15.70 8.39
C VAL A 795 51.92 -16.87 9.33
N PRO A 796 50.71 -16.97 9.88
CA PRO A 796 50.40 -18.02 10.84
C PRO A 796 50.55 -19.38 10.18
N CYS A 797 51.11 -20.33 10.92
CA CYS A 797 51.36 -21.66 10.38
C CYS A 797 50.06 -22.34 9.99
N GLU A 798 50.08 -22.99 8.83
CA GLU A 798 48.91 -23.72 8.34
C GLU A 798 48.58 -24.96 9.18
N VAL A 799 49.62 -25.69 9.59
CA VAL A 799 49.45 -26.92 10.35
C VAL A 799 48.97 -26.74 11.79
N CYS A 800 49.42 -25.69 12.24
CA CYS A 800 49.06 -25.43 13.63
C CYS A 800 47.93 -24.43 13.77
N GLN A 801 47.73 -23.32 12.87
CA GLN A 801 46.85 -22.19 12.87
C GLN A 801 47.41 -21.20 13.83
N GLY A 802 48.70 -21.52 14.06
CA GLY A 802 49.31 -20.59 15.01
C GLY A 802 49.08 -20.92 16.47
N ALA A 803 48.99 -22.21 16.80
CA ALA A 803 48.69 -22.65 18.17
C ALA A 803 49.96 -22.82 18.95
N ARG A 804 50.99 -23.25 18.23
CA ARG A 804 52.31 -23.58 18.77
C ARG A 804 52.46 -25.07 19.08
N TYR A 805 51.35 -25.75 19.33
CA TYR A 805 51.35 -27.14 19.76
C TYR A 805 50.62 -28.11 18.84
N ASN A 806 51.12 -29.35 18.74
CA ASN A 806 50.39 -30.42 18.06
C ASN A 806 49.17 -30.83 18.88
N ARG A 807 48.15 -31.32 18.18
CA ARG A 807 46.81 -31.54 18.73
C ARG A 807 46.76 -32.45 19.93
N GLU A 808 47.60 -33.48 19.94
CA GLU A 808 47.63 -34.40 21.06
C GLU A 808 47.99 -33.62 22.33
N THR A 809 48.90 -32.66 22.21
CA THR A 809 49.35 -31.86 23.36
C THR A 809 48.25 -30.93 23.82
N LEU A 810 47.35 -30.63 22.90
CA LEU A 810 46.26 -29.71 23.16
C LEU A 810 45.02 -30.47 23.64
N GLU A 811 45.10 -31.80 23.68
CA GLU A 811 44.06 -32.61 24.31
C GLU A 811 43.98 -32.26 25.80
N VAL A 812 45.13 -31.90 26.39
CA VAL A 812 45.23 -31.57 27.82
C VAL A 812 44.60 -30.23 28.13
N HIS A 813 43.76 -30.21 29.16
CA HIS A 813 43.19 -28.96 29.65
C HIS A 813 43.69 -28.60 31.05
N TYR A 814 43.53 -27.34 31.40
CA TYR A 814 43.63 -26.87 32.77
C TYR A 814 42.43 -25.92 32.93
N LYS A 815 41.63 -26.11 33.98
CA LYS A 815 40.38 -25.34 34.19
C LYS A 815 39.67 -25.08 32.85
N GLY A 816 39.64 -26.12 32.01
CA GLY A 816 38.94 -26.10 30.72
C GLY A 816 39.59 -25.31 29.59
N LYS A 817 40.88 -25.06 29.70
CA LYS A 817 41.59 -24.28 28.69
C LYS A 817 42.90 -24.98 28.35
N THR A 818 43.17 -25.13 27.07
CA THR A 818 44.46 -25.67 26.64
C THR A 818 45.60 -24.69 26.90
N VAL A 819 46.84 -25.06 26.55
CA VAL A 819 47.96 -24.11 26.67
C VAL A 819 47.74 -22.96 25.71
N SER A 820 47.45 -23.27 24.45
CA SER A 820 47.23 -22.25 23.42
C SER A 820 46.21 -21.21 23.85
N GLU A 821 45.11 -21.68 24.43
CA GLU A 821 44.08 -20.81 24.97
C GLU A 821 44.61 -19.90 26.07
N VAL A 822 45.30 -20.47 27.06
CA VAL A 822 45.80 -19.70 28.19
C VAL A 822 46.91 -18.73 27.74
N LEU A 823 47.60 -19.10 26.68
CA LEU A 823 48.64 -18.28 26.08
C LEU A 823 48.01 -17.12 25.31
N ASP A 824 46.78 -17.34 24.87
CA ASP A 824 46.04 -16.37 24.08
C ASP A 824 45.28 -15.34 24.91
N MET A 825 45.27 -15.52 26.22
CA MET A 825 44.55 -14.63 27.11
C MET A 825 45.22 -13.29 27.19
N SER A 826 44.42 -12.25 27.31
CA SER A 826 44.98 -10.95 27.57
C SER A 826 45.55 -11.12 28.96
N ILE A 827 46.63 -10.41 29.25
CA ILE A 827 47.21 -10.50 30.56
C ILE A 827 46.14 -10.13 31.59
N GLU A 828 45.42 -9.04 31.35
CA GLU A 828 44.36 -8.56 32.25
C GLU A 828 43.38 -9.67 32.48
N GLU A 829 43.15 -10.45 31.44
CA GLU A 829 42.23 -11.57 31.50
C GLU A 829 42.83 -12.75 32.26
N ALA A 830 44.02 -13.15 31.86
CA ALA A 830 44.76 -14.20 32.55
C ALA A 830 44.99 -13.86 34.02
N ALA A 831 45.02 -12.57 34.36
CA ALA A 831 45.22 -12.18 35.75
C ALA A 831 44.09 -12.63 36.67
N GLU A 832 42.84 -12.45 36.24
CA GLU A 832 41.69 -12.88 37.00
C GLU A 832 41.63 -14.40 37.09
N PHE A 833 41.94 -15.03 35.97
CA PHE A 833 41.98 -16.48 35.80
C PHE A 833 42.98 -17.17 36.74
N PHE A 834 44.03 -16.47 37.14
CA PHE A 834 45.03 -17.07 38.00
C PHE A 834 45.05 -16.45 39.39
N GLU A 835 44.05 -15.63 39.70
CA GLU A 835 43.87 -15.07 41.05
C GLU A 835 44.23 -16.13 42.14
N PRO A 836 43.74 -17.40 42.00
CA PRO A 836 44.10 -18.54 42.87
C PRO A 836 45.58 -18.77 43.12
N ILE A 837 46.34 -19.05 42.08
CA ILE A 837 47.76 -19.29 42.27
C ILE A 837 48.47 -17.95 42.41
N ALA A 838 48.69 -17.50 43.65
CA ALA A 838 49.29 -16.19 43.88
C ALA A 838 50.77 -16.18 43.49
N GLY A 839 51.38 -17.35 43.34
CA GLY A 839 52.75 -17.46 42.82
C GLY A 839 52.92 -16.93 41.39
N VAL A 840 51.86 -17.07 40.61
CA VAL A 840 51.78 -16.62 39.23
C VAL A 840 51.16 -15.22 39.16
N HIS A 841 50.15 -15.00 40.00
CA HIS A 841 49.41 -13.74 40.02
C HIS A 841 50.29 -12.51 40.23
N ARG A 842 51.39 -12.66 40.98
CA ARG A 842 52.30 -11.52 41.24
C ARG A 842 52.78 -10.87 39.93
N TYR A 843 53.37 -11.70 39.05
CA TYR A 843 53.90 -11.27 37.75
C TYR A 843 52.84 -10.58 36.96
N LEU A 844 51.64 -11.16 36.96
CA LEU A 844 50.50 -10.63 36.21
C LEU A 844 49.95 -9.31 36.75
N ARG A 845 49.94 -9.14 38.07
CA ARG A 845 49.48 -7.89 38.63
C ARG A 845 50.40 -6.80 38.17
N THR A 846 51.70 -6.96 38.34
CA THR A 846 52.65 -5.90 37.94
C THR A 846 52.56 -5.55 36.46
N LEU A 847 52.40 -6.54 35.58
CA LEU A 847 52.12 -6.29 34.15
C LEU A 847 50.84 -5.48 33.93
N VAL A 848 49.77 -5.80 34.66
CA VAL A 848 48.56 -4.98 34.61
C VAL A 848 48.84 -3.57 35.14
N ASP A 849 49.58 -3.48 36.26
CA ASP A 849 49.94 -2.20 36.92
C ASP A 849 50.76 -1.29 36.00
N VAL A 850 51.59 -1.92 35.17
CA VAL A 850 52.46 -1.23 34.25
C VAL A 850 51.67 -0.81 33.01
N GLY A 851 50.40 -1.24 32.95
CA GLY A 851 49.47 -0.82 31.90
C GLY A 851 49.24 -1.82 30.79
N LEU A 852 50.15 -2.78 30.66
CA LEU A 852 50.11 -3.82 29.64
C LEU A 852 49.00 -4.86 29.84
N GLY A 853 47.99 -4.56 30.65
CA GLY A 853 46.82 -5.44 30.81
C GLY A 853 46.33 -6.05 29.50
N TYR A 854 46.27 -5.22 28.47
CA TYR A 854 45.73 -5.64 27.18
C TYR A 854 46.57 -6.59 26.36
N VAL A 855 47.84 -6.79 26.71
CA VAL A 855 48.73 -7.59 25.87
C VAL A 855 48.44 -9.08 26.05
N ARG A 856 48.53 -9.85 24.97
CA ARG A 856 48.27 -11.28 25.06
C ARG A 856 49.45 -11.97 25.65
N LEU A 857 49.19 -12.85 26.61
CA LEU A 857 50.23 -13.49 27.37
C LEU A 857 51.39 -14.01 26.52
N GLY A 858 51.08 -14.74 25.47
CA GLY A 858 52.12 -15.32 24.66
C GLY A 858 52.27 -14.67 23.31
N GLN A 859 52.08 -13.35 23.26
CA GLN A 859 52.08 -12.58 22.02
C GLN A 859 53.48 -12.33 21.53
N PRO A 860 53.81 -12.80 20.31
CA PRO A 860 55.19 -12.87 19.84
C PRO A 860 55.92 -11.58 20.02
N ALA A 861 57.13 -11.67 20.53
CA ALA A 861 57.88 -10.49 20.94
C ALA A 861 58.08 -9.46 19.84
N PRO A 862 58.28 -9.89 18.56
CA PRO A 862 58.43 -8.97 17.43
C PRO A 862 57.24 -8.06 17.21
N THR A 863 56.07 -8.41 17.71
CA THR A 863 54.91 -7.53 17.54
C THR A 863 54.70 -6.51 18.69
N LEU A 864 55.68 -6.33 19.54
CA LEU A 864 55.54 -5.38 20.61
C LEU A 864 56.14 -4.07 20.21
N SER A 865 55.50 -2.99 20.63
CA SER A 865 56.05 -1.65 20.42
C SER A 865 57.18 -1.42 21.41
N GLY A 866 58.23 -0.74 20.96
CA GLY A 866 59.39 -0.43 21.81
C GLY A 866 59.01 0.04 23.21
N GLY A 867 57.87 0.71 23.30
CA GLY A 867 57.30 1.12 24.58
C GLY A 867 56.78 -0.04 25.39
N GLU A 868 56.01 -0.91 24.74
CA GLU A 868 55.46 -2.12 25.36
C GLU A 868 56.60 -2.97 25.85
N ALA A 869 57.54 -3.26 24.96
CA ALA A 869 58.76 -3.98 25.32
C ALA A 869 59.41 -3.35 26.56
N GLN A 870 59.65 -2.03 26.47
CA GLN A 870 60.18 -1.28 27.59
C GLN A 870 59.31 -1.57 28.80
N ARG A 871 58.02 -1.26 28.69
CA ARG A 871 57.11 -1.51 29.79
C ARG A 871 57.08 -2.94 30.39
N VAL A 872 57.38 -3.96 29.57
CA VAL A 872 57.41 -5.33 30.07
C VAL A 872 58.62 -5.55 30.97
N LYS A 873 59.78 -5.22 30.43
CA LYS A 873 61.01 -5.18 31.21
C LYS A 873 60.77 -4.46 32.53
N LEU A 874 60.09 -3.31 32.49
CA LEU A 874 59.75 -2.57 33.69
C LEU A 874 58.94 -3.41 34.67
N ALA A 875 58.04 -4.25 34.16
CA ALA A 875 57.21 -5.09 35.03
C ALA A 875 57.97 -6.27 35.61
N SER A 876 59.13 -6.58 35.04
CA SER A 876 60.00 -7.60 35.61
C SER A 876 60.64 -7.12 36.89
N GLU A 877 61.13 -5.89 36.93
CA GLU A 877 61.74 -5.39 38.17
C GLU A 877 60.72 -5.00 39.21
N LEU A 878 59.54 -4.62 38.75
CA LEU A 878 58.45 -4.41 39.67
C LEU A 878 58.17 -5.73 40.35
N GLN A 879 58.36 -6.81 39.62
CA GLN A 879 58.28 -8.16 40.17
C GLN A 879 59.59 -8.52 40.90
N LYS A 880 59.86 -7.80 41.99
CA LYS A 880 61.04 -8.00 42.84
C LYS A 880 60.93 -7.17 44.11
N ARG A 881 61.81 -7.41 45.09
CA ARG A 881 61.81 -6.64 46.35
C ARG A 881 62.43 -5.26 46.16
N SER A 882 61.64 -4.19 46.34
CA SER A 882 62.13 -2.83 46.06
C SER A 882 63.07 -2.23 47.13
N THR A 883 64.26 -2.81 47.26
CA THR A 883 65.29 -2.39 48.21
C THR A 883 65.59 -0.91 48.04
N GLY A 884 65.11 -0.11 48.99
CA GLY A 884 65.13 1.35 48.92
C GLY A 884 66.29 2.13 48.29
N ARG A 885 67.35 1.46 47.85
CA ARG A 885 68.39 2.17 47.08
C ARG A 885 68.83 1.49 45.78
N THR A 886 67.91 1.47 44.82
CA THR A 886 68.15 1.04 43.44
C THR A 886 67.79 2.17 42.49
N VAL A 887 68.56 2.30 41.39
CA VAL A 887 68.41 3.41 40.43
C VAL A 887 67.82 3.00 39.08
N TYR A 888 66.75 3.68 38.65
CA TYR A 888 66.03 3.38 37.41
C TYR A 888 66.31 4.41 36.35
N ILE A 889 66.75 3.94 35.18
CA ILE A 889 66.95 4.79 34.01
C ILE A 889 65.91 4.53 32.94
N LEU A 890 65.02 5.49 32.76
CA LEU A 890 63.96 5.30 31.80
C LEU A 890 64.12 6.24 30.61
N ASP A 891 64.58 5.67 29.50
CA ASP A 891 64.73 6.43 28.29
C ASP A 891 63.40 6.59 27.57
N GLU A 892 63.00 7.82 27.33
CA GLU A 892 61.65 8.17 26.79
C GLU A 892 60.50 7.25 27.15
N PRO A 893 60.26 7.04 28.45
CA PRO A 893 59.23 6.12 28.87
C PRO A 893 57.85 6.57 28.42
N THR A 894 57.70 7.86 28.13
CA THR A 894 56.47 8.43 27.62
C THR A 894 56.00 7.87 26.27
N THR A 895 56.92 7.28 25.51
CA THR A 895 56.65 6.80 24.14
C THR A 895 55.41 5.95 23.93
N GLY A 896 54.64 6.30 22.92
CA GLY A 896 53.48 5.50 22.54
C GLY A 896 52.36 5.45 23.55
N LEU A 897 52.40 6.34 24.53
CA LEU A 897 51.38 6.41 25.59
C LEU A 897 50.42 7.58 25.40
N HIS A 898 49.16 7.36 25.74
CA HIS A 898 48.10 8.35 25.69
C HIS A 898 48.21 9.09 27.00
N PHE A 899 47.52 10.24 27.09
CA PHE A 899 47.57 11.10 28.24
C PHE A 899 47.34 10.32 29.49
N ASP A 900 46.18 9.67 29.51
CA ASP A 900 45.77 8.86 30.63
C ASP A 900 46.82 7.81 30.99
N ASP A 901 47.36 7.14 29.95
CA ASP A 901 48.44 6.16 30.04
C ASP A 901 49.63 6.74 30.77
N ILE A 902 50.00 7.98 30.41
CA ILE A 902 51.05 8.70 31.11
C ILE A 902 50.72 8.81 32.57
N ARG A 903 49.52 9.32 32.87
CA ARG A 903 49.06 9.48 34.24
C ARG A 903 49.24 8.20 35.04
N LYS A 904 48.68 7.10 34.55
CA LYS A 904 48.92 5.81 35.19
C LYS A 904 50.45 5.63 35.38
N LEU A 905 51.22 5.65 34.30
CA LEU A 905 52.66 5.42 34.41
C LEU A 905 53.37 6.22 35.46
N LEU A 906 53.00 7.48 35.61
CA LEU A 906 53.65 8.37 36.56
C LEU A 906 53.47 7.88 37.99
N ASN A 907 52.29 7.34 38.28
CA ASN A 907 52.06 6.71 39.58
C ASN A 907 53.01 5.56 39.83
N VAL A 908 53.17 4.71 38.83
CA VAL A 908 54.14 3.64 38.93
C VAL A 908 55.49 4.20 39.31
N ILE A 909 55.80 5.38 38.79
CA ILE A 909 57.11 5.96 39.01
C ILE A 909 57.24 6.55 40.40
N ASN A 910 56.30 7.41 40.77
CA ASN A 910 56.30 7.95 42.14
C ASN A 910 56.32 6.85 43.18
N GLY A 911 55.48 5.82 42.99
CA GLY A 911 55.53 4.59 43.77
C GLY A 911 56.99 4.21 43.96
N LEU A 912 57.67 3.90 42.86
CA LEU A 912 59.08 3.58 42.87
C LEU A 912 59.93 4.55 43.67
N VAL A 913 59.71 5.84 43.46
CA VAL A 913 60.57 6.85 44.09
C VAL A 913 60.25 7.00 45.57
N ASP A 914 58.99 6.74 45.93
CA ASP A 914 58.56 6.80 47.34
C ASP A 914 59.18 5.72 48.19
N LYS A 915 59.57 4.60 47.61
CA LYS A 915 60.36 3.60 48.32
C LYS A 915 61.76 4.16 48.51
N GLY A 916 61.93 5.43 48.18
CA GLY A 916 63.24 6.08 48.20
C GLY A 916 64.16 5.63 47.07
N ASN A 917 63.60 5.17 45.96
CA ASN A 917 64.42 4.74 44.83
C ASN A 917 64.68 5.91 43.92
N THR A 918 65.86 5.95 43.28
CA THR A 918 66.24 7.03 42.35
C THR A 918 65.77 6.75 40.92
N VAL A 919 65.02 7.67 40.33
CA VAL A 919 64.52 7.48 38.98
C VAL A 919 64.91 8.64 38.11
N ILE A 920 65.66 8.31 37.06
CA ILE A 920 66.12 9.26 36.05
C ILE A 920 65.53 8.94 34.68
N VAL A 921 65.12 9.98 33.99
CA VAL A 921 64.23 9.86 32.86
C VAL A 921 64.64 10.90 31.80
N ILE A 922 64.79 10.46 30.56
CA ILE A 922 65.06 11.37 29.46
C ILE A 922 63.71 11.67 28.84
N GLU A 923 63.31 12.93 28.78
CA GLU A 923 61.98 13.19 28.23
C GLU A 923 61.84 14.49 27.47
N HIS A 924 60.86 14.49 26.57
CA HIS A 924 60.35 15.73 26.02
C HIS A 924 58.94 16.05 26.52
N ASN A 925 58.25 15.07 27.10
CA ASN A 925 56.83 15.23 27.46
C ASN A 925 56.66 16.19 28.62
N LEU A 926 55.81 17.19 28.42
CA LEU A 926 55.68 18.25 29.42
C LEU A 926 55.26 17.73 30.79
N ASP A 927 54.10 17.06 30.84
CA ASP A 927 53.59 16.47 32.09
C ASP A 927 54.70 15.79 32.86
N VAL A 928 55.35 14.82 32.23
CA VAL A 928 56.42 14.11 32.90
C VAL A 928 57.48 15.08 33.42
N ILE A 929 57.80 16.11 32.66
CA ILE A 929 58.84 17.04 33.08
C ILE A 929 58.28 17.86 34.24
N LYS A 930 57.11 18.45 34.03
CA LYS A 930 56.49 19.33 35.02
C LYS A 930 56.20 18.59 36.33
N THR A 931 56.34 17.29 36.32
CA THR A 931 56.10 16.50 37.50
C THR A 931 57.39 16.22 38.21
N SER A 932 58.47 16.11 37.45
CA SER A 932 59.79 15.78 38.01
C SER A 932 60.16 16.77 39.12
N ASP A 933 61.03 16.34 40.01
CA ASP A 933 61.43 17.18 41.09
C ASP A 933 62.66 17.94 40.70
N TRP A 934 63.35 17.45 39.69
CA TRP A 934 64.62 18.04 39.28
C TRP A 934 64.73 17.80 37.80
N ILE A 935 65.14 18.81 37.05
CA ILE A 935 65.44 18.61 35.64
C ILE A 935 66.84 19.10 35.28
N ILE A 936 67.48 18.38 34.35
CA ILE A 936 68.76 18.77 33.80
C ILE A 936 68.58 19.05 32.28
N ASP A 937 68.72 20.32 31.89
CA ASP A 937 68.43 20.75 30.53
C ASP A 937 69.69 20.87 29.73
N LEU A 938 69.85 20.00 28.74
CA LEU A 938 71.05 20.07 27.89
C LEU A 938 70.82 20.92 26.65
N GLY A 939 71.88 21.55 26.16
CA GLY A 939 71.82 22.33 24.92
C GLY A 939 73.02 23.21 24.79
N PRO A 940 72.88 24.36 24.13
CA PRO A 940 71.59 24.88 23.74
C PRO A 940 70.99 24.17 22.53
N GLU A 941 71.78 23.97 21.49
CA GLU A 941 71.36 23.35 20.23
C GLU A 941 71.68 21.85 20.15
N GLY A 942 71.63 21.30 18.94
CA GLY A 942 71.83 19.88 18.68
C GLY A 942 73.19 19.76 18.01
N GLY A 943 73.86 18.63 18.26
CA GLY A 943 75.21 18.40 17.81
C GLY A 943 76.15 19.44 18.34
N ALA A 944 76.93 20.03 17.45
CA ALA A 944 78.04 20.92 17.80
C ALA A 944 77.69 21.97 18.79
N GLY A 945 76.58 22.67 18.57
CA GLY A 945 76.04 23.59 19.58
C GLY A 945 75.25 22.74 20.55
N GLY A 946 75.60 22.74 21.82
CA GLY A 946 74.96 21.75 22.67
C GLY A 946 76.02 20.90 23.30
N GLY A 947 75.58 19.94 24.12
CA GLY A 947 76.50 19.18 24.94
C GLY A 947 76.94 20.00 26.13
N THR A 948 76.12 20.98 26.50
CA THR A 948 76.35 21.77 27.69
C THR A 948 75.08 21.75 28.51
N VAL A 949 75.17 22.19 29.77
CA VAL A 949 73.96 22.27 30.61
C VAL A 949 73.35 23.66 30.60
N VAL A 950 72.28 23.82 29.81
CA VAL A 950 71.61 25.08 29.64
C VAL A 950 70.95 25.54 30.92
N ALA A 951 70.47 24.60 31.73
CA ALA A 951 69.83 24.93 33.01
C ALA A 951 69.61 23.68 33.83
N GLN A 952 69.60 23.79 35.15
CA GLN A 952 69.20 22.68 35.97
C GLN A 952 68.55 23.21 37.24
N GLY A 953 67.72 22.38 37.90
CA GLY A 953 66.94 22.80 39.06
C GLY A 953 65.56 22.19 39.08
N THR A 954 64.65 22.79 39.85
CA THR A 954 63.26 22.38 39.82
C THR A 954 62.64 22.95 38.56
N PRO A 955 61.58 22.32 38.05
CA PRO A 955 60.82 22.89 36.97
C PRO A 955 60.65 24.38 37.14
N GLU A 956 60.40 24.80 38.37
CA GLU A 956 60.14 26.18 38.66
C GLU A 956 61.38 26.99 38.34
N ASP A 957 62.54 26.48 38.76
CA ASP A 957 63.84 27.11 38.46
C ASP A 957 64.08 27.22 36.97
N VAL A 958 63.80 26.14 36.26
CA VAL A 958 64.19 26.03 34.88
C VAL A 958 63.27 26.89 34.03
N ALA A 959 61.99 26.92 34.37
CA ALA A 959 61.06 27.80 33.67
C ALA A 959 61.56 29.23 33.85
N ALA A 960 62.33 29.44 34.90
CA ALA A 960 62.88 30.75 35.21
C ALA A 960 64.04 31.15 34.32
N VAL A 961 64.84 30.18 33.89
CA VAL A 961 65.97 30.39 32.96
C VAL A 961 65.51 30.70 31.52
N PRO A 962 65.73 31.95 31.09
CA PRO A 962 65.07 32.39 29.87
C PRO A 962 65.78 31.81 28.65
N ALA A 963 67.05 31.48 28.88
CA ALA A 963 67.89 30.85 27.89
C ALA A 963 67.50 29.40 27.61
N SER A 964 66.70 28.79 28.49
CA SER A 964 66.28 27.41 28.29
C SER A 964 65.01 27.26 27.48
N TYR A 965 65.09 26.44 26.43
CA TYR A 965 63.94 26.10 25.61
C TYR A 965 62.92 25.35 26.41
N THR A 966 63.38 24.35 27.17
CA THR A 966 62.50 23.59 28.03
C THR A 966 61.82 24.58 28.95
N GLY A 967 62.62 25.51 29.48
CA GLY A 967 62.13 26.57 30.33
C GLY A 967 60.99 27.36 29.72
N LYS A 968 61.17 27.81 28.49
CA LYS A 968 60.13 28.53 27.78
C LYS A 968 58.79 27.84 27.90
N PHE A 969 58.71 26.56 27.53
CA PHE A 969 57.44 25.85 27.47
C PHE A 969 56.92 25.53 28.85
N LEU A 970 57.87 25.15 29.71
CA LEU A 970 57.60 24.76 31.09
C LEU A 970 56.93 25.89 31.84
N ALA A 971 57.32 27.11 31.49
CA ALA A 971 56.85 28.31 32.16
C ALA A 971 55.37 28.58 31.93
N GLU A 972 54.84 28.24 30.77
CA GLU A 972 53.41 28.34 30.52
C GLU A 972 52.57 27.40 31.39
N VAL A 973 53.23 26.50 32.12
CA VAL A 973 52.53 25.55 32.98
C VAL A 973 52.85 25.72 34.45
N VAL A 974 53.87 26.54 34.74
CA VAL A 974 54.39 26.71 36.10
C VAL A 974 54.47 28.18 36.55
N ALA B 23 -2.38 0.72 -1.15
CA ALA B 23 -2.57 2.14 -1.55
C ALA B 23 -1.60 3.11 -0.84
N ASP B 24 -0.97 3.96 -1.64
CA ASP B 24 -0.21 5.11 -1.19
C ASP B 24 -1.18 6.27 -1.36
N ARG B 25 -2.40 6.05 -0.88
CA ARG B 25 -3.48 7.00 -1.04
C ARG B 25 -4.23 7.29 0.24
N LEU B 26 -4.51 8.57 0.44
CA LEU B 26 -5.43 9.01 1.44
C LEU B 26 -6.82 8.91 0.86
N ILE B 27 -7.71 8.19 1.54
CA ILE B 27 -9.06 7.92 1.06
C ILE B 27 -10.14 8.28 2.07
N VAL B 28 -11.13 9.07 1.64
CA VAL B 28 -12.26 9.40 2.51
C VAL B 28 -13.61 9.02 1.89
N LYS B 29 -14.45 8.34 2.67
CA LYS B 29 -15.79 8.02 2.23
C LYS B 29 -16.81 8.64 3.18
N GLY B 30 -17.74 9.41 2.63
CA GLY B 30 -18.90 9.91 3.37
C GLY B 30 -18.56 10.93 4.42
N ALA B 31 -17.79 11.93 4.01
CA ALA B 31 -17.60 13.09 4.83
C ALA B 31 -18.87 13.94 4.78
N ARG B 32 -19.49 14.10 5.95
CA ARG B 32 -20.75 14.84 6.09
C ARG B 32 -20.76 16.00 7.10
N GLU B 33 -19.61 16.30 7.70
CA GLU B 33 -19.55 17.33 8.73
C GLU B 33 -19.91 18.71 8.17
N HIS B 34 -20.69 19.48 8.91
CA HIS B 34 -21.07 20.80 8.42
C HIS B 34 -21.76 20.71 7.05
N ASN B 35 -21.22 21.49 6.11
CA ASN B 35 -21.72 21.60 4.74
C ASN B 35 -21.68 20.34 3.86
N LEU B 36 -20.62 19.54 4.01
CA LEU B 36 -20.33 18.44 3.08
C LEU B 36 -21.44 17.40 2.87
N ARG B 37 -21.67 17.06 1.60
CA ARG B 37 -22.67 16.06 1.23
C ARG B 37 -22.14 14.62 1.10
N SER B 38 -21.75 14.01 2.21
CA SER B 38 -21.28 12.62 2.16
C SER B 38 -20.17 12.47 1.14
N VAL B 39 -19.26 13.43 1.12
CA VAL B 39 -18.16 13.48 0.14
C VAL B 39 -17.17 12.32 0.18
N ASP B 40 -16.70 11.92 -1.01
CA ASP B 40 -15.71 10.85 -1.14
C ASP B 40 -14.44 11.36 -1.80
N LEU B 41 -13.31 11.08 -1.18
CA LEU B 41 -12.05 11.44 -1.83
C LEU B 41 -11.05 10.31 -2.02
N ASP B 42 -10.24 10.44 -3.07
CA ASP B 42 -9.13 9.50 -3.25
C ASP B 42 -7.86 10.23 -3.57
N LEU B 43 -7.22 10.71 -2.52
CA LEU B 43 -6.13 11.61 -2.68
C LEU B 43 -4.77 10.90 -2.68
N PRO B 44 -3.82 11.46 -3.44
CA PRO B 44 -2.47 10.92 -3.52
C PRO B 44 -1.71 11.35 -2.31
N ARG B 45 -1.46 10.43 -1.40
CA ARG B 45 -0.57 10.74 -0.31
C ARG B 45 0.83 11.15 -0.89
N ASP B 46 1.64 11.85 -0.10
CA ASP B 46 3.00 12.27 -0.52
C ASP B 46 2.99 13.22 -1.69
N ALA B 47 1.96 14.04 -1.69
CA ALA B 47 1.75 15.07 -2.67
C ALA B 47 1.55 16.39 -1.94
N LEU B 48 1.73 17.48 -2.68
CA LEU B 48 1.22 18.73 -2.22
C LEU B 48 -0.18 18.83 -2.83
N ILE B 49 -1.21 18.54 -2.03
CA ILE B 49 -2.61 18.65 -2.43
C ILE B 49 -3.13 20.04 -2.05
N VAL B 50 -3.82 20.71 -2.95
CA VAL B 50 -4.40 22.01 -2.66
C VAL B 50 -5.91 21.90 -2.77
N PHE B 51 -6.60 22.32 -1.70
CA PHE B 51 -8.08 22.45 -1.71
C PHE B 51 -8.46 23.81 -2.25
N THR B 52 -9.50 23.84 -3.09
CA THR B 52 -9.87 25.09 -3.75
C THR B 52 -11.36 25.22 -3.96
N GLY B 53 -11.81 26.47 -4.05
CA GLY B 53 -13.21 26.75 -4.29
C GLY B 53 -13.67 28.03 -3.64
N LEU B 54 -14.95 28.32 -3.81
CA LEU B 54 -15.59 29.49 -3.21
C LEU B 54 -15.61 29.55 -1.69
N SER B 55 -15.85 30.75 -1.20
CA SER B 55 -15.86 31.03 0.20
C SER B 55 -17.11 30.37 0.76
N GLY B 56 -16.90 29.42 1.68
CA GLY B 56 -18.03 28.64 2.25
C GLY B 56 -18.44 27.43 1.41
N SER B 57 -17.48 26.99 0.60
CA SER B 57 -17.63 25.87 -0.28
C SER B 57 -17.69 24.62 0.54
N GLY B 58 -17.08 24.66 1.72
CA GLY B 58 -16.91 23.48 2.57
C GLY B 58 -15.43 23.11 2.68
N LYS B 59 -14.61 23.92 2.01
CA LYS B 59 -13.16 23.69 1.90
C LYS B 59 -12.63 23.25 3.28
N SER B 60 -12.96 24.03 4.31
CA SER B 60 -12.33 23.81 5.61
C SER B 60 -12.92 22.64 6.41
N SER B 61 -14.21 22.38 6.16
CA SER B 61 -14.92 21.36 6.88
C SER B 61 -14.22 20.13 6.49
N LEU B 62 -13.83 20.07 5.22
CA LEU B 62 -13.16 18.88 4.71
C LEU B 62 -11.72 18.77 5.18
N ALA B 63 -10.93 19.76 4.81
CA ALA B 63 -9.51 19.82 5.17
C ALA B 63 -9.31 19.68 6.67
N PHE B 64 -9.94 20.59 7.42
CA PHE B 64 -9.62 20.76 8.81
C PHE B 64 -10.55 20.01 9.71
N ASP B 65 -11.84 20.28 9.58
CA ASP B 65 -12.81 19.65 10.47
C ASP B 65 -12.93 18.15 10.34
N THR B 66 -12.64 17.64 9.16
CA THR B 66 -12.68 16.21 8.97
C THR B 66 -11.27 15.58 8.90
N ILE B 67 -10.57 15.81 7.79
CA ILE B 67 -9.29 15.12 7.52
C ILE B 67 -8.26 15.31 8.63
N PHE B 68 -7.82 16.55 8.85
CA PHE B 68 -6.92 16.90 9.94
C PHE B 68 -7.41 16.41 11.31
N ALA B 69 -8.57 16.93 11.69
CA ALA B 69 -9.20 16.62 12.95
C ALA B 69 -9.11 15.13 13.32
N GLU B 70 -9.34 14.27 12.32
CA GLU B 70 -9.21 12.83 12.49
C GLU B 70 -7.76 12.39 12.50
N GLY B 71 -6.94 13.05 11.71
CA GLY B 71 -5.52 12.71 11.68
C GLY B 71 -4.93 12.77 13.07
N GLN B 72 -5.15 13.90 13.71
CA GLN B 72 -4.71 14.16 15.08
C GLN B 72 -5.30 13.16 16.08
N ARG B 73 -6.62 13.10 16.11
CA ARG B 73 -7.36 12.29 17.05
C ARG B 73 -6.85 10.87 17.10
N ARG B 74 -7.00 10.15 16.00
CA ARG B 74 -6.54 8.78 15.88
C ARG B 74 -5.16 8.62 16.45
N TYR B 75 -4.30 9.58 16.24
CA TYR B 75 -2.97 9.39 16.75
C TYR B 75 -2.90 9.60 18.23
N VAL B 76 -3.64 10.61 18.70
CA VAL B 76 -3.58 11.00 20.12
C VAL B 76 -4.21 9.92 20.99
N GLU B 77 -5.23 9.27 20.45
CA GLU B 77 -5.82 8.14 21.12
C GLU B 77 -4.77 7.12 21.52
N SER B 78 -3.61 7.14 20.88
CA SER B 78 -2.58 6.16 21.19
C SER B 78 -1.88 6.56 22.47
N LEU B 79 -1.67 7.86 22.65
CA LEU B 79 -0.80 8.40 23.69
C LEU B 79 -0.83 7.66 25.01
N SER B 80 -1.93 7.77 25.74
CA SER B 80 -2.16 6.94 26.90
C SER B 80 -3.54 6.44 26.75
N ALA B 81 -3.78 5.19 27.16
CA ALA B 81 -5.15 4.68 27.28
C ALA B 81 -6.02 5.66 28.13
N TYR B 82 -5.38 6.51 28.95
CA TYR B 82 -6.09 7.56 29.65
C TYR B 82 -6.58 8.69 28.75
N ALA B 83 -5.68 9.32 28.00
CA ALA B 83 -6.03 10.49 27.21
C ALA B 83 -7.07 10.06 26.18
N ARG B 84 -7.00 8.78 25.83
CA ARG B 84 -8.01 8.13 25.04
C ARG B 84 -9.44 8.41 25.56
N GLN B 85 -9.57 8.52 26.88
CA GLN B 85 -10.87 8.79 27.53
C GLN B 85 -11.17 10.26 27.44
N PHE B 86 -10.28 11.08 27.98
CA PHE B 86 -10.39 12.53 27.92
C PHE B 86 -10.80 12.97 26.52
N LEU B 87 -10.44 12.15 25.52
CA LEU B 87 -10.79 12.38 24.11
C LEU B 87 -12.21 11.99 23.82
N GLY B 88 -12.61 10.84 24.34
CA GLY B 88 -13.97 10.33 24.20
C GLY B 88 -15.04 11.40 24.11
N GLN B 89 -14.88 12.47 24.90
CA GLN B 89 -15.92 13.50 24.98
C GLN B 89 -15.90 14.50 23.85
N MET B 90 -15.22 14.16 22.76
CA MET B 90 -15.22 15.01 21.60
C MET B 90 -16.25 14.56 20.62
N ASP B 91 -16.79 15.52 19.89
CA ASP B 91 -17.63 15.22 18.76
C ASP B 91 -16.85 14.69 17.56
N LYS B 92 -16.47 13.40 17.58
CA LYS B 92 -15.76 12.80 16.44
C LYS B 92 -16.38 13.24 15.13
N PRO B 93 -15.54 13.63 14.15
CA PRO B 93 -16.08 14.30 12.97
C PRO B 93 -16.96 13.36 12.18
N ASP B 94 -17.98 13.90 11.52
CA ASP B 94 -18.89 13.03 10.82
C ASP B 94 -18.40 12.59 9.44
N VAL B 95 -17.65 11.49 9.44
CA VAL B 95 -17.24 10.80 8.21
C VAL B 95 -17.70 9.37 8.33
N ASP B 96 -17.60 8.58 7.26
CA ASP B 96 -17.92 7.18 7.38
C ASP B 96 -16.66 6.41 7.61
N PHE B 97 -15.71 6.57 6.71
CA PHE B 97 -14.53 5.75 6.75
C PHE B 97 -13.44 6.53 6.11
N ILE B 98 -12.34 6.74 6.84
CA ILE B 98 -11.15 7.26 6.17
C ILE B 98 -9.97 6.39 6.53
N GLU B 99 -8.90 6.53 5.73
CA GLU B 99 -7.78 5.59 5.72
C GLU B 99 -6.64 5.99 4.81
N GLY B 100 -5.43 5.56 5.15
CA GLY B 100 -4.24 6.16 4.56
C GLY B 100 -4.10 7.54 5.20
N LEU B 101 -4.33 7.56 6.52
CA LEU B 101 -4.35 8.77 7.30
C LEU B 101 -3.09 8.84 8.12
N SER B 102 -2.27 9.86 7.88
CA SER B 102 -1.06 10.15 8.66
C SER B 102 -1.51 10.98 9.85
N PRO B 103 -0.85 10.84 11.02
CA PRO B 103 -1.10 11.76 12.12
C PRO B 103 -1.04 13.21 11.60
N ALA B 104 -2.05 14.03 11.87
CA ALA B 104 -2.11 15.32 11.20
C ALA B 104 -1.60 16.50 12.04
N VAL B 105 -1.19 17.58 11.37
CA VAL B 105 -0.69 18.80 12.04
C VAL B 105 -1.28 20.03 11.35
N SER B 106 -1.93 20.87 12.13
CA SER B 106 -2.59 22.00 11.54
C SER B 106 -1.68 23.20 11.56
N ILE B 107 -1.62 23.91 10.43
CA ILE B 107 -0.90 25.18 10.33
C ILE B 107 -1.83 26.26 9.77
N ASP B 108 -2.65 26.84 10.66
CA ASP B 108 -3.58 27.90 10.32
C ASP B 108 -2.99 29.22 10.70
N GLN B 109 -3.86 30.23 10.83
CA GLN B 109 -3.51 31.55 11.34
C GLN B 109 -4.38 31.90 12.56
N LYS B 110 -4.97 30.89 13.19
CA LYS B 110 -5.96 31.11 14.25
C LYS B 110 -5.49 31.83 15.52
N SER B 111 -4.31 31.50 16.02
CA SER B 111 -3.76 32.18 17.21
C SER B 111 -3.26 33.61 16.95
N THR B 112 -3.61 34.49 17.88
CA THR B 112 -3.10 35.84 17.96
C THR B 112 -2.71 35.95 19.43
N ASN B 113 -1.67 35.22 19.81
CA ASN B 113 -1.25 35.17 21.21
C ASN B 113 -0.81 36.53 21.68
N ARG B 114 -1.31 36.90 22.86
CA ARG B 114 -1.09 38.20 23.46
C ARG B 114 -0.36 38.15 24.80
N ASN B 115 0.26 37.02 25.13
CA ASN B 115 0.95 36.93 26.40
C ASN B 115 2.00 38.01 26.38
N PRO B 116 2.15 38.74 27.48
CA PRO B 116 3.04 39.90 27.44
C PRO B 116 4.48 39.51 27.74
N ARG B 117 4.68 38.32 28.26
CA ARG B 117 6.02 37.80 28.51
C ARG B 117 6.43 36.67 27.52
N SER B 118 5.89 36.74 26.31
CA SER B 118 6.17 35.79 25.23
C SER B 118 6.64 36.52 23.96
N THR B 119 7.79 36.11 23.46
CA THR B 119 8.42 36.73 22.30
C THR B 119 8.81 35.66 21.29
N VAL B 120 9.20 36.10 20.09
CA VAL B 120 9.54 35.15 19.05
C VAL B 120 10.68 34.30 19.60
N GLY B 121 11.60 34.95 20.33
CA GLY B 121 12.61 34.22 21.06
C GLY B 121 12.02 33.06 21.83
N THR B 122 10.97 33.35 22.59
CA THR B 122 10.38 32.35 23.46
C THR B 122 9.59 31.32 22.65
N ILE B 123 8.67 31.81 21.81
CA ILE B 123 7.86 31.00 20.91
C ILE B 123 8.72 29.95 20.20
N THR B 124 9.85 30.37 19.65
CA THR B 124 10.66 29.48 18.85
C THR B 124 11.57 28.64 19.71
N GLU B 125 11.55 28.88 21.02
CA GLU B 125 12.43 28.19 21.97
C GLU B 125 13.91 28.56 21.80
N VAL B 126 14.19 29.38 20.78
CA VAL B 126 15.54 29.85 20.53
C VAL B 126 16.05 30.59 21.76
N TYR B 127 15.18 31.38 22.38
CA TYR B 127 15.60 32.09 23.58
C TYR B 127 16.09 31.10 24.65
N ASP B 128 15.26 30.09 24.93
CA ASP B 128 15.68 28.98 25.80
C ASP B 128 17.14 28.55 25.57
N TYR B 129 17.46 28.18 24.33
CA TYR B 129 18.83 27.79 24.01
C TYR B 129 19.80 28.93 24.26
N LEU B 130 19.41 30.16 23.98
CA LEU B 130 20.29 31.27 24.23
C LEU B 130 20.71 31.35 25.69
N ARG B 131 19.78 31.08 26.59
CA ARG B 131 20.06 31.15 28.02
C ARG B 131 21.11 30.11 28.38
N LEU B 132 20.81 28.85 28.07
CA LEU B 132 21.82 27.78 28.15
C LEU B 132 23.19 28.15 27.58
N LEU B 133 23.22 28.75 26.39
CA LEU B 133 24.45 29.15 25.76
C LEU B 133 25.15 30.15 26.63
N TYR B 134 24.44 31.18 27.11
CA TYR B 134 25.02 32.24 27.95
C TYR B 134 25.42 31.79 29.33
N ALA B 135 24.58 30.92 29.91
CA ALA B 135 24.83 30.36 31.21
C ALA B 135 26.14 29.59 31.18
N ARG B 136 26.42 28.90 30.07
CA ARG B 136 27.56 27.98 29.98
C ARG B 136 28.80 28.61 29.43
N ALA B 137 28.64 29.65 28.63
CA ALA B 137 29.75 30.17 27.84
C ALA B 137 29.84 31.70 27.82
N GLY B 138 28.96 32.33 28.59
CA GLY B 138 28.97 33.77 28.75
C GLY B 138 30.01 34.21 29.77
N THR B 139 30.44 35.47 29.62
CA THR B 139 31.56 35.96 30.40
C THR B 139 31.21 37.27 31.14
N PRO B 140 31.07 37.14 32.49
CA PRO B 140 30.28 38.09 33.29
C PRO B 140 31.01 39.37 33.63
N HIS B 141 30.26 40.34 34.16
CA HIS B 141 30.83 41.62 34.55
C HIS B 141 29.98 42.22 35.65
N CYS B 142 30.47 43.01 36.18
CA CYS B 142 29.60 43.68 37.12
C CYS B 142 28.95 44.76 36.28
N PRO B 143 27.77 45.21 36.67
CA PRO B 143 27.22 46.41 36.04
C PRO B 143 28.13 47.63 36.32
N THR B 144 28.61 47.77 37.57
CA THR B 144 29.44 48.92 37.99
C THR B 144 30.83 49.13 37.35
N CYS B 145 31.61 48.06 37.24
CA CYS B 145 32.91 48.11 36.62
C CYS B 145 32.89 46.91 35.70
N GLY B 146 33.68 46.96 34.65
CA GLY B 146 33.73 45.87 33.71
C GLY B 146 34.19 44.62 34.43
N GLU B 147 35.09 44.79 35.39
CA GLU B 147 35.79 43.66 35.96
C GLU B 147 34.92 42.41 36.05
N ARG B 148 35.54 41.31 35.66
CA ARG B 148 34.99 39.97 35.71
C ARG B 148 34.58 39.55 37.11
N VAL B 149 33.30 39.25 37.20
CA VAL B 149 32.74 38.52 38.30
C VAL B 149 33.57 37.27 38.64
N ALA B 150 33.87 37.13 39.93
CA ALA B 150 34.78 36.11 40.42
C ALA B 150 34.04 35.01 41.13
N ARG B 151 34.78 34.00 41.59
CA ARG B 151 34.35 33.13 42.70
C ARG B 151 34.90 33.74 44.00
N GLN B 152 34.50 33.21 45.16
CA GLN B 152 35.08 33.65 46.44
C GLN B 152 35.30 32.55 47.51
N THR B 153 36.29 32.80 48.39
CA THR B 153 36.72 31.87 49.47
C THR B 153 36.04 32.26 50.79
N PRO B 154 35.40 31.26 51.46
CA PRO B 154 34.29 31.45 52.42
C PRO B 154 34.26 32.81 53.16
N GLN B 155 34.94 32.89 54.30
CA GLN B 155 34.97 34.08 55.17
C GLN B 155 35.28 35.36 54.43
N GLN B 156 35.71 35.21 53.18
CA GLN B 156 36.14 36.33 52.37
C GLN B 156 35.03 37.37 52.21
N ILE B 157 33.79 36.96 52.48
CA ILE B 157 32.67 37.91 52.43
C ILE B 157 32.57 38.79 53.69
N VAL B 158 32.69 38.18 54.88
CA VAL B 158 32.34 38.82 56.19
C VAL B 158 32.95 40.19 56.38
N ASP B 159 34.20 40.33 55.94
CA ASP B 159 34.95 41.59 55.97
C ASP B 159 34.17 42.76 55.40
N GLN B 160 33.31 42.44 54.42
CA GLN B 160 32.51 43.44 53.75
C GLN B 160 31.21 43.68 54.53
N VAL B 161 31.03 43.01 55.65
CA VAL B 161 30.09 43.53 56.64
C VAL B 161 30.88 44.04 57.86
N LEU B 162 31.90 43.30 58.29
CA LEU B 162 32.76 43.71 59.41
C LEU B 162 33.18 45.16 59.29
N ALA B 163 33.84 45.46 58.19
CA ALA B 163 34.37 46.80 57.95
C ALA B 163 33.40 47.70 57.17
N MET B 164 32.12 47.33 57.25
CA MET B 164 31.01 48.04 56.63
C MET B 164 30.14 48.65 57.73
N PRO B 165 29.31 49.61 57.30
CA PRO B 165 28.41 50.41 58.14
C PRO B 165 28.50 50.29 59.67
N GLU B 166 27.74 49.38 60.26
CA GLU B 166 27.62 49.29 61.72
C GLU B 166 27.41 47.89 62.28
N GLY B 167 27.69 47.73 63.57
CA GLY B 167 27.48 46.47 64.24
C GLY B 167 26.00 46.15 64.23
N THR B 168 25.67 44.87 64.08
CA THR B 168 24.26 44.41 63.90
C THR B 168 23.39 45.33 62.97
N ARG B 169 22.06 45.32 63.15
CA ARG B 169 21.04 46.15 62.40
C ARG B 169 20.30 45.47 61.20
N PHE B 170 20.81 44.31 60.77
CA PHE B 170 20.31 43.55 59.61
C PHE B 170 20.09 42.08 60.01
N LEU B 171 19.24 41.37 59.28
CA LEU B 171 19.01 39.94 59.54
C LEU B 171 19.73 39.04 58.54
N VAL B 172 20.14 37.87 59.00
CA VAL B 172 20.97 36.91 58.24
C VAL B 172 20.17 35.63 57.85
N LEU B 173 19.62 35.63 56.64
CA LEU B 173 18.91 34.43 56.12
C LEU B 173 19.92 33.50 55.49
N ALA B 174 19.61 32.21 55.56
CA ALA B 174 20.34 31.16 54.86
C ALA B 174 19.34 30.37 53.99
N PRO B 175 19.24 30.73 52.68
CA PRO B 175 18.23 30.15 51.83
C PRO B 175 18.71 28.81 51.29
N VAL B 176 18.46 27.75 52.04
CA VAL B 176 18.77 26.43 51.54
C VAL B 176 17.57 26.02 50.69
N VAL B 177 17.82 25.31 49.59
CA VAL B 177 16.79 25.00 48.59
C VAL B 177 16.17 26.24 47.97
N ARG B 178 16.98 27.11 47.39
CA ARG B 178 16.40 28.36 46.93
C ARG B 178 15.35 28.41 45.82
N THR B 179 15.30 27.36 44.98
CA THR B 179 14.26 27.19 43.96
C THR B 179 13.76 25.74 43.67
N ARG B 180 14.20 24.75 44.46
CA ARG B 180 13.89 23.32 44.21
C ARG B 180 12.54 22.74 44.64
N LYS B 181 12.14 21.61 44.05
CA LYS B 181 10.94 20.91 44.46
C LYS B 181 11.38 19.79 45.41
N GLY B 182 10.44 19.32 46.23
CA GLY B 182 10.67 18.14 47.04
C GLY B 182 9.87 18.03 48.32
N GLU B 183 9.86 16.84 48.91
CA GLU B 183 9.19 16.61 50.19
C GLU B 183 10.24 16.84 51.26
N PHE B 184 10.38 18.09 51.68
CA PHE B 184 11.42 18.46 52.65
C PHE B 184 10.94 18.34 54.09
N ALA B 185 10.36 17.19 54.40
CA ALA B 185 10.06 16.85 55.76
C ALA B 185 11.40 16.71 56.45
N ASP B 186 12.30 15.90 55.88
CA ASP B 186 13.54 15.52 56.54
C ASP B 186 14.47 16.69 56.87
N LEU B 187 14.37 17.76 56.08
CA LEU B 187 15.16 18.95 56.33
C LEU B 187 14.51 19.81 57.39
N PHE B 188 13.19 19.70 57.55
CA PHE B 188 12.50 20.46 58.59
C PHE B 188 12.76 19.98 60.03
N ASP B 189 13.07 18.69 60.20
CA ASP B 189 13.42 18.13 61.52
C ASP B 189 14.90 18.31 61.89
N LYS B 190 15.82 18.05 60.95
CA LYS B 190 17.26 18.26 61.17
C LYS B 190 17.59 19.76 61.26
N LEU B 191 16.74 20.58 60.65
CA LEU B 191 16.78 22.04 60.76
C LEU B 191 16.28 22.39 62.17
N ASN B 192 15.28 21.63 62.63
CA ASN B 192 14.71 21.74 63.99
C ASN B 192 15.63 21.11 65.03
N ALA B 193 16.67 20.42 64.54
CA ALA B 193 17.69 19.80 65.40
C ALA B 193 18.80 20.77 65.84
N GLN B 194 18.70 22.03 65.42
CA GLN B 194 19.39 23.16 66.08
C GLN B 194 18.29 24.18 66.30
N GLY B 195 17.05 23.72 66.10
CA GLY B 195 15.81 24.42 66.38
C GLY B 195 15.79 25.91 66.18
N TYR B 196 15.63 26.35 64.94
CA TYR B 196 15.32 27.73 64.68
C TYR B 196 13.79 27.83 64.74
N SER B 197 13.24 28.96 64.30
CA SER B 197 11.79 29.12 64.28
C SER B 197 11.37 30.07 63.18
N ARG B 198 10.08 30.13 62.92
CA ARG B 198 9.54 31.03 61.91
C ARG B 198 10.21 30.79 60.56
N VAL B 199 10.44 29.52 60.23
CA VAL B 199 11.07 29.18 58.96
C VAL B 199 10.17 29.64 57.82
N ARG B 200 10.77 30.18 56.77
CA ARG B 200 10.00 30.70 55.67
C ARG B 200 9.84 29.57 54.68
N VAL B 201 8.67 29.56 54.07
CA VAL B 201 8.29 28.69 52.96
C VAL B 201 7.91 29.63 51.81
N ASP B 202 7.45 29.08 50.69
CA ASP B 202 7.09 29.92 49.55
C ASP B 202 6.12 31.01 50.03
N GLY B 203 6.62 32.24 50.06
CA GLY B 203 5.86 33.38 50.55
C GLY B 203 5.75 33.36 52.06
N VAL B 204 6.88 33.27 52.75
CA VAL B 204 6.91 33.32 54.22
C VAL B 204 6.12 32.20 54.93
N VAL B 205 5.65 32.51 56.13
CA VAL B 205 4.76 31.65 56.92
C VAL B 205 5.39 30.52 57.75
N HIS B 206 4.57 29.87 58.56
CA HIS B 206 4.96 28.68 59.30
C HIS B 206 5.95 28.95 60.41
N PRO B 207 6.39 27.86 61.05
CA PRO B 207 7.43 27.93 62.07
C PRO B 207 8.19 26.60 62.03
N LEU B 208 9.45 26.59 62.42
CA LEU B 208 10.16 25.33 62.51
C LEU B 208 9.43 24.50 63.56
N THR B 209 8.97 25.17 64.59
CA THR B 209 8.27 24.50 65.72
C THR B 209 7.13 23.62 65.19
N ASP B 210 6.62 23.99 64.02
CA ASP B 210 5.53 23.29 63.34
C ASP B 210 5.80 23.26 61.84
N PRO B 211 6.37 22.15 61.37
CA PRO B 211 6.68 22.01 59.94
C PRO B 211 5.40 22.06 59.12
N PRO B 212 5.48 22.67 57.95
CA PRO B 212 4.32 22.82 57.07
C PRO B 212 4.43 21.81 55.94
N LYS B 213 3.35 21.06 55.71
CA LYS B 213 3.39 20.01 54.71
C LYS B 213 3.71 20.55 53.34
N LEU B 214 4.60 19.85 52.64
CA LEU B 214 5.02 20.23 51.29
C LEU B 214 4.95 19.18 50.17
N LYS B 215 4.46 19.61 48.99
CA LYS B 215 4.36 18.78 47.78
C LYS B 215 5.65 18.39 47.04
N LYS B 216 6.04 17.11 47.10
CA LYS B 216 7.30 16.66 46.50
C LYS B 216 7.44 17.12 45.06
N GLN B 217 6.31 17.45 44.45
CA GLN B 217 6.26 17.68 43.02
C GLN B 217 6.51 19.10 42.56
N GLU B 218 5.84 20.10 43.15
CA GLU B 218 5.97 21.50 42.65
C GLU B 218 7.11 22.26 43.37
N LYS B 219 7.61 23.35 42.75
CA LYS B 219 8.82 24.07 43.21
C LYS B 219 8.56 25.09 44.33
N HIS B 220 9.38 25.07 45.39
CA HIS B 220 9.24 26.03 46.51
C HIS B 220 10.53 26.68 46.98
N ASP B 221 10.37 27.75 47.75
CA ASP B 221 11.46 28.59 48.22
C ASP B 221 11.56 28.66 49.75
N ILE B 222 12.78 28.42 50.24
CA ILE B 222 13.09 28.40 51.67
C ILE B 222 14.15 29.42 52.08
N GLU B 223 14.03 29.89 53.32
CA GLU B 223 15.08 30.62 54.00
C GLU B 223 15.08 30.17 55.47
N VAL B 224 16.25 30.21 56.10
CA VAL B 224 16.36 30.06 57.57
C VAL B 224 17.09 31.24 58.21
N VAL B 225 16.57 31.71 59.35
CA VAL B 225 17.15 32.84 60.07
C VAL B 225 18.42 32.48 60.84
N VAL B 226 19.26 33.49 61.06
CA VAL B 226 20.39 33.43 62.01
C VAL B 226 20.64 34.84 62.62
N ASP B 227 20.88 34.91 63.94
CA ASP B 227 20.89 36.18 64.71
C ASP B 227 19.60 37.00 64.53
N LYS B 236 32.19 40.78 68.95
CA LYS B 236 32.79 40.88 67.62
C LYS B 236 32.89 39.52 66.95
N ARG B 237 34.09 38.95 66.98
CA ARG B 237 34.32 37.64 66.37
C ARG B 237 33.35 36.60 66.92
N ARG B 238 32.06 36.93 66.89
CA ARG B 238 31.01 36.01 67.39
C ARG B 238 29.72 36.13 66.54
N LEU B 239 29.73 37.13 65.65
CA LEU B 239 28.69 37.27 64.65
C LEU B 239 29.22 36.59 63.40
N THR B 240 30.53 36.36 63.40
CA THR B 240 31.23 35.70 62.30
C THR B 240 30.76 34.26 62.12
N ASP B 241 30.56 33.58 63.25
CA ASP B 241 30.13 32.19 63.23
C ASP B 241 28.77 32.10 62.55
N SER B 242 27.90 33.06 62.85
CA SER B 242 26.57 33.10 62.23
C SER B 242 26.78 32.85 60.73
N VAL B 243 27.44 33.79 60.07
CA VAL B 243 27.65 33.70 58.63
C VAL B 243 28.39 32.42 58.24
N GLU B 244 29.23 31.91 59.14
CA GLU B 244 30.04 30.73 58.85
C GLU B 244 29.23 29.46 58.52
N THR B 245 28.15 29.19 59.23
CA THR B 245 27.33 28.02 58.91
C THR B 245 26.09 28.41 58.08
N ALA B 246 25.73 29.70 58.10
CA ALA B 246 24.64 30.24 57.26
C ALA B 246 24.93 30.13 55.75
N LEU B 247 26.22 30.17 55.42
CA LEU B 247 26.73 29.97 54.07
C LEU B 247 27.21 28.53 53.88
N ASN B 248 27.26 27.79 54.98
CA ASN B 248 27.54 26.37 54.93
C ASN B 248 26.23 25.59 54.71
N LEU B 249 25.12 26.29 54.85
CA LEU B 249 23.82 25.70 54.60
C LEU B 249 23.41 25.85 53.13
N ALA B 250 23.16 27.08 52.72
CA ALA B 250 23.05 27.37 51.31
C ALA B 250 24.50 27.17 50.95
N ASP B 251 24.81 26.76 49.73
CA ASP B 251 26.20 26.50 49.39
C ASP B 251 26.82 27.84 49.09
N GLY B 252 27.11 28.61 50.13
CA GLY B 252 27.64 29.95 49.93
C GLY B 252 26.63 30.93 49.39
N ILE B 253 25.48 31.05 50.05
CA ILE B 253 24.51 32.13 49.77
C ILE B 253 24.08 32.78 51.10
N VAL B 254 24.35 34.09 51.27
CA VAL B 254 24.09 34.84 52.54
C VAL B 254 23.45 36.23 52.34
N VAL B 255 22.46 36.56 53.17
CA VAL B 255 21.63 37.77 52.92
C VAL B 255 21.49 38.90 54.01
N LEU B 256 20.52 39.79 53.76
CA LEU B 256 20.39 41.10 54.41
C LEU B 256 18.93 41.37 54.85
N PHE B 272 26.31 38.36 47.20
CA PHE B 272 26.28 37.95 48.62
C PHE B 272 26.39 36.42 48.81
N SER B 273 27.26 35.81 48.01
CA SER B 273 27.31 34.38 47.82
C SER B 273 28.67 33.96 47.28
N GLU B 274 29.11 32.75 47.64
CA GLU B 274 30.44 32.20 47.31
C GLU B 274 30.82 32.13 45.85
N LYS B 275 29.84 31.77 45.03
CA LYS B 275 30.05 31.48 43.61
C LYS B 275 30.50 32.66 42.77
N LEU B 276 29.81 33.80 42.91
CA LEU B 276 30.11 34.96 42.09
C LEU B 276 30.22 36.27 42.85
N ALA B 277 31.27 37.04 42.57
CA ALA B 277 31.44 38.36 43.19
C ALA B 277 32.33 39.29 42.36
N CYS B 278 32.17 40.59 42.60
CA CYS B 278 33.06 41.62 42.01
C CYS B 278 34.23 41.86 42.96
N PRO B 279 35.46 41.71 42.45
CA PRO B 279 36.65 41.69 43.30
C PRO B 279 36.80 42.97 44.09
N ASN B 280 36.32 44.07 43.53
CA ASN B 280 36.31 45.34 44.25
C ASN B 280 35.44 45.18 45.49
N GLY B 281 34.32 44.46 45.33
CA GLY B 281 33.44 44.19 46.46
C GLY B 281 31.96 44.25 46.12
N HIS B 282 31.59 45.17 45.25
CA HIS B 282 30.17 45.40 44.87
C HIS B 282 29.30 44.15 44.72
N ALA B 283 28.12 44.67 45.54
CA ALA B 283 27.20 43.57 45.58
C ALA B 283 26.57 43.48 44.19
N LEU B 284 26.50 42.25 43.71
CA LEU B 284 25.79 41.90 42.52
C LEU B 284 24.51 41.26 43.01
N ALA B 285 23.39 41.72 42.50
CA ALA B 285 22.09 41.19 42.87
C ALA B 285 21.76 39.93 42.06
N VAL B 286 22.72 39.00 42.02
CA VAL B 286 22.50 37.64 41.52
C VAL B 286 23.41 36.61 42.23
N ASP B 287 22.75 35.66 42.88
CA ASP B 287 23.39 34.64 43.71
C ASP B 287 24.24 33.59 42.94
N ASP B 288 23.90 33.37 41.67
CA ASP B 288 24.52 32.34 40.83
C ASP B 288 23.92 32.45 39.44
N LEU B 289 24.75 32.26 38.43
CA LEU B 289 24.33 32.35 37.03
C LEU B 289 24.11 31.01 36.38
N GLU B 290 23.22 30.19 36.96
CA GLU B 290 22.64 29.06 36.24
C GLU B 290 21.89 29.62 35.03
N PRO B 291 21.31 28.72 34.19
CA PRO B 291 20.78 29.27 32.94
C PRO B 291 19.43 29.96 33.18
N ARG B 292 18.77 29.45 34.22
CA ARG B 292 17.42 29.80 34.55
C ARG B 292 17.48 31.10 35.36
N SER B 293 18.48 31.92 35.08
CA SER B 293 18.56 33.23 35.70
C SER B 293 18.40 34.25 34.60
N PHE B 294 18.57 33.75 33.34
CA PHE B 294 18.65 34.62 32.19
C PHE B 294 17.35 35.11 31.53
N SER B 295 16.22 34.33 31.98
CA SER B 295 14.94 34.57 31.33
C SER B 295 14.42 35.78 32.03
N PHE B 296 13.46 36.44 31.42
CA PHE B 296 12.77 37.53 32.06
C PHE B 296 11.47 37.00 32.66
N ASN B 297 11.31 35.69 32.67
CA ASN B 297 10.11 35.10 33.23
C ASN B 297 10.37 34.32 34.48
N SER B 298 11.39 34.76 35.21
CA SER B 298 11.71 34.18 36.49
C SER B 298 12.45 35.23 37.27
N PRO B 299 12.06 35.40 38.55
CA PRO B 299 12.58 36.51 39.34
C PRO B 299 14.09 36.54 39.26
N TYR B 300 14.73 35.36 39.15
CA TYR B 300 16.19 35.23 39.18
C TYR B 300 16.96 36.10 38.20
N GLY B 301 16.28 36.54 37.12
CA GLY B 301 16.87 37.39 36.09
C GLY B 301 15.98 38.52 35.60
N ALA B 302 14.68 38.38 35.82
CA ALA B 302 13.69 39.34 35.33
C ALA B 302 13.84 40.74 35.92
N CYS B 303 13.91 41.77 35.08
CA CYS B 303 14.15 43.12 35.57
C CYS B 303 13.03 43.41 36.52
N PRO B 304 13.34 43.53 37.83
CA PRO B 304 12.37 43.27 38.91
C PRO B 304 11.46 44.51 39.07
N GLU B 305 11.89 45.61 38.46
CA GLU B 305 11.07 46.78 38.29
C GLU B 305 9.77 46.44 37.55
N CYS B 306 9.88 45.59 36.54
CA CYS B 306 8.76 45.27 35.67
C CYS B 306 8.69 43.77 35.45
N SER B 307 9.56 43.03 36.10
CA SER B 307 9.62 41.55 36.03
C SER B 307 9.41 40.94 34.63
N GLY B 308 10.37 41.22 33.76
CA GLY B 308 10.37 40.70 32.42
C GLY B 308 9.44 41.41 31.47
N LEU B 309 8.64 42.35 31.94
CA LEU B 309 7.66 42.97 31.04
C LEU B 309 8.31 43.90 30.05
N GLY B 310 9.37 44.58 30.47
CA GLY B 310 10.14 45.51 29.62
C GLY B 310 9.38 46.80 29.42
N ILE B 311 8.12 46.63 29.04
CA ILE B 311 7.17 47.69 28.96
C ILE B 311 6.73 48.10 30.36
N ARG B 312 6.64 49.41 30.55
CA ARG B 312 5.84 50.00 31.61
C ARG B 312 5.19 51.22 31.05
N LYS B 313 3.89 51.07 30.83
CA LYS B 313 2.98 52.11 30.34
C LYS B 313 2.86 53.30 31.27
N GLU B 314 2.62 54.46 30.67
CA GLU B 314 2.44 55.69 31.42
C GLU B 314 1.82 56.74 30.51
N VAL B 315 1.16 57.71 31.14
CA VAL B 315 0.47 58.77 30.42
C VAL B 315 1.45 59.56 29.57
N ASP B 316 0.95 59.98 28.42
CA ASP B 316 1.78 60.62 27.44
C ASP B 316 1.30 62.03 27.22
N PRO B 317 2.17 63.02 27.49
CA PRO B 317 1.87 64.41 27.19
C PRO B 317 1.40 64.54 25.77
N GLU B 318 1.93 63.68 24.90
CA GLU B 318 1.58 63.69 23.49
C GLU B 318 0.09 63.34 23.27
N LEU B 319 -0.60 62.98 24.35
CA LEU B 319 -2.03 62.77 24.29
C LEU B 319 -2.68 64.08 24.73
N VAL B 320 -3.43 64.69 23.83
CA VAL B 320 -4.07 65.97 24.08
C VAL B 320 -3.95 66.85 22.84
N VAL B 321 -2.78 66.77 22.21
CA VAL B 321 -2.51 67.46 20.95
C VAL B 321 -2.91 68.93 21.03
N PRO B 322 -2.61 69.68 19.97
CA PRO B 322 -2.94 71.10 19.92
C PRO B 322 -4.23 71.36 19.16
N ALA B 334 -6.07 68.02 27.66
CA ALA B 334 -6.91 67.82 26.50
C ALA B 334 -8.12 66.94 26.82
N PRO B 335 -7.93 66.05 27.80
CA PRO B 335 -9.02 65.12 28.21
C PRO B 335 -10.24 65.90 28.73
N TRP B 336 -9.96 66.93 29.55
CA TRP B 336 -10.86 68.04 29.89
C TRP B 336 -11.25 68.86 28.68
N SER B 337 -11.47 68.19 27.57
CA SER B 337 -11.95 68.85 26.40
C SER B 337 -13.44 68.65 26.39
N ASN B 338 -14.12 69.24 25.42
CA ASN B 338 -15.43 68.73 24.99
C ASN B 338 -16.44 67.91 25.82
N GLY B 339 -17.07 68.55 26.81
CA GLY B 339 -18.08 67.90 27.64
C GLY B 339 -18.73 68.95 28.51
N HIS B 340 -19.56 68.53 29.49
CA HIS B 340 -20.10 69.45 30.54
C HIS B 340 -18.88 70.02 31.24
N THR B 341 -17.90 69.13 31.35
CA THR B 341 -16.78 69.23 32.23
C THR B 341 -15.74 70.11 31.54
N ALA B 342 -15.97 70.38 30.26
CA ALA B 342 -15.05 71.16 29.45
C ALA B 342 -14.94 72.55 30.02
N GLU B 343 -16.03 73.30 29.91
CA GLU B 343 -16.08 74.69 30.32
C GLU B 343 -15.82 74.84 31.83
N TYR B 344 -15.99 73.77 32.62
CA TYR B 344 -15.48 73.82 33.99
C TYR B 344 -13.97 74.13 34.02
N PHE B 345 -13.20 73.21 33.45
CA PHE B 345 -11.74 73.17 33.50
C PHE B 345 -11.03 74.37 32.88
N THR B 346 -11.57 74.88 31.78
CA THR B 346 -10.93 75.98 31.09
C THR B 346 -10.82 77.17 32.03
N ARG B 347 -11.85 77.37 32.84
CA ARG B 347 -11.85 78.45 33.80
C ARG B 347 -10.96 78.09 34.97
N MET B 348 -11.15 76.90 35.53
CA MET B 348 -10.16 76.34 36.43
C MET B 348 -8.73 76.64 35.98
N MET B 349 -8.55 76.59 34.67
CA MET B 349 -7.24 76.73 34.07
C MET B 349 -6.89 78.17 33.86
N ALA B 350 -7.79 78.94 33.25
CA ALA B 350 -7.64 80.41 33.19
C ALA B 350 -7.37 80.95 34.60
N GLY B 351 -7.97 80.29 35.59
CA GLY B 351 -7.86 80.63 37.00
C GLY B 351 -6.44 80.50 37.53
N LEU B 352 -5.76 79.41 37.17
CA LEU B 352 -4.34 79.30 37.43
C LEU B 352 -3.66 80.37 36.60
N GLY B 353 -4.28 80.67 35.46
CA GLY B 353 -3.74 81.60 34.46
C GLY B 353 -2.99 82.77 35.04
N GLU B 354 -3.70 83.61 35.77
CA GLU B 354 -3.06 84.75 36.41
C GLU B 354 -1.99 84.26 37.39
N ALA B 355 -2.34 83.31 38.25
CA ALA B 355 -1.37 82.82 39.26
C ALA B 355 0.04 82.51 38.68
N LEU B 356 0.10 81.70 37.62
CA LEU B 356 1.36 81.22 37.02
C LEU B 356 1.69 81.92 35.69
N GLY B 357 0.81 82.83 35.28
CA GLY B 357 1.11 83.76 34.21
C GLY B 357 0.87 83.28 32.80
N PHE B 358 -0.39 83.17 32.42
CA PHE B 358 -0.79 82.79 31.05
C PHE B 358 -2.31 82.89 30.89
N ASP B 359 -2.80 82.47 29.73
CA ASP B 359 -4.22 82.61 29.42
C ASP B 359 -4.71 81.40 28.65
N VAL B 360 -6.01 81.13 28.73
CA VAL B 360 -6.55 80.12 27.86
C VAL B 360 -6.19 80.48 26.43
N ASP B 361 -6.45 81.74 26.08
CA ASP B 361 -6.69 82.15 24.71
C ASP B 361 -5.51 82.22 23.73
N THR B 362 -4.44 81.51 24.05
CA THR B 362 -3.28 81.43 23.17
C THR B 362 -2.88 79.94 22.97
N PRO B 363 -2.60 79.50 21.70
CA PRO B 363 -2.30 78.12 21.24
C PRO B 363 -1.34 77.36 22.15
N TRP B 364 -1.47 76.03 22.25
CA TRP B 364 -0.72 75.24 23.28
C TRP B 364 0.70 75.75 23.56
N ARG B 365 1.55 75.78 22.52
CA ARG B 365 2.95 76.25 22.64
C ARG B 365 3.08 77.62 23.32
N LYS B 366 4.33 78.04 23.51
CA LYS B 366 4.62 79.35 24.08
C LYS B 366 3.94 79.39 25.44
N LEU B 367 4.34 78.48 26.32
CA LEU B 367 3.85 78.41 27.68
C LEU B 367 4.89 77.67 28.50
N PRO B 368 6.02 78.31 28.78
CA PRO B 368 7.13 77.55 29.45
C PRO B 368 6.80 76.51 30.57
N ALA B 369 6.71 76.97 31.83
CA ALA B 369 6.63 76.05 32.99
C ALA B 369 5.20 75.73 33.44
N LYS B 370 4.26 76.52 32.91
CA LYS B 370 2.83 76.36 33.15
C LYS B 370 2.29 75.11 32.45
N ALA B 371 2.76 74.88 31.23
CA ALA B 371 2.58 73.63 30.50
C ALA B 371 2.91 72.41 31.37
N ARG B 372 3.92 72.53 32.22
CA ARG B 372 4.21 71.51 33.23
C ARG B 372 3.07 71.45 34.24
N LYS B 373 2.88 72.58 34.93
CA LYS B 373 2.03 72.70 36.11
C LYS B 373 0.60 72.32 35.83
N ALA B 374 0.14 72.66 34.63
CA ALA B 374 -1.20 72.30 34.24
C ALA B 374 -1.26 70.78 34.30
N ILE B 375 -0.15 70.12 33.94
CA ILE B 375 -0.16 68.65 33.92
C ILE B 375 0.30 68.03 35.24
N LEU B 376 1.61 68.13 35.51
CA LEU B 376 2.20 67.63 36.75
C LEU B 376 1.30 68.19 37.84
N GLU B 377 1.35 69.51 38.04
CA GLU B 377 0.55 70.13 39.06
C GLU B 377 1.06 71.53 39.37
N GLY B 378 0.58 72.08 40.48
CA GLY B 378 0.99 73.38 40.95
C GLY B 378 1.31 73.24 42.42
N ALA B 379 2.12 74.13 42.96
CA ALA B 379 2.46 74.04 44.38
C ALA B 379 1.28 74.65 45.10
N ASP B 380 0.17 73.90 45.07
CA ASP B 380 -1.08 74.34 45.63
C ASP B 380 -1.72 75.28 44.62
N GLU B 381 -2.24 76.40 45.10
CA GLU B 381 -3.00 77.36 44.30
C GLU B 381 -4.36 76.74 44.50
N GLN B 382 -5.36 77.59 44.51
CA GLN B 382 -6.71 77.14 44.54
C GLN B 382 -7.10 78.02 43.38
N VAL B 383 -8.29 77.77 42.84
CA VAL B 383 -8.84 78.58 41.76
C VAL B 383 -10.21 78.95 42.29
N HIS B 384 -10.72 80.10 41.89
CA HIS B 384 -12.01 80.50 42.41
C HIS B 384 -13.10 79.84 41.60
N VAL B 385 -13.60 78.73 42.11
CA VAL B 385 -14.69 78.03 41.45
C VAL B 385 -15.90 78.93 41.65
N ARG B 386 -16.69 79.09 40.61
CA ARG B 386 -17.86 79.96 40.68
C ARG B 386 -19.05 79.44 39.84
N TYR B 387 -20.21 79.22 40.45
CA TYR B 387 -21.24 78.48 39.70
C TYR B 387 -22.74 78.65 39.99
N ARG B 388 -23.47 78.99 38.93
CA ARG B 388 -24.83 78.53 38.67
C ARG B 388 -25.34 77.41 39.62
N ASN B 389 -26.32 77.70 40.46
CA ASN B 389 -26.77 76.73 41.44
C ASN B 389 -28.08 76.07 41.00
N ARG B 390 -28.47 74.96 41.66
CA ARG B 390 -29.68 74.16 41.33
C ARG B 390 -31.01 74.95 41.27
N TYR B 391 -31.11 75.97 42.11
CA TYR B 391 -32.05 77.05 41.94
C TYR B 391 -31.04 78.07 41.55
N GLY B 392 -31.08 78.52 40.30
CA GLY B 392 -29.97 79.28 39.70
C GLY B 392 -29.39 80.38 40.58
N ARG B 393 -28.60 80.01 41.59
CA ARG B 393 -28.34 80.87 42.73
C ARG B 393 -26.98 81.55 42.74
N THR B 394 -25.92 80.77 42.47
CA THR B 394 -24.52 81.27 42.35
C THR B 394 -23.51 80.88 43.45
N ARG B 395 -22.23 81.09 43.06
CA ARG B 395 -20.99 81.15 43.89
C ARG B 395 -20.70 79.82 44.54
N SER B 396 -19.70 79.88 45.42
CA SER B 396 -19.02 78.72 45.96
C SER B 396 -18.75 79.05 47.40
N TYR B 397 -19.10 78.12 48.31
CA TYR B 397 -18.46 78.08 49.65
C TYR B 397 -16.92 77.94 49.47
N TYR B 398 -16.49 77.80 48.21
CA TYR B 398 -15.15 77.27 47.86
C TYR B 398 -14.35 77.84 46.68
N ALA B 399 -13.12 78.24 47.03
CA ALA B 399 -12.00 78.41 46.11
C ALA B 399 -11.33 77.02 46.12
N ASP B 400 -11.07 76.47 44.94
CA ASP B 400 -10.82 75.02 44.84
C ASP B 400 -9.43 74.54 44.37
N PHE B 401 -8.94 73.55 45.08
CA PHE B 401 -7.62 72.99 44.89
C PHE B 401 -7.43 72.49 43.48
N GLU B 402 -6.30 72.78 42.87
CA GLU B 402 -6.13 72.36 41.49
C GLU B 402 -6.36 70.86 41.39
N GLY B 403 -7.16 70.47 40.39
CA GLY B 403 -7.56 69.10 40.18
C GLY B 403 -6.45 68.11 39.86
N VAL B 404 -5.50 68.56 39.06
CA VAL B 404 -4.42 67.71 38.58
C VAL B 404 -4.77 67.25 37.16
N LEU B 405 -3.75 66.79 36.43
CA LEU B 405 -3.92 66.42 35.03
C LEU B 405 -3.45 64.98 34.83
N ALA B 406 -2.13 64.82 34.79
CA ALA B 406 -1.50 63.48 34.73
C ALA B 406 -1.89 62.72 36.02
N PHE B 407 -2.45 63.44 36.98
CA PHE B 407 -2.97 62.80 38.16
C PHE B 407 -4.50 62.79 38.24
N LEU B 408 -5.19 63.62 37.45
CA LEU B 408 -6.67 63.50 37.26
C LEU B 408 -6.96 62.03 37.01
N GLN B 409 -6.26 61.47 36.03
CA GLN B 409 -6.45 60.09 35.58
C GLN B 409 -6.16 59.03 36.64
N ARG B 410 -5.14 59.24 37.45
CA ARG B 410 -4.80 58.27 38.48
C ARG B 410 -6.01 58.17 39.39
N LYS B 411 -6.62 59.31 39.66
CA LYS B 411 -7.89 59.39 40.43
C LYS B 411 -9.09 58.82 39.68
N MET B 412 -9.39 59.32 38.48
CA MET B 412 -10.57 58.88 37.74
C MET B 412 -10.50 57.42 37.27
N SER B 413 -9.31 56.97 36.88
CA SER B 413 -9.03 55.54 36.61
C SER B 413 -9.34 54.70 37.87
N GLN B 414 -9.50 55.39 39.00
CA GLN B 414 -9.90 54.74 40.25
C GLN B 414 -11.40 54.90 40.57
N THR B 415 -11.93 56.09 40.38
CA THR B 415 -13.33 56.42 40.73
C THR B 415 -14.47 55.69 40.00
N GLU B 416 -14.34 55.53 38.68
CA GLU B 416 -15.41 54.93 37.90
C GLU B 416 -15.12 53.48 37.48
N SER B 417 -16.04 52.59 37.86
CA SER B 417 -15.96 51.17 37.53
C SER B 417 -16.25 50.89 36.05
N GLU B 418 -15.70 49.80 35.54
CA GLU B 418 -15.93 49.39 34.16
C GLU B 418 -14.93 49.90 33.15
N GLN B 419 -15.17 49.53 31.89
CA GLN B 419 -14.28 49.84 30.77
C GLN B 419 -13.78 51.27 30.83
N MET B 420 -14.58 52.16 31.41
CA MET B 420 -14.37 53.60 31.33
C MET B 420 -12.97 53.91 31.79
N LYS B 421 -12.46 53.09 32.70
CA LYS B 421 -11.09 53.23 33.13
C LYS B 421 -10.21 53.04 31.89
N GLU B 422 -10.60 52.13 31.01
CA GLU B 422 -9.78 51.85 29.80
C GLU B 422 -9.70 53.08 28.93
N ARG B 423 -10.76 53.90 28.98
CA ARG B 423 -10.86 55.07 28.12
C ARG B 423 -10.05 56.23 28.71
N TYR B 424 -9.82 56.15 30.02
CA TYR B 424 -8.83 56.98 30.70
C TYR B 424 -7.45 56.47 30.40
N GLU B 425 -7.32 55.14 30.51
CA GLU B 425 -6.08 54.41 30.16
C GLU B 425 -5.60 54.84 28.78
N GLY B 426 -6.57 55.30 27.96
CA GLY B 426 -6.35 55.73 26.60
C GLY B 426 -5.49 56.96 26.47
N PHE B 427 -4.78 57.32 27.52
CA PHE B 427 -3.87 58.45 27.49
C PHE B 427 -2.51 57.98 27.83
N MET B 428 -2.49 56.86 28.53
CA MET B 428 -1.24 56.22 28.89
C MET B 428 -0.65 55.44 27.69
N ARG B 429 0.63 55.11 27.78
CA ARG B 429 1.29 54.40 26.70
C ARG B 429 2.22 53.34 27.27
N ASP B 430 2.46 52.29 26.51
CA ASP B 430 3.38 51.28 26.96
C ASP B 430 4.75 51.62 26.40
N VAL B 431 5.64 52.04 27.29
CA VAL B 431 7.00 52.38 26.90
C VAL B 431 7.99 51.57 27.71
N PRO B 432 9.18 51.37 27.18
CA PRO B 432 10.14 50.44 27.78
C PRO B 432 10.55 50.91 29.17
N CYS B 433 10.66 49.97 30.10
CA CYS B 433 10.95 50.28 31.48
C CYS B 433 12.40 50.76 31.50
N PRO B 434 12.60 52.11 32.00
CA PRO B 434 13.93 52.71 31.81
C PRO B 434 14.93 52.08 32.77
N VAL B 435 14.43 51.36 33.77
CA VAL B 435 15.32 50.59 34.60
C VAL B 435 16.13 49.61 33.74
N CYS B 436 15.42 48.82 32.94
CA CYS B 436 16.03 47.85 32.02
C CYS B 436 16.06 48.31 30.56
N ALA B 437 15.52 49.49 30.28
CA ALA B 437 15.51 50.05 28.93
C ALA B 437 14.87 49.16 27.84
N GLY B 438 13.75 48.53 28.16
CA GLY B 438 13.06 47.67 27.20
C GLY B 438 13.45 46.22 27.32
N THR B 439 14.71 46.00 27.68
CA THR B 439 15.32 44.67 27.65
C THR B 439 14.82 43.64 28.65
N ARG B 440 14.04 44.00 29.65
CA ARG B 440 13.44 42.98 30.55
C ARG B 440 14.40 42.15 31.42
N LEU B 441 15.67 42.55 31.52
CA LEU B 441 16.65 41.82 32.37
C LEU B 441 17.47 42.74 33.28
N LYS B 442 17.83 42.24 34.48
CA LYS B 442 18.63 42.99 35.47
C LYS B 442 19.94 43.43 34.84
N PRO B 443 20.18 44.77 34.72
CA PRO B 443 21.54 45.03 34.12
C PRO B 443 22.81 44.32 34.76
N GLU B 444 22.60 43.41 35.74
CA GLU B 444 23.63 42.44 36.14
C GLU B 444 23.75 41.55 34.95
N ILE B 445 22.66 40.86 34.67
CA ILE B 445 22.56 39.95 33.55
C ILE B 445 23.00 40.56 32.19
N LEU B 446 22.86 41.87 32.00
CA LEU B 446 23.38 42.50 30.75
C LEU B 446 24.91 42.64 30.76
N ALA B 447 25.47 42.51 31.97
CA ALA B 447 26.90 42.59 32.18
C ALA B 447 27.58 41.43 31.48
N VAL B 448 26.96 40.25 31.60
CA VAL B 448 27.47 39.06 30.96
C VAL B 448 27.34 39.20 29.45
N THR B 449 28.35 38.73 28.74
CA THR B 449 28.33 38.81 27.30
C THR B 449 29.14 37.64 26.77
N LEU B 450 28.91 37.33 25.50
CA LEU B 450 29.65 36.30 24.80
C LEU B 450 30.13 36.98 23.54
N ALA B 451 31.40 36.83 23.17
CA ALA B 451 31.85 37.47 21.93
C ALA B 451 32.34 36.55 20.81
N GLY B 452 31.60 36.59 19.71
CA GLY B 452 32.00 36.04 18.43
C GLY B 452 32.16 37.29 17.58
N GLU B 453 31.63 38.37 18.15
CA GLU B 453 31.60 39.71 17.61
C GLU B 453 32.03 40.60 18.75
N SER B 454 32.22 41.89 18.48
CA SER B 454 32.74 42.81 19.49
C SER B 454 31.82 42.90 20.71
N LYS B 455 30.51 42.91 20.49
CA LYS B 455 29.57 43.02 21.60
C LYS B 455 28.91 41.69 21.97
N GLY B 456 28.98 41.32 23.25
CA GLY B 456 28.38 40.12 23.78
C GLY B 456 27.37 40.48 24.84
N GLU B 457 26.18 39.90 24.75
CA GLU B 457 25.12 40.23 25.67
C GLU B 457 24.16 39.08 25.58
N HIS B 458 23.37 38.88 26.64
CA HIS B 458 22.46 37.75 26.73
C HIS B 458 21.08 38.03 26.15
N GLY B 459 21.03 38.29 24.85
CA GLY B 459 19.79 38.53 24.15
C GLY B 459 19.36 39.97 24.33
N ALA B 460 20.15 40.72 25.10
CA ALA B 460 19.97 42.15 25.17
C ALA B 460 20.27 42.73 23.79
N LYS B 461 21.35 42.22 23.19
CA LYS B 461 21.79 42.66 21.86
C LYS B 461 21.48 41.69 20.71
N SER B 462 21.90 40.43 20.86
CA SER B 462 21.66 39.43 19.81
C SER B 462 20.17 39.09 19.66
N ILE B 463 19.52 38.85 20.79
CA ILE B 463 18.09 38.57 20.81
C ILE B 463 17.31 39.81 20.39
N ALA B 464 17.81 40.95 20.88
CA ALA B 464 17.20 42.25 20.66
C ALA B 464 17.10 43.15 19.41
N GLU B 465 18.23 43.59 18.87
CA GLU B 465 18.22 44.55 17.76
C GLU B 465 18.67 43.67 16.58
N VAL B 466 19.69 42.83 16.81
CA VAL B 466 20.15 41.91 15.78
C VAL B 466 18.89 41.14 15.25
N CYS B 467 18.51 41.52 14.06
CA CYS B 467 17.40 40.94 13.45
C CYS B 467 17.86 39.56 13.05
N GLU B 468 16.95 38.74 12.52
CA GLU B 468 17.29 37.37 12.19
C GLU B 468 18.44 37.27 11.19
N LEU B 469 18.46 38.15 10.19
CA LEU B 469 19.55 38.15 9.21
C LEU B 469 20.90 38.45 9.87
N SER B 470 20.90 39.52 10.67
CA SER B 470 22.05 39.94 11.46
C SER B 470 22.40 39.03 12.64
N ILE B 471 21.37 38.55 13.34
CA ILE B 471 21.53 37.81 14.59
C ILE B 471 22.29 36.48 14.48
N ALA B 472 21.99 35.71 13.43
CA ALA B 472 22.64 34.43 13.25
C ALA B 472 24.17 34.48 13.17
N ASP B 473 24.72 35.65 12.86
CA ASP B 473 26.18 35.76 12.71
C ASP B 473 26.75 36.32 13.99
N CYS B 474 26.63 37.63 14.15
CA CYS B 474 27.47 38.38 15.06
C CYS B 474 27.41 37.77 16.45
N ALA B 475 26.22 37.29 16.81
CA ALA B 475 26.05 36.50 18.01
C ALA B 475 25.96 35.00 17.71
N ASP B 476 25.96 34.62 16.43
CA ASP B 476 25.77 33.20 16.07
C ASP B 476 26.85 32.47 15.26
N PHE B 477 27.17 32.97 14.06
CA PHE B 477 28.10 32.29 13.17
C PHE B 477 29.49 32.91 13.28
N LEU B 478 29.60 33.97 14.07
CA LEU B 478 30.87 34.67 14.23
C LEU B 478 31.72 34.10 15.37
N ASN B 479 31.10 33.83 16.50
CA ASN B 479 31.76 32.96 17.44
C ASN B 479 31.74 31.48 16.99
N ALA B 480 31.29 31.23 15.75
CA ALA B 480 31.42 29.90 15.06
C ALA B 480 32.87 29.64 14.63
N LEU B 481 33.71 30.59 15.04
CA LEU B 481 35.15 30.40 15.30
C LEU B 481 35.61 31.30 16.53
N THR B 482 34.76 31.37 17.57
CA THR B 482 35.12 31.91 18.93
C THR B 482 34.38 31.19 20.08
N LEU B 483 34.24 29.86 20.00
CA LEU B 483 33.67 29.11 21.15
C LEU B 483 34.78 28.36 21.85
N GLY B 484 35.39 29.03 22.83
CA GLY B 484 36.57 28.56 23.57
C GLY B 484 36.51 27.09 23.96
N PRO B 485 37.67 26.45 24.07
CA PRO B 485 37.79 24.98 24.04
C PRO B 485 37.08 24.32 25.21
N ARG B 486 37.01 25.02 26.33
CA ARG B 486 36.18 24.60 27.46
C ARG B 486 34.69 24.55 27.04
N GLU B 487 34.24 25.67 26.47
CA GLU B 487 32.82 25.95 26.20
C GLU B 487 32.30 25.31 24.90
N GLN B 488 33.20 25.11 23.95
CA GLN B 488 32.90 24.34 22.76
C GLN B 488 32.49 22.92 23.15
N ALA B 489 33.11 22.40 24.19
CA ALA B 489 32.83 21.05 24.69
C ALA B 489 31.52 20.93 25.48
N ILE B 490 31.20 21.99 26.22
CA ILE B 490 30.04 22.00 27.11
C ILE B 490 28.77 22.73 26.52
N ALA B 491 28.99 23.62 25.55
CA ALA B 491 27.94 24.49 25.03
C ALA B 491 27.95 24.48 23.50
N GLY B 492 28.80 23.65 22.92
CA GLY B 492 29.02 23.68 21.48
C GLY B 492 27.80 23.24 20.69
N GLN B 493 27.21 22.16 21.17
CA GLN B 493 26.02 21.58 20.56
C GLN B 493 24.84 22.56 20.59
N VAL B 494 24.69 23.23 21.74
CA VAL B 494 23.64 24.20 21.96
C VAL B 494 23.77 25.31 20.95
N LEU B 495 24.98 25.83 20.81
CA LEU B 495 25.24 26.85 19.80
C LEU B 495 24.83 26.39 18.40
N LYS B 496 24.96 25.09 18.12
CA LYS B 496 24.59 24.55 16.82
C LYS B 496 23.10 24.54 16.67
N GLU B 497 22.42 24.03 17.70
CA GLU B 497 20.97 23.93 17.74
C GLU B 497 20.32 25.28 17.53
N ILE B 498 21.01 26.33 17.97
CA ILE B 498 20.49 27.64 17.81
C ILE B 498 20.48 27.95 16.35
N ARG B 499 21.63 27.95 15.73
CA ARG B 499 21.71 28.43 14.37
C ARG B 499 20.89 27.64 13.38
N SER B 500 20.68 26.36 13.67
CA SER B 500 19.80 25.53 12.83
C SER B 500 18.46 26.21 12.74
N ARG B 501 18.00 26.57 13.94
CA ARG B 501 16.70 27.20 14.13
C ARG B 501 16.58 28.58 13.47
N LEU B 502 17.56 29.45 13.68
CA LEU B 502 17.58 30.74 13.04
C LEU B 502 17.47 30.50 11.57
N GLY B 503 18.24 29.51 11.12
CA GLY B 503 18.25 29.10 9.74
C GLY B 503 16.85 29.00 9.22
N PHE B 504 16.12 27.98 9.68
CA PHE B 504 14.76 27.77 9.20
C PHE B 504 13.91 29.04 9.20
N LEU B 505 14.13 29.91 10.17
CA LEU B 505 13.43 31.19 10.22
C LEU B 505 13.68 31.99 8.97
N LEU B 506 14.95 32.15 8.61
CA LEU B 506 15.32 32.83 7.36
C LEU B 506 14.62 32.16 6.17
N ASP B 507 14.70 30.83 6.11
CA ASP B 507 14.06 30.03 5.07
C ASP B 507 12.62 30.35 4.87
N VAL B 508 11.81 30.45 5.94
CA VAL B 508 10.42 30.89 5.80
C VAL B 508 10.36 32.39 5.46
N GLY B 509 11.52 33.01 5.33
CA GLY B 509 11.65 34.39 4.91
C GLY B 509 11.41 35.39 6.04
N LEU B 510 11.55 34.93 7.28
CA LEU B 510 11.32 35.78 8.43
C LEU B 510 12.58 36.52 8.83
N GLU B 511 13.47 36.82 7.87
CA GLU B 511 14.76 37.39 8.25
C GLU B 511 14.63 38.72 8.98
N TYR B 512 13.54 39.41 8.70
CA TYR B 512 13.41 40.80 9.04
C TYR B 512 12.98 41.06 10.46
N LEU B 513 12.34 40.11 11.11
CA LEU B 513 11.98 40.42 12.45
C LEU B 513 13.12 40.03 13.35
N SER B 514 13.03 40.44 14.62
CA SER B 514 14.01 40.18 15.65
C SER B 514 13.52 39.13 16.63
N LEU B 515 14.46 38.44 17.28
CA LEU B 515 14.15 37.45 18.32
C LEU B 515 13.36 38.01 19.48
N SER B 516 13.59 39.29 19.75
CA SER B 516 12.99 39.93 20.90
C SER B 516 11.58 40.46 20.63
N ARG B 517 11.11 40.41 19.39
CA ARG B 517 9.77 40.90 19.11
C ARG B 517 8.66 40.19 19.91
N ALA B 518 7.70 40.99 20.38
CA ALA B 518 6.67 40.49 21.26
C ALA B 518 5.73 39.63 20.47
N ALA B 519 5.44 38.45 21.00
CA ALA B 519 4.46 37.56 20.40
C ALA B 519 3.30 38.38 19.84
N ALA B 520 2.65 39.17 20.70
CA ALA B 520 1.48 39.97 20.28
C ALA B 520 1.72 40.91 19.09
N THR B 521 2.96 41.16 18.70
CA THR B 521 3.21 42.01 17.54
C THR B 521 3.20 41.25 16.21
N LEU B 522 2.88 39.97 16.21
CA LEU B 522 3.04 39.20 14.99
C LEU B 522 1.74 39.04 14.29
N SER B 523 1.77 39.21 12.97
CA SER B 523 0.59 38.97 12.13
C SER B 523 0.32 37.48 12.08
N GLY B 524 -0.91 37.12 11.79
CA GLY B 524 -1.28 35.71 11.70
C GLY B 524 -0.30 35.02 10.80
N GLY B 525 -0.07 35.64 9.65
CA GLY B 525 0.84 35.12 8.63
C GLY B 525 2.15 34.81 9.31
N GLU B 526 2.73 35.86 9.89
CA GLU B 526 4.03 35.76 10.55
C GLU B 526 4.05 34.62 11.58
N ALA B 527 3.02 34.59 12.41
CA ALA B 527 2.90 33.56 13.41
C ALA B 527 2.94 32.21 12.72
N GLN B 528 2.18 32.09 11.65
CA GLN B 528 2.01 30.85 10.92
C GLN B 528 3.33 30.45 10.28
N ARG B 529 3.90 31.39 9.54
CA ARG B 529 5.24 31.23 8.98
C ARG B 529 6.24 30.67 10.00
N ILE B 530 6.15 31.08 11.26
CA ILE B 530 7.00 30.52 12.30
C ILE B 530 6.69 29.05 12.55
N ARG B 531 5.43 28.76 12.87
CA ARG B 531 5.00 27.40 13.09
C ARG B 531 5.54 26.51 11.94
N LEU B 532 5.37 27.00 10.71
CA LEU B 532 5.94 26.33 9.53
C LEU B 532 7.42 26.02 9.73
N ALA B 533 8.18 27.00 10.19
CA ALA B 533 9.59 26.75 10.41
C ALA B 533 9.76 25.68 11.46
N THR B 534 9.07 25.82 12.58
CA THR B 534 9.22 24.81 13.62
C THR B 534 8.98 23.42 13.05
N GLN B 535 7.87 23.26 12.36
CA GLN B 535 7.45 21.97 11.82
C GLN B 535 8.44 21.41 10.80
N ILE B 536 8.95 22.28 9.94
CA ILE B 536 9.92 21.88 8.92
C ILE B 536 11.19 21.37 9.58
N GLY B 537 11.59 22.04 10.66
CA GLY B 537 12.79 21.71 11.36
C GLY B 537 12.64 20.57 12.32
N SER B 538 11.38 20.26 12.66
CA SER B 538 11.07 19.08 13.51
C SER B 538 11.74 17.80 13.02
N GLY B 539 11.90 17.71 11.70
CA GLY B 539 12.47 16.55 11.06
C GLY B 539 11.51 15.38 11.13
N LEU B 540 10.23 15.69 11.24
CA LEU B 540 9.24 14.64 11.24
C LEU B 540 8.94 14.20 9.83
N VAL B 541 8.68 12.92 9.72
CA VAL B 541 8.30 12.35 8.49
C VAL B 541 6.99 11.56 8.69
N GLY B 542 6.15 11.51 7.65
CA GLY B 542 4.98 10.61 7.65
C GLY B 542 3.80 11.38 8.16
N VAL B 543 4.00 12.68 8.26
CA VAL B 543 3.00 13.58 8.78
C VAL B 543 2.12 14.07 7.64
N LEU B 544 0.84 14.24 7.95
CA LEU B 544 -0.07 15.05 7.11
C LEU B 544 -0.13 16.55 7.57
N TYR B 545 0.44 17.48 6.81
CA TYR B 545 0.36 18.90 7.20
C TYR B 545 -0.79 19.52 6.48
N VAL B 546 -1.68 20.12 7.25
CA VAL B 546 -2.84 20.78 6.67
C VAL B 546 -2.78 22.25 6.95
N LEU B 547 -2.56 23.02 5.90
CA LEU B 547 -2.24 24.42 6.02
C LEU B 547 -3.37 25.29 5.56
N ASP B 548 -3.53 26.42 6.24
CA ASP B 548 -4.61 27.29 5.89
C ASP B 548 -4.12 28.55 5.26
N GLU B 549 -4.25 28.63 3.95
CA GLU B 549 -3.98 29.82 3.15
C GLU B 549 -2.74 30.57 3.56
N PRO B 550 -1.58 29.91 3.47
CA PRO B 550 -0.37 30.48 4.01
C PRO B 550 0.18 31.65 3.16
N SER B 551 -0.41 31.86 1.99
CA SER B 551 -0.02 32.99 1.15
C SER B 551 -0.60 34.30 1.71
N ILE B 552 -1.33 34.22 2.81
CA ILE B 552 -1.90 35.41 3.42
C ILE B 552 -0.83 36.33 3.99
N GLY B 553 -1.10 37.63 3.86
CA GLY B 553 -0.23 38.65 4.44
C GLY B 553 1.19 38.48 3.99
N LEU B 554 1.31 37.84 2.85
CA LEU B 554 2.59 37.55 2.30
C LEU B 554 2.63 38.30 0.99
N HIS B 555 3.74 38.97 0.69
CA HIS B 555 3.83 39.73 -0.54
C HIS B 555 3.91 38.80 -1.72
N GLN B 556 3.48 39.29 -2.87
CA GLN B 556 3.52 38.49 -4.08
C GLN B 556 4.96 37.98 -4.38
N ARG B 557 5.97 38.71 -3.91
CA ARG B 557 7.36 38.33 -4.09
C ARG B 557 7.67 37.05 -3.32
N ASP B 558 7.60 37.15 -2.01
CA ASP B 558 7.87 36.02 -1.13
C ASP B 558 6.97 34.81 -1.38
N ASN B 559 6.05 34.93 -2.33
CA ASN B 559 5.14 33.81 -2.59
C ASN B 559 5.88 32.63 -3.21
N ARG B 560 6.53 32.85 -4.34
CA ARG B 560 7.18 31.72 -4.97
C ARG B 560 8.27 31.09 -4.04
N ARG B 561 8.76 31.87 -3.09
CA ARG B 561 9.71 31.38 -2.06
C ARG B 561 9.09 30.36 -1.14
N LEU B 562 7.92 30.71 -0.65
CA LEU B 562 7.18 29.91 0.28
C LEU B 562 6.75 28.63 -0.39
N ILE B 563 6.35 28.73 -1.65
CA ILE B 563 6.02 27.53 -2.42
C ILE B 563 7.18 26.50 -2.40
N GLU B 564 8.42 26.96 -2.31
CA GLU B 564 9.57 26.05 -2.22
C GLU B 564 9.66 25.37 -0.89
N THR B 565 9.55 26.17 0.16
CA THR B 565 9.58 25.64 1.51
C THR B 565 8.44 24.63 1.69
N LEU B 566 7.27 24.94 1.13
CA LEU B 566 6.16 24.02 1.11
C LEU B 566 6.56 22.72 0.48
N THR B 567 7.16 22.79 -0.70
CA THR B 567 7.51 21.59 -1.43
C THR B 567 8.55 20.85 -0.66
N ARG B 568 9.61 21.51 -0.18
CA ARG B 568 10.65 20.73 0.52
C ARG B 568 10.09 20.02 1.73
N LEU B 569 9.02 20.58 2.29
CA LEU B 569 8.25 19.93 3.34
C LEU B 569 7.60 18.64 2.84
N ARG B 570 6.97 18.69 1.66
CA ARG B 570 6.51 17.46 1.02
C ARG B 570 7.68 16.53 0.79
N ASP B 571 8.71 17.07 0.12
CA ASP B 571 9.82 16.27 -0.35
C ASP B 571 10.56 15.54 0.75
N LEU B 572 10.67 16.16 1.92
CA LEU B 572 11.16 15.49 3.14
C LEU B 572 10.53 14.15 3.46
N GLY B 573 9.26 13.97 3.11
CA GLY B 573 8.63 12.67 3.27
C GLY B 573 7.23 12.77 3.81
N ASN B 574 6.66 13.96 3.68
CA ASN B 574 5.32 14.22 4.18
C ASN B 574 4.39 14.48 3.04
N THR B 575 3.20 14.93 3.42
CA THR B 575 2.09 15.08 2.48
C THR B 575 1.24 16.25 2.93
N LEU B 576 0.99 17.19 2.01
CA LEU B 576 0.33 18.45 2.40
C LEU B 576 -1.05 18.61 1.82
N ILE B 577 -1.88 19.34 2.56
CA ILE B 577 -3.15 19.76 2.06
C ILE B 577 -3.22 21.23 2.37
N VAL B 578 -3.21 22.05 1.32
CA VAL B 578 -3.28 23.48 1.49
C VAL B 578 -4.60 24.03 0.95
N VAL B 579 -5.40 24.63 1.83
CA VAL B 579 -6.57 25.40 1.39
C VAL B 579 -6.09 26.73 0.82
N GLU B 580 -6.48 27.02 -0.40
CA GLU B 580 -5.88 28.15 -1.14
C GLU B 580 -6.72 28.75 -2.27
N HIS B 581 -6.47 30.01 -2.60
CA HIS B 581 -7.04 30.58 -3.82
C HIS B 581 -5.96 31.28 -4.67
N ASP B 582 -4.70 31.09 -4.29
CA ASP B 582 -3.57 31.70 -5.00
C ASP B 582 -3.37 31.09 -6.38
N GLU B 583 -3.08 31.95 -7.36
CA GLU B 583 -2.82 31.52 -8.72
C GLU B 583 -1.56 30.65 -8.83
N ASP B 584 -0.52 31.03 -8.10
CA ASP B 584 0.75 30.34 -8.13
C ASP B 584 0.69 29.03 -7.35
N THR B 585 0.30 29.12 -6.08
CA THR B 585 0.18 27.93 -5.24
C THR B 585 -0.61 26.86 -6.02
N ILE B 586 -1.80 27.24 -6.50
CA ILE B 586 -2.67 26.30 -7.22
C ILE B 586 -2.00 25.76 -8.47
N GLU B 587 -1.28 26.62 -9.19
CA GLU B 587 -0.57 26.19 -10.39
C GLU B 587 0.47 25.16 -10.00
N HIS B 588 1.13 25.40 -8.88
CA HIS B 588 2.14 24.48 -8.34
C HIS B 588 1.62 23.24 -7.60
N ALA B 589 0.32 23.08 -7.45
CA ALA B 589 -0.21 21.92 -6.72
C ALA B 589 0.09 20.61 -7.44
N ASP B 590 0.35 19.55 -6.68
CA ASP B 590 0.45 18.18 -7.27
C ASP B 590 -0.89 17.59 -7.64
N TRP B 591 -1.93 18.07 -7.01
CA TRP B 591 -3.25 17.52 -7.18
C TRP B 591 -4.20 18.50 -6.57
N ILE B 592 -5.41 18.62 -7.11
CA ILE B 592 -6.28 19.67 -6.67
C ILE B 592 -7.67 19.14 -6.41
N VAL B 593 -8.19 19.40 -5.22
CA VAL B 593 -9.58 19.13 -4.96
C VAL B 593 -10.33 20.47 -5.04
N ASP B 594 -11.22 20.61 -6.03
CA ASP B 594 -12.08 21.79 -6.13
C ASP B 594 -13.38 21.45 -5.48
N ILE B 595 -13.85 22.30 -4.57
CA ILE B 595 -14.97 21.91 -3.72
C ILE B 595 -16.27 22.53 -4.08
N GLY B 596 -17.36 21.79 -3.89
CA GLY B 596 -18.57 21.95 -4.65
C GLY B 596 -18.95 23.40 -4.79
N PRO B 597 -19.26 23.74 -6.04
CA PRO B 597 -19.43 25.12 -6.49
C PRO B 597 -20.55 25.83 -5.79
N GLY B 598 -20.31 27.10 -5.52
CA GLY B 598 -21.26 27.90 -4.78
C GLY B 598 -20.99 27.74 -3.30
N ALA B 599 -21.85 28.35 -2.51
CA ALA B 599 -21.75 28.37 -1.07
C ALA B 599 -22.73 27.45 -0.42
N GLY B 600 -22.56 27.27 0.89
CA GLY B 600 -23.57 26.67 1.74
C GLY B 600 -24.13 25.36 1.23
N GLU B 601 -25.45 25.30 1.21
CA GLU B 601 -26.18 24.10 0.81
C GLU B 601 -25.84 23.80 -0.63
N HIS B 602 -25.69 24.86 -1.42
CA HIS B 602 -25.35 24.73 -2.81
C HIS B 602 -24.01 24.02 -2.95
N GLY B 603 -23.06 24.33 -2.07
CA GLY B 603 -21.75 23.69 -2.20
C GLY B 603 -21.62 22.29 -1.61
N GLY B 604 -20.44 21.99 -1.09
CA GLY B 604 -20.27 20.82 -0.25
C GLY B 604 -20.08 19.55 -1.02
N ARG B 605 -19.79 19.68 -2.32
CA ARG B 605 -19.60 18.55 -3.21
C ARG B 605 -18.22 18.55 -3.90
N ILE B 606 -17.57 17.43 -4.14
CA ILE B 606 -16.26 17.57 -4.79
C ILE B 606 -16.35 17.88 -6.28
N VAL B 607 -16.33 19.15 -6.65
CA VAL B 607 -16.39 19.54 -8.07
C VAL B 607 -15.28 18.93 -8.90
N HIS B 608 -14.02 19.03 -8.46
CA HIS B 608 -12.91 18.38 -9.18
C HIS B 608 -11.97 17.71 -8.19
N SER B 609 -11.22 16.73 -8.65
CA SER B 609 -10.18 16.20 -7.82
C SER B 609 -9.24 15.52 -8.76
N GLY B 610 -8.16 16.21 -9.11
CA GLY B 610 -7.17 15.63 -9.98
C GLY B 610 -6.15 16.69 -10.29
N PRO B 611 -5.24 16.40 -11.23
CA PRO B 611 -4.19 17.32 -11.67
C PRO B 611 -4.72 18.66 -12.16
N TYR B 612 -3.79 19.60 -12.32
CA TYR B 612 -4.06 20.97 -12.72
C TYR B 612 -4.72 21.06 -14.09
N ASP B 613 -4.12 20.39 -15.07
CA ASP B 613 -4.62 20.43 -16.43
C ASP B 613 -6.07 20.02 -16.45
N GLU B 614 -6.34 18.83 -15.92
CA GLU B 614 -7.67 18.26 -15.91
C GLU B 614 -8.72 19.20 -15.33
N LEU B 615 -8.31 20.00 -14.35
CA LEU B 615 -9.19 20.98 -13.74
C LEU B 615 -9.56 22.10 -14.72
N LEU B 616 -8.62 22.57 -15.52
CA LEU B 616 -8.92 23.56 -16.54
C LEU B 616 -10.07 23.12 -17.47
N ARG B 617 -10.01 21.85 -17.91
CA ARG B 617 -11.03 21.24 -18.75
C ARG B 617 -12.40 21.36 -18.12
N ASN B 618 -12.47 21.05 -16.83
CA ASN B 618 -13.72 21.08 -16.11
C ASN B 618 -14.43 22.40 -16.30
N LYS B 619 -15.63 22.30 -16.86
CA LYS B 619 -16.46 23.46 -17.24
C LYS B 619 -17.36 23.88 -16.11
N ASP B 620 -17.40 23.08 -15.05
CA ASP B 620 -18.22 23.39 -13.88
C ASP B 620 -17.39 24.03 -12.77
N SER B 621 -16.06 24.03 -12.94
CA SER B 621 -15.17 24.65 -11.96
C SER B 621 -15.20 26.16 -12.15
N ILE B 622 -15.71 26.91 -11.17
CA ILE B 622 -15.62 28.38 -11.21
C ILE B 622 -14.15 28.74 -11.20
N THR B 623 -13.39 27.99 -10.40
CA THR B 623 -11.94 28.06 -10.31
C THR B 623 -11.35 27.88 -11.70
N GLY B 624 -11.55 26.70 -12.29
CA GLY B 624 -11.10 26.44 -13.66
C GLY B 624 -11.39 27.57 -14.64
N ALA B 625 -12.55 28.21 -14.51
CA ALA B 625 -12.90 29.32 -15.36
C ALA B 625 -11.84 30.40 -15.25
N TYR B 626 -11.70 30.97 -14.07
CA TYR B 626 -10.69 32.00 -13.83
C TYR B 626 -9.32 31.53 -14.16
N LEU B 627 -9.04 30.32 -13.72
CA LEU B 627 -7.76 29.70 -13.91
C LEU B 627 -7.40 29.47 -15.35
N SER B 628 -8.37 29.12 -16.20
CA SER B 628 -8.14 28.94 -17.63
C SER B 628 -8.11 30.27 -18.36
N GLY B 629 -8.90 31.20 -17.88
CA GLY B 629 -9.00 32.47 -18.53
C GLY B 629 -10.41 32.77 -18.95
N ARG B 630 -11.26 31.74 -18.98
CA ARG B 630 -12.68 31.94 -19.24
C ARG B 630 -13.26 33.06 -18.37
N GLU B 631 -12.55 33.39 -17.31
CA GLU B 631 -13.00 34.42 -16.43
C GLU B 631 -11.81 35.17 -15.90
N SER B 632 -12.00 36.45 -15.63
CA SER B 632 -10.98 37.23 -14.95
C SER B 632 -11.63 38.45 -14.31
N ILE B 633 -10.82 39.26 -13.64
CA ILE B 633 -11.25 40.58 -13.22
C ILE B 633 -10.47 41.52 -14.13
N GLU B 634 -11.22 42.38 -14.84
CA GLU B 634 -10.65 43.25 -15.86
C GLU B 634 -10.16 44.63 -15.34
N ILE B 635 -9.00 45.09 -15.80
CA ILE B 635 -8.43 46.36 -15.33
C ILE B 635 -9.25 47.54 -15.88
N PRO B 636 -9.94 48.29 -15.00
CA PRO B 636 -10.84 49.37 -15.45
C PRO B 636 -10.19 50.21 -16.54
N ALA B 637 -10.88 50.42 -17.67
CA ALA B 637 -10.27 51.15 -18.79
C ALA B 637 -10.14 52.64 -18.48
N ILE B 638 -11.10 53.13 -17.69
CA ILE B 638 -11.04 54.49 -17.17
C ILE B 638 -11.03 54.45 -15.64
N ARG B 639 -9.92 54.91 -15.07
CA ARG B 639 -9.68 54.89 -13.63
C ARG B 639 -10.30 56.11 -12.97
N ARG B 640 -10.39 56.14 -11.64
CA ARG B 640 -10.79 57.35 -10.92
C ARG B 640 -9.61 58.30 -10.85
N SER B 641 -9.86 59.56 -11.14
CA SER B 641 -8.82 60.60 -11.07
C SER B 641 -8.72 61.23 -9.70
N VAL B 642 -7.51 61.57 -9.31
CA VAL B 642 -7.22 61.94 -7.94
C VAL B 642 -7.24 63.46 -7.74
N ASP B 643 -7.76 63.90 -6.61
CA ASP B 643 -7.86 65.33 -6.34
C ASP B 643 -6.75 65.78 -5.38
N PRO B 644 -5.77 66.56 -5.87
CA PRO B 644 -4.70 67.10 -5.04
C PRO B 644 -5.19 67.97 -3.89
N ARG B 645 -6.18 68.83 -4.11
CA ARG B 645 -6.71 69.69 -3.03
C ARG B 645 -7.41 68.86 -1.94
N ARG B 646 -8.00 67.72 -2.34
CA ARG B 646 -8.69 66.83 -1.38
C ARG B 646 -7.99 65.46 -1.14
N GLN B 647 -7.09 65.47 -0.14
CA GLN B 647 -6.12 64.40 0.17
C GLN B 647 -5.91 64.27 1.68
N LEU B 648 -6.06 63.07 2.22
CA LEU B 648 -5.80 62.81 3.65
C LEU B 648 -4.31 62.47 3.90
N THR B 649 -3.62 63.23 4.77
CA THR B 649 -2.15 63.14 4.83
C THR B 649 -1.55 62.91 6.20
N VAL B 650 -0.85 61.78 6.34
CA VAL B 650 -0.13 61.48 7.58
C VAL B 650 1.22 62.13 7.54
N VAL B 651 1.53 62.88 8.57
CA VAL B 651 2.75 63.66 8.58
C VAL B 651 3.68 63.20 9.67
N GLY B 652 4.89 62.83 9.26
CA GLY B 652 5.99 62.47 10.16
C GLY B 652 5.76 61.22 10.97
N ALA B 653 5.45 60.11 10.30
CA ALA B 653 5.15 58.88 10.99
C ALA B 653 6.40 58.21 11.54
N ARG B 654 6.58 58.26 12.85
CA ARG B 654 7.83 57.80 13.50
C ARG B 654 7.71 56.38 14.02
N GLU B 655 6.50 55.84 14.03
CA GLU B 655 6.19 54.64 14.80
C GLU B 655 6.86 53.42 14.22
N HIS B 656 7.38 52.58 15.10
CA HIS B 656 8.19 51.39 14.78
C HIS B 656 9.21 51.64 13.67
N ASN B 657 9.12 50.85 12.61
CA ASN B 657 10.06 50.95 11.52
C ASN B 657 9.76 52.07 10.54
N LEU B 658 8.62 52.74 10.67
CA LEU B 658 8.34 53.89 9.83
C LEU B 658 9.37 54.96 10.10
N ARG B 659 9.82 55.64 9.06
CA ARG B 659 10.96 56.52 9.16
C ARG B 659 10.57 57.98 9.03
N GLY B 660 9.83 58.49 10.00
CA GLY B 660 9.29 59.84 9.91
C GLY B 660 8.73 60.23 8.53
N ILE B 661 7.95 59.37 7.89
CA ILE B 661 7.44 59.67 6.55
C ILE B 661 6.20 60.56 6.54
N ASP B 662 6.03 61.30 5.44
CA ASP B 662 4.78 61.97 5.13
C ASP B 662 4.15 61.23 4.00
N VAL B 663 2.89 60.86 4.17
CA VAL B 663 2.15 60.05 3.21
C VAL B 663 0.74 60.62 2.99
N SER B 664 0.36 60.81 1.74
CA SER B 664 -0.96 61.37 1.47
C SER B 664 -1.83 60.35 0.75
N PHE B 665 -2.99 60.07 1.35
CA PHE B 665 -4.02 59.25 0.72
C PHE B 665 -5.07 60.09 0.03
N PRO B 666 -5.25 59.90 -1.28
CA PRO B 666 -6.22 60.69 -2.02
C PRO B 666 -7.61 60.33 -1.58
N LEU B 667 -8.44 61.31 -1.27
CA LEU B 667 -9.81 61.05 -0.79
C LEU B 667 -10.78 60.73 -1.93
N GLY B 668 -11.85 60.00 -1.61
CA GLY B 668 -12.87 59.61 -2.60
C GLY B 668 -12.39 58.74 -3.76
N VAL B 669 -11.53 57.78 -3.46
CA VAL B 669 -10.93 56.94 -4.47
C VAL B 669 -10.40 55.65 -3.83
N LEU B 670 -10.12 54.66 -4.67
CA LEU B 670 -9.63 53.38 -4.15
C LEU B 670 -8.13 53.38 -4.02
N THR B 671 -7.68 53.26 -2.77
CA THR B 671 -6.25 53.18 -2.46
C THR B 671 -5.89 51.84 -1.83
N SER B 672 -4.90 51.17 -2.43
CA SER B 672 -4.27 49.99 -1.85
C SER B 672 -2.94 50.43 -1.32
N VAL B 673 -2.71 50.15 -0.03
CA VAL B 673 -1.39 50.26 0.55
C VAL B 673 -0.73 48.88 0.34
N THR B 674 0.43 48.86 -0.33
CA THR B 674 1.10 47.60 -0.66
C THR B 674 2.55 47.62 -0.23
N GLY B 675 3.21 46.49 -0.36
CA GLY B 675 4.60 46.39 0.06
C GLY B 675 4.80 45.06 0.73
N VAL B 676 6.05 44.69 0.97
CA VAL B 676 6.35 43.35 1.48
C VAL B 676 5.97 43.29 2.93
N SER B 677 6.08 42.10 3.53
CA SER B 677 5.70 41.90 4.93
C SER B 677 6.71 42.52 5.84
N GLY B 678 6.28 43.47 6.64
CA GLY B 678 7.18 44.11 7.58
C GLY B 678 7.60 45.51 7.18
N SER B 679 7.01 46.01 6.11
CA SER B 679 7.39 47.33 5.58
C SER B 679 6.63 48.46 6.23
N GLY B 680 5.88 48.14 7.28
CA GLY B 680 5.14 49.17 8.00
C GLY B 680 3.78 49.48 7.43
N LYS B 681 3.25 48.56 6.63
CA LYS B 681 1.95 48.75 6.01
C LYS B 681 0.87 48.91 7.09
N SER B 682 0.90 48.02 8.07
CA SER B 682 -0.02 48.02 9.22
C SER B 682 0.17 49.18 10.19
N THR B 683 1.43 49.50 10.50
CA THR B 683 1.74 50.54 11.49
C THR B 683 1.24 51.89 11.04
N LEU B 684 1.42 52.17 9.76
CA LEU B 684 0.94 53.39 9.14
C LEU B 684 -0.54 53.47 9.19
N VAL B 685 -1.18 52.56 8.48
CA VAL B 685 -2.62 52.61 8.24
C VAL B 685 -3.45 52.37 9.52
N ASN B 686 -3.00 51.44 10.35
CA ASN B 686 -3.79 51.03 11.51
C ASN B 686 -3.45 51.73 12.81
N ASP B 687 -2.17 51.76 13.15
CA ASP B 687 -1.77 52.35 14.42
C ASP B 687 -1.77 53.86 14.35
N ILE B 688 -1.54 54.42 13.18
CA ILE B 688 -1.56 55.85 13.08
C ILE B 688 -2.82 56.32 12.40
N LEU B 689 -2.85 56.24 11.08
CA LEU B 689 -3.92 56.84 10.32
C LEU B 689 -5.30 56.49 10.83
N ALA B 690 -5.54 55.22 11.14
CA ALA B 690 -6.86 54.81 11.63
C ALA B 690 -7.15 55.30 13.03
N ALA B 691 -6.17 55.16 13.91
CA ALA B 691 -6.33 55.49 15.31
C ALA B 691 -6.58 56.96 15.49
N VAL B 692 -5.98 57.79 14.64
CA VAL B 692 -6.31 59.20 14.61
C VAL B 692 -7.75 59.43 14.17
N LEU B 693 -8.11 59.02 12.95
CA LEU B 693 -9.46 59.15 12.48
C LEU B 693 -10.48 58.68 13.52
N ALA B 694 -10.24 57.51 14.09
CA ALA B 694 -11.10 56.95 15.14
C ALA B 694 -11.21 57.85 16.37
N ASN B 695 -10.34 58.86 16.44
CA ASN B 695 -10.35 59.82 17.55
C ASN B 695 -10.76 61.24 17.14
N ARG B 696 -10.60 61.56 15.86
CA ARG B 696 -11.01 62.82 15.31
C ARG B 696 -12.32 62.74 14.54
N LEU B 697 -12.88 61.55 14.39
CA LEU B 697 -14.12 61.43 13.63
C LEU B 697 -15.18 60.65 14.35
N ASN B 698 -14.75 59.76 15.23
CA ASN B 698 -15.68 58.92 15.96
C ASN B 698 -15.44 59.05 17.45
N GLY B 699 -14.48 59.89 17.78
CA GLY B 699 -14.21 60.28 19.16
C GLY B 699 -13.97 59.18 20.18
N ALA B 700 -13.28 58.13 19.77
CA ALA B 700 -12.75 57.17 20.74
C ALA B 700 -11.52 57.81 21.33
N ARG B 701 -11.19 57.44 22.56
CA ARG B 701 -9.93 57.89 23.15
C ARG B 701 -8.91 56.76 23.08
N GLN B 702 -8.32 56.62 21.89
CA GLN B 702 -7.45 55.50 21.49
C GLN B 702 -6.09 55.99 21.02
N VAL B 703 -5.04 55.24 21.34
CA VAL B 703 -3.64 55.70 21.30
C VAL B 703 -2.98 55.57 19.95
N PRO B 704 -2.85 56.67 19.19
CA PRO B 704 -2.17 56.45 17.92
C PRO B 704 -0.66 56.37 18.08
N GLY B 705 -0.04 55.58 17.21
CA GLY B 705 1.39 55.45 17.16
C GLY B 705 2.04 56.76 16.84
N ARG B 706 3.25 56.96 17.38
CA ARG B 706 3.99 58.22 17.31
C ARG B 706 4.00 58.82 15.93
N HIS B 707 3.56 60.06 15.80
CA HIS B 707 3.63 60.78 14.54
C HIS B 707 3.45 62.27 14.77
N THR B 708 3.49 63.06 13.70
CA THR B 708 3.30 64.49 13.84
C THR B 708 1.84 64.88 13.79
N ARG B 709 1.19 64.71 12.64
CA ARG B 709 -0.27 64.83 12.56
C ARG B 709 -0.91 64.48 11.22
N VAL B 710 -2.20 64.76 11.11
CA VAL B 710 -2.99 64.39 9.95
C VAL B 710 -3.70 65.60 9.29
N THR B 711 -3.60 65.66 7.96
CA THR B 711 -3.93 66.85 7.21
C THR B 711 -5.37 66.90 6.79
N GLY B 712 -5.86 68.14 6.78
CA GLY B 712 -7.25 68.48 6.47
C GLY B 712 -8.10 67.77 7.49
N LEU B 713 -8.64 66.62 7.01
CA LEU B 713 -9.39 65.64 7.78
C LEU B 713 -10.87 66.01 7.98
N ASP B 714 -11.17 67.31 8.00
CA ASP B 714 -12.55 67.81 8.11
C ASP B 714 -13.37 67.56 6.83
N TYR B 715 -12.74 66.90 5.85
CA TYR B 715 -13.39 66.49 4.63
C TYR B 715 -14.16 65.19 4.80
N LEU B 716 -14.23 64.68 6.03
CA LEU B 716 -14.79 63.36 6.28
C LEU B 716 -15.75 63.33 7.45
N ASP B 717 -16.83 62.58 7.29
CA ASP B 717 -17.84 62.43 8.33
C ASP B 717 -17.36 61.48 9.39
N LYS B 718 -17.27 60.21 9.03
CA LYS B 718 -16.83 59.21 9.98
C LYS B 718 -15.89 58.14 9.39
N LEU B 719 -15.34 57.30 10.27
CA LEU B 719 -14.40 56.26 9.93
C LEU B 719 -15.03 54.91 10.19
N VAL B 720 -14.89 54.03 9.20
CA VAL B 720 -15.30 52.63 9.30
C VAL B 720 -14.07 51.73 9.24
N ARG B 721 -13.69 51.16 10.38
CA ARG B 721 -12.56 50.24 10.39
C ARG B 721 -13.06 48.81 10.41
N VAL B 722 -13.06 48.17 9.26
CA VAL B 722 -13.50 46.79 9.19
C VAL B 722 -12.32 45.87 9.48
N ASP B 723 -12.16 45.66 10.78
CA ASP B 723 -11.19 44.76 11.36
C ASP B 723 -11.48 43.33 10.91
N GLN B 724 -10.49 42.44 10.97
CA GLN B 724 -10.78 41.02 10.75
C GLN B 724 -10.95 40.22 12.04
N SER B 725 -11.03 40.95 13.16
CA SER B 725 -11.10 40.34 14.49
C SER B 725 -12.42 39.59 14.58
N PRO B 726 -12.51 38.60 15.48
CA PRO B 726 -13.76 37.87 15.65
C PRO B 726 -14.93 38.80 16.01
N ILE B 727 -16.10 38.53 15.43
CA ILE B 727 -17.35 39.19 15.78
C ILE B 727 -17.67 39.16 17.28
N GLY B 728 -17.36 38.02 17.91
CA GLY B 728 -17.63 37.79 19.31
C GLY B 728 -16.80 36.62 19.75
N ARG B 729 -16.56 36.55 21.05
CA ARG B 729 -15.72 35.50 21.63
C ARG B 729 -16.59 34.37 22.21
N THR B 730 -17.87 34.67 22.45
CA THR B 730 -18.86 33.69 22.94
C THR B 730 -19.78 33.23 21.81
N PRO B 731 -20.36 32.02 21.93
CA PRO B 731 -21.42 31.60 21.01
C PRO B 731 -22.72 32.42 21.19
N ARG B 732 -22.66 33.45 22.03
CA ARG B 732 -23.78 34.39 22.27
C ARG B 732 -23.94 35.33 21.10
N SER B 733 -22.85 35.64 20.39
CA SER B 733 -22.92 36.57 19.28
C SER B 733 -22.85 35.89 17.90
N ASN B 734 -23.88 36.17 17.12
CA ASN B 734 -24.07 35.62 15.79
C ASN B 734 -24.50 36.77 14.90
N PRO B 735 -24.53 36.54 13.59
CA PRO B 735 -24.90 37.62 12.67
C PRO B 735 -26.28 38.13 13.04
N ALA B 736 -27.18 37.23 13.42
CA ALA B 736 -28.51 37.65 13.84
C ALA B 736 -28.40 38.68 14.94
N THR B 737 -27.72 38.33 16.04
CA THR B 737 -27.49 39.25 17.14
C THR B 737 -26.73 40.48 16.64
N TYR B 738 -25.57 40.23 16.06
CA TYR B 738 -24.68 41.32 15.68
C TYR B 738 -25.33 42.37 14.76
N THR B 739 -25.98 41.96 13.68
CA THR B 739 -26.59 42.96 12.81
C THR B 739 -27.81 43.57 13.47
N GLY B 740 -28.33 42.85 14.48
CA GLY B 740 -29.49 43.30 15.27
C GLY B 740 -30.81 43.07 14.54
N VAL B 741 -30.82 42.07 13.66
CA VAL B 741 -32.04 41.69 12.99
C VAL B 741 -32.90 40.85 13.92
N PHE B 742 -32.25 40.25 14.91
CA PHE B 742 -32.94 39.35 15.83
C PHE B 742 -33.98 40.04 16.73
N ASP B 743 -33.69 41.29 17.10
CA ASP B 743 -34.65 42.10 17.84
C ASP B 743 -35.95 42.17 17.04
N LYS B 744 -35.79 42.46 15.75
CA LYS B 744 -36.91 42.63 14.84
C LYS B 744 -37.63 41.33 14.54
N ILE B 745 -37.03 40.21 14.93
CA ILE B 745 -37.63 38.91 14.73
C ILE B 745 -38.26 38.43 16.03
N ARG B 746 -37.54 38.60 17.12
CA ARG B 746 -38.11 38.29 18.41
C ARG B 746 -39.44 39.00 18.60
N THR B 747 -39.59 40.17 17.98
CA THR B 747 -40.87 40.91 17.98
C THR B 747 -41.89 40.24 17.04
N LEU B 748 -41.45 39.89 15.83
CA LEU B 748 -42.28 39.14 14.88
C LEU B 748 -42.82 37.84 15.46
N PHE B 749 -42.11 37.29 16.44
CA PHE B 749 -42.49 36.07 17.12
C PHE B 749 -43.45 36.31 18.29
N ALA B 750 -43.09 37.20 19.21
CA ALA B 750 -43.93 37.54 20.34
C ALA B 750 -45.30 37.96 19.84
N ALA B 751 -45.29 38.81 18.82
CA ALA B 751 -46.51 39.22 18.13
C ALA B 751 -47.03 38.15 17.14
N THR B 752 -47.26 36.94 17.66
CA THR B 752 -47.92 35.88 16.88
C THR B 752 -48.97 35.09 17.68
N THR B 753 -49.96 34.58 16.94
CA THR B 753 -51.15 33.94 17.50
C THR B 753 -50.83 32.91 18.60
N GLU B 754 -49.91 32.00 18.31
CA GLU B 754 -49.47 30.95 19.24
C GLU B 754 -48.72 31.48 20.44
N ALA B 755 -47.98 32.57 20.22
CA ALA B 755 -47.13 33.14 21.25
C ALA B 755 -47.96 33.95 22.23
N LYS B 756 -48.89 34.75 21.69
CA LYS B 756 -49.67 35.63 22.52
C LYS B 756 -50.61 34.80 23.39
N VAL B 757 -51.11 33.70 22.81
CA VAL B 757 -51.95 32.77 23.58
C VAL B 757 -51.21 32.14 24.78
N ARG B 758 -49.88 32.09 24.70
CA ARG B 758 -49.05 31.59 25.78
C ARG B 758 -48.50 32.73 26.63
N GLY B 759 -48.70 33.96 26.15
CA GLY B 759 -48.21 35.14 26.85
C GLY B 759 -46.71 35.32 26.75
N TYR B 760 -46.17 35.14 25.54
CA TYR B 760 -44.74 35.21 25.33
C TYR B 760 -44.34 36.57 24.78
N GLN B 761 -43.49 37.26 25.54
CA GLN B 761 -42.90 38.54 25.15
C GLN B 761 -41.90 38.34 24.01
N PRO B 762 -41.30 39.44 23.49
CA PRO B 762 -40.12 39.23 22.66
C PRO B 762 -38.95 38.68 23.47
N GLY B 763 -38.89 39.03 24.76
CA GLY B 763 -37.87 38.53 25.65
C GLY B 763 -37.85 37.02 25.87
N ARG B 764 -38.86 36.31 25.39
CA ARG B 764 -38.86 34.86 25.51
C ARG B 764 -37.95 34.29 24.45
N PHE B 765 -37.85 35.02 23.36
CA PHE B 765 -37.13 34.55 22.19
C PHE B 765 -35.65 34.97 22.12
N SER B 766 -35.17 35.64 23.16
CA SER B 766 -33.76 36.00 23.24
C SER B 766 -33.08 34.92 24.05
N PHE B 767 -32.15 34.21 23.41
CA PHE B 767 -31.34 33.20 24.09
C PHE B 767 -30.36 33.81 25.09
N ASN B 768 -30.39 35.14 25.20
CA ASN B 768 -29.59 35.87 26.19
C ASN B 768 -30.30 36.07 27.52
N VAL B 769 -31.60 35.82 27.55
CA VAL B 769 -32.45 36.21 28.70
C VAL B 769 -33.18 35.09 29.43
N LYS B 770 -33.09 35.14 30.75
CA LYS B 770 -33.55 34.12 31.70
C LYS B 770 -34.73 33.25 31.25
N GLY B 771 -35.72 33.84 30.63
CA GLY B 771 -36.89 33.06 30.27
C GLY B 771 -36.92 32.65 28.82
N GLY B 772 -37.02 31.35 28.56
CA GLY B 772 -37.18 30.83 27.18
C GLY B 772 -35.98 30.20 26.47
N ARG B 773 -34.78 30.50 26.96
CA ARG B 773 -33.54 29.90 26.50
C ARG B 773 -33.26 28.67 27.35
N CYS B 774 -32.77 27.60 26.73
CA CYS B 774 -32.40 26.40 27.49
C CYS B 774 -31.49 26.70 28.66
N GLU B 775 -31.81 26.09 29.79
CA GLU B 775 -31.24 26.43 31.09
C GLU B 775 -29.91 25.77 31.31
N ALA B 776 -29.52 24.88 30.40
CA ALA B 776 -28.28 24.11 30.48
C ALA B 776 -27.17 24.87 29.79
N CYS B 777 -27.36 25.16 28.50
CA CYS B 777 -26.50 26.11 27.82
C CYS B 777 -26.61 27.48 28.46
N THR B 778 -27.83 27.86 28.85
CA THR B 778 -28.19 29.25 29.07
C THR B 778 -27.98 30.05 27.79
N GLY B 779 -28.25 29.41 26.67
CA GLY B 779 -28.53 30.10 25.42
C GLY B 779 -27.62 29.78 24.24
N ASP B 780 -26.39 29.37 24.54
CA ASP B 780 -25.36 29.14 23.53
C ASP B 780 -25.78 28.08 22.48
N GLY B 781 -26.33 26.96 22.94
CA GLY B 781 -26.66 25.85 22.05
C GLY B 781 -25.59 24.79 22.16
N THR B 782 -24.39 25.20 22.54
CA THR B 782 -23.25 24.31 22.61
C THR B 782 -22.53 24.57 23.92
N ILE B 783 -21.53 23.76 24.24
CA ILE B 783 -20.79 23.94 25.48
C ILE B 783 -19.28 23.78 25.25
N LYS B 784 -18.52 24.80 25.63
CA LYS B 784 -17.05 24.73 25.58
C LYS B 784 -16.53 23.72 26.60
N ILE B 785 -15.93 22.66 26.10
CA ILE B 785 -15.29 21.69 26.96
C ILE B 785 -13.77 21.85 26.89
N GLU B 786 -13.19 22.07 28.05
CA GLU B 786 -11.77 22.19 28.19
C GLU B 786 -11.13 20.87 27.82
N MET B 787 -10.48 20.89 26.67
CA MET B 787 -9.59 19.83 26.24
C MET B 787 -8.20 20.16 26.79
N ASN B 788 -7.43 19.17 27.20
CA ASN B 788 -6.21 19.49 27.91
C ASN B 788 -4.94 19.82 27.13
N PHE B 789 -4.58 18.87 26.27
CA PHE B 789 -3.34 18.88 25.51
C PHE B 789 -3.79 19.37 24.14
N LEU B 790 -4.88 18.80 23.67
CA LEU B 790 -5.53 19.28 22.49
C LEU B 790 -6.23 20.59 22.83
N PRO B 791 -6.64 21.35 21.82
CA PRO B 791 -7.38 22.60 22.01
C PRO B 791 -8.82 22.37 22.45
N ASP B 792 -9.31 23.28 23.26
CA ASP B 792 -10.68 23.26 23.74
C ASP B 792 -11.55 23.36 22.50
N VAL B 793 -12.72 22.70 22.57
CA VAL B 793 -13.71 22.61 21.46
C VAL B 793 -15.18 22.58 21.98
N TYR B 794 -16.10 23.10 21.18
CA TYR B 794 -17.51 23.13 21.55
C TYR B 794 -18.28 21.87 21.13
N VAL B 795 -18.93 21.22 22.09
CA VAL B 795 -19.82 20.11 21.81
C VAL B 795 -21.25 20.62 21.95
N PRO B 796 -22.19 20.15 21.10
CA PRO B 796 -23.57 20.66 21.25
C PRO B 796 -24.24 20.28 22.60
N CYS B 797 -25.18 21.11 23.06
CA CYS B 797 -25.87 20.88 24.33
C CYS B 797 -26.77 19.66 24.27
N GLU B 798 -26.57 18.73 25.20
CA GLU B 798 -27.50 17.61 25.33
C GLU B 798 -28.91 18.11 25.66
N VAL B 799 -28.99 19.12 26.51
CA VAL B 799 -30.27 19.57 27.05
C VAL B 799 -31.22 20.11 25.96
N CYS B 800 -30.69 20.88 25.02
CA CYS B 800 -31.50 21.52 24.00
C CYS B 800 -31.16 21.08 22.60
N GLN B 801 -30.27 20.09 22.47
CA GLN B 801 -29.83 19.56 21.17
C GLN B 801 -29.24 20.67 20.32
N GLY B 802 -28.51 21.56 20.98
CA GLY B 802 -27.98 22.75 20.32
C GLY B 802 -29.04 23.65 19.71
N ALA B 803 -30.21 23.71 20.34
CA ALA B 803 -31.33 24.51 19.83
C ALA B 803 -31.30 25.91 20.40
N ARG B 804 -30.80 25.99 21.65
CA ARG B 804 -30.70 27.20 22.46
C ARG B 804 -31.92 27.38 23.37
N TYR B 805 -33.07 26.80 22.98
CA TYR B 805 -34.35 26.98 23.68
C TYR B 805 -34.98 25.71 24.26
N ASN B 806 -35.60 25.85 25.42
CA ASN B 806 -36.41 24.77 26.00
C ASN B 806 -37.65 24.54 25.15
N ARG B 807 -38.12 23.30 25.15
CA ARG B 807 -39.14 22.82 24.21
C ARG B 807 -40.44 23.60 24.24
N GLU B 808 -40.85 24.04 25.42
CA GLU B 808 -42.08 24.81 25.54
C GLU B 808 -41.95 26.08 24.69
N THR B 809 -40.77 26.69 24.70
CA THR B 809 -40.54 27.93 23.95
C THR B 809 -40.55 27.65 22.46
N LEU B 810 -40.28 26.40 22.11
CA LEU B 810 -40.18 25.98 20.73
C LEU B 810 -41.53 25.48 20.24
N GLU B 811 -42.50 25.40 21.16
CA GLU B 811 -43.89 25.12 20.77
C GLU B 811 -44.39 26.20 19.80
N VAL B 812 -43.91 27.43 20.00
CA VAL B 812 -44.31 28.59 19.21
C VAL B 812 -43.76 28.52 17.81
N HIS B 813 -44.60 28.76 16.83
CA HIS B 813 -44.14 28.88 15.45
C HIS B 813 -44.33 30.27 14.89
N TYR B 814 -43.60 30.56 13.80
CA TYR B 814 -43.86 31.70 12.94
C TYR B 814 -43.75 31.17 11.52
N LYS B 815 -44.74 31.46 10.67
CA LYS B 815 -44.84 30.86 9.32
C LYS B 815 -44.32 29.41 9.30
N GLY B 816 -44.71 28.65 10.32
CA GLY B 816 -44.35 27.23 10.47
C GLY B 816 -42.92 26.88 10.85
N LYS B 817 -42.22 27.82 11.47
CA LYS B 817 -40.85 27.60 11.87
C LYS B 817 -40.62 28.15 13.26
N THR B 818 -39.96 27.37 14.10
CA THR B 818 -39.59 27.82 15.44
C THR B 818 -38.46 28.85 15.35
N VAL B 819 -38.04 29.38 16.50
CA VAL B 819 -36.88 30.29 16.57
C VAL B 819 -35.66 29.54 16.09
N SER B 820 -35.43 28.36 16.67
CA SER B 820 -34.27 27.56 16.38
C SER B 820 -34.17 27.33 14.87
N GLU B 821 -35.31 27.02 14.27
CA GLU B 821 -35.36 26.83 12.82
C GLU B 821 -34.95 28.08 12.03
N VAL B 822 -35.56 29.22 12.32
CA VAL B 822 -35.27 30.46 11.61
C VAL B 822 -33.84 30.95 11.86
N LEU B 823 -33.32 30.62 13.03
CA LEU B 823 -31.93 30.90 13.39
C LEU B 823 -30.97 30.02 12.61
N ASP B 824 -31.47 28.85 12.19
CA ASP B 824 -30.68 27.84 11.49
C ASP B 824 -30.63 28.04 9.99
N MET B 825 -31.42 28.98 9.50
CA MET B 825 -31.51 29.25 8.08
C MET B 825 -30.23 29.89 7.58
N SER B 826 -29.82 29.55 6.37
CA SER B 826 -28.73 30.30 5.77
C SER B 826 -29.29 31.69 5.64
N ILE B 827 -28.41 32.66 5.65
CA ILE B 827 -28.85 34.04 5.49
C ILE B 827 -29.56 34.20 4.15
N GLU B 828 -28.94 33.68 3.09
CA GLU B 828 -29.53 33.69 1.74
C GLU B 828 -30.94 33.12 1.76
N GLU B 829 -31.13 32.07 2.54
CA GLU B 829 -32.41 31.39 2.70
C GLU B 829 -33.40 32.25 3.50
N ALA B 830 -32.99 32.65 4.69
CA ALA B 830 -33.76 33.57 5.51
C ALA B 830 -34.12 34.85 4.74
N ALA B 831 -33.30 35.21 3.75
CA ALA B 831 -33.58 36.36 2.89
C ALA B 831 -34.95 36.25 2.24
N GLU B 832 -35.12 35.25 1.34
CA GLU B 832 -36.42 35.04 0.64
C GLU B 832 -37.58 34.69 1.59
N PHE B 833 -37.24 34.19 2.79
CA PHE B 833 -38.23 33.95 3.84
C PHE B 833 -38.76 35.25 4.49
N PHE B 834 -37.97 36.31 4.49
CA PHE B 834 -38.41 37.56 5.10
C PHE B 834 -38.65 38.69 4.11
N GLU B 835 -38.62 38.37 2.81
CA GLU B 835 -38.92 39.32 1.72
C GLU B 835 -40.09 40.26 2.13
N PRO B 836 -41.19 39.71 2.71
CA PRO B 836 -42.30 40.49 3.27
C PRO B 836 -41.88 41.63 4.17
N ILE B 837 -41.28 41.28 5.31
CA ILE B 837 -40.92 42.30 6.28
C ILE B 837 -39.67 43.00 5.80
N ALA B 838 -39.84 44.08 5.04
CA ALA B 838 -38.70 44.82 4.50
C ALA B 838 -37.86 45.51 5.58
N GLY B 839 -38.41 45.64 6.80
CA GLY B 839 -37.67 46.17 7.96
C GLY B 839 -36.51 45.27 8.36
N VAL B 840 -36.70 43.97 8.13
CA VAL B 840 -35.71 42.91 8.39
C VAL B 840 -34.91 42.58 7.13
N HIS B 841 -35.59 42.58 5.98
CA HIS B 841 -34.99 42.28 4.70
C HIS B 841 -33.75 43.13 4.34
N ARG B 842 -33.72 44.39 4.79
CA ARG B 842 -32.59 45.30 4.50
C ARG B 842 -31.26 44.70 4.96
N TYR B 843 -31.18 44.39 6.26
CA TYR B 843 -30.02 43.76 6.87
C TYR B 843 -29.58 42.54 6.09
N LEU B 844 -30.54 41.69 5.75
CA LEU B 844 -30.29 40.43 5.07
C LEU B 844 -29.81 40.60 3.64
N ARG B 845 -30.33 41.60 2.94
CA ARG B 845 -29.86 41.86 1.58
C ARG B 845 -28.38 42.20 1.62
N THR B 846 -28.00 43.17 2.45
CA THR B 846 -26.60 43.60 2.51
C THR B 846 -25.66 42.44 2.87
N LEU B 847 -26.07 41.59 3.80
CA LEU B 847 -25.31 40.39 4.14
C LEU B 847 -25.14 39.48 2.93
N VAL B 848 -26.20 39.31 2.15
CA VAL B 848 -26.12 38.53 0.91
C VAL B 848 -25.17 39.25 -0.06
N ASP B 849 -25.31 40.57 -0.17
CA ASP B 849 -24.53 41.41 -1.08
C ASP B 849 -23.05 41.38 -0.77
N VAL B 850 -22.74 41.28 0.52
CA VAL B 850 -21.38 41.20 1.03
C VAL B 850 -20.78 39.79 0.81
N GLY B 851 -21.63 38.86 0.33
CA GLY B 851 -21.22 37.49 -0.01
C GLY B 851 -21.58 36.42 1.02
N LEU B 852 -21.81 36.85 2.26
CA LEU B 852 -22.14 35.97 3.36
C LEU B 852 -23.51 35.28 3.28
N GLY B 853 -24.14 35.25 2.11
CA GLY B 853 -25.39 34.50 1.92
C GLY B 853 -25.43 33.11 2.57
N TYR B 854 -24.34 32.37 2.43
CA TYR B 854 -24.23 30.99 2.93
C TYR B 854 -24.15 30.84 4.46
N VAL B 855 -23.92 31.93 5.19
CA VAL B 855 -23.73 31.83 6.65
C VAL B 855 -25.07 31.62 7.34
N ARG B 856 -25.06 30.79 8.39
CA ARG B 856 -26.28 30.54 9.18
C ARG B 856 -26.58 31.70 10.12
N LEU B 857 -27.80 32.21 10.04
CA LEU B 857 -28.24 33.39 10.75
C LEU B 857 -27.73 33.47 12.17
N GLY B 858 -27.87 32.38 12.91
CA GLY B 858 -27.45 32.39 14.31
C GLY B 858 -26.25 31.51 14.56
N GLN B 859 -25.34 31.48 13.58
CA GLN B 859 -24.16 30.64 13.66
C GLN B 859 -23.13 31.23 14.60
N PRO B 860 -22.77 30.48 15.65
CA PRO B 860 -21.95 31.00 16.75
C PRO B 860 -20.73 31.75 16.28
N ALA B 861 -20.51 32.92 16.86
CA ALA B 861 -19.49 33.82 16.38
C ALA B 861 -18.11 33.23 16.32
N PRO B 862 -17.73 32.34 17.29
CA PRO B 862 -16.42 31.67 17.29
C PRO B 862 -16.13 30.83 16.06
N THR B 863 -17.17 30.41 15.32
CA THR B 863 -16.93 29.61 14.12
C THR B 863 -16.80 30.42 12.82
N LEU B 864 -16.66 31.73 12.94
CA LEU B 864 -16.51 32.55 11.75
C LEU B 864 -15.04 32.73 11.44
N SER B 865 -14.71 32.74 10.16
CA SER B 865 -13.37 33.08 9.73
C SER B 865 -13.17 34.59 9.85
N GLY B 866 -11.98 35.01 10.26
CA GLY B 866 -11.70 36.45 10.35
C GLY B 866 -12.20 37.25 9.15
N GLY B 867 -12.17 36.65 7.96
CA GLY B 867 -12.72 37.25 6.78
C GLY B 867 -14.22 37.42 6.88
N GLU B 868 -14.91 36.36 7.26
CA GLU B 868 -16.38 36.38 7.42
C GLU B 868 -16.75 37.42 8.46
N ALA B 869 -16.10 37.34 9.61
CA ALA B 869 -16.35 38.29 10.67
C ALA B 869 -16.19 39.69 10.08
N GLN B 870 -15.05 39.93 9.42
CA GLN B 870 -14.77 41.21 8.77
C GLN B 870 -15.96 41.56 7.90
N ARG B 871 -16.27 40.67 6.97
CA ARG B 871 -17.38 40.86 6.07
C ARG B 871 -18.73 41.13 6.75
N VAL B 872 -18.95 40.58 7.94
CA VAL B 872 -20.20 40.83 8.63
C VAL B 872 -20.25 42.28 9.06
N LYS B 873 -19.23 42.69 9.80
CA LYS B 873 -19.08 44.07 10.23
C LYS B 873 -19.31 45.03 9.05
N LEU B 874 -18.74 44.67 7.90
CA LEU B 874 -18.90 45.42 6.65
C LEU B 874 -20.37 45.52 6.26
N ALA B 875 -21.14 44.46 6.45
CA ALA B 875 -22.56 44.49 6.11
C ALA B 875 -23.39 45.33 7.11
N SER B 876 -22.85 45.62 8.30
CA SER B 876 -23.53 46.51 9.23
C SER B 876 -23.53 47.93 8.72
N GLU B 877 -22.40 48.40 8.18
CA GLU B 877 -22.32 49.77 7.68
C GLU B 877 -22.96 49.93 6.33
N LEU B 878 -22.99 48.85 5.58
CA LEU B 878 -23.75 48.84 4.36
C LEU B 878 -25.21 49.04 4.72
N GLN B 879 -25.58 48.53 5.90
CA GLN B 879 -26.89 48.73 6.48
C GLN B 879 -26.94 50.09 7.19
N LYS B 880 -26.83 51.17 6.40
CA LYS B 880 -26.87 52.57 6.87
C LYS B 880 -26.92 53.53 5.68
N ARG B 881 -27.19 54.81 5.95
CA ARG B 881 -27.21 55.82 4.90
C ARG B 881 -25.78 56.24 4.49
N SER B 882 -25.41 55.95 3.23
CA SER B 882 -24.03 56.19 2.76
C SER B 882 -23.70 57.67 2.44
N THR B 883 -23.65 58.48 3.50
CA THR B 883 -23.36 59.91 3.43
C THR B 883 -22.02 60.14 2.72
N GLY B 884 -22.11 60.62 1.47
CA GLY B 884 -20.97 60.76 0.56
C GLY B 884 -19.56 61.14 1.02
N ARG B 885 -19.36 61.41 2.32
CA ARG B 885 -18.00 61.55 2.86
C ARG B 885 -17.70 60.77 4.15
N THR B 886 -17.66 59.44 4.01
CA THR B 886 -17.20 58.53 5.05
C THR B 886 -16.04 57.70 4.50
N VAL B 887 -15.07 57.38 5.37
CA VAL B 887 -13.83 56.71 4.97
C VAL B 887 -13.74 55.29 5.51
N TYR B 888 -13.45 54.34 4.61
CA TYR B 888 -13.40 52.92 4.95
C TYR B 888 -12.00 52.41 4.93
N ILE B 889 -11.62 51.72 6.02
CA ILE B 889 -10.32 51.04 6.11
C ILE B 889 -10.47 49.54 6.13
N LEU B 890 -10.06 48.90 5.06
CA LEU B 890 -10.19 47.46 4.96
C LEU B 890 -8.85 46.77 4.98
N ASP B 891 -8.53 46.17 6.11
CA ASP B 891 -7.29 45.46 6.25
C ASP B 891 -7.42 44.08 5.61
N GLU B 892 -6.50 43.74 4.70
CA GLU B 892 -6.60 42.50 3.89
C GLU B 892 -7.99 41.91 3.62
N PRO B 893 -8.87 42.71 2.99
CA PRO B 893 -10.23 42.29 2.78
C PRO B 893 -10.28 41.10 1.88
N THR B 894 -9.25 40.91 1.07
CA THR B 894 -9.12 39.77 0.16
C THR B 894 -9.13 38.38 0.83
N THR B 895 -8.82 38.36 2.14
CA THR B 895 -8.62 37.12 2.95
C THR B 895 -9.68 36.06 2.81
N GLY B 896 -9.23 34.83 2.63
CA GLY B 896 -10.15 33.68 2.55
C GLY B 896 -11.19 33.73 1.44
N LEU B 897 -10.97 34.58 0.44
CA LEU B 897 -11.90 34.72 -0.68
C LEU B 897 -11.37 34.04 -1.93
N HIS B 898 -12.29 33.46 -2.71
CA HIS B 898 -12.01 32.86 -4.02
C HIS B 898 -12.00 33.99 -5.04
N PHE B 899 -11.42 33.72 -6.20
CA PHE B 899 -11.34 34.71 -7.27
C PHE B 899 -12.64 35.43 -7.48
N ASP B 900 -13.66 34.62 -7.75
CA ASP B 900 -15.00 35.10 -7.98
C ASP B 900 -15.49 35.92 -6.79
N ASP B 901 -15.21 35.41 -5.59
CA ASP B 901 -15.52 36.09 -4.35
C ASP B 901 -14.92 37.47 -4.35
N ILE B 902 -13.66 37.56 -4.73
CA ILE B 902 -13.00 38.86 -4.88
C ILE B 902 -13.80 39.78 -5.82
N ARG B 903 -14.09 39.28 -7.03
CA ARG B 903 -14.86 40.00 -8.03
C ARG B 903 -16.15 40.59 -7.46
N LYS B 904 -16.96 39.76 -6.82
CA LYS B 904 -18.15 40.26 -6.14
C LYS B 904 -17.75 41.38 -5.14
N LEU B 905 -16.81 41.10 -4.24
CA LEU B 905 -16.37 42.11 -3.23
C LEU B 905 -15.95 43.46 -3.78
N LEU B 906 -15.15 43.45 -4.85
CA LEU B 906 -14.72 44.69 -5.50
C LEU B 906 -15.89 45.58 -5.93
N ASN B 907 -16.97 44.97 -6.43
CA ASN B 907 -18.17 45.71 -6.77
C ASN B 907 -18.73 46.42 -5.56
N VAL B 908 -18.82 45.70 -4.45
CA VAL B 908 -19.28 46.32 -3.22
C VAL B 908 -18.42 47.52 -2.86
N ILE B 909 -17.14 47.44 -3.18
CA ILE B 909 -16.24 48.53 -2.87
C ILE B 909 -16.42 49.69 -3.83
N ASN B 910 -16.37 49.42 -5.13
CA ASN B 910 -16.62 50.47 -6.09
C ASN B 910 -17.94 51.17 -5.84
N GLY B 911 -19.01 50.38 -5.62
CA GLY B 911 -20.29 50.88 -5.11
C GLY B 911 -20.04 51.96 -4.07
N LEU B 912 -19.46 51.56 -2.94
CA LEU B 912 -19.03 52.47 -1.88
C LEU B 912 -18.29 53.73 -2.34
N VAL B 913 -17.33 53.57 -3.22
CA VAL B 913 -16.50 54.69 -3.63
C VAL B 913 -17.24 55.60 -4.60
N ASP B 914 -18.14 55.01 -5.39
CA ASP B 914 -18.98 55.78 -6.33
C ASP B 914 -19.96 56.72 -5.64
N LYS B 915 -20.34 56.43 -4.40
CA LYS B 915 -21.07 57.39 -3.57
C LYS B 915 -20.11 58.52 -3.15
N GLY B 916 -18.90 58.48 -3.70
CA GLY B 916 -17.87 59.41 -3.35
C GLY B 916 -17.27 59.14 -1.98
N ASN B 917 -17.35 57.89 -1.53
CA ASN B 917 -16.73 57.53 -0.27
C ASN B 917 -15.25 57.17 -0.44
N THR B 918 -14.42 57.42 0.57
CA THR B 918 -13.00 57.08 0.51
C THR B 918 -12.75 55.68 1.04
N VAL B 919 -12.10 54.85 0.22
CA VAL B 919 -11.77 53.49 0.63
C VAL B 919 -10.28 53.21 0.49
N ILE B 920 -9.69 52.86 1.64
CA ILE B 920 -8.27 52.49 1.79
C ILE B 920 -8.12 51.06 2.26
N VAL B 921 -7.20 50.36 1.59
CA VAL B 921 -7.12 48.91 1.63
C VAL B 921 -5.65 48.45 1.70
N ILE B 922 -5.33 47.61 2.69
CA ILE B 922 -3.98 47.03 2.77
C ILE B 922 -4.00 45.70 2.03
N GLU B 923 -3.23 45.54 0.96
CA GLU B 923 -3.37 44.33 0.14
C GLU B 923 -2.10 43.81 -0.49
N HIS B 924 -2.05 42.50 -0.63
CA HIS B 924 -1.09 41.88 -1.48
C HIS B 924 -1.75 41.37 -2.76
N ASN B 925 -3.08 41.29 -2.81
CA ASN B 925 -3.77 40.66 -3.94
C ASN B 925 -3.69 41.51 -5.21
N LEU B 926 -3.19 40.91 -6.28
CA LEU B 926 -2.97 41.61 -7.54
C LEU B 926 -4.25 42.18 -8.18
N ASP B 927 -5.33 41.42 -8.14
CA ASP B 927 -6.59 41.86 -8.74
C ASP B 927 -7.11 43.12 -8.03
N VAL B 928 -6.97 43.12 -6.71
CA VAL B 928 -7.39 44.22 -5.88
C VAL B 928 -6.49 45.43 -6.09
N ILE B 929 -5.18 45.19 -6.19
CA ILE B 929 -4.22 46.29 -6.42
C ILE B 929 -4.39 46.89 -7.82
N LYS B 930 -4.35 46.02 -8.83
CA LYS B 930 -4.49 46.43 -10.21
C LYS B 930 -5.83 47.13 -10.50
N THR B 931 -6.72 47.14 -9.52
CA THR B 931 -8.00 47.75 -9.69
C THR B 931 -7.98 49.12 -9.06
N SER B 932 -7.20 49.24 -7.99
CA SER B 932 -7.15 50.47 -7.22
C SER B 932 -6.77 51.63 -8.13
N ASP B 933 -7.15 52.84 -7.74
CA ASP B 933 -6.85 54.03 -8.52
C ASP B 933 -5.54 54.63 -8.09
N TRP B 934 -5.09 54.25 -6.91
CA TRP B 934 -3.90 54.81 -6.32
C TRP B 934 -3.31 53.75 -5.43
N ILE B 935 -2.00 53.58 -5.48
CA ILE B 935 -1.39 52.69 -4.52
C ILE B 935 -0.23 53.38 -3.84
N ILE B 936 -0.01 53.02 -2.58
CA ILE B 936 1.15 53.49 -1.80
C ILE B 936 1.99 52.27 -1.42
N ASP B 937 3.21 52.20 -1.98
CA ASP B 937 4.07 51.05 -1.80
C ASP B 937 5.15 51.28 -0.77
N LEU B 938 5.06 50.55 0.34
CA LEU B 938 6.03 50.71 1.42
C LEU B 938 7.15 49.69 1.31
N GLY B 939 8.34 50.08 1.72
CA GLY B 939 9.47 49.20 1.68
C GLY B 939 10.76 49.93 1.97
N PRO B 940 11.87 49.43 1.41
CA PRO B 940 11.88 48.35 0.44
C PRO B 940 11.69 46.96 1.05
N GLU B 941 12.34 46.71 2.19
CA GLU B 941 12.31 45.41 2.87
C GLU B 941 11.74 45.48 4.30
N GLY B 942 11.34 44.31 4.82
CA GLY B 942 10.68 44.19 6.11
C GLY B 942 11.50 44.61 7.33
N GLY B 943 10.80 45.13 8.33
CA GLY B 943 11.42 45.70 9.52
C GLY B 943 12.41 46.80 9.20
N ALA B 944 13.62 46.68 9.76
CA ALA B 944 14.65 47.71 9.69
C ALA B 944 14.80 48.36 8.33
N GLY B 945 14.94 47.57 7.28
CA GLY B 945 14.90 48.10 5.89
C GLY B 945 13.54 48.28 5.26
N GLY B 946 12.98 49.47 5.28
CA GLY B 946 11.56 49.54 5.01
C GLY B 946 11.05 50.57 5.99
N GLY B 947 9.75 50.77 5.97
CA GLY B 947 9.17 51.92 6.62
C GLY B 947 9.44 53.16 5.83
N THR B 948 9.55 53.01 4.52
CA THR B 948 9.68 54.15 3.61
C THR B 948 8.73 53.95 2.45
N VAL B 949 8.50 54.97 1.66
CA VAL B 949 7.57 54.81 0.55
C VAL B 949 8.29 54.52 -0.73
N VAL B 950 8.39 53.25 -1.07
CA VAL B 950 9.10 52.82 -2.28
C VAL B 950 8.53 53.42 -3.57
N ALA B 951 7.24 53.64 -3.61
CA ALA B 951 6.63 54.21 -4.78
C ALA B 951 5.18 54.52 -4.46
N GLN B 952 4.58 55.45 -5.20
CA GLN B 952 3.17 55.74 -5.07
C GLN B 952 2.68 56.31 -6.37
N GLY B 953 1.40 56.15 -6.62
CA GLY B 953 0.79 56.57 -7.88
C GLY B 953 -0.35 55.68 -8.35
N THR B 954 -0.67 55.76 -9.63
CA THR B 954 -1.55 54.77 -10.22
C THR B 954 -0.77 53.46 -10.39
N PRO B 955 -1.50 52.34 -10.43
CA PRO B 955 -0.90 51.06 -10.80
C PRO B 955 0.06 51.23 -11.94
N GLU B 956 -0.34 52.02 -12.94
CA GLU B 956 0.49 52.25 -14.11
C GLU B 956 1.82 52.90 -13.72
N ASP B 957 1.74 53.92 -12.87
CA ASP B 957 2.93 54.59 -12.35
C ASP B 957 3.82 53.64 -11.61
N VAL B 958 3.23 52.81 -10.75
CA VAL B 958 3.99 52.00 -9.81
C VAL B 958 4.66 50.84 -10.54
N ALA B 959 3.96 50.26 -11.50
CA ALA B 959 4.54 49.24 -12.34
C ALA B 959 5.75 49.83 -13.04
N ALA B 960 5.75 51.15 -13.19
CA ALA B 960 6.85 51.89 -13.83
C ALA B 960 8.13 52.02 -12.98
N VAL B 961 7.97 52.06 -11.65
CA VAL B 961 9.07 52.17 -10.70
C VAL B 961 9.79 50.84 -10.53
N PRO B 962 11.00 50.77 -11.06
CA PRO B 962 11.64 49.48 -11.18
C PRO B 962 12.05 48.96 -9.81
N ALA B 963 12.30 49.91 -8.92
CA ALA B 963 12.72 49.65 -7.55
C ALA B 963 11.58 49.08 -6.70
N SER B 964 10.35 49.15 -7.20
CA SER B 964 9.18 48.58 -6.51
C SER B 964 8.88 47.13 -6.84
N TYR B 965 8.78 46.31 -5.79
CA TYR B 965 8.45 44.89 -5.91
C TYR B 965 7.02 44.73 -6.39
N THR B 966 6.12 45.49 -5.78
CA THR B 966 4.73 45.50 -6.20
C THR B 966 4.73 45.86 -7.66
N GLY B 967 5.52 46.87 -8.00
CA GLY B 967 5.71 47.30 -9.38
C GLY B 967 6.11 46.19 -10.31
N LYS B 968 7.10 45.40 -9.91
CA LYS B 968 7.56 44.28 -10.73
C LYS B 968 6.40 43.43 -11.16
N PHE B 969 5.55 43.03 -10.22
CA PHE B 969 4.49 42.05 -10.51
C PHE B 969 3.34 42.69 -11.19
N LEU B 970 3.04 43.91 -10.76
CA LEU B 970 1.97 44.73 -11.29
C LEU B 970 2.17 44.97 -12.78
N ALA B 971 3.43 45.02 -13.19
CA ALA B 971 3.83 45.35 -14.55
C ALA B 971 3.43 44.30 -15.56
N GLU B 972 3.55 43.02 -15.19
CA GLU B 972 3.10 41.91 -16.04
C GLU B 972 1.60 41.93 -16.31
N VAL B 973 0.87 42.83 -15.65
CA VAL B 973 -0.57 42.91 -15.82
C VAL B 973 -1.01 44.27 -16.39
N VAL B 974 -0.09 45.24 -16.44
CA VAL B 974 -0.44 46.60 -16.84
C VAL B 974 0.48 47.15 -17.93
N ALA C 23 -12.32 -6.06 -14.63
CA ALA C 23 -13.63 -5.58 -14.09
C ALA C 23 -14.86 -6.24 -14.80
N ASP C 24 -15.74 -6.77 -13.97
CA ASP C 24 -17.09 -7.13 -14.36
C ASP C 24 -17.95 -5.93 -13.96
N ARG C 25 -17.49 -4.76 -14.37
CA ARG C 25 -18.10 -3.50 -14.00
C ARG C 25 -18.32 -2.56 -15.18
N LEU C 26 -19.52 -2.00 -15.25
CA LEU C 26 -19.78 -0.85 -16.07
C LEU C 26 -19.32 0.38 -15.35
N ILE C 27 -18.47 1.17 -16.03
CA ILE C 27 -17.86 2.37 -15.46
C ILE C 27 -18.01 3.60 -16.34
N VAL C 28 -18.50 4.69 -15.77
CA VAL C 28 -18.61 5.94 -16.51
C VAL C 28 -17.91 7.09 -15.80
N LYS C 29 -17.11 7.86 -16.55
CA LYS C 29 -16.42 8.99 -15.99
C LYS C 29 -16.78 10.24 -16.75
N GLY C 30 -17.27 11.25 -16.03
CA GLY C 30 -17.54 12.55 -16.63
C GLY C 30 -18.67 12.59 -17.62
N ALA C 31 -19.82 12.05 -17.21
CA ALA C 31 -21.05 12.20 -17.94
C ALA C 31 -21.57 13.60 -17.69
N ARG C 32 -21.65 14.37 -18.77
CA ARG C 32 -21.99 15.80 -18.70
C ARG C 32 -23.27 16.17 -19.39
N GLU C 33 -24.06 15.14 -19.70
CA GLU C 33 -25.28 15.29 -20.49
C GLU C 33 -26.35 16.12 -19.80
N HIS C 34 -27.01 16.96 -20.57
CA HIS C 34 -28.07 17.79 -20.02
C HIS C 34 -27.49 18.55 -18.85
N ASN C 35 -28.17 18.48 -17.72
CA ASN C 35 -27.68 19.10 -16.49
C ASN C 35 -26.48 18.35 -15.90
N LEU C 36 -26.35 17.00 -16.01
CA LEU C 36 -25.43 16.08 -15.39
C LEU C 36 -24.07 16.67 -15.12
N ARG C 37 -23.62 16.61 -13.87
CA ARG C 37 -22.40 17.29 -13.40
C ARG C 37 -21.10 16.47 -13.53
N SER C 38 -20.64 16.30 -14.76
CA SER C 38 -19.47 15.48 -15.01
C SER C 38 -19.41 14.28 -14.05
N VAL C 39 -20.47 13.49 -14.10
CA VAL C 39 -20.69 12.45 -13.10
C VAL C 39 -19.87 11.19 -13.35
N ASP C 40 -19.63 10.44 -12.28
CA ASP C 40 -18.86 9.22 -12.35
C ASP C 40 -19.59 8.01 -11.78
N LEU C 41 -19.63 6.92 -12.53
CA LEU C 41 -20.25 5.71 -11.99
C LEU C 41 -19.40 4.45 -12.01
N ASP C 42 -19.60 3.60 -10.99
CA ASP C 42 -18.97 2.32 -11.00
C ASP C 42 -19.96 1.23 -10.74
N LEU C 43 -20.70 0.88 -11.78
CA LEU C 43 -21.85 -0.01 -11.65
C LEU C 43 -21.44 -1.48 -11.79
N PRO C 44 -22.17 -2.36 -11.10
CA PRO C 44 -21.95 -3.80 -11.19
C PRO C 44 -22.65 -4.32 -12.41
N ARG C 45 -21.90 -4.72 -13.44
CA ARG C 45 -22.50 -5.40 -14.58
C ARG C 45 -23.17 -6.71 -14.13
N ASP C 46 -24.14 -7.23 -14.89
CA ASP C 46 -24.84 -8.46 -14.49
C ASP C 46 -25.70 -8.30 -13.20
N ALA C 47 -26.16 -7.08 -12.98
CA ALA C 47 -27.05 -6.74 -11.90
C ALA C 47 -28.31 -6.14 -12.48
N LEU C 48 -29.37 -6.15 -11.67
CA LEU C 48 -30.53 -5.37 -11.97
C LEU C 48 -30.24 -4.06 -11.27
N ILE C 49 -29.70 -3.08 -11.99
CA ILE C 49 -29.49 -1.74 -11.44
C ILE C 49 -30.74 -0.90 -11.59
N VAL C 50 -31.13 -0.24 -10.52
CA VAL C 50 -32.22 0.73 -10.59
C VAL C 50 -31.77 2.21 -10.36
N PHE C 51 -32.04 3.04 -11.37
CA PHE C 51 -31.89 4.48 -11.23
C PHE C 51 -33.09 5.12 -10.51
N THR C 52 -32.79 6.13 -9.68
CA THR C 52 -33.77 6.63 -8.72
C THR C 52 -33.54 8.07 -8.28
N GLY C 53 -34.63 8.79 -8.12
CA GLY C 53 -34.53 10.21 -7.80
C GLY C 53 -35.57 11.07 -8.50
N LEU C 54 -35.75 12.25 -7.91
CA LEU C 54 -36.75 13.20 -8.33
C LEU C 54 -36.83 13.51 -9.81
N SER C 55 -38.06 13.80 -10.21
CA SER C 55 -38.42 14.17 -11.56
C SER C 55 -37.49 15.25 -12.08
N GLY C 56 -36.72 14.90 -13.12
CA GLY C 56 -35.75 15.87 -13.64
C GLY C 56 -34.47 15.94 -12.83
N SER C 57 -34.21 14.84 -12.14
CA SER C 57 -32.99 14.65 -11.40
C SER C 57 -31.87 14.60 -12.40
N GLY C 58 -32.17 14.12 -13.59
CA GLY C 58 -31.16 13.74 -14.59
C GLY C 58 -31.12 12.23 -14.85
N LYS C 59 -32.03 11.51 -14.16
CA LYS C 59 -32.15 10.05 -14.24
C LYS C 59 -31.96 9.61 -15.69
N SER C 60 -32.70 10.25 -16.59
CA SER C 60 -32.76 9.76 -17.98
C SER C 60 -31.55 10.12 -18.82
N SER C 61 -30.97 11.27 -18.52
CA SER C 61 -29.85 11.79 -19.26
C SER C 61 -28.79 10.79 -19.05
N LEU C 62 -28.70 10.29 -17.84
CA LEU C 62 -27.71 9.29 -17.50
C LEU C 62 -28.03 7.93 -18.12
N ALA C 63 -29.23 7.44 -17.80
CA ALA C 63 -29.66 6.12 -18.21
C ALA C 63 -29.72 5.99 -19.74
N PHE C 64 -30.46 6.87 -20.34
CA PHE C 64 -30.73 6.71 -21.73
C PHE C 64 -29.85 7.55 -22.63
N ASP C 65 -29.76 8.86 -22.34
CA ASP C 65 -29.00 9.77 -23.22
C ASP C 65 -27.51 9.50 -23.23
N THR C 66 -26.97 9.01 -22.11
CA THR C 66 -25.54 8.66 -22.07
C THR C 66 -25.34 7.13 -22.21
N ILE C 67 -25.70 6.38 -21.16
CA ILE C 67 -25.33 4.96 -21.06
C ILE C 67 -25.83 4.12 -22.25
N PHE C 68 -27.13 3.96 -22.34
CA PHE C 68 -27.76 3.32 -23.49
C PHE C 68 -27.27 3.85 -24.86
N ALA C 69 -27.47 5.15 -25.04
CA ALA C 69 -27.15 5.84 -26.27
C ALA C 69 -25.77 5.41 -26.77
N GLU C 70 -24.80 5.40 -25.86
CA GLU C 70 -23.49 4.94 -26.23
C GLU C 70 -23.40 3.45 -26.43
N GLY C 71 -24.12 2.68 -25.60
CA GLY C 71 -24.21 1.23 -25.76
C GLY C 71 -24.54 0.85 -27.19
N GLN C 72 -25.67 1.37 -27.68
CA GLN C 72 -26.14 1.16 -29.07
C GLN C 72 -25.11 1.63 -30.12
N ARG C 73 -24.73 2.91 -30.03
CA ARG C 73 -23.85 3.55 -30.98
C ARG C 73 -22.59 2.74 -31.23
N ARG C 74 -21.80 2.53 -30.17
CA ARG C 74 -20.53 1.81 -30.28
C ARG C 74 -20.76 0.50 -30.96
N TYR C 75 -21.89 -0.17 -30.69
CA TYR C 75 -22.10 -1.43 -31.35
C TYR C 75 -22.46 -1.29 -32.83
N VAL C 76 -23.30 -0.32 -33.15
CA VAL C 76 -23.75 -0.12 -34.54
C VAL C 76 -22.59 0.35 -35.42
N GLU C 77 -21.70 1.15 -34.84
CA GLU C 77 -20.52 1.54 -35.54
C GLU C 77 -19.83 0.38 -36.19
N SER C 78 -20.09 -0.84 -35.70
CA SER C 78 -19.41 -2.02 -36.21
C SER C 78 -20.04 -2.48 -37.49
N LEU C 79 -21.36 -2.26 -37.61
CA LEU C 79 -22.20 -2.93 -38.61
C LEU C 79 -21.60 -2.96 -40.01
N SER C 80 -21.50 -1.79 -40.61
CA SER C 80 -20.74 -1.61 -41.82
C SER C 80 -19.89 -0.40 -41.58
N ALA C 81 -18.67 -0.40 -42.12
CA ALA C 81 -17.86 0.83 -42.14
C ALA C 81 -18.68 1.99 -42.77
N TYR C 82 -19.72 1.66 -43.55
CA TYR C 82 -20.64 2.66 -44.06
C TYR C 82 -21.55 3.29 -43.03
N ALA C 83 -22.34 2.48 -42.31
CA ALA C 83 -23.29 3.00 -41.33
C ALA C 83 -22.54 3.78 -40.29
N ARG C 84 -21.30 3.36 -40.06
CA ARG C 84 -20.33 4.09 -39.27
C ARG C 84 -20.29 5.60 -39.65
N GLN C 85 -20.45 5.89 -40.94
CA GLN C 85 -20.45 7.29 -41.44
C GLN C 85 -21.79 7.94 -41.16
N PHE C 86 -22.86 7.33 -41.66
CA PHE C 86 -24.25 7.75 -41.40
C PHE C 86 -24.44 8.08 -39.92
N LEU C 87 -23.65 7.42 -39.08
CA LEU C 87 -23.67 7.66 -37.63
C LEU C 87 -22.91 8.92 -37.26
N GLY C 88 -21.73 9.09 -37.87
CA GLY C 88 -20.90 10.26 -37.64
C GLY C 88 -21.67 11.54 -37.36
N GLN C 89 -22.80 11.73 -38.04
CA GLN C 89 -23.55 12.97 -37.94
C GLN C 89 -24.46 13.05 -36.71
N MET C 90 -24.20 12.20 -35.74
CA MET C 90 -24.91 12.27 -34.49
C MET C 90 -24.15 13.08 -33.48
N ASP C 91 -24.90 13.73 -32.60
CA ASP C 91 -24.31 14.36 -31.45
C ASP C 91 -23.88 13.33 -30.38
N LYS C 92 -22.70 12.72 -30.54
CA LYS C 92 -22.17 11.73 -29.56
C LYS C 92 -22.36 12.26 -28.14
N PRO C 93 -22.89 11.41 -27.21
CA PRO C 93 -23.31 11.96 -25.93
C PRO C 93 -22.09 12.49 -25.20
N ASP C 94 -22.31 13.50 -24.36
CA ASP C 94 -21.19 14.12 -23.66
C ASP C 94 -20.77 13.37 -22.40
N VAL C 95 -19.88 12.40 -22.58
CA VAL C 95 -19.19 11.70 -21.50
C VAL C 95 -17.70 11.85 -21.73
N ASP C 96 -16.89 11.45 -20.77
CA ASP C 96 -15.49 11.45 -21.04
C ASP C 96 -15.08 10.07 -21.47
N PHE C 97 -15.39 9.09 -20.65
CA PHE C 97 -14.89 7.75 -20.88
C PHE C 97 -15.89 6.83 -20.26
N ILE C 98 -16.39 5.89 -21.05
CA ILE C 98 -17.11 4.80 -20.44
C ILE C 98 -16.58 3.45 -20.92
N GLU C 99 -16.92 2.43 -20.15
CA GLU C 99 -16.29 1.14 -20.33
C GLU C 99 -16.89 -0.03 -19.51
N GLY C 100 -16.81 -1.23 -20.06
CA GLY C 100 -17.63 -2.30 -19.59
C GLY C 100 -19.02 -2.10 -20.10
N LEU C 101 -19.11 -1.64 -21.33
CA LEU C 101 -20.36 -1.26 -21.93
C LEU C 101 -20.75 -2.39 -22.85
N SER C 102 -21.93 -2.94 -22.61
CA SER C 102 -22.55 -3.94 -23.49
C SER C 102 -23.38 -3.21 -24.54
N PRO C 103 -23.47 -3.78 -25.75
CA PRO C 103 -24.45 -3.22 -26.68
C PRO C 103 -25.80 -3.00 -25.97
N ALA C 104 -26.35 -1.79 -26.09
CA ALA C 104 -27.55 -1.46 -25.34
C ALA C 104 -28.90 -1.61 -26.09
N VAL C 105 -29.98 -1.82 -25.34
CA VAL C 105 -31.30 -1.92 -25.92
C VAL C 105 -32.29 -1.17 -25.06
N SER C 106 -33.07 -0.28 -25.65
CA SER C 106 -33.92 0.60 -24.88
C SER C 106 -35.27 -0.02 -24.85
N ILE C 107 -35.90 0.04 -23.68
CA ILE C 107 -37.28 -0.41 -23.51
C ILE C 107 -38.00 0.69 -22.75
N ASP C 108 -38.45 1.70 -23.49
CA ASP C 108 -39.23 2.82 -22.93
C ASP C 108 -40.71 2.61 -23.25
N GLN C 109 -41.46 3.69 -23.13
CA GLN C 109 -42.87 3.75 -23.52
C GLN C 109 -43.13 4.81 -24.59
N LYS C 110 -42.06 5.23 -25.29
CA LYS C 110 -42.15 6.33 -26.26
C LYS C 110 -43.08 6.18 -27.50
N SER C 111 -43.05 5.02 -28.15
CA SER C 111 -43.94 4.78 -29.31
C SER C 111 -45.41 4.60 -28.96
N THR C 112 -46.28 5.26 -29.73
CA THR C 112 -47.68 4.87 -29.74
C THR C 112 -48.17 4.67 -31.19
N ASN C 113 -47.41 3.92 -31.99
CA ASN C 113 -47.69 3.86 -33.42
C ASN C 113 -49.05 3.36 -33.83
N ARG C 114 -49.75 4.22 -34.56
CA ARG C 114 -51.15 4.06 -34.94
C ARG C 114 -51.36 3.58 -36.36
N ASN C 115 -50.32 3.02 -36.98
CA ASN C 115 -50.50 2.59 -38.36
C ASN C 115 -51.72 1.69 -38.30
N PRO C 116 -52.63 1.89 -39.23
CA PRO C 116 -53.93 1.27 -39.16
C PRO C 116 -53.92 -0.19 -39.58
N ARG C 117 -52.86 -0.60 -40.28
CA ARG C 117 -52.72 -1.98 -40.73
C ARG C 117 -51.64 -2.70 -39.93
N SER C 118 -51.46 -2.26 -38.68
CA SER C 118 -50.57 -2.94 -37.73
C SER C 118 -51.29 -3.39 -36.45
N THR C 119 -51.14 -4.67 -36.11
CA THR C 119 -51.77 -5.27 -34.92
C THR C 119 -50.73 -5.98 -34.05
N VAL C 120 -51.07 -6.26 -32.80
CA VAL C 120 -50.26 -7.13 -31.96
C VAL C 120 -49.71 -8.30 -32.77
N GLY C 121 -50.59 -9.00 -33.48
CA GLY C 121 -50.20 -10.11 -34.34
C GLY C 121 -49.02 -9.71 -35.18
N THR C 122 -49.11 -8.54 -35.79
CA THR C 122 -48.09 -8.09 -36.72
C THR C 122 -46.85 -7.64 -35.93
N ILE C 123 -47.03 -6.71 -35.00
CA ILE C 123 -45.93 -6.25 -34.14
C ILE C 123 -45.04 -7.42 -33.64
N THR C 124 -45.67 -8.46 -33.11
CA THR C 124 -44.93 -9.54 -32.51
C THR C 124 -44.42 -10.54 -33.52
N GLU C 125 -44.75 -10.32 -34.79
CA GLU C 125 -44.42 -11.25 -35.89
C GLU C 125 -45.15 -12.61 -35.82
N VAL C 126 -45.92 -12.79 -34.76
CA VAL C 126 -46.66 -14.01 -34.57
C VAL C 126 -47.55 -14.20 -35.80
N TYR C 127 -48.17 -13.10 -36.25
CA TYR C 127 -49.11 -13.18 -37.39
C TYR C 127 -48.39 -13.75 -38.61
N ASP C 128 -47.20 -13.20 -38.86
CA ASP C 128 -46.32 -13.72 -39.89
C ASP C 128 -46.20 -15.23 -39.83
N TYR C 129 -45.82 -15.75 -38.67
CA TYR C 129 -45.78 -17.19 -38.55
C TYR C 129 -47.14 -17.85 -38.81
N LEU C 130 -48.21 -17.21 -38.34
CA LEU C 130 -49.54 -17.77 -38.54
C LEU C 130 -49.77 -18.06 -40.01
N ARG C 131 -49.39 -17.09 -40.85
CA ARG C 131 -49.63 -17.19 -42.27
C ARG C 131 -48.92 -18.40 -42.84
N LEU C 132 -47.63 -18.49 -42.57
CA LEU C 132 -46.88 -19.69 -42.91
C LEU C 132 -47.57 -20.97 -42.43
N LEU C 133 -48.01 -20.96 -41.19
CA LEU C 133 -48.63 -22.13 -40.63
C LEU C 133 -49.82 -22.50 -41.48
N TYR C 134 -50.67 -21.51 -41.77
CA TYR C 134 -51.89 -21.71 -42.50
C TYR C 134 -51.67 -22.07 -43.94
N ALA C 135 -50.65 -21.43 -44.53
CA ALA C 135 -50.33 -21.59 -45.94
C ALA C 135 -49.84 -22.98 -46.16
N ARG C 136 -48.90 -23.38 -45.30
CA ARG C 136 -48.33 -24.69 -45.41
C ARG C 136 -49.34 -25.78 -44.99
N ALA C 137 -50.25 -25.46 -44.05
CA ALA C 137 -51.04 -26.50 -43.30
C ALA C 137 -52.59 -26.41 -43.30
N GLY C 138 -53.13 -25.20 -43.20
CA GLY C 138 -54.58 -25.03 -43.18
C GLY C 138 -55.14 -25.24 -44.57
N THR C 139 -56.31 -25.87 -44.66
CA THR C 139 -56.83 -26.36 -45.95
C THR C 139 -57.95 -25.47 -46.57
N PRO C 140 -57.95 -25.38 -47.92
CA PRO C 140 -58.77 -24.37 -48.58
C PRO C 140 -60.23 -24.75 -48.66
N HIS C 141 -61.11 -23.75 -48.64
CA HIS C 141 -62.54 -24.02 -48.76
C HIS C 141 -63.20 -23.01 -49.64
N CYS C 142 -64.23 -23.44 -50.37
CA CYS C 142 -65.01 -22.50 -51.14
C CYS C 142 -65.82 -21.67 -50.13
N PRO C 143 -65.90 -20.36 -50.35
CA PRO C 143 -66.78 -19.49 -49.58
C PRO C 143 -68.30 -19.65 -49.87
N THR C 144 -68.69 -19.71 -51.15
CA THR C 144 -70.12 -19.80 -51.56
C THR C 144 -70.88 -21.08 -51.17
N CYS C 145 -70.23 -22.21 -51.42
CA CYS C 145 -70.70 -23.54 -51.01
C CYS C 145 -70.00 -24.06 -49.78
N GLY C 146 -68.73 -23.71 -49.63
CA GLY C 146 -67.97 -24.25 -48.52
C GLY C 146 -67.49 -25.66 -48.77
N GLU C 147 -67.13 -25.95 -50.02
CA GLU C 147 -66.41 -27.19 -50.34
C GLU C 147 -64.96 -27.07 -49.89
N ARG C 148 -64.28 -28.21 -49.83
CA ARG C 148 -62.82 -28.25 -49.79
C ARG C 148 -62.30 -28.09 -51.23
N VAL C 149 -61.47 -27.09 -51.51
CA VAL C 149 -61.04 -26.83 -52.91
C VAL C 149 -59.61 -27.28 -53.17
N ALA C 150 -59.26 -27.37 -54.46
CA ALA C 150 -58.01 -27.98 -54.91
C ALA C 150 -57.90 -28.15 -56.44
N ARG C 151 -57.25 -29.22 -56.89
CA ARG C 151 -56.69 -29.30 -58.26
C ARG C 151 -57.23 -29.02 -59.67
N GLN C 152 -56.67 -27.98 -60.28
CA GLN C 152 -57.15 -27.48 -61.54
C GLN C 152 -56.60 -28.10 -62.83
N THR C 153 -57.45 -28.81 -63.60
CA THR C 153 -57.06 -29.41 -64.91
C THR C 153 -56.85 -28.33 -65.97
N PRO C 154 -55.69 -28.37 -66.68
CA PRO C 154 -55.42 -27.39 -67.76
C PRO C 154 -56.61 -27.31 -68.70
N GLN C 155 -57.18 -28.49 -68.98
CA GLN C 155 -58.29 -28.71 -69.89
C GLN C 155 -59.64 -28.32 -69.26
N GLN C 156 -59.85 -28.70 -68.01
CA GLN C 156 -61.06 -28.34 -67.28
C GLN C 156 -61.49 -26.89 -67.45
N ILE C 157 -60.54 -25.97 -67.38
CA ILE C 157 -60.86 -24.54 -67.46
C ILE C 157 -61.39 -24.19 -68.85
N VAL C 158 -60.88 -24.87 -69.87
CA VAL C 158 -61.32 -24.68 -71.25
C VAL C 158 -62.77 -25.10 -71.42
N ASP C 159 -63.15 -26.20 -70.76
CA ASP C 159 -64.50 -26.74 -70.86
C ASP C 159 -65.52 -25.74 -70.33
N GLN C 160 -65.19 -25.09 -69.22
CA GLN C 160 -66.08 -24.09 -68.64
C GLN C 160 -66.22 -22.90 -69.59
N VAL C 161 -65.12 -22.49 -70.20
CA VAL C 161 -65.12 -21.39 -71.15
C VAL C 161 -65.98 -21.71 -72.38
N LEU C 162 -65.90 -22.96 -72.84
CA LEU C 162 -66.82 -23.38 -73.90
C LEU C 162 -68.28 -23.40 -73.42
N ALA C 163 -68.52 -23.97 -72.23
CA ALA C 163 -69.87 -24.05 -71.65
C ALA C 163 -70.46 -22.69 -71.27
N MET C 164 -69.63 -21.87 -70.63
CA MET C 164 -70.05 -20.54 -70.20
C MET C 164 -70.44 -19.67 -71.39
N PRO C 165 -71.49 -18.88 -71.22
CA PRO C 165 -71.96 -17.99 -72.30
C PRO C 165 -70.89 -17.73 -73.34
N VAL C 172 -59.32 -12.90 -71.30
CA VAL C 172 -58.45 -12.74 -72.46
C VAL C 172 -56.96 -12.74 -72.05
N LEU C 173 -56.70 -12.67 -70.74
CA LEU C 173 -55.38 -12.31 -70.16
C LEU C 173 -54.52 -13.38 -69.46
N ALA C 174 -53.19 -13.24 -69.63
CA ALA C 174 -52.16 -13.94 -68.85
C ALA C 174 -51.51 -12.94 -67.87
N PRO C 175 -51.75 -13.11 -66.54
CA PRO C 175 -51.19 -12.23 -65.49
C PRO C 175 -49.80 -12.74 -65.15
N VAL C 176 -48.90 -12.58 -66.13
CA VAL C 176 -47.78 -13.50 -66.28
C VAL C 176 -46.81 -13.45 -65.12
N VAL C 177 -46.60 -12.25 -64.59
CA VAL C 177 -45.85 -12.12 -63.37
C VAL C 177 -46.68 -11.32 -62.40
N ARG C 178 -47.05 -11.95 -61.29
CA ARG C 178 -47.77 -11.28 -60.22
C ARG C 178 -46.84 -11.08 -59.06
N THR C 179 -46.75 -9.83 -58.63
CA THR C 179 -45.80 -9.31 -57.62
C THR C 179 -44.56 -10.18 -57.32
N ARG C 180 -43.76 -10.34 -58.36
CA ARG C 180 -42.42 -10.92 -58.27
C ARG C 180 -41.40 -9.88 -58.69
N LYS C 181 -40.20 -9.98 -58.13
CA LYS C 181 -39.13 -9.05 -58.44
C LYS C 181 -38.23 -9.60 -59.53
N GLY C 182 -37.77 -8.68 -60.37
CA GLY C 182 -36.86 -9.02 -61.45
C GLY C 182 -36.85 -7.90 -62.46
N GLU C 183 -35.86 -7.94 -63.35
CA GLU C 183 -35.89 -7.16 -64.59
C GLU C 183 -36.53 -8.06 -65.61
N PHE C 184 -37.47 -7.53 -66.38
CA PHE C 184 -38.17 -8.40 -67.30
C PHE C 184 -37.91 -8.09 -68.77
N ALA C 185 -37.02 -7.13 -69.05
CA ALA C 185 -36.60 -6.86 -70.42
C ALA C 185 -36.44 -8.17 -71.19
N ASP C 186 -35.95 -9.20 -70.52
CA ASP C 186 -35.67 -10.51 -71.12
C ASP C 186 -36.91 -11.34 -71.57
N LEU C 187 -38.07 -10.86 -71.16
CA LEU C 187 -39.34 -11.58 -71.25
C LEU C 187 -40.29 -10.81 -72.16
N PHE C 188 -40.23 -9.48 -72.09
CA PHE C 188 -40.93 -8.64 -73.06
C PHE C 188 -40.46 -9.00 -74.45
N ASP C 189 -39.24 -9.54 -74.54
CA ASP C 189 -38.66 -9.99 -75.81
C ASP C 189 -38.98 -11.48 -76.14
N LYS C 190 -40.05 -11.99 -75.52
CA LYS C 190 -40.77 -13.16 -76.03
C LYS C 190 -42.23 -12.75 -76.21
N LEU C 191 -42.53 -11.54 -75.73
CA LEU C 191 -43.86 -10.93 -75.86
C LEU C 191 -43.91 -9.93 -77.01
N ASN C 192 -42.74 -9.48 -77.46
CA ASN C 192 -42.63 -8.93 -78.80
C ASN C 192 -42.48 -10.07 -79.78
N ALA C 193 -41.94 -11.19 -79.33
CA ALA C 193 -41.76 -12.38 -80.18
C ALA C 193 -43.08 -12.94 -80.66
N GLN C 194 -44.20 -12.37 -80.15
CA GLN C 194 -45.56 -12.63 -80.67
C GLN C 194 -46.32 -11.31 -80.78
N GLY C 195 -45.60 -10.22 -80.54
CA GLY C 195 -46.03 -8.86 -80.82
C GLY C 195 -47.39 -8.41 -80.32
N TYR C 196 -47.83 -8.95 -79.19
CA TYR C 196 -49.08 -8.54 -78.59
C TYR C 196 -49.25 -7.01 -78.63
N SER C 197 -48.12 -6.29 -78.64
CA SER C 197 -48.07 -4.81 -78.71
C SER C 197 -48.81 -4.05 -77.57
N ARG C 198 -49.31 -4.79 -76.57
CA ARG C 198 -49.89 -4.23 -75.33
C ARG C 198 -49.36 -5.01 -74.09
N VAL C 199 -48.72 -4.29 -73.17
CA VAL C 199 -48.31 -4.87 -71.88
C VAL C 199 -48.76 -4.01 -70.68
N ARG C 200 -49.27 -4.68 -69.65
CA ARG C 200 -49.75 -4.02 -68.45
C ARG C 200 -48.73 -4.23 -67.31
N VAL C 201 -47.49 -3.81 -67.59
CA VAL C 201 -46.38 -3.86 -66.61
C VAL C 201 -46.57 -2.78 -65.54
N ASP C 202 -46.68 -3.22 -64.29
CA ASP C 202 -47.10 -2.33 -63.21
C ASP C 202 -48.29 -1.56 -63.73
N GLY C 203 -49.20 -2.30 -64.37
CA GLY C 203 -50.41 -1.76 -64.97
C GLY C 203 -50.27 -0.41 -65.64
N VAL C 204 -49.61 -0.40 -66.80
CA VAL C 204 -49.58 0.77 -67.67
C VAL C 204 -49.26 0.34 -69.10
N VAL C 205 -50.30 0.34 -69.94
CA VAL C 205 -50.20 -0.10 -71.35
C VAL C 205 -48.99 0.49 -72.07
N HIS C 206 -47.90 -0.28 -72.08
CA HIS C 206 -46.69 0.13 -72.75
C HIS C 206 -46.52 -0.60 -74.08
N PRO C 207 -46.58 0.15 -75.19
CA PRO C 207 -46.42 -0.38 -76.54
C PRO C 207 -45.23 -1.32 -76.61
N LEU C 208 -45.50 -2.61 -76.78
CA LEU C 208 -44.45 -3.63 -76.70
C LEU C 208 -43.29 -3.45 -77.68
N THR C 209 -43.53 -2.75 -78.79
CA THR C 209 -42.44 -2.40 -79.72
C THR C 209 -41.52 -1.29 -79.16
N ASP C 210 -41.69 -0.94 -77.88
CA ASP C 210 -40.72 -0.09 -77.15
C ASP C 210 -40.59 -0.25 -75.60
N PRO C 211 -41.44 0.45 -74.78
CA PRO C 211 -41.15 0.83 -73.37
C PRO C 211 -41.04 -0.21 -72.18
N PRO C 212 -40.81 0.30 -70.92
CA PRO C 212 -40.05 -0.20 -69.76
C PRO C 212 -38.90 -1.23 -69.78
N LYS C 213 -37.72 -0.75 -69.38
CA LYS C 213 -36.65 -1.53 -68.74
C LYS C 213 -37.12 -1.60 -67.30
N LEU C 214 -36.96 -2.74 -66.65
CA LEU C 214 -37.44 -2.82 -65.27
C LEU C 214 -36.37 -2.65 -64.22
N LYS C 215 -36.80 -2.16 -63.06
CA LYS C 215 -35.97 -2.11 -61.87
C LYS C 215 -35.69 -3.56 -61.42
N LYS C 216 -34.45 -4.02 -61.62
CA LYS C 216 -34.02 -5.40 -61.32
C LYS C 216 -34.51 -5.99 -59.99
N GLN C 217 -34.75 -5.12 -59.00
CA GLN C 217 -34.96 -5.50 -57.60
C GLN C 217 -36.35 -5.20 -57.07
N GLU C 218 -37.02 -4.27 -57.74
CA GLU C 218 -38.41 -3.92 -57.43
C GLU C 218 -39.36 -5.08 -57.77
N LYS C 219 -40.45 -5.21 -57.02
CA LYS C 219 -41.46 -6.23 -57.32
C LYS C 219 -42.51 -5.68 -58.28
N HIS C 220 -42.78 -6.45 -59.36
CA HIS C 220 -43.56 -6.02 -60.54
C HIS C 220 -44.78 -6.91 -60.89
N ASP C 221 -45.86 -6.25 -61.35
CA ASP C 221 -47.02 -6.94 -61.95
C ASP C 221 -47.16 -6.68 -63.45
N ILE C 222 -47.13 -7.77 -64.23
CA ILE C 222 -47.04 -7.74 -65.69
C ILE C 222 -48.07 -8.68 -66.35
N GLU C 223 -48.92 -8.11 -67.22
CA GLU C 223 -50.10 -8.80 -67.74
C GLU C 223 -50.36 -8.55 -69.25
N VAL C 224 -50.64 -9.61 -70.00
CA VAL C 224 -50.89 -9.49 -71.43
C VAL C 224 -51.99 -10.46 -71.88
N VAL C 225 -52.30 -10.43 -73.17
CA VAL C 225 -53.32 -11.30 -73.73
C VAL C 225 -54.71 -10.78 -73.41
N LYS C 236 -65.84 -20.78 -79.71
CA LYS C 236 -65.16 -21.12 -80.95
C LYS C 236 -64.06 -22.20 -80.80
N ARG C 237 -63.68 -22.79 -81.94
CA ARG C 237 -62.51 -23.69 -82.05
C ARG C 237 -61.19 -22.92 -82.08
N ARG C 238 -61.28 -21.60 -82.33
CA ARG C 238 -60.14 -20.70 -82.26
C ARG C 238 -60.05 -20.02 -80.86
N LEU C 239 -61.18 -19.89 -80.16
CA LEU C 239 -61.16 -19.35 -78.78
C LEU C 239 -61.25 -20.47 -77.70
N THR C 240 -60.77 -21.66 -78.10
CA THR C 240 -60.50 -22.73 -77.18
C THR C 240 -58.99 -22.69 -76.95
N ASP C 241 -58.28 -21.96 -77.82
CA ASP C 241 -56.83 -21.83 -77.74
C ASP C 241 -56.36 -20.55 -77.03
N SER C 242 -56.93 -19.41 -77.38
CA SER C 242 -56.62 -18.15 -76.71
C SER C 242 -56.91 -18.29 -75.18
N VAL C 243 -56.89 -19.54 -74.68
CA VAL C 243 -57.13 -19.87 -73.26
C VAL C 243 -55.95 -20.67 -72.67
N GLU C 244 -55.42 -21.63 -73.45
CA GLU C 244 -54.26 -22.43 -73.03
C GLU C 244 -52.98 -21.64 -73.21
N THR C 245 -53.09 -20.62 -74.07
CA THR C 245 -52.11 -19.56 -74.20
C THR C 245 -51.93 -18.86 -72.84
N ALA C 246 -52.95 -18.18 -72.35
CA ALA C 246 -52.83 -17.51 -71.06
C ALA C 246 -52.54 -18.50 -69.92
N LEU C 247 -53.18 -19.66 -69.94
CA LEU C 247 -53.00 -20.66 -68.89
C LEU C 247 -51.59 -21.25 -68.78
N ASN C 248 -50.96 -21.54 -69.92
CA ASN C 248 -49.63 -22.14 -69.96
C ASN C 248 -48.53 -21.12 -69.62
N LEU C 249 -48.65 -19.94 -70.21
CA LEU C 249 -47.68 -18.85 -70.01
C LEU C 249 -47.64 -18.25 -68.60
N ALA C 250 -48.82 -18.08 -68.01
CA ALA C 250 -48.97 -17.35 -66.76
C ALA C 250 -48.82 -18.37 -65.65
N ASP C 251 -48.79 -19.63 -66.06
CA ASP C 251 -48.64 -20.78 -65.18
C ASP C 251 -49.96 -21.26 -64.57
N GLY C 252 -50.99 -21.36 -65.40
CA GLY C 252 -52.28 -21.89 -64.98
C GLY C 252 -53.32 -20.86 -64.57
N ILE C 253 -53.30 -19.67 -65.19
CA ILE C 253 -54.13 -18.61 -64.66
C ILE C 253 -55.03 -17.80 -65.60
N VAL C 254 -56.33 -18.11 -65.51
CA VAL C 254 -57.49 -17.16 -65.65
C VAL C 254 -58.79 -17.55 -64.81
N VAL C 255 -59.62 -16.55 -64.49
CA VAL C 255 -60.71 -16.75 -63.53
C VAL C 255 -62.01 -15.98 -63.88
N LEU C 276 -55.28 -24.29 -57.68
CA LEU C 276 -56.39 -24.11 -56.74
C LEU C 276 -57.72 -23.95 -57.50
N ALA C 277 -58.81 -24.53 -56.99
CA ALA C 277 -60.19 -24.39 -57.56
C ALA C 277 -61.25 -25.28 -56.87
N CYS C 278 -62.53 -24.95 -57.04
CA CYS C 278 -63.66 -25.64 -56.33
C CYS C 278 -64.36 -26.70 -57.18
N PRO C 279 -64.58 -27.92 -56.61
CA PRO C 279 -65.16 -29.00 -57.41
C PRO C 279 -66.60 -28.74 -57.85
N ASN C 280 -67.28 -27.77 -57.24
CA ASN C 280 -68.61 -27.35 -57.71
C ASN C 280 -68.53 -26.11 -58.60
N GLY C 281 -67.30 -25.69 -58.85
CA GLY C 281 -67.01 -24.63 -59.81
C GLY C 281 -67.51 -23.23 -59.50
N HIS C 282 -67.42 -22.81 -58.23
CA HIS C 282 -67.63 -21.40 -57.96
C HIS C 282 -66.33 -20.66 -58.20
N ALA C 283 -66.45 -19.39 -58.57
CA ALA C 283 -65.29 -18.58 -58.85
C ALA C 283 -64.72 -18.14 -57.51
N LEU C 284 -63.40 -18.30 -57.40
CA LEU C 284 -62.67 -17.95 -56.19
C LEU C 284 -61.86 -16.65 -56.37
N ALA C 285 -61.79 -15.87 -55.29
CA ALA C 285 -61.17 -14.54 -55.29
C ALA C 285 -59.66 -14.54 -54.94
N VAL C 286 -59.01 -15.70 -55.09
CA VAL C 286 -57.56 -15.79 -55.04
C VAL C 286 -57.07 -16.84 -56.02
N ASP C 287 -56.15 -16.41 -56.89
CA ASP C 287 -55.53 -17.26 -57.92
C ASP C 287 -54.85 -18.49 -57.29
N ASP C 288 -54.30 -18.31 -56.10
CA ASP C 288 -53.77 -19.42 -55.28
C ASP C 288 -53.63 -19.03 -53.80
N LEU C 289 -52.84 -19.83 -53.07
CA LEU C 289 -52.70 -19.69 -51.63
C LEU C 289 -51.27 -19.65 -51.11
N GLU C 290 -50.55 -18.58 -51.41
CA GLU C 290 -49.22 -18.44 -50.86
C GLU C 290 -49.20 -17.64 -49.54
N PRO C 291 -48.16 -17.87 -48.72
CA PRO C 291 -47.90 -17.25 -47.42
C PRO C 291 -48.30 -15.79 -47.34
N ARG C 292 -48.42 -15.16 -48.51
CA ARG C 292 -48.76 -13.75 -48.65
C ARG C 292 -50.26 -13.53 -48.65
N SER C 293 -50.98 -14.57 -49.11
CA SER C 293 -52.41 -14.52 -49.30
C SER C 293 -53.06 -14.21 -47.99
N PHE C 294 -52.41 -14.64 -46.92
CA PHE C 294 -52.93 -14.51 -45.58
C PHE C 294 -52.62 -13.15 -44.99
N SER C 295 -51.85 -12.31 -45.69
CA SER C 295 -51.56 -11.00 -45.15
C SER C 295 -52.66 -10.05 -45.50
N PHE C 296 -53.22 -9.38 -44.51
CA PHE C 296 -54.28 -8.42 -44.75
C PHE C 296 -53.72 -7.05 -45.12
N ASN C 297 -52.38 -6.95 -45.18
CA ASN C 297 -51.69 -5.73 -45.64
C ASN C 297 -51.38 -5.73 -47.12
N SER C 298 -51.25 -6.94 -47.68
CA SER C 298 -51.15 -7.21 -49.10
C SER C 298 -52.54 -7.01 -49.74
N PRO C 299 -52.60 -6.79 -51.06
CA PRO C 299 -53.90 -6.90 -51.70
C PRO C 299 -54.29 -8.36 -51.69
N TYR C 300 -53.34 -9.23 -52.04
CA TYR C 300 -53.51 -10.66 -52.05
C TYR C 300 -54.50 -11.23 -51.02
N GLY C 301 -54.48 -10.71 -49.80
CA GLY C 301 -55.40 -11.20 -48.79
C GLY C 301 -56.44 -10.27 -48.21
N ALA C 302 -56.33 -8.97 -48.47
CA ALA C 302 -57.11 -7.97 -47.74
C ALA C 302 -58.50 -7.71 -48.32
N CYS C 303 -59.55 -7.77 -47.52
CA CYS C 303 -60.89 -7.56 -48.09
C CYS C 303 -60.95 -6.20 -48.79
N PRO C 304 -61.53 -6.19 -49.98
CA PRO C 304 -61.48 -5.03 -50.88
C PRO C 304 -62.17 -3.75 -50.39
N GLU C 305 -63.34 -3.87 -49.75
CA GLU C 305 -64.10 -2.70 -49.34
C GLU C 305 -63.32 -1.87 -48.32
N CYS C 306 -62.66 -2.56 -47.41
CA CYS C 306 -61.90 -1.93 -46.34
C CYS C 306 -60.40 -1.86 -46.74
N SER C 307 -60.47 -2.61 -47.69
CA SER C 307 -59.08 -2.59 -48.17
C SER C 307 -57.91 -3.12 -47.29
N GLY C 308 -58.23 -4.00 -46.34
CA GLY C 308 -57.21 -4.56 -45.45
C GLY C 308 -57.24 -3.81 -44.15
N LEU C 309 -57.81 -2.61 -44.19
CA LEU C 309 -58.06 -1.73 -43.03
C LEU C 309 -59.02 -2.32 -42.02
N GLY C 310 -60.04 -3.02 -42.52
CA GLY C 310 -61.01 -3.74 -41.68
C GLY C 310 -62.08 -2.92 -40.96
N ILE C 311 -61.86 -1.61 -40.87
CA ILE C 311 -62.78 -0.69 -40.20
C ILE C 311 -63.50 0.18 -41.27
N ARG C 312 -64.72 0.65 -40.95
CA ARG C 312 -65.40 1.64 -41.82
C ARG C 312 -66.15 2.71 -41.05
N LYS C 313 -65.88 3.96 -41.41
CA LYS C 313 -66.48 5.14 -40.77
C LYS C 313 -67.83 5.39 -41.41
N GLU C 314 -68.86 5.00 -40.68
CA GLU C 314 -70.21 5.03 -41.20
C GLU C 314 -70.93 5.94 -40.23
N VAL C 315 -71.49 7.02 -40.76
CA VAL C 315 -72.16 8.02 -39.93
C VAL C 315 -73.15 7.36 -38.99
N ASP C 316 -72.77 7.29 -37.73
CA ASP C 316 -73.65 6.68 -36.79
C ASP C 316 -74.83 7.60 -36.65
N PRO C 317 -76.04 7.01 -36.60
CA PRO C 317 -77.21 7.74 -36.12
C PRO C 317 -77.11 8.11 -34.63
N GLU C 318 -75.91 8.45 -34.18
CA GLU C 318 -75.76 9.10 -32.87
C GLU C 318 -75.80 10.63 -32.98
N LEU C 319 -76.02 11.15 -34.20
CA LEU C 319 -76.10 12.60 -34.49
C LEU C 319 -77.41 13.29 -34.07
N VAL C 320 -78.28 12.55 -33.39
CA VAL C 320 -79.37 13.13 -32.61
C VAL C 320 -79.15 12.67 -31.17
N VAL C 321 -79.63 13.46 -30.20
CA VAL C 321 -79.56 13.06 -28.79
C VAL C 321 -80.90 13.31 -28.02
N PRO C 322 -81.89 12.41 -28.24
CA PRO C 322 -83.35 12.69 -28.16
C PRO C 322 -83.91 13.11 -26.81
N ALA C 332 -82.79 19.07 -31.93
CA ALA C 332 -81.96 19.32 -33.08
C ALA C 332 -81.51 18.00 -33.69
N VAL C 333 -81.23 18.05 -34.99
CA VAL C 333 -80.33 17.10 -35.66
C VAL C 333 -78.92 17.74 -35.61
N ALA C 334 -78.21 17.49 -34.51
CA ALA C 334 -77.01 18.26 -34.11
C ALA C 334 -76.23 18.90 -35.25
N PRO C 335 -75.94 18.14 -36.33
CA PRO C 335 -75.20 18.71 -37.44
C PRO C 335 -75.94 19.88 -38.07
N TRP C 336 -77.20 20.06 -37.70
CA TRP C 336 -77.97 21.15 -38.21
C TRP C 336 -78.54 22.01 -37.08
N SER C 337 -77.83 22.09 -35.97
CA SER C 337 -78.18 23.06 -34.92
C SER C 337 -77.65 24.47 -35.27
N ASN C 338 -78.41 25.49 -34.89
CA ASN C 338 -78.24 26.85 -35.46
C ASN C 338 -76.85 27.35 -35.84
N GLY C 339 -76.57 27.35 -37.15
CA GLY C 339 -75.62 28.28 -37.77
C GLY C 339 -76.47 29.31 -38.52
N HIS C 340 -75.87 30.04 -39.47
CA HIS C 340 -76.68 30.86 -40.40
C HIS C 340 -77.65 29.97 -41.23
N THR C 341 -77.56 28.68 -40.95
CA THR C 341 -78.45 27.65 -41.50
C THR C 341 -79.35 27.05 -40.41
N ALA C 342 -79.57 27.79 -39.31
CA ALA C 342 -80.32 27.26 -38.16
C ALA C 342 -81.77 26.82 -38.41
N GLU C 343 -82.57 27.63 -39.11
CA GLU C 343 -83.89 27.19 -39.52
C GLU C 343 -83.84 26.78 -40.96
N TYR C 344 -82.79 27.18 -41.66
CA TYR C 344 -82.71 26.80 -43.05
C TYR C 344 -83.10 25.32 -43.18
N PHE C 345 -82.41 24.45 -42.47
CA PHE C 345 -82.70 23.02 -42.57
C PHE C 345 -84.05 22.65 -42.00
N THR C 346 -84.46 23.33 -40.93
CA THR C 346 -85.75 23.06 -40.29
C THR C 346 -86.87 23.32 -41.31
N ARG C 347 -86.50 23.95 -42.42
CA ARG C 347 -87.45 24.33 -43.47
C ARG C 347 -87.51 23.34 -44.64
N MET C 348 -86.57 22.38 -44.71
CA MET C 348 -86.75 21.23 -45.61
C MET C 348 -87.77 20.33 -44.93
N MET C 349 -87.56 20.18 -43.62
CA MET C 349 -88.40 19.40 -42.75
C MET C 349 -89.84 19.94 -42.66
N ALA C 350 -90.05 21.16 -43.16
CA ALA C 350 -91.41 21.71 -43.35
C ALA C 350 -92.27 20.86 -44.28
N GLY C 351 -91.76 20.62 -45.50
CA GLY C 351 -92.44 19.82 -46.52
C GLY C 351 -92.40 18.31 -46.23
N LEU C 352 -91.27 17.86 -45.70
CA LEU C 352 -91.10 16.49 -45.27
C LEU C 352 -92.08 16.20 -44.14
N GLY C 353 -92.18 17.15 -43.21
CA GLY C 353 -93.08 16.97 -42.09
C GLY C 353 -94.53 16.88 -42.50
N GLU C 354 -94.97 17.76 -43.40
CA GLU C 354 -96.34 17.71 -43.89
C GLU C 354 -96.55 16.40 -44.64
N ALA C 355 -95.56 16.04 -45.45
CA ALA C 355 -95.56 14.78 -46.16
C ALA C 355 -95.52 13.62 -45.18
N LEU C 356 -94.73 13.80 -44.11
CA LEU C 356 -94.60 12.77 -43.08
C LEU C 356 -95.92 12.55 -42.36
N GLY C 357 -96.58 13.64 -42.00
CA GLY C 357 -97.85 13.57 -41.30
C GLY C 357 -97.69 13.62 -39.80
N LYS C 370 -91.89 9.36 -34.55
CA LYS C 370 -92.22 8.96 -35.91
C LYS C 370 -91.00 8.41 -36.67
N ALA C 371 -89.82 8.84 -36.21
CA ALA C 371 -88.46 8.41 -36.67
C ALA C 371 -88.12 8.34 -38.20
N ARG C 372 -86.89 7.88 -38.51
CA ARG C 372 -86.30 7.61 -39.86
C ARG C 372 -86.14 8.78 -40.79
N LYS C 373 -86.43 8.56 -42.07
CA LYS C 373 -86.62 9.64 -43.03
C LYS C 373 -85.36 10.43 -43.36
N ALA C 374 -84.78 11.08 -42.36
CA ALA C 374 -83.57 11.85 -42.63
C ALA C 374 -82.42 10.88 -42.55
N ILE C 375 -82.51 9.85 -43.37
CA ILE C 375 -81.45 8.88 -43.56
C ILE C 375 -81.22 8.81 -45.06
N LEU C 376 -82.05 9.53 -45.80
CA LEU C 376 -81.98 9.44 -47.29
C LEU C 376 -83.26 10.03 -47.94
N GLU C 377 -83.07 10.71 -49.06
CA GLU C 377 -84.17 11.43 -49.68
C GLU C 377 -83.93 11.76 -51.15
N GLY C 378 -85.01 12.09 -51.84
CA GLY C 378 -84.98 12.56 -53.20
C GLY C 378 -85.15 11.56 -54.33
N ALA C 379 -85.78 12.07 -55.38
CA ALA C 379 -86.05 11.39 -56.64
C ALA C 379 -87.30 10.55 -56.45
N ASP C 380 -87.80 10.61 -55.22
CA ASP C 380 -89.10 10.08 -54.83
C ASP C 380 -89.85 11.22 -54.13
N GLU C 381 -89.20 12.38 -54.06
CA GLU C 381 -89.70 13.52 -53.31
C GLU C 381 -88.89 14.80 -53.53
N GLN C 382 -89.48 15.91 -53.10
CA GLN C 382 -88.88 17.23 -53.21
C GLN C 382 -89.59 18.28 -52.35
N VAL C 383 -88.86 19.33 -51.98
CA VAL C 383 -89.45 20.46 -51.22
C VAL C 383 -88.70 21.76 -51.50
N HIS C 384 -89.37 22.91 -51.33
CA HIS C 384 -88.78 24.25 -51.53
C HIS C 384 -89.19 25.27 -50.46
N VAL C 385 -88.52 26.43 -50.42
CA VAL C 385 -88.96 27.61 -49.63
C VAL C 385 -88.20 28.87 -50.05
N ARG C 386 -88.83 30.03 -49.85
CA ARG C 386 -88.20 31.32 -50.21
C ARG C 386 -87.16 31.76 -49.18
N TYR C 387 -86.29 32.67 -49.62
CA TYR C 387 -85.23 33.28 -48.81
C TYR C 387 -85.32 34.78 -49.03
N ARG C 388 -85.26 35.57 -47.95
CA ARG C 388 -85.36 37.03 -48.11
C ARG C 388 -84.09 37.59 -48.77
N ASN C 389 -84.15 37.64 -50.11
CA ASN C 389 -83.04 37.86 -51.06
C ASN C 389 -81.98 38.93 -50.78
N ARG C 390 -80.80 38.74 -51.37
CA ARG C 390 -79.68 39.69 -51.27
C ARG C 390 -80.13 41.15 -51.32
N TYR C 391 -81.35 41.34 -51.83
CA TYR C 391 -81.95 42.64 -52.03
C TYR C 391 -83.15 42.88 -51.10
N GLY C 392 -83.68 41.79 -50.57
CA GLY C 392 -84.99 41.81 -49.90
C GLY C 392 -86.05 41.27 -50.85
N ARG C 393 -85.72 41.25 -52.14
CA ARG C 393 -86.64 40.92 -53.25
C ARG C 393 -87.58 39.74 -53.08
N THR C 394 -87.19 38.76 -52.27
CA THR C 394 -87.89 37.46 -52.15
C THR C 394 -87.98 36.69 -53.47
N ARG C 395 -87.30 35.55 -53.52
CA ARG C 395 -87.54 34.59 -54.56
C ARG C 395 -87.82 33.28 -53.86
N SER C 396 -88.64 32.45 -54.48
CA SER C 396 -88.89 31.13 -53.93
C SER C 396 -87.98 30.16 -54.64
N TYR C 397 -87.81 29.00 -54.02
CA TYR C 397 -86.87 27.98 -54.50
C TYR C 397 -87.71 26.94 -55.23
N TYR C 398 -87.05 25.85 -55.62
CA TYR C 398 -87.68 24.69 -56.29
C TYR C 398 -87.63 23.38 -55.51
N ALA C 399 -88.67 22.54 -55.68
CA ALA C 399 -88.79 21.25 -54.99
C ALA C 399 -87.52 20.36 -55.12
N ASP C 400 -86.70 20.35 -54.06
CA ASP C 400 -85.32 19.85 -54.13
C ASP C 400 -85.01 18.58 -53.34
N PHE C 401 -84.90 17.47 -54.06
CA PHE C 401 -84.46 16.17 -53.54
C PHE C 401 -83.93 16.37 -52.12
N GLU C 402 -84.77 16.13 -51.11
CA GLU C 402 -84.42 16.59 -49.76
C GLU C 402 -82.98 16.26 -49.40
N GLY C 403 -82.23 17.32 -49.10
CA GLY C 403 -80.79 17.25 -48.85
C GLY C 403 -80.36 16.29 -47.78
N VAL C 404 -80.90 15.07 -47.85
CA VAL C 404 -80.31 13.85 -47.30
C VAL C 404 -79.22 14.05 -46.23
N LEU C 405 -79.56 13.84 -44.96
CA LEU C 405 -78.61 14.07 -43.85
C LEU C 405 -77.34 13.23 -43.97
N ALA C 406 -77.47 11.90 -43.84
CA ALA C 406 -76.36 10.98 -44.01
C ALA C 406 -75.83 10.97 -45.45
N PHE C 407 -76.26 11.96 -46.23
CA PHE C 407 -75.73 12.20 -47.55
C PHE C 407 -75.43 13.69 -47.77
N LEU C 408 -75.42 14.49 -46.68
CA LEU C 408 -74.78 15.83 -46.70
C LEU C 408 -73.28 15.56 -46.82
N GLN C 409 -72.97 14.27 -46.88
CA GLN C 409 -71.70 13.72 -46.43
C GLN C 409 -70.58 13.74 -47.42
N ARG C 410 -70.90 14.06 -48.66
CA ARG C 410 -69.87 14.23 -49.64
C ARG C 410 -69.43 15.69 -49.62
N LYS C 411 -70.30 16.57 -49.11
CA LYS C 411 -70.00 18.01 -48.96
C LYS C 411 -69.27 18.24 -47.61
N MET C 412 -68.24 17.42 -47.39
CA MET C 412 -67.58 17.21 -46.10
C MET C 412 -66.72 15.94 -46.16
N SER C 413 -66.84 15.21 -47.28
CA SER C 413 -65.83 14.27 -47.78
C SER C 413 -65.23 14.95 -49.01
N GLN C 414 -65.66 16.20 -49.21
CA GLN C 414 -65.07 17.17 -50.12
C GLN C 414 -64.83 18.41 -49.27
N THR C 415 -65.84 18.77 -48.47
CA THR C 415 -65.88 19.98 -47.63
C THR C 415 -65.50 21.24 -48.42
N GLU C 416 -65.02 22.30 -47.74
CA GLU C 416 -64.16 23.29 -48.37
C GLU C 416 -62.84 22.51 -48.42
N SER C 417 -62.73 21.66 -47.40
CA SER C 417 -61.56 20.85 -47.04
C SER C 417 -60.67 21.64 -46.07
N GLU C 418 -60.16 20.90 -45.07
CA GLU C 418 -59.30 21.39 -43.99
C GLU C 418 -59.49 20.62 -42.70
N GLN C 419 -58.52 20.78 -41.81
CA GLN C 419 -58.52 20.07 -40.55
C GLN C 419 -59.58 20.62 -39.57
N MET C 420 -60.62 21.22 -40.15
CA MET C 420 -61.84 21.55 -39.42
C MET C 420 -63.00 20.66 -39.93
N LYS C 421 -62.75 19.86 -40.95
CA LYS C 421 -63.72 18.87 -41.43
C LYS C 421 -63.87 17.73 -40.42
N GLU C 422 -63.09 17.79 -39.36
CA GLU C 422 -63.16 16.80 -38.30
C GLU C 422 -64.41 17.03 -37.49
N ARG C 423 -64.84 18.29 -37.42
CA ARG C 423 -66.11 18.61 -36.79
C ARG C 423 -67.20 18.04 -37.67
N TYR C 424 -66.89 17.87 -38.96
CA TYR C 424 -67.71 17.06 -39.86
C TYR C 424 -67.51 15.59 -39.51
N GLU C 425 -66.34 15.03 -39.84
CA GLU C 425 -66.03 13.65 -39.50
C GLU C 425 -66.62 13.26 -38.14
N GLY C 426 -66.42 14.10 -37.13
CA GLY C 426 -66.82 13.82 -35.73
C GLY C 426 -68.22 13.31 -35.42
N PHE C 427 -68.93 12.83 -36.43
CA PHE C 427 -70.29 12.29 -36.28
C PHE C 427 -70.36 10.80 -36.53
N MET C 428 -69.83 10.36 -37.66
CA MET C 428 -69.69 8.93 -37.91
C MET C 428 -68.79 8.31 -36.85
N ARG C 429 -68.94 7.01 -36.63
CA ARG C 429 -67.95 6.24 -35.88
C ARG C 429 -67.37 5.14 -36.75
N ASP C 430 -66.18 4.69 -36.37
CA ASP C 430 -65.56 3.56 -37.02
C ASP C 430 -66.33 2.35 -36.53
N VAL C 431 -66.76 1.50 -37.47
CA VAL C 431 -67.43 0.24 -37.11
C VAL C 431 -66.89 -0.92 -37.92
N PRO C 432 -67.33 -2.15 -37.59
CA PRO C 432 -66.77 -3.27 -38.34
C PRO C 432 -67.16 -3.18 -39.81
N CYS C 433 -66.20 -3.29 -40.71
CA CYS C 433 -66.50 -3.38 -42.14
C CYS C 433 -67.30 -4.65 -42.36
N PRO C 434 -68.48 -4.51 -42.98
CA PRO C 434 -69.43 -5.61 -42.99
C PRO C 434 -68.93 -6.67 -43.91
N VAL C 435 -68.46 -6.31 -45.09
CA VAL C 435 -68.19 -7.31 -46.12
C VAL C 435 -67.18 -8.33 -45.60
N CYS C 436 -66.21 -7.84 -44.83
CA CYS C 436 -65.12 -8.67 -44.30
C CYS C 436 -65.39 -9.13 -42.87
N ALA C 437 -66.54 -8.76 -42.33
CA ALA C 437 -66.82 -9.14 -40.97
C ALA C 437 -65.66 -8.65 -40.09
N GLY C 438 -65.02 -7.55 -40.48
CA GLY C 438 -64.03 -6.94 -39.58
C GLY C 438 -62.78 -7.78 -39.34
N THR C 439 -62.46 -8.65 -40.30
CA THR C 439 -61.32 -9.56 -40.21
C THR C 439 -60.09 -8.93 -40.89
N ARG C 440 -60.31 -7.90 -41.68
CA ARG C 440 -59.32 -7.36 -42.62
C ARG C 440 -59.09 -8.34 -43.79
N LEU C 441 -59.67 -9.53 -43.72
CA LEU C 441 -59.31 -10.50 -44.71
C LEU C 441 -60.38 -11.01 -45.65
N LYS C 442 -59.88 -11.79 -46.60
CA LYS C 442 -60.64 -12.29 -47.74
C LYS C 442 -61.22 -13.65 -47.55
N PRO C 443 -62.46 -13.76 -48.00
CA PRO C 443 -63.26 -14.88 -48.36
C PRO C 443 -62.59 -16.22 -48.29
N GLU C 444 -61.67 -16.36 -49.22
CA GLU C 444 -61.06 -17.60 -49.52
C GLU C 444 -60.18 -17.88 -48.34
N ILE C 445 -59.54 -16.82 -47.83
CA ILE C 445 -58.59 -16.92 -46.71
C ILE C 445 -59.28 -17.35 -45.42
N LEU C 446 -60.38 -16.68 -45.08
CA LEU C 446 -61.20 -17.10 -43.93
C LEU C 446 -61.69 -18.55 -44.06
N ALA C 447 -61.97 -18.99 -45.29
CA ALA C 447 -62.40 -20.36 -45.55
C ALA C 447 -61.25 -21.36 -45.35
N VAL C 448 -60.01 -20.88 -45.39
CA VAL C 448 -58.82 -21.71 -45.09
C VAL C 448 -58.57 -21.79 -43.58
N THR C 449 -58.47 -23.02 -43.08
CA THR C 449 -58.60 -23.27 -41.63
C THR C 449 -57.69 -24.37 -41.10
N LEU C 450 -57.11 -24.18 -39.91
CA LEU C 450 -56.39 -25.24 -39.22
C LEU C 450 -57.35 -26.01 -38.33
N ALA C 451 -57.00 -27.24 -37.94
CA ALA C 451 -57.99 -28.16 -37.33
C ALA C 451 -58.33 -27.97 -35.82
N GLY C 452 -59.48 -27.33 -35.57
CA GLY C 452 -60.00 -27.11 -34.21
C GLY C 452 -61.51 -26.90 -34.16
N HIS C 458 -59.15 -21.71 -37.51
CA HIS C 458 -59.48 -21.08 -38.79
C HIS C 458 -58.80 -19.72 -38.94
N GLY C 459 -58.68 -19.21 -40.16
CA GLY C 459 -57.94 -17.97 -40.29
C GLY C 459 -58.49 -16.75 -39.57
N ALA C 460 -59.78 -16.47 -39.69
CA ALA C 460 -60.36 -15.32 -38.99
C ALA C 460 -60.38 -15.41 -37.46
N LYS C 461 -60.75 -16.57 -36.95
CA LYS C 461 -60.88 -16.83 -35.52
C LYS C 461 -59.61 -16.86 -34.65
N SER C 462 -58.53 -17.43 -35.17
CA SER C 462 -57.35 -17.64 -34.32
C SER C 462 -56.76 -16.37 -33.71
N ILE C 463 -56.63 -15.32 -34.51
CA ILE C 463 -56.11 -14.05 -34.02
C ILE C 463 -57.00 -13.37 -32.97
N ALA C 464 -58.30 -13.45 -33.21
CA ALA C 464 -59.35 -12.73 -32.43
C ALA C 464 -59.63 -13.42 -31.11
N GLU C 465 -58.60 -13.48 -30.28
CA GLU C 465 -58.34 -14.66 -29.49
C GLU C 465 -58.25 -14.64 -27.99
N VAL C 466 -57.62 -13.60 -27.47
CA VAL C 466 -57.04 -13.66 -26.14
C VAL C 466 -55.99 -14.67 -26.41
N CYS C 467 -54.81 -14.15 -26.72
CA CYS C 467 -53.64 -14.93 -27.05
C CYS C 467 -53.60 -16.08 -26.06
N GLU C 468 -54.07 -15.79 -24.87
CA GLU C 468 -54.22 -16.85 -23.95
C GLU C 468 -55.47 -17.64 -24.23
N LEU C 469 -56.62 -17.01 -23.89
CA LEU C 469 -57.92 -17.66 -23.56
C LEU C 469 -58.25 -18.17 -24.94
N SER C 470 -57.78 -19.39 -25.22
CA SER C 470 -57.31 -19.73 -26.54
C SER C 470 -55.89 -19.96 -27.07
N ILE C 471 -55.42 -19.03 -27.89
CA ILE C 471 -54.48 -19.35 -28.97
C ILE C 471 -53.22 -20.04 -28.48
N ALA C 472 -52.66 -19.51 -27.42
CA ALA C 472 -51.56 -20.18 -26.74
C ALA C 472 -51.96 -21.58 -26.26
N ASP C 473 -53.24 -21.92 -26.31
CA ASP C 473 -53.66 -23.27 -25.98
C ASP C 473 -54.15 -23.93 -27.22
N CYS C 474 -54.66 -23.15 -28.17
CA CYS C 474 -55.21 -23.75 -29.36
C CYS C 474 -54.07 -24.19 -30.31
N ALA C 475 -53.44 -23.20 -30.96
CA ALA C 475 -52.25 -23.40 -31.79
C ALA C 475 -51.20 -24.19 -31.02
N ASP C 476 -51.53 -24.55 -29.78
CA ASP C 476 -50.63 -25.23 -28.87
C ASP C 476 -51.13 -26.63 -28.63
N PHE C 477 -52.32 -26.71 -28.01
CA PHE C 477 -53.07 -27.94 -27.68
C PHE C 477 -53.86 -28.84 -28.69
N LEU C 478 -54.68 -28.24 -29.57
CA LEU C 478 -55.53 -28.96 -30.53
C LEU C 478 -54.89 -29.01 -31.93
N ASN C 479 -53.93 -28.12 -32.10
CA ASN C 479 -53.23 -28.03 -33.35
C ASN C 479 -52.12 -29.02 -33.30
N ALA C 480 -51.37 -28.99 -32.19
CA ALA C 480 -50.16 -29.82 -31.99
C ALA C 480 -50.39 -31.26 -32.43
N LEU C 481 -51.52 -31.81 -31.96
CA LEU C 481 -51.99 -33.13 -32.34
C LEU C 481 -52.31 -33.04 -33.82
N THR C 482 -53.45 -32.41 -34.16
CA THR C 482 -53.97 -32.39 -35.54
C THR C 482 -52.80 -32.47 -36.53
N LEU C 483 -51.75 -31.65 -36.29
CA LEU C 483 -50.61 -31.49 -37.20
C LEU C 483 -50.14 -32.80 -37.81
N GLY C 484 -50.75 -33.12 -38.96
CA GLY C 484 -50.61 -34.38 -39.69
C GLY C 484 -49.22 -34.59 -40.22
N PRO C 485 -48.85 -35.85 -40.44
CA PRO C 485 -47.46 -36.27 -40.62
C PRO C 485 -46.75 -35.56 -41.78
N ARG C 486 -47.51 -35.21 -42.82
CA ARG C 486 -47.01 -34.41 -43.96
C ARG C 486 -46.61 -33.03 -43.45
N GLU C 487 -47.53 -32.40 -42.71
CA GLU C 487 -47.47 -30.99 -42.28
C GLU C 487 -46.60 -30.78 -41.03
N GLN C 488 -46.53 -31.79 -40.18
CA GLN C 488 -45.61 -31.82 -39.05
C GLN C 488 -44.18 -31.69 -39.54
N ALA C 489 -43.90 -32.33 -40.69
CA ALA C 489 -42.56 -32.29 -41.30
C ALA C 489 -42.27 -30.93 -41.94
N ILE C 490 -43.29 -30.32 -42.54
CA ILE C 490 -43.11 -29.09 -43.34
C ILE C 490 -43.49 -27.78 -42.60
N ALA C 491 -44.28 -27.90 -41.53
CA ALA C 491 -44.80 -26.74 -40.80
C ALA C 491 -44.65 -26.95 -39.31
N GLY C 492 -44.02 -28.04 -38.92
CA GLY C 492 -43.96 -28.41 -37.51
C GLY C 492 -43.19 -27.38 -36.68
N GLN C 493 -42.04 -26.99 -37.21
CA GLN C 493 -41.12 -26.05 -36.57
C GLN C 493 -41.75 -24.65 -36.45
N VAL C 494 -42.49 -24.27 -37.47
CA VAL C 494 -43.20 -23.00 -37.45
C VAL C 494 -44.19 -22.98 -36.29
N LEU C 495 -44.94 -24.06 -36.15
CA LEU C 495 -45.96 -24.18 -35.11
C LEU C 495 -45.32 -24.02 -33.77
N LYS C 496 -44.08 -24.47 -33.65
CA LYS C 496 -43.36 -24.41 -32.40
C LYS C 496 -42.99 -22.97 -32.12
N GLU C 497 -42.41 -22.35 -33.13
CA GLU C 497 -41.94 -21.01 -33.03
C GLU C 497 -43.04 -20.05 -32.60
N ILE C 498 -44.26 -20.35 -33.04
CA ILE C 498 -45.44 -19.55 -32.67
C ILE C 498 -45.65 -19.66 -31.14
N ARG C 499 -45.82 -20.88 -30.63
CA ARG C 499 -46.19 -21.05 -29.22
C ARG C 499 -45.11 -20.56 -28.24
N SER C 500 -43.85 -20.67 -28.65
CA SER C 500 -42.78 -20.08 -27.87
C SER C 500 -43.15 -18.65 -27.60
N ARG C 501 -43.51 -17.99 -28.70
CA ARG C 501 -43.79 -16.56 -28.69
C ARG C 501 -45.04 -16.18 -27.91
N LEU C 502 -46.13 -16.91 -28.15
CA LEU C 502 -47.32 -16.74 -27.34
C LEU C 502 -46.93 -16.85 -25.89
N GLY C 503 -46.13 -17.88 -25.60
CA GLY C 503 -45.58 -18.10 -24.27
C GLY C 503 -45.08 -16.81 -23.64
N PHE C 504 -44.03 -16.23 -24.21
CA PHE C 504 -43.41 -15.05 -23.60
C PHE C 504 -44.42 -14.00 -23.34
N LEU C 505 -45.38 -13.85 -24.26
CA LEU C 505 -46.46 -12.89 -24.07
C LEU C 505 -47.21 -13.11 -22.77
N LEU C 506 -47.63 -14.35 -22.51
CA LEU C 506 -48.26 -14.71 -21.24
C LEU C 506 -47.36 -14.33 -20.08
N ASP C 507 -46.07 -14.64 -20.24
CA ASP C 507 -45.05 -14.35 -19.24
C ASP C 507 -45.03 -12.90 -18.83
N VAL C 508 -45.08 -11.99 -19.80
CA VAL C 508 -45.16 -10.57 -19.48
C VAL C 508 -46.58 -10.20 -19.02
N GLY C 509 -47.41 -11.23 -18.86
CA GLY C 509 -48.73 -11.06 -18.30
C GLY C 509 -49.68 -10.38 -19.27
N LEU C 510 -49.44 -10.59 -20.55
CA LEU C 510 -50.33 -10.05 -21.58
C LEU C 510 -51.42 -11.04 -22.01
N GLU C 511 -51.72 -12.02 -21.14
CA GLU C 511 -52.65 -13.07 -21.53
C GLU C 511 -53.98 -12.54 -22.09
N TYR C 512 -54.36 -11.35 -21.67
CA TYR C 512 -55.72 -10.91 -21.80
C TYR C 512 -56.03 -10.22 -23.07
N LEU C 513 -55.04 -9.78 -23.82
CA LEU C 513 -55.42 -9.15 -25.07
C LEU C 513 -55.34 -10.20 -26.14
N SER C 514 -55.76 -9.82 -27.34
CA SER C 514 -55.87 -10.74 -28.45
C SER C 514 -54.80 -10.43 -29.47
N LEU C 515 -54.41 -11.45 -30.23
CA LEU C 515 -53.46 -11.24 -31.33
C LEU C 515 -53.96 -10.18 -32.31
N SER C 516 -55.27 -10.15 -32.52
CA SER C 516 -55.84 -9.31 -33.56
C SER C 516 -55.99 -7.85 -33.16
N ARG C 517 -55.70 -7.52 -31.89
CA ARG C 517 -55.89 -6.15 -31.38
C ARG C 517 -55.00 -5.14 -32.09
N ALA C 518 -55.58 -3.98 -32.39
CA ALA C 518 -54.95 -3.00 -33.28
C ALA C 518 -53.85 -2.36 -32.53
N ALA C 519 -52.66 -2.33 -33.14
CA ALA C 519 -51.51 -1.61 -32.56
C ALA C 519 -52.00 -0.38 -31.77
N ALA C 520 -52.70 0.50 -32.48
CA ALA C 520 -53.16 1.75 -31.93
C ALA C 520 -53.98 1.59 -30.66
N THR C 521 -54.51 0.41 -30.37
CA THR C 521 -55.31 0.27 -29.15
C THR C 521 -54.46 0.04 -27.90
N LEU C 522 -53.14 -0.07 -28.04
CA LEU C 522 -52.30 -0.50 -26.91
C LEU C 522 -51.78 0.67 -26.09
N SER C 523 -51.84 0.52 -24.77
CA SER C 523 -51.23 1.49 -23.84
C SER C 523 -49.72 1.40 -23.97
N GLY C 524 -49.05 2.50 -23.63
CA GLY C 524 -47.59 2.51 -23.64
C GLY C 524 -47.04 1.30 -22.92
N GLY C 525 -47.52 1.12 -21.68
CA GLY C 525 -47.18 -0.05 -20.88
C GLY C 525 -47.30 -1.29 -21.74
N GLU C 526 -48.50 -1.54 -22.22
CA GLU C 526 -48.76 -2.76 -22.97
C GLU C 526 -47.77 -2.88 -24.13
N ALA C 527 -47.58 -1.77 -24.82
CA ALA C 527 -46.65 -1.75 -25.94
C ALA C 527 -45.28 -2.20 -25.48
N GLN C 528 -44.86 -1.62 -24.35
CA GLN C 528 -43.54 -1.84 -23.79
C GLN C 528 -43.42 -3.28 -23.30
N ARG C 529 -44.41 -3.72 -22.51
CA ARG C 529 -44.51 -5.09 -22.08
C ARG C 529 -44.30 -6.09 -23.25
N ILE C 530 -44.85 -5.77 -24.42
CA ILE C 530 -44.58 -6.58 -25.62
C ILE C 530 -43.07 -6.62 -25.96
N ARG C 531 -42.51 -5.46 -26.22
CA ARG C 531 -41.10 -5.32 -26.56
C ARG C 531 -40.27 -6.22 -25.60
N LEU C 532 -40.60 -6.08 -24.31
CA LEU C 532 -39.98 -6.85 -23.26
C LEU C 532 -40.03 -8.32 -23.61
N ALA C 533 -41.21 -8.78 -24.04
CA ALA C 533 -41.32 -10.20 -24.40
C ALA C 533 -40.44 -10.53 -25.61
N THR C 534 -40.52 -9.71 -26.65
CA THR C 534 -39.69 -9.92 -27.84
C THR C 534 -38.24 -10.06 -27.41
N GLN C 535 -37.83 -9.09 -26.57
CA GLN C 535 -36.51 -9.09 -26.00
C GLN C 535 -36.26 -10.35 -25.22
N ILE C 536 -36.99 -10.55 -24.14
CA ILE C 536 -36.85 -11.78 -23.39
C ILE C 536 -36.54 -12.96 -24.31
N GLY C 537 -37.30 -13.03 -25.42
CA GLY C 537 -37.35 -14.20 -26.26
C GLY C 537 -36.28 -14.17 -27.29
N SER C 538 -35.69 -13.01 -27.53
CA SER C 538 -34.56 -12.92 -28.42
C SER C 538 -33.46 -13.92 -28.11
N GLY C 539 -33.29 -14.23 -26.82
CA GLY C 539 -32.22 -15.16 -26.36
C GLY C 539 -30.81 -14.55 -26.43
N LEU C 540 -30.79 -13.22 -26.49
CA LEU C 540 -29.56 -12.49 -26.53
C LEU C 540 -29.01 -12.48 -25.14
N VAL C 541 -27.71 -12.50 -25.10
CA VAL C 541 -26.94 -12.41 -23.90
C VAL C 541 -25.90 -11.28 -24.07
N GLY C 542 -25.54 -10.63 -22.98
CA GLY C 542 -24.41 -9.71 -23.04
C GLY C 542 -24.89 -8.31 -23.30
N VAL C 543 -26.22 -8.18 -23.32
CA VAL C 543 -26.94 -6.96 -23.62
C VAL C 543 -27.10 -6.13 -22.35
N LEU C 544 -27.01 -4.83 -22.52
CA LEU C 544 -27.46 -3.88 -21.53
C LEU C 544 -28.93 -3.43 -21.81
N TYR C 545 -29.90 -3.94 -21.08
CA TYR C 545 -31.26 -3.45 -21.30
C TYR C 545 -31.50 -2.24 -20.42
N VAL C 546 -31.92 -1.13 -21.03
CA VAL C 546 -32.26 0.04 -20.25
C VAL C 546 -33.72 0.33 -20.35
N LEU C 547 -34.41 0.19 -19.23
CA LEU C 547 -35.87 0.21 -19.22
C LEU C 547 -36.41 1.47 -18.58
N ASP C 548 -37.49 1.98 -19.15
CA ASP C 548 -38.10 3.17 -18.61
C ASP C 548 -39.40 2.89 -17.87
N GLU C 549 -39.32 2.94 -16.54
CA GLU C 549 -40.46 2.80 -15.65
C GLU C 549 -41.50 1.79 -16.12
N PRO C 550 -41.13 0.52 -16.21
CA PRO C 550 -42.01 -0.46 -16.79
C PRO C 550 -43.19 -0.83 -15.89
N SER C 551 -43.18 -0.33 -14.65
CA SER C 551 -44.25 -0.54 -13.70
C SER C 551 -45.48 0.34 -14.02
N ILE C 552 -45.37 1.16 -15.05
CA ILE C 552 -46.44 2.08 -15.46
C ILE C 552 -47.60 1.32 -16.06
N GLY C 553 -48.80 1.88 -15.86
CA GLY C 553 -50.04 1.27 -16.39
C GLY C 553 -50.16 -0.20 -16.04
N LEU C 554 -49.49 -0.61 -14.97
CA LEU C 554 -49.43 -1.97 -14.55
C LEU C 554 -50.02 -2.01 -13.15
N HIS C 555 -50.85 -3.02 -12.86
CA HIS C 555 -51.51 -3.05 -11.55
C HIS C 555 -50.53 -3.50 -10.50
N GLN C 556 -50.79 -3.09 -9.26
CA GLN C 556 -49.92 -3.42 -8.18
C GLN C 556 -49.77 -4.95 -8.05
N ARG C 557 -50.76 -5.68 -8.53
CA ARG C 557 -50.70 -7.13 -8.55
C ARG C 557 -49.60 -7.61 -9.50
N ASP C 558 -49.81 -7.41 -10.79
CA ASP C 558 -48.86 -7.83 -11.79
C ASP C 558 -47.45 -7.30 -11.54
N ASN C 559 -47.27 -6.47 -10.51
CA ASN C 559 -45.98 -5.85 -10.32
C ASN C 559 -44.96 -6.87 -9.94
N ARG C 560 -45.17 -7.54 -8.82
CA ARG C 560 -44.19 -8.53 -8.41
C ARG C 560 -43.95 -9.64 -9.47
N ARG C 561 -44.90 -9.83 -10.38
CA ARG C 561 -44.73 -10.75 -11.51
C ARG C 561 -43.70 -10.26 -12.49
N LEU C 562 -43.83 -8.99 -12.84
CA LEU C 562 -42.95 -8.32 -13.76
C LEU C 562 -41.53 -8.26 -13.23
N ILE C 563 -41.38 -7.99 -11.93
CA ILE C 563 -40.07 -8.06 -11.29
C ILE C 563 -39.34 -9.42 -11.51
N GLU C 564 -40.10 -10.51 -11.66
CA GLU C 564 -39.50 -11.80 -11.97
C GLU C 564 -38.99 -11.85 -13.39
N THR C 565 -39.84 -11.53 -14.35
CA THR C 565 -39.42 -11.54 -15.74
C THR C 565 -38.24 -10.57 -15.95
N LEU C 566 -38.22 -9.48 -15.20
CA LEU C 566 -37.11 -8.58 -15.19
C LEU C 566 -35.87 -9.29 -14.71
N THR C 567 -35.97 -9.99 -13.61
CA THR C 567 -34.80 -10.71 -13.10
C THR C 567 -34.35 -11.85 -14.00
N ARG C 568 -35.26 -12.69 -14.49
CA ARG C 568 -34.81 -13.75 -15.39
C ARG C 568 -34.10 -13.20 -16.64
N LEU C 569 -34.47 -11.99 -17.06
CA LEU C 569 -33.76 -11.30 -18.13
C LEU C 569 -32.32 -11.06 -17.73
N ARG C 570 -32.10 -10.65 -16.47
CA ARG C 570 -30.74 -10.43 -15.91
C ARG C 570 -30.04 -11.74 -15.84
N ASP C 571 -30.72 -12.70 -15.23
CA ASP C 571 -30.20 -14.03 -15.01
C ASP C 571 -29.78 -14.79 -16.30
N LEU C 572 -30.57 -14.70 -17.35
CA LEU C 572 -30.12 -15.20 -18.65
C LEU C 572 -28.68 -14.83 -18.96
N GLY C 573 -28.17 -13.71 -18.43
CA GLY C 573 -26.80 -13.28 -18.69
C GLY C 573 -26.62 -11.85 -19.16
N ASN C 574 -27.68 -11.04 -18.97
CA ASN C 574 -27.68 -9.62 -19.32
C ASN C 574 -27.57 -8.77 -18.08
N THR C 575 -27.75 -7.47 -18.23
CA THR C 575 -27.57 -6.52 -17.13
C THR C 575 -28.56 -5.40 -17.37
N LEU C 576 -29.35 -5.06 -16.35
CA LEU C 576 -30.42 -4.06 -16.53
C LEU C 576 -30.17 -2.72 -15.87
N ILE C 577 -30.80 -1.68 -16.39
CA ILE C 577 -30.84 -0.37 -15.74
C ILE C 577 -32.26 0.09 -15.87
N VAL C 578 -32.95 0.09 -14.75
CA VAL C 578 -34.34 0.49 -14.79
C VAL C 578 -34.53 1.82 -14.09
N VAL C 579 -35.01 2.82 -14.80
CA VAL C 579 -35.40 4.06 -14.16
C VAL C 579 -36.76 3.84 -13.54
N GLU C 580 -36.85 4.14 -12.23
CA GLU C 580 -38.03 3.76 -11.46
C GLU C 580 -38.35 4.59 -10.23
N HIS C 581 -39.61 4.59 -9.81
CA HIS C 581 -39.92 5.07 -8.46
C HIS C 581 -40.82 4.13 -7.64
N ASP C 582 -40.95 2.89 -8.10
CA ASP C 582 -41.83 1.94 -7.43
C ASP C 582 -41.12 1.33 -6.22
N GLU C 583 -41.78 1.28 -5.06
CA GLU C 583 -41.14 0.70 -3.86
C GLU C 583 -40.57 -0.69 -4.17
N ASP C 584 -41.43 -1.59 -4.67
CA ASP C 584 -41.06 -3.00 -4.86
C ASP C 584 -39.85 -3.12 -5.75
N THR C 585 -39.94 -2.57 -6.97
CA THR C 585 -38.84 -2.61 -7.94
C THR C 585 -37.55 -2.18 -7.25
N ILE C 586 -37.56 -1.00 -6.64
CA ILE C 586 -36.41 -0.53 -5.88
C ILE C 586 -35.97 -1.54 -4.82
N GLU C 587 -36.90 -1.94 -3.94
CA GLU C 587 -36.57 -2.92 -2.90
C GLU C 587 -35.78 -4.05 -3.59
N HIS C 588 -36.30 -4.55 -4.71
CA HIS C 588 -35.69 -5.65 -5.45
C HIS C 588 -34.42 -5.34 -6.27
N ALA C 589 -33.96 -4.10 -6.29
CA ALA C 589 -32.78 -3.79 -7.11
C ALA C 589 -31.51 -4.41 -6.58
N ASP C 590 -30.62 -4.83 -7.46
CA ASP C 590 -29.29 -5.32 -7.04
C ASP C 590 -28.39 -4.23 -6.60
N TRP C 591 -28.68 -3.02 -7.07
CA TRP C 591 -27.81 -1.87 -6.87
C TRP C 591 -28.59 -0.66 -7.30
N ILE C 592 -28.38 0.46 -6.62
CA ILE C 592 -29.21 1.60 -6.87
C ILE C 592 -28.35 2.82 -7.11
N VAL C 593 -28.62 3.54 -8.18
CA VAL C 593 -28.07 4.88 -8.34
C VAL C 593 -29.19 5.88 -8.05
N ASP C 594 -29.05 6.67 -6.99
CA ASP C 594 -29.99 7.73 -6.65
C ASP C 594 -29.45 9.00 -7.22
N ILE C 595 -30.26 9.75 -7.94
CA ILE C 595 -29.68 10.83 -8.69
C ILE C 595 -29.93 12.23 -8.14
N GLY C 596 -28.87 13.05 -8.27
CA GLY C 596 -28.51 14.26 -7.49
C GLY C 596 -29.57 15.25 -7.16
N PRO C 597 -29.72 15.52 -5.85
CA PRO C 597 -31.05 15.64 -5.21
C PRO C 597 -31.77 16.81 -5.80
N GLY C 598 -33.06 16.65 -6.03
CA GLY C 598 -33.80 17.78 -6.63
C GLY C 598 -33.64 18.04 -8.12
N ALA C 599 -34.35 19.05 -8.60
CA ALA C 599 -34.56 19.18 -10.01
C ALA C 599 -33.45 19.98 -10.74
N GLY C 600 -33.48 19.94 -12.07
CA GLY C 600 -32.62 20.77 -12.90
C GLY C 600 -31.26 21.12 -12.33
N GLU C 601 -30.97 22.42 -12.27
CA GLU C 601 -29.70 22.93 -11.75
C GLU C 601 -29.37 22.26 -10.43
N HIS C 602 -30.37 22.21 -9.55
CA HIS C 602 -30.24 21.64 -8.21
C HIS C 602 -30.03 20.13 -8.21
N GLY C 603 -30.14 19.49 -9.38
CA GLY C 603 -29.92 18.05 -9.49
C GLY C 603 -28.68 17.66 -10.24
N GLY C 604 -28.71 16.48 -10.84
CA GLY C 604 -27.69 16.08 -11.80
C GLY C 604 -26.42 15.55 -11.17
N ARG C 605 -26.49 15.20 -9.91
CA ARG C 605 -25.35 14.67 -9.19
C ARG C 605 -25.58 13.26 -8.65
N ILE C 606 -24.61 12.34 -8.58
CA ILE C 606 -24.96 11.02 -8.04
C ILE C 606 -25.12 10.97 -6.52
N VAL C 607 -26.31 11.24 -6.01
CA VAL C 607 -26.57 11.21 -4.58
C VAL C 607 -26.15 9.91 -3.89
N HIS C 608 -26.59 8.77 -4.43
CA HIS C 608 -26.18 7.45 -3.90
C HIS C 608 -25.88 6.47 -5.05
N SER C 609 -25.05 5.48 -4.80
CA SER C 609 -24.78 4.47 -5.79
C SER C 609 -24.25 3.31 -5.03
N GLY C 610 -25.13 2.37 -4.73
CA GLY C 610 -24.77 1.18 -3.96
C GLY C 610 -26.03 0.40 -3.63
N PRO C 611 -25.89 -0.61 -2.79
CA PRO C 611 -26.95 -1.48 -2.37
C PRO C 611 -28.07 -0.73 -1.70
N TYR C 612 -29.18 -1.44 -1.54
CA TYR C 612 -30.42 -0.93 -0.95
C TYR C 612 -30.17 -0.43 0.47
N ASP C 613 -29.58 -1.27 1.31
CA ASP C 613 -29.37 -0.93 2.71
C ASP C 613 -28.66 0.39 2.84
N GLU C 614 -27.48 0.43 2.26
CA GLU C 614 -26.63 1.60 2.29
C GLU C 614 -27.35 2.87 1.87
N LEU C 615 -28.33 2.76 0.98
CA LEU C 615 -29.12 3.92 0.55
C LEU C 615 -29.99 4.42 1.68
N LEU C 616 -30.56 3.48 2.45
CA LEU C 616 -31.41 3.84 3.58
C LEU C 616 -30.66 4.73 4.56
N ARG C 617 -29.41 4.35 4.83
CA ARG C 617 -28.48 5.11 5.67
C ARG C 617 -28.29 6.53 5.18
N ASN C 618 -28.17 6.72 3.86
CA ASN C 618 -28.01 8.05 3.27
C ASN C 618 -29.11 9.02 3.69
N LYS C 619 -28.67 10.07 4.35
CA LYS C 619 -29.55 11.07 4.95
C LYS C 619 -29.85 12.18 3.96
N ASP C 620 -29.18 12.15 2.82
CA ASP C 620 -29.36 13.16 1.78
C ASP C 620 -30.27 12.63 0.66
N SER C 621 -30.55 11.33 0.69
CA SER C 621 -31.45 10.74 -0.27
C SER C 621 -32.90 11.05 0.11
N ILE C 622 -33.59 11.83 -0.72
CA ILE C 622 -35.02 12.05 -0.53
C ILE C 622 -35.71 10.72 -0.64
N THR C 623 -35.22 9.92 -1.59
CA THR C 623 -35.62 8.54 -1.80
C THR C 623 -35.45 7.75 -0.52
N GLY C 624 -34.21 7.63 -0.03
CA GLY C 624 -33.92 7.00 1.27
C GLY C 624 -34.88 7.40 2.39
N ALA C 625 -35.23 8.68 2.44
CA ALA C 625 -36.17 9.14 3.43
C ALA C 625 -37.48 8.39 3.33
N TYR C 626 -38.16 8.51 2.21
CA TYR C 626 -39.43 7.79 2.02
C TYR C 626 -39.25 6.28 2.21
N LEU C 627 -38.19 5.79 1.59
CA LEU C 627 -37.87 4.39 1.59
C LEU C 627 -37.68 3.83 2.99
N SER C 628 -36.94 4.56 3.84
CA SER C 628 -36.70 4.13 5.23
C SER C 628 -37.93 4.35 6.09
N GLY C 629 -38.69 5.37 5.76
CA GLY C 629 -39.88 5.70 6.52
C GLY C 629 -39.82 7.09 7.11
N ARG C 630 -38.61 7.68 7.19
CA ARG C 630 -38.43 9.10 7.58
C ARG C 630 -39.45 9.99 6.90
N GLU C 631 -40.00 9.51 5.78
CA GLU C 631 -41.01 10.24 5.09
C GLU C 631 -42.06 9.31 4.57
N SER C 632 -43.27 9.84 4.42
CA SER C 632 -44.35 9.11 3.79
C SER C 632 -45.43 10.08 3.35
N ILE C 633 -46.47 9.55 2.72
CA ILE C 633 -47.70 10.29 2.50
C ILE C 633 -48.70 9.66 3.44
N GLU C 634 -49.29 10.47 4.31
CA GLU C 634 -50.17 9.96 5.35
C GLU C 634 -51.62 9.87 4.92
N ILE C 635 -52.33 8.84 5.39
CA ILE C 635 -53.74 8.62 5.03
C ILE C 635 -54.63 9.62 5.78
N PRO C 636 -55.31 10.54 5.04
CA PRO C 636 -56.09 11.61 5.69
C PRO C 636 -56.95 11.03 6.81
N ALA C 637 -56.85 11.58 8.01
CA ALA C 637 -57.60 11.04 9.15
C ALA C 637 -59.09 11.30 8.99
N ILE C 638 -59.43 12.41 8.34
CA ILE C 638 -60.82 12.73 7.99
C ILE C 638 -60.93 12.88 6.47
N ARG C 639 -61.70 11.98 5.87
CA ARG C 639 -61.87 11.93 4.43
C ARG C 639 -62.99 12.87 3.96
N ARG C 640 -63.08 13.15 2.66
CA ARG C 640 -64.23 13.88 2.12
C ARG C 640 -65.44 12.96 2.06
N SER C 641 -66.59 13.42 2.57
CA SER C 641 -67.81 12.62 2.52
C SER C 641 -68.56 12.82 1.23
N VAL C 642 -69.23 11.77 0.77
CA VAL C 642 -69.81 11.73 -0.58
C VAL C 642 -71.30 12.14 -0.63
N ASP C 643 -71.70 12.89 -1.64
CA ASP C 643 -73.09 13.34 -1.72
C ASP C 643 -73.87 12.51 -2.73
N PRO C 644 -74.85 11.70 -2.23
CA PRO C 644 -75.70 10.86 -3.07
C PRO C 644 -76.51 11.65 -4.09
N ARG C 645 -77.08 12.78 -3.66
CA ARG C 645 -77.84 13.60 -4.60
C ARG C 645 -76.94 14.20 -5.69
N ARG C 646 -75.67 14.45 -5.37
CA ARG C 646 -74.77 15.04 -6.35
C ARG C 646 -73.64 14.09 -6.83
N GLN C 647 -73.94 13.35 -7.91
CA GLN C 647 -73.18 12.21 -8.45
C GLN C 647 -73.22 12.12 -9.98
N LEU C 648 -72.07 12.05 -10.62
CA LEU C 648 -72.02 11.93 -12.06
C LEU C 648 -72.07 10.45 -12.47
N THR C 649 -73.07 10.04 -13.27
CA THR C 649 -73.32 8.60 -13.52
C THR C 649 -73.36 8.12 -14.98
N VAL C 650 -72.43 7.22 -15.32
CA VAL C 650 -72.42 6.61 -16.66
C VAL C 650 -73.35 5.43 -16.67
N VAL C 651 -74.25 5.40 -17.65
CA VAL C 651 -75.33 4.43 -17.68
C VAL C 651 -75.21 3.52 -18.90
N GLY C 652 -75.14 2.21 -18.62
CA GLY C 652 -75.11 1.19 -19.64
C GLY C 652 -73.90 1.25 -20.58
N ALA C 653 -72.69 1.25 -20.03
CA ALA C 653 -71.49 1.34 -20.84
C ALA C 653 -71.23 0.02 -21.57
N ARG C 654 -71.42 0.03 -22.88
CA ARG C 654 -71.32 -1.17 -23.71
C ARG C 654 -69.95 -1.28 -24.36
N GLU C 655 -69.12 -0.23 -24.26
CA GLU C 655 -67.95 -0.12 -25.14
C GLU C 655 -66.86 -1.14 -24.80
N HIS C 656 -66.31 -1.75 -25.85
CA HIS C 656 -65.33 -2.83 -25.75
C HIS C 656 -65.68 -3.87 -24.71
N ASN C 657 -64.82 -4.07 -23.73
CA ASN C 657 -65.01 -5.13 -22.77
C ASN C 657 -65.93 -4.70 -21.64
N LEU C 658 -66.38 -3.46 -21.65
CA LEU C 658 -67.31 -3.02 -20.63
C LEU C 658 -68.65 -3.68 -20.86
N ARG C 659 -69.22 -4.14 -19.76
CA ARG C 659 -70.37 -5.00 -19.87
C ARG C 659 -71.62 -4.24 -19.48
N GLY C 660 -72.00 -3.26 -20.33
CA GLY C 660 -73.19 -2.42 -20.09
C GLY C 660 -73.33 -2.04 -18.62
N ILE C 661 -72.27 -1.53 -18.02
CA ILE C 661 -72.34 -1.19 -16.60
C ILE C 661 -72.92 0.20 -16.34
N ASP C 662 -73.48 0.34 -15.13
CA ASP C 662 -73.84 1.65 -14.60
C ASP C 662 -72.88 1.96 -13.48
N VAL C 663 -72.27 3.15 -13.51
CA VAL C 663 -71.18 3.56 -12.62
C VAL C 663 -71.39 5.02 -12.26
N SER C 664 -71.34 5.30 -10.95
CA SER C 664 -71.55 6.66 -10.46
C SER C 664 -70.32 7.20 -9.78
N PHE C 665 -69.79 8.30 -10.31
CA PHE C 665 -68.68 9.02 -9.70
C PHE C 665 -69.25 10.14 -8.87
N PRO C 666 -68.92 10.14 -7.58
CA PRO C 666 -69.32 11.20 -6.67
C PRO C 666 -68.68 12.54 -7.03
N LEU C 667 -69.50 13.59 -7.19
CA LEU C 667 -69.00 14.94 -7.53
C LEU C 667 -68.32 15.66 -6.36
N GLY C 668 -67.38 16.55 -6.69
CA GLY C 668 -66.65 17.34 -5.68
C GLY C 668 -65.88 16.50 -4.66
N VAL C 669 -65.22 15.49 -5.18
CA VAL C 669 -64.42 14.63 -4.31
C VAL C 669 -63.33 13.93 -5.15
N LEU C 670 -62.37 13.33 -4.46
CA LEU C 670 -61.29 12.61 -5.12
C LEU C 670 -61.66 11.16 -5.42
N THR C 671 -61.74 10.87 -6.71
CA THR C 671 -62.03 9.53 -7.15
C THR C 671 -60.89 8.93 -7.96
N SER C 672 -60.43 7.76 -7.50
CA SER C 672 -59.53 6.92 -8.26
C SER C 672 -60.33 5.80 -8.89
N VAL C 673 -60.18 5.65 -10.20
CA VAL C 673 -60.65 4.48 -10.90
C VAL C 673 -59.46 3.53 -10.91
N THR C 674 -59.61 2.36 -10.28
CA THR C 674 -58.54 1.38 -10.19
C THR C 674 -58.93 0.05 -10.78
N GLY C 675 -57.95 -0.83 -10.91
CA GLY C 675 -58.19 -2.15 -11.46
C GLY C 675 -57.02 -2.56 -12.30
N VAL C 676 -56.97 -3.86 -12.60
CA VAL C 676 -55.89 -4.38 -13.39
C VAL C 676 -55.89 -3.87 -14.82
N SER C 677 -54.82 -4.15 -15.53
CA SER C 677 -54.64 -3.66 -16.86
C SER C 677 -55.58 -4.42 -17.75
N GLY C 678 -56.46 -3.68 -18.43
CA GLY C 678 -57.35 -4.29 -19.40
C GLY C 678 -58.79 -4.32 -18.93
N SER C 679 -59.03 -3.79 -17.73
CA SER C 679 -60.30 -3.99 -17.06
C SER C 679 -61.27 -2.95 -17.50
N GLY C 680 -60.85 -2.13 -18.47
CA GLY C 680 -61.72 -1.06 -19.03
C GLY C 680 -61.59 0.31 -18.37
N LYS C 681 -60.61 0.42 -17.45
CA LYS C 681 -60.32 1.64 -16.72
C LYS C 681 -60.42 2.83 -17.71
N SER C 682 -59.85 2.68 -18.92
CA SER C 682 -59.83 3.80 -19.91
C SER C 682 -61.13 3.94 -20.67
N THR C 683 -61.52 2.88 -21.38
CA THR C 683 -62.80 2.85 -22.11
C THR C 683 -63.93 3.54 -21.35
N LEU C 684 -64.05 3.24 -20.06
CA LEU C 684 -65.02 3.94 -19.23
C LEU C 684 -64.70 5.41 -19.19
N VAL C 685 -63.63 5.75 -18.49
CA VAL C 685 -63.35 7.14 -18.13
C VAL C 685 -63.01 8.05 -19.31
N ASN C 686 -62.27 7.52 -20.27
CA ASN C 686 -61.82 8.33 -21.42
C ASN C 686 -62.73 8.28 -22.65
N ASP C 687 -63.09 7.09 -23.12
CA ASP C 687 -63.85 6.97 -24.36
C ASP C 687 -65.30 7.32 -24.15
N ILE C 688 -65.78 7.11 -22.94
CA ILE C 688 -67.17 7.42 -22.66
C ILE C 688 -67.24 8.67 -21.81
N LEU C 689 -67.06 8.52 -20.50
CA LEU C 689 -67.31 9.60 -19.55
C LEU C 689 -66.72 10.95 -19.98
N ALA C 690 -65.45 10.95 -20.35
CA ALA C 690 -64.78 12.17 -20.78
C ALA C 690 -65.37 12.69 -22.08
N ALA C 691 -65.45 11.80 -23.08
CA ALA C 691 -65.90 12.15 -24.45
C ALA C 691 -67.29 12.75 -24.46
N VAL C 692 -68.14 12.30 -23.53
CA VAL C 692 -69.44 12.93 -23.31
C VAL C 692 -69.30 14.34 -22.71
N LEU C 693 -68.70 14.47 -21.53
CA LEU C 693 -68.51 15.78 -20.90
C LEU C 693 -67.89 16.77 -21.88
N ALA C 694 -66.85 16.32 -22.60
CA ALA C 694 -66.22 17.13 -23.64
C ALA C 694 -67.20 17.61 -24.72
N ASN C 695 -68.39 17.01 -24.75
CA ASN C 695 -69.37 17.39 -25.73
C ASN C 695 -70.41 18.22 -25.02
N ARG C 696 -70.88 17.71 -23.90
CA ARG C 696 -71.94 18.37 -23.16
C ARG C 696 -71.47 19.55 -22.27
N LEU C 697 -70.18 19.82 -22.19
CA LEU C 697 -69.72 20.93 -21.35
C LEU C 697 -68.80 21.86 -22.09
N ASN C 698 -68.09 21.35 -23.08
CA ASN C 698 -67.13 22.14 -23.82
C ASN C 698 -67.45 22.13 -25.30
N GLY C 699 -68.57 21.48 -25.62
CA GLY C 699 -69.08 21.42 -26.98
C GLY C 699 -68.13 21.03 -28.11
N ALA C 700 -67.23 20.07 -27.88
CA ALA C 700 -66.52 19.45 -28.98
C ALA C 700 -67.49 18.48 -29.65
N ARG C 701 -67.26 18.21 -30.94
CA ARG C 701 -68.03 17.17 -31.63
C ARG C 701 -67.19 15.86 -31.78
N GLN C 702 -67.12 15.15 -30.66
CA GLN C 702 -66.22 14.02 -30.46
C GLN C 702 -67.01 12.74 -30.09
N VAL C 703 -66.57 11.61 -30.65
CA VAL C 703 -67.33 10.34 -30.66
C VAL C 703 -67.26 9.52 -29.37
N PRO C 704 -68.26 9.62 -28.46
CA PRO C 704 -68.08 8.75 -27.27
C PRO C 704 -68.34 7.25 -27.57
N GLY C 705 -67.62 6.38 -26.84
CA GLY C 705 -67.79 4.93 -26.91
C GLY C 705 -69.21 4.56 -26.53
N ARG C 706 -69.74 3.56 -27.25
CA ARG C 706 -71.12 3.13 -27.11
C ARG C 706 -71.56 3.09 -25.64
N HIS C 707 -72.65 3.76 -25.31
CA HIS C 707 -73.25 3.65 -23.97
C HIS C 707 -74.69 4.17 -23.98
N THR C 708 -75.34 4.18 -22.83
CA THR C 708 -76.70 4.68 -22.81
C THR C 708 -76.69 6.20 -22.66
N ARG C 709 -76.31 6.67 -21.46
CA ARG C 709 -76.08 8.11 -21.24
C ARG C 709 -75.48 8.47 -19.89
N VAL C 710 -75.42 9.77 -19.63
CA VAL C 710 -74.80 10.32 -18.42
C VAL C 710 -75.76 11.17 -17.55
N THR C 711 -75.69 10.93 -16.26
CA THR C 711 -76.68 11.43 -15.29
C THR C 711 -76.34 12.79 -14.70
N GLY C 712 -77.41 13.56 -14.49
CA GLY C 712 -77.40 14.96 -14.03
C GLY C 712 -76.64 15.77 -15.06
N LEU C 713 -75.36 16.01 -14.69
CA LEU C 713 -74.30 16.58 -15.52
C LEU C 713 -74.32 18.10 -15.52
N ASP C 714 -75.52 18.68 -15.38
CA ASP C 714 -75.69 20.14 -15.30
C ASP C 714 -75.15 20.70 -13.98
N TYR C 715 -74.58 19.82 -13.16
CA TYR C 715 -73.89 20.20 -11.93
C TYR C 715 -72.46 20.70 -12.17
N LEU C 716 -72.08 20.81 -13.45
CA LEU C 716 -70.69 21.07 -13.82
C LEU C 716 -70.53 22.13 -14.90
N ASP C 717 -69.57 23.03 -14.69
CA ASP C 717 -69.29 24.07 -15.65
C ASP C 717 -68.62 23.51 -16.88
N LYS C 718 -67.36 23.11 -16.70
CA LYS C 718 -66.56 22.56 -17.81
C LYS C 718 -65.69 21.35 -17.41
N LEU C 719 -65.07 20.73 -18.42
CA LEU C 719 -64.26 19.54 -18.25
C LEU C 719 -62.83 19.87 -18.62
N VAL C 720 -61.93 19.43 -17.74
CA VAL C 720 -60.48 19.53 -17.97
C VAL C 720 -59.86 18.13 -18.14
N ARG C 721 -59.52 17.78 -19.39
CA ARG C 721 -58.90 16.49 -19.63
C ARG C 721 -57.39 16.67 -19.78
N VAL C 722 -56.69 16.39 -18.69
CA VAL C 722 -55.23 16.42 -18.68
C VAL C 722 -54.66 15.10 -19.19
N ASP C 723 -54.61 15.09 -20.52
CA ASP C 723 -54.03 14.04 -21.32
C ASP C 723 -52.53 13.94 -21.05
N GLN C 724 -51.90 12.82 -21.33
CA GLN C 724 -50.45 12.78 -21.22
C GLN C 724 -49.78 12.90 -22.57
N SER C 725 -50.56 13.28 -23.58
CA SER C 725 -50.07 13.37 -24.95
C SER C 725 -49.05 14.48 -25.03
N PRO C 726 -48.14 14.43 -26.02
CA PRO C 726 -47.16 15.50 -26.17
C PRO C 726 -47.84 16.86 -26.30
N ILE C 727 -47.24 17.89 -25.69
CA ILE C 727 -47.62 19.29 -25.83
C ILE C 727 -47.64 19.78 -27.27
N GLY C 728 -46.68 19.29 -28.04
CA GLY C 728 -46.53 19.64 -29.43
C GLY C 728 -45.65 18.62 -30.09
N ARG C 729 -45.72 18.54 -31.41
CA ARG C 729 -44.96 17.57 -32.16
C ARG C 729 -43.70 18.22 -32.75
N THR C 730 -43.73 19.55 -32.85
CA THR C 730 -42.60 20.34 -33.37
C THR C 730 -41.83 21.01 -32.24
N PRO C 731 -40.54 21.32 -32.48
CA PRO C 731 -39.78 22.18 -31.55
C PRO C 731 -40.30 23.63 -31.50
N ARG C 732 -41.41 23.90 -32.19
CA ARG C 732 -42.08 25.20 -32.19
C ARG C 732 -42.84 25.41 -30.90
N SER C 733 -43.37 24.32 -30.36
CA SER C 733 -44.19 24.39 -29.15
C SER C 733 -43.24 24.29 -27.98
N ASN C 734 -43.71 24.64 -26.79
CA ASN C 734 -42.91 24.58 -25.56
C ASN C 734 -43.49 25.48 -24.50
N PRO C 735 -43.24 25.18 -23.22
CA PRO C 735 -43.96 25.84 -22.15
C PRO C 735 -44.26 27.30 -22.44
N ALA C 736 -43.23 28.04 -22.86
CA ALA C 736 -43.35 29.49 -23.10
C ALA C 736 -44.49 29.80 -24.07
N THR C 737 -44.40 29.22 -25.25
CA THR C 737 -45.45 29.30 -26.24
C THR C 737 -46.75 28.79 -25.67
N TYR C 738 -46.74 27.54 -25.22
CA TYR C 738 -47.94 26.84 -24.80
C TYR C 738 -48.74 27.57 -23.72
N THR C 739 -48.09 27.99 -22.62
CA THR C 739 -48.82 28.72 -21.58
C THR C 739 -49.16 30.13 -22.06
N GLY C 740 -48.46 30.56 -23.11
CA GLY C 740 -48.68 31.88 -23.71
C GLY C 740 -48.09 33.00 -22.89
N VAL C 741 -47.03 32.70 -22.16
CA VAL C 741 -46.33 33.72 -21.39
C VAL C 741 -45.43 34.47 -22.37
N PHE C 742 -45.10 33.82 -23.49
CA PHE C 742 -44.12 34.39 -24.41
C PHE C 742 -44.62 35.66 -25.11
N ASP C 743 -45.91 35.70 -25.40
CA ASP C 743 -46.55 36.91 -25.94
C ASP C 743 -46.24 38.06 -25.00
N LYS C 744 -46.45 37.82 -23.70
CA LYS C 744 -46.27 38.83 -22.66
C LYS C 744 -44.80 39.21 -22.45
N ILE C 745 -43.91 38.42 -23.04
CA ILE C 745 -42.49 38.67 -22.93
C ILE C 745 -42.00 39.36 -24.20
N ARG C 746 -42.43 38.86 -25.34
CA ARG C 746 -42.12 39.51 -26.61
C ARG C 746 -42.49 41.01 -26.57
N THR C 747 -43.54 41.33 -25.83
CA THR C 747 -43.94 42.73 -25.66
C THR C 747 -42.97 43.41 -24.70
N LEU C 748 -42.65 42.76 -23.58
CA LEU C 748 -41.66 43.27 -22.66
C LEU C 748 -40.32 43.60 -23.32
N PHE C 749 -40.04 42.91 -24.42
CA PHE C 749 -38.81 43.04 -25.18
C PHE C 749 -38.92 44.17 -26.18
N ALA C 750 -39.94 44.12 -27.04
CA ALA C 750 -40.17 45.17 -28.04
C ALA C 750 -40.20 46.54 -27.38
N ALA C 751 -40.92 46.61 -26.26
CA ALA C 751 -41.00 47.82 -25.44
C ALA C 751 -39.75 47.96 -24.56
N THR C 752 -38.59 47.96 -25.18
CA THR C 752 -37.34 48.25 -24.46
C THR C 752 -36.40 49.15 -25.25
N THR C 753 -35.63 49.92 -24.48
CA THR C 753 -34.77 51.01 -24.98
C THR C 753 -33.94 50.62 -26.21
N GLU C 754 -33.25 49.47 -26.13
CA GLU C 754 -32.40 48.96 -27.22
C GLU C 754 -33.22 48.49 -28.41
N ALA C 755 -34.42 48.01 -28.13
CA ALA C 755 -35.28 47.43 -29.16
C ALA C 755 -35.95 48.52 -29.97
N LYS C 756 -36.50 49.51 -29.27
CA LYS C 756 -37.23 50.58 -29.92
C LYS C 756 -36.26 51.37 -30.79
N VAL C 757 -35.03 51.55 -30.31
CA VAL C 757 -33.99 52.24 -31.09
C VAL C 757 -33.65 51.51 -32.39
N ARG C 758 -33.95 50.21 -32.44
CA ARG C 758 -33.75 49.43 -33.65
C ARG C 758 -35.05 49.24 -34.41
N GLY C 759 -36.15 49.66 -33.81
CA GLY C 759 -37.48 49.53 -34.41
C GLY C 759 -37.96 48.10 -34.43
N TYR C 760 -37.81 47.42 -33.30
CA TYR C 760 -38.20 46.03 -33.20
C TYR C 760 -39.58 45.83 -32.56
N GLN C 761 -40.45 45.18 -33.34
CA GLN C 761 -41.78 44.76 -32.95
C GLN C 761 -41.74 43.65 -31.91
N PRO C 762 -42.88 43.40 -31.20
CA PRO C 762 -42.95 42.11 -30.52
C PRO C 762 -42.78 40.95 -31.50
N GLY C 763 -43.23 41.15 -32.74
CA GLY C 763 -43.08 40.17 -33.81
C GLY C 763 -41.66 39.86 -34.22
N ARG C 764 -40.69 40.62 -33.71
CA ARG C 764 -39.30 40.30 -33.97
C ARG C 764 -38.87 39.14 -33.08
N PHE C 765 -39.50 39.07 -31.91
CA PHE C 765 -39.08 38.14 -30.87
C PHE C 765 -39.84 36.81 -30.86
N SER C 766 -40.69 36.61 -31.87
CA SER C 766 -41.38 35.35 -32.05
C SER C 766 -40.56 34.55 -33.04
N PHE C 767 -40.04 33.42 -32.57
CA PHE C 767 -39.31 32.48 -33.43
C PHE C 767 -40.22 31.79 -34.46
N ASN C 768 -41.51 32.13 -34.42
CA ASN C 768 -42.51 31.63 -35.36
C ASN C 768 -42.66 32.51 -36.59
N VAL C 769 -42.09 33.71 -36.53
CA VAL C 769 -42.38 34.71 -37.54
C VAL C 769 -41.18 35.23 -38.34
N LYS C 770 -41.36 35.24 -39.65
CA LYS C 770 -40.35 35.62 -40.64
C LYS C 770 -39.22 36.54 -40.17
N GLY C 771 -39.52 37.57 -39.40
CA GLY C 771 -38.48 38.51 -39.01
C GLY C 771 -37.91 38.28 -37.64
N GLY C 772 -36.59 38.09 -37.54
CA GLY C 772 -35.91 37.98 -36.25
C GLY C 772 -35.48 36.59 -35.78
N ARG C 773 -36.14 35.57 -36.31
CA ARG C 773 -35.86 34.18 -36.02
C ARG C 773 -34.79 33.69 -37.01
N CYS C 774 -33.80 32.93 -36.56
CA CYS C 774 -32.75 32.41 -37.46
C CYS C 774 -33.35 31.73 -38.69
N GLU C 775 -32.75 31.99 -39.84
CA GLU C 775 -33.34 31.67 -41.13
C GLU C 775 -33.04 30.26 -41.58
N ALA C 776 -32.21 29.57 -40.81
CA ALA C 776 -31.81 28.19 -41.07
C ALA C 776 -32.76 27.20 -40.39
N CYS C 777 -32.75 27.24 -39.06
CA CYS C 777 -33.60 26.37 -38.30
C CYS C 777 -35.00 26.92 -38.17
N THR C 778 -35.33 27.94 -38.97
CA THR C 778 -36.70 28.49 -39.06
C THR C 778 -37.41 28.69 -37.70
N GLY C 779 -36.60 28.91 -36.66
CA GLY C 779 -37.10 29.21 -35.31
C GLY C 779 -36.91 28.10 -34.28
N ASP C 780 -36.80 26.85 -34.73
CA ASP C 780 -36.73 25.67 -33.86
C ASP C 780 -35.51 25.69 -32.95
N GLY C 781 -34.35 26.04 -33.51
CA GLY C 781 -33.10 26.04 -32.75
C GLY C 781 -32.32 24.77 -33.04
N THR C 782 -33.02 23.75 -33.49
CA THR C 782 -32.41 22.48 -33.78
C THR C 782 -32.96 21.97 -35.11
N ILE C 783 -32.44 20.87 -35.61
CA ILE C 783 -32.90 20.32 -36.87
C ILE C 783 -33.07 18.81 -36.82
N LYS C 784 -34.29 18.35 -37.13
CA LYS C 784 -34.56 16.91 -37.22
C LYS C 784 -33.83 16.30 -38.40
N ILE C 785 -32.86 15.45 -38.08
CA ILE C 785 -32.15 14.69 -39.09
C ILE C 785 -32.63 13.24 -39.15
N GLU C 786 -33.08 12.84 -40.33
CA GLU C 786 -33.56 11.49 -40.55
C GLU C 786 -32.39 10.54 -40.39
N MET C 787 -32.49 9.76 -39.34
CA MET C 787 -31.61 8.65 -39.13
C MET C 787 -32.31 7.46 -39.72
N ASN C 788 -31.59 6.64 -40.50
CA ASN C 788 -32.17 5.48 -41.26
C ASN C 788 -32.68 4.12 -40.65
N PHE C 789 -31.88 3.52 -39.78
CA PHE C 789 -32.13 2.27 -39.08
C PHE C 789 -32.37 2.66 -37.64
N LEU C 790 -31.52 3.57 -37.14
CA LEU C 790 -31.72 4.18 -35.85
C LEU C 790 -32.85 5.19 -35.95
N PRO C 791 -33.37 5.64 -34.81
CA PRO C 791 -34.42 6.62 -34.82
C PRO C 791 -33.89 8.00 -35.16
N ASP C 792 -34.71 8.79 -35.86
CA ASP C 792 -34.42 10.19 -36.14
C ASP C 792 -34.18 10.93 -34.82
N VAL C 793 -33.34 11.97 -34.89
CA VAL C 793 -32.95 12.74 -33.71
C VAL C 793 -32.64 14.23 -34.09
N TYR C 794 -32.84 15.16 -33.15
CA TYR C 794 -32.55 16.58 -33.36
C TYR C 794 -31.13 17.00 -33.00
N VAL C 795 -30.42 17.56 -33.97
CA VAL C 795 -29.09 18.15 -33.75
C VAL C 795 -29.24 19.69 -33.72
N PRO C 796 -28.49 20.39 -32.85
CA PRO C 796 -28.73 21.82 -32.78
C PRO C 796 -28.34 22.50 -34.09
N CYS C 797 -28.92 23.67 -34.36
CA CYS C 797 -28.66 24.42 -35.60
C CYS C 797 -27.28 25.03 -35.60
N GLU C 798 -26.47 24.66 -36.60
CA GLU C 798 -25.07 25.11 -36.67
C GLU C 798 -25.06 26.63 -36.74
N VAL C 799 -26.06 27.20 -37.43
CA VAL C 799 -26.12 28.64 -37.73
C VAL C 799 -26.45 29.44 -36.50
N CYS C 800 -27.57 29.16 -35.85
CA CYS C 800 -27.91 29.98 -34.69
C CYS C 800 -27.44 29.39 -33.38
N GLN C 801 -26.69 28.30 -33.46
CA GLN C 801 -26.15 27.62 -32.28
C GLN C 801 -27.29 27.23 -31.35
N GLY C 802 -28.39 26.78 -31.95
CA GLY C 802 -29.60 26.46 -31.21
C GLY C 802 -30.16 27.63 -30.40
N ALA C 803 -30.01 28.85 -30.92
CA ALA C 803 -30.48 30.03 -30.21
C ALA C 803 -31.90 30.33 -30.61
N ARG C 804 -32.19 30.03 -31.88
CA ARG C 804 -33.47 30.30 -32.56
C ARG C 804 -33.46 31.62 -33.37
N TYR C 805 -32.58 32.55 -32.99
CA TYR C 805 -32.54 33.92 -33.52
C TYR C 805 -31.23 34.28 -34.19
N ASN C 806 -31.31 35.09 -35.25
CA ASN C 806 -30.12 35.71 -35.86
C ASN C 806 -29.52 36.76 -34.90
N ARG C 807 -28.20 36.86 -34.90
CA ARG C 807 -27.49 37.63 -33.86
C ARG C 807 -27.92 39.09 -33.75
N GLU C 808 -28.32 39.71 -34.86
CA GLU C 808 -28.75 41.11 -34.86
C GLU C 808 -30.03 41.27 -34.03
N THR C 809 -30.82 40.19 -33.92
CA THR C 809 -32.01 40.16 -33.06
C THR C 809 -31.58 39.94 -31.61
N LEU C 810 -30.41 39.35 -31.46
CA LEU C 810 -29.91 39.01 -30.15
C LEU C 810 -29.07 40.14 -29.59
N GLU C 811 -28.84 41.18 -30.40
CA GLU C 811 -28.21 42.42 -29.94
C GLU C 811 -29.07 43.04 -28.82
N VAL C 812 -30.40 42.89 -28.92
CA VAL C 812 -31.35 43.43 -27.96
C VAL C 812 -31.29 42.71 -26.62
N HIS C 813 -31.24 43.47 -25.53
CA HIS C 813 -31.32 42.90 -24.20
C HIS C 813 -32.59 43.30 -23.47
N TYR C 814 -32.93 42.54 -22.43
CA TYR C 814 -33.90 42.97 -21.43
C TYR C 814 -33.28 42.59 -20.10
N LYS C 815 -33.23 43.52 -19.14
CA LYS C 815 -32.52 43.30 -17.88
C LYS C 815 -31.23 42.47 -18.06
N GLY C 816 -30.50 42.79 -19.14
CA GLY C 816 -29.22 42.17 -19.44
C GLY C 816 -29.27 40.74 -19.97
N LYS C 817 -30.40 40.34 -20.55
CA LYS C 817 -30.56 39.00 -21.11
C LYS C 817 -31.26 39.04 -22.47
N THR C 818 -30.69 38.32 -23.44
CA THR C 818 -31.34 38.25 -24.73
C THR C 818 -32.58 37.37 -24.63
N VAL C 819 -33.33 37.22 -25.74
CA VAL C 819 -34.47 36.29 -25.79
C VAL C 819 -33.97 34.87 -25.56
N SER C 820 -32.97 34.45 -26.34
CA SER C 820 -32.41 33.13 -26.21
C SER C 820 -32.10 32.81 -24.77
N GLU C 821 -31.51 33.76 -24.07
CA GLU C 821 -31.14 33.61 -22.68
C GLU C 821 -32.36 33.41 -21.80
N VAL C 822 -33.37 34.26 -21.96
CA VAL C 822 -34.57 34.19 -21.10
C VAL C 822 -35.42 32.94 -21.41
N LEU C 823 -35.34 32.50 -22.66
CA LEU C 823 -35.95 31.27 -23.10
C LEU C 823 -35.24 30.04 -22.49
N ASP C 824 -33.95 30.21 -22.19
CA ASP C 824 -33.10 29.14 -21.66
C ASP C 824 -33.16 29.00 -20.17
N MET C 825 -33.86 29.91 -19.50
CA MET C 825 -33.94 29.90 -18.05
C MET C 825 -34.79 28.74 -17.61
N SER C 826 -34.46 28.16 -16.46
CA SER C 826 -35.38 27.20 -15.87
C SER C 826 -36.60 28.02 -15.49
N ILE C 827 -37.78 27.41 -15.55
CA ILE C 827 -39.00 28.10 -15.16
C ILE C 827 -38.88 28.65 -13.75
N GLU C 828 -38.39 27.82 -12.82
CA GLU C 828 -38.10 28.22 -11.44
C GLU C 828 -37.23 29.47 -11.40
N GLU C 829 -36.26 29.52 -12.31
CA GLU C 829 -35.32 30.61 -12.39
C GLU C 829 -36.02 31.82 -12.96
N ALA C 830 -36.64 31.64 -14.13
CA ALA C 830 -37.43 32.69 -14.78
C ALA C 830 -38.50 33.23 -13.88
N ALA C 831 -38.92 32.44 -12.91
CA ALA C 831 -39.88 32.89 -11.90
C ALA C 831 -39.38 34.11 -11.12
N GLU C 832 -38.29 33.95 -10.35
CA GLU C 832 -37.75 35.06 -9.54
C GLU C 832 -37.24 36.22 -10.43
N PHE C 833 -36.96 35.93 -11.72
CA PHE C 833 -36.56 36.97 -12.69
C PHE C 833 -37.73 37.84 -13.14
N PHE C 834 -38.95 37.31 -13.08
CA PHE C 834 -40.12 38.08 -13.50
C PHE C 834 -41.06 38.44 -12.35
N GLU C 835 -40.63 38.18 -11.11
CA GLU C 835 -41.38 38.56 -9.88
C GLU C 835 -42.05 39.94 -10.07
N PRO C 836 -41.30 40.96 -10.57
CA PRO C 836 -41.85 42.28 -10.95
C PRO C 836 -43.12 42.25 -11.79
N ILE C 837 -43.05 41.71 -13.01
CA ILE C 837 -44.20 41.69 -13.89
C ILE C 837 -45.14 40.58 -13.45
N ALA C 838 -46.10 40.91 -12.58
CA ALA C 838 -47.02 39.90 -12.06
C ALA C 838 -47.98 39.37 -13.13
N GLY C 839 -48.10 40.10 -14.24
CA GLY C 839 -48.87 39.61 -15.40
C GLY C 839 -48.32 38.30 -15.93
N VAL C 840 -47.00 38.16 -15.84
CA VAL C 840 -46.25 37.02 -16.35
C VAL C 840 -46.00 36.04 -15.23
N HIS C 841 -45.75 36.56 -14.04
CA HIS C 841 -45.44 35.73 -12.87
C HIS C 841 -46.53 34.71 -12.53
N ARG C 842 -47.80 35.01 -12.82
CA ARG C 842 -48.92 34.07 -12.53
C ARG C 842 -48.69 32.70 -13.16
N TYR C 843 -48.53 32.69 -14.49
CA TYR C 843 -48.25 31.49 -15.28
C TYR C 843 -47.08 30.70 -14.68
N LEU C 844 -46.00 31.42 -14.36
CA LEU C 844 -44.78 30.80 -13.85
C LEU C 844 -44.93 30.20 -12.47
N ARG C 845 -45.72 30.85 -11.62
CA ARG C 845 -45.91 30.32 -10.28
C ARG C 845 -46.62 28.99 -10.41
N THR C 846 -47.72 28.94 -11.15
CA THR C 846 -48.48 27.67 -11.29
C THR C 846 -47.60 26.55 -11.89
N LEU C 847 -46.80 26.85 -12.91
CA LEU C 847 -45.80 25.91 -13.44
C LEU C 847 -44.84 25.40 -12.36
N VAL C 848 -44.37 26.30 -11.49
CA VAL C 848 -43.54 25.92 -10.35
C VAL C 848 -44.35 25.10 -9.35
N ASP C 849 -45.61 25.49 -9.13
CA ASP C 849 -46.53 24.79 -8.22
C ASP C 849 -46.87 23.37 -8.66
N VAL C 850 -46.95 23.19 -9.96
CA VAL C 850 -47.21 21.91 -10.58
C VAL C 850 -45.96 21.00 -10.61
N GLY C 851 -44.82 21.55 -10.17
CA GLY C 851 -43.59 20.79 -10.02
C GLY C 851 -42.56 21.01 -11.11
N LEU C 852 -43.03 21.48 -12.27
CA LEU C 852 -42.19 21.75 -13.45
C LEU C 852 -41.19 22.91 -13.33
N GLY C 853 -40.90 23.35 -12.11
CA GLY C 853 -39.91 24.39 -11.88
C GLY C 853 -38.63 24.19 -12.68
N TYR C 854 -38.16 22.94 -12.77
CA TYR C 854 -36.88 22.62 -13.43
C TYR C 854 -36.87 22.74 -14.96
N VAL C 855 -38.04 22.79 -15.57
CA VAL C 855 -38.15 22.78 -17.02
C VAL C 855 -37.71 24.12 -17.59
N ARG C 856 -36.94 24.06 -18.69
CA ARG C 856 -36.50 25.28 -19.41
C ARG C 856 -37.65 25.91 -20.20
N LEU C 857 -37.83 27.20 -19.97
CA LEU C 857 -38.95 27.95 -20.50
C LEU C 857 -39.24 27.58 -21.94
N GLY C 858 -38.22 27.58 -22.77
CA GLY C 858 -38.45 27.37 -24.19
C GLY C 858 -38.01 26.02 -24.68
N GLN C 859 -38.12 25.03 -23.79
CA GLN C 859 -37.57 23.72 -24.07
C GLN C 859 -38.46 23.01 -25.05
N PRO C 860 -37.91 22.61 -26.21
CA PRO C 860 -38.71 22.04 -27.30
C PRO C 860 -39.67 20.95 -26.84
N ALA C 861 -40.91 21.04 -27.33
CA ALA C 861 -42.01 20.19 -26.85
C ALA C 861 -41.77 18.70 -26.97
N PRO C 862 -41.11 18.25 -28.05
CA PRO C 862 -40.72 16.84 -28.23
C PRO C 862 -39.85 16.26 -27.11
N THR C 863 -39.13 17.09 -26.37
CA THR C 863 -38.31 16.55 -25.31
C THR C 863 -39.00 16.49 -23.95
N LEU C 864 -40.32 16.62 -23.96
CA LEU C 864 -41.05 16.52 -22.71
C LEU C 864 -41.56 15.09 -22.48
N SER C 865 -41.52 14.64 -21.23
CA SER C 865 -42.08 13.35 -20.88
C SER C 865 -43.57 13.55 -20.84
N GLY C 866 -44.32 12.55 -21.29
CA GLY C 866 -45.80 12.57 -21.25
C GLY C 866 -46.40 13.06 -19.93
N GLY C 867 -45.68 12.83 -18.83
CA GLY C 867 -46.02 13.36 -17.53
C GLY C 867 -45.81 14.84 -17.47
N GLU C 868 -44.64 15.31 -17.93
CA GLU C 868 -44.32 16.75 -17.98
C GLU C 868 -45.33 17.48 -18.83
N ALA C 869 -45.51 17.01 -20.07
CA ALA C 869 -46.52 17.52 -20.97
C ALA C 869 -47.88 17.59 -20.27
N GLN C 870 -48.30 16.46 -19.69
CA GLN C 870 -49.52 16.42 -18.89
C GLN C 870 -49.47 17.54 -17.87
N ARG C 871 -48.48 17.52 -17.01
CA ARG C 871 -48.33 18.54 -16.00
C ARG C 871 -48.36 19.99 -16.51
N VAL C 872 -47.87 20.25 -17.71
CA VAL C 872 -47.86 21.62 -18.21
C VAL C 872 -49.27 22.05 -18.51
N LYS C 873 -49.97 21.21 -19.27
CA LYS C 873 -51.39 21.39 -19.55
C LYS C 873 -52.15 21.66 -18.24
N LEU C 874 -51.83 20.89 -17.21
CA LEU C 874 -52.41 21.08 -15.90
C LEU C 874 -52.12 22.49 -15.34
N ALA C 875 -50.94 23.02 -15.62
CA ALA C 875 -50.59 24.36 -15.16
C ALA C 875 -51.29 25.47 -15.96
N SER C 876 -51.84 25.15 -17.14
CA SER C 876 -52.62 26.11 -17.88
C SER C 876 -53.96 26.37 -17.23
N GLU C 877 -54.61 25.32 -16.75
CA GLU C 877 -55.92 25.47 -16.09
C GLU C 877 -55.79 25.97 -14.67
N LEU C 878 -54.68 25.66 -14.03
CA LEU C 878 -54.36 26.29 -12.76
C LEU C 878 -54.25 27.81 -12.96
N GLN C 879 -53.80 28.19 -14.16
CA GLN C 879 -53.75 29.56 -14.63
C GLN C 879 -55.12 29.99 -15.17
N LYS C 880 -56.10 30.05 -14.26
CA LYS C 880 -57.49 30.43 -14.55
C LYS C 880 -58.28 30.55 -13.25
N ARG C 881 -59.50 31.08 -13.35
CA ARG C 881 -60.39 31.22 -12.17
C ARG C 881 -61.08 29.89 -11.83
N SER C 882 -60.80 29.35 -10.65
CA SER C 882 -61.30 28.01 -10.30
C SER C 882 -62.77 27.96 -9.87
N THR C 883 -63.66 28.23 -10.82
CA THR C 883 -65.12 28.26 -10.61
C THR C 883 -65.59 26.95 -9.99
N GLY C 884 -65.92 27.00 -8.71
CA GLY C 884 -66.19 25.81 -7.89
C GLY C 884 -66.95 24.60 -8.41
N ARG C 885 -67.37 24.62 -9.68
CA ARG C 885 -67.88 23.40 -10.34
C ARG C 885 -67.35 23.11 -11.74
N THR C 886 -66.05 22.77 -11.77
CA THR C 886 -65.36 22.22 -12.93
C THR C 886 -64.78 20.81 -12.57
N VAL C 887 -64.79 19.91 -13.55
CA VAL C 887 -64.37 18.51 -13.37
C VAL C 887 -63.05 18.19 -14.06
N TYR C 888 -62.13 17.64 -13.28
CA TYR C 888 -60.81 17.25 -13.77
C TYR C 888 -60.66 15.74 -13.98
N ILE C 889 -60.21 15.38 -15.18
CA ILE C 889 -59.84 14.01 -15.54
C ILE C 889 -58.32 13.82 -15.69
N LEU C 890 -57.74 13.11 -14.74
CA LEU C 890 -56.32 12.95 -14.77
C LEU C 890 -55.93 11.51 -15.00
N ASP C 891 -55.51 11.24 -16.23
CA ASP C 891 -55.13 9.89 -16.57
C ASP C 891 -53.72 9.64 -16.10
N GLU C 892 -53.52 8.56 -15.34
CA GLU C 892 -52.24 8.24 -14.65
C GLU C 892 -51.35 9.43 -14.31
N PRO C 893 -51.87 10.36 -13.53
CA PRO C 893 -51.09 11.56 -13.22
C PRO C 893 -49.81 11.24 -12.44
N THR C 894 -49.78 10.10 -11.77
CA THR C 894 -48.62 9.62 -11.03
C THR C 894 -47.38 9.37 -11.91
N THR C 895 -47.57 9.20 -13.21
CA THR C 895 -46.48 8.86 -14.15
C THR C 895 -45.23 9.67 -14.01
N GLY C 896 -44.11 8.95 -14.00
CA GLY C 896 -42.80 9.59 -13.96
C GLY C 896 -42.47 10.46 -12.75
N LEU C 897 -43.25 10.32 -11.69
CA LEU C 897 -43.03 11.09 -10.48
C LEU C 897 -42.39 10.25 -9.40
N HIS C 898 -41.55 10.91 -8.60
CA HIS C 898 -40.89 10.34 -7.43
C HIS C 898 -41.88 10.48 -6.31
N PHE C 899 -41.66 9.75 -5.23
CA PHE C 899 -42.54 9.77 -4.07
C PHE C 899 -42.90 11.19 -3.67
N ASP C 900 -41.84 11.95 -3.38
CA ASP C 900 -41.97 13.33 -3.00
C ASP C 900 -42.75 14.12 -4.05
N ASP C 901 -42.43 13.87 -5.32
CA ASP C 901 -43.15 14.48 -6.40
C ASP C 901 -44.63 14.19 -6.28
N ILE C 902 -44.96 12.96 -5.92
CA ILE C 902 -46.35 12.57 -5.75
C ILE C 902 -46.99 13.44 -4.70
N ARG C 903 -46.33 13.45 -3.54
CA ARG C 903 -46.77 14.24 -2.38
C ARG C 903 -47.07 15.68 -2.76
N LYS C 904 -46.13 16.36 -3.42
CA LYS C 904 -46.40 17.71 -3.93
C LYS C 904 -47.67 17.69 -4.81
N LEU C 905 -47.72 16.79 -5.80
CA LEU C 905 -48.87 16.71 -6.71
C LEU C 905 -50.22 16.55 -6.05
N LEU C 906 -50.29 15.68 -5.05
CA LEU C 906 -51.53 15.47 -4.29
C LEU C 906 -52.09 16.74 -3.65
N ASN C 907 -51.22 17.59 -3.12
CA ASN C 907 -51.63 18.91 -2.66
C ASN C 907 -52.30 19.74 -3.73
N VAL C 908 -51.66 19.83 -4.89
CA VAL C 908 -52.25 20.54 -6.01
C VAL C 908 -53.65 20.01 -6.26
N ILE C 909 -53.85 18.72 -6.05
CA ILE C 909 -55.15 18.14 -6.33
C ILE C 909 -56.14 18.48 -5.22
N ASN C 910 -55.78 18.20 -3.98
CA ASN C 910 -56.65 18.55 -2.86
C ASN C 910 -57.05 20.03 -2.90
N GLY C 911 -56.05 20.89 -3.10
CA GLY C 911 -56.29 22.28 -3.49
C GLY C 911 -57.47 22.36 -4.43
N LEU C 912 -57.31 21.81 -5.64
CA LEU C 912 -58.38 21.78 -6.61
C LEU C 912 -59.74 21.31 -6.07
N VAL C 913 -59.71 20.22 -5.30
CA VAL C 913 -60.96 19.62 -4.83
C VAL C 913 -61.59 20.44 -3.72
N ASP C 914 -60.76 21.09 -2.92
CA ASP C 914 -61.23 21.98 -1.85
C ASP C 914 -62.01 23.20 -2.36
N LYS C 915 -61.72 23.66 -3.58
CA LYS C 915 -62.55 24.69 -4.24
C LYS C 915 -63.90 24.06 -4.62
N GLY C 916 -64.09 22.83 -4.14
CA GLY C 916 -65.27 22.06 -4.44
C GLY C 916 -65.28 21.58 -5.87
N ASN C 917 -64.09 21.42 -6.46
CA ASN C 917 -64.01 20.89 -7.82
C ASN C 917 -64.00 19.35 -7.82
N THR C 918 -64.52 18.72 -8.88
CA THR C 918 -64.54 17.26 -8.99
C THR C 918 -63.32 16.76 -9.72
N VAL C 919 -62.56 15.89 -9.05
CA VAL C 919 -61.37 15.31 -9.66
C VAL C 919 -61.44 13.79 -9.68
N ILE C 920 -61.35 13.29 -10.92
CA ILE C 920 -61.30 11.85 -11.21
C ILE C 920 -59.95 11.42 -11.84
N VAL C 921 -59.44 10.32 -11.33
CA VAL C 921 -58.07 9.93 -11.56
C VAL C 921 -57.95 8.44 -11.79
N ILE C 922 -57.35 8.02 -12.91
CA ILE C 922 -57.10 6.59 -13.21
C ILE C 922 -55.71 6.23 -12.68
N GLU C 923 -55.63 5.30 -11.72
CA GLU C 923 -54.36 5.05 -11.05
C GLU C 923 -54.10 3.64 -10.60
N HIS C 924 -52.82 3.31 -10.57
CA HIS C 924 -52.37 2.14 -9.89
C HIS C 924 -51.62 2.52 -8.63
N ASN C 925 -51.28 3.80 -8.48
CA ASN C 925 -50.38 4.18 -7.38
C ASN C 925 -51.08 4.11 -6.04
N LEU C 926 -50.51 3.35 -5.11
CA LEU C 926 -51.15 3.15 -3.81
C LEU C 926 -51.46 4.47 -3.13
N ASP C 927 -50.43 5.24 -2.79
CA ASP C 927 -50.62 6.52 -2.12
C ASP C 927 -51.78 7.29 -2.73
N VAL C 928 -51.72 7.52 -4.03
CA VAL C 928 -52.80 8.23 -4.70
C VAL C 928 -54.14 7.57 -4.43
N ILE C 929 -54.19 6.25 -4.51
CA ILE C 929 -55.43 5.55 -4.23
C ILE C 929 -55.86 5.70 -2.75
N LYS C 930 -54.95 5.35 -1.83
CA LYS C 930 -55.22 5.37 -0.40
C LYS C 930 -55.53 6.77 0.09
N THR C 931 -55.42 7.74 -0.79
CA THR C 931 -55.72 9.11 -0.45
C THR C 931 -57.11 9.47 -0.92
N SER C 932 -57.50 8.93 -2.07
CA SER C 932 -58.79 9.23 -2.68
C SER C 932 -59.91 9.03 -1.66
N ASP C 933 -61.02 9.70 -1.88
CA ASP C 933 -62.13 9.56 -0.96
C ASP C 933 -63.03 8.47 -1.45
N TRP C 934 -62.90 8.12 -2.72
CA TRP C 934 -63.79 7.16 -3.34
C TRP C 934 -63.00 6.49 -4.41
N ILE C 935 -63.15 5.16 -4.52
CA ILE C 935 -62.52 4.45 -5.63
C ILE C 935 -63.52 3.58 -6.33
N ILE C 936 -63.34 3.45 -7.64
CA ILE C 936 -64.14 2.53 -8.44
C ILE C 936 -63.23 1.47 -9.07
N ASP C 937 -63.38 0.23 -8.60
CA ASP C 937 -62.47 -0.85 -9.00
C ASP C 937 -63.04 -1.68 -10.13
N LEU C 938 -62.41 -1.63 -11.30
CA LEU C 938 -62.87 -2.46 -12.42
C LEU C 938 -62.11 -3.80 -12.52
N GLY C 939 -62.76 -4.77 -13.15
CA GLY C 939 -62.19 -6.10 -13.34
C GLY C 939 -63.24 -7.15 -13.63
N PRO C 940 -63.01 -8.39 -13.17
CA PRO C 940 -61.92 -8.70 -12.27
C PRO C 940 -60.61 -8.77 -13.01
N GLU C 941 -60.60 -9.41 -14.18
CA GLU C 941 -59.39 -9.50 -15.01
C GLU C 941 -59.35 -8.50 -16.17
N GLY C 942 -58.38 -8.70 -17.06
CA GLY C 942 -58.20 -7.82 -18.22
C GLY C 942 -58.92 -8.37 -19.41
N GLY C 943 -59.18 -7.51 -20.40
CA GLY C 943 -60.00 -7.89 -21.57
C GLY C 943 -61.32 -8.60 -21.22
N ALA C 944 -61.58 -9.70 -21.92
CA ALA C 944 -62.81 -10.49 -21.73
C ALA C 944 -63.32 -10.62 -20.31
N GLY C 945 -62.46 -11.03 -19.37
CA GLY C 945 -62.80 -11.09 -17.94
C GLY C 945 -62.53 -9.70 -17.44
N GLY C 946 -63.51 -9.08 -16.82
CA GLY C 946 -63.37 -7.65 -16.61
C GLY C 946 -64.35 -6.83 -17.41
N GLY C 947 -64.31 -5.52 -17.20
CA GLY C 947 -65.33 -4.64 -17.77
C GLY C 947 -66.53 -4.71 -16.86
N THR C 948 -66.26 -5.02 -15.59
CA THR C 948 -67.28 -5.01 -14.57
C THR C 948 -66.77 -4.23 -13.35
N VAL C 949 -67.63 -3.93 -12.37
CA VAL C 949 -67.17 -3.19 -11.20
C VAL C 949 -66.94 -4.14 -10.09
N VAL C 950 -65.69 -4.51 -9.89
CA VAL C 950 -65.32 -5.41 -8.81
C VAL C 950 -65.62 -4.91 -7.39
N ALA C 951 -65.48 -3.61 -7.17
CA ALA C 951 -65.79 -2.99 -5.88
C ALA C 951 -65.83 -1.49 -6.05
N GLN C 952 -66.60 -0.80 -5.20
CA GLN C 952 -66.52 0.65 -5.17
C GLN C 952 -66.77 1.08 -3.75
N GLY C 953 -66.29 2.28 -3.38
CA GLY C 953 -66.50 2.83 -2.03
C GLY C 953 -65.34 3.70 -1.61
N THR C 954 -65.19 3.87 -0.30
CA THR C 954 -63.96 4.41 0.27
C THR C 954 -62.86 3.36 0.22
N PRO C 955 -61.59 3.78 0.17
CA PRO C 955 -60.47 2.88 0.32
C PRO C 955 -60.71 1.87 1.42
N GLU C 956 -61.31 2.32 2.53
CA GLU C 956 -61.62 1.44 3.64
C GLU C 956 -62.60 0.33 3.20
N ASP C 957 -63.64 0.71 2.47
CA ASP C 957 -64.62 -0.23 1.95
C ASP C 957 -63.99 -1.22 1.02
N VAL C 958 -63.11 -0.73 0.12
CA VAL C 958 -62.61 -1.54 -0.98
C VAL C 958 -61.57 -2.52 -0.48
N ALA C 959 -60.72 -2.06 0.44
CA ALA C 959 -59.81 -2.96 1.12
C ALA C 959 -60.62 -4.08 1.81
N ALA C 960 -61.89 -3.79 2.12
CA ALA C 960 -62.78 -4.78 2.74
C ALA C 960 -63.24 -5.87 1.76
N VAL C 961 -63.43 -5.51 0.50
CA VAL C 961 -63.82 -6.48 -0.54
C VAL C 961 -62.67 -7.43 -0.87
N PRO C 962 -62.82 -8.70 -0.49
CA PRO C 962 -61.70 -9.63 -0.59
C PRO C 962 -61.48 -10.00 -2.05
N ALA C 963 -62.55 -9.97 -2.82
CA ALA C 963 -62.47 -10.27 -4.22
C ALA C 963 -61.66 -9.25 -4.98
N SER C 964 -61.42 -8.07 -4.41
CA SER C 964 -60.79 -6.96 -5.14
C SER C 964 -59.29 -7.02 -5.00
N TYR C 965 -58.61 -6.99 -6.13
CA TYR C 965 -57.15 -6.95 -6.14
C TYR C 965 -56.62 -5.68 -5.54
N THR C 966 -57.15 -4.54 -5.98
CA THR C 966 -56.79 -3.26 -5.41
C THR C 966 -56.97 -3.39 -3.92
N GLY C 967 -58.11 -3.96 -3.53
CA GLY C 967 -58.48 -4.19 -2.15
C GLY C 967 -57.40 -4.90 -1.37
N LYS C 968 -56.86 -5.95 -1.98
CA LYS C 968 -55.88 -6.78 -1.31
C LYS C 968 -54.71 -5.93 -0.85
N PHE C 969 -54.22 -5.08 -1.74
CA PHE C 969 -53.01 -4.29 -1.48
C PHE C 969 -53.30 -3.11 -0.59
N LEU C 970 -54.43 -2.47 -0.88
CA LEU C 970 -54.94 -1.33 -0.14
C LEU C 970 -55.08 -1.68 1.32
N ALA C 971 -55.44 -2.93 1.59
CA ALA C 971 -55.71 -3.44 2.93
C ALA C 971 -54.50 -3.42 3.82
N GLU C 972 -53.32 -3.64 3.24
CA GLU C 972 -52.06 -3.57 4.01
C GLU C 972 -51.71 -2.16 4.45
N VAL C 973 -52.46 -1.18 3.95
CA VAL C 973 -52.23 0.21 4.31
C VAL C 973 -53.39 0.86 5.07
N VAL C 974 -54.52 0.17 5.14
CA VAL C 974 -55.74 0.73 5.72
C VAL C 974 -56.33 -0.18 6.78
N ALA D 23 16.12 11.26 1.68
CA ALA D 23 16.19 9.97 2.39
C ALA D 23 14.79 9.48 2.82
N ASP D 24 14.52 8.21 2.48
CA ASP D 24 13.41 7.40 3.01
C ASP D 24 14.03 6.57 4.14
N ARG D 25 14.81 7.27 4.98
CA ARG D 25 15.60 6.67 6.02
C ARG D 25 15.45 7.34 7.35
N LEU D 26 15.22 6.52 8.36
CA LEU D 26 15.31 6.93 9.73
C LEU D 26 16.76 6.91 10.12
N ILE D 27 17.23 8.05 10.61
CA ILE D 27 18.63 8.25 10.95
C ILE D 27 18.80 8.83 12.33
N VAL D 28 19.68 8.20 13.11
CA VAL D 28 20.02 8.67 14.46
C VAL D 28 21.54 8.84 14.66
N LYS D 29 21.93 9.96 15.26
CA LYS D 29 23.34 10.21 15.52
C LYS D 29 23.53 10.46 16.98
N GLY D 30 24.43 9.75 17.61
CA GLY D 30 24.78 10.03 18.99
C GLY D 30 23.66 9.77 20.00
N ALA D 31 23.03 8.60 19.93
CA ALA D 31 22.14 8.15 20.98
C ALA D 31 22.99 7.69 22.12
N ARG D 32 22.80 8.36 23.25
CA ARG D 32 23.66 8.17 24.40
C ARG D 32 22.92 7.63 25.60
N GLU D 33 21.72 7.10 25.39
CA GLU D 33 20.80 6.89 26.49
C GLU D 33 21.14 6.19 27.79
N HIS D 34 21.45 4.92 27.82
CA HIS D 34 21.60 4.36 29.16
C HIS D 34 23.02 3.84 29.13
N ASN D 35 23.23 2.68 28.58
CA ASN D 35 24.59 2.25 28.37
C ASN D 35 24.94 2.42 26.91
N LEU D 36 24.13 3.23 26.23
CA LEU D 36 24.26 3.47 24.79
C LEU D 36 25.48 4.32 24.57
N ARG D 37 26.31 3.91 23.60
CA ARG D 37 27.61 4.52 23.34
C ARG D 37 27.63 5.54 22.19
N SER D 38 27.05 6.71 22.43
CA SER D 38 26.82 7.69 21.37
C SER D 38 26.66 7.01 20.00
N VAL D 39 25.65 6.15 19.91
CA VAL D 39 25.45 5.31 18.76
C VAL D 39 24.81 6.00 17.57
N ASP D 40 25.07 5.45 16.40
CA ASP D 40 24.55 5.99 15.16
C ASP D 40 23.72 4.93 14.41
N LEU D 41 22.57 5.31 13.89
CA LEU D 41 21.83 4.40 13.03
C LEU D 41 21.45 4.96 11.66
N ASP D 42 21.33 4.07 10.68
CA ASP D 42 20.77 4.51 9.43
C ASP D 42 19.75 3.51 8.97
N LEU D 43 18.54 3.63 9.48
CA LEU D 43 17.56 2.60 9.27
C LEU D 43 16.67 2.87 8.07
N PRO D 44 16.20 1.81 7.40
CA PRO D 44 15.27 1.91 6.28
C PRO D 44 13.91 2.13 6.79
N ARG D 45 13.38 3.34 6.64
CA ARG D 45 11.98 3.61 6.95
C ARG D 45 11.06 2.66 6.11
N ASP D 46 9.80 2.45 6.51
CA ASP D 46 8.89 1.56 5.76
C ASP D 46 9.45 0.15 5.61
N ALA D 47 10.15 -0.28 6.63
CA ALA D 47 10.62 -1.63 6.78
C ALA D 47 10.11 -2.21 8.10
N LEU D 48 10.06 -3.54 8.21
CA LEU D 48 9.92 -4.17 9.50
C LEU D 48 11.31 -4.28 10.03
N ILE D 49 11.79 -3.32 10.83
CA ILE D 49 13.10 -3.46 11.49
C ILE D 49 12.99 -4.27 12.79
N VAL D 50 13.92 -5.17 13.04
CA VAL D 50 13.94 -5.88 14.32
C VAL D 50 15.23 -5.61 15.10
N PHE D 51 15.07 -5.13 16.34
CA PHE D 51 16.21 -4.96 17.22
C PHE D 51 16.51 -6.29 17.86
N THR D 52 17.80 -6.52 18.11
CA THR D 52 18.23 -7.83 18.54
C THR D 52 19.55 -7.88 19.30
N GLY D 53 19.65 -8.79 20.25
CA GLY D 53 20.82 -8.83 21.12
C GLY D 53 20.49 -9.08 22.59
N LEU D 54 21.53 -9.48 23.32
CA LEU D 54 21.45 -9.93 24.70
C LEU D 54 20.64 -9.05 25.62
N SER D 55 20.21 -9.69 26.70
CA SER D 55 19.44 -9.03 27.73
C SER D 55 20.26 -7.86 28.31
N GLY D 56 19.76 -6.62 28.18
CA GLY D 56 20.46 -5.44 28.71
C GLY D 56 21.60 -4.99 27.79
N SER D 57 21.43 -5.37 26.53
CA SER D 57 22.28 -4.94 25.45
C SER D 57 22.17 -3.42 25.32
N GLY D 58 20.98 -2.91 25.62
CA GLY D 58 20.63 -1.51 25.35
C GLY D 58 19.49 -1.47 24.35
N LYS D 59 19.04 -2.66 23.94
CA LYS D 59 17.98 -2.81 22.95
C LYS D 59 16.88 -1.75 23.23
N SER D 60 16.40 -1.67 24.47
CA SER D 60 15.20 -0.85 24.75
C SER D 60 15.49 0.64 24.86
N SER D 61 16.69 0.94 25.35
CA SER D 61 17.12 2.30 25.50
C SER D 61 17.09 2.91 24.13
N LEU D 62 17.47 2.14 23.13
CA LEU D 62 17.50 2.65 21.78
C LEU D 62 16.10 2.73 21.20
N ALA D 63 15.42 1.60 21.25
CA ALA D 63 14.11 1.44 20.62
C ALA D 63 13.10 2.39 21.24
N PHE D 64 12.99 2.28 22.56
CA PHE D 64 11.93 2.91 23.29
C PHE D 64 12.32 4.22 23.92
N ASP D 65 13.37 4.20 24.72
CA ASP D 65 13.81 5.41 25.40
C ASP D 65 14.35 6.51 24.50
N THR D 66 14.85 6.15 23.32
CA THR D 66 15.31 7.17 22.40
C THR D 66 14.38 7.33 21.20
N ILE D 67 14.32 6.31 20.33
CA ILE D 67 13.64 6.48 19.04
C ILE D 67 12.17 6.80 19.19
N PHE D 68 11.44 5.85 19.79
CA PHE D 68 10.03 6.05 20.12
C PHE D 68 9.75 7.34 20.90
N ALA D 69 10.33 7.40 22.10
CA ALA D 69 10.21 8.55 23.00
C ALA D 69 10.27 9.91 22.24
N GLU D 70 11.22 10.02 21.32
CA GLU D 70 11.31 11.20 20.51
C GLU D 70 10.21 11.25 19.47
N GLY D 71 9.90 10.10 18.90
CA GLY D 71 8.85 10.06 17.90
C GLY D 71 7.58 10.71 18.41
N GLN D 72 7.13 10.20 19.54
CA GLN D 72 5.99 10.74 20.26
C GLN D 72 6.15 12.25 20.62
N ARG D 73 7.22 12.56 21.34
CA ARG D 73 7.46 13.89 21.86
C ARG D 73 7.32 14.95 20.79
N ARG D 74 8.17 14.90 19.77
CA ARG D 74 8.15 15.86 18.67
C ARG D 74 6.75 16.07 18.10
N TYR D 75 5.99 14.99 17.99
CA TYR D 75 4.68 15.14 17.43
C TYR D 75 3.75 15.86 18.38
N VAL D 76 3.82 15.50 19.66
CA VAL D 76 2.93 16.06 20.73
C VAL D 76 3.20 17.54 20.93
N GLU D 77 4.47 17.90 20.89
CA GLU D 77 4.83 19.28 20.93
C GLU D 77 3.99 20.11 20.00
N SER D 78 3.41 19.51 18.97
CA SER D 78 2.62 20.26 18.00
C SER D 78 1.28 20.56 18.57
N LEU D 79 0.73 19.62 19.34
CA LEU D 79 -0.69 19.62 19.76
C LEU D 79 -1.26 21.00 20.12
N SER D 80 -0.78 21.56 21.20
CA SER D 80 -1.07 22.92 21.50
C SER D 80 0.28 23.51 21.86
N ALA D 81 0.46 24.80 21.57
CA ALA D 81 1.61 25.53 22.12
C ALA D 81 1.63 25.40 23.67
N TYR D 82 0.47 25.13 24.29
CA TYR D 82 0.41 24.83 25.72
C TYR D 82 1.01 23.48 26.15
N ALA D 83 0.55 22.37 25.58
CA ALA D 83 1.05 21.04 25.98
C ALA D 83 2.54 20.98 25.70
N ARG D 84 2.96 21.74 24.71
CA ARG D 84 4.36 22.01 24.43
C ARG D 84 5.14 22.40 25.72
N GLN D 85 4.50 23.16 26.62
CA GLN D 85 5.11 23.61 27.90
C GLN D 85 5.08 22.46 28.89
N PHE D 86 3.90 21.94 29.17
CA PHE D 86 3.69 20.74 30.00
C PHE D 86 4.73 19.64 29.68
N LEU D 87 5.18 19.64 28.41
CA LEU D 87 6.21 18.73 27.92
C LEU D 87 7.61 19.13 28.30
N GLY D 88 7.91 20.41 28.17
CA GLY D 88 9.19 20.98 28.57
C GLY D 88 9.83 20.30 29.77
N GLN D 89 9.04 19.98 30.79
CA GLN D 89 9.59 19.42 32.02
C GLN D 89 9.95 17.94 31.93
N MET D 90 10.07 17.43 30.71
CA MET D 90 10.53 16.07 30.54
C MET D 90 12.03 16.05 30.28
N ASP D 91 12.65 14.98 30.75
CA ASP D 91 14.03 14.68 30.39
C ASP D 91 14.16 14.22 28.92
N LYS D 92 14.17 15.18 27.98
CA LYS D 92 14.37 14.86 26.56
C LYS D 92 15.48 13.83 26.40
N PRO D 93 15.23 12.79 25.56
CA PRO D 93 16.18 11.71 25.55
C PRO D 93 17.53 12.19 25.05
N ASP D 94 18.60 11.59 25.56
CA ASP D 94 19.93 11.97 25.16
C ASP D 94 20.36 11.36 23.80
N VAL D 95 20.04 12.08 22.74
CA VAL D 95 20.57 11.81 21.41
C VAL D 95 21.25 13.09 20.96
N ASP D 96 21.89 13.09 19.80
CA ASP D 96 22.36 14.35 19.28
C ASP D 96 21.40 14.85 18.22
N PHE D 97 21.10 14.01 17.24
CA PHE D 97 20.32 14.42 16.08
C PHE D 97 19.64 13.19 15.56
N ILE D 98 18.32 13.25 15.45
CA ILE D 98 17.62 12.21 14.71
C ILE D 98 16.71 12.83 13.69
N GLU D 99 16.36 12.04 12.70
CA GLU D 99 15.60 12.56 11.57
C GLU D 99 15.01 11.48 10.65
N GLY D 100 13.94 11.83 9.96
CA GLY D 100 13.21 10.80 9.24
C GLY D 100 12.43 10.06 10.28
N LEU D 101 11.94 10.83 11.23
CA LEU D 101 11.25 10.31 12.39
C LEU D 101 9.75 10.50 12.18
N SER D 102 9.01 9.38 12.25
CA SER D 102 7.52 9.37 12.20
C SER D 102 7.01 9.48 13.63
N PRO D 103 5.84 10.14 13.82
CA PRO D 103 5.24 10.16 15.15
C PRO D 103 5.15 8.70 15.60
N ALA D 104 5.65 8.42 16.80
CA ALA D 104 5.79 7.04 17.23
C ALA D 104 4.63 6.52 18.07
N VAL D 105 4.45 5.21 18.08
CA VAL D 105 3.43 4.62 18.93
C VAL D 105 4.03 3.40 19.56
N SER D 106 3.92 3.29 20.88
CA SER D 106 4.53 2.17 21.57
C SER D 106 3.55 1.03 21.78
N ILE D 107 4.00 -0.20 21.53
CA ILE D 107 3.20 -1.38 21.76
C ILE D 107 3.99 -2.38 22.60
N ASP D 108 3.99 -2.14 23.91
CA ASP D 108 4.70 -2.99 24.86
C ASP D 108 3.72 -3.91 25.51
N GLN D 109 4.10 -4.47 26.66
CA GLN D 109 3.12 -5.17 27.46
C GLN D 109 2.98 -4.57 28.84
N LYS D 110 3.72 -3.48 29.07
CA LYS D 110 3.69 -2.75 30.35
C LYS D 110 2.46 -2.64 31.29
N SER D 111 1.26 -2.59 30.70
CA SER D 111 0.04 -2.26 31.44
C SER D 111 -0.55 -3.59 31.85
N THR D 112 -0.95 -3.66 33.12
CA THR D 112 -1.71 -4.78 33.65
C THR D 112 -2.84 -4.12 34.43
N ASN D 113 -3.78 -3.51 33.70
CA ASN D 113 -4.85 -2.74 34.34
C ASN D 113 -5.78 -3.59 35.19
N ARG D 114 -6.12 -3.07 36.36
CA ARG D 114 -7.02 -3.76 37.29
C ARG D 114 -8.38 -3.09 37.46
N ASN D 115 -8.68 -2.07 36.67
CA ASN D 115 -9.94 -1.38 36.87
C ASN D 115 -11.09 -2.38 36.83
N PRO D 116 -11.79 -2.52 37.97
CA PRO D 116 -12.72 -3.62 38.11
C PRO D 116 -13.95 -3.39 37.23
N ARG D 117 -14.13 -2.16 36.76
CA ARG D 117 -15.25 -1.86 35.86
C ARG D 117 -14.75 -1.62 34.41
N SER D 118 -13.63 -2.28 34.07
CA SER D 118 -13.09 -2.26 32.73
C SER D 118 -12.98 -3.68 32.17
N THR D 119 -13.53 -3.89 30.97
CA THR D 119 -13.48 -5.20 30.27
C THR D 119 -12.96 -5.04 28.85
N VAL D 120 -12.62 -6.15 28.22
CA VAL D 120 -12.29 -6.14 26.79
C VAL D 120 -13.28 -5.28 26.01
N GLY D 121 -14.57 -5.54 26.19
CA GLY D 121 -15.63 -4.75 25.56
C GLY D 121 -15.36 -3.27 25.71
N THR D 122 -15.02 -2.86 26.93
CA THR D 122 -14.76 -1.45 27.24
C THR D 122 -13.43 -0.97 26.64
N ILE D 123 -12.33 -1.65 26.97
CA ILE D 123 -11.01 -1.40 26.39
C ILE D 123 -11.05 -1.17 24.88
N THR D 124 -11.75 -2.01 24.15
CA THR D 124 -11.76 -1.95 22.69
C THR D 124 -12.80 -0.97 22.18
N GLU D 125 -13.59 -0.39 23.08
CA GLU D 125 -14.69 0.55 22.72
C GLU D 125 -15.86 -0.14 22.02
N VAL D 126 -15.70 -1.45 21.76
CA VAL D 126 -16.75 -2.28 21.15
C VAL D 126 -18.01 -2.20 22.00
N TYR D 127 -17.83 -2.28 23.33
CA TYR D 127 -18.97 -2.22 24.20
C TYR D 127 -19.71 -0.91 23.96
N ASP D 128 -18.96 0.18 23.94
CA ASP D 128 -19.55 1.47 23.62
C ASP D 128 -20.45 1.41 22.43
N TYR D 129 -19.95 0.89 21.32
CA TYR D 129 -20.80 0.80 20.15
C TYR D 129 -21.99 -0.13 20.40
N LEU D 130 -21.77 -1.19 21.18
CA LEU D 130 -22.87 -2.11 21.48
C LEU D 130 -24.07 -1.37 22.05
N ARG D 131 -23.79 -0.45 22.97
CA ARG D 131 -24.84 0.29 23.68
C ARG D 131 -25.66 1.12 22.73
N LEU D 132 -24.95 1.93 21.94
CA LEU D 132 -25.52 2.62 20.80
C LEU D 132 -26.39 1.70 19.94
N LEU D 133 -25.83 0.56 19.54
CA LEU D 133 -26.59 -0.39 18.75
C LEU D 133 -27.90 -0.76 19.42
N TYR D 134 -27.82 -1.16 20.70
CA TYR D 134 -28.98 -1.56 21.51
C TYR D 134 -29.95 -0.46 21.81
N ALA D 135 -29.40 0.71 22.08
CA ALA D 135 -30.21 1.85 22.41
C ALA D 135 -31.11 2.19 21.26
N ARG D 136 -30.59 2.12 20.05
CA ARG D 136 -31.34 2.55 18.88
C ARG D 136 -31.84 1.46 17.94
N ALA D 137 -31.57 0.20 18.28
CA ALA D 137 -32.26 -0.95 17.69
C ALA D 137 -32.77 -1.75 18.86
N GLY D 138 -33.03 -3.05 18.71
CA GLY D 138 -33.13 -3.91 19.90
C GLY D 138 -34.23 -3.62 20.92
N THR D 139 -34.90 -4.67 21.41
CA THR D 139 -36.24 -4.46 21.94
C THR D 139 -36.46 -4.65 23.41
N PRO D 140 -36.97 -3.59 24.03
CA PRO D 140 -37.24 -3.45 25.46
C PRO D 140 -38.37 -4.39 25.91
N HIS D 141 -38.03 -5.27 26.86
CA HIS D 141 -38.98 -6.23 27.40
C HIS D 141 -38.99 -6.08 28.92
N CYS D 142 -40.19 -6.09 29.50
CA CYS D 142 -40.33 -6.08 30.95
C CYS D 142 -39.54 -7.25 31.53
N PRO D 143 -38.94 -7.06 32.70
CA PRO D 143 -38.39 -8.23 33.41
C PRO D 143 -39.45 -9.26 33.88
N THR D 144 -40.45 -8.75 34.61
CA THR D 144 -41.55 -9.51 35.22
C THR D 144 -42.47 -10.23 34.21
N CYS D 145 -43.23 -9.38 33.19
CA CYS D 145 -44.14 -10.11 32.27
C CYS D 145 -43.90 -10.49 30.79
N GLY D 146 -42.35 -10.48 30.61
CA GLY D 146 -41.86 -11.10 29.39
C GLY D 146 -42.25 -10.38 28.11
N GLU D 147 -42.98 -9.29 28.31
CA GLU D 147 -43.60 -8.41 27.34
C GLU D 147 -42.93 -7.10 26.94
N ARG D 148 -42.91 -6.65 25.97
CA ARG D 148 -42.49 -5.35 25.47
C ARG D 148 -43.04 -4.19 26.27
N VAL D 149 -42.28 -3.11 26.38
CA VAL D 149 -42.76 -1.87 27.02
C VAL D 149 -42.97 -0.68 26.08
N ALA D 150 -43.89 0.22 26.42
CA ALA D 150 -44.31 1.27 25.48
C ALA D 150 -44.64 2.60 26.16
N ARG D 151 -44.81 3.65 25.34
CA ARG D 151 -45.23 5.01 25.78
C ARG D 151 -46.50 4.94 26.63
N GLN D 152 -46.51 5.70 27.72
CA GLN D 152 -47.52 5.56 28.76
C GLN D 152 -48.00 6.96 29.11
N THR D 153 -49.15 7.35 28.59
CA THR D 153 -49.63 8.73 28.76
C THR D 153 -49.87 9.13 30.21
N PRO D 154 -49.70 10.42 30.49
CA PRO D 154 -49.72 11.07 31.81
C PRO D 154 -50.96 10.78 32.68
N GLN D 155 -52.15 10.87 32.09
CA GLN D 155 -53.37 10.56 32.83
C GLN D 155 -53.35 9.08 33.06
N GLN D 156 -52.95 8.33 32.03
CA GLN D 156 -52.75 6.91 32.12
C GLN D 156 -51.91 6.61 33.35
N ILE D 157 -50.85 7.39 33.53
CA ILE D 157 -50.01 7.28 34.70
C ILE D 157 -50.82 7.67 35.93
N VAL D 158 -51.46 8.82 35.85
CA VAL D 158 -52.09 9.47 37.00
C VAL D 158 -53.11 8.58 37.75
N ASP D 159 -53.84 7.74 37.01
CA ASP D 159 -54.86 6.85 37.61
C ASP D 159 -54.23 5.68 38.33
N GLN D 160 -53.00 5.35 37.92
CA GLN D 160 -52.24 4.28 38.55
C GLN D 160 -51.78 4.73 39.91
N VAL D 161 -51.66 6.04 40.09
CA VAL D 161 -51.19 6.63 41.35
C VAL D 161 -52.35 6.75 42.34
N LEU D 162 -53.54 6.94 41.77
CA LEU D 162 -54.83 6.77 42.44
C LEU D 162 -55.06 5.29 42.81
N ALA D 163 -54.71 4.38 41.90
CA ALA D 163 -54.76 2.94 42.18
C ALA D 163 -53.82 2.49 43.30
N MET D 164 -52.84 3.33 43.66
CA MET D 164 -52.05 3.08 44.86
C MET D 164 -52.95 3.35 46.10
N PRO D 165 -53.02 2.38 47.05
CA PRO D 165 -53.82 2.46 48.31
C PRO D 165 -53.49 3.61 49.28
N GLU D 166 -52.68 4.56 48.83
CA GLU D 166 -52.07 5.58 49.70
C GLU D 166 -52.56 7.05 49.51
N GLY D 167 -53.58 7.48 50.26
CA GLY D 167 -53.99 8.89 50.28
C GLY D 167 -52.96 9.80 50.96
N THR D 168 -51.71 9.72 50.47
CA THR D 168 -50.50 10.53 50.85
C THR D 168 -49.19 10.44 51.73
N ARG D 169 -48.79 9.18 52.04
CA ARG D 169 -47.41 8.76 52.48
C ARG D 169 -46.14 9.18 51.70
N PHE D 170 -46.32 9.51 50.40
CA PHE D 170 -45.26 9.94 49.48
C PHE D 170 -45.15 11.46 49.26
N LEU D 171 -44.10 11.91 48.54
CA LEU D 171 -43.85 13.36 48.36
C LEU D 171 -43.87 13.93 46.93
N VAL D 172 -43.91 13.04 45.92
CA VAL D 172 -43.96 13.39 44.48
C VAL D 172 -42.85 14.30 43.92
N LEU D 173 -41.59 13.87 44.02
CA LEU D 173 -40.43 14.63 43.48
C LEU D 173 -40.15 14.40 41.98
N ALA D 174 -39.92 15.49 41.25
CA ALA D 174 -39.64 15.46 39.80
C ALA D 174 -38.14 15.68 39.54
N PRO D 175 -37.49 14.75 38.80
CA PRO D 175 -36.08 14.86 38.41
C PRO D 175 -35.95 15.64 37.11
N VAL D 176 -35.80 16.95 37.26
CA VAL D 176 -35.68 17.87 36.13
C VAL D 176 -34.28 17.80 35.48
N VAL D 177 -33.29 17.38 36.26
CA VAL D 177 -31.94 17.13 35.74
C VAL D 177 -31.83 15.96 34.77
N ARG D 178 -31.98 14.74 35.30
CA ARG D 178 -31.75 13.49 34.55
C ARG D 178 -30.26 13.31 34.25
N THR D 179 -29.41 13.53 35.26
CA THR D 179 -27.91 13.61 35.15
C THR D 179 -27.37 14.26 33.86
N ARG D 180 -27.62 15.55 33.70
CA ARG D 180 -27.12 16.24 32.53
C ARG D 180 -26.27 17.42 32.98
N LYS D 181 -25.79 18.20 32.02
CA LYS D 181 -24.84 19.25 32.27
C LYS D 181 -25.35 20.62 31.80
N GLY D 182 -25.37 21.60 32.72
CA GLY D 182 -25.81 22.97 32.47
C GLY D 182 -25.49 23.88 33.64
N GLU D 183 -25.83 25.15 33.48
CA GLU D 183 -25.77 26.16 34.57
C GLU D 183 -27.21 26.44 34.95
N PHE D 184 -27.66 25.86 36.05
CA PHE D 184 -29.08 25.82 36.24
C PHE D 184 -29.67 26.94 37.10
N ALA D 185 -28.93 28.04 37.23
CA ALA D 185 -29.47 29.28 37.76
C ALA D 185 -30.74 29.64 37.00
N ASP D 186 -30.72 29.49 35.69
CA ASP D 186 -31.91 29.73 34.88
C ASP D 186 -33.14 28.90 35.26
N LEU D 187 -32.89 27.66 35.69
CA LEU D 187 -33.93 26.71 36.07
C LEU D 187 -34.49 27.05 37.45
N PHE D 188 -33.58 27.29 38.41
CA PHE D 188 -33.94 27.61 39.82
C PHE D 188 -34.84 28.82 39.90
N ASP D 189 -34.53 29.81 39.07
CA ASP D 189 -35.29 31.04 38.98
C ASP D 189 -36.67 30.82 38.37
N LYS D 190 -36.82 29.82 37.50
CA LYS D 190 -38.14 29.43 37.03
C LYS D 190 -38.83 28.73 38.19
N LEU D 191 -38.04 28.13 39.07
CA LEU D 191 -38.59 27.34 40.17
C LEU D 191 -39.13 28.16 41.35
N ASN D 192 -38.32 29.09 41.90
CA ASN D 192 -38.80 30.07 42.89
C ASN D 192 -39.91 30.95 42.33
N ALA D 193 -39.84 31.18 41.02
CA ALA D 193 -40.93 31.80 40.26
C ALA D 193 -42.18 30.96 40.34
N GLN D 194 -42.04 29.76 40.89
CA GLN D 194 -43.18 28.92 41.21
C GLN D 194 -43.19 28.60 42.71
N GLY D 195 -42.13 29.03 43.40
CA GLY D 195 -42.06 28.96 44.84
C GLY D 195 -42.04 27.55 45.38
N TYR D 196 -40.85 26.95 45.40
CA TYR D 196 -40.59 25.72 46.14
C TYR D 196 -39.57 26.07 47.23
N SER D 197 -39.60 25.32 48.32
CA SER D 197 -38.67 25.58 49.40
C SER D 197 -37.27 24.98 49.13
N ARG D 198 -37.25 23.73 48.70
CA ARG D 198 -36.03 22.91 48.63
C ARG D 198 -35.65 22.50 47.19
N VAL D 199 -34.34 22.36 46.91
CA VAL D 199 -33.84 21.63 45.69
C VAL D 199 -32.75 20.59 45.99
N ARG D 200 -32.95 19.37 45.53
CA ARG D 200 -31.94 18.33 45.65
C ARG D 200 -30.95 18.46 44.50
N VAL D 201 -29.95 19.30 44.74
CA VAL D 201 -28.83 19.48 43.84
C VAL D 201 -27.77 18.46 44.26
N ASP D 202 -27.49 17.53 43.37
CA ASP D 202 -26.52 16.45 43.59
C ASP D 202 -26.61 15.94 45.02
N GLY D 203 -25.58 16.14 45.83
CA GLY D 203 -25.71 15.65 47.19
C GLY D 203 -26.85 16.30 47.97
N VAL D 204 -27.74 15.47 48.48
CA VAL D 204 -28.84 15.85 49.38
C VAL D 204 -29.82 16.96 48.92
N VAL D 205 -30.06 17.86 49.86
CA VAL D 205 -30.96 19.04 49.79
C VAL D 205 -30.30 20.42 49.95
N HIS D 206 -30.61 21.35 49.05
CA HIS D 206 -30.05 22.72 49.05
C HIS D 206 -31.24 23.71 48.88
N PRO D 207 -31.22 24.89 49.53
CA PRO D 207 -32.46 25.67 49.81
C PRO D 207 -32.98 26.63 48.71
N LEU D 208 -33.89 26.16 47.86
CA LEU D 208 -34.22 26.87 46.58
C LEU D 208 -34.20 28.41 46.55
N THR D 209 -34.59 29.07 47.64
CA THR D 209 -34.54 30.54 47.65
C THR D 209 -33.08 31.07 47.60
N ASP D 210 -32.18 30.42 48.32
CA ASP D 210 -30.75 30.56 48.05
C ASP D 210 -30.18 29.32 47.35
N PRO D 211 -29.84 29.46 46.06
CA PRO D 211 -29.34 28.35 45.25
C PRO D 211 -27.84 28.16 45.37
N PRO D 212 -27.30 27.00 44.96
CA PRO D 212 -25.91 27.05 44.58
C PRO D 212 -25.84 27.26 43.07
N LYS D 213 -24.71 27.75 42.58
CA LYS D 213 -24.38 27.65 41.17
C LYS D 213 -23.20 26.70 40.94
N LEU D 214 -23.32 25.96 39.84
CA LEU D 214 -22.35 24.96 39.45
C LEU D 214 -21.77 25.53 38.15
N LYS D 215 -20.90 24.76 37.49
CA LYS D 215 -20.41 25.19 36.18
C LYS D 215 -20.99 24.33 35.05
N LYS D 216 -21.45 24.98 33.99
CA LYS D 216 -21.92 24.29 32.78
C LYS D 216 -21.13 23.00 32.58
N GLN D 217 -19.81 23.11 32.63
CA GLN D 217 -18.91 22.03 32.24
C GLN D 217 -19.21 20.74 32.99
N GLU D 218 -19.15 20.76 34.32
CA GLU D 218 -19.45 19.55 35.09
C GLU D 218 -20.96 19.30 35.09
N LYS D 219 -21.37 18.03 35.21
CA LYS D 219 -22.78 17.64 35.11
C LYS D 219 -23.38 17.23 36.47
N HIS D 220 -24.68 17.50 36.66
CA HIS D 220 -25.28 17.45 38.01
C HIS D 220 -26.63 16.71 38.13
N ASP D 221 -27.17 16.70 39.34
CA ASP D 221 -28.45 16.07 39.64
C ASP D 221 -29.42 16.93 40.45
N ILE D 222 -30.48 17.36 39.78
CA ILE D 222 -31.43 18.32 40.31
C ILE D 222 -32.85 17.73 40.24
N GLU D 223 -33.40 17.42 41.42
CA GLU D 223 -34.80 16.99 41.52
C GLU D 223 -35.52 17.66 42.71
N VAL D 224 -36.79 18.01 42.52
CA VAL D 224 -37.51 18.83 43.51
C VAL D 224 -38.80 18.20 44.04
N VAL D 225 -38.97 18.26 45.37
CA VAL D 225 -40.20 17.80 46.05
C VAL D 225 -41.43 18.67 45.69
N VAL D 226 -42.47 18.06 45.12
CA VAL D 226 -43.69 18.80 44.68
C VAL D 226 -44.90 18.79 45.69
N ASP D 227 -44.94 17.81 46.62
CA ASP D 227 -46.00 17.68 47.66
C ASP D 227 -45.63 16.76 48.84
N LYS D 236 -57.50 14.17 46.67
CA LYS D 236 -58.53 13.83 45.69
C LYS D 236 -58.00 14.07 44.26
N ARG D 237 -58.72 14.88 43.45
CA ARG D 237 -58.30 15.24 42.08
C ARG D 237 -57.35 16.44 42.09
N ARG D 238 -57.13 17.03 43.27
CA ARG D 238 -55.98 17.89 43.46
C ARG D 238 -54.81 17.09 44.05
N LEU D 239 -54.75 15.81 43.65
CA LEU D 239 -53.49 15.06 43.54
C LEU D 239 -53.14 14.86 42.05
N THR D 240 -54.13 14.47 41.23
CA THR D 240 -54.05 14.41 39.75
C THR D 240 -53.20 15.53 39.06
N ASP D 241 -53.17 16.70 39.70
CA ASP D 241 -52.50 17.89 39.19
C ASP D 241 -51.09 18.07 39.75
N SER D 242 -50.86 17.53 40.96
CA SER D 242 -49.52 17.46 41.55
C SER D 242 -48.58 16.50 40.80
N VAL D 243 -49.11 15.90 39.74
CA VAL D 243 -48.43 14.92 38.89
C VAL D 243 -48.20 15.51 37.51
N GLU D 244 -49.26 15.71 36.74
CA GLU D 244 -49.14 16.09 35.32
C GLU D 244 -48.24 17.30 35.09
N THR D 245 -47.98 18.04 36.16
CA THR D 245 -46.94 19.06 36.18
C THR D 245 -45.57 18.38 36.41
N ALA D 246 -45.42 17.63 37.50
CA ALA D 246 -44.15 16.91 37.73
C ALA D 246 -43.82 15.92 36.60
N LEU D 247 -44.73 15.83 35.63
CA LEU D 247 -44.56 15.05 34.40
C LEU D 247 -44.07 15.89 33.23
N ASN D 248 -44.30 17.21 33.30
CA ASN D 248 -43.88 18.15 32.26
C ASN D 248 -42.78 19.03 32.80
N LEU D 249 -42.77 19.17 34.12
CA LEU D 249 -41.70 19.86 34.82
C LEU D 249 -40.45 19.05 34.57
N ALA D 250 -40.49 17.77 34.96
CA ALA D 250 -39.37 16.83 34.73
C ALA D 250 -39.51 16.10 33.38
N ASP D 251 -40.37 16.64 32.51
CA ASP D 251 -40.69 16.11 31.18
C ASP D 251 -40.73 14.58 31.09
N GLY D 252 -41.87 14.07 30.69
CA GLY D 252 -42.03 12.63 30.57
C GLY D 252 -42.07 11.90 31.90
N ILE D 253 -41.05 12.05 32.72
CA ILE D 253 -40.86 11.18 33.88
C ILE D 253 -41.30 11.81 35.22
N VAL D 254 -41.82 10.97 36.12
CA VAL D 254 -42.21 11.42 37.46
C VAL D 254 -42.06 10.35 38.56
N VAL D 255 -41.39 10.71 39.64
CA VAL D 255 -41.10 9.76 40.70
C VAL D 255 -42.12 9.95 41.83
N LEU D 256 -42.10 9.05 42.82
CA LEU D 256 -42.91 9.07 44.06
C LEU D 256 -42.15 8.44 45.24
N GLU D 257 -41.86 9.25 46.27
CA GLU D 257 -41.16 8.74 47.45
C GLU D 257 -42.09 8.53 48.66
N PHE D 258 -42.45 7.27 48.96
CA PHE D 258 -43.20 6.93 50.19
C PHE D 258 -42.25 7.02 51.37
N VAL D 259 -42.74 7.29 52.57
CA VAL D 259 -41.87 7.30 53.76
C VAL D 259 -42.23 6.14 54.73
N ASP D 260 -41.26 5.74 55.58
CA ASP D 260 -41.45 4.67 56.59
C ASP D 260 -40.93 4.99 58.02
N HIS D 261 -41.84 5.58 58.82
CA HIS D 261 -41.79 5.73 60.30
C HIS D 261 -40.54 5.22 61.03
N ARG D 271 -41.90 5.37 40.70
CA ARG D 271 -41.07 5.70 39.53
C ARG D 271 -41.80 5.48 38.20
N PHE D 272 -42.20 6.55 37.54
CA PHE D 272 -43.05 6.44 36.35
C PHE D 272 -42.59 7.31 35.14
N SER D 273 -42.16 6.64 34.06
CA SER D 273 -41.75 7.37 32.83
C SER D 273 -42.76 7.30 31.66
N GLU D 274 -43.10 8.48 31.13
CA GLU D 274 -44.18 8.65 30.14
C GLU D 274 -44.00 7.89 28.81
N LYS D 275 -42.80 7.36 28.58
CA LYS D 275 -42.52 6.47 27.43
C LYS D 275 -41.64 5.28 27.86
N LEU D 276 -42.17 4.46 28.78
CA LEU D 276 -41.58 3.16 29.11
C LEU D 276 -42.31 2.48 30.29
N ALA D 277 -43.19 1.50 30.01
CA ALA D 277 -43.70 0.57 31.08
C ALA D 277 -44.52 -0.64 30.59
N CYS D 278 -44.74 -1.22 31.40
CA CYS D 278 -45.41 -2.51 31.14
C CYS D 278 -46.91 -2.33 30.96
N PRO D 279 -47.41 -3.00 29.93
CA PRO D 279 -48.84 -3.04 29.66
C PRO D 279 -49.49 -3.57 30.92
N ASN D 280 -48.90 -4.52 31.65
CA ASN D 280 -49.66 -4.87 32.85
C ASN D 280 -49.21 -4.10 34.08
N GLY D 281 -48.78 -2.85 33.87
CA GLY D 281 -48.25 -1.97 34.92
C GLY D 281 -47.25 -2.53 35.93
N HIS D 282 -46.27 -3.15 35.63
CA HIS D 282 -45.23 -3.50 36.60
C HIS D 282 -44.19 -2.40 36.62
N ALA D 283 -43.76 -2.00 37.81
CA ALA D 283 -42.70 -1.02 37.89
C ALA D 283 -41.42 -1.61 37.30
N LEU D 284 -40.77 -0.83 36.45
CA LEU D 284 -39.43 -1.13 35.94
C LEU D 284 -38.40 -0.05 36.33
N ALA D 285 -37.24 -0.48 36.83
CA ALA D 285 -36.27 0.39 37.56
C ALA D 285 -35.32 1.16 36.62
N VAL D 286 -35.91 2.04 35.81
CA VAL D 286 -35.26 2.66 34.67
C VAL D 286 -36.24 3.67 34.19
N ASP D 287 -35.79 4.83 33.75
CA ASP D 287 -36.75 5.71 33.12
C ASP D 287 -36.82 5.47 31.62
N ASP D 288 -35.73 5.76 30.91
CA ASP D 288 -35.67 5.59 29.46
C ASP D 288 -34.54 4.64 29.05
N LEU D 289 -34.50 4.29 27.77
CA LEU D 289 -33.45 3.41 27.30
C LEU D 289 -32.43 4.12 26.41
N GLU D 290 -31.77 5.11 27.01
CA GLU D 290 -30.68 5.82 26.36
C GLU D 290 -29.36 5.04 26.39
N PRO D 291 -28.40 5.44 25.55
CA PRO D 291 -27.20 4.63 25.45
C PRO D 291 -26.44 4.44 26.77
N ARG D 292 -26.50 5.42 27.66
CA ARG D 292 -25.81 5.32 28.95
C ARG D 292 -26.31 4.19 29.86
N SER D 293 -27.58 3.86 29.67
CA SER D 293 -28.27 2.86 30.46
C SER D 293 -27.60 1.52 30.23
N PHE D 294 -27.17 1.27 29.02
CA PHE D 294 -26.59 0.00 28.68
C PHE D 294 -25.21 -0.13 29.34
N SER D 295 -24.81 0.84 30.15
CA SER D 295 -23.48 0.79 30.75
C SER D 295 -23.50 0.49 32.20
N PHE D 296 -22.79 -0.56 32.57
CA PHE D 296 -22.59 -0.94 33.95
C PHE D 296 -21.68 0.05 34.63
N ASN D 297 -21.25 1.07 33.89
CA ASN D 297 -20.35 2.09 34.43
C ASN D 297 -21.02 3.39 34.88
N SER D 298 -22.31 3.55 34.57
CA SER D 298 -23.17 4.57 35.21
C SER D 298 -24.25 3.91 36.10
N PRO D 299 -24.78 4.63 37.12
CA PRO D 299 -25.68 3.95 38.02
C PRO D 299 -26.89 3.53 37.22
N TYR D 300 -27.02 4.12 36.03
CA TYR D 300 -28.13 3.94 35.10
C TYR D 300 -28.36 2.55 34.56
N GLY D 301 -27.32 1.75 34.49
CA GLY D 301 -27.46 0.38 34.04
C GLY D 301 -26.78 -0.46 35.07
N ALA D 302 -25.80 0.16 35.72
CA ALA D 302 -25.04 -0.47 36.79
C ALA D 302 -25.98 -1.16 37.77
N CYS D 303 -25.90 -2.48 37.85
CA CYS D 303 -26.72 -3.29 38.76
C CYS D 303 -26.52 -2.88 40.25
N PRO D 304 -27.59 -2.33 40.89
CA PRO D 304 -27.55 -1.68 42.23
C PRO D 304 -26.99 -2.55 43.33
N GLU D 305 -27.03 -3.86 43.10
CA GLU D 305 -26.48 -4.81 44.04
C GLU D 305 -24.97 -4.95 44.03
N CYS D 306 -24.33 -4.45 42.98
CA CYS D 306 -22.89 -4.52 42.86
C CYS D 306 -22.36 -3.37 42.02
N SER D 307 -23.18 -2.34 41.85
CA SER D 307 -22.77 -1.09 41.17
C SER D 307 -22.26 -1.29 39.72
N GLY D 308 -22.57 -2.44 39.13
CA GLY D 308 -22.03 -2.80 37.83
C GLY D 308 -20.72 -3.56 37.95
N LEU D 309 -20.28 -3.79 39.19
CA LEU D 309 -19.10 -4.60 39.46
C LEU D 309 -19.31 -6.06 39.07
N GLY D 310 -20.57 -6.51 39.20
CA GLY D 310 -20.98 -7.86 38.81
C GLY D 310 -20.68 -8.94 39.84
N ILE D 311 -19.82 -8.61 40.79
CA ILE D 311 -19.19 -9.58 41.70
C ILE D 311 -19.67 -9.53 43.19
N ARG D 312 -19.40 -10.61 43.91
CA ARG D 312 -19.68 -10.77 45.34
C ARG D 312 -18.51 -11.53 45.94
N LYS D 313 -17.97 -11.02 47.03
CA LYS D 313 -16.91 -11.70 47.79
C LYS D 313 -17.57 -12.41 49.00
N GLU D 314 -17.79 -13.72 48.84
CA GLU D 314 -18.47 -14.52 49.85
C GLU D 314 -17.56 -15.59 50.46
N VAL D 315 -17.46 -15.56 51.78
CA VAL D 315 -16.71 -16.56 52.53
C VAL D 315 -17.14 -17.96 52.07
N ASP D 316 -16.20 -18.75 51.59
CA ASP D 316 -16.53 -20.03 50.96
C ASP D 316 -16.27 -21.16 51.93
N PRO D 317 -17.27 -22.03 52.15
CA PRO D 317 -17.15 -23.25 52.96
C PRO D 317 -16.08 -24.21 52.44
N GLU D 318 -15.69 -24.02 51.18
CA GLU D 318 -14.57 -24.78 50.62
C GLU D 318 -13.27 -24.27 51.22
N LEU D 319 -13.15 -22.95 51.24
CA LEU D 319 -11.99 -22.24 51.81
C LEU D 319 -11.85 -22.44 53.30
N VAL D 320 -12.99 -22.43 53.98
CA VAL D 320 -13.04 -22.51 55.44
C VAL D 320 -12.48 -23.82 55.95
N VAL D 321 -12.77 -24.91 55.27
CA VAL D 321 -12.32 -26.22 55.76
C VAL D 321 -11.83 -27.15 54.66
N PRO D 322 -10.68 -27.78 54.88
CA PRO D 322 -10.25 -28.86 53.97
C PRO D 322 -9.85 -30.15 54.70
N ASP D 323 -10.67 -31.19 54.60
CA ASP D 323 -10.30 -32.49 55.16
C ASP D 323 -9.85 -32.40 56.61
N PRO D 324 -10.58 -31.67 57.46
CA PRO D 324 -10.13 -31.48 58.84
C PRO D 324 -11.01 -32.14 59.89
N ASP D 325 -10.38 -32.94 60.75
CA ASP D 325 -11.05 -33.61 61.87
C ASP D 325 -11.63 -32.63 62.88
N ARG D 326 -10.89 -31.57 63.16
CA ARG D 326 -11.30 -30.58 64.15
C ARG D 326 -10.84 -31.02 65.55
N THR D 327 -10.10 -32.12 65.60
CA THR D 327 -9.55 -32.64 66.85
C THR D 327 -8.27 -31.90 67.19
N LEU D 328 -8.01 -30.83 66.45
CA LEU D 328 -6.78 -30.08 66.59
C LEU D 328 -5.74 -30.70 65.65
N ALA D 329 -6.15 -31.73 64.93
CA ALA D 329 -5.30 -32.36 63.93
C ALA D 329 -5.95 -32.15 62.57
N GLN D 330 -5.17 -31.62 61.63
CA GLN D 330 -5.69 -31.33 60.30
C GLN D 330 -6.45 -30.01 60.39
N GLY D 331 -6.34 -29.37 61.56
CA GLY D 331 -7.01 -28.13 61.82
C GLY D 331 -8.52 -28.29 61.71
N ALA D 332 -9.20 -28.32 62.85
CA ALA D 332 -10.64 -28.45 62.85
C ALA D 332 -11.20 -27.20 62.17
N VAL D 333 -10.58 -26.07 62.48
CA VAL D 333 -10.93 -24.81 61.84
C VAL D 333 -9.70 -24.22 61.15
N ALA D 334 -9.86 -23.87 59.87
CA ALA D 334 -8.77 -23.26 59.11
C ALA D 334 -8.47 -21.87 59.64
N PRO D 335 -9.52 -21.10 59.88
CA PRO D 335 -9.41 -19.77 60.50
C PRO D 335 -8.96 -19.88 61.95
N TRP D 336 -9.50 -20.89 62.62
CA TRP D 336 -9.29 -21.12 64.03
C TRP D 336 -8.31 -22.27 64.15
N SER D 337 -7.03 -21.97 64.06
CA SER D 337 -6.01 -23.01 64.06
C SER D 337 -4.70 -22.55 64.71
N ASN D 338 -4.77 -21.44 65.43
CA ASN D 338 -3.56 -20.77 65.97
C ASN D 338 -3.44 -20.79 67.49
N GLY D 339 -3.65 -21.97 68.08
CA GLY D 339 -3.61 -22.21 69.53
C GLY D 339 -4.34 -21.18 70.37
N HIS D 340 -3.70 -20.01 70.52
CA HIS D 340 -4.20 -18.82 71.24
C HIS D 340 -5.72 -18.67 71.10
N THR D 341 -6.18 -18.65 69.86
CA THR D 341 -7.60 -18.65 69.56
C THR D 341 -8.09 -20.09 69.52
N ALA D 342 -7.64 -20.83 68.51
CA ALA D 342 -8.03 -22.23 68.16
C ALA D 342 -8.58 -23.15 69.25
N GLU D 343 -8.20 -22.93 70.51
CA GLU D 343 -8.78 -23.73 71.57
C GLU D 343 -10.01 -23.12 72.13
N TYR D 344 -10.01 -21.79 72.28
CA TYR D 344 -11.23 -21.07 72.62
C TYR D 344 -12.45 -21.76 72.00
N PHE D 345 -12.42 -21.87 70.67
CA PHE D 345 -13.52 -22.31 69.84
C PHE D 345 -13.81 -23.79 69.98
N THR D 346 -12.83 -24.60 69.60
CA THR D 346 -12.85 -26.04 69.88
C THR D 346 -13.57 -26.28 71.21
N ARG D 347 -13.08 -25.63 72.27
CA ARG D 347 -13.62 -25.73 73.64
C ARG D 347 -15.11 -25.35 73.79
N MET D 348 -15.56 -24.35 73.04
CA MET D 348 -16.97 -23.99 73.12
C MET D 348 -17.82 -24.52 71.95
N MET D 349 -17.16 -25.19 71.00
CA MET D 349 -17.87 -25.83 69.89
C MET D 349 -18.45 -27.18 70.29
N ALA D 350 -17.60 -28.07 70.83
CA ALA D 350 -18.08 -29.31 71.46
C ALA D 350 -19.00 -28.89 72.60
N GLY D 351 -18.84 -27.65 73.04
CA GLY D 351 -19.81 -26.94 73.85
C GLY D 351 -21.17 -26.98 73.18
N LEU D 352 -21.29 -26.36 72.00
CA LEU D 352 -22.52 -26.48 71.19
C LEU D 352 -22.79 -27.96 70.85
N GLY D 353 -21.72 -28.73 70.68
CA GLY D 353 -21.81 -30.18 70.40
C GLY D 353 -22.81 -30.87 71.30
N GLU D 354 -22.65 -30.65 72.60
CA GLU D 354 -23.64 -31.06 73.56
C GLU D 354 -25.01 -30.57 73.11
N ALA D 355 -25.13 -29.27 72.90
CA ALA D 355 -26.41 -28.60 72.68
C ALA D 355 -27.10 -28.89 71.34
N LEU D 356 -26.38 -29.49 70.38
CA LEU D 356 -26.94 -29.90 69.06
C LEU D 356 -26.67 -31.35 68.64
N GLY D 357 -25.92 -32.08 69.46
CA GLY D 357 -25.76 -33.52 69.27
C GLY D 357 -24.43 -34.04 68.73
N PHE D 358 -23.52 -33.16 68.35
CA PHE D 358 -22.29 -33.62 67.72
C PHE D 358 -21.05 -33.73 68.59
N ASP D 359 -20.03 -34.37 68.03
CA ASP D 359 -18.84 -34.72 68.74
C ASP D 359 -17.94 -33.50 68.93
N VAL D 360 -17.28 -33.20 67.80
CA VAL D 360 -15.97 -32.60 67.64
C VAL D 360 -14.99 -33.69 67.20
N ASP D 361 -15.45 -34.94 67.25
CA ASP D 361 -14.65 -36.08 66.78
C ASP D 361 -14.92 -36.63 65.36
N THR D 362 -15.86 -36.05 64.61
CA THR D 362 -16.31 -36.68 63.36
C THR D 362 -16.45 -35.78 62.12
N PRO D 363 -16.38 -36.41 60.94
CA PRO D 363 -16.56 -35.71 59.66
C PRO D 363 -17.29 -34.38 59.85
N PRO D 368 -21.24 -34.89 61.17
CA PRO D 368 -21.03 -34.29 59.87
C PRO D 368 -22.29 -33.66 59.27
N ALA D 369 -23.47 -34.00 59.82
CA ALA D 369 -24.75 -33.41 59.37
C ALA D 369 -24.94 -32.05 60.06
N LYS D 370 -24.32 -31.98 61.22
CA LYS D 370 -24.25 -30.82 62.12
C LYS D 370 -23.31 -29.71 61.65
N ALA D 371 -22.32 -30.09 60.81
CA ALA D 371 -21.36 -29.19 60.11
C ALA D 371 -22.02 -27.88 59.68
N ARG D 372 -23.25 -28.04 59.27
CA ARG D 372 -24.09 -27.00 58.73
C ARG D 372 -24.40 -25.81 59.69
N LYS D 373 -24.20 -25.98 61.00
CA LYS D 373 -24.59 -24.91 61.96
C LYS D 373 -23.41 -24.17 62.50
N ALA D 374 -22.23 -24.79 62.39
CA ALA D 374 -20.99 -24.21 62.84
C ALA D 374 -20.77 -22.92 62.06
N ILE D 375 -21.01 -23.01 60.75
CA ILE D 375 -20.80 -21.89 59.82
C ILE D 375 -21.92 -20.86 59.94
N LEU D 376 -23.08 -21.22 59.37
CA LEU D 376 -24.27 -20.37 59.33
C LEU D 376 -24.55 -19.91 60.75
N GLU D 377 -24.46 -20.88 61.67
CA GLU D 377 -24.83 -20.72 63.07
C GLU D 377 -26.35 -20.89 63.18
N GLY D 378 -26.78 -22.15 63.29
CA GLY D 378 -28.16 -22.49 63.68
C GLY D 378 -28.23 -22.55 65.19
N ALA D 379 -27.52 -21.59 65.81
CA ALA D 379 -27.15 -21.62 67.22
C ALA D 379 -27.65 -20.41 68.00
N ASP D 380 -28.91 -20.47 68.39
CA ASP D 380 -29.49 -19.45 69.23
C ASP D 380 -28.92 -19.59 70.64
N GLU D 381 -28.53 -20.81 70.98
CA GLU D 381 -27.94 -21.13 72.28
C GLU D 381 -26.57 -20.51 72.51
N GLN D 382 -26.17 -20.57 73.76
CA GLN D 382 -24.90 -20.04 74.23
C GLN D 382 -24.08 -21.20 74.79
N VAL D 383 -22.78 -20.99 75.01
CA VAL D 383 -21.92 -22.02 75.60
C VAL D 383 -21.13 -21.48 76.82
N HIS D 384 -20.90 -22.36 77.82
CA HIS D 384 -20.22 -21.98 79.07
C HIS D 384 -18.75 -21.59 78.82
N VAL D 385 -18.40 -20.36 79.22
CA VAL D 385 -17.04 -19.83 79.16
C VAL D 385 -16.24 -20.33 80.40
N ARG D 386 -15.14 -21.05 80.19
CA ARG D 386 -14.47 -21.75 81.31
C ARG D 386 -13.00 -21.39 81.53
N TYR D 387 -12.73 -20.23 82.14
CA TYR D 387 -11.37 -19.65 82.14
C TYR D 387 -10.83 -19.08 83.46
N ARG D 388 -9.50 -18.96 83.51
CA ARG D 388 -8.79 -18.38 84.66
C ARG D 388 -8.77 -16.85 84.59
N ASN D 389 -8.74 -16.19 85.75
CA ASN D 389 -8.78 -14.71 85.85
C ASN D 389 -7.50 -14.07 85.31
N ARG D 390 -7.49 -12.73 85.19
CA ARG D 390 -6.25 -11.93 85.07
C ARG D 390 -5.14 -12.66 85.84
N TYR D 391 -5.59 -13.29 86.93
CA TYR D 391 -4.78 -13.99 87.94
C TYR D 391 -5.02 -15.50 87.81
N GLY D 392 -4.94 -16.21 88.92
CA GLY D 392 -5.10 -17.65 88.90
C GLY D 392 -6.51 -18.18 89.13
N ARG D 393 -7.54 -17.37 88.94
CA ARG D 393 -8.90 -17.80 89.35
C ARG D 393 -9.60 -18.78 88.39
N THR D 394 -10.01 -19.92 88.95
CA THR D 394 -10.80 -20.93 88.22
C THR D 394 -12.25 -20.42 87.94
N ARG D 395 -12.65 -19.33 88.60
CA ARG D 395 -13.97 -18.68 88.39
C ARG D 395 -14.03 -17.98 87.03
N SER D 396 -15.11 -18.23 86.29
CA SER D 396 -15.33 -17.62 84.99
C SER D 396 -16.82 -17.41 84.74
N TYR D 397 -17.15 -16.39 83.94
CA TYR D 397 -18.54 -16.11 83.56
C TYR D 397 -19.11 -17.17 82.60
N TYR D 398 -20.43 -17.36 82.63
CA TYR D 398 -21.09 -18.37 81.79
C TYR D 398 -22.16 -17.82 80.84
N ALA D 399 -22.10 -18.22 79.58
CA ALA D 399 -23.07 -17.78 78.59
C ALA D 399 -22.60 -16.59 77.76
N ASP D 400 -22.20 -16.87 76.52
CA ASP D 400 -21.83 -15.84 75.55
C ASP D 400 -22.58 -16.25 74.29
N PHE D 401 -23.02 -15.29 73.48
CA PHE D 401 -23.83 -15.75 72.30
C PHE D 401 -22.95 -16.55 71.36
N GLU D 402 -23.51 -17.54 70.68
CA GLU D 402 -22.72 -18.34 69.74
C GLU D 402 -22.24 -17.54 68.51
N GLY D 403 -20.92 -17.34 68.43
CA GLY D 403 -20.30 -16.61 67.33
C GLY D 403 -20.56 -17.28 66.00
N VAL D 404 -21.46 -16.70 65.24
CA VAL D 404 -21.65 -17.10 63.84
C VAL D 404 -20.26 -17.17 63.22
N LEU D 405 -19.87 -18.33 62.68
CA LEU D 405 -18.54 -18.44 62.05
C LEU D 405 -18.30 -17.37 60.96
N ALA D 406 -19.18 -17.34 59.96
CA ALA D 406 -19.10 -16.34 58.90
C ALA D 406 -18.81 -14.97 59.51
N PHE D 407 -19.47 -14.67 60.63
CA PHE D 407 -19.42 -13.33 61.19
C PHE D 407 -18.10 -12.84 61.81
N LEU D 408 -17.18 -13.74 62.15
CA LEU D 408 -15.81 -13.32 62.57
C LEU D 408 -15.14 -12.56 61.41
N GLN D 409 -15.54 -12.93 60.19
CA GLN D 409 -14.97 -12.37 58.99
C GLN D 409 -15.56 -11.00 58.68
N ARG D 410 -16.77 -10.77 59.19
CA ARG D 410 -17.20 -9.40 59.39
C ARG D 410 -16.35 -8.54 60.32
N LYS D 411 -16.38 -8.87 61.61
CA LYS D 411 -15.90 -7.97 62.70
C LYS D 411 -14.38 -7.79 62.64
N MET D 412 -13.65 -8.90 62.74
CA MET D 412 -12.20 -8.82 62.91
C MET D 412 -11.49 -8.58 61.58
N SER D 413 -12.17 -8.91 60.47
CA SER D 413 -11.66 -8.58 59.14
C SER D 413 -11.29 -7.09 59.15
N GLN D 414 -12.29 -6.23 59.44
CA GLN D 414 -12.09 -4.76 59.44
C GLN D 414 -11.05 -4.12 60.32
N THR D 415 -11.28 -4.25 61.62
CA THR D 415 -10.60 -3.44 62.62
C THR D 415 -9.10 -3.74 62.50
N GLU D 416 -8.74 -5.02 62.35
CA GLU D 416 -7.34 -5.37 62.21
C GLU D 416 -6.85 -5.04 60.80
N SER D 417 -5.64 -4.47 60.77
CA SER D 417 -4.94 -3.86 59.61
C SER D 417 -4.91 -4.50 58.21
N GLU D 418 -4.78 -3.65 57.19
CA GLU D 418 -4.71 -4.09 55.79
C GLU D 418 -3.86 -5.34 55.56
N GLN D 419 -2.79 -5.50 56.32
CA GLN D 419 -1.98 -6.73 56.26
C GLN D 419 -2.85 -7.94 56.57
N MET D 420 -3.46 -7.90 57.74
CA MET D 420 -4.33 -8.95 58.27
C MET D 420 -5.57 -9.13 57.42
N LYS D 421 -6.31 -8.02 57.27
CA LYS D 421 -7.57 -7.92 56.54
C LYS D 421 -7.66 -8.89 55.35
N GLU D 422 -6.55 -9.02 54.61
CA GLU D 422 -6.45 -9.90 53.44
C GLU D 422 -6.22 -11.38 53.79
N ARG D 423 -5.76 -11.64 55.02
CA ARG D 423 -5.71 -13.03 55.52
C ARG D 423 -7.10 -13.47 55.97
N TYR D 424 -7.91 -12.48 56.31
CA TYR D 424 -9.34 -12.72 56.42
C TYR D 424 -9.92 -12.85 55.02
N GLU D 425 -9.54 -11.95 54.10
CA GLU D 425 -10.05 -12.02 52.72
C GLU D 425 -9.79 -13.44 52.16
N GLY D 426 -8.62 -14.01 52.47
CA GLY D 426 -8.24 -15.37 52.03
C GLY D 426 -9.30 -16.45 52.15
N PHE D 427 -10.43 -16.11 52.75
CA PHE D 427 -11.51 -17.06 52.92
C PHE D 427 -12.72 -16.73 52.05
N MET D 428 -12.93 -15.45 51.76
CA MET D 428 -13.94 -15.05 50.76
C MET D 428 -13.45 -15.18 49.32
N ARG D 429 -14.02 -16.16 48.63
CA ARG D 429 -13.92 -16.29 47.20
C ARG D 429 -14.75 -15.19 46.48
N ASP D 430 -14.12 -14.41 45.59
CA ASP D 430 -14.86 -13.55 44.65
C ASP D 430 -15.73 -14.45 43.77
N VAL D 431 -17.03 -14.16 43.68
CA VAL D 431 -17.95 -14.93 42.83
C VAL D 431 -19.01 -14.05 42.12
N PRO D 432 -19.78 -14.60 41.14
CA PRO D 432 -20.79 -13.76 40.45
C PRO D 432 -21.84 -13.22 41.41
N CYS D 433 -22.36 -12.02 41.18
CA CYS D 433 -23.30 -11.43 42.16
C CYS D 433 -24.74 -11.91 41.92
N PRO D 434 -25.28 -12.74 42.84
CA PRO D 434 -26.56 -13.43 42.68
C PRO D 434 -27.64 -12.59 42.04
N VAL D 435 -27.78 -11.35 42.50
CA VAL D 435 -28.78 -10.44 41.95
C VAL D 435 -28.76 -10.24 40.41
N CYS D 436 -27.62 -9.80 39.84
CA CYS D 436 -27.52 -9.50 38.39
C CYS D 436 -26.90 -10.60 37.51
N ALA D 437 -26.96 -11.84 37.98
CA ALA D 437 -26.32 -12.98 37.31
C ALA D 437 -24.80 -12.82 37.20
N GLY D 438 -24.31 -11.58 37.28
CA GLY D 438 -22.90 -11.27 37.08
C GLY D 438 -22.74 -10.49 35.80
N THR D 439 -23.78 -10.60 34.97
CA THR D 439 -24.01 -9.67 33.86
C THR D 439 -24.25 -8.35 34.54
N ARG D 440 -23.34 -7.40 34.39
CA ARG D 440 -23.23 -6.34 35.40
C ARG D 440 -24.42 -5.36 35.51
N LEU D 441 -25.55 -5.78 34.98
CA LEU D 441 -26.61 -4.87 34.64
C LEU D 441 -27.99 -5.03 35.28
N LYS D 442 -28.65 -3.87 35.33
CA LYS D 442 -30.06 -3.70 35.62
C LYS D 442 -30.81 -4.63 34.74
N PRO D 443 -31.70 -5.40 35.35
CA PRO D 443 -32.28 -6.44 34.54
C PRO D 443 -33.40 -5.97 33.60
N GLU D 444 -33.74 -4.67 33.72
CA GLU D 444 -34.51 -3.93 32.70
C GLU D 444 -33.68 -3.78 31.44
N ILE D 445 -32.43 -3.37 31.61
CA ILE D 445 -31.43 -3.42 30.53
C ILE D 445 -31.21 -4.87 30.04
N LEU D 446 -31.07 -5.83 30.95
CA LEU D 446 -30.99 -7.26 30.58
C LEU D 446 -32.16 -7.70 29.70
N ALA D 447 -33.31 -7.08 29.94
CA ALA D 447 -34.51 -7.40 29.20
C ALA D 447 -34.53 -6.88 27.75
N VAL D 448 -33.55 -6.04 27.37
CA VAL D 448 -33.45 -5.46 26.00
C VAL D 448 -32.61 -6.38 25.12
N THR D 449 -33.10 -6.66 23.92
CA THR D 449 -32.53 -7.78 23.17
C THR D 449 -32.42 -7.52 21.66
N LEU D 450 -31.66 -8.37 20.93
CA LEU D 450 -31.58 -8.37 19.46
C LEU D 450 -31.84 -9.77 18.84
N LYS D 461 -25.17 -10.41 26.68
CA LYS D 461 -24.96 -11.82 26.25
C LYS D 461 -23.97 -11.83 25.15
N SER D 462 -24.29 -11.07 24.08
CA SER D 462 -23.34 -10.81 23.01
C SER D 462 -22.02 -10.64 23.72
N ILE D 463 -21.98 -9.73 24.69
CA ILE D 463 -20.73 -9.44 25.38
C ILE D 463 -20.18 -10.69 26.05
N ALA D 464 -21.02 -11.32 26.89
CA ALA D 464 -20.65 -12.54 27.61
C ALA D 464 -20.39 -13.72 26.68
N GLU D 465 -20.48 -13.49 25.38
CA GLU D 465 -20.36 -14.59 24.42
C GLU D 465 -18.93 -15.00 24.03
N VAL D 466 -18.29 -15.63 25.01
CA VAL D 466 -16.96 -16.18 24.92
C VAL D 466 -16.30 -15.76 23.65
N CYS D 467 -16.55 -16.53 22.61
CA CYS D 467 -15.91 -16.26 21.35
C CYS D 467 -16.34 -14.97 20.67
N GLU D 468 -15.32 -14.19 20.37
CA GLU D 468 -15.30 -13.06 19.51
C GLU D 468 -16.01 -13.51 18.31
N LEU D 469 -15.64 -14.71 17.85
CA LEU D 469 -16.15 -15.23 16.61
C LEU D 469 -17.63 -15.15 16.63
N SER D 470 -18.24 -15.78 17.62
CA SER D 470 -19.69 -15.77 17.68
C SER D 470 -20.28 -14.37 17.87
N ILE D 471 -19.61 -13.50 18.62
CA ILE D 471 -20.06 -12.12 18.71
C ILE D 471 -20.17 -11.54 17.34
N ALA D 472 -19.17 -11.83 16.51
CA ALA D 472 -19.20 -11.37 15.14
C ALA D 472 -20.35 -12.14 14.52
N ASP D 473 -20.22 -13.44 14.40
CA ASP D 473 -21.26 -14.20 13.73
C ASP D 473 -22.68 -13.78 14.04
N CYS D 474 -23.01 -13.64 15.32
CA CYS D 474 -24.36 -13.23 15.72
C CYS D 474 -24.69 -11.78 15.40
N ALA D 475 -23.80 -10.87 15.77
CA ALA D 475 -23.91 -9.48 15.34
C ALA D 475 -23.68 -9.34 13.83
N ASP D 476 -22.66 -10.04 13.32
CA ASP D 476 -22.28 -9.97 11.90
C ASP D 476 -23.30 -10.53 10.91
N PHE D 477 -23.88 -11.68 11.25
CA PHE D 477 -24.86 -12.31 10.44
C PHE D 477 -26.32 -12.04 10.81
N LEU D 478 -26.84 -12.68 11.86
CA LEU D 478 -28.28 -12.49 12.25
C LEU D 478 -28.63 -11.01 12.22
N ASN D 479 -27.95 -10.26 13.07
CA ASN D 479 -28.34 -8.92 13.36
C ASN D 479 -28.60 -8.12 12.09
N ALA D 480 -27.64 -8.15 11.16
CA ALA D 480 -27.78 -7.39 9.90
C ALA D 480 -29.19 -7.61 9.30
N LEU D 481 -29.53 -8.89 9.03
CA LEU D 481 -30.86 -9.27 8.58
C LEU D 481 -31.91 -8.67 9.55
N THR D 482 -31.82 -8.99 10.84
CA THR D 482 -32.80 -8.49 11.83
C THR D 482 -32.74 -6.93 11.98
N LEU D 483 -31.75 -6.28 11.33
CA LEU D 483 -31.75 -4.80 11.27
C LEU D 483 -32.76 -4.27 10.26
N GLY D 484 -33.93 -4.00 10.82
CA GLY D 484 -35.10 -3.48 10.14
C GLY D 484 -34.91 -2.09 9.61
N PRO D 485 -35.74 -1.72 8.62
CA PRO D 485 -35.49 -0.60 7.73
C PRO D 485 -35.43 0.74 8.45
N ARG D 486 -36.14 0.86 9.57
CA ARG D 486 -36.04 2.03 10.45
C ARG D 486 -34.63 2.08 11.06
N GLU D 487 -34.18 0.93 11.60
CA GLU D 487 -32.95 0.81 12.41
C GLU D 487 -31.68 0.66 11.57
N GLN D 488 -31.84 0.13 10.36
CA GLN D 488 -30.76 0.07 9.39
C GLN D 488 -30.33 1.49 9.04
N ALA D 489 -31.29 2.40 9.01
CA ALA D 489 -31.01 3.80 8.69
C ALA D 489 -30.37 4.54 9.88
N ILE D 490 -30.80 4.20 11.09
CA ILE D 490 -30.39 4.93 12.29
C ILE D 490 -29.23 4.28 13.11
N ALA D 491 -29.02 2.98 12.90
CA ALA D 491 -28.05 2.19 13.67
C ALA D 491 -27.22 1.29 12.77
N GLY D 492 -27.41 1.43 11.46
CA GLY D 492 -26.78 0.53 10.51
C GLY D 492 -25.28 0.68 10.52
N GLN D 493 -24.85 1.94 10.50
CA GLN D 493 -23.44 2.30 10.49
C GLN D 493 -22.72 1.81 11.76
N VAL D 494 -23.37 1.98 12.90
CA VAL D 494 -22.87 1.51 14.18
C VAL D 494 -22.61 0.02 14.10
N LEU D 495 -23.60 -0.70 13.57
CA LEU D 495 -23.53 -2.15 13.45
C LEU D 495 -22.33 -2.57 12.64
N LYS D 496 -21.98 -1.72 11.67
CA LYS D 496 -20.83 -1.97 10.81
C LYS D 496 -19.52 -1.74 11.56
N GLU D 497 -19.48 -0.64 12.29
CA GLU D 497 -18.30 -0.26 13.01
C GLU D 497 -17.95 -1.32 14.05
N ILE D 498 -18.97 -1.98 14.58
CA ILE D 498 -18.77 -3.04 15.55
C ILE D 498 -18.02 -4.19 14.88
N ARG D 499 -18.59 -4.77 13.81
CA ARG D 499 -17.99 -5.97 13.19
C ARG D 499 -16.59 -5.77 12.58
N SER D 500 -16.32 -4.55 12.11
CA SER D 500 -14.97 -4.19 11.67
C SER D 500 -13.99 -4.48 12.78
N ARG D 501 -14.35 -3.97 13.94
CA ARG D 501 -13.57 -4.11 15.14
C ARG D 501 -13.44 -5.56 15.63
N LEU D 502 -14.58 -6.26 15.73
CA LEU D 502 -14.53 -7.67 16.07
C LEU D 502 -13.57 -8.34 15.15
N GLY D 503 -13.69 -7.98 13.87
CA GLY D 503 -12.81 -8.45 12.83
C GLY D 503 -11.36 -8.40 13.24
N PHE D 504 -10.83 -7.18 13.39
CA PHE D 504 -9.42 -7.04 13.72
C PHE D 504 -9.00 -7.89 14.90
N LEU D 505 -9.87 -7.98 15.90
CA LEU D 505 -9.65 -8.89 17.01
C LEU D 505 -9.33 -10.32 16.57
N LEU D 506 -10.17 -10.89 15.71
CA LEU D 506 -9.95 -12.23 15.17
C LEU D 506 -8.61 -12.27 14.50
N ASP D 507 -8.32 -11.22 13.73
CA ASP D 507 -7.06 -11.06 13.00
C ASP D 507 -5.83 -11.20 13.89
N VAL D 508 -5.83 -10.55 15.05
CA VAL D 508 -4.74 -10.73 16.03
C VAL D 508 -4.87 -12.08 16.75
N GLY D 509 -5.80 -12.90 16.27
CA GLY D 509 -6.02 -14.24 16.80
C GLY D 509 -6.62 -14.27 18.21
N LEU D 510 -7.33 -13.22 18.56
CA LEU D 510 -7.99 -13.19 19.85
C LEU D 510 -9.40 -13.81 19.78
N GLU D 511 -9.61 -14.73 18.85
CA GLU D 511 -10.96 -15.23 18.63
C GLU D 511 -11.57 -15.83 19.89
N TYR D 512 -10.71 -16.32 20.79
CA TYR D 512 -11.12 -17.22 21.85
C TYR D 512 -11.58 -16.55 23.11
N LEU D 513 -11.27 -15.28 23.31
CA LEU D 513 -11.79 -14.68 24.51
C LEU D 513 -13.09 -14.02 24.18
N SER D 514 -13.76 -13.53 25.21
CA SER D 514 -15.08 -12.96 25.11
C SER D 514 -15.04 -11.45 25.30
N LEU D 515 -16.02 -10.74 24.73
CA LEU D 515 -16.11 -9.29 24.94
C LEU D 515 -16.20 -8.96 26.44
N SER D 516 -16.88 -9.82 27.17
CA SER D 516 -17.18 -9.55 28.57
C SER D 516 -16.04 -9.81 29.52
N ARG D 517 -14.95 -10.42 29.03
CA ARG D 517 -13.84 -10.75 29.92
C ARG D 517 -13.25 -9.54 30.62
N ALA D 518 -12.90 -9.74 31.89
CA ALA D 518 -12.44 -8.66 32.77
C ALA D 518 -11.06 -8.23 32.38
N ALA D 519 -10.88 -6.92 32.13
CA ALA D 519 -9.56 -6.37 31.83
C ALA D 519 -8.49 -7.11 32.63
N ALA D 520 -8.63 -7.10 33.93
CA ALA D 520 -7.67 -7.75 34.78
C ALA D 520 -7.42 -9.24 34.45
N THR D 521 -8.28 -9.92 33.72
CA THR D 521 -7.98 -11.33 33.45
C THR D 521 -7.01 -11.53 32.28
N LEU D 522 -6.53 -10.42 31.68
CA LEU D 522 -5.81 -10.53 30.41
C LEU D 522 -4.30 -10.60 30.66
N SER D 523 -3.62 -11.51 29.95
CA SER D 523 -2.16 -11.59 29.95
C SER D 523 -1.60 -10.39 29.26
N GLY D 524 -0.37 -10.04 29.57
CA GLY D 524 0.30 -8.92 28.90
C GLY D 524 0.25 -9.03 27.39
N GLY D 525 0.59 -10.24 26.91
CA GLY D 525 0.45 -10.56 25.49
C GLY D 525 -0.94 -10.18 25.01
N GLU D 526 -1.94 -10.82 25.59
CA GLU D 526 -3.33 -10.59 25.23
C GLU D 526 -3.66 -9.10 25.17
N ALA D 527 -3.30 -8.39 26.23
CA ALA D 527 -3.49 -6.96 26.30
C ALA D 527 -2.84 -6.29 25.11
N GLN D 528 -1.61 -6.68 24.84
CA GLN D 528 -0.85 -6.09 23.78
C GLN D 528 -1.47 -6.39 22.43
N ARG D 529 -1.75 -7.68 22.21
CA ARG D 529 -2.46 -8.16 21.04
C ARG D 529 -3.72 -7.33 20.71
N ILE D 530 -4.46 -6.94 21.74
CA ILE D 530 -5.58 -6.02 21.55
C ILE D 530 -5.09 -4.68 20.99
N ARG D 531 -4.16 -4.03 21.70
CA ARG D 531 -3.64 -2.70 21.32
C ARG D 531 -3.24 -2.71 19.87
N LEU D 532 -2.57 -3.80 19.51
CA LEU D 532 -2.21 -4.10 18.12
C LEU D 532 -3.43 -3.99 17.19
N ALA D 533 -4.53 -4.64 17.56
CA ALA D 533 -5.75 -4.56 16.75
C ALA D 533 -6.31 -3.12 16.68
N THR D 534 -6.43 -2.46 17.82
CA THR D 534 -6.88 -1.08 17.80
C THR D 534 -6.03 -0.29 16.81
N GLN D 535 -4.71 -0.43 16.96
CA GLN D 535 -3.81 0.24 16.06
C GLN D 535 -4.09 -0.16 14.65
N ILE D 536 -3.89 -1.43 14.32
CA ILE D 536 -4.20 -1.94 12.99
C ILE D 536 -5.40 -1.21 12.37
N GLY D 537 -6.49 -1.17 13.14
CA GLY D 537 -7.76 -0.68 12.67
C GLY D 537 -7.86 0.81 12.72
N SER D 538 -6.92 1.46 13.38
CA SER D 538 -6.88 2.92 13.38
C SER D 538 -6.86 3.51 11.96
N GLY D 539 -6.24 2.78 11.03
CA GLY D 539 -6.11 3.27 9.66
C GLY D 539 -5.12 4.43 9.53
N LEU D 540 -4.27 4.54 10.56
CA LEU D 540 -3.17 5.48 10.56
C LEU D 540 -2.04 5.00 9.69
N VAL D 541 -1.46 5.96 9.00
CA VAL D 541 -0.34 5.74 8.14
C VAL D 541 0.74 6.74 8.50
N GLY D 542 1.99 6.31 8.37
CA GLY D 542 3.09 7.26 8.49
C GLY D 542 3.59 7.19 9.89
N VAL D 543 3.11 6.16 10.60
CA VAL D 543 3.39 5.95 12.03
C VAL D 543 4.63 5.13 12.15
N LEU D 544 5.41 5.40 13.18
CA LEU D 544 6.45 4.49 13.62
C LEU D 544 5.90 3.62 14.75
N TYR D 545 5.69 2.34 14.52
CA TYR D 545 5.20 1.49 15.61
C TYR D 545 6.41 0.84 16.25
N VAL D 546 6.58 0.99 17.56
CA VAL D 546 7.64 0.31 18.26
C VAL D 546 7.11 -0.74 19.21
N LEU D 547 7.35 -2.00 18.89
CA LEU D 547 6.70 -3.09 19.59
C LEU D 547 7.67 -3.82 20.47
N ASP D 548 7.18 -4.22 21.63
CA ASP D 548 8.04 -4.92 22.56
C ASP D 548 7.71 -6.41 22.63
N GLU D 549 8.54 -7.20 21.94
CA GLU D 549 8.52 -8.64 22.00
C GLU D 549 7.13 -9.26 21.93
N PRO D 550 6.41 -9.00 20.86
CA PRO D 550 5.01 -9.37 20.84
C PRO D 550 4.77 -10.88 20.73
N SER D 551 5.86 -11.62 20.52
CA SER D 551 5.80 -13.07 20.44
C SER D 551 5.67 -13.75 21.82
N ILE D 552 5.65 -12.93 22.86
CA ILE D 552 5.47 -13.40 24.23
C ILE D 552 4.07 -13.96 24.50
N GLY D 553 4.06 -15.00 25.32
CA GLY D 553 2.82 -15.62 25.74
C GLY D 553 2.00 -16.06 24.55
N LEU D 554 2.68 -16.24 23.43
CA LEU D 554 2.02 -16.53 22.20
C LEU D 554 2.56 -17.89 21.79
N HIS D 555 1.68 -18.79 21.37
CA HIS D 555 2.13 -20.13 20.98
C HIS D 555 2.94 -20.09 19.69
N GLN D 556 3.85 -21.04 19.58
CA GLN D 556 4.66 -21.12 18.38
C GLN D 556 3.76 -21.14 17.13
N ARG D 557 2.55 -21.69 17.26
CA ARG D 557 1.60 -21.74 16.15
C ARG D 557 1.21 -20.35 15.70
N ASP D 558 0.49 -19.65 16.57
CA ASP D 558 0.03 -18.30 16.29
C ASP D 558 1.14 -17.33 15.94
N ASN D 559 2.40 -17.75 16.02
CA ASN D 559 3.49 -16.84 15.73
C ASN D 559 3.52 -16.39 14.28
N ARG D 560 3.60 -17.34 13.35
CA ARG D 560 3.68 -16.96 11.94
C ARG D 560 2.43 -16.17 11.50
N ARG D 561 1.31 -16.38 12.20
CA ARG D 561 0.09 -15.61 11.98
C ARG D 561 0.30 -14.14 12.31
N LEU D 562 0.89 -13.91 13.47
CA LEU D 562 1.14 -12.58 13.95
C LEU D 562 2.16 -11.86 13.09
N ILE D 563 3.16 -12.57 12.61
CA ILE D 563 4.13 -11.97 11.70
C ILE D 563 3.44 -11.37 10.46
N GLU D 564 2.30 -11.93 10.04
CA GLU D 564 1.56 -11.38 8.91
C GLU D 564 0.92 -10.08 9.30
N THR D 565 0.19 -10.12 10.41
CA THR D 565 -0.49 -8.93 10.85
C THR D 565 0.54 -7.83 11.04
N LEU D 566 1.71 -8.18 11.54
CA LEU D 566 2.82 -7.24 11.67
C LEU D 566 3.21 -6.63 10.34
N THR D 567 3.36 -7.50 9.35
CA THR D 567 3.72 -7.03 8.03
C THR D 567 2.60 -6.18 7.41
N ARG D 568 1.34 -6.63 7.46
CA ARG D 568 0.29 -5.81 6.87
C ARG D 568 0.23 -4.44 7.54
N LEU D 569 0.61 -4.36 8.81
CA LEU D 569 0.75 -3.07 9.47
C LEU D 569 1.83 -2.22 8.77
N ARG D 570 2.97 -2.84 8.42
CA ARG D 570 4.03 -2.14 7.67
C ARG D 570 3.48 -1.73 6.33
N ASP D 571 2.95 -2.71 5.62
CA ASP D 571 2.44 -2.54 4.25
C ASP D 571 1.38 -1.47 4.07
N LEU D 572 0.45 -1.37 5.02
CA LEU D 572 -0.45 -0.24 5.12
C LEU D 572 0.23 1.09 4.85
N GLY D 573 1.51 1.20 5.21
CA GLY D 573 2.25 2.43 4.98
C GLY D 573 3.03 2.93 6.21
N ASN D 574 3.17 2.05 7.19
CA ASN D 574 3.88 2.40 8.40
C ASN D 574 5.25 1.76 8.38
N THR D 575 5.93 1.85 9.52
CA THR D 575 7.28 1.36 9.65
C THR D 575 7.40 0.85 11.06
N LEU D 576 7.87 -0.40 11.20
CA LEU D 576 7.96 -1.05 12.54
C LEU D 576 9.36 -1.21 13.10
N ILE D 577 9.47 -1.19 14.44
CA ILE D 577 10.70 -1.56 15.15
C ILE D 577 10.32 -2.53 16.25
N VAL D 578 10.65 -3.80 16.07
CA VAL D 578 10.25 -4.82 17.01
C VAL D 578 11.46 -5.34 17.77
N VAL D 579 11.49 -5.09 19.06
CA VAL D 579 12.51 -5.71 19.89
C VAL D 579 12.18 -7.18 20.04
N GLU D 580 13.12 -8.07 19.72
CA GLU D 580 12.80 -9.48 19.63
C GLU D 580 13.96 -10.45 19.76
N HIS D 581 13.66 -11.68 20.19
CA HIS D 581 14.62 -12.79 20.10
C HIS D 581 14.05 -14.07 19.41
N ASP D 582 12.88 -13.97 18.81
CA ASP D 582 12.26 -15.14 18.21
C ASP D 582 12.86 -15.41 16.83
N GLU D 583 13.25 -16.66 16.58
CA GLU D 583 13.85 -17.00 15.29
C GLU D 583 12.99 -16.45 14.14
N ASP D 584 11.73 -16.84 14.11
CA ASP D 584 10.88 -16.55 12.96
C ASP D 584 10.80 -15.05 12.70
N THR D 585 10.39 -14.29 13.72
CA THR D 585 10.27 -12.86 13.60
C THR D 585 11.55 -12.30 12.99
N ILE D 586 12.69 -12.62 13.58
CA ILE D 586 14.01 -12.20 13.04
C ILE D 586 14.19 -12.62 11.58
N GLU D 587 14.04 -13.93 11.31
CA GLU D 587 14.13 -14.45 9.94
C GLU D 587 13.32 -13.52 9.01
N HIS D 588 12.09 -13.22 9.38
CA HIS D 588 11.19 -12.34 8.63
C HIS D 588 11.46 -10.82 8.70
N ALA D 589 12.49 -10.37 9.39
CA ALA D 589 12.76 -8.92 9.45
C ALA D 589 13.24 -8.33 8.11
N ASP D 590 12.84 -7.13 7.76
CA ASP D 590 13.39 -6.45 6.59
C ASP D 590 14.78 -5.96 6.83
N TRP D 591 15.13 -5.78 8.09
CA TRP D 591 16.40 -5.18 8.46
C TRP D 591 16.59 -5.40 9.96
N ILE D 592 17.84 -5.53 10.37
CA ILE D 592 18.12 -5.96 11.73
C ILE D 592 19.18 -5.10 12.34
N VAL D 593 18.88 -4.57 13.52
CA VAL D 593 19.89 -3.91 14.34
C VAL D 593 20.21 -4.90 15.45
N ASP D 594 21.42 -5.45 15.43
CA ASP D 594 21.93 -6.27 16.53
C ASP D 594 22.73 -5.40 17.49
N ILE D 595 22.38 -5.45 18.79
CA ILE D 595 22.88 -4.42 19.71
C ILE D 595 24.01 -4.85 20.65
N GLY D 596 24.92 -3.87 20.86
CA GLY D 596 26.38 -4.03 21.16
C GLY D 596 26.75 -4.99 22.22
N PRO D 597 27.64 -5.94 21.89
CA PRO D 597 27.52 -7.35 22.34
C PRO D 597 27.64 -7.46 23.86
N GLY D 598 26.86 -8.36 24.46
CA GLY D 598 26.89 -8.47 25.94
C GLY D 598 26.22 -7.36 26.74
N ALA D 599 26.22 -7.50 28.05
CA ALA D 599 25.32 -6.66 28.86
C ALA D 599 25.92 -5.32 29.31
N GLY D 600 25.09 -4.47 29.89
CA GLY D 600 25.53 -3.22 30.50
C GLY D 600 26.70 -2.47 29.86
N GLU D 601 27.74 -2.23 30.65
CA GLU D 601 28.97 -1.59 30.19
C GLU D 601 29.45 -2.25 28.92
N HIS D 602 29.48 -3.58 28.94
CA HIS D 602 29.97 -4.40 27.81
C HIS D 602 29.08 -4.36 26.56
N GLY D 603 27.92 -3.75 26.68
CA GLY D 603 27.05 -3.57 25.53
C GLY D 603 26.87 -2.14 25.05
N GLY D 604 25.69 -1.85 24.49
CA GLY D 604 25.32 -0.49 24.14
C GLY D 604 25.94 0.05 22.87
N ARG D 605 26.40 -0.86 22.00
CA ARG D 605 27.04 -0.53 20.73
C ARG D 605 26.30 -1.16 19.53
N ILE D 606 26.19 -0.52 18.37
CA ILE D 606 25.49 -1.25 17.29
C ILE D 606 26.30 -2.39 16.62
N VAL D 607 26.23 -3.61 17.16
CA VAL D 607 26.97 -4.73 16.56
C VAL D 607 26.67 -4.97 15.07
N HIS D 608 25.41 -4.99 14.66
CA HIS D 608 25.10 -5.10 13.24
C HIS D 608 23.90 -4.22 12.92
N SER D 609 23.75 -3.84 11.67
CA SER D 609 22.58 -3.12 11.27
C SER D 609 22.54 -3.30 9.79
N GLY D 610 21.73 -4.23 9.36
CA GLY D 610 21.58 -4.50 7.94
C GLY D 610 20.69 -5.71 7.79
N PRO D 611 20.58 -6.24 6.57
CA PRO D 611 19.77 -7.42 6.21
C PRO D 611 20.17 -8.67 6.95
N TYR D 612 19.27 -9.65 6.89
CA TYR D 612 19.39 -10.91 7.61
C TYR D 612 20.68 -11.62 7.25
N ASP D 613 20.93 -11.75 5.95
CA ASP D 613 22.06 -12.52 5.43
C ASP D 613 23.33 -11.95 6.02
N GLU D 614 23.50 -10.65 5.79
CA GLU D 614 24.68 -9.93 6.23
C GLU D 614 24.96 -10.13 7.72
N LEU D 615 23.90 -10.29 8.52
CA LEU D 615 24.07 -10.52 9.94
C LEU D 615 24.66 -11.90 10.17
N LEU D 616 24.28 -12.89 9.38
CA LEU D 616 24.82 -14.24 9.53
C LEU D 616 26.35 -14.22 9.39
N ARG D 617 26.80 -13.41 8.43
CA ARG D 617 28.23 -13.23 8.15
C ARG D 617 28.98 -12.72 9.34
N ASN D 618 28.39 -11.74 10.01
CA ASN D 618 28.93 -11.17 11.24
C ASN D 618 29.31 -12.19 12.31
N LYS D 619 30.61 -12.21 12.58
CA LYS D 619 31.24 -13.17 13.43
C LYS D 619 31.26 -12.66 14.85
N ASP D 620 30.88 -11.39 15.03
CA ASP D 620 30.82 -10.80 16.36
C ASP D 620 29.37 -10.80 16.92
N SER D 621 28.40 -11.14 16.07
CA SER D 621 27.02 -11.27 16.51
C SER D 621 26.78 -12.61 17.24
N ILE D 622 26.55 -12.56 18.55
CA ILE D 622 26.17 -13.77 19.32
C ILE D 622 24.90 -14.29 18.70
N THR D 623 24.06 -13.35 18.27
CA THR D 623 22.81 -13.58 17.56
C THR D 623 23.07 -14.34 16.25
N GLY D 624 23.84 -13.73 15.35
CA GLY D 624 24.31 -14.42 14.14
C GLY D 624 24.81 -15.85 14.38
N ALA D 625 25.54 -16.06 15.48
CA ALA D 625 26.06 -17.39 15.80
C ALA D 625 24.92 -18.38 15.90
N TYR D 626 24.02 -18.17 16.85
CA TYR D 626 22.88 -19.06 17.01
C TYR D 626 22.08 -19.12 15.73
N LEU D 627 21.93 -17.96 15.09
CA LEU D 627 21.10 -17.81 13.91
C LEU D 627 21.64 -18.56 12.70
N SER D 628 22.96 -18.52 12.54
CA SER D 628 23.63 -19.27 11.48
C SER D 628 23.70 -20.76 11.83
N GLY D 629 23.89 -21.05 13.12
CA GLY D 629 24.03 -22.42 13.60
C GLY D 629 25.33 -22.67 14.34
N ARG D 630 26.27 -21.73 14.20
CA ARG D 630 27.54 -21.77 14.93
C ARG D 630 27.26 -22.00 16.39
N GLU D 631 26.02 -21.74 16.80
CA GLU D 631 25.62 -21.99 18.15
C GLU D 631 24.22 -22.56 18.20
N SER D 632 23.95 -23.38 19.21
CA SER D 632 22.59 -23.80 19.49
C SER D 632 22.47 -24.24 20.95
N ILE D 633 21.25 -24.63 21.33
CA ILE D 633 21.04 -25.38 22.56
C ILE D 633 20.74 -26.80 22.13
N GLU D 634 21.54 -27.74 22.64
CA GLU D 634 21.45 -29.13 22.19
C GLU D 634 20.46 -29.98 23.01
N ILE D 635 19.71 -30.84 22.33
CA ILE D 635 18.71 -31.69 22.99
C ILE D 635 19.40 -32.81 23.80
N PRO D 636 19.27 -32.78 25.17
CA PRO D 636 20.02 -33.71 26.04
C PRO D 636 19.95 -35.13 25.49
N ALA D 637 21.08 -35.81 25.27
CA ALA D 637 21.06 -37.16 24.70
C ALA D 637 20.47 -38.19 25.67
N ILE D 638 20.68 -37.97 26.97
CA ILE D 638 20.04 -38.75 28.04
C ILE D 638 19.15 -37.85 28.91
N ARG D 639 17.85 -38.11 28.85
CA ARG D 639 16.87 -37.31 29.57
C ARG D 639 16.69 -37.77 31.02
N ARG D 640 16.09 -36.93 31.88
CA ARG D 640 15.70 -37.38 33.22
C ARG D 640 14.50 -38.33 33.09
N SER D 641 14.58 -39.50 33.73
CA SER D 641 13.48 -40.47 33.78
C SER D 641 12.50 -40.21 34.92
N VAL D 642 11.23 -40.51 34.66
CA VAL D 642 10.14 -40.04 35.52
C VAL D 642 9.71 -41.13 36.52
N ASP D 643 9.45 -40.70 37.76
CA ASP D 643 9.05 -41.61 38.84
C ASP D 643 7.54 -41.60 39.04
N PRO D 644 6.87 -42.72 38.66
CA PRO D 644 5.42 -42.92 38.84
C PRO D 644 4.97 -42.81 40.28
N ARG D 645 5.69 -43.45 41.21
CA ARG D 645 5.36 -43.34 42.63
C ARG D 645 5.51 -41.91 43.18
N ARG D 646 6.44 -41.12 42.62
CA ARG D 646 6.64 -39.73 43.09
C ARG D 646 6.23 -38.64 42.02
N GLN D 647 4.95 -38.23 42.11
CA GLN D 647 4.21 -37.39 41.14
C GLN D 647 3.24 -36.45 41.86
N LEU D 648 3.33 -35.17 41.58
CA LEU D 648 2.40 -34.19 42.15
C LEU D 648 1.16 -34.07 41.25
N THR D 649 -0.05 -34.27 41.81
CA THR D 649 -1.27 -34.42 40.97
C THR D 649 -2.46 -33.57 41.32
N VAL D 650 -2.83 -32.71 40.37
CA VAL D 650 -4.07 -31.91 40.46
C VAL D 650 -5.27 -32.76 39.99
N VAL D 651 -6.28 -32.79 40.85
CA VAL D 651 -7.44 -33.65 40.68
C VAL D 651 -8.73 -32.79 40.51
N GLY D 652 -9.39 -33.02 39.36
CA GLY D 652 -10.68 -32.37 39.00
C GLY D 652 -10.68 -30.85 38.95
N ALA D 653 -9.80 -30.28 38.13
CA ALA D 653 -9.63 -28.83 38.03
C ALA D 653 -10.80 -28.23 37.25
N ARG D 654 -11.69 -27.57 37.97
CA ARG D 654 -12.94 -27.04 37.43
C ARG D 654 -12.83 -25.57 37.02
N GLU D 655 -11.71 -24.94 37.37
CA GLU D 655 -11.58 -23.48 37.25
C GLU D 655 -11.55 -22.99 35.77
N HIS D 656 -12.33 -21.92 35.55
CA HIS D 656 -12.55 -21.31 34.23
C HIS D 656 -12.76 -22.37 33.14
N ASN D 657 -11.89 -22.37 32.12
CA ASN D 657 -12.12 -23.22 30.99
C ASN D 657 -11.61 -24.61 31.23
N LEU D 658 -10.96 -24.82 32.37
CA LEU D 658 -10.46 -26.15 32.71
C LEU D 658 -11.63 -27.06 32.92
N ARG D 659 -11.54 -28.26 32.36
CA ARG D 659 -12.73 -29.13 32.27
C ARG D 659 -12.68 -30.27 33.27
N GLY D 660 -12.65 -29.94 34.57
CA GLY D 660 -12.46 -30.94 35.65
C GLY D 660 -11.38 -31.97 35.35
N ILE D 661 -10.20 -31.54 34.93
CA ILE D 661 -9.16 -32.48 34.53
C ILE D 661 -8.34 -32.98 35.71
N ASP D 662 -7.79 -34.19 35.56
CA ASP D 662 -6.75 -34.69 36.45
C ASP D 662 -5.43 -34.66 35.72
N VAL D 663 -4.41 -34.08 36.38
CA VAL D 663 -3.09 -33.82 35.78
C VAL D 663 -2.00 -34.12 36.81
N SER D 664 -1.01 -34.91 36.38
CA SER D 664 0.10 -35.26 37.27
C SER D 664 1.41 -34.72 36.73
N PHE D 665 2.05 -33.91 37.57
CA PHE D 665 3.41 -33.42 37.30
C PHE D 665 4.42 -34.32 38.00
N PRO D 666 5.33 -34.93 37.21
CA PRO D 666 6.40 -35.76 37.78
C PRO D 666 7.34 -34.93 38.63
N LEU D 667 7.57 -35.38 39.87
CA LEU D 667 8.48 -34.68 40.80
C LEU D 667 9.97 -34.85 40.42
N GLY D 668 10.80 -33.90 40.87
CA GLY D 668 12.26 -33.92 40.65
C GLY D 668 12.65 -34.06 39.19
N VAL D 669 11.98 -33.28 38.35
CA VAL D 669 12.28 -33.29 36.93
C VAL D 669 11.83 -31.92 36.31
N LEU D 670 12.24 -31.71 35.05
CA LEU D 670 11.87 -30.51 34.29
C LEU D 670 10.58 -30.71 33.52
N THR D 671 9.56 -29.99 33.98
CA THR D 671 8.25 -29.99 33.32
C THR D 671 7.89 -28.65 32.68
N SER D 672 7.66 -28.69 31.37
CA SER D 672 7.06 -27.58 30.68
C SER D 672 5.58 -27.85 30.46
N VAL D 673 4.76 -26.92 30.92
CA VAL D 673 3.35 -26.87 30.56
C VAL D 673 3.23 -26.00 29.31
N THR D 674 2.71 -26.59 28.24
CA THR D 674 2.64 -25.92 26.95
C THR D 674 1.22 -25.96 26.43
N GLY D 675 1.00 -25.26 25.33
CA GLY D 675 -0.31 -25.20 24.72
C GLY D 675 -0.53 -23.79 24.28
N VAL D 676 -1.55 -23.61 23.44
CA VAL D 676 -1.82 -22.30 22.86
C VAL D 676 -2.30 -21.32 23.92
N SER D 677 -2.47 -20.08 23.51
CA SER D 677 -2.90 -19.04 24.44
C SER D 677 -4.36 -19.23 24.78
N GLY D 678 -4.66 -19.35 26.06
CA GLY D 678 -6.05 -19.48 26.48
C GLY D 678 -6.47 -20.88 26.84
N SER D 679 -5.52 -21.82 26.73
CA SER D 679 -5.79 -23.25 26.94
C SER D 679 -5.85 -23.61 28.43
N GLY D 680 -5.61 -22.63 29.29
CA GLY D 680 -5.68 -22.83 30.74
C GLY D 680 -4.34 -23.12 31.39
N LYS D 681 -3.28 -23.00 30.57
CA LYS D 681 -1.87 -23.07 31.04
C LYS D 681 -1.70 -22.43 32.46
N SER D 682 -2.21 -21.20 32.64
CA SER D 682 -2.10 -20.52 33.94
C SER D 682 -3.12 -20.98 35.00
N THR D 683 -4.42 -20.91 34.70
CA THR D 683 -5.47 -21.37 35.63
C THR D 683 -5.03 -22.63 36.36
N LEU D 684 -4.53 -23.59 35.60
CA LEU D 684 -4.02 -24.83 36.17
C LEU D 684 -2.87 -24.55 37.11
N VAL D 685 -1.72 -24.20 36.52
CA VAL D 685 -0.45 -24.07 37.24
C VAL D 685 -0.43 -22.96 38.31
N ASN D 686 -1.06 -21.83 38.04
CA ASN D 686 -1.01 -20.70 38.98
C ASN D 686 -2.19 -20.60 39.94
N ASP D 687 -3.42 -20.65 39.41
CA ASP D 687 -4.59 -20.40 40.28
C ASP D 687 -4.87 -21.61 41.11
N ILE D 688 -4.51 -22.78 40.59
CA ILE D 688 -4.77 -23.99 41.34
C ILE D 688 -3.46 -24.52 41.94
N LEU D 689 -2.73 -25.34 41.17
CA LEU D 689 -1.53 -26.01 41.66
C LEU D 689 -0.62 -25.14 42.57
N ALA D 690 -0.25 -23.94 42.13
CA ALA D 690 0.61 -23.06 42.94
C ALA D 690 -0.10 -22.61 44.19
N ALA D 691 -1.33 -22.12 44.04
CA ALA D 691 -2.09 -21.52 45.14
C ALA D 691 -2.29 -22.50 46.26
N VAL D 692 -2.50 -23.76 45.89
CA VAL D 692 -2.57 -24.84 46.88
C VAL D 692 -1.22 -25.01 47.59
N LEU D 693 -0.14 -25.32 46.85
CA LEU D 693 1.20 -25.48 47.42
C LEU D 693 1.56 -24.31 48.34
N ALA D 694 1.31 -23.10 47.87
CA ALA D 694 1.49 -21.85 48.65
C ALA D 694 0.72 -21.85 49.99
N ASN D 695 -0.22 -22.78 50.14
CA ASN D 695 -1.00 -22.88 51.35
C ASN D 695 -0.50 -24.04 52.15
N ARG D 696 -0.38 -25.18 51.47
CA ARG D 696 0.02 -26.43 52.08
C ARG D 696 1.53 -26.56 52.32
N LEU D 697 2.34 -25.61 51.88
CA LEU D 697 3.79 -25.75 52.09
C LEU D 697 4.36 -24.52 52.71
N ASN D 698 3.75 -23.38 52.41
CA ASN D 698 4.27 -22.11 52.89
C ASN D 698 3.21 -21.40 53.74
N GLY D 699 2.08 -22.09 53.93
CA GLY D 699 0.95 -21.61 54.73
C GLY D 699 0.47 -20.17 54.52
N ALA D 700 0.39 -19.72 53.27
CA ALA D 700 -0.31 -18.47 53.01
C ALA D 700 -1.77 -18.85 53.03
N ARG D 701 -2.63 -17.88 53.35
CA ARG D 701 -4.08 -18.11 53.23
C ARG D 701 -4.64 -17.47 51.92
N GLN D 702 -4.43 -18.19 50.81
CA GLN D 702 -4.66 -17.68 49.47
C GLN D 702 -5.60 -18.62 48.68
N VAL D 703 -6.51 -18.01 47.92
CA VAL D 703 -7.69 -18.68 47.34
C VAL D 703 -7.36 -19.52 46.09
N PRO D 704 -7.28 -20.87 46.20
CA PRO D 704 -7.05 -21.57 44.93
C PRO D 704 -8.34 -21.71 44.09
N GLY D 705 -8.16 -21.66 42.76
CA GLY D 705 -9.23 -21.87 41.79
C GLY D 705 -9.89 -23.22 42.04
N ARG D 706 -11.21 -23.25 41.82
CA ARG D 706 -12.05 -24.41 42.08
C ARG D 706 -11.42 -25.70 41.54
N HIS D 707 -11.28 -26.69 42.41
CA HIS D 707 -10.79 -28.02 42.00
C HIS D 707 -11.13 -29.01 43.09
N THR D 708 -10.71 -30.26 42.89
CA THR D 708 -10.98 -31.29 43.89
C THR D 708 -9.86 -31.29 44.94
N ARG D 709 -8.66 -31.71 44.54
CA ARG D 709 -7.45 -31.60 45.41
C ARG D 709 -6.12 -32.00 44.78
N VAL D 710 -5.09 -32.03 45.63
CA VAL D 710 -3.74 -32.29 45.18
C VAL D 710 -3.09 -33.52 45.84
N THR D 711 -2.46 -34.34 45.02
CA THR D 711 -1.98 -35.67 45.43
C THR D 711 -0.56 -35.72 45.98
N GLY D 712 -0.41 -36.61 46.97
CA GLY D 712 0.81 -36.78 47.80
C GLY D 712 1.08 -35.46 48.50
N LEU D 713 2.01 -34.70 47.89
CA LEU D 713 2.36 -33.32 48.25
C LEU D 713 3.36 -33.23 49.43
N ASP D 714 3.30 -34.20 50.34
CA ASP D 714 4.21 -34.27 51.50
C ASP D 714 5.64 -34.66 51.05
N TYR D 715 5.80 -34.86 49.74
CA TYR D 715 7.09 -35.10 49.09
C TYR D 715 7.93 -33.81 48.90
N LEU D 716 7.40 -32.68 49.39
CA LEU D 716 7.99 -31.37 49.10
C LEU D 716 8.09 -30.48 50.34
N ASP D 717 9.23 -29.82 50.47
CA ASP D 717 9.46 -28.92 51.57
C ASP D 717 8.64 -27.66 51.37
N LYS D 718 9.07 -26.86 50.40
CA LYS D 718 8.41 -25.57 50.13
C LYS D 718 8.24 -25.26 48.62
N LEU D 719 7.49 -24.19 48.37
CA LEU D 719 7.18 -23.73 47.03
C LEU D 719 7.85 -22.36 46.74
N VAL D 720 8.55 -22.31 45.60
CA VAL D 720 9.12 -21.09 45.07
C VAL D 720 8.36 -20.64 43.82
N ARG D 721 7.54 -19.60 43.97
CA ARG D 721 6.82 -19.07 42.84
C ARG D 721 7.55 -17.82 42.34
N VAL D 722 8.34 -18.00 41.27
CA VAL D 722 8.98 -16.88 40.60
C VAL D 722 8.05 -16.23 39.57
N ASP D 723 7.26 -15.33 40.13
CA ASP D 723 6.37 -14.44 39.47
C ASP D 723 7.17 -13.49 38.56
N GLN D 724 6.54 -12.91 37.56
CA GLN D 724 7.20 -11.87 36.78
C GLN D 724 6.78 -10.46 37.19
N SER D 725 6.04 -10.39 38.28
CA SER D 725 5.53 -9.11 38.77
C SER D 725 6.68 -8.21 39.18
N PRO D 726 6.46 -6.88 39.17
CA PRO D 726 7.51 -5.98 39.62
C PRO D 726 8.02 -6.35 41.02
N ILE D 727 9.35 -6.25 41.21
CA ILE D 727 10.01 -6.33 42.54
C ILE D 727 9.44 -5.35 43.60
N GLY D 728 9.06 -4.15 43.13
CA GLY D 728 8.57 -3.06 43.96
C GLY D 728 7.92 -2.02 43.06
N ARG D 729 7.02 -1.25 43.67
CA ARG D 729 6.27 -0.24 42.94
C ARG D 729 6.88 1.16 43.13
N THR D 730 7.73 1.29 44.14
CA THR D 730 8.44 2.53 44.42
C THR D 730 9.92 2.42 44.04
N PRO D 731 10.55 3.59 43.79
CA PRO D 731 12.00 3.59 43.59
C PRO D 731 12.77 3.26 44.88
N ARG D 732 12.01 2.90 45.93
CA ARG D 732 12.57 2.50 47.22
C ARG D 732 13.16 1.10 47.18
N SER D 733 12.55 0.24 46.36
CA SER D 733 12.96 -1.14 46.25
C SER D 733 14.04 -1.17 45.19
N ASN D 734 14.74 -2.30 45.10
CA ASN D 734 15.77 -2.50 44.09
C ASN D 734 16.73 -3.57 44.56
N PRO D 735 17.44 -4.23 43.63
CA PRO D 735 18.24 -5.41 43.94
C PRO D 735 18.96 -5.32 45.28
N ALA D 736 19.61 -4.18 45.55
CA ALA D 736 20.34 -4.00 46.80
C ALA D 736 19.43 -4.22 48.00
N THR D 737 18.38 -3.43 48.08
CA THR D 737 17.38 -3.61 49.12
C THR D 737 16.78 -5.00 49.08
N TYR D 738 16.17 -5.35 47.96
CA TYR D 738 15.45 -6.61 47.82
C TYR D 738 16.24 -7.86 48.23
N THR D 739 17.46 -8.02 47.74
CA THR D 739 18.23 -9.20 48.12
C THR D 739 18.71 -9.04 49.55
N GLY D 740 18.72 -7.80 50.04
CA GLY D 740 19.13 -7.51 51.42
C GLY D 740 20.65 -7.52 51.61
N VAL D 741 21.38 -7.25 50.54
CA VAL D 741 22.82 -7.11 50.63
C VAL D 741 23.13 -5.73 51.18
N PHE D 742 22.18 -4.80 51.07
CA PHE D 742 22.41 -3.43 51.46
C PHE D 742 22.59 -3.26 52.96
N ASP D 743 21.86 -4.03 53.74
CA ASP D 743 22.05 -4.06 55.19
C ASP D 743 23.51 -4.34 55.49
N LYS D 744 24.04 -5.35 54.81
CA LYS D 744 25.41 -5.81 55.01
C LYS D 744 26.44 -4.78 54.52
N ILE D 745 25.96 -3.80 53.77
CA ILE D 745 26.85 -2.80 53.22
C ILE D 745 26.78 -1.55 54.06
N ARG D 746 25.57 -1.17 54.44
CA ARG D 746 25.38 -0.05 55.35
C ARG D 746 26.22 -0.22 56.63
N THR D 747 26.39 -1.48 57.05
CA THR D 747 27.24 -1.83 58.20
C THR D 747 28.71 -1.66 57.82
N LEU D 748 29.10 -2.20 56.67
CA LEU D 748 30.46 -2.02 56.15
C LEU D 748 30.87 -0.56 56.07
N PHE D 749 29.87 0.30 55.89
CA PHE D 749 30.07 1.74 55.77
C PHE D 749 30.15 2.39 57.14
N ALA D 750 29.16 2.12 57.98
CA ALA D 750 29.11 2.70 59.33
C ALA D 750 30.38 2.37 60.06
N ALA D 751 30.78 1.10 59.94
CA ALA D 751 32.03 0.60 60.48
C ALA D 751 33.23 0.97 59.60
N THR D 752 33.39 2.27 59.34
CA THR D 752 34.59 2.76 58.65
C THR D 752 35.16 4.03 59.26
N THR D 753 36.47 4.17 59.10
CA THR D 753 37.26 5.23 59.72
C THR D 753 36.63 6.65 59.60
N GLU D 754 36.23 7.04 58.38
CA GLU D 754 35.60 8.35 58.10
C GLU D 754 34.19 8.49 58.69
N ALA D 755 33.51 7.36 58.78
CA ALA D 755 32.12 7.33 59.23
C ALA D 755 32.06 7.43 60.74
N LYS D 756 32.87 6.61 61.40
CA LYS D 756 32.86 6.58 62.85
C LYS D 756 33.31 7.93 63.41
N VAL D 757 34.27 8.57 62.74
CA VAL D 757 34.74 9.90 63.15
C VAL D 757 33.63 10.94 63.06
N ARG D 758 32.63 10.68 62.22
CA ARG D 758 31.46 11.57 62.11
C ARG D 758 30.28 11.07 62.92
N GLY D 759 30.41 9.86 63.48
CA GLY D 759 29.38 9.23 64.30
C GLY D 759 28.19 8.77 63.46
N TYR D 760 28.48 8.13 62.32
CA TYR D 760 27.45 7.63 61.43
C TYR D 760 27.11 6.17 61.66
N GLN D 761 25.84 5.94 62.02
CA GLN D 761 25.28 4.59 62.22
C GLN D 761 25.03 3.91 60.86
N PRO D 762 24.81 2.58 60.83
CA PRO D 762 24.35 2.01 59.55
C PRO D 762 23.09 2.72 59.03
N GLY D 763 22.26 3.18 59.95
CA GLY D 763 21.03 3.91 59.61
C GLY D 763 21.22 5.23 58.89
N ARG D 764 22.46 5.71 58.78
CA ARG D 764 22.72 6.91 58.01
C ARG D 764 22.69 6.56 56.54
N PHE D 765 23.06 5.32 56.25
CA PHE D 765 23.28 4.86 54.89
C PHE D 765 22.05 4.20 54.24
N SER D 766 20.93 4.20 54.96
CA SER D 766 19.68 3.72 54.40
C SER D 766 18.93 4.92 53.87
N PHE D 767 18.67 4.90 52.57
CA PHE D 767 17.88 5.95 51.92
C PHE D 767 16.41 5.90 52.33
N ASN D 768 16.09 4.89 53.14
CA ASN D 768 14.74 4.71 53.69
C ASN D 768 14.51 5.44 55.02
N VAL D 769 15.59 5.95 55.62
CA VAL D 769 15.52 6.46 56.98
C VAL D 769 15.94 7.93 57.18
N LYS D 770 15.08 8.65 57.88
CA LYS D 770 15.17 10.09 58.13
C LYS D 770 16.54 10.75 58.14
N GLY D 771 17.58 10.03 58.55
CA GLY D 771 18.89 10.65 58.63
C GLY D 771 19.82 10.14 57.55
N GLY D 772 20.35 11.06 56.73
CA GLY D 772 21.36 10.70 55.74
C GLY D 772 20.93 10.63 54.28
N ARG D 773 19.64 10.39 54.05
CA ARG D 773 19.01 10.41 52.72
C ARG D 773 18.59 11.83 52.37
N CYS D 774 18.80 12.22 51.13
CA CYS D 774 18.40 13.54 50.66
C CYS D 774 16.94 13.84 50.96
N GLU D 775 16.72 15.06 51.43
CA GLU D 775 15.45 15.46 52.06
C GLU D 775 14.41 15.88 51.08
N ALA D 776 14.82 15.94 49.82
CA ALA D 776 13.94 16.30 48.72
C ALA D 776 13.24 15.07 48.14
N CYS D 777 14.04 14.18 47.55
CA CYS D 777 13.55 12.95 46.96
C CYS D 777 13.41 11.86 48.01
N THR D 778 13.38 12.24 49.27
CA THR D 778 13.11 11.32 50.37
C THR D 778 13.68 9.92 50.11
N GLY D 779 14.86 9.91 49.52
CA GLY D 779 15.60 8.66 49.30
C GLY D 779 15.58 8.04 47.92
N ASP D 780 14.51 8.32 47.17
CA ASP D 780 14.31 7.73 45.82
C ASP D 780 15.47 8.02 44.84
N GLY D 781 15.89 9.29 44.79
CA GLY D 781 16.89 9.72 43.82
C GLY D 781 16.22 10.43 42.67
N THR D 782 14.96 10.09 42.43
CA THR D 782 14.23 10.64 41.29
C THR D 782 12.87 11.07 41.81
N ILE D 783 12.10 11.75 40.98
CA ILE D 783 10.77 12.18 41.39
C ILE D 783 9.70 11.89 40.32
N LYS D 784 8.67 11.11 40.68
CA LYS D 784 7.53 10.85 39.79
C LYS D 784 6.75 12.13 39.52
N ILE D 785 6.79 12.56 38.27
CA ILE D 785 6.01 13.72 37.86
C ILE D 785 4.83 13.26 37.03
N GLU D 786 3.64 13.66 37.50
CA GLU D 786 2.38 13.36 36.85
C GLU D 786 2.38 14.09 35.50
N MET D 787 2.46 13.27 34.46
CA MET D 787 2.24 13.72 33.12
C MET D 787 0.79 13.49 32.86
N ASN D 788 0.14 14.41 32.16
CA ASN D 788 -1.30 14.32 32.01
C ASN D 788 -1.93 13.33 31.01
N PHE D 789 -1.66 13.60 29.74
CA PHE D 789 -2.14 12.84 28.59
C PHE D 789 -1.13 11.76 28.34
N LEU D 790 0.15 12.13 28.39
CA LEU D 790 1.24 11.19 28.32
C LEU D 790 1.37 10.50 29.65
N PRO D 791 2.14 9.41 29.68
CA PRO D 791 2.31 8.68 30.91
C PRO D 791 3.25 9.42 31.86
N ASP D 792 2.94 9.31 33.15
CA ASP D 792 3.79 9.82 34.22
C ASP D 792 5.18 9.20 34.03
N VAL D 793 6.21 9.94 34.43
CA VAL D 793 7.61 9.50 34.30
C VAL D 793 8.52 10.05 35.43
N TYR D 794 9.59 9.35 35.77
CA TYR D 794 10.51 9.83 36.79
C TYR D 794 11.61 10.72 36.25
N VAL D 795 11.74 11.92 36.80
CA VAL D 795 12.89 12.80 36.52
C VAL D 795 13.84 12.76 37.70
N PRO D 796 15.16 12.83 37.46
CA PRO D 796 16.04 12.75 38.63
C PRO D 796 15.88 13.96 39.60
N CYS D 797 16.18 13.77 40.89
CA CYS D 797 16.07 14.83 41.90
C CYS D 797 17.09 15.93 41.66
N GLU D 798 16.61 17.16 41.46
CA GLU D 798 17.51 18.29 41.20
C GLU D 798 18.50 18.47 42.36
N VAL D 799 18.00 18.22 43.57
CA VAL D 799 18.75 18.45 44.80
C VAL D 799 19.88 17.43 44.98
N CYS D 800 19.57 16.14 45.04
CA CYS D 800 20.64 15.19 45.29
C CYS D 800 21.30 14.67 44.01
N GLN D 801 20.86 15.21 42.88
CA GLN D 801 21.35 14.80 41.55
C GLN D 801 21.11 13.30 41.35
N GLY D 802 19.94 12.85 41.81
CA GLY D 802 19.63 11.42 41.83
C GLY D 802 20.61 10.55 42.59
N ALA D 803 21.20 11.10 43.66
CA ALA D 803 22.21 10.38 44.45
C ALA D 803 21.54 9.58 45.55
N ARG D 804 20.43 10.14 46.03
CA ARG D 804 19.63 9.63 47.14
C ARG D 804 20.06 10.25 48.47
N TYR D 805 21.31 10.73 48.57
CA TYR D 805 21.87 11.22 49.83
C TYR D 805 22.27 12.71 49.80
N ASN D 806 22.13 13.39 50.94
CA ASN D 806 22.72 14.74 51.13
C ASN D 806 24.25 14.67 51.23
N ARG D 807 24.92 15.68 50.67
CA ARG D 807 26.37 15.59 50.42
C ARG D 807 27.21 15.29 51.67
N GLU D 808 26.75 15.75 52.84
CA GLU D 808 27.49 15.51 54.08
C GLU D 808 27.51 14.02 54.43
N THR D 809 26.51 13.27 53.97
CA THR D 809 26.48 11.79 54.07
C THR D 809 27.40 11.12 53.04
N LEU D 810 27.63 11.85 51.95
CA LEU D 810 28.44 11.35 50.85
C LEU D 810 29.90 11.72 51.07
N GLU D 811 30.20 12.54 52.09
CA GLU D 811 31.58 12.81 52.50
C GLU D 811 32.28 11.48 52.86
N VAL D 812 31.51 10.54 53.41
CA VAL D 812 32.01 9.22 53.81
C VAL D 812 32.34 8.35 52.61
N HIS D 813 33.51 7.72 52.65
CA HIS D 813 33.90 6.75 51.64
C HIS D 813 34.04 5.33 52.21
N TYR D 814 34.03 4.35 51.33
CA TYR D 814 34.47 3.00 51.66
C TYR D 814 35.29 2.57 50.45
N LYS D 815 36.51 2.08 50.69
CA LYS D 815 37.45 1.77 49.58
C LYS D 815 37.37 2.81 48.42
N GLY D 816 37.30 4.08 48.82
CA GLY D 816 37.24 5.24 47.90
C GLY D 816 35.95 5.45 47.10
N LYS D 817 34.83 4.94 47.59
CA LYS D 817 33.54 5.07 46.91
C LYS D 817 32.46 5.41 47.91
N THR D 818 31.63 6.39 47.57
CA THR D 818 30.53 6.76 48.45
C THR D 818 29.44 5.72 48.33
N VAL D 819 28.34 5.87 49.07
CA VAL D 819 27.21 4.95 48.96
C VAL D 819 26.63 5.05 47.56
N SER D 820 26.40 6.29 47.12
CA SER D 820 25.81 6.52 45.82
C SER D 820 26.61 5.80 44.74
N GLU D 821 27.93 5.90 44.84
CA GLU D 821 28.82 5.23 43.90
C GLU D 821 28.63 3.71 43.90
N VAL D 822 28.63 3.10 45.09
CA VAL D 822 28.56 1.62 45.22
C VAL D 822 27.18 1.11 44.81
N LEU D 823 26.20 1.96 45.03
CA LEU D 823 24.83 1.70 44.62
C LEU D 823 24.71 1.73 43.09
N ASP D 824 25.58 2.53 42.47
CA ASP D 824 25.58 2.75 41.02
C ASP D 824 26.36 1.71 40.25
N MET D 825 27.05 0.82 40.95
CA MET D 825 27.84 -0.24 40.32
C MET D 825 26.97 -1.28 39.67
N SER D 826 27.42 -1.78 38.54
CA SER D 826 26.73 -2.92 37.95
C SER D 826 26.92 -3.99 39.00
N ILE D 827 25.96 -4.89 39.10
CA ILE D 827 26.11 -6.00 39.98
C ILE D 827 27.38 -6.80 39.66
N GLU D 828 27.61 -7.06 38.39
CA GLU D 828 28.82 -7.74 37.92
C GLU D 828 30.06 -7.01 38.42
N GLU D 829 29.98 -5.68 38.40
CA GLU D 829 31.08 -4.83 38.83
C GLU D 829 31.28 -4.85 40.36
N ALA D 830 30.19 -4.58 41.08
CA ALA D 830 30.14 -4.70 42.55
C ALA D 830 30.57 -6.09 43.06
N ALA D 831 30.37 -7.11 42.23
CA ALA D 831 30.83 -8.46 42.53
C ALA D 831 32.35 -8.51 42.86
N GLU D 832 33.22 -8.25 41.85
CA GLU D 832 34.69 -8.23 42.04
C GLU D 832 35.13 -7.14 43.07
N PHE D 833 34.32 -6.10 43.28
CA PHE D 833 34.57 -5.11 44.34
C PHE D 833 34.34 -5.64 45.76
N PHE D 834 33.44 -6.61 45.87
CA PHE D 834 33.04 -7.23 47.13
C PHE D 834 33.57 -8.65 47.32
N GLU D 835 34.57 -9.05 46.54
CA GLU D 835 35.07 -10.41 46.61
C GLU D 835 35.58 -10.71 48.02
N PRO D 836 36.28 -9.74 48.60
CA PRO D 836 36.70 -9.82 50.02
C PRO D 836 35.63 -10.28 50.99
N ILE D 837 34.57 -9.49 51.11
CA ILE D 837 33.51 -9.81 52.07
C ILE D 837 32.61 -10.88 51.49
N ALA D 838 32.93 -12.14 51.76
CA ALA D 838 32.18 -13.25 51.19
C ALA D 838 30.75 -13.34 51.77
N GLY D 839 30.49 -12.62 52.85
CA GLY D 839 29.14 -12.48 53.41
C GLY D 839 28.18 -11.79 52.45
N VAL D 840 28.73 -10.83 51.70
CA VAL D 840 28.01 -10.03 50.67
C VAL D 840 28.14 -10.64 49.28
N HIS D 841 29.32 -11.17 48.97
CA HIS D 841 29.63 -11.77 47.68
C HIS D 841 28.65 -12.92 47.29
N ARG D 842 28.11 -13.66 48.26
CA ARG D 842 27.18 -14.76 47.96
C ARG D 842 25.98 -14.30 47.13
N TYR D 843 25.22 -13.35 47.67
CA TYR D 843 24.09 -12.71 46.98
C TYR D 843 24.47 -12.27 45.56
N LEU D 844 25.62 -11.59 45.44
CA LEU D 844 26.09 -11.05 44.16
C LEU D 844 26.45 -12.11 43.14
N ARG D 845 27.03 -13.21 43.60
CA ARG D 845 27.40 -14.28 42.68
C ARG D 845 26.14 -14.81 42.06
N THR D 846 25.14 -15.15 42.90
CA THR D 846 23.89 -15.73 42.37
C THR D 846 23.17 -14.78 41.39
N LEU D 847 23.14 -13.48 41.71
CA LEU D 847 22.62 -12.47 40.78
C LEU D 847 23.38 -12.49 39.43
N VAL D 848 24.70 -12.56 39.48
CA VAL D 848 25.48 -12.73 38.28
C VAL D 848 25.17 -14.05 37.59
N ASP D 849 25.04 -15.14 38.37
CA ASP D 849 24.72 -16.48 37.85
C ASP D 849 23.37 -16.59 37.15
N VAL D 850 22.41 -15.80 37.64
CA VAL D 850 21.04 -15.69 37.11
C VAL D 850 21.01 -14.76 35.87
N GLY D 851 22.14 -14.11 35.58
CA GLY D 851 22.32 -13.34 34.35
C GLY D 851 22.25 -11.84 34.53
N LEU D 852 21.70 -11.42 35.67
CA LEU D 852 21.52 -10.02 35.98
C LEU D 852 22.81 -9.26 36.34
N GLY D 853 23.98 -9.81 36.01
CA GLY D 853 25.26 -9.10 36.17
C GLY D 853 25.23 -7.61 35.78
N TYR D 854 24.59 -7.31 34.66
CA TYR D 854 24.53 -5.95 34.12
C TYR D 854 23.69 -4.94 34.90
N VAL D 855 22.84 -5.45 35.78
CA VAL D 855 21.91 -4.58 36.52
C VAL D 855 22.64 -3.72 37.58
N ARG D 856 22.25 -2.45 37.68
CA ARG D 856 22.84 -1.55 38.69
C ARG D 856 22.29 -1.89 40.06
N LEU D 857 23.20 -2.07 41.01
CA LEU D 857 22.85 -2.52 42.34
C LEU D 857 21.58 -1.87 42.90
N GLY D 858 21.53 -0.54 42.85
CA GLY D 858 20.45 0.19 43.48
C GLY D 858 19.50 0.76 42.47
N GLN D 859 19.33 0.05 41.36
CA GLN D 859 18.53 0.54 40.24
C GLN D 859 17.07 0.45 40.56
N PRO D 860 16.35 1.59 40.56
CA PRO D 860 14.96 1.67 41.02
C PRO D 860 14.12 0.54 40.47
N ALA D 861 13.36 -0.13 41.34
CA ALA D 861 12.59 -1.33 40.96
C ALA D 861 11.58 -1.16 39.78
N PRO D 862 10.92 0.04 39.67
CA PRO D 862 10.06 0.32 38.52
C PRO D 862 10.76 0.17 37.16
N THR D 863 12.07 0.35 37.08
CA THR D 863 12.74 0.25 35.80
C THR D 863 13.20 -1.17 35.45
N LEU D 864 12.76 -2.17 36.19
CA LEU D 864 13.11 -3.54 35.83
C LEU D 864 12.08 -4.16 34.94
N SER D 865 12.54 -5.02 34.01
CA SER D 865 11.62 -5.77 33.14
C SER D 865 11.06 -6.90 33.97
N GLY D 866 9.81 -7.26 33.74
CA GLY D 866 9.18 -8.36 34.48
C GLY D 866 10.01 -9.63 34.52
N GLY D 867 10.80 -9.84 33.47
CA GLY D 867 11.80 -10.90 33.44
C GLY D 867 12.94 -10.66 34.44
N GLU D 868 13.54 -9.45 34.40
CA GLU D 868 14.58 -9.05 35.34
C GLU D 868 14.06 -9.25 36.74
N ALA D 869 12.93 -8.60 37.05
CA ALA D 869 12.25 -8.72 38.34
C ALA D 869 12.11 -10.21 38.69
N GLN D 870 11.53 -10.98 37.79
CA GLN D 870 11.43 -12.42 37.97
C GLN D 870 12.80 -12.97 38.34
N ARG D 871 13.78 -12.75 37.47
CA ARG D 871 15.12 -13.26 37.68
C ARG D 871 15.79 -12.84 39.01
N VAL D 872 15.47 -11.64 39.50
CA VAL D 872 16.01 -11.18 40.81
C VAL D 872 15.48 -12.03 41.96
N LYS D 873 14.15 -12.09 42.05
CA LYS D 873 13.46 -13.03 42.93
C LYS D 873 14.06 -14.45 42.83
N LEU D 874 14.29 -14.93 41.62
CA LEU D 874 15.00 -16.20 41.42
C LEU D 874 16.40 -16.25 42.07
N ALA D 875 17.13 -15.13 42.03
CA ALA D 875 18.43 -15.04 42.68
C ALA D 875 18.38 -14.98 44.22
N SER D 876 17.20 -14.68 44.79
CA SER D 876 17.01 -14.69 46.23
C SER D 876 16.98 -16.12 46.75
N GLU D 877 16.29 -17.01 46.05
CA GLU D 877 16.20 -18.43 46.45
C GLU D 877 17.43 -19.23 46.10
N LEU D 878 18.14 -18.78 45.07
CA LEU D 878 19.44 -19.33 44.81
C LEU D 878 20.37 -19.02 46.00
N GLN D 879 20.14 -17.84 46.59
CA GLN D 879 20.79 -17.41 47.81
C GLN D 879 20.14 -18.08 49.03
N LYS D 880 20.25 -19.40 49.11
CA LYS D 880 19.66 -20.25 50.18
C LYS D 880 20.13 -21.69 50.05
N ARG D 881 19.92 -22.49 51.08
CA ARG D 881 20.31 -23.92 51.08
C ARG D 881 19.33 -24.74 50.25
N SER D 882 19.80 -25.30 49.13
CA SER D 882 18.90 -26.02 48.22
C SER D 882 18.50 -27.44 48.69
N THR D 883 17.71 -27.48 49.78
CA THR D 883 17.18 -28.72 50.39
C THR D 883 16.46 -29.59 49.34
N GLY D 884 17.10 -30.69 48.95
CA GLY D 884 16.72 -31.51 47.81
C GLY D 884 15.25 -31.80 47.47
N ARG D 885 14.31 -31.30 48.28
CA ARG D 885 12.88 -31.36 47.91
C ARG D 885 12.10 -30.03 48.09
N THR D 886 12.48 -29.05 47.25
CA THR D 886 11.73 -27.82 47.07
C THR D 886 11.26 -27.71 45.58
N VAL D 887 10.04 -27.15 45.39
CA VAL D 887 9.41 -27.07 44.05
C VAL D 887 9.37 -25.63 43.49
N TYR D 888 9.84 -25.50 42.25
CA TYR D 888 9.92 -24.22 41.59
C TYR D 888 8.91 -24.10 40.47
N ILE D 889 8.17 -22.99 40.54
CA ILE D 889 7.23 -22.61 39.51
C ILE D 889 7.72 -21.39 38.74
N LEU D 890 8.08 -21.62 37.47
CA LEU D 890 8.56 -20.54 36.63
C LEU D 890 7.61 -20.24 35.48
N ASP D 891 6.89 -19.12 35.65
CA ASP D 891 5.96 -18.69 34.66
C ASP D 891 6.74 -17.93 33.59
N GLU D 892 6.59 -18.37 32.34
CA GLU D 892 7.38 -17.85 31.19
C GLU D 892 8.80 -17.33 31.42
N PRO D 893 9.60 -18.09 32.20
CA PRO D 893 10.97 -17.67 32.47
C PRO D 893 11.82 -17.20 31.25
N THR D 894 11.52 -17.75 30.07
CA THR D 894 12.14 -17.36 28.82
C THR D 894 12.00 -15.88 28.43
N THR D 895 11.03 -15.18 29.00
CA THR D 895 10.70 -13.78 28.70
C THR D 895 11.89 -12.83 28.63
N GLY D 896 11.97 -12.06 27.54
CA GLY D 896 12.96 -11.00 27.40
C GLY D 896 14.42 -11.44 27.39
N LEU D 897 14.61 -12.73 27.08
CA LEU D 897 15.93 -13.33 27.01
C LEU D 897 16.30 -13.67 25.60
N HIS D 898 17.57 -13.49 25.30
CA HIS D 898 18.20 -13.78 24.02
C HIS D 898 18.54 -15.23 24.07
N PHE D 899 18.84 -15.80 22.90
CA PHE D 899 19.14 -17.23 22.78
C PHE D 899 20.13 -17.69 23.80
N ASP D 900 21.27 -17.00 23.79
CA ASP D 900 22.35 -17.26 24.71
C ASP D 900 21.95 -17.05 26.16
N ASP D 901 21.19 -16.00 26.43
CA ASP D 901 20.55 -15.81 27.73
C ASP D 901 19.75 -17.04 28.19
N ILE D 902 18.92 -17.57 27.29
CA ILE D 902 18.18 -18.84 27.52
C ILE D 902 19.13 -19.97 27.96
N ARG D 903 20.12 -20.26 27.13
CA ARG D 903 21.16 -21.26 27.40
C ARG D 903 21.75 -21.12 28.82
N LYS D 904 22.23 -19.93 29.17
CA LYS D 904 22.72 -19.68 30.53
C LYS D 904 21.62 -20.08 31.51
N LEU D 905 20.42 -19.48 31.38
CA LEU D 905 19.28 -19.79 32.28
C LEU D 905 18.95 -21.29 32.49
N LEU D 906 18.89 -22.05 31.38
CA LEU D 906 18.64 -23.49 31.45
C LEU D 906 19.60 -24.25 32.37
N ASN D 907 20.89 -23.88 32.33
CA ASN D 907 21.87 -24.40 33.27
C ASN D 907 21.51 -24.14 34.71
N VAL D 908 21.17 -22.89 35.03
CA VAL D 908 20.65 -22.55 36.36
C VAL D 908 19.52 -23.48 36.76
N ILE D 909 18.68 -23.85 35.79
CA ILE D 909 17.55 -24.73 36.08
C ILE D 909 17.99 -26.17 36.30
N ASN D 910 18.74 -26.74 35.34
CA ASN D 910 19.25 -28.11 35.50
C ASN D 910 19.99 -28.26 36.82
N GLY D 911 20.91 -27.32 37.08
CA GLY D 911 21.49 -27.09 38.40
C GLY D 911 20.45 -27.38 39.46
N LEU D 912 19.44 -26.52 39.58
CA LEU D 912 18.33 -26.71 40.53
C LEU D 912 17.72 -28.12 40.54
N VAL D 913 17.52 -28.68 39.34
CA VAL D 913 16.82 -29.96 39.23
C VAL D 913 17.74 -31.10 39.67
N ASP D 914 19.03 -30.93 39.37
CA ASP D 914 20.03 -31.93 39.75
C ASP D 914 20.21 -32.11 41.26
N LYS D 915 19.92 -31.07 42.05
CA LYS D 915 19.83 -31.21 43.53
C LYS D 915 18.56 -32.01 43.85
N GLY D 916 17.97 -32.59 42.81
CA GLY D 916 16.71 -33.31 42.89
C GLY D 916 15.52 -32.40 43.23
N ASN D 917 15.60 -31.13 42.85
CA ASN D 917 14.46 -30.24 43.05
C ASN D 917 13.45 -30.37 41.90
N THR D 918 12.17 -30.10 42.18
CA THR D 918 11.13 -30.13 41.13
C THR D 918 10.93 -28.75 40.49
N VAL D 919 11.07 -28.70 39.15
CA VAL D 919 10.88 -27.44 38.44
C VAL D 919 9.85 -27.61 37.35
N ILE D 920 8.81 -26.79 37.51
CA ILE D 920 7.72 -26.67 36.55
C ILE D 920 7.64 -25.25 35.91
N VAL D 921 7.40 -25.27 34.60
CA VAL D 921 7.65 -24.12 33.76
C VAL D 921 6.54 -24.02 32.70
N ILE D 922 5.88 -22.87 32.64
CA ILE D 922 4.91 -22.59 31.56
C ILE D 922 5.64 -21.91 30.39
N GLU D 923 5.67 -22.56 29.23
CA GLU D 923 6.46 -22.02 28.14
C GLU D 923 5.90 -22.22 26.75
N HIS D 924 6.27 -21.30 25.89
CA HIS D 924 6.11 -21.49 24.47
C HIS D 924 7.45 -21.67 23.80
N ASN D 925 8.55 -21.40 24.50
CA ASN D 925 9.89 -21.41 23.86
C ASN D 925 10.36 -22.80 23.50
N LEU D 926 10.67 -23.05 22.23
CA LEU D 926 11.00 -24.40 21.81
C LEU D 926 12.16 -25.04 22.58
N ASP D 927 13.33 -24.39 22.55
CA ASP D 927 14.48 -24.88 23.27
C ASP D 927 14.06 -25.32 24.66
N VAL D 928 13.50 -24.40 25.44
CA VAL D 928 13.09 -24.75 26.80
C VAL D 928 12.20 -25.97 26.85
N ILE D 929 11.25 -26.06 25.93
CA ILE D 929 10.40 -27.24 25.86
C ILE D 929 11.21 -28.49 25.48
N LYS D 930 11.91 -28.44 24.34
CA LYS D 930 12.68 -29.56 23.82
C LYS D 930 13.78 -29.99 24.78
N THR D 931 13.94 -29.26 25.88
CA THR D 931 14.91 -29.62 26.89
C THR D 931 14.22 -30.30 28.05
N SER D 932 12.96 -29.93 28.31
CA SER D 932 12.20 -30.47 29.45
C SER D 932 12.15 -31.99 29.36
N ASP D 933 12.01 -32.63 30.51
CA ASP D 933 11.98 -34.09 30.51
C ASP D 933 10.56 -34.54 30.31
N TRP D 934 9.64 -33.65 30.63
CA TRP D 934 8.22 -33.96 30.63
C TRP D 934 7.44 -32.72 30.24
N ILE D 935 6.49 -32.90 29.34
CA ILE D 935 5.60 -31.80 28.98
C ILE D 935 4.11 -32.16 29.09
N ILE D 936 3.34 -31.19 29.55
CA ILE D 936 1.91 -31.32 29.61
C ILE D 936 1.31 -30.25 28.68
N ASP D 937 0.68 -30.75 27.62
CA ASP D 937 0.09 -29.91 26.57
C ASP D 937 -1.41 -29.70 26.76
N LEU D 938 -1.78 -28.46 27.09
CA LEU D 938 -3.18 -28.09 27.19
C LEU D 938 -3.77 -27.55 25.89
N GLY D 939 -5.06 -27.82 25.71
CA GLY D 939 -5.79 -27.35 24.54
C GLY D 939 -7.14 -28.00 24.40
N PRO D 940 -7.61 -28.15 23.15
CA PRO D 940 -6.81 -27.87 21.95
C PRO D 940 -6.71 -26.41 21.63
N GLU D 941 -7.83 -25.69 21.66
CA GLU D 941 -7.78 -24.23 21.41
C GLU D 941 -7.78 -23.34 22.67
N GLY D 942 -7.99 -22.04 22.49
CA GLY D 942 -8.04 -21.11 23.61
C GLY D 942 -9.47 -20.96 24.11
N GLY D 943 -9.61 -20.52 25.35
CA GLY D 943 -10.91 -20.44 26.06
C GLY D 943 -11.75 -21.71 25.99
N ALA D 944 -13.00 -21.52 25.55
CA ALA D 944 -13.97 -22.60 25.51
C ALA D 944 -13.41 -23.91 25.02
N GLY D 945 -12.84 -23.94 23.82
CA GLY D 945 -12.17 -25.15 23.29
C GLY D 945 -10.81 -25.17 23.94
N GLY D 946 -10.39 -26.30 24.51
CA GLY D 946 -9.28 -26.21 25.46
C GLY D 946 -9.64 -26.34 26.93
N GLY D 947 -8.64 -26.26 27.81
CA GLY D 947 -8.85 -26.61 29.21
C GLY D 947 -8.92 -28.13 29.30
N THR D 948 -8.33 -28.77 28.30
CA THR D 948 -8.13 -30.21 28.31
C THR D 948 -6.66 -30.53 28.07
N VAL D 949 -6.26 -31.78 28.34
CA VAL D 949 -4.85 -32.18 28.10
C VAL D 949 -4.70 -32.83 26.72
N VAL D 950 -4.23 -32.03 25.77
CA VAL D 950 -4.06 -32.52 24.41
C VAL D 950 -3.03 -33.65 24.29
N ALA D 951 -1.94 -33.57 25.07
CA ALA D 951 -0.91 -34.60 25.10
C ALA D 951 -0.07 -34.42 26.35
N GLN D 952 0.61 -35.48 26.78
CA GLN D 952 1.63 -35.35 27.79
C GLN D 952 2.63 -36.44 27.57
N GLY D 953 3.81 -36.26 28.18
CA GLY D 953 4.93 -37.19 28.06
C GLY D 953 6.28 -36.52 27.90
N THR D 954 7.22 -37.27 27.34
CA THR D 954 8.47 -36.68 26.89
C THR D 954 8.23 -35.89 25.61
N PRO D 955 9.09 -34.88 25.34
CA PRO D 955 9.10 -34.20 24.04
C PRO D 955 8.98 -35.15 22.89
N GLU D 956 9.61 -36.31 23.02
CA GLU D 956 9.59 -37.30 21.98
C GLU D 956 8.18 -37.85 21.80
N ASP D 957 7.52 -38.13 22.93
CA ASP D 957 6.12 -38.61 22.96
C ASP D 957 5.17 -37.60 22.35
N VAL D 958 5.39 -36.34 22.70
CA VAL D 958 4.44 -35.28 22.36
C VAL D 958 4.57 -34.90 20.89
N ALA D 959 5.79 -34.80 20.41
CA ALA D 959 6.02 -34.59 18.98
C ALA D 959 5.33 -35.71 18.22
N ALA D 960 5.11 -36.83 18.90
CA ALA D 960 4.50 -38.00 18.30
C ALA D 960 2.99 -37.81 18.15
N VAL D 961 2.37 -37.13 19.13
CA VAL D 961 0.93 -36.82 19.07
C VAL D 961 0.60 -35.81 17.96
N PRO D 962 -0.11 -36.30 16.91
CA PRO D 962 -0.28 -35.45 15.72
C PRO D 962 -1.31 -34.34 15.96
N ALA D 963 -2.25 -34.61 16.88
CA ALA D 963 -3.27 -33.67 17.33
C ALA D 963 -2.68 -32.47 18.10
N SER D 964 -1.48 -32.63 18.66
CA SER D 964 -0.82 -31.58 19.43
C SER D 964 -0.12 -30.58 18.54
N TYR D 965 -0.45 -29.32 18.76
CA TYR D 965 0.24 -28.17 18.14
C TYR D 965 1.70 -28.05 18.59
N THR D 966 1.91 -28.10 19.92
CA THR D 966 3.25 -28.11 20.44
C THR D 966 3.99 -29.26 19.74
N GLY D 967 3.32 -30.42 19.67
CA GLY D 967 3.85 -31.61 19.02
C GLY D 967 4.35 -31.36 17.61
N LYS D 968 3.51 -30.69 16.83
CA LYS D 968 3.81 -30.37 15.45
C LYS D 968 5.19 -29.71 15.35
N PHE D 969 5.42 -28.69 16.18
CA PHE D 969 6.65 -27.90 16.06
C PHE D 969 7.83 -28.62 16.67
N LEU D 970 7.55 -29.22 17.82
CA LEU D 970 8.49 -30.01 18.58
C LEU D 970 9.09 -31.08 17.69
N ALA D 971 8.27 -31.60 16.77
CA ALA D 971 8.64 -32.71 15.90
C ALA D 971 9.75 -32.35 14.91
N GLU D 972 9.76 -31.11 14.40
CA GLU D 972 10.86 -30.68 13.51
C GLU D 972 12.22 -30.58 14.18
N VAL D 973 12.24 -30.76 15.50
CA VAL D 973 13.46 -30.69 16.29
C VAL D 973 13.83 -32.03 16.96
N VAL D 974 12.90 -32.99 16.94
CA VAL D 974 13.07 -34.25 17.69
C VAL D 974 12.86 -35.47 16.79
N ALA E 23 -27.09 -21.25 -17.69
CA ALA E 23 -25.91 -21.54 -18.54
C ALA E 23 -25.09 -20.25 -18.88
N ASP E 24 -23.78 -20.35 -18.67
CA ASP E 24 -22.77 -19.44 -19.20
C ASP E 24 -22.23 -20.10 -20.49
N ARG E 25 -23.18 -20.56 -21.31
CA ARG E 25 -22.86 -21.33 -22.49
C ARG E 25 -23.59 -20.84 -23.74
N LEU E 26 -22.85 -20.84 -24.84
CA LEU E 26 -23.42 -20.65 -26.14
C LEU E 26 -23.81 -22.02 -26.62
N ILE E 27 -25.06 -22.15 -27.05
CA ILE E 27 -25.63 -23.44 -27.46
C ILE E 27 -26.40 -23.33 -28.76
N VAL E 28 -26.06 -24.22 -29.69
CA VAL E 28 -26.75 -24.29 -30.98
C VAL E 28 -27.30 -25.69 -31.27
N LYS E 29 -28.56 -25.74 -31.70
CA LYS E 29 -29.18 -27.02 -32.07
C LYS E 29 -29.65 -26.94 -33.52
N GLY E 30 -29.21 -27.92 -34.31
CA GLY E 30 -29.67 -28.07 -35.67
C GLY E 30 -29.27 -26.94 -36.58
N ALA E 31 -27.98 -26.62 -36.60
CA ALA E 31 -27.48 -25.74 -37.65
C ALA E 31 -27.39 -26.57 -38.93
N ARG E 32 -28.07 -26.11 -39.95
CA ARG E 32 -28.17 -26.86 -41.16
C ARG E 32 -27.60 -26.10 -42.33
N GLU E 33 -26.77 -25.09 -42.08
CA GLU E 33 -26.50 -24.13 -43.13
C GLU E 33 -26.04 -24.50 -44.52
N HIS E 34 -24.88 -25.03 -44.73
CA HIS E 34 -24.57 -25.15 -46.14
C HIS E 34 -24.45 -26.66 -46.26
N ASN E 35 -23.30 -27.22 -45.93
CA ASN E 35 -23.15 -28.67 -45.87
C ASN E 35 -23.26 -29.14 -44.45
N LEU E 36 -23.80 -28.25 -43.60
CA LEU E 36 -23.89 -28.46 -42.15
C LEU E 36 -24.99 -29.45 -41.88
N ARG E 37 -24.68 -30.43 -41.05
CA ARG E 37 -25.56 -31.60 -40.83
C ARG E 37 -26.46 -31.52 -39.59
N SER E 38 -27.43 -30.61 -39.61
CA SER E 38 -28.23 -30.32 -38.45
C SER E 38 -27.40 -30.45 -37.18
N VAL E 39 -26.33 -29.66 -37.10
CA VAL E 39 -25.30 -29.85 -36.09
C VAL E 39 -25.67 -29.19 -34.79
N ASP E 40 -25.04 -29.68 -33.72
CA ASP E 40 -25.34 -29.27 -32.35
C ASP E 40 -24.10 -28.84 -31.61
N LEU E 41 -24.16 -27.68 -30.96
CA LEU E 41 -23.02 -27.24 -30.17
C LEU E 41 -23.33 -26.81 -28.74
N ASP E 42 -22.36 -27.03 -27.85
CA ASP E 42 -22.44 -26.52 -26.51
C ASP E 42 -21.12 -25.88 -26.12
N LEU E 43 -20.98 -24.63 -26.50
CA LEU E 43 -19.73 -23.91 -26.36
C LEU E 43 -19.71 -23.07 -25.11
N PRO E 44 -18.51 -22.94 -24.52
CA PRO E 44 -18.22 -22.12 -23.36
C PRO E 44 -18.14 -20.68 -23.75
N ARG E 45 -19.16 -19.91 -23.40
CA ARG E 45 -19.12 -18.46 -23.55
C ARG E 45 -17.91 -17.95 -22.75
N ASP E 46 -17.42 -16.74 -23.06
CA ASP E 46 -16.27 -16.11 -22.32
C ASP E 46 -14.96 -16.90 -22.41
N ALA E 47 -14.82 -17.59 -23.54
CA ALA E 47 -13.66 -18.37 -23.87
C ALA E 47 -13.12 -17.80 -25.17
N LEU E 48 -11.89 -18.15 -25.48
CA LEU E 48 -11.43 -18.04 -26.85
C LEU E 48 -11.66 -19.41 -27.48
N ILE E 49 -12.72 -19.53 -28.27
CA ILE E 49 -13.06 -20.75 -29.00
C ILE E 49 -12.46 -20.68 -30.37
N VAL E 50 -11.76 -21.73 -30.79
CA VAL E 50 -11.24 -21.82 -32.17
C VAL E 50 -11.93 -22.91 -33.00
N PHE E 51 -12.46 -22.49 -34.15
CA PHE E 51 -12.99 -23.43 -35.13
C PHE E 51 -11.88 -23.97 -36.02
N THR E 52 -11.97 -25.27 -36.33
CA THR E 52 -10.87 -25.98 -36.91
C THR E 52 -11.25 -27.19 -37.78
N GLY E 53 -10.50 -27.39 -38.85
CA GLY E 53 -10.85 -28.42 -39.82
C GLY E 53 -10.70 -28.00 -41.27
N LEU E 54 -10.75 -29.04 -42.13
CA LEU E 54 -10.44 -28.93 -43.55
C LEU E 54 -11.16 -27.82 -44.30
N SER E 55 -10.58 -27.53 -45.45
CA SER E 55 -11.01 -26.45 -46.30
C SER E 55 -12.34 -26.91 -46.82
N GLY E 56 -13.37 -26.14 -46.48
CA GLY E 56 -14.76 -26.46 -46.88
C GLY E 56 -15.43 -27.51 -45.99
N SER E 57 -14.94 -27.54 -44.75
CA SER E 57 -15.42 -28.44 -43.72
C SER E 57 -16.79 -28.00 -43.30
N GLY E 58 -17.05 -26.71 -43.47
CA GLY E 58 -18.29 -26.08 -42.96
C GLY E 58 -17.95 -25.05 -41.89
N LYS E 59 -16.64 -24.94 -41.60
CA LYS E 59 -16.13 -24.06 -40.57
C LYS E 59 -16.93 -22.73 -40.63
N SER E 60 -17.00 -22.12 -41.82
CA SER E 60 -17.50 -20.76 -41.91
C SER E 60 -19.00 -20.66 -41.86
N SER E 61 -19.63 -21.70 -42.40
CA SER E 61 -21.06 -21.73 -42.42
C SER E 61 -21.51 -21.66 -40.99
N LEU E 62 -20.80 -22.39 -40.14
CA LEU E 62 -21.14 -22.44 -38.73
C LEU E 62 -20.78 -21.14 -38.00
N ALA E 63 -19.51 -20.75 -38.09
CA ALA E 63 -19.01 -19.57 -37.41
C ALA E 63 -19.74 -18.29 -37.85
N PHE E 64 -19.73 -18.08 -39.16
CA PHE E 64 -20.12 -16.84 -39.73
C PHE E 64 -21.55 -16.86 -40.20
N ASP E 65 -21.88 -17.81 -41.07
CA ASP E 65 -23.21 -17.82 -41.68
C ASP E 65 -24.31 -18.15 -40.72
N THR E 66 -23.98 -18.86 -39.65
CA THR E 66 -24.99 -19.14 -38.64
C THR E 66 -24.80 -18.30 -37.36
N ILE E 67 -23.82 -18.67 -36.53
CA ILE E 67 -23.62 -18.07 -35.18
C ILE E 67 -23.52 -16.52 -35.23
N PHE E 68 -22.49 -16.00 -35.90
CA PHE E 68 -22.35 -14.57 -36.05
C PHE E 68 -23.63 -13.93 -36.61
N ALA E 69 -23.99 -14.38 -37.82
CA ALA E 69 -25.11 -13.87 -38.59
C ALA E 69 -26.35 -13.66 -37.70
N GLU E 70 -26.62 -14.67 -36.87
CA GLU E 70 -27.70 -14.58 -35.89
C GLU E 70 -27.40 -13.64 -34.77
N GLY E 71 -26.16 -13.68 -34.30
CA GLY E 71 -25.72 -12.76 -33.26
C GLY E 71 -26.12 -11.36 -33.65
N GLN E 72 -25.69 -10.94 -34.84
CA GLN E 72 -25.91 -9.59 -35.34
C GLN E 72 -27.39 -9.30 -35.44
N ARG E 73 -28.08 -10.21 -36.13
CA ARG E 73 -29.50 -10.02 -36.52
C ARG E 73 -30.40 -9.76 -35.31
N ARG E 74 -30.43 -10.74 -34.42
CA ARG E 74 -31.18 -10.64 -33.20
C ARG E 74 -30.94 -9.31 -32.52
N TYR E 75 -29.70 -8.84 -32.49
CA TYR E 75 -29.50 -7.59 -31.84
C TYR E 75 -30.07 -6.45 -32.66
N VAL E 76 -29.83 -6.46 -33.97
CA VAL E 76 -30.26 -5.34 -34.84
C VAL E 76 -31.78 -5.19 -34.90
N GLU E 77 -32.46 -6.32 -34.94
CA GLU E 77 -33.90 -6.31 -34.83
C GLU E 77 -34.39 -5.34 -33.76
N SER E 78 -33.52 -5.09 -32.79
CA SER E 78 -33.65 -4.12 -31.70
C SER E 78 -33.63 -2.61 -32.01
N LEU E 79 -32.83 -2.17 -32.99
CA LEU E 79 -32.58 -0.74 -33.20
C LEU E 79 -33.82 0.13 -33.46
N SER E 80 -34.72 -0.31 -34.32
CA SER E 80 -36.00 0.34 -34.44
C SER E 80 -36.94 -0.72 -34.92
N ALA E 81 -38.19 -0.68 -34.43
CA ALA E 81 -39.23 -1.59 -34.94
C ALA E 81 -39.28 -1.48 -36.48
N TYR E 82 -38.75 -0.38 -37.02
CA TYR E 82 -38.65 -0.22 -38.45
C TYR E 82 -37.58 -1.08 -39.08
N ALA E 83 -36.34 -0.99 -38.60
CA ALA E 83 -35.24 -1.70 -39.24
C ALA E 83 -35.52 -3.19 -39.14
N ARG E 84 -36.28 -3.54 -38.10
CA ARG E 84 -36.82 -4.87 -37.90
C ARG E 84 -37.51 -5.40 -39.17
N GLN E 85 -38.16 -4.49 -39.90
CA GLN E 85 -38.84 -4.83 -41.16
C GLN E 85 -37.84 -4.98 -42.28
N PHE E 86 -37.09 -3.91 -42.55
CA PHE E 86 -35.98 -3.91 -43.51
C PHE E 86 -35.15 -5.19 -43.37
N LEU E 87 -35.11 -5.74 -42.15
CA LEU E 87 -34.40 -7.00 -41.89
C LEU E 87 -35.18 -8.20 -42.38
N GLY E 88 -36.48 -8.21 -42.08
CA GLY E 88 -37.41 -9.28 -42.48
C GLY E 88 -37.02 -9.93 -43.80
N GLN E 89 -36.57 -9.13 -44.76
CA GLN E 89 -36.29 -9.64 -46.11
C GLN E 89 -34.97 -10.36 -46.25
N MET E 90 -34.39 -10.76 -45.13
CA MET E 90 -33.19 -11.54 -45.18
C MET E 90 -33.51 -13.01 -45.05
N ASP E 91 -32.66 -13.83 -45.65
CA ASP E 91 -32.71 -15.26 -45.45
C ASP E 91 -32.18 -15.67 -44.07
N LYS E 92 -32.99 -15.53 -43.03
CA LYS E 92 -32.59 -15.95 -41.69
C LYS E 92 -31.85 -17.30 -41.73
N PRO E 93 -30.72 -17.44 -41.02
CA PRO E 93 -29.89 -18.62 -41.24
C PRO E 93 -30.61 -19.86 -40.78
N ASP E 94 -30.31 -20.97 -41.42
CA ASP E 94 -31.01 -22.20 -41.12
C ASP E 94 -30.44 -22.96 -39.91
N VAL E 95 -30.96 -22.63 -38.74
CA VAL E 95 -30.69 -23.33 -37.49
C VAL E 95 -32.02 -23.70 -36.92
N ASP E 96 -32.04 -24.41 -35.81
CA ASP E 96 -33.31 -24.63 -35.14
C ASP E 96 -33.44 -23.71 -33.96
N PHE E 97 -32.45 -23.74 -33.10
CA PHE E 97 -32.53 -23.01 -31.87
C PHE E 97 -31.14 -22.72 -31.45
N ILE E 98 -30.86 -21.43 -31.23
CA ILE E 98 -29.61 -21.07 -30.56
C ILE E 98 -29.87 -20.14 -29.44
N GLU E 99 -28.90 -20.11 -28.52
CA GLU E 99 -29.10 -19.43 -27.24
C GLU E 99 -27.85 -19.28 -26.41
N GLY E 100 -27.84 -18.22 -25.61
CA GLY E 100 -26.60 -17.80 -24.99
C GLY E 100 -25.82 -17.09 -26.06
N LEU E 101 -26.53 -16.27 -26.82
CA LEU E 101 -26.00 -15.61 -28.00
C LEU E 101 -25.83 -14.12 -27.69
N SER E 102 -24.58 -13.64 -27.76
CA SER E 102 -24.22 -12.24 -27.54
C SER E 102 -24.39 -11.55 -28.90
N PRO E 103 -24.76 -10.25 -28.92
CA PRO E 103 -24.68 -9.52 -30.19
C PRO E 103 -23.30 -9.75 -30.85
N ALA E 104 -23.28 -10.11 -32.13
CA ALA E 104 -22.04 -10.50 -32.77
C ALA E 104 -21.37 -9.44 -33.66
N VAL E 105 -20.05 -9.57 -33.83
CA VAL E 105 -19.27 -8.63 -34.63
C VAL E 105 -18.29 -9.47 -35.43
N SER E 106 -18.24 -9.21 -36.72
CA SER E 106 -17.40 -10.01 -37.55
C SER E 106 -16.10 -9.28 -37.81
N ILE E 107 -15.01 -10.04 -37.76
CA ILE E 107 -13.68 -9.51 -38.08
C ILE E 107 -13.05 -10.46 -39.08
N ASP E 108 -13.39 -10.26 -40.35
CA ASP E 108 -12.83 -11.05 -41.45
C ASP E 108 -11.79 -10.22 -42.14
N GLN E 109 -11.44 -10.64 -43.35
CA GLN E 109 -10.51 -9.93 -44.23
C GLN E 109 -11.20 -9.59 -45.55
N LYS E 110 -12.54 -9.62 -45.56
CA LYS E 110 -13.32 -9.43 -46.79
C LYS E 110 -13.19 -8.10 -47.53
N SER E 111 -13.17 -6.98 -46.81
CA SER E 111 -13.03 -5.67 -47.47
C SER E 111 -11.61 -5.37 -47.98
N THR E 112 -11.57 -4.83 -49.19
CA THR E 112 -10.38 -4.27 -49.80
C THR E 112 -10.84 -2.93 -50.33
N ASN E 113 -11.14 -2.02 -49.41
CA ASN E 113 -11.67 -0.71 -49.77
C ASN E 113 -10.66 0.06 -50.61
N ARG E 114 -11.15 0.77 -51.62
CA ARG E 114 -10.24 1.47 -52.49
C ARG E 114 -10.58 2.93 -52.60
N ASN E 115 -11.57 3.39 -51.84
CA ASN E 115 -11.95 4.79 -51.85
C ASN E 115 -10.71 5.68 -51.87
N PRO E 116 -10.53 6.45 -52.96
CA PRO E 116 -9.25 7.15 -53.14
C PRO E 116 -9.04 8.29 -52.14
N ARG E 117 -10.11 8.66 -51.43
CA ARG E 117 -10.02 9.72 -50.43
C ARG E 117 -10.24 9.17 -49.03
N SER E 118 -9.86 7.89 -48.86
CA SER E 118 -9.89 7.20 -47.58
C SER E 118 -8.52 6.68 -47.19
N THR E 119 -8.07 7.05 -46.00
CA THR E 119 -6.78 6.65 -45.47
C THR E 119 -6.87 6.03 -44.08
N VAL E 120 -5.80 5.33 -43.65
CA VAL E 120 -5.71 4.80 -42.30
C VAL E 120 -6.23 5.86 -41.36
N GLY E 121 -5.70 7.07 -41.53
CA GLY E 121 -6.12 8.23 -40.75
C GLY E 121 -7.62 8.28 -40.68
N THR E 122 -8.25 8.24 -41.86
CA THR E 122 -9.69 8.38 -41.93
C THR E 122 -10.44 7.14 -41.40
N ILE E 123 -10.05 5.97 -41.89
CA ILE E 123 -10.58 4.70 -41.42
C ILE E 123 -10.65 4.65 -39.90
N THR E 124 -9.56 5.07 -39.25
CA THR E 124 -9.44 4.94 -37.81
C THR E 124 -10.07 6.10 -37.06
N GLU E 125 -10.58 7.05 -37.83
CA GLU E 125 -11.19 8.29 -37.31
C GLU E 125 -10.16 9.13 -36.58
N VAL E 126 -8.90 8.66 -36.56
CA VAL E 126 -7.81 9.40 -35.92
C VAL E 126 -7.62 10.70 -36.62
N TYR E 127 -7.68 10.67 -37.95
CA TYR E 127 -7.58 11.90 -38.69
C TYR E 127 -8.65 12.91 -38.26
N ASP E 128 -9.91 12.49 -38.20
CA ASP E 128 -10.98 13.33 -37.64
C ASP E 128 -10.53 14.05 -36.38
N TYR E 129 -10.02 13.31 -35.41
CA TYR E 129 -9.58 13.93 -34.16
C TYR E 129 -8.43 14.90 -34.39
N LEU E 130 -7.50 14.54 -35.28
CA LEU E 130 -6.40 15.46 -35.60
C LEU E 130 -6.90 16.82 -36.03
N ARG E 131 -7.91 16.84 -36.90
CA ARG E 131 -8.48 18.08 -37.42
C ARG E 131 -8.96 18.93 -36.26
N LEU E 132 -9.86 18.38 -35.44
CA LEU E 132 -10.30 19.03 -34.22
C LEU E 132 -9.13 19.54 -33.41
N LEU E 133 -8.07 18.74 -33.28
CA LEU E 133 -6.92 19.16 -32.47
C LEU E 133 -6.24 20.36 -33.07
N TYR E 134 -6.01 20.33 -34.37
CA TYR E 134 -5.37 21.45 -35.06
C TYR E 134 -6.22 22.69 -35.16
N ALA E 135 -7.52 22.48 -35.43
CA ALA E 135 -8.48 23.56 -35.47
C ALA E 135 -8.46 24.38 -34.17
N ARG E 136 -8.05 23.76 -33.05
CA ARG E 136 -8.17 24.38 -31.74
C ARG E 136 -6.90 24.89 -31.12
N ALA E 137 -5.76 24.37 -31.55
CA ALA E 137 -4.49 24.69 -30.90
C ALA E 137 -3.42 25.02 -31.90
N GLY E 138 -3.65 24.63 -33.16
CA GLY E 138 -2.63 24.81 -34.19
C GLY E 138 -2.35 26.29 -34.41
N THR E 139 -1.08 26.68 -34.53
CA THR E 139 -0.83 28.07 -34.82
C THR E 139 -0.49 28.23 -36.26
N PRO E 140 -1.25 29.11 -36.94
CA PRO E 140 -1.17 29.47 -38.37
C PRO E 140 0.10 30.24 -38.74
N HIS E 141 0.45 30.23 -40.02
CA HIS E 141 1.59 30.98 -40.52
C HIS E 141 1.03 31.38 -41.87
N CYS E 142 1.78 32.02 -42.77
CA CYS E 142 1.41 32.01 -44.20
C CYS E 142 2.66 31.70 -44.99
N PRO E 143 2.55 31.39 -46.31
CA PRO E 143 3.78 31.42 -47.12
C PRO E 143 3.81 32.48 -48.24
N ALA E 150 -2.27 34.42 -38.89
CA ALA E 150 -2.50 35.44 -37.86
C ALA E 150 -3.64 36.46 -38.22
N ARG E 151 -4.50 36.84 -37.25
CA ARG E 151 -5.80 37.65 -37.43
C ARG E 151 -5.78 39.18 -37.74
N GLN E 152 -6.96 39.76 -38.07
CA GLN E 152 -7.13 41.23 -38.39
C GLN E 152 -8.55 41.84 -38.15
N THR E 153 -8.78 43.09 -38.57
CA THR E 153 -10.07 43.83 -38.42
C THR E 153 -10.65 44.34 -39.76
N PRO E 154 -11.98 44.63 -39.81
CA PRO E 154 -12.68 45.21 -41.00
C PRO E 154 -12.09 46.52 -41.52
N GLN E 155 -11.84 47.43 -40.59
CA GLN E 155 -11.24 48.72 -40.86
C GLN E 155 -9.99 48.55 -41.72
N GLN E 156 -9.26 47.47 -41.48
CA GLN E 156 -7.97 47.23 -42.16
C GLN E 156 -8.15 46.58 -43.54
N ILE E 157 -9.39 46.25 -43.88
CA ILE E 157 -9.72 45.81 -45.23
C ILE E 157 -10.48 46.91 -45.97
N VAL E 158 -11.02 47.86 -45.20
CA VAL E 158 -11.31 49.18 -45.76
C VAL E 158 -10.02 49.51 -46.52
N ASP E 159 -8.92 49.74 -45.78
CA ASP E 159 -7.60 50.01 -46.35
C ASP E 159 -7.17 49.02 -47.44
N GLN E 160 -7.04 47.74 -47.09
CA GLN E 160 -6.53 46.69 -48.00
C GLN E 160 -6.89 46.90 -49.47
N VAL E 161 -8.16 47.18 -49.72
CA VAL E 161 -8.69 47.23 -51.08
C VAL E 161 -8.15 48.38 -51.92
N LEU E 162 -8.15 49.58 -51.33
CA LEU E 162 -7.85 50.84 -52.05
C LEU E 162 -6.57 50.84 -52.87
N ALA E 163 -5.71 49.84 -52.62
CA ALA E 163 -4.56 49.50 -53.49
C ALA E 163 -5.05 49.20 -54.92
N MET E 164 -5.49 50.25 -55.62
CA MET E 164 -6.26 50.17 -56.88
C MET E 164 -5.54 49.48 -58.05
N PRO E 165 -6.04 48.28 -58.45
CA PRO E 165 -5.63 47.69 -59.71
C PRO E 165 -6.66 48.06 -60.81
N GLU E 166 -6.84 49.37 -60.98
CA GLU E 166 -7.68 50.06 -62.02
C GLU E 166 -9.06 50.56 -61.53
N GLY E 167 -9.02 51.39 -60.47
CA GLY E 167 -10.23 51.99 -59.88
C GLY E 167 -11.41 51.04 -59.70
N THR E 168 -12.62 51.56 -59.94
CA THR E 168 -13.87 50.75 -59.92
C THR E 168 -13.90 49.62 -60.96
N ARG E 169 -13.97 48.39 -60.44
CA ARG E 169 -14.07 47.16 -61.21
C ARG E 169 -14.95 46.21 -60.38
N PHE E 170 -16.15 46.69 -60.06
CA PHE E 170 -17.08 46.16 -59.02
C PHE E 170 -17.31 44.67 -59.43
N LEU E 171 -16.79 43.71 -58.65
CA LEU E 171 -16.98 42.27 -58.96
C LEU E 171 -17.87 41.80 -57.76
N VAL E 172 -17.34 41.95 -56.54
CA VAL E 172 -18.04 41.92 -55.20
C VAL E 172 -19.15 41.08 -54.52
N LEU E 173 -18.93 39.77 -54.41
CA LEU E 173 -19.77 38.86 -53.60
C LEU E 173 -19.91 39.06 -52.08
N ALA E 174 -20.79 38.26 -51.46
CA ALA E 174 -20.90 38.12 -49.99
C ALA E 174 -21.58 36.77 -49.58
N PRO E 175 -20.77 35.79 -49.10
CA PRO E 175 -21.32 34.48 -48.76
C PRO E 175 -21.82 34.43 -47.31
N VAL E 176 -23.15 34.46 -47.15
CA VAL E 176 -23.76 34.45 -45.81
C VAL E 176 -24.02 33.04 -45.32
N VAL E 177 -23.80 32.06 -46.19
CA VAL E 177 -23.89 30.66 -45.81
C VAL E 177 -22.68 29.94 -46.36
N ARG E 178 -21.79 29.50 -45.49
CA ARG E 178 -20.66 28.71 -45.95
C ARG E 178 -20.84 27.22 -45.70
N THR E 179 -21.56 26.57 -46.61
CA THR E 179 -21.81 25.13 -46.57
C THR E 179 -22.47 24.69 -45.24
N ARG E 180 -23.55 25.37 -44.90
CA ARG E 180 -24.34 25.02 -43.73
C ARG E 180 -25.70 24.50 -44.16
N LYS E 181 -26.21 23.53 -43.40
CA LYS E 181 -27.56 23.03 -43.60
C LYS E 181 -28.61 24.11 -43.26
N GLY E 182 -29.73 24.16 -44.01
CA GLY E 182 -30.83 25.07 -43.69
C GLY E 182 -31.89 25.26 -44.76
N GLU E 183 -33.11 25.62 -44.33
CA GLU E 183 -34.22 26.06 -45.22
C GLU E 183 -34.24 27.60 -45.24
N PHE E 184 -33.22 28.15 -45.88
CA PHE E 184 -32.96 29.57 -45.80
C PHE E 184 -33.97 30.38 -46.60
N ALA E 185 -34.99 29.71 -47.15
CA ALA E 185 -36.06 30.41 -47.84
C ALA E 185 -36.61 31.56 -46.99
N ASP E 186 -36.29 31.55 -45.69
CA ASP E 186 -36.68 32.60 -44.77
C ASP E 186 -35.83 33.86 -44.93
N LEU E 187 -34.53 33.65 -45.22
CA LEU E 187 -33.56 34.74 -45.39
C LEU E 187 -33.90 35.51 -46.65
N PHE E 188 -34.01 34.80 -47.76
CA PHE E 188 -34.21 35.38 -49.08
C PHE E 188 -35.02 36.67 -49.12
N ASP E 189 -36.20 36.69 -48.48
CA ASP E 189 -37.07 37.87 -48.47
C ASP E 189 -36.33 39.12 -48.01
N LYS E 190 -35.58 38.98 -46.92
CA LYS E 190 -34.83 40.10 -46.34
C LYS E 190 -33.76 40.60 -47.31
N LEU E 191 -33.17 39.69 -48.08
CA LEU E 191 -32.23 40.06 -49.13
C LEU E 191 -32.94 40.74 -50.31
N ASN E 192 -34.20 40.38 -50.51
CA ASN E 192 -35.04 40.98 -51.54
C ASN E 192 -35.43 42.39 -51.13
N ALA E 193 -36.04 42.51 -49.95
CA ALA E 193 -36.46 43.79 -49.42
C ALA E 193 -35.29 44.74 -49.05
N GLN E 194 -34.13 44.53 -49.65
CA GLN E 194 -32.96 45.41 -49.55
C GLN E 194 -32.40 45.63 -50.94
N GLY E 195 -33.21 45.30 -51.94
CA GLY E 195 -32.81 45.30 -53.35
C GLY E 195 -32.37 43.91 -53.78
N TYR E 196 -31.33 43.85 -54.61
CA TYR E 196 -30.77 42.56 -55.06
C TYR E 196 -31.57 41.88 -56.18
N SER E 197 -30.90 40.93 -56.82
CA SER E 197 -31.43 40.19 -57.95
C SER E 197 -30.94 38.76 -57.88
N ARG E 198 -29.62 38.62 -58.04
CA ARG E 198 -28.97 37.32 -58.09
C ARG E 198 -28.30 36.89 -56.79
N VAL E 199 -28.71 35.70 -56.36
CA VAL E 199 -28.20 34.98 -55.22
C VAL E 199 -27.88 33.63 -55.81
N ARG E 200 -26.73 33.07 -55.48
CA ARG E 200 -26.37 31.76 -56.05
C ARG E 200 -26.66 30.67 -55.03
N VAL E 201 -27.40 29.64 -55.42
CA VAL E 201 -27.64 28.51 -54.55
C VAL E 201 -26.83 27.31 -55.01
N ASP E 202 -25.63 27.20 -54.45
CA ASP E 202 -24.65 26.16 -54.81
C ASP E 202 -24.26 26.30 -56.28
N GLY E 203 -23.82 27.49 -56.63
CA GLY E 203 -23.43 27.77 -58.00
C GLY E 203 -24.61 28.23 -58.81
N VAL E 204 -25.66 27.41 -58.85
CA VAL E 204 -26.91 27.70 -59.57
C VAL E 204 -27.35 29.16 -59.41
N VAL E 205 -27.03 29.97 -60.42
CA VAL E 205 -27.19 31.43 -60.44
C VAL E 205 -28.68 31.83 -60.50
N HIS E 206 -29.13 32.66 -59.56
CA HIS E 206 -30.57 32.80 -59.26
C HIS E 206 -31.16 34.22 -59.22
N PRO E 207 -32.51 34.35 -59.28
CA PRO E 207 -33.22 35.62 -59.09
C PRO E 207 -33.86 35.74 -57.70
N LEU E 208 -33.83 36.94 -57.12
CA LEU E 208 -34.63 37.21 -55.92
C LEU E 208 -36.12 37.38 -56.26
N THR E 209 -36.96 37.54 -55.24
CA THR E 209 -38.42 37.29 -55.34
C THR E 209 -38.82 35.99 -56.03
N ASP E 210 -37.84 35.29 -56.61
CA ASP E 210 -38.11 33.99 -57.23
C ASP E 210 -37.03 33.03 -56.69
N PRO E 211 -37.12 32.67 -55.38
CA PRO E 211 -36.05 31.91 -54.75
C PRO E 211 -36.40 30.42 -54.72
N PRO E 212 -35.40 29.55 -54.43
CA PRO E 212 -35.67 28.12 -54.20
C PRO E 212 -36.21 27.73 -52.79
N LYS E 213 -36.92 26.60 -52.74
CA LYS E 213 -37.18 25.90 -51.48
C LYS E 213 -36.04 24.87 -51.33
N LEU E 214 -35.16 25.11 -50.36
CA LEU E 214 -34.07 24.17 -50.06
C LEU E 214 -34.56 23.20 -48.99
N LYS E 215 -33.84 22.10 -48.79
CA LYS E 215 -34.13 21.19 -47.69
C LYS E 215 -33.22 21.50 -46.49
N LYS E 216 -33.85 21.65 -45.32
CA LYS E 216 -33.12 21.94 -44.08
C LYS E 216 -31.97 20.95 -43.85
N GLN E 217 -32.16 19.69 -44.26
CA GLN E 217 -31.15 18.65 -44.05
C GLN E 217 -29.75 18.88 -44.66
N GLU E 218 -29.65 19.01 -45.98
CA GLU E 218 -28.32 19.10 -46.63
C GLU E 218 -27.73 20.46 -46.42
N LYS E 219 -26.40 20.51 -46.48
CA LYS E 219 -25.65 21.75 -46.32
C LYS E 219 -25.92 22.67 -47.51
N HIS E 220 -25.66 23.96 -47.38
CA HIS E 220 -25.94 24.90 -48.47
C HIS E 220 -24.91 26.00 -48.63
N ASP E 221 -24.79 26.52 -49.85
CA ASP E 221 -23.95 27.67 -50.13
C ASP E 221 -24.78 28.80 -50.70
N ILE E 222 -24.51 30.00 -50.22
CA ILE E 222 -25.31 31.18 -50.54
C ILE E 222 -24.44 32.45 -50.53
N GLU E 223 -24.28 33.03 -51.71
CA GLU E 223 -23.44 34.21 -51.90
C GLU E 223 -24.23 35.24 -52.72
N VAL E 224 -24.16 36.52 -52.33
CA VAL E 224 -24.89 37.62 -53.03
C VAL E 224 -23.97 38.72 -53.59
N VAL E 225 -24.33 39.25 -54.76
CA VAL E 225 -23.60 40.38 -55.34
C VAL E 225 -24.00 41.66 -54.58
N VAL E 226 -23.07 42.61 -54.45
CA VAL E 226 -23.40 43.92 -53.84
C VAL E 226 -23.56 45.02 -54.91
N ASP E 227 -22.47 45.26 -55.68
CA ASP E 227 -22.48 46.12 -56.89
C ASP E 227 -21.34 45.74 -57.86
N LYS E 236 -13.17 59.32 -52.85
CA LYS E 236 -14.06 58.28 -53.35
C LYS E 236 -14.37 57.16 -52.34
N ARG E 237 -15.06 57.48 -51.24
CA ARG E 237 -15.57 56.46 -50.28
C ARG E 237 -16.67 55.59 -50.91
N ARG E 238 -16.86 55.78 -52.22
CA ARG E 238 -17.95 55.17 -53.01
C ARG E 238 -17.69 53.71 -53.49
N LEU E 239 -16.41 53.37 -53.67
CA LEU E 239 -15.98 51.98 -53.87
C LEU E 239 -16.06 51.29 -52.51
N THR E 240 -15.84 52.08 -51.46
CA THR E 240 -15.88 51.69 -50.03
C THR E 240 -17.30 51.43 -49.47
N ASP E 241 -18.33 52.03 -50.08
CA ASP E 241 -19.75 51.90 -49.67
C ASP E 241 -20.18 50.45 -49.43
N SER E 242 -19.92 49.63 -50.45
CA SER E 242 -20.28 48.20 -50.49
C SER E 242 -19.58 47.34 -49.43
N VAL E 243 -18.26 47.20 -49.57
CA VAL E 243 -17.43 46.30 -48.72
C VAL E 243 -17.88 46.30 -47.26
N GLU E 244 -18.30 47.45 -46.77
CA GLU E 244 -18.86 47.56 -45.42
C GLU E 244 -20.04 46.63 -45.27
N THR E 245 -20.90 46.55 -46.27
CA THR E 245 -22.11 45.73 -46.19
C THR E 245 -21.92 44.31 -46.70
N ALA E 246 -20.86 44.11 -47.49
CA ALA E 246 -20.41 42.76 -47.86
C ALA E 246 -19.85 42.00 -46.65
N LEU E 247 -19.43 42.76 -45.64
CA LEU E 247 -18.98 42.25 -44.34
C LEU E 247 -20.14 42.24 -43.37
N ASN E 248 -20.88 43.35 -43.33
CA ASN E 248 -22.09 43.48 -42.51
C ASN E 248 -22.92 42.21 -42.48
N LEU E 249 -23.16 41.64 -43.65
CA LEU E 249 -23.97 40.44 -43.73
C LEU E 249 -23.16 39.17 -43.50
N ALA E 250 -22.14 38.98 -44.33
CA ALA E 250 -21.44 37.69 -44.46
C ALA E 250 -20.40 37.33 -43.37
N ASP E 251 -20.60 37.81 -42.13
CA ASP E 251 -19.76 37.37 -41.01
C ASP E 251 -18.27 37.66 -41.25
N GLY E 252 -17.97 38.52 -42.22
CA GLY E 252 -16.60 38.88 -42.59
C GLY E 252 -16.10 38.03 -43.72
N ILE E 253 -15.66 38.66 -44.82
CA ILE E 253 -15.16 37.96 -46.05
C ILE E 253 -14.43 38.84 -47.14
N VAL E 254 -13.13 38.57 -47.32
CA VAL E 254 -12.28 39.27 -48.32
C VAL E 254 -12.32 38.64 -49.76
N VAL E 255 -13.36 39.04 -50.53
CA VAL E 255 -13.78 38.37 -51.81
C VAL E 255 -13.52 39.06 -53.21
N LEU E 256 -12.77 38.33 -54.07
CA LEU E 256 -12.23 38.79 -55.37
C LEU E 256 -12.76 38.02 -56.61
N GLU E 257 -13.77 38.53 -57.32
CA GLU E 257 -14.29 37.78 -58.50
C GLU E 257 -13.27 37.62 -59.67
N PHE E 258 -12.84 36.36 -59.88
CA PHE E 258 -11.71 35.97 -60.74
C PHE E 258 -12.08 34.81 -61.69
N VAL E 259 -13.30 34.85 -62.27
CA VAL E 259 -13.73 33.93 -63.36
C VAL E 259 -13.39 34.53 -64.74
N ASP E 260 -12.49 33.84 -65.45
CA ASP E 260 -11.65 34.43 -66.51
C ASP E 260 -12.34 34.81 -67.84
N HIS E 261 -12.72 33.80 -68.62
CA HIS E 261 -13.32 33.97 -69.95
C HIS E 261 -14.80 34.35 -69.87
N LEU E 276 -8.56 37.76 -42.20
CA LEU E 276 -7.64 37.10 -41.26
C LEU E 276 -6.13 37.31 -41.58
N ALA E 277 -5.83 37.73 -42.82
CA ALA E 277 -4.45 37.69 -43.47
C ALA E 277 -3.08 37.95 -42.74
N CYS E 278 -2.02 37.80 -43.54
CA CYS E 278 -0.60 37.93 -43.15
C CYS E 278 -0.22 39.37 -42.91
N PRO E 279 0.13 39.73 -41.65
CA PRO E 279 0.67 41.01 -41.24
C PRO E 279 1.32 41.86 -42.35
N ASN E 280 2.42 41.40 -42.97
CA ASN E 280 2.85 42.05 -44.21
C ASN E 280 2.21 41.47 -45.48
N GLY E 281 0.89 41.57 -45.55
CA GLY E 281 0.17 41.56 -46.81
C GLY E 281 -0.22 40.27 -47.47
N HIS E 282 0.69 39.25 -47.48
CA HIS E 282 0.46 37.99 -48.24
C HIS E 282 -1.08 37.65 -48.38
N ALA E 283 -1.53 37.16 -49.54
CA ALA E 283 -2.96 36.78 -49.67
C ALA E 283 -3.20 35.30 -49.33
N LEU E 284 -4.32 34.98 -48.67
CA LEU E 284 -4.56 33.62 -48.15
C LEU E 284 -5.73 32.94 -48.81
N ALA E 285 -5.60 31.63 -48.99
CA ALA E 285 -6.66 30.82 -49.60
C ALA E 285 -7.88 30.60 -48.69
N VAL E 286 -7.69 30.64 -47.35
CA VAL E 286 -8.83 30.28 -46.47
C VAL E 286 -9.28 31.22 -45.35
N ASP E 287 -10.59 31.40 -45.35
CA ASP E 287 -11.30 32.36 -44.51
C ASP E 287 -11.08 32.05 -43.04
N ASP E 288 -11.65 30.93 -42.61
CA ASP E 288 -11.60 30.49 -41.22
C ASP E 288 -10.78 29.23 -41.13
N LEU E 289 -10.33 28.92 -39.93
CA LEU E 289 -9.61 27.67 -39.69
C LEU E 289 -10.36 26.69 -38.84
N GLU E 290 -11.70 26.74 -38.95
CA GLU E 290 -12.57 25.72 -38.37
C GLU E 290 -12.18 24.27 -38.69
N PRO E 291 -12.53 23.33 -37.79
CA PRO E 291 -11.97 21.96 -37.97
C PRO E 291 -12.05 21.49 -39.39
N ARG E 292 -13.09 21.99 -40.05
CA ARG E 292 -13.48 21.70 -41.42
C ARG E 292 -12.34 21.89 -42.40
N SER E 293 -11.52 22.88 -42.16
CA SER E 293 -10.58 23.28 -43.16
C SER E 293 -9.36 22.41 -43.18
N PHE E 294 -9.42 21.29 -42.46
CA PHE E 294 -8.31 20.32 -42.48
C PHE E 294 -8.65 19.03 -43.26
N SER E 295 -9.90 18.92 -43.66
CA SER E 295 -10.36 17.78 -44.45
C SER E 295 -9.86 17.97 -45.84
N PHE E 296 -8.99 17.09 -46.33
CA PHE E 296 -8.73 17.08 -47.76
C PHE E 296 -9.92 16.40 -48.42
N ASN E 297 -10.90 16.05 -47.61
CA ASN E 297 -12.18 15.63 -48.16
C ASN E 297 -13.11 16.81 -48.44
N SER E 298 -13.35 17.69 -47.47
CA SER E 298 -14.05 18.97 -47.75
C SER E 298 -13.31 19.74 -48.86
N PRO E 299 -14.04 20.65 -49.54
CA PRO E 299 -13.35 21.49 -50.51
C PRO E 299 -12.53 22.56 -49.80
N TYR E 300 -12.88 22.84 -48.53
CA TYR E 300 -12.21 23.84 -47.70
C TYR E 300 -10.72 23.63 -47.50
N GLY E 301 -10.33 22.39 -47.19
CA GLY E 301 -8.96 22.11 -46.81
C GLY E 301 -8.13 21.37 -47.84
N ALA E 302 -8.80 20.70 -48.76
CA ALA E 302 -8.10 19.93 -49.77
C ALA E 302 -7.39 20.85 -50.76
N CYS E 303 -6.17 20.46 -51.14
CA CYS E 303 -5.46 21.18 -52.22
C CYS E 303 -6.49 21.19 -53.30
N PRO E 304 -6.56 22.44 -53.85
CA PRO E 304 -7.59 22.67 -54.87
C PRO E 304 -7.15 22.05 -56.18
N GLU E 305 -5.86 22.14 -56.43
CA GLU E 305 -5.28 21.68 -57.68
C GLU E 305 -5.53 20.19 -57.84
N CYS E 306 -5.33 19.43 -56.77
CA CYS E 306 -5.40 17.97 -56.83
C CYS E 306 -6.80 17.42 -56.61
N SER E 307 -7.73 18.30 -56.23
CA SER E 307 -9.08 17.89 -55.90
C SER E 307 -9.11 17.39 -54.46
N GLY E 308 -7.97 17.50 -53.78
CA GLY E 308 -7.89 17.15 -52.37
C GLY E 308 -7.47 15.72 -52.14
N LEU E 309 -6.99 15.08 -53.20
CA LEU E 309 -6.66 13.66 -53.16
C LEU E 309 -5.21 13.34 -53.51
N GLY E 310 -4.36 14.35 -53.60
CA GLY E 310 -2.89 14.16 -53.61
C GLY E 310 -2.15 13.55 -54.80
N ILE E 311 -2.77 12.58 -55.49
CA ILE E 311 -2.18 11.98 -56.69
C ILE E 311 -2.60 12.64 -58.02
N ARG E 312 -1.66 12.68 -58.96
CA ARG E 312 -1.92 13.11 -60.32
C ARG E 312 -1.63 11.92 -61.21
N LYS E 313 -2.54 11.66 -62.17
CA LYS E 313 -2.29 10.68 -63.21
C LYS E 313 -1.28 11.28 -64.18
N GLU E 314 -0.27 10.50 -64.57
CA GLU E 314 0.83 11.08 -65.34
C GLU E 314 1.56 10.08 -66.21
N VAL E 315 1.60 10.37 -67.51
CA VAL E 315 2.31 9.57 -68.49
C VAL E 315 3.80 9.54 -68.13
N ASP E 316 4.36 8.33 -68.15
CA ASP E 316 5.68 8.12 -67.59
C ASP E 316 6.69 7.67 -68.63
N PRO E 317 7.66 8.57 -68.92
CA PRO E 317 8.79 8.24 -69.76
C PRO E 317 9.32 6.84 -69.52
N GLU E 318 9.62 6.50 -68.27
CA GLU E 318 10.18 5.20 -67.91
C GLU E 318 9.23 4.04 -68.20
N LEU E 319 7.93 4.34 -68.32
CA LEU E 319 6.94 3.36 -68.82
C LEU E 319 6.98 3.28 -70.33
N VAL E 320 6.85 4.46 -70.97
CA VAL E 320 6.90 4.62 -72.42
C VAL E 320 8.05 3.80 -73.05
N VAL E 321 9.23 3.92 -72.48
CA VAL E 321 10.34 3.09 -72.89
C VAL E 321 10.82 2.33 -71.65
N PRO E 322 10.90 1.00 -71.75
CA PRO E 322 11.20 0.15 -70.62
C PRO E 322 12.71 0.00 -70.32
N ASP E 323 13.57 0.41 -71.25
CA ASP E 323 15.05 0.32 -71.12
C ASP E 323 15.71 0.85 -72.38
N PRO E 324 16.82 1.58 -72.24
CA PRO E 324 17.73 1.89 -73.36
C PRO E 324 18.37 0.74 -74.15
N ASP E 325 17.96 0.70 -75.43
CA ASP E 325 18.39 -0.15 -76.57
C ASP E 325 17.73 0.53 -77.81
N ARG E 326 18.27 0.36 -79.01
CA ARG E 326 17.90 1.23 -80.17
C ARG E 326 16.45 1.07 -80.66
N THR E 327 15.81 2.17 -81.07
CA THR E 327 14.45 2.07 -81.63
C THR E 327 14.56 1.14 -82.82
N LEU E 328 13.65 0.18 -82.92
CA LEU E 328 13.88 -1.05 -83.72
C LEU E 328 14.65 -2.24 -83.16
N ALA E 329 15.08 -2.09 -81.90
CA ALA E 329 15.97 -3.02 -81.15
C ALA E 329 15.00 -4.03 -80.56
N GLN E 330 14.21 -3.54 -79.60
CA GLN E 330 12.94 -4.16 -79.19
C GLN E 330 11.90 -3.07 -79.57
N GLY E 331 12.41 -2.00 -80.21
CA GLY E 331 11.63 -0.80 -80.48
C GLY E 331 11.49 -0.11 -79.15
N ALA E 332 12.54 0.59 -78.78
CA ALA E 332 12.62 1.28 -77.50
C ALA E 332 11.27 1.81 -77.01
N VAL E 333 10.45 2.28 -77.94
CA VAL E 333 9.21 2.93 -77.57
C VAL E 333 8.02 1.97 -77.48
N ALA E 334 7.86 1.38 -76.31
CA ALA E 334 6.84 0.37 -76.05
C ALA E 334 5.43 0.63 -76.62
N PRO E 335 5.03 1.90 -76.80
CA PRO E 335 3.72 2.01 -77.43
C PRO E 335 3.82 1.86 -78.93
N TRP E 336 4.96 2.22 -79.50
CA TRP E 336 5.18 2.19 -80.93
C TRP E 336 5.94 0.95 -81.29
N SER E 337 5.81 -0.10 -80.49
CA SER E 337 6.71 -1.22 -80.60
C SER E 337 6.11 -2.35 -81.40
N ASN E 338 4.92 -2.11 -81.93
CA ASN E 338 4.07 -3.23 -82.32
C ASN E 338 3.67 -3.65 -83.76
N GLY E 339 4.51 -4.51 -84.32
CA GLY E 339 4.22 -5.20 -85.56
C GLY E 339 3.90 -4.31 -86.73
N HIS E 340 2.79 -4.61 -87.39
CA HIS E 340 2.44 -3.99 -88.67
C HIS E 340 2.36 -2.44 -88.58
N THR E 341 2.40 -1.94 -87.34
CA THR E 341 2.36 -0.50 -87.06
C THR E 341 3.76 -0.03 -86.67
N ALA E 342 4.46 -0.88 -85.91
CA ALA E 342 5.84 -0.64 -85.46
C ALA E 342 6.71 -0.29 -86.65
N GLU E 343 6.68 -1.16 -87.65
CA GLU E 343 7.32 -0.95 -88.93
C GLU E 343 7.11 0.51 -89.31
N TYR E 344 5.86 0.99 -89.19
CA TYR E 344 5.55 2.36 -89.60
C TYR E 344 6.38 3.31 -88.77
N PHE E 345 6.12 3.25 -87.47
CA PHE E 345 6.53 4.30 -86.56
C PHE E 345 7.99 4.62 -86.57
N THR E 346 8.79 3.56 -86.63
CA THR E 346 10.23 3.65 -86.73
C THR E 346 10.61 4.56 -87.88
N ARG E 347 10.16 4.20 -89.09
CA ARG E 347 10.52 4.93 -90.30
C ARG E 347 10.32 6.43 -90.07
N MET E 348 9.09 6.81 -89.69
CA MET E 348 8.76 8.09 -89.05
C MET E 348 9.87 8.76 -88.25
N MET E 349 10.29 8.11 -87.17
CA MET E 349 11.28 8.64 -86.21
C MET E 349 12.67 8.72 -86.79
N ALA E 350 13.07 7.66 -87.49
CA ALA E 350 14.35 7.65 -88.18
C ALA E 350 14.37 8.85 -89.10
N GLY E 351 13.22 9.09 -89.73
CA GLY E 351 13.01 10.22 -90.61
C GLY E 351 13.30 11.54 -89.94
N LEU E 352 12.75 11.71 -88.75
CA LEU E 352 13.05 12.85 -87.91
C LEU E 352 14.55 12.92 -87.61
N GLY E 353 15.19 11.75 -87.62
CA GLY E 353 16.61 11.63 -87.30
C GLY E 353 17.58 12.25 -88.26
N GLU E 354 17.06 12.95 -89.25
CA GLU E 354 17.91 13.83 -90.03
C GLU E 354 17.61 15.21 -89.48
N ALA E 355 16.32 15.56 -89.53
CA ALA E 355 15.82 16.86 -89.08
C ALA E 355 16.44 17.30 -87.74
N LEU E 356 16.68 16.31 -86.86
CA LEU E 356 17.24 16.52 -85.53
C LEU E 356 18.48 15.67 -85.36
N GLY E 357 18.80 14.89 -86.39
CA GLY E 357 20.05 14.16 -86.43
C GLY E 357 20.21 13.08 -85.38
N PHE E 358 19.67 11.90 -85.68
CA PHE E 358 19.92 10.73 -84.84
C PHE E 358 19.73 9.37 -85.53
N ASP E 359 20.52 8.42 -85.11
CA ASP E 359 20.31 7.04 -85.47
C ASP E 359 18.91 6.52 -85.10
N VAL E 360 18.52 5.41 -85.73
CA VAL E 360 17.54 4.47 -85.19
C VAL E 360 18.40 3.56 -84.34
N ASP E 361 19.40 2.97 -84.99
CA ASP E 361 20.27 1.96 -84.41
C ASP E 361 21.31 2.50 -83.43
N THR E 362 21.01 3.64 -82.79
CA THR E 362 21.64 4.01 -81.51
C THR E 362 20.60 3.86 -80.39
N PRO E 363 20.96 3.22 -79.25
CA PRO E 363 20.15 2.99 -78.04
C PRO E 363 19.52 4.21 -77.36
N TRP E 364 18.25 4.11 -76.96
CA TRP E 364 17.51 5.21 -76.33
C TRP E 364 18.24 5.75 -75.10
N LEU E 367 21.67 10.79 -76.67
CA LEU E 367 21.69 12.18 -76.15
C LEU E 367 20.38 12.98 -76.38
N PRO E 368 19.42 12.88 -75.42
CA PRO E 368 18.15 13.63 -75.46
C PRO E 368 18.19 15.14 -75.82
N ALA E 369 18.55 15.42 -77.06
CA ALA E 369 17.87 16.46 -77.80
C ALA E 369 16.84 15.63 -78.57
N LYS E 370 17.29 14.45 -78.98
CA LYS E 370 16.47 13.51 -79.66
C LYS E 370 15.17 13.28 -78.92
N ALA E 371 15.30 12.71 -77.73
CA ALA E 371 14.23 12.08 -77.00
C ALA E 371 13.18 13.05 -76.48
N ARG E 372 13.52 14.33 -76.36
CA ARG E 372 12.53 15.35 -75.97
C ARG E 372 11.44 15.45 -77.07
N LYS E 373 11.87 15.20 -78.30
CA LYS E 373 11.04 15.42 -79.45
C LYS E 373 10.60 14.08 -80.00
N ALA E 374 11.54 13.12 -80.02
CA ALA E 374 11.21 11.72 -80.23
C ALA E 374 10.17 11.24 -79.23
N ILE E 375 9.74 12.15 -78.33
CA ILE E 375 8.68 11.95 -77.32
C ILE E 375 7.55 12.94 -77.11
N LEU E 376 7.90 14.21 -76.95
CA LEU E 376 6.95 15.22 -76.47
C LEU E 376 6.69 16.17 -77.65
N GLU E 377 7.59 16.18 -78.64
CA GLU E 377 7.51 17.20 -79.72
C GLU E 377 6.78 16.85 -81.01
N GLY E 378 6.19 17.88 -81.62
CA GLY E 378 5.78 17.94 -83.04
C GLY E 378 6.46 19.06 -83.83
N ALA E 379 7.07 20.02 -83.12
CA ALA E 379 7.61 21.30 -83.69
C ALA E 379 7.83 21.26 -85.21
N ASP E 380 7.01 22.06 -85.88
CA ASP E 380 6.91 22.12 -87.35
C ASP E 380 7.23 20.90 -88.24
N GLU E 381 8.27 20.14 -87.87
CA GLU E 381 8.96 19.20 -88.78
C GLU E 381 8.10 17.97 -89.16
N GLN E 382 7.78 17.88 -90.46
CA GLN E 382 7.04 16.76 -91.05
C GLN E 382 8.02 15.68 -91.51
N VAL E 383 7.56 14.46 -91.76
CA VAL E 383 8.50 13.45 -92.23
C VAL E 383 7.91 12.62 -93.34
N HIS E 384 8.17 13.07 -94.56
CA HIS E 384 7.56 12.47 -95.75
C HIS E 384 7.65 10.95 -95.69
N VAL E 385 6.49 10.30 -95.69
CA VAL E 385 6.47 8.85 -95.48
C VAL E 385 5.84 8.02 -96.61
N ARG E 386 6.47 6.87 -96.87
CA ARG E 386 6.25 6.09 -98.09
C ARG E 386 5.64 4.71 -97.85
N TYR E 387 4.58 4.35 -98.58
CA TYR E 387 3.88 3.05 -98.43
C TYR E 387 3.37 2.38 -99.70
N ARG E 388 3.43 1.05 -99.73
CA ARG E 388 2.84 0.31 -100.86
C ARG E 388 1.34 0.11 -100.63
N ASN E 389 0.51 0.87 -101.31
CA ASN E 389 -0.94 0.71 -101.13
C ASN E 389 -1.42 -0.55 -101.80
N ARG E 390 -2.72 -0.83 -101.70
CA ARG E 390 -3.31 -2.05 -102.25
C ARG E 390 -2.84 -2.13 -103.70
N TYR E 391 -2.89 -3.31 -104.32
CA TYR E 391 -2.27 -3.50 -105.64
C TYR E 391 -0.77 -3.28 -105.54
N GLY E 392 -0.25 -3.28 -104.31
CA GLY E 392 1.16 -3.00 -104.03
C GLY E 392 1.60 -1.81 -104.86
N ARG E 393 0.65 -0.95 -105.13
CA ARG E 393 0.77 0.06 -106.14
C ARG E 393 1.84 1.10 -105.77
N THR E 394 2.51 0.89 -104.63
CA THR E 394 3.53 1.82 -104.09
C THR E 394 3.18 3.26 -104.46
N ARG E 395 1.90 3.56 -104.27
CA ARG E 395 1.27 4.80 -104.70
C ARG E 395 1.24 5.69 -103.45
N SER E 396 2.43 6.16 -103.05
CA SER E 396 2.58 6.83 -101.76
C SER E 396 3.45 8.08 -101.68
N TYR E 397 2.82 9.24 -101.61
CA TYR E 397 3.56 10.43 -101.21
C TYR E 397 2.82 11.07 -100.04
N TYR E 398 3.49 11.21 -98.91
CA TYR E 398 2.88 11.84 -97.75
C TYR E 398 3.76 12.82 -97.00
N ALA E 399 3.32 14.07 -96.92
CA ALA E 399 3.82 15.01 -95.91
C ALA E 399 2.88 14.90 -94.74
N ASP E 400 3.43 14.93 -93.54
CA ASP E 400 2.63 14.72 -92.32
C ASP E 400 3.37 15.14 -91.06
N PHE E 401 2.69 15.97 -90.27
CA PHE E 401 3.19 16.42 -88.99
C PHE E 401 3.62 15.18 -88.20
N GLU E 402 4.74 15.27 -87.48
CA GLU E 402 5.21 14.15 -86.67
C GLU E 402 4.49 14.13 -85.31
N GLY E 403 3.97 12.96 -84.96
CA GLY E 403 3.20 12.78 -83.74
C GLY E 403 4.11 12.72 -82.52
N VAL E 404 3.81 13.57 -81.56
CA VAL E 404 4.29 13.45 -80.19
C VAL E 404 3.95 12.04 -79.67
N LEU E 405 4.88 11.40 -78.98
CA LEU E 405 4.52 10.21 -78.24
C LEU E 405 3.55 10.48 -77.09
N ALA E 406 3.94 11.37 -76.15
CA ALA E 406 3.12 11.68 -74.97
C ALA E 406 1.77 12.30 -75.38
N PHE E 407 1.63 12.50 -76.69
CA PHE E 407 0.44 13.07 -77.33
C PHE E 407 -0.29 12.13 -78.28
N LEU E 408 0.43 11.15 -78.87
CA LEU E 408 -0.25 10.00 -79.48
C LEU E 408 -1.22 9.48 -78.44
N GLN E 409 -0.81 9.61 -77.20
CA GLN E 409 -1.52 9.08 -76.06
C GLN E 409 -2.82 9.82 -75.77
N ARG E 410 -2.74 11.15 -75.68
CA ARG E 410 -3.95 11.95 -75.50
C ARG E 410 -4.94 11.60 -76.62
N LYS E 411 -4.41 11.51 -77.84
CA LYS E 411 -5.19 11.24 -79.04
C LYS E 411 -5.77 9.83 -78.99
N MET E 412 -4.94 8.81 -79.11
CA MET E 412 -5.42 7.43 -79.24
C MET E 412 -6.17 6.90 -77.98
N SER E 413 -5.93 7.52 -76.82
CA SER E 413 -6.65 7.20 -75.56
C SER E 413 -8.11 7.71 -75.59
N GLN E 414 -8.34 8.83 -76.25
CA GLN E 414 -9.70 9.33 -76.40
C GLN E 414 -10.37 8.88 -77.72
N THR E 415 -9.56 8.52 -78.71
CA THR E 415 -10.07 8.08 -80.03
C THR E 415 -10.84 6.75 -80.04
N GLU E 416 -10.31 5.75 -79.36
CA GLU E 416 -10.93 4.42 -79.30
C GLU E 416 -12.06 4.43 -78.28
N SER E 417 -13.02 3.53 -78.41
CA SER E 417 -14.08 3.55 -77.43
C SER E 417 -14.16 2.23 -76.59
N GLU E 418 -13.14 1.94 -75.79
CA GLU E 418 -13.08 0.64 -75.14
C GLU E 418 -12.59 0.52 -73.63
N GLN E 419 -12.08 -0.65 -73.29
CA GLN E 419 -11.19 -0.89 -72.19
C GLN E 419 -9.79 -0.47 -72.66
N MET E 420 -9.66 -0.35 -73.98
CA MET E 420 -8.47 0.14 -74.66
C MET E 420 -7.77 1.25 -73.92
N LYS E 421 -8.57 2.23 -73.50
CA LYS E 421 -8.08 3.33 -72.70
C LYS E 421 -7.01 2.86 -71.69
N GLU E 422 -7.40 1.95 -70.79
CA GLU E 422 -6.55 1.53 -69.67
C GLU E 422 -5.29 0.79 -70.18
N ARG E 423 -5.36 0.20 -71.37
CA ARG E 423 -4.16 -0.31 -72.02
C ARG E 423 -3.26 0.86 -72.33
N TYR E 424 -3.82 1.90 -72.92
CA TYR E 424 -3.02 3.07 -73.22
C TYR E 424 -2.53 3.63 -71.90
N GLU E 425 -3.43 3.67 -70.90
CA GLU E 425 -3.18 4.20 -69.53
C GLU E 425 -1.99 3.58 -68.82
N GLY E 426 -1.75 2.28 -69.08
CA GLY E 426 -0.56 1.56 -68.59
C GLY E 426 0.78 2.19 -68.96
N PHE E 427 0.73 3.39 -69.53
CA PHE E 427 1.93 4.19 -69.84
C PHE E 427 1.86 5.43 -69.01
N MET E 428 0.96 5.43 -68.04
CA MET E 428 0.92 6.50 -67.07
C MET E 428 1.01 5.97 -65.68
N ARG E 429 1.64 6.77 -64.83
CA ARG E 429 1.84 6.44 -63.44
C ARG E 429 0.97 7.37 -62.59
N ASP E 430 0.47 6.86 -61.46
CA ASP E 430 -0.10 7.72 -60.43
C ASP E 430 1.09 8.33 -59.72
N VAL E 431 1.21 9.65 -59.76
CA VAL E 431 2.29 10.35 -59.07
C VAL E 431 1.77 11.70 -58.56
N PRO E 432 2.19 12.05 -57.35
CA PRO E 432 1.49 13.01 -56.50
C PRO E 432 1.42 14.39 -57.10
N CYS E 433 0.31 15.08 -56.87
CA CYS E 433 0.20 16.42 -57.40
C CYS E 433 1.48 16.99 -56.82
N PRO E 434 2.11 17.85 -57.60
CA PRO E 434 3.35 18.51 -57.18
C PRO E 434 3.02 19.76 -56.41
N VAL E 435 2.00 20.48 -56.85
CA VAL E 435 1.59 21.70 -56.11
C VAL E 435 1.13 21.44 -54.67
N CYS E 436 0.30 20.41 -54.55
CA CYS E 436 -0.16 19.71 -53.34
C CYS E 436 1.03 19.39 -52.46
N ALA E 437 1.92 18.78 -53.19
CA ALA E 437 3.16 18.29 -52.62
C ALA E 437 3.14 16.80 -52.30
N GLY E 438 1.97 16.20 -52.52
CA GLY E 438 1.63 14.85 -52.09
C GLY E 438 0.85 14.82 -50.78
N THR E 439 0.80 15.96 -50.09
CA THR E 439 -0.02 16.11 -48.88
C THR E 439 -1.53 16.01 -49.11
N ARG E 440 -1.99 16.63 -50.20
CA ARG E 440 -3.44 16.79 -50.52
C ARG E 440 -4.12 18.08 -50.01
N LEU E 441 -3.35 19.03 -49.46
CA LEU E 441 -3.95 20.25 -48.85
C LEU E 441 -3.36 21.60 -49.32
N LYS E 442 -4.06 22.69 -48.98
CA LYS E 442 -3.54 24.02 -49.24
C LYS E 442 -2.43 24.33 -48.24
N PRO E 443 -1.24 24.73 -48.74
CA PRO E 443 -0.20 25.14 -47.73
C PRO E 443 -0.51 26.34 -46.81
N GLU E 444 -1.73 26.86 -46.89
CA GLU E 444 -2.26 27.62 -45.77
C GLU E 444 -2.35 26.60 -44.66
N ILE E 445 -3.12 25.54 -44.91
CA ILE E 445 -3.23 24.42 -43.99
C ILE E 445 -1.84 23.92 -43.66
N LEU E 446 -1.01 23.63 -44.67
CA LEU E 446 0.33 23.03 -44.40
C LEU E 446 1.27 23.82 -43.46
N ALA E 447 1.23 25.16 -43.56
CA ALA E 447 1.80 26.08 -42.58
C ALA E 447 0.74 26.49 -41.54
N VAL E 448 0.29 25.49 -40.78
CA VAL E 448 -0.24 25.61 -39.43
C VAL E 448 0.57 24.57 -38.73
N THR E 449 1.11 24.87 -37.58
CA THR E 449 1.89 23.84 -36.91
C THR E 449 1.51 23.63 -35.46
N LEU E 450 2.15 22.59 -34.92
CA LEU E 450 2.04 22.18 -33.53
C LEU E 450 3.38 22.15 -32.73
N ALA E 451 4.20 21.12 -32.96
CA ALA E 451 5.32 20.77 -32.04
C ALA E 451 6.37 21.85 -31.77
N LYS E 455 8.29 21.20 -34.31
CA LYS E 455 7.89 21.53 -35.68
C LYS E 455 6.37 21.66 -35.79
N GLY E 456 5.73 20.67 -36.44
CA GLY E 456 4.28 20.45 -36.28
C GLY E 456 3.40 20.55 -37.51
N GLU E 457 3.93 20.12 -38.64
CA GLU E 457 3.17 20.14 -39.90
C GLU E 457 2.09 19.10 -39.88
N HIS E 458 0.87 19.51 -40.20
CA HIS E 458 -0.27 18.58 -40.18
C HIS E 458 -0.08 17.48 -41.21
N GLY E 459 0.41 17.85 -42.38
CA GLY E 459 0.66 16.89 -43.44
C GLY E 459 1.72 15.87 -43.04
N ALA E 460 2.74 16.34 -42.34
CA ALA E 460 3.85 15.50 -41.94
C ALA E 460 3.45 14.35 -41.00
N LYS E 461 2.57 14.62 -40.05
CA LYS E 461 2.16 13.56 -39.10
C LYS E 461 1.08 12.52 -39.53
N SER E 462 -0.05 12.96 -40.09
CA SER E 462 -1.10 12.06 -40.59
C SER E 462 -0.83 11.41 -41.95
N ILE E 463 -0.36 12.23 -42.89
CA ILE E 463 0.07 11.80 -44.21
C ILE E 463 1.53 11.33 -44.31
N ALA E 464 2.44 12.05 -43.65
CA ALA E 464 3.83 11.66 -43.68
C ALA E 464 4.36 11.14 -42.34
N GLU E 465 3.47 10.76 -41.43
CA GLU E 465 3.92 10.34 -40.11
C GLU E 465 4.88 9.19 -40.26
N VAL E 466 5.93 9.19 -39.43
CA VAL E 466 6.95 8.16 -39.51
C VAL E 466 6.25 6.85 -39.24
N CYS E 467 5.32 6.87 -38.30
CA CYS E 467 4.51 5.71 -38.02
C CYS E 467 3.64 6.06 -36.89
N GLU E 468 2.92 5.06 -36.40
CA GLU E 468 2.32 5.15 -35.09
C GLU E 468 3.47 5.41 -34.18
N LEU E 469 4.39 4.44 -34.11
CA LEU E 469 5.61 4.57 -33.34
C LEU E 469 5.96 6.05 -33.17
N SER E 470 6.24 6.77 -34.26
CA SER E 470 6.74 8.12 -34.17
C SER E 470 5.66 9.15 -34.06
N ILE E 471 4.43 8.84 -34.44
CA ILE E 471 3.38 9.82 -34.18
C ILE E 471 3.15 9.85 -32.69
N ALA E 472 2.76 8.70 -32.14
CA ALA E 472 2.51 8.47 -30.71
C ALA E 472 3.07 9.58 -29.85
N ASP E 473 4.37 9.84 -30.01
CA ASP E 473 5.08 10.88 -29.28
C ASP E 473 5.25 12.19 -30.06
N CYS E 474 5.91 12.07 -31.20
CA CYS E 474 6.89 13.08 -31.72
C CYS E 474 6.39 14.53 -31.83
N ALA E 475 5.26 14.67 -32.50
CA ALA E 475 4.49 15.89 -32.49
C ALA E 475 3.34 15.64 -31.51
N ASP E 476 3.23 14.43 -30.99
CA ASP E 476 2.04 14.10 -30.18
C ASP E 476 2.18 13.96 -28.67
N PHE E 477 2.74 12.85 -28.21
CA PHE E 477 2.90 12.64 -26.77
C PHE E 477 3.79 13.75 -26.28
N LEU E 478 4.78 14.07 -27.09
CA LEU E 478 5.74 15.15 -26.80
C LEU E 478 5.06 16.23 -25.99
N ASN E 479 4.03 16.82 -26.56
CA ASN E 479 3.31 17.90 -25.91
C ASN E 479 2.13 17.40 -25.06
N ALA E 480 2.28 16.24 -24.42
CA ALA E 480 1.15 15.60 -23.73
C ALA E 480 0.50 16.30 -22.52
N LEU E 481 1.30 16.80 -21.60
CA LEU E 481 0.80 17.52 -20.44
C LEU E 481 1.21 18.95 -20.69
N THR E 482 1.66 19.14 -21.92
CA THR E 482 2.28 20.40 -22.42
C THR E 482 1.53 21.03 -23.62
N LEU E 483 0.19 21.01 -23.49
CA LEU E 483 -0.72 21.72 -24.38
C LEU E 483 -0.99 23.02 -23.69
N GLY E 484 -0.73 24.15 -24.37
CA GLY E 484 -0.89 25.49 -23.78
C GLY E 484 -2.23 25.61 -23.05
N PRO E 485 -2.26 26.38 -21.95
CA PRO E 485 -3.30 26.31 -20.90
C PRO E 485 -4.70 26.64 -21.41
N ARG E 486 -4.75 27.47 -22.44
CA ARG E 486 -5.99 27.71 -23.20
C ARG E 486 -6.47 26.41 -23.87
N GLU E 487 -5.56 25.78 -24.62
CA GLU E 487 -5.88 24.69 -25.53
C GLU E 487 -5.96 23.33 -24.84
N GLN E 488 -5.23 23.20 -23.72
CA GLN E 488 -5.35 22.05 -22.83
C GLN E 488 -6.79 21.95 -22.31
N ALA E 489 -7.41 23.09 -22.04
CA ALA E 489 -8.79 23.14 -21.58
C ALA E 489 -9.81 22.83 -22.67
N ILE E 490 -9.51 23.24 -23.91
CA ILE E 490 -10.47 23.16 -25.02
C ILE E 490 -10.20 22.00 -26.02
N ALA E 491 -8.97 21.48 -26.00
CA ALA E 491 -8.55 20.45 -26.94
C ALA E 491 -7.79 19.33 -26.23
N GLY E 492 -7.74 19.40 -24.91
CA GLY E 492 -6.92 18.48 -24.12
C GLY E 492 -7.40 17.06 -24.23
N GLN E 493 -8.72 16.90 -24.06
CA GLN E 493 -9.42 15.62 -24.17
C GLN E 493 -9.24 14.98 -25.55
N VAL E 494 -9.31 15.83 -26.59
CA VAL E 494 -9.14 15.37 -27.97
C VAL E 494 -7.76 14.77 -28.14
N LEU E 495 -6.78 15.46 -27.61
CA LEU E 495 -5.41 15.02 -27.69
C LEU E 495 -5.24 13.65 -27.07
N LYS E 496 -6.02 13.40 -26.03
CA LYS E 496 -5.96 12.14 -25.32
C LYS E 496 -6.59 11.02 -26.16
N GLU E 497 -7.79 11.31 -26.67
CA GLU E 497 -8.53 10.39 -27.50
C GLU E 497 -7.70 9.95 -28.70
N ILE E 498 -6.83 10.83 -29.17
CA ILE E 498 -5.99 10.51 -30.27
C ILE E 498 -5.02 9.42 -29.83
N ARG E 499 -4.24 9.69 -28.80
CA ARG E 499 -3.17 8.76 -28.46
C ARG E 499 -3.67 7.41 -27.99
N SER E 500 -4.83 7.38 -27.35
CA SER E 500 -5.45 6.08 -27.02
C SER E 500 -5.50 5.20 -28.24
N ARG E 501 -6.01 5.80 -29.33
CA ARG E 501 -6.23 5.15 -30.58
C ARG E 501 -4.95 4.76 -31.26
N LEU E 502 -3.99 5.68 -31.32
CA LEU E 502 -2.68 5.32 -31.84
C LEU E 502 -2.19 4.10 -31.11
N GLY E 503 -2.35 4.15 -29.79
CA GLY E 503 -1.99 3.07 -28.91
C GLY E 503 -2.45 1.75 -29.46
N PHE E 504 -3.75 1.53 -29.49
CA PHE E 504 -4.28 0.25 -29.91
C PHE E 504 -3.69 -0.20 -31.22
N LEU E 505 -3.46 0.76 -32.10
CA LEU E 505 -2.84 0.45 -33.37
C LEU E 505 -1.48 -0.24 -33.18
N LEU E 506 -0.60 0.36 -32.36
CA LEU E 506 0.67 -0.25 -32.03
C LEU E 506 0.46 -1.65 -31.46
N ASP E 507 -0.49 -1.78 -30.54
CA ASP E 507 -0.86 -3.06 -29.93
C ASP E 507 -1.14 -4.16 -30.96
N VAL E 508 -1.98 -3.87 -31.97
CA VAL E 508 -2.19 -4.84 -33.03
C VAL E 508 -0.94 -5.00 -33.92
N GLY E 509 0.14 -4.33 -33.50
CA GLY E 509 1.44 -4.35 -34.17
C GLY E 509 1.48 -3.59 -35.49
N LEU E 510 0.60 -2.61 -35.64
CA LEU E 510 0.56 -1.82 -36.86
C LEU E 510 1.47 -0.62 -36.76
N GLU E 511 2.52 -0.72 -35.95
CA GLU E 511 3.40 0.43 -35.73
C GLU E 511 3.95 1.03 -37.04
N TYR E 512 4.12 0.16 -38.05
CA TYR E 512 4.97 0.46 -39.20
C TYR E 512 4.31 1.20 -40.31
N LEU E 513 2.99 1.19 -40.36
CA LEU E 513 2.37 2.03 -41.34
C LEU E 513 2.14 3.44 -40.78
N SER E 514 1.76 4.37 -41.66
CA SER E 514 1.61 5.79 -41.34
C SER E 514 0.13 6.13 -41.38
N LEU E 515 -0.26 7.18 -40.66
CA LEU E 515 -1.66 7.59 -40.70
C LEU E 515 -2.16 7.93 -42.10
N SER E 516 -1.25 8.41 -42.95
CA SER E 516 -1.63 8.89 -44.25
C SER E 516 -1.76 7.83 -45.31
N ARG E 517 -1.42 6.59 -44.99
CA ARG E 517 -1.46 5.56 -46.00
C ARG E 517 -2.87 5.33 -46.57
N ALA E 518 -2.93 5.13 -47.88
CA ALA E 518 -4.20 5.04 -48.60
C ALA E 518 -4.88 3.73 -48.26
N ALA E 519 -6.16 3.83 -47.93
CA ALA E 519 -6.95 2.67 -47.61
C ALA E 519 -6.56 1.56 -48.58
N ALA E 520 -6.60 1.91 -49.87
CA ALA E 520 -6.40 0.94 -50.92
C ALA E 520 -5.03 0.26 -50.86
N THR E 521 -4.10 0.82 -50.12
CA THR E 521 -2.79 0.17 -50.03
C THR E 521 -2.69 -0.92 -48.98
N LEU E 522 -3.80 -1.20 -48.29
CA LEU E 522 -3.74 -2.09 -47.14
C LEU E 522 -4.06 -3.51 -47.48
N SER E 523 -3.30 -4.42 -46.90
CA SER E 523 -3.56 -5.85 -47.09
C SER E 523 -4.81 -6.21 -46.30
N GLY E 524 -5.49 -7.26 -46.72
CA GLY E 524 -6.65 -7.76 -45.96
C GLY E 524 -6.30 -7.90 -44.47
N GLY E 525 -5.15 -8.54 -44.21
CA GLY E 525 -4.66 -8.73 -42.86
C GLY E 525 -4.65 -7.38 -42.20
N GLU E 526 -3.88 -6.46 -42.79
CA GLU E 526 -3.70 -5.12 -42.22
C GLU E 526 -5.03 -4.44 -41.89
N ALA E 527 -5.94 -4.47 -42.87
CA ALA E 527 -7.26 -3.92 -42.74
C ALA E 527 -7.95 -4.52 -41.53
N GLN E 528 -7.89 -5.84 -41.45
CA GLN E 528 -8.54 -6.57 -40.41
C GLN E 528 -7.89 -6.24 -39.06
N ARG E 529 -6.57 -6.32 -39.00
CA ARG E 529 -5.79 -5.88 -37.83
C ARG E 529 -6.25 -4.50 -37.29
N ILE E 530 -6.58 -3.56 -38.19
CA ILE E 530 -7.13 -2.28 -37.79
C ILE E 530 -8.49 -2.50 -37.11
N ARG E 531 -9.44 -3.09 -37.84
CA ARG E 531 -10.78 -3.31 -37.33
C ARG E 531 -10.63 -3.88 -35.94
N LEU E 532 -9.73 -4.84 -35.79
CA LEU E 532 -9.44 -5.44 -34.47
C LEU E 532 -9.10 -4.37 -33.42
N ALA E 533 -8.30 -3.38 -33.82
CA ALA E 533 -7.92 -2.31 -32.91
C ALA E 533 -9.13 -1.48 -32.55
N THR E 534 -9.86 -0.98 -33.55
CA THR E 534 -11.09 -0.25 -33.28
C THR E 534 -12.00 -1.00 -32.30
N GLN E 535 -12.22 -2.28 -32.56
CA GLN E 535 -12.99 -3.12 -31.67
C GLN E 535 -12.34 -3.12 -30.31
N ILE E 536 -11.11 -3.60 -30.21
CA ILE E 536 -10.44 -3.62 -28.90
C ILE E 536 -10.73 -2.37 -28.09
N GLY E 537 -10.60 -1.24 -28.77
CA GLY E 537 -10.72 0.05 -28.13
C GLY E 537 -12.15 0.51 -27.95
N SER E 538 -13.10 -0.12 -28.63
CA SER E 538 -14.50 0.18 -28.41
C SER E 538 -14.91 0.15 -26.94
N GLY E 539 -14.27 -0.74 -26.19
CA GLY E 539 -14.58 -0.96 -24.78
C GLY E 539 -15.92 -1.62 -24.59
N LEU E 540 -16.38 -2.31 -25.63
CA LEU E 540 -17.58 -3.08 -25.57
C LEU E 540 -17.34 -4.40 -24.83
N VAL E 541 -18.35 -4.81 -24.10
CA VAL E 541 -18.30 -6.05 -23.41
C VAL E 541 -19.58 -6.83 -23.74
N GLY E 542 -19.50 -8.15 -23.70
CA GLY E 542 -20.72 -8.94 -23.91
C GLY E 542 -20.87 -9.32 -25.37
N VAL E 543 -19.85 -8.98 -26.14
CA VAL E 543 -19.87 -9.18 -27.56
C VAL E 543 -19.32 -10.54 -27.89
N LEU E 544 -19.88 -11.13 -28.94
CA LEU E 544 -19.34 -12.29 -29.58
C LEU E 544 -18.52 -11.84 -30.81
N TYR E 545 -17.19 -11.93 -30.77
CA TYR E 545 -16.36 -11.53 -31.92
C TYR E 545 -16.04 -12.78 -32.67
N VAL E 546 -16.38 -12.77 -33.96
CA VAL E 546 -16.13 -13.94 -34.78
C VAL E 546 -15.12 -13.50 -35.81
N LEU E 547 -13.94 -14.12 -35.70
CA LEU E 547 -12.79 -13.74 -36.51
C LEU E 547 -12.41 -14.74 -37.57
N ASP E 548 -12.10 -14.21 -38.74
CA ASP E 548 -11.70 -15.07 -39.82
C ASP E 548 -10.20 -15.09 -40.06
N GLU E 549 -9.57 -16.15 -39.57
CA GLU E 549 -8.18 -16.44 -39.83
C GLU E 549 -7.28 -15.22 -39.75
N PRO E 550 -7.16 -14.58 -38.58
CA PRO E 550 -6.46 -13.31 -38.48
C PRO E 550 -4.94 -13.45 -38.58
N SER E 551 -4.46 -14.69 -38.54
CA SER E 551 -3.04 -15.00 -38.67
C SER E 551 -2.56 -14.87 -40.13
N ILE E 552 -3.48 -14.53 -41.03
CA ILE E 552 -3.13 -14.36 -42.41
C ILE E 552 -2.29 -13.12 -42.64
N GLY E 553 -1.36 -13.23 -43.58
CA GLY E 553 -0.50 -12.12 -43.96
C GLY E 553 0.28 -11.58 -42.78
N LEU E 554 0.42 -12.44 -41.79
CA LEU E 554 1.02 -12.03 -40.56
C LEU E 554 2.21 -12.92 -40.42
N HIS E 555 3.34 -12.33 -40.03
CA HIS E 555 4.57 -13.11 -39.88
C HIS E 555 4.46 -14.03 -38.67
N GLN E 556 5.15 -15.17 -38.77
CA GLN E 556 5.21 -16.11 -37.67
C GLN E 556 5.63 -15.43 -36.36
N ARG E 557 6.43 -14.36 -36.46
CA ARG E 557 6.81 -13.55 -35.30
C ARG E 557 5.59 -12.88 -34.63
N ASP E 558 5.01 -11.92 -35.32
CA ASP E 558 3.87 -11.19 -34.80
C ASP E 558 2.70 -12.07 -34.40
N ASN E 559 2.82 -13.37 -34.60
CA ASN E 559 1.72 -14.27 -34.32
C ASN E 559 1.47 -14.35 -32.84
N ARG E 560 2.46 -14.78 -32.07
CA ARG E 560 2.22 -14.94 -30.67
C ARG E 560 1.81 -13.59 -30.02
N ARG E 561 2.16 -12.49 -30.69
CA ARG E 561 1.72 -11.15 -30.26
C ARG E 561 0.21 -10.97 -30.34
N LEU E 562 -0.29 -11.28 -31.52
CA LEU E 562 -1.68 -11.19 -31.84
C LEU E 562 -2.52 -12.10 -30.97
N ILE E 563 -2.00 -13.29 -30.68
CA ILE E 563 -2.66 -14.17 -29.75
C ILE E 563 -2.90 -13.52 -28.36
N GLU E 564 -2.04 -12.58 -27.97
CA GLU E 564 -2.26 -11.82 -26.73
C GLU E 564 -3.38 -10.84 -26.81
N THR E 565 -3.34 -10.03 -27.86
CA THR E 565 -4.41 -9.06 -28.12
C THR E 565 -5.77 -9.74 -28.29
N LEU E 566 -5.78 -10.90 -28.98
CA LEU E 566 -6.95 -11.78 -29.01
C LEU E 566 -7.47 -12.14 -27.63
N THR E 567 -6.56 -12.63 -26.80
CA THR E 567 -6.89 -13.01 -25.44
C THR E 567 -7.35 -11.83 -24.62
N ARG E 568 -6.65 -10.69 -24.67
CA ARG E 568 -7.11 -9.56 -23.90
C ARG E 568 -8.48 -9.09 -24.33
N LEU E 569 -8.80 -9.32 -25.59
CA LEU E 569 -10.15 -9.13 -26.07
C LEU E 569 -11.17 -10.02 -25.34
N ARG E 570 -10.88 -11.33 -25.23
CA ARG E 570 -11.71 -12.23 -24.44
C ARG E 570 -11.78 -11.74 -23.01
N ASP E 571 -10.60 -11.55 -22.41
CA ASP E 571 -10.45 -11.17 -21.03
C ASP E 571 -11.18 -9.94 -20.63
N LEU E 572 -11.23 -8.94 -21.51
CA LEU E 572 -12.13 -7.78 -21.31
C LEU E 572 -13.56 -8.12 -20.95
N GLY E 573 -14.03 -9.28 -21.38
CA GLY E 573 -15.34 -9.73 -20.99
C GLY E 573 -16.15 -10.14 -22.19
N ASN E 574 -15.45 -10.48 -23.26
CA ASN E 574 -16.15 -10.92 -24.45
C ASN E 574 -15.89 -12.38 -24.67
N THR E 575 -16.21 -12.87 -25.87
CA THR E 575 -16.11 -14.28 -26.19
C THR E 575 -15.80 -14.42 -27.67
N LEU E 576 -14.76 -15.15 -28.00
CA LEU E 576 -14.33 -15.20 -29.39
C LEU E 576 -14.59 -16.53 -30.08
N ILE E 577 -14.74 -16.48 -31.40
CA ILE E 577 -14.75 -17.68 -32.24
C ILE E 577 -13.85 -17.35 -33.37
N VAL E 578 -12.74 -18.08 -33.46
CA VAL E 578 -11.74 -17.84 -34.48
C VAL E 578 -11.61 -19.03 -35.42
N VAL E 579 -11.98 -18.85 -36.69
CA VAL E 579 -11.77 -19.86 -37.70
C VAL E 579 -10.29 -19.84 -38.05
N GLU E 580 -9.63 -20.97 -37.91
CA GLU E 580 -8.16 -21.02 -37.97
C GLU E 580 -7.53 -22.36 -38.38
N HIS E 581 -6.31 -22.31 -38.91
CA HIS E 581 -5.50 -23.53 -39.06
C HIS E 581 -4.07 -23.38 -38.51
N ASP E 582 -3.80 -22.29 -37.80
CA ASP E 582 -2.44 -22.03 -37.34
C ASP E 582 -2.14 -22.81 -36.06
N GLU E 583 -0.96 -23.46 -36.01
CA GLU E 583 -0.66 -24.30 -34.85
C GLU E 583 -0.85 -23.50 -33.56
N ASP E 584 -0.14 -22.40 -33.45
CA ASP E 584 -0.10 -21.68 -32.19
C ASP E 584 -1.51 -21.27 -31.73
N THR E 585 -2.23 -20.61 -32.64
CA THR E 585 -3.57 -20.15 -32.32
C THR E 585 -4.34 -21.32 -31.73
N ILE E 586 -4.41 -22.42 -32.48
CA ILE E 586 -5.06 -23.63 -31.99
C ILE E 586 -4.53 -24.01 -30.61
N GLU E 587 -3.21 -24.22 -30.51
CA GLU E 587 -2.57 -24.57 -29.23
C GLU E 587 -3.20 -23.68 -28.15
N HIS E 588 -3.28 -22.38 -28.44
CA HIS E 588 -3.80 -21.39 -27.49
C HIS E 588 -5.30 -21.32 -27.31
N ALA E 589 -6.06 -22.13 -28.03
CA ALA E 589 -7.51 -22.09 -27.89
C ALA E 589 -8.01 -22.55 -26.48
N ASP E 590 -9.03 -21.89 -25.96
CA ASP E 590 -9.72 -22.40 -24.77
C ASP E 590 -10.58 -23.63 -25.04
N TRP E 591 -11.03 -23.77 -26.28
CA TRP E 591 -11.95 -24.80 -26.66
C TRP E 591 -11.87 -24.86 -28.16
N ILE E 592 -12.06 -26.05 -28.70
CA ILE E 592 -11.95 -26.22 -30.13
C ILE E 592 -13.11 -26.99 -30.73
N VAL E 593 -13.74 -26.39 -31.74
CA VAL E 593 -14.68 -27.16 -32.53
C VAL E 593 -13.93 -27.59 -33.82
N ASP E 594 -13.77 -28.91 -34.00
CA ASP E 594 -13.22 -29.49 -35.24
C ASP E 594 -14.37 -29.89 -36.12
N ILE E 595 -14.38 -29.42 -37.37
CA ILE E 595 -15.59 -29.57 -38.17
C ILE E 595 -15.53 -30.70 -39.23
N GLY E 596 -16.72 -31.33 -39.38
CA GLY E 596 -16.99 -32.71 -39.87
C GLY E 596 -16.26 -33.18 -41.08
N PRO E 597 -15.53 -34.29 -40.96
CA PRO E 597 -14.21 -34.47 -41.62
C PRO E 597 -14.31 -34.42 -43.15
N GLY E 598 -13.34 -33.78 -43.79
CA GLY E 598 -13.41 -33.63 -45.26
C GLY E 598 -14.44 -32.64 -45.81
N ALA E 599 -14.48 -32.54 -47.11
CA ALA E 599 -15.10 -31.41 -47.72
C ALA E 599 -16.56 -31.64 -48.01
N GLY E 600 -17.24 -30.58 -48.40
CA GLY E 600 -18.61 -30.62 -48.92
C GLY E 600 -19.49 -31.67 -48.27
N GLU E 601 -20.09 -32.50 -49.11
CA GLU E 601 -20.97 -33.59 -48.66
C GLU E 601 -20.32 -34.38 -47.54
N HIS E 602 -19.06 -34.72 -47.74
CA HIS E 602 -18.29 -35.53 -46.80
C HIS E 602 -17.98 -34.80 -45.48
N GLY E 603 -18.24 -33.50 -45.44
CA GLY E 603 -18.07 -32.70 -44.22
C GLY E 603 -19.34 -32.29 -43.49
N GLY E 604 -19.26 -31.15 -42.81
CA GLY E 604 -20.45 -30.54 -42.23
C GLY E 604 -20.97 -31.13 -40.93
N ARG E 605 -20.12 -31.91 -40.26
CA ARG E 605 -20.43 -32.59 -39.01
C ARG E 605 -19.46 -32.20 -37.89
N ILE E 606 -19.90 -32.02 -36.65
CA ILE E 606 -18.91 -31.61 -35.62
C ILE E 606 -17.99 -32.74 -35.17
N VAL E 607 -16.85 -32.89 -35.82
CA VAL E 607 -15.91 -33.97 -35.46
C VAL E 607 -15.42 -33.93 -34.00
N HIS E 608 -15.01 -32.77 -33.53
CA HIS E 608 -14.63 -32.62 -32.12
C HIS E 608 -15.16 -31.29 -31.56
N SER E 609 -15.42 -31.29 -30.26
CA SER E 609 -15.78 -30.05 -29.62
C SER E 609 -15.39 -30.22 -28.18
N GLY E 610 -14.24 -29.69 -27.85
CA GLY E 610 -13.76 -29.71 -26.51
C GLY E 610 -12.36 -29.13 -26.49
N PRO E 611 -11.68 -29.23 -25.32
CA PRO E 611 -10.32 -28.75 -25.06
C PRO E 611 -9.34 -29.31 -26.04
N TYR E 612 -8.15 -28.73 -26.02
CA TYR E 612 -7.03 -29.11 -26.90
C TYR E 612 -6.55 -30.58 -26.75
N ASP E 613 -6.29 -30.99 -25.52
CA ASP E 613 -5.86 -32.34 -25.25
C ASP E 613 -6.84 -33.36 -25.81
N GLU E 614 -8.10 -33.27 -25.38
CA GLU E 614 -9.14 -34.18 -25.80
C GLU E 614 -9.16 -34.33 -27.32
N LEU E 615 -8.85 -33.24 -28.05
CA LEU E 615 -8.76 -33.24 -29.51
C LEU E 615 -7.57 -34.05 -30.07
N LEU E 616 -6.43 -34.03 -29.40
CA LEU E 616 -5.34 -34.92 -29.76
C LEU E 616 -5.73 -36.42 -29.72
N ARG E 617 -6.45 -36.82 -28.67
CA ARG E 617 -6.98 -38.18 -28.51
C ARG E 617 -7.85 -38.60 -29.68
N ASN E 618 -8.72 -37.70 -30.14
CA ASN E 618 -9.58 -37.97 -31.28
C ASN E 618 -8.86 -38.49 -32.51
N LYS E 619 -9.18 -39.72 -32.88
CA LYS E 619 -8.48 -40.43 -33.95
C LYS E 619 -9.10 -40.12 -35.30
N ASP E 620 -10.26 -39.49 -35.28
CA ASP E 620 -10.98 -39.13 -36.51
C ASP E 620 -10.71 -37.67 -36.93
N SER E 621 -10.02 -36.93 -36.07
CA SER E 621 -9.63 -35.56 -36.36
C SER E 621 -8.39 -35.58 -37.25
N ILE E 622 -8.53 -35.14 -38.51
CA ILE E 622 -7.37 -34.98 -39.40
C ILE E 622 -6.49 -33.93 -38.77
N THR E 623 -7.13 -32.92 -38.19
CA THR E 623 -6.47 -31.88 -37.39
C THR E 623 -5.61 -32.52 -36.31
N GLY E 624 -6.26 -33.20 -35.38
CA GLY E 624 -5.58 -33.92 -34.29
C GLY E 624 -4.40 -34.74 -34.76
N ALA E 625 -4.53 -35.39 -35.90
CA ALA E 625 -3.44 -36.15 -36.44
C ALA E 625 -2.21 -35.27 -36.58
N TYR E 626 -2.27 -34.27 -37.46
CA TYR E 626 -1.19 -33.30 -37.61
C TYR E 626 -0.77 -32.70 -36.27
N LEU E 627 -1.76 -32.27 -35.50
CA LEU E 627 -1.53 -31.61 -34.25
C LEU E 627 -0.79 -32.47 -33.27
N SER E 628 -1.14 -33.77 -33.23
CA SER E 628 -0.47 -34.73 -32.34
C SER E 628 0.90 -35.08 -32.86
N GLY E 629 1.01 -35.16 -34.18
CA GLY E 629 2.23 -35.63 -34.82
C GLY E 629 2.03 -36.88 -35.66
N ARG E 630 0.95 -37.63 -35.44
CA ARG E 630 0.59 -38.75 -36.30
C ARG E 630 0.71 -38.37 -37.78
N GLU E 631 0.75 -37.07 -38.05
CA GLU E 631 0.87 -36.57 -39.39
C GLU E 631 1.70 -35.31 -39.41
N SER E 632 2.45 -35.12 -40.49
CA SER E 632 3.14 -33.86 -40.71
C SER E 632 3.44 -33.69 -42.18
N ILE E 633 4.11 -32.59 -42.52
CA ILE E 633 4.72 -32.41 -43.83
C ILE E 633 6.23 -32.45 -43.59
N GLU E 634 6.89 -33.41 -44.26
CA GLU E 634 8.29 -33.74 -44.01
C GLU E 634 9.26 -32.90 -44.87
N ILE E 635 10.34 -32.41 -44.26
CA ILE E 635 11.30 -31.57 -44.96
C ILE E 635 12.06 -32.45 -45.95
N PRO E 636 11.93 -32.19 -47.27
CA PRO E 636 12.55 -33.02 -48.32
C PRO E 636 14.04 -33.32 -48.03
N ALA E 637 14.42 -34.61 -48.03
CA ALA E 637 15.80 -35.00 -47.63
C ALA E 637 16.81 -34.51 -48.65
N ILE E 638 16.39 -34.54 -49.92
CA ILE E 638 17.15 -33.96 -51.03
C ILE E 638 16.39 -32.80 -51.69
N ARG E 639 16.94 -31.60 -51.56
CA ARG E 639 16.33 -30.38 -52.06
C ARG E 639 16.65 -30.20 -53.53
N ARG E 640 15.98 -29.26 -54.20
CA ARG E 640 16.36 -28.88 -55.57
C ARG E 640 17.56 -27.95 -55.50
N SER E 641 18.54 -28.23 -56.37
CA SER E 641 19.76 -27.41 -56.45
C SER E 641 19.62 -26.24 -57.44
N VAL E 642 20.20 -25.11 -57.07
CA VAL E 642 19.98 -23.84 -57.73
C VAL E 642 21.03 -23.55 -58.82
N ASP E 643 20.58 -23.05 -59.97
CA ASP E 643 21.47 -22.78 -61.09
C ASP E 643 21.81 -21.29 -61.14
N PRO E 644 23.09 -20.93 -60.87
CA PRO E 644 23.55 -19.55 -60.94
C PRO E 644 23.39 -18.94 -62.33
N ARG E 645 23.72 -19.70 -63.38
CA ARG E 645 23.61 -19.16 -64.74
C ARG E 645 22.14 -18.88 -65.12
N ARG E 646 21.21 -19.65 -64.55
CA ARG E 646 19.78 -19.46 -64.84
C ARG E 646 18.97 -18.94 -63.63
N GLN E 647 18.87 -17.60 -63.54
CA GLN E 647 18.34 -16.85 -62.41
C GLN E 647 17.63 -15.59 -62.87
N LEU E 648 16.39 -15.39 -62.42
CA LEU E 648 15.61 -14.17 -62.76
C LEU E 648 15.90 -13.04 -61.77
N THR E 649 16.34 -11.88 -62.23
CA THR E 649 16.87 -10.87 -61.30
C THR E 649 16.31 -9.48 -61.40
N VAL E 650 15.67 -9.03 -60.33
CA VAL E 650 15.18 -7.67 -60.25
C VAL E 650 16.29 -6.76 -59.83
N VAL E 651 16.50 -5.70 -60.60
CA VAL E 651 17.63 -4.85 -60.37
C VAL E 651 17.17 -3.45 -59.96
N GLY E 652 17.66 -2.97 -58.82
CA GLY E 652 17.44 -1.61 -58.34
C GLY E 652 16.01 -1.24 -58.03
N ALA E 653 15.35 -2.05 -57.20
CA ALA E 653 13.94 -1.85 -56.83
C ALA E 653 13.77 -0.68 -55.86
N ARG E 654 13.33 0.46 -56.40
CA ARG E 654 13.15 1.70 -55.65
C ARG E 654 11.75 1.85 -55.03
N GLU E 655 10.82 0.95 -55.37
CA GLU E 655 9.37 1.20 -55.15
C GLU E 655 9.02 1.10 -53.69
N HIS E 656 8.21 2.07 -53.26
CA HIS E 656 7.82 2.26 -51.87
C HIS E 656 9.01 2.15 -50.92
N ASN E 657 8.93 1.18 -50.01
CA ASN E 657 9.93 1.02 -48.98
C ASN E 657 11.12 0.20 -49.45
N LEU E 658 11.03 -0.41 -50.63
CA LEU E 658 12.17 -1.09 -51.17
C LEU E 658 13.30 -0.11 -51.37
N ARG E 659 14.51 -0.54 -51.02
CA ARG E 659 15.64 0.37 -50.99
C ARG E 659 16.62 0.12 -52.12
N GLY E 660 16.20 0.40 -53.34
CA GLY E 660 17.01 0.12 -54.51
C GLY E 660 17.75 -1.22 -54.50
N ILE E 661 17.07 -2.28 -54.09
CA ILE E 661 17.71 -3.60 -53.98
C ILE E 661 17.84 -4.35 -55.30
N ASP E 662 18.83 -5.24 -55.36
CA ASP E 662 18.93 -6.21 -56.44
C ASP E 662 18.63 -7.55 -55.83
N VAL E 663 17.76 -8.32 -56.48
CA VAL E 663 17.28 -9.59 -55.94
C VAL E 663 17.19 -10.61 -57.05
N SER E 664 17.77 -11.77 -56.86
CA SER E 664 17.73 -12.80 -57.88
C SER E 664 16.95 -14.01 -57.42
N PHE E 665 15.93 -14.35 -58.18
CA PHE E 665 15.16 -15.56 -57.94
C PHE E 665 15.65 -16.67 -58.84
N PRO E 666 16.04 -17.79 -58.24
CA PRO E 666 16.53 -18.93 -59.02
C PRO E 666 15.41 -19.54 -59.83
N LEU E 667 15.64 -19.73 -61.12
CA LEU E 667 14.64 -20.33 -62.00
C LEU E 667 14.54 -21.84 -61.83
N GLY E 668 13.38 -22.39 -62.16
CA GLY E 668 13.16 -23.84 -62.07
C GLY E 668 13.27 -24.46 -60.69
N VAL E 669 12.81 -23.73 -59.68
CA VAL E 669 12.89 -24.19 -58.30
C VAL E 669 11.80 -23.50 -57.44
N LEU E 670 11.56 -24.03 -56.25
CA LEU E 670 10.59 -23.42 -55.33
C LEU E 670 11.19 -22.31 -54.47
N THR E 671 10.68 -21.09 -54.68
CA THR E 671 11.14 -19.91 -53.94
C THR E 671 10.01 -19.32 -53.10
N SER E 672 10.25 -19.20 -51.80
CA SER E 672 9.39 -18.44 -50.90
C SER E 672 10.02 -17.10 -50.61
N VAL E 673 9.26 -16.04 -50.87
CA VAL E 673 9.63 -14.72 -50.39
C VAL E 673 8.97 -14.58 -49.05
N THR E 674 9.77 -14.33 -48.02
CA THR E 674 9.28 -14.28 -46.64
C THR E 674 9.74 -13.01 -45.99
N GLY E 675 9.19 -12.74 -44.82
CA GLY E 675 9.57 -11.53 -44.10
C GLY E 675 8.35 -11.04 -43.38
N VAL E 676 8.55 -10.14 -42.43
CA VAL E 676 7.43 -9.65 -41.66
C VAL E 676 6.53 -8.79 -42.54
N SER E 677 5.40 -8.38 -41.97
CA SER E 677 4.40 -7.57 -42.67
C SER E 677 4.91 -6.17 -42.86
N GLY E 678 5.00 -5.75 -44.11
CA GLY E 678 5.39 -4.40 -44.42
C GLY E 678 6.81 -4.31 -44.86
N SER E 679 7.49 -5.46 -45.01
CA SER E 679 8.88 -5.48 -45.45
C SER E 679 9.07 -5.38 -46.98
N GLY E 680 7.98 -5.30 -47.74
CA GLY E 680 8.04 -5.10 -49.20
C GLY E 680 7.84 -6.37 -49.99
N LYS E 681 7.60 -7.48 -49.27
CA LYS E 681 7.29 -8.78 -49.85
C LYS E 681 6.45 -8.62 -51.18
N SER E 682 5.39 -7.78 -51.16
CA SER E 682 4.52 -7.57 -52.32
C SER E 682 5.08 -6.61 -53.35
N THR E 683 5.40 -5.38 -52.91
CA THR E 683 5.97 -4.38 -53.80
C THR E 683 7.00 -4.98 -54.74
N LEU E 684 7.87 -5.83 -54.20
CA LEU E 684 8.87 -6.50 -55.00
C LEU E 684 8.20 -7.45 -55.96
N VAL E 685 7.60 -8.49 -55.42
CA VAL E 685 7.10 -9.61 -56.21
C VAL E 685 5.91 -9.22 -57.09
N ASN E 686 5.00 -8.41 -56.58
CA ASN E 686 3.82 -8.09 -57.35
C ASN E 686 3.89 -6.84 -58.17
N ASP E 687 4.32 -5.71 -57.60
CA ASP E 687 4.31 -4.47 -58.34
C ASP E 687 5.47 -4.35 -59.28
N ILE E 688 6.54 -5.06 -59.00
CA ILE E 688 7.68 -5.06 -59.90
C ILE E 688 7.77 -6.38 -60.66
N LEU E 689 8.39 -7.37 -60.04
CA LEU E 689 8.72 -8.59 -60.72
C LEU E 689 7.58 -9.10 -61.59
N ALA E 690 6.37 -9.12 -61.05
CA ALA E 690 5.24 -9.67 -61.78
C ALA E 690 4.79 -8.73 -62.88
N ALA E 691 4.70 -7.46 -62.56
CA ALA E 691 4.21 -6.50 -63.50
C ALA E 691 5.09 -6.48 -64.71
N VAL E 692 6.40 -6.65 -64.50
CA VAL E 692 7.33 -6.74 -65.62
C VAL E 692 7.08 -7.99 -66.46
N LEU E 693 7.19 -9.17 -65.87
CA LEU E 693 6.92 -10.40 -66.59
C LEU E 693 5.58 -10.35 -67.36
N ALA E 694 4.55 -9.81 -66.71
CA ALA E 694 3.25 -9.66 -67.34
C ALA E 694 3.31 -8.79 -68.59
N ASN E 695 4.39 -8.07 -68.74
CA ASN E 695 4.51 -7.24 -69.90
C ASN E 695 5.44 -7.91 -70.87
N ARG E 696 6.58 -8.36 -70.38
CA ARG E 696 7.60 -8.96 -71.21
C ARG E 696 7.35 -10.41 -71.60
N LEU E 697 6.30 -11.02 -71.08
CA LEU E 697 6.01 -12.40 -71.45
C LEU E 697 4.59 -12.60 -71.94
N ASN E 698 3.68 -11.78 -71.46
CA ASN E 698 2.27 -11.91 -71.80
C ASN E 698 1.76 -10.61 -72.40
N GLY E 699 2.66 -9.65 -72.51
CA GLY E 699 2.42 -8.40 -73.21
C GLY E 699 1.22 -7.59 -72.81
N ALA E 700 0.90 -7.56 -71.52
CA ALA E 700 -0.07 -6.58 -71.00
C ALA E 700 0.66 -5.27 -70.93
N ARG E 701 -0.06 -4.17 -71.07
CA ARG E 701 0.53 -2.84 -70.86
C ARG E 701 0.15 -2.33 -69.45
N GLN E 702 0.90 -2.86 -68.48
CA GLN E 702 0.65 -2.71 -67.05
C GLN E 702 1.87 -2.09 -66.34
N VAL E 703 1.61 -1.20 -65.38
CA VAL E 703 2.60 -0.26 -64.79
C VAL E 703 3.48 -0.89 -63.70
N PRO E 704 4.73 -1.27 -64.01
CA PRO E 704 5.47 -1.81 -62.87
C PRO E 704 6.03 -0.70 -61.99
N GLY E 705 6.13 -1.02 -60.69
CA GLY E 705 6.68 -0.10 -59.69
C GLY E 705 8.12 0.24 -60.03
N ARG E 706 8.53 1.47 -59.66
CA ARG E 706 9.83 2.03 -60.04
C ARG E 706 10.96 1.05 -59.80
N HIS E 707 11.79 0.81 -60.81
CA HIS E 707 12.97 -0.03 -60.67
C HIS E 707 13.88 0.17 -61.85
N THR E 708 15.00 -0.54 -61.86
CA THR E 708 15.96 -0.43 -62.95
C THR E 708 15.62 -1.41 -64.03
N ARG E 709 15.79 -2.71 -63.79
CA ARG E 709 15.27 -3.74 -64.72
C ARG E 709 15.38 -5.18 -64.28
N VAL E 710 15.01 -6.08 -65.20
CA VAL E 710 14.96 -7.51 -64.90
C VAL E 710 15.87 -8.33 -65.82
N THR E 711 16.60 -9.25 -65.19
CA THR E 711 17.70 -9.97 -65.82
C THR E 711 17.30 -11.26 -66.52
N GLY E 712 17.99 -11.45 -67.65
CA GLY E 712 17.80 -12.56 -68.60
C GLY E 712 16.40 -12.42 -69.12
N LEU E 713 15.53 -13.23 -68.49
CA LEU E 713 14.09 -13.23 -68.66
C LEU E 713 13.61 -14.02 -69.89
N ASP E 714 14.46 -14.10 -70.92
CA ASP E 714 14.16 -14.88 -72.13
C ASP E 714 14.22 -16.38 -71.87
N TYR E 715 14.51 -16.73 -70.62
CA TYR E 715 14.49 -18.11 -70.16
C TYR E 715 13.08 -18.61 -69.84
N LEU E 716 12.07 -17.78 -70.12
CA LEU E 716 10.71 -18.10 -69.72
C LEU E 716 9.70 -17.87 -70.82
N ASP E 717 8.74 -18.79 -70.94
CA ASP E 717 7.68 -18.69 -71.91
C ASP E 717 6.68 -17.64 -71.49
N LYS E 718 5.90 -17.97 -70.47
CA LYS E 718 4.86 -17.06 -69.97
C LYS E 718 4.78 -16.96 -68.42
N LEU E 719 3.98 -16.00 -67.94
CA LEU E 719 3.79 -15.78 -66.53
C LEU E 719 2.36 -16.13 -66.12
N VAL E 720 2.24 -16.87 -65.01
CA VAL E 720 0.95 -17.21 -64.42
C VAL E 720 0.86 -16.53 -63.06
N ARG E 721 0.08 -15.46 -62.97
CA ARG E 721 -0.15 -14.80 -61.68
C ARG E 721 -1.47 -15.25 -61.05
N VAL E 722 -1.39 -16.20 -60.13
CA VAL E 722 -2.59 -16.66 -59.44
C VAL E 722 -2.90 -15.73 -58.26
N ASP E 723 -3.58 -14.64 -58.63
CA ASP E 723 -4.10 -13.66 -57.73
C ASP E 723 -5.07 -14.30 -56.74
N GLN E 724 -5.32 -13.68 -55.59
CA GLN E 724 -6.40 -14.17 -54.72
C GLN E 724 -7.72 -13.42 -54.88
N SER E 725 -7.78 -12.58 -55.92
CA SER E 725 -8.92 -11.71 -56.16
C SER E 725 -10.12 -12.55 -56.56
N PRO E 726 -11.35 -12.06 -56.31
CA PRO E 726 -12.54 -12.80 -56.70
C PRO E 726 -12.51 -13.24 -58.17
N ILE E 727 -12.96 -14.46 -58.44
CA ILE E 727 -13.19 -14.98 -59.79
C ILE E 727 -14.12 -14.10 -60.64
N GLY E 728 -15.12 -13.51 -59.99
CA GLY E 728 -16.10 -12.67 -60.65
C GLY E 728 -16.81 -11.88 -59.59
N ARG E 729 -17.39 -10.76 -60.00
CA ARG E 729 -18.08 -9.86 -59.11
C ARG E 729 -19.61 -10.12 -59.14
N THR E 730 -20.07 -10.77 -60.20
CA THR E 730 -21.49 -11.15 -60.38
C THR E 730 -21.70 -12.64 -60.13
N PRO E 731 -22.94 -13.03 -59.77
CA PRO E 731 -23.27 -14.46 -59.70
C PRO E 731 -23.32 -15.10 -61.09
N ARG E 732 -22.93 -14.34 -62.13
CA ARG E 732 -22.83 -14.81 -63.51
C ARG E 732 -21.63 -15.70 -63.69
N SER E 733 -20.56 -15.40 -62.95
CA SER E 733 -19.31 -16.13 -63.05
C SER E 733 -19.40 -17.28 -62.06
N ASN E 734 -18.50 -18.24 -62.20
CA ASN E 734 -18.45 -19.42 -61.34
C ASN E 734 -17.71 -20.54 -62.03
N PRO E 735 -17.15 -21.47 -61.25
CA PRO E 735 -16.25 -22.47 -61.80
C PRO E 735 -16.63 -22.96 -63.22
N ALA E 736 -17.88 -23.39 -63.39
CA ALA E 736 -18.40 -23.92 -64.66
C ALA E 736 -18.10 -22.94 -65.77
N THR E 737 -18.58 -21.70 -65.62
CA THR E 737 -18.33 -20.64 -66.59
C THR E 737 -16.84 -20.38 -66.72
N TYR E 738 -16.21 -20.09 -65.57
CA TYR E 738 -14.81 -19.68 -65.55
C TYR E 738 -13.87 -20.65 -66.25
N THR E 739 -13.89 -21.92 -65.85
CA THR E 739 -13.02 -22.91 -66.49
C THR E 739 -13.47 -23.21 -67.89
N GLY E 740 -14.71 -22.84 -68.21
CA GLY E 740 -15.26 -23.00 -69.56
C GLY E 740 -15.67 -24.43 -69.88
N VAL E 741 -15.97 -25.19 -68.85
CA VAL E 741 -16.49 -26.53 -69.03
C VAL E 741 -17.96 -26.44 -69.45
N PHE E 742 -18.60 -25.31 -69.15
CA PHE E 742 -20.03 -25.19 -69.36
C PHE E 742 -20.42 -25.15 -70.82
N ASP E 743 -19.57 -24.53 -71.64
CA ASP E 743 -19.76 -24.56 -73.08
C ASP E 743 -19.88 -25.99 -73.54
N LYS E 744 -18.94 -26.82 -73.06
CA LYS E 744 -18.87 -28.23 -73.43
C LYS E 744 -20.02 -29.06 -72.88
N ILE E 745 -20.80 -28.45 -71.98
CA ILE E 745 -21.92 -29.14 -71.38
C ILE E 745 -23.18 -28.65 -72.06
N ARG E 746 -23.25 -27.35 -72.28
CA ARG E 746 -24.37 -26.76 -73.01
C ARG E 746 -24.55 -27.43 -74.37
N THR E 747 -23.44 -27.88 -74.94
CA THR E 747 -23.47 -28.67 -76.17
C THR E 747 -23.97 -30.11 -75.91
N LEU E 748 -23.46 -30.74 -74.85
CA LEU E 748 -23.93 -32.07 -74.44
C LEU E 748 -25.43 -32.13 -74.18
N PHE E 749 -25.99 -30.98 -73.82
CA PHE E 749 -27.42 -30.83 -73.54
C PHE E 749 -28.23 -30.62 -74.80
N ALA E 750 -27.87 -29.59 -75.58
CA ALA E 750 -28.52 -29.28 -76.87
C ALA E 750 -28.57 -30.53 -77.75
N ALA E 751 -27.44 -31.23 -77.82
CA ALA E 751 -27.33 -32.49 -78.53
C ALA E 751 -27.88 -33.66 -77.70
N THR E 752 -29.12 -33.52 -77.25
CA THR E 752 -29.83 -34.63 -76.60
C THR E 752 -31.27 -34.81 -77.08
N THR E 753 -31.70 -36.07 -77.06
CA THR E 753 -33.00 -36.51 -77.60
C THR E 753 -34.18 -35.56 -77.24
N GLU E 754 -34.30 -35.24 -75.94
CA GLU E 754 -35.36 -34.36 -75.41
C GLU E 754 -35.21 -32.91 -75.87
N ALA E 755 -33.97 -32.51 -76.08
CA ALA E 755 -33.66 -31.12 -76.39
C ALA E 755 -33.92 -30.83 -77.85
N LYS E 756 -33.43 -31.74 -78.69
CA LYS E 756 -33.57 -31.57 -80.13
C LYS E 756 -35.03 -31.62 -80.53
N VAL E 757 -35.80 -32.48 -79.86
CA VAL E 757 -37.24 -32.58 -80.11
C VAL E 757 -37.97 -31.26 -79.78
N ARG E 758 -37.36 -30.45 -78.89
CA ARG E 758 -37.90 -29.13 -78.54
C ARG E 758 -37.22 -28.03 -79.33
N GLY E 759 -36.15 -28.38 -80.04
CA GLY E 759 -35.41 -27.42 -80.84
C GLY E 759 -34.58 -26.48 -79.98
N TYR E 760 -33.86 -27.06 -79.01
CA TYR E 760 -33.05 -26.28 -78.09
C TYR E 760 -31.59 -26.24 -78.48
N GLN E 761 -31.12 -25.02 -78.72
CA GLN E 761 -29.70 -24.72 -79.00
C GLN E 761 -28.79 -25.10 -77.80
N PRO E 762 -27.45 -24.96 -77.96
CA PRO E 762 -26.66 -24.84 -76.74
C PRO E 762 -26.93 -23.51 -76.03
N GLY E 763 -27.27 -22.48 -76.81
CA GLY E 763 -27.67 -21.16 -76.30
C GLY E 763 -28.92 -21.11 -75.44
N ARG E 764 -29.65 -22.21 -75.36
CA ARG E 764 -30.78 -22.30 -74.43
C ARG E 764 -30.26 -22.54 -73.03
N PHE E 765 -29.13 -23.22 -72.95
CA PHE E 765 -28.60 -23.66 -71.67
C PHE E 765 -27.60 -22.70 -71.02
N SER E 766 -27.39 -21.55 -71.64
CA SER E 766 -26.54 -20.52 -71.06
C SER E 766 -27.44 -19.57 -70.31
N PHE E 767 -27.23 -19.49 -69.00
CA PHE E 767 -27.96 -18.55 -68.15
C PHE E 767 -27.56 -17.10 -68.41
N ASN E 768 -26.63 -16.91 -69.35
CA ASN E 768 -26.20 -15.60 -69.77
C ASN E 768 -26.99 -15.05 -70.92
N VAL E 769 -27.79 -15.90 -71.56
CA VAL E 769 -28.44 -15.57 -72.85
C VAL E 769 -29.97 -15.62 -72.89
N LYS E 770 -30.53 -14.56 -73.48
CA LYS E 770 -31.96 -14.25 -73.53
C LYS E 770 -32.92 -15.43 -73.46
N GLY E 771 -32.61 -16.52 -74.17
CA GLY E 771 -33.53 -17.65 -74.20
C GLY E 771 -33.12 -18.81 -73.30
N GLY E 772 -34.03 -19.20 -72.40
CA GLY E 772 -33.81 -20.37 -71.51
C GLY E 772 -33.46 -20.13 -70.02
N ARG E 773 -32.93 -18.95 -69.73
CA ARG E 773 -32.63 -18.50 -68.37
C ARG E 773 -33.85 -17.80 -67.79
N CYS E 774 -34.14 -18.05 -66.51
CA CYS E 774 -35.24 -17.37 -65.86
C CYS E 774 -35.14 -15.85 -66.08
N GLU E 775 -36.28 -15.27 -66.39
CA GLU E 775 -36.40 -13.89 -66.85
C GLU E 775 -36.42 -12.89 -65.70
N ALA E 776 -36.52 -13.41 -64.47
CA ALA E 776 -36.55 -12.59 -63.26
C ALA E 776 -35.13 -12.30 -62.83
N CYS E 777 -34.45 -13.37 -62.40
CA CYS E 777 -33.07 -13.31 -61.93
C CYS E 777 -32.06 -13.22 -63.06
N THR E 778 -32.56 -13.04 -64.28
CA THR E 778 -31.73 -12.86 -65.47
C THR E 778 -30.53 -13.80 -65.55
N GLY E 779 -30.70 -14.99 -64.98
CA GLY E 779 -29.70 -16.03 -65.03
C GLY E 779 -28.93 -16.31 -63.74
N ASP E 780 -28.85 -15.31 -62.86
CA ASP E 780 -28.07 -15.42 -61.62
C ASP E 780 -28.54 -16.57 -60.71
N GLY E 781 -29.86 -16.71 -60.53
CA GLY E 781 -30.43 -17.67 -59.58
C GLY E 781 -30.82 -16.98 -58.26
N THR E 782 -30.14 -15.87 -57.96
CA THR E 782 -30.32 -15.16 -56.73
C THR E 782 -30.46 -13.67 -57.08
N ILE E 783 -30.80 -12.83 -56.10
CA ILE E 783 -30.91 -11.40 -56.34
C ILE E 783 -30.22 -10.61 -55.23
N LYS E 784 -29.34 -9.70 -55.60
CA LYS E 784 -28.70 -8.82 -54.63
C LYS E 784 -29.70 -7.81 -54.11
N ILE E 785 -30.01 -7.91 -52.82
CA ILE E 785 -30.87 -6.93 -52.19
C ILE E 785 -30.04 -5.96 -51.35
N GLU E 786 -30.19 -4.67 -51.67
CA GLU E 786 -29.56 -3.59 -50.93
C GLU E 786 -30.07 -3.60 -49.49
N MET E 787 -29.20 -4.02 -48.57
CA MET E 787 -29.38 -3.85 -47.14
C MET E 787 -28.77 -2.51 -46.79
N ASN E 788 -29.49 -1.67 -46.03
CA ASN E 788 -29.04 -0.27 -45.70
C ASN E 788 -27.89 0.12 -44.70
N PHE E 789 -27.92 -0.44 -43.50
CA PHE E 789 -26.93 -0.34 -42.46
C PHE E 789 -26.08 -1.60 -42.42
N LEU E 790 -26.77 -2.73 -42.47
CA LEU E 790 -26.13 -4.01 -42.66
C LEU E 790 -25.64 -4.10 -44.10
N PRO E 791 -24.76 -5.07 -44.38
CA PRO E 791 -24.26 -5.29 -45.72
C PRO E 791 -25.29 -5.93 -46.64
N ASP E 792 -25.25 -5.53 -47.92
CA ASP E 792 -26.06 -6.10 -48.98
C ASP E 792 -25.82 -7.62 -49.01
N VAL E 793 -26.84 -8.40 -49.37
CA VAL E 793 -26.76 -9.86 -49.39
C VAL E 793 -27.66 -10.43 -50.47
N TYR E 794 -27.31 -11.60 -50.99
CA TYR E 794 -28.13 -12.28 -52.02
C TYR E 794 -29.21 -13.23 -51.48
N VAL E 795 -30.45 -13.02 -51.91
CA VAL E 795 -31.55 -13.93 -51.57
C VAL E 795 -31.86 -14.72 -52.84
N PRO E 796 -32.22 -16.02 -52.73
CA PRO E 796 -32.53 -16.77 -53.95
C PRO E 796 -33.74 -16.22 -54.69
N CYS E 797 -33.79 -16.45 -56.00
CA CYS E 797 -34.88 -15.93 -56.85
C CYS E 797 -36.20 -16.66 -56.58
N GLU E 798 -37.24 -15.89 -56.21
CA GLU E 798 -38.56 -16.46 -55.86
C GLU E 798 -39.07 -17.26 -57.03
N VAL E 799 -38.84 -16.72 -58.23
CA VAL E 799 -39.36 -17.28 -59.47
C VAL E 799 -38.71 -18.59 -59.90
N CYS E 800 -37.40 -18.61 -60.08
CA CYS E 800 -36.80 -19.84 -60.56
C CYS E 800 -36.30 -20.72 -59.44
N GLN E 801 -36.60 -20.32 -58.21
CA GLN E 801 -36.15 -21.06 -57.01
C GLN E 801 -34.63 -21.21 -57.02
N GLY E 802 -33.93 -20.13 -57.40
CA GLY E 802 -32.48 -20.13 -57.56
C GLY E 802 -31.98 -21.20 -58.51
N ALA E 803 -32.77 -21.50 -59.54
CA ALA E 803 -32.43 -22.53 -60.50
C ALA E 803 -31.64 -21.96 -61.66
N ARG E 804 -31.94 -20.69 -61.96
CA ARG E 804 -31.38 -19.92 -63.08
C ARG E 804 -32.22 -19.99 -64.36
N TYR E 805 -32.98 -21.09 -64.51
CA TYR E 805 -33.78 -21.39 -65.72
C TYR E 805 -35.31 -21.47 -65.51
N ASN E 806 -36.06 -20.99 -66.52
CA ASN E 806 -37.51 -21.24 -66.55
C ASN E 806 -37.81 -22.74 -66.75
N ARG E 807 -38.91 -23.21 -66.15
CA ARG E 807 -39.14 -24.64 -66.03
C ARG E 807 -39.19 -25.39 -67.36
N GLU E 808 -39.67 -24.70 -68.42
CA GLU E 808 -39.77 -25.33 -69.75
C GLU E 808 -38.39 -25.67 -70.30
N THR E 809 -37.37 -24.91 -69.90
CA THR E 809 -35.95 -25.22 -70.18
C THR E 809 -35.43 -26.38 -69.31
N LEU E 810 -36.09 -26.54 -68.17
CA LEU E 810 -35.70 -27.54 -67.22
C LEU E 810 -36.44 -28.85 -67.51
N GLU E 811 -37.39 -28.81 -68.45
CA GLU E 811 -38.04 -30.04 -68.94
C GLU E 811 -36.98 -30.99 -69.52
N VAL E 812 -35.93 -30.39 -70.10
CA VAL E 812 -34.84 -31.14 -70.72
C VAL E 812 -33.95 -31.82 -69.69
N HIS E 813 -33.66 -33.10 -69.92
CA HIS E 813 -32.72 -33.86 -69.10
C HIS E 813 -31.49 -34.30 -69.90
N TYR E 814 -30.43 -34.61 -69.17
CA TYR E 814 -29.25 -35.30 -69.67
C TYR E 814 -28.92 -36.33 -68.60
N LYS E 815 -28.73 -37.59 -68.99
CA LYS E 815 -28.56 -38.70 -68.05
C LYS E 815 -29.39 -38.51 -66.78
N GLY E 816 -30.64 -38.05 -66.97
CA GLY E 816 -31.62 -37.86 -65.90
C GLY E 816 -31.44 -36.66 -64.98
N LYS E 817 -30.72 -35.64 -65.45
CA LYS E 817 -30.47 -34.45 -64.63
C LYS E 817 -30.66 -33.23 -65.47
N THR E 818 -31.39 -32.25 -64.94
CA THR E 818 -31.52 -30.97 -65.64
C THR E 818 -30.19 -30.17 -65.60
N VAL E 819 -30.17 -28.98 -66.23
CA VAL E 819 -29.01 -28.08 -66.15
C VAL E 819 -28.81 -27.70 -64.69
N SER E 820 -29.86 -27.20 -64.07
CA SER E 820 -29.78 -26.76 -62.69
C SER E 820 -29.15 -27.83 -61.82
N GLU E 821 -29.60 -29.06 -62.01
CA GLU E 821 -29.08 -30.19 -61.28
C GLU E 821 -27.58 -30.40 -61.49
N VAL E 822 -27.15 -30.45 -62.74
CA VAL E 822 -25.73 -30.67 -63.05
C VAL E 822 -24.85 -29.49 -62.59
N LEU E 823 -25.44 -28.29 -62.55
CA LEU E 823 -24.79 -27.09 -62.08
C LEU E 823 -24.64 -27.11 -60.58
N ASP E 824 -25.53 -27.84 -59.93
CA ASP E 824 -25.58 -27.98 -58.46
C ASP E 824 -24.66 -29.04 -57.89
N MET E 825 -24.08 -29.84 -58.76
CA MET E 825 -23.23 -30.95 -58.35
C MET E 825 -21.92 -30.41 -57.80
N SER E 826 -21.42 -31.08 -56.76
CA SER E 826 -20.09 -30.76 -56.30
C SER E 826 -19.21 -31.11 -57.47
N ILE E 827 -18.09 -30.41 -57.59
CA ILE E 827 -17.16 -30.69 -58.66
C ILE E 827 -16.71 -32.15 -58.57
N GLU E 828 -16.33 -32.59 -57.38
CA GLU E 828 -15.94 -33.98 -57.14
C GLU E 828 -17.01 -34.96 -57.63
N GLU E 829 -18.26 -34.58 -57.40
CA GLU E 829 -19.41 -35.37 -57.82
C GLU E 829 -19.55 -35.36 -59.34
N ALA E 830 -19.67 -34.16 -59.92
CA ALA E 830 -19.72 -33.98 -61.37
C ALA E 830 -18.56 -34.66 -62.10
N ALA E 831 -17.45 -34.86 -61.40
CA ALA E 831 -16.30 -35.58 -61.93
C ALA E 831 -16.66 -37.01 -62.38
N GLU E 832 -16.99 -37.88 -61.43
CA GLU E 832 -17.40 -39.27 -61.74
C GLU E 832 -18.67 -39.35 -62.64
N PHE E 833 -19.48 -38.29 -62.66
CA PHE E 833 -20.62 -38.19 -63.59
C PHE E 833 -20.21 -37.89 -65.03
N PHE E 834 -19.05 -37.26 -65.24
CA PHE E 834 -18.57 -36.97 -66.60
C PHE E 834 -17.34 -37.76 -67.02
N GLU E 835 -16.96 -38.77 -66.22
CA GLU E 835 -15.85 -39.70 -66.55
C GLU E 835 -15.88 -40.08 -68.05
N PRO E 836 -17.06 -40.44 -68.61
CA PRO E 836 -17.25 -40.67 -70.07
C PRO E 836 -16.68 -39.60 -70.97
N ILE E 837 -17.19 -38.37 -70.87
CA ILE E 837 -16.75 -37.32 -71.76
C ILE E 837 -15.42 -36.77 -71.25
N ALA E 838 -14.32 -37.33 -71.75
CA ALA E 838 -12.98 -36.94 -71.26
C ALA E 838 -12.62 -35.52 -71.68
N GLY E 839 -13.34 -34.98 -72.66
CA GLY E 839 -13.17 -33.56 -73.08
C GLY E 839 -13.55 -32.57 -71.97
N VAL E 840 -14.50 -33.00 -71.15
CA VAL E 840 -15.00 -32.26 -69.99
C VAL E 840 -14.27 -32.70 -68.71
N HIS E 841 -14.05 -34.00 -68.57
CA HIS E 841 -13.38 -34.57 -67.41
C HIS E 841 -12.00 -33.96 -67.09
N ARG E 842 -11.24 -33.54 -68.10
CA ARG E 842 -9.92 -32.90 -67.88
C ARG E 842 -10.01 -31.74 -66.89
N TYR E 843 -10.84 -30.75 -67.22
CA TYR E 843 -11.08 -29.56 -66.40
C TYR E 843 -11.40 -29.94 -64.98
N LEU E 844 -12.28 -30.94 -64.84
CA LEU E 844 -12.79 -31.37 -63.55
C LEU E 844 -11.75 -32.11 -62.74
N ARG E 845 -10.90 -32.90 -63.39
CA ARG E 845 -9.86 -33.57 -62.65
C ARG E 845 -8.95 -32.54 -62.00
N THR E 846 -8.46 -31.58 -62.78
CA THR E 846 -7.55 -30.56 -62.23
C THR E 846 -8.18 -29.78 -61.07
N LEU E 847 -9.48 -29.45 -61.19
CA LEU E 847 -10.20 -28.80 -60.09
C LEU E 847 -10.21 -29.65 -58.84
N VAL E 848 -10.46 -30.94 -59.01
CA VAL E 848 -10.38 -31.87 -57.89
C VAL E 848 -8.94 -31.95 -57.37
N ASP E 849 -7.96 -31.98 -58.28
CA ASP E 849 -6.51 -32.04 -57.95
C ASP E 849 -6.02 -30.83 -57.14
N VAL E 850 -6.61 -29.70 -57.44
CA VAL E 850 -6.31 -28.44 -56.81
C VAL E 850 -6.99 -28.35 -55.43
N GLY E 851 -7.84 -29.33 -55.10
CA GLY E 851 -8.51 -29.41 -53.79
C GLY E 851 -9.97 -28.98 -53.74
N LEU E 852 -10.37 -28.16 -54.72
CA LEU E 852 -11.73 -27.65 -54.86
C LEU E 852 -12.79 -28.69 -55.23
N GLY E 853 -12.50 -29.99 -55.07
CA GLY E 853 -13.53 -31.04 -55.27
C GLY E 853 -14.93 -30.73 -54.72
N TYR E 854 -14.97 -30.22 -53.48
CA TYR E 854 -16.21 -29.89 -52.75
C TYR E 854 -17.04 -28.75 -53.32
N VAL E 855 -16.45 -27.87 -54.13
CA VAL E 855 -17.15 -26.68 -54.64
C VAL E 855 -18.24 -27.05 -55.66
N ARG E 856 -19.38 -26.36 -55.58
CA ARG E 856 -20.45 -26.62 -56.53
C ARG E 856 -20.15 -26.00 -57.89
N LEU E 857 -20.24 -26.84 -58.91
CA LEU E 857 -19.97 -26.44 -60.29
C LEU E 857 -20.40 -25.03 -60.65
N GLY E 858 -21.65 -24.71 -60.36
CA GLY E 858 -22.17 -23.41 -60.74
C GLY E 858 -22.34 -22.48 -59.57
N GLN E 859 -21.47 -22.61 -58.57
CA GLN E 859 -21.59 -21.84 -57.36
C GLN E 859 -21.20 -20.38 -57.56
N PRO E 860 -22.13 -19.43 -57.34
CA PRO E 860 -21.90 -18.04 -57.69
C PRO E 860 -20.54 -17.55 -57.23
N ALA E 861 -19.84 -16.86 -58.11
CA ALA E 861 -18.48 -16.41 -57.86
C ALA E 861 -18.27 -15.59 -56.57
N PRO E 862 -19.25 -14.70 -56.22
CA PRO E 862 -19.16 -13.92 -55.00
C PRO E 862 -19.06 -14.75 -53.74
N THR E 863 -19.52 -16.00 -53.75
CA THR E 863 -19.40 -16.82 -52.54
C THR E 863 -18.09 -17.63 -52.43
N LEU E 864 -17.09 -17.28 -53.23
CA LEU E 864 -15.83 -17.99 -53.14
C LEU E 864 -14.87 -17.24 -52.22
N SER E 865 -14.09 -17.98 -51.42
CA SER E 865 -13.03 -17.40 -50.60
C SER E 865 -11.86 -17.07 -51.50
N GLY E 866 -11.21 -15.95 -51.26
CA GLY E 866 -10.07 -15.52 -52.07
C GLY E 866 -9.13 -16.66 -52.41
N GLY E 867 -9.03 -17.63 -51.49
CA GLY E 867 -8.20 -18.81 -51.66
C GLY E 867 -8.81 -19.72 -52.70
N GLU E 868 -10.12 -19.95 -52.58
CA GLU E 868 -10.86 -20.76 -53.53
C GLU E 868 -10.75 -20.16 -54.91
N ALA E 869 -11.05 -18.87 -55.00
CA ALA E 869 -10.91 -18.14 -56.25
C ALA E 869 -9.52 -18.31 -56.82
N GLN E 870 -8.50 -18.06 -56.00
CA GLN E 870 -7.10 -18.28 -56.39
C GLN E 870 -6.96 -19.70 -56.92
N ARG E 871 -7.33 -20.69 -56.11
CA ARG E 871 -7.23 -22.08 -56.50
C ARG E 871 -7.94 -22.46 -57.79
N VAL E 872 -9.04 -21.78 -58.10
CA VAL E 872 -9.74 -22.05 -59.34
C VAL E 872 -8.91 -21.60 -60.52
N LYS E 873 -8.50 -20.34 -60.51
CA LYS E 873 -7.60 -19.80 -61.50
C LYS E 873 -6.42 -20.75 -61.69
N LEU E 874 -5.89 -21.27 -60.57
CA LEU E 874 -4.80 -22.25 -60.60
C LEU E 874 -5.17 -23.48 -61.43
N ALA E 875 -6.40 -23.97 -61.27
CA ALA E 875 -6.86 -25.13 -62.03
C ALA E 875 -7.10 -24.85 -63.52
N SER E 876 -7.14 -23.59 -63.92
CA SER E 876 -7.26 -23.26 -65.33
C SER E 876 -5.95 -23.51 -66.01
N GLU E 877 -4.84 -23.12 -65.39
CA GLU E 877 -3.52 -23.31 -66.00
C GLU E 877 -3.02 -24.71 -65.89
N LEU E 878 -3.47 -25.42 -64.86
CA LEU E 878 -3.26 -26.86 -64.78
C LEU E 878 -3.92 -27.54 -66.00
N GLN E 879 -5.05 -26.97 -66.40
CA GLN E 879 -5.77 -27.34 -67.59
C GLN E 879 -5.09 -26.68 -68.82
N LYS E 880 -3.86 -27.11 -69.09
CA LYS E 880 -3.05 -26.65 -70.23
C LYS E 880 -1.76 -27.48 -70.35
N ARG E 881 -1.07 -27.35 -71.49
CA ARG E 881 0.19 -28.06 -71.68
C ARG E 881 1.33 -27.40 -70.91
N SER E 882 1.90 -28.11 -69.93
CA SER E 882 2.96 -27.53 -69.04
C SER E 882 4.37 -27.40 -69.65
N THR E 883 4.48 -26.50 -70.64
CA THR E 883 5.72 -26.22 -71.38
C THR E 883 6.82 -25.84 -70.41
N GLY E 884 7.75 -26.79 -70.21
CA GLY E 884 8.79 -26.72 -69.18
C GLY E 884 9.49 -25.41 -68.78
N ARG E 885 9.14 -24.28 -69.42
CA ARG E 885 9.60 -22.98 -68.93
C ARG E 885 8.51 -21.88 -68.85
N THR E 886 7.59 -22.09 -67.91
CA THR E 886 6.61 -21.08 -67.51
C THR E 886 6.76 -20.79 -66.01
N VAL E 887 6.56 -19.53 -65.64
CA VAL E 887 6.78 -19.06 -64.27
C VAL E 887 5.46 -18.77 -63.53
N TYR E 888 5.32 -19.34 -62.32
CA TYR E 888 4.12 -19.18 -61.47
C TYR E 888 4.40 -18.31 -60.27
N ILE E 889 3.56 -17.30 -60.09
CA ILE E 889 3.59 -16.44 -58.91
C ILE E 889 2.37 -16.68 -58.01
N LEU E 890 2.62 -17.26 -56.85
CA LEU E 890 1.52 -17.57 -55.95
C LEU E 890 1.59 -16.74 -54.69
N ASP E 891 0.71 -15.75 -54.63
CA ASP E 891 0.63 -14.88 -53.49
C ASP E 891 -0.15 -15.58 -52.39
N GLU E 892 0.41 -15.62 -51.19
CA GLU E 892 -0.12 -16.43 -50.08
C GLU E 892 -1.03 -17.61 -50.45
N PRO E 893 -0.51 -18.58 -51.21
CA PRO E 893 -1.33 -19.69 -51.64
C PRO E 893 -1.86 -20.51 -50.47
N THR E 894 -1.17 -20.43 -49.34
CA THR E 894 -1.52 -21.17 -48.13
C THR E 894 -2.88 -20.78 -47.54
N THR E 895 -3.35 -19.56 -47.85
CA THR E 895 -4.61 -18.96 -47.35
C THR E 895 -5.81 -19.91 -47.25
N GLY E 896 -6.47 -19.88 -46.10
CA GLY E 896 -7.71 -20.65 -45.93
C GLY E 896 -7.59 -22.17 -46.03
N LEU E 897 -6.38 -22.69 -45.99
CA LEU E 897 -6.17 -24.11 -46.09
C LEU E 897 -5.83 -24.71 -44.74
N HIS E 898 -6.28 -25.93 -44.53
CA HIS E 898 -5.94 -26.76 -43.39
C HIS E 898 -4.60 -27.44 -43.67
N PHE E 899 -3.99 -28.00 -42.64
CA PHE E 899 -2.67 -28.64 -42.74
C PHE E 899 -2.60 -29.60 -43.87
N ASP E 900 -3.57 -30.51 -43.86
CA ASP E 900 -3.67 -31.52 -44.88
C ASP E 900 -3.86 -30.90 -46.25
N ASP E 901 -4.72 -29.89 -46.31
CA ASP E 901 -4.91 -29.11 -47.50
C ASP E 901 -3.60 -28.58 -48.02
N ILE E 902 -2.78 -27.99 -47.16
CA ILE E 902 -1.42 -27.54 -47.54
C ILE E 902 -0.64 -28.68 -48.19
N ARG E 903 -0.59 -29.83 -47.49
CA ARG E 903 0.09 -31.01 -47.98
C ARG E 903 -0.33 -31.37 -49.42
N LYS E 904 -1.62 -31.51 -49.67
CA LYS E 904 -2.09 -31.73 -51.05
C LYS E 904 -1.56 -30.62 -51.99
N LEU E 905 -1.80 -29.36 -51.66
CA LEU E 905 -1.32 -28.25 -52.49
C LEU E 905 0.14 -28.28 -52.83
N LEU E 906 1.00 -28.55 -51.84
CA LEU E 906 2.42 -28.59 -52.11
C LEU E 906 2.78 -29.59 -53.22
N ASN E 907 2.11 -30.75 -53.25
CA ASN E 907 2.31 -31.72 -54.31
C ASN E 907 1.99 -31.14 -55.68
N VAL E 908 0.87 -30.44 -55.78
CA VAL E 908 0.53 -29.75 -57.00
C VAL E 908 1.69 -28.84 -57.43
N ILE E 909 2.34 -28.23 -56.46
CA ILE E 909 3.40 -27.30 -56.75
C ILE E 909 4.66 -28.03 -57.18
N ASN E 910 5.13 -28.98 -56.37
CA ASN E 910 6.28 -29.79 -56.78
C ASN E 910 6.08 -30.40 -58.15
N GLY E 911 4.91 -30.98 -58.38
CA GLY E 911 4.48 -31.38 -59.72
C GLY E 911 4.86 -30.32 -60.74
N LEU E 912 4.26 -29.16 -60.62
CA LEU E 912 4.61 -28.01 -61.45
C LEU E 912 6.11 -27.76 -61.64
N VAL E 913 6.86 -27.76 -60.55
CA VAL E 913 8.28 -27.43 -60.59
C VAL E 913 9.07 -28.57 -61.21
N ASP E 914 8.61 -29.81 -61.02
CA ASP E 914 9.28 -30.99 -61.58
C ASP E 914 9.23 -31.04 -63.10
N LYS E 915 8.23 -30.40 -63.72
CA LYS E 915 8.24 -30.21 -65.18
C LYS E 915 9.30 -29.16 -65.54
N GLY E 916 10.10 -28.78 -64.55
CA GLY E 916 11.09 -27.71 -64.67
C GLY E 916 10.48 -26.32 -64.75
N ASN E 917 9.30 -26.11 -64.18
CA ASN E 917 8.68 -24.79 -64.15
C ASN E 917 9.12 -24.02 -62.92
N THR E 918 9.19 -22.69 -63.05
CA THR E 918 9.60 -21.83 -61.93
C THR E 918 8.38 -21.40 -61.10
N VAL E 919 8.43 -21.65 -59.80
CA VAL E 919 7.36 -21.26 -58.90
C VAL E 919 7.88 -20.41 -57.73
N ILE E 920 7.37 -19.18 -57.68
CA ILE E 920 7.66 -18.22 -56.65
C ILE E 920 6.42 -17.92 -55.82
N VAL E 921 6.63 -17.87 -54.53
CA VAL E 921 5.56 -17.91 -53.56
C VAL E 921 5.80 -16.91 -52.41
N ILE E 922 4.82 -16.06 -52.10
CA ILE E 922 4.93 -15.18 -50.93
C ILE E 922 4.28 -15.87 -49.73
N GLU E 923 5.04 -16.12 -48.67
CA GLU E 923 4.49 -16.94 -47.59
C GLU E 923 4.98 -16.61 -46.20
N HIS E 924 4.08 -16.86 -45.26
CA HIS E 924 4.40 -16.91 -43.86
C HIS E 924 4.28 -18.33 -43.32
N ASN E 925 3.65 -19.24 -44.06
CA ASN E 925 3.48 -20.59 -43.57
C ASN E 925 4.76 -21.42 -43.47
N LEU E 926 5.08 -21.92 -42.28
CA LEU E 926 6.36 -22.62 -42.09
C LEU E 926 6.54 -23.77 -43.03
N ASP E 927 5.63 -24.74 -42.99
CA ASP E 927 5.72 -25.87 -43.89
C ASP E 927 6.13 -25.43 -45.27
N VAL E 928 5.34 -24.53 -45.84
CA VAL E 928 5.61 -24.08 -47.19
C VAL E 928 7.01 -23.51 -47.32
N ILE E 929 7.45 -22.76 -46.32
CA ILE E 929 8.79 -22.21 -46.35
C ILE E 929 9.82 -23.33 -46.24
N LYS E 930 9.66 -24.15 -45.23
CA LYS E 930 10.64 -25.20 -44.96
C LYS E 930 10.70 -26.19 -46.07
N THR E 931 9.81 -26.07 -47.03
CA THR E 931 9.78 -26.98 -48.16
C THR E 931 10.50 -26.37 -49.35
N SER E 932 10.40 -25.06 -49.50
CA SER E 932 11.00 -24.35 -50.61
C SER E 932 12.47 -24.66 -50.69
N ASP E 933 13.03 -24.52 -51.89
CA ASP E 933 14.45 -24.76 -52.11
C ASP E 933 15.28 -23.51 -51.93
N TRP E 934 14.61 -22.37 -51.99
CA TRP E 934 15.28 -21.12 -51.88
C TRP E 934 14.32 -20.17 -51.25
N ILE E 935 14.79 -19.36 -50.31
CA ILE E 935 13.92 -18.31 -49.75
C ILE E 935 14.61 -16.97 -49.78
N ILE E 936 13.81 -15.91 -49.97
CA ILE E 936 14.30 -14.55 -49.96
C ILE E 936 13.58 -13.81 -48.83
N ASP E 937 14.33 -13.50 -47.76
CA ASP E 937 13.77 -12.89 -46.57
C ASP E 937 13.95 -11.39 -46.58
N LEU E 938 12.84 -10.67 -46.64
CA LEU E 938 12.84 -9.20 -46.62
C LEU E 938 12.63 -8.64 -45.24
N GLY E 939 13.24 -7.49 -44.98
CA GLY E 939 13.09 -6.84 -43.69
C GLY E 939 14.07 -5.70 -43.53
N PRO E 940 14.48 -5.42 -42.27
CA PRO E 940 14.19 -6.29 -41.14
C PRO E 940 12.76 -6.10 -40.65
N GLU E 941 12.32 -4.85 -40.49
CA GLU E 941 10.95 -4.55 -40.03
C GLU E 941 9.98 -4.22 -41.16
N GLY E 942 8.82 -3.68 -40.79
CA GLY E 942 7.82 -3.23 -41.77
C GLY E 942 7.98 -1.76 -42.12
N GLY E 943 7.40 -1.34 -43.25
CA GLY E 943 7.48 0.04 -43.74
C GLY E 943 8.91 0.53 -43.73
N ALA E 944 9.12 1.70 -43.16
CA ALA E 944 10.39 2.39 -43.20
C ALA E 944 11.62 1.52 -42.94
N GLY E 945 11.58 0.75 -41.87
CA GLY E 945 12.63 -0.23 -41.61
C GLY E 945 12.24 -1.45 -42.38
N GLY E 946 13.12 -1.99 -43.19
CA GLY E 946 12.68 -2.98 -44.16
C GLY E 946 12.81 -2.50 -45.58
N GLY E 947 12.38 -3.34 -46.51
CA GLY E 947 12.62 -3.11 -47.90
C GLY E 947 14.07 -3.40 -48.19
N THR E 948 14.63 -4.28 -47.37
CA THR E 948 15.97 -4.78 -47.60
C THR E 948 15.97 -6.31 -47.54
N VAL E 949 17.01 -6.96 -48.04
CA VAL E 949 17.04 -8.41 -47.99
C VAL E 949 17.77 -8.86 -46.75
N VAL E 950 17.01 -9.27 -45.75
CA VAL E 950 17.59 -9.71 -44.48
C VAL E 950 18.44 -10.99 -44.62
N ALA E 951 18.05 -11.88 -45.52
CA ALA E 951 18.84 -13.09 -45.77
C ALA E 951 18.29 -13.75 -47.01
N GLN E 952 19.08 -14.59 -47.65
CA GLN E 952 18.56 -15.41 -48.74
C GLN E 952 19.38 -16.68 -48.83
N GLY E 953 18.84 -17.70 -49.47
CA GLY E 953 19.50 -19.00 -49.49
C GLY E 953 18.52 -20.15 -49.31
N THR E 954 19.05 -21.32 -48.95
CA THR E 954 18.20 -22.44 -48.60
C THR E 954 17.67 -22.21 -47.20
N PRO E 955 16.50 -22.81 -46.89
CA PRO E 955 16.00 -22.81 -45.51
C PRO E 955 17.10 -23.01 -44.48
N GLU E 956 17.98 -23.97 -44.75
CA GLU E 956 19.09 -24.27 -43.89
C GLU E 956 19.98 -23.05 -43.72
N ASP E 957 20.24 -22.37 -44.84
CA ASP E 957 21.05 -21.16 -44.82
C ASP E 957 20.39 -20.09 -44.00
N VAL E 958 19.07 -19.96 -44.17
CA VAL E 958 18.35 -18.82 -43.61
C VAL E 958 18.13 -19.02 -42.13
N ALA E 959 17.83 -20.24 -41.74
CA ALA E 959 17.77 -20.59 -40.33
C ALA E 959 19.10 -20.23 -39.67
N ALA E 960 20.16 -20.19 -40.46
CA ALA E 960 21.51 -19.87 -39.97
C ALA E 960 21.74 -18.40 -39.73
N VAL E 961 21.06 -17.54 -40.48
CA VAL E 961 21.19 -16.11 -40.29
C VAL E 961 20.44 -15.64 -39.02
N PRO E 962 21.20 -15.25 -37.99
CA PRO E 962 20.56 -15.00 -36.70
C PRO E 962 19.69 -13.74 -36.75
N ALA E 963 20.05 -12.84 -37.67
CA ALA E 963 19.39 -11.58 -37.86
C ALA E 963 18.02 -11.74 -38.53
N SER E 964 17.79 -12.90 -39.12
CA SER E 964 16.51 -13.15 -39.78
C SER E 964 15.46 -13.69 -38.81
N TYR E 965 14.27 -13.07 -38.83
CA TYR E 965 13.11 -13.53 -38.04
C TYR E 965 12.56 -14.83 -38.57
N THR E 966 12.46 -14.94 -39.90
CA THR E 966 12.06 -16.17 -40.54
C THR E 966 13.05 -17.25 -40.17
N GLY E 967 14.34 -16.92 -40.23
CA GLY E 967 15.43 -17.78 -39.73
C GLY E 967 15.25 -18.32 -38.31
N LYS E 968 14.91 -17.45 -37.38
CA LYS E 968 14.63 -17.84 -36.01
C LYS E 968 13.68 -19.01 -35.94
N PHE E 969 12.55 -18.91 -36.64
CA PHE E 969 11.49 -19.91 -36.54
C PHE E 969 11.79 -21.14 -37.32
N LEU E 970 12.38 -20.89 -38.48
CA LEU E 970 12.79 -21.91 -39.43
C LEU E 970 13.77 -22.86 -38.78
N ALA E 971 14.55 -22.31 -37.86
CA ALA E 971 15.64 -23.03 -37.21
C ALA E 971 15.16 -24.14 -36.31
N GLU E 972 14.06 -23.89 -35.61
CA GLU E 972 13.44 -24.92 -34.77
C GLU E 972 12.92 -26.11 -35.58
N VAL E 973 12.94 -26.02 -36.90
CA VAL E 973 12.45 -27.10 -37.73
C VAL E 973 13.55 -27.69 -38.63
N VAL E 974 14.72 -27.03 -38.67
CA VAL E 974 15.78 -27.43 -39.59
C VAL E 974 17.11 -27.55 -38.86
N ALA F 23 -48.50 -50.00 -12.74
CA ALA F 23 -48.68 -49.15 -11.52
C ALA F 23 -47.71 -49.54 -10.37
N ASP F 24 -47.44 -48.60 -9.46
CA ASP F 24 -46.33 -48.74 -8.51
C ASP F 24 -46.62 -48.89 -7.02
N ARG F 25 -46.43 -50.12 -6.56
CA ARG F 25 -46.34 -50.48 -5.16
C ARG F 25 -45.68 -51.84 -5.08
N LEU F 26 -45.00 -52.13 -3.99
CA LEU F 26 -44.41 -53.44 -3.81
C LEU F 26 -45.42 -54.36 -3.14
N ILE F 27 -45.90 -55.35 -3.87
CA ILE F 27 -46.95 -56.20 -3.33
C ILE F 27 -46.44 -57.53 -2.90
N VAL F 28 -46.62 -57.83 -1.62
CA VAL F 28 -46.14 -59.09 -1.07
C VAL F 28 -47.29 -59.89 -0.50
N LYS F 29 -47.67 -60.91 -1.26
CA LYS F 29 -48.85 -61.71 -0.97
C LYS F 29 -48.44 -62.88 -0.10
N GLY F 30 -49.08 -62.98 1.07
CA GLY F 30 -48.97 -64.16 1.92
C GLY F 30 -47.56 -64.66 2.10
N ALA F 31 -46.87 -64.12 3.11
CA ALA F 31 -45.49 -64.50 3.35
C ALA F 31 -45.40 -65.49 4.48
N ARG F 32 -44.68 -66.55 4.18
CA ARG F 32 -44.45 -67.64 5.09
C ARG F 32 -43.01 -67.95 4.93
N GLU F 33 -41.97 -68.38 6.02
CA GLU F 33 -40.59 -68.66 6.38
C GLU F 33 -40.58 -68.38 7.86
N HIS F 34 -39.84 -69.18 8.62
CA HIS F 34 -39.71 -68.95 10.05
C HIS F 34 -41.08 -68.80 10.73
N ASN F 35 -41.14 -67.83 11.63
CA ASN F 35 -42.34 -67.48 12.40
C ASN F 35 -43.53 -66.91 11.62
N LEU F 36 -43.24 -66.06 10.63
CA LEU F 36 -44.28 -65.32 9.93
C LEU F 36 -45.25 -66.20 9.14
N ARG F 37 -46.52 -65.83 9.17
CA ARG F 37 -47.57 -66.57 8.50
C ARG F 37 -48.60 -65.69 7.79
N SER F 38 -49.23 -66.24 6.76
CA SER F 38 -50.28 -65.59 5.99
C SER F 38 -50.02 -64.09 5.92
N VAL F 39 -48.76 -63.71 5.79
CA VAL F 39 -48.40 -62.30 5.75
C VAL F 39 -48.88 -61.63 4.47
N ASP F 40 -49.39 -60.41 4.60
CA ASP F 40 -49.79 -59.64 3.43
C ASP F 40 -49.25 -58.23 3.58
N LEU F 41 -48.74 -57.68 2.47
CA LEU F 41 -48.15 -56.35 2.46
C LEU F 41 -48.34 -55.60 1.15
N ASP F 42 -48.60 -54.31 1.29
CA ASP F 42 -48.65 -53.41 0.17
C ASP F 42 -48.05 -52.08 0.56
N LEU F 43 -46.78 -51.91 0.18
CA LEU F 43 -45.94 -50.80 0.55
C LEU F 43 -45.63 -50.02 -0.70
N PRO F 44 -45.41 -48.71 -0.55
CA PRO F 44 -45.21 -47.84 -1.71
C PRO F 44 -43.87 -48.09 -2.33
N ARG F 45 -43.82 -48.16 -3.65
CA ARG F 45 -42.53 -48.13 -4.32
C ARG F 45 -41.95 -46.71 -4.49
N ASP F 46 -40.66 -46.60 -4.79
CA ASP F 46 -39.95 -45.30 -4.80
C ASP F 46 -40.07 -44.49 -3.47
N ALA F 47 -39.79 -45.16 -2.35
CA ALA F 47 -39.92 -44.59 -0.99
C ALA F 47 -38.89 -45.12 0.03
N LEU F 48 -39.09 -44.80 1.31
CA LEU F 48 -38.24 -45.33 2.38
C LEU F 48 -39.07 -46.10 3.41
N ILE F 49 -39.39 -47.33 3.06
CA ILE F 49 -40.08 -48.25 3.96
C ILE F 49 -39.12 -48.52 5.09
N VAL F 50 -39.61 -48.84 6.28
CA VAL F 50 -38.71 -49.11 7.44
C VAL F 50 -39.23 -50.11 8.48
N PHE F 51 -38.85 -51.36 8.35
CA PHE F 51 -39.26 -52.36 9.33
C PHE F 51 -38.76 -51.98 10.71
N THR F 52 -39.55 -52.33 11.72
CA THR F 52 -39.26 -52.05 13.14
C THR F 52 -39.82 -53.16 14.05
N GLY F 53 -39.72 -52.96 15.37
CA GLY F 53 -40.30 -53.87 16.33
C GLY F 53 -39.28 -54.70 17.11
N LEU F 54 -39.77 -55.75 17.75
CA LEU F 54 -38.97 -56.55 18.66
C LEU F 54 -37.94 -57.41 17.99
N SER F 55 -37.08 -58.02 18.81
CA SER F 55 -35.81 -58.59 18.40
C SER F 55 -35.82 -59.52 17.17
N GLY F 56 -35.36 -58.97 16.03
CA GLY F 56 -35.13 -59.67 14.73
C GLY F 56 -36.37 -60.31 14.19
N SER F 57 -37.48 -60.01 14.91
CA SER F 57 -38.71 -60.86 15.27
C SER F 57 -39.58 -61.47 14.17
N GLY F 58 -39.43 -60.88 12.98
CA GLY F 58 -39.71 -61.51 11.70
C GLY F 58 -38.91 -60.66 10.72
N LYS F 59 -38.54 -59.46 11.12
CA LYS F 59 -38.07 -58.44 10.19
C LYS F 59 -36.93 -58.81 9.25
N SER F 60 -35.93 -59.54 9.72
CA SER F 60 -34.86 -59.97 8.81
C SER F 60 -35.43 -60.90 7.74
N SER F 61 -36.37 -61.74 8.17
CA SER F 61 -37.00 -62.81 7.40
C SER F 61 -37.82 -62.27 6.28
N LEU F 62 -38.58 -61.23 6.61
CA LEU F 62 -39.43 -60.56 5.67
C LEU F 62 -38.64 -59.76 4.62
N ALA F 63 -37.73 -58.90 5.09
CA ALA F 63 -36.99 -57.98 4.21
C ALA F 63 -35.87 -58.67 3.48
N PHE F 64 -35.12 -59.47 4.22
CA PHE F 64 -33.87 -60.03 3.74
C PHE F 64 -34.08 -61.41 3.18
N ASP F 65 -34.60 -62.29 4.03
CA ASP F 65 -34.88 -63.66 3.68
C ASP F 65 -35.91 -63.66 2.58
N THR F 66 -37.04 -63.02 2.83
CA THR F 66 -38.12 -62.97 1.85
C THR F 66 -37.88 -61.97 0.71
N ILE F 67 -38.11 -60.68 0.97
CA ILE F 67 -38.18 -59.67 -0.10
C ILE F 67 -36.86 -59.57 -0.88
N PHE F 68 -35.79 -59.31 -0.15
CA PHE F 68 -34.52 -59.10 -0.80
C PHE F 68 -34.24 -60.32 -1.64
N ALA F 69 -34.23 -61.47 -0.98
CA ALA F 69 -33.91 -62.78 -1.58
C ALA F 69 -34.54 -62.86 -2.97
N GLU F 70 -35.82 -62.51 -3.02
CA GLU F 70 -36.63 -62.57 -4.23
C GLU F 70 -36.19 -61.55 -5.27
N GLY F 71 -35.78 -60.37 -4.80
CA GLY F 71 -35.33 -59.31 -5.70
C GLY F 71 -34.21 -59.89 -6.50
N GLN F 72 -33.20 -60.35 -5.75
CA GLN F 72 -32.03 -61.01 -6.29
C GLN F 72 -32.43 -62.18 -7.18
N ARG F 73 -33.01 -63.19 -6.56
CA ARG F 73 -33.35 -64.46 -7.21
C ARG F 73 -33.96 -64.23 -8.57
N ARG F 74 -34.97 -63.37 -8.59
CA ARG F 74 -35.69 -63.05 -9.82
C ARG F 74 -34.89 -62.27 -10.81
N TYR F 75 -34.01 -61.38 -10.35
CA TYR F 75 -33.23 -60.61 -11.33
C TYR F 75 -32.23 -61.48 -12.04
N VAL F 76 -31.47 -62.22 -11.24
CA VAL F 76 -30.43 -63.10 -11.73
C VAL F 76 -31.01 -63.98 -12.82
N GLU F 77 -31.92 -64.85 -12.40
CA GLU F 77 -32.56 -65.79 -13.31
C GLU F 77 -32.87 -65.19 -14.68
N SER F 78 -33.42 -63.99 -14.70
CA SER F 78 -33.92 -63.36 -15.92
C SER F 78 -32.82 -63.17 -16.97
N LEU F 79 -31.56 -63.26 -16.55
CA LEU F 79 -30.43 -62.88 -17.41
C LEU F 79 -30.06 -63.61 -18.71
N SER F 80 -29.95 -64.94 -18.72
CA SER F 80 -29.56 -65.62 -19.96
C SER F 80 -29.93 -67.10 -20.09
N ALA F 81 -28.95 -67.98 -19.87
CA ALA F 81 -29.19 -69.43 -20.02
C ALA F 81 -29.25 -70.15 -18.68
N TYR F 82 -28.09 -70.44 -18.08
CA TYR F 82 -28.11 -71.08 -16.76
C TYR F 82 -28.14 -70.06 -15.63
N PHE F 86 -25.82 -70.78 -9.28
CA PHE F 86 -26.33 -70.97 -7.92
C PHE F 86 -27.87 -70.91 -7.77
N LEU F 87 -28.58 -70.37 -8.76
CA LEU F 87 -30.00 -69.90 -8.59
C LEU F 87 -31.11 -70.26 -9.61
N GLY F 88 -30.76 -70.84 -10.76
CA GLY F 88 -31.80 -71.23 -11.66
C GLY F 88 -32.66 -72.22 -10.88
N GLN F 89 -32.01 -73.07 -10.09
CA GLN F 89 -32.71 -74.07 -9.29
C GLN F 89 -32.70 -73.91 -7.75
N MET F 90 -32.26 -72.77 -7.20
CA MET F 90 -32.17 -72.68 -5.73
C MET F 90 -33.54 -72.48 -5.09
N ASP F 91 -33.63 -72.88 -3.83
CA ASP F 91 -34.73 -72.47 -2.98
C ASP F 91 -35.15 -71.04 -3.34
N LYS F 92 -36.44 -70.90 -3.58
CA LYS F 92 -37.06 -69.59 -3.64
C LYS F 92 -37.60 -69.37 -2.22
N PRO F 93 -38.10 -68.17 -1.93
CA PRO F 93 -38.73 -68.05 -0.62
C PRO F 93 -40.17 -68.60 -0.58
N ASP F 94 -40.71 -68.80 0.63
CA ASP F 94 -42.04 -69.38 0.84
C ASP F 94 -43.17 -68.35 0.85
N VAL F 95 -43.13 -67.43 -0.12
CA VAL F 95 -44.19 -66.42 -0.27
C VAL F 95 -45.01 -66.54 -1.58
N ASP F 96 -46.34 -66.44 -1.47
CA ASP F 96 -47.25 -66.51 -2.63
C ASP F 96 -47.07 -65.27 -3.49
N PHE F 97 -47.43 -65.31 -4.78
CA PHE F 97 -47.11 -64.15 -5.58
C PHE F 97 -46.58 -62.95 -4.85
N ILE F 98 -45.60 -62.32 -5.46
CA ILE F 98 -45.30 -60.93 -5.18
C ILE F 98 -44.99 -60.29 -6.53
N GLU F 99 -45.39 -59.04 -6.69
CA GLU F 99 -45.01 -58.27 -7.89
C GLU F 99 -44.93 -56.79 -7.55
N GLY F 100 -44.38 -56.02 -8.49
CA GLY F 100 -43.91 -54.69 -8.21
C GLY F 100 -42.62 -54.82 -7.41
N LEU F 101 -41.66 -55.54 -7.98
CA LEU F 101 -40.41 -55.77 -7.31
C LEU F 101 -39.26 -55.40 -8.22
N SER F 102 -38.35 -54.60 -7.67
CA SER F 102 -37.08 -54.22 -8.30
C SER F 102 -36.05 -55.26 -7.94
N PRO F 103 -35.06 -55.50 -8.81
CA PRO F 103 -33.97 -56.40 -8.47
C PRO F 103 -33.24 -55.84 -7.25
N ALA F 104 -33.13 -56.63 -6.19
CA ALA F 104 -32.64 -56.12 -4.89
C ALA F 104 -31.14 -56.26 -4.61
N VAL F 105 -30.66 -55.53 -3.60
CA VAL F 105 -29.27 -55.59 -3.14
C VAL F 105 -29.21 -55.29 -1.66
N SER F 106 -28.48 -56.12 -0.92
CA SER F 106 -28.47 -56.00 0.53
C SER F 106 -27.28 -55.21 1.02
N ILE F 107 -27.56 -54.22 1.87
CA ILE F 107 -26.57 -53.64 2.77
C ILE F 107 -26.88 -54.31 4.09
N ASP F 108 -26.84 -55.63 4.01
CA ASP F 108 -26.74 -56.48 5.16
C ASP F 108 -25.29 -56.37 5.59
N GLN F 109 -25.05 -56.23 6.90
CA GLN F 109 -23.68 -56.27 7.42
C GLN F 109 -23.08 -57.68 7.29
N LYS F 110 -22.60 -57.96 6.09
CA LYS F 110 -22.38 -59.31 5.63
C LYS F 110 -21.38 -60.08 6.47
N SER F 111 -20.44 -59.36 7.11
CA SER F 111 -19.28 -60.01 7.73
C SER F 111 -18.25 -58.90 7.98
N THR F 112 -17.07 -59.32 8.48
CA THR F 112 -15.80 -58.60 8.27
C THR F 112 -14.84 -59.38 7.36
N ASN F 113 -14.28 -58.69 6.38
CA ASN F 113 -13.30 -59.31 5.49
C ASN F 113 -11.93 -59.46 6.15
N ARG F 114 -11.63 -60.66 6.66
CA ARG F 114 -10.38 -60.89 7.40
C ARG F 114 -9.16 -60.75 6.50
N ASN F 115 -9.39 -60.69 5.18
CA ASN F 115 -8.33 -60.66 4.16
C ASN F 115 -7.23 -59.58 4.29
N PRO F 116 -5.98 -60.03 4.43
CA PRO F 116 -4.83 -59.22 4.82
C PRO F 116 -4.28 -58.42 3.67
N ARG F 117 -4.67 -58.80 2.48
CA ARG F 117 -4.22 -58.13 1.29
C ARG F 117 -5.16 -56.99 0.96
N SER F 118 -6.19 -56.79 1.81
CA SER F 118 -7.28 -55.79 1.59
C SER F 118 -7.35 -54.57 2.55
N THR F 119 -7.36 -53.39 1.95
CA THR F 119 -7.50 -52.11 2.66
C THR F 119 -8.72 -51.36 2.19
N VAL F 120 -9.15 -50.38 2.98
CA VAL F 120 -10.35 -49.63 2.69
C VAL F 120 -10.37 -49.29 1.21
N GLY F 121 -9.29 -48.70 0.72
CA GLY F 121 -9.21 -48.18 -0.64
C GLY F 121 -9.43 -49.19 -1.77
N THR F 122 -9.48 -50.46 -1.40
CA THR F 122 -9.46 -51.52 -2.38
C THR F 122 -10.76 -52.29 -2.39
N ILE F 123 -11.47 -52.20 -1.25
CA ILE F 123 -12.88 -52.59 -1.11
C ILE F 123 -13.75 -51.59 -1.83
N THR F 124 -13.50 -50.33 -1.54
CA THR F 124 -14.18 -49.23 -2.17
C THR F 124 -13.75 -49.09 -3.61
N GLU F 125 -12.57 -49.63 -3.89
CA GLU F 125 -11.97 -49.59 -5.20
C GLU F 125 -11.58 -48.18 -5.61
N VAL F 126 -11.43 -47.32 -4.61
CA VAL F 126 -10.83 -46.00 -4.81
C VAL F 126 -9.35 -46.11 -5.18
N TYR F 127 -8.66 -47.09 -4.58
CA TYR F 127 -7.22 -47.33 -4.82
C TYR F 127 -6.95 -47.76 -6.26
N ASP F 128 -7.89 -48.51 -6.81
CA ASP F 128 -7.83 -48.95 -8.18
C ASP F 128 -7.78 -47.72 -9.05
N TYR F 129 -8.82 -46.89 -8.93
CA TYR F 129 -8.87 -45.61 -9.61
C TYR F 129 -7.59 -44.84 -9.27
N LEU F 130 -7.35 -44.59 -7.98
CA LEU F 130 -6.13 -43.93 -7.49
C LEU F 130 -4.80 -44.61 -7.91
N ARG F 131 -4.90 -45.61 -8.77
CA ARG F 131 -3.75 -46.13 -9.49
C ARG F 131 -3.77 -45.65 -10.92
N LEU F 132 -4.90 -45.83 -11.61
CA LEU F 132 -5.05 -45.27 -12.95
C LEU F 132 -4.49 -43.86 -12.94
N LEU F 133 -4.96 -43.05 -11.99
CA LEU F 133 -4.64 -41.64 -11.93
C LEU F 133 -3.13 -41.39 -12.00
N TYR F 134 -2.38 -42.18 -11.23
CA TYR F 134 -0.91 -42.04 -11.10
C TYR F 134 -0.14 -42.37 -12.37
N ALA F 135 -0.60 -43.44 -13.03
CA ALA F 135 -0.09 -43.93 -14.29
C ALA F 135 -0.11 -42.84 -15.35
N ARG F 136 -0.74 -41.72 -15.02
CA ARG F 136 -0.95 -40.65 -15.98
C ARG F 136 -0.37 -39.31 -15.54
N ALA F 137 -0.64 -38.90 -14.30
CA ALA F 137 -0.20 -37.59 -13.79
C ALA F 137 1.06 -37.62 -12.91
N GLY F 138 1.95 -36.67 -13.20
CA GLY F 138 3.23 -36.38 -12.47
C GLY F 138 4.14 -37.52 -12.04
N THR F 139 5.31 -37.65 -12.67
CA THR F 139 6.32 -38.68 -12.29
C THR F 139 7.39 -38.09 -11.31
N PRO F 140 8.58 -38.74 -11.09
CA PRO F 140 9.49 -38.29 -9.98
C PRO F 140 9.88 -36.80 -9.98
N GLY F 331 10.75 -65.05 38.38
CA GLY F 331 9.80 -65.54 37.37
C GLY F 331 9.69 -64.76 36.05
N ALA F 332 10.69 -63.91 35.79
CA ALA F 332 10.65 -62.77 34.81
C ALA F 332 10.06 -62.95 33.36
N VAL F 333 10.75 -63.65 32.45
CA VAL F 333 10.22 -63.93 31.09
C VAL F 333 8.85 -64.62 31.11
N ALA F 334 8.03 -64.33 30.11
CA ALA F 334 6.63 -64.78 30.08
C ALA F 334 6.32 -66.16 29.43
N PRO F 335 6.89 -66.46 28.23
CA PRO F 335 6.61 -67.79 27.62
C PRO F 335 7.34 -68.93 28.33
N TRP F 336 8.22 -68.55 29.24
CA TRP F 336 8.91 -69.48 30.10
C TRP F 336 8.54 -69.07 31.53
N SER F 337 7.24 -68.85 31.74
CA SER F 337 6.80 -68.28 33.00
C SER F 337 6.32 -69.37 33.92
N ASN F 338 5.64 -70.36 33.33
CA ASN F 338 4.93 -71.36 34.13
C ASN F 338 5.17 -72.85 33.84
N GLY F 339 5.47 -73.59 34.92
CA GLY F 339 5.61 -75.06 34.94
C GLY F 339 7.01 -75.49 35.31
N HIS F 340 7.30 -76.78 35.13
CA HIS F 340 8.68 -77.23 34.99
C HIS F 340 9.12 -76.80 33.62
N THR F 341 8.27 -77.10 32.65
CA THR F 341 8.39 -76.61 31.28
C THR F 341 8.77 -75.11 31.23
N ALA F 342 8.90 -74.54 32.42
CA ALA F 342 9.40 -73.18 32.57
C ALA F 342 10.44 -73.08 33.69
N GLU F 343 10.31 -73.94 34.70
CA GLU F 343 11.36 -74.07 35.73
C GLU F 343 12.72 -74.35 35.07
N TYR F 344 12.67 -75.19 34.04
CA TYR F 344 13.82 -75.57 33.24
C TYR F 344 14.60 -74.37 32.67
N PHE F 345 13.88 -73.41 32.10
CA PHE F 345 14.51 -72.25 31.45
C PHE F 345 15.18 -71.31 32.45
N THR F 346 14.65 -71.22 33.68
CA THR F 346 15.20 -70.32 34.68
C THR F 346 16.64 -70.76 34.95
N ARG F 347 16.84 -72.06 34.74
CA ARG F 347 18.13 -72.77 34.84
C ARG F 347 19.04 -72.56 33.63
N MET F 348 18.42 -72.53 32.45
CA MET F 348 19.10 -72.18 31.23
C MET F 348 19.69 -70.78 31.26
N MET F 349 19.01 -69.83 31.89
CA MET F 349 19.53 -68.46 32.05
C MET F 349 20.60 -68.43 33.12
N ALA F 350 20.50 -69.35 34.08
CA ALA F 350 21.60 -69.62 35.02
C ALA F 350 22.91 -69.80 34.25
N GLY F 351 22.82 -70.56 33.15
CA GLY F 351 23.97 -70.86 32.29
C GLY F 351 24.69 -69.64 31.78
N LEU F 352 23.95 -68.74 31.15
CA LEU F 352 24.50 -67.47 30.71
C LEU F 352 24.82 -66.61 31.94
N GLY F 353 24.21 -66.95 33.06
CA GLY F 353 24.47 -66.31 34.38
C GLY F 353 25.94 -66.10 34.69
N GLU F 354 26.74 -67.08 34.26
CA GLU F 354 28.19 -66.98 34.22
C GLU F 354 28.53 -66.38 32.88
N ALA F 355 28.45 -67.25 31.87
CA ALA F 355 28.86 -66.99 30.50
C ALA F 355 28.85 -65.52 30.10
N LEU F 356 27.68 -64.89 30.23
CA LEU F 356 27.48 -63.49 29.87
C LEU F 356 27.37 -62.63 31.12
N GLY F 357 28.50 -62.02 31.48
CA GLY F 357 28.61 -61.07 32.58
C GLY F 357 27.64 -61.19 33.74
N PHE F 358 27.10 -60.04 34.14
CA PHE F 358 26.41 -59.86 35.45
C PHE F 358 25.06 -60.61 35.62
N ASP F 359 25.01 -61.83 35.08
CA ASP F 359 23.73 -62.43 34.86
C ASP F 359 23.00 -62.94 36.11
N VAL F 360 23.76 -63.49 37.06
CA VAL F 360 23.25 -64.01 38.36
C VAL F 360 21.70 -64.28 38.43
N ASP F 361 21.27 -65.31 37.69
CA ASP F 361 19.85 -65.73 37.48
C ASP F 361 18.80 -64.62 37.51
N THR F 362 17.49 -64.96 37.41
CA THR F 362 16.41 -63.91 37.41
C THR F 362 16.12 -63.31 38.81
N PRO F 363 16.91 -62.28 39.24
CA PRO F 363 16.30 -61.50 40.30
C PRO F 363 15.37 -60.45 39.67
N TRP F 364 15.94 -59.25 39.46
CA TRP F 364 15.24 -57.99 39.19
C TRP F 364 15.77 -57.52 37.83
N ARG F 365 14.88 -57.04 36.95
CA ARG F 365 15.27 -56.46 35.62
C ARG F 365 16.60 -55.67 35.63
N LYS F 366 17.68 -56.44 35.58
CA LYS F 366 19.03 -55.88 35.54
C LYS F 366 19.13 -55.13 34.20
N LEU F 367 18.00 -55.12 33.47
CA LEU F 367 17.83 -54.69 32.06
C LEU F 367 18.94 -55.25 31.13
N PRO F 368 19.81 -56.13 31.70
CA PRO F 368 21.28 -56.10 31.56
C PRO F 368 21.81 -55.71 30.19
N ALA F 369 22.96 -55.06 30.11
CA ALA F 369 23.36 -54.47 28.83
C ALA F 369 23.39 -55.44 27.65
N LYS F 370 23.86 -56.66 27.87
CA LYS F 370 23.88 -57.65 26.80
C LYS F 370 23.05 -58.88 27.16
N ALA F 371 22.00 -58.71 27.97
CA ALA F 371 21.32 -59.90 28.47
C ALA F 371 20.00 -60.10 27.75
N ARG F 372 19.23 -59.03 27.62
CA ARG F 372 17.96 -59.11 26.91
C ARG F 372 18.30 -59.51 25.48
N LYS F 373 19.38 -58.93 24.97
CA LYS F 373 19.87 -59.23 23.63
C LYS F 373 20.30 -60.70 23.57
N ALA F 374 20.93 -61.17 24.65
CA ALA F 374 21.43 -62.54 24.71
C ALA F 374 20.31 -63.57 24.58
N ILE F 375 19.18 -63.33 25.24
CA ILE F 375 18.06 -64.25 25.12
C ILE F 375 17.07 -63.73 24.05
N LEU F 376 17.59 -63.51 22.85
CA LEU F 376 16.75 -63.06 21.73
C LEU F 376 16.93 -63.99 20.54
N GLU F 377 17.95 -63.71 19.73
CA GLU F 377 18.28 -64.53 18.58
C GLU F 377 18.70 -65.92 19.05
N GLY F 378 19.48 -65.93 20.12
CA GLY F 378 19.96 -67.16 20.73
C GLY F 378 21.19 -66.66 21.45
N ALA F 379 22.20 -67.50 21.51
CA ALA F 379 23.47 -67.06 22.06
C ALA F 379 24.64 -67.69 21.35
N ASP F 380 24.42 -68.86 20.74
CA ASP F 380 25.52 -69.75 20.34
C ASP F 380 26.50 -69.97 21.51
N GLU F 381 25.91 -70.40 22.64
CA GLU F 381 26.64 -70.87 23.81
C GLU F 381 25.89 -72.00 24.47
N GLN F 382 26.48 -72.60 25.49
CA GLN F 382 25.87 -73.77 26.05
C GLN F 382 25.79 -73.70 27.54
N VAL F 383 24.74 -74.29 28.07
CA VAL F 383 24.60 -74.41 29.50
C VAL F 383 24.55 -75.88 29.85
N HIS F 384 25.16 -76.23 30.97
CA HIS F 384 25.03 -77.59 31.47
C HIS F 384 23.62 -77.77 31.99
N VAL F 385 23.00 -78.88 31.57
CA VAL F 385 21.65 -79.24 32.02
C VAL F 385 21.67 -80.47 32.93
N ARG F 386 21.45 -80.24 34.22
CA ARG F 386 21.19 -81.29 35.19
C ARG F 386 19.68 -81.56 35.23
N TYR F 387 19.29 -82.82 35.39
CA TYR F 387 17.89 -83.15 35.65
C TYR F 387 17.80 -84.44 36.42
N ARG F 388 16.87 -84.52 37.36
CA ARG F 388 16.61 -85.82 37.96
C ARG F 388 15.94 -86.62 36.84
N ASN F 389 15.91 -87.93 36.98
CA ASN F 389 15.56 -88.80 35.87
C ASN F 389 14.32 -89.65 36.18
N ARG F 390 13.89 -90.46 35.20
CA ARG F 390 12.58 -91.13 35.30
C ARG F 390 12.49 -92.14 36.42
N TYR F 391 13.66 -92.64 36.82
CA TYR F 391 13.77 -93.53 37.97
C TYR F 391 14.30 -92.78 39.19
N GLY F 392 14.57 -91.49 39.04
CA GLY F 392 15.04 -90.68 40.16
C GLY F 392 16.55 -90.50 40.15
N ARG F 393 17.24 -91.43 39.50
CA ARG F 393 18.68 -91.31 39.31
C ARG F 393 18.96 -90.12 38.37
N THR F 394 19.68 -89.11 38.87
CA THR F 394 20.04 -87.90 38.10
C THR F 394 20.93 -88.13 36.88
N ARG F 395 20.73 -87.36 35.80
CA ARG F 395 21.63 -87.38 34.64
C ARG F 395 21.99 -85.96 34.11
N SER F 396 22.79 -85.85 33.05
CA SER F 396 23.30 -84.56 32.52
C SER F 396 23.63 -84.57 31.03
N TYR F 397 23.56 -83.40 30.39
CA TYR F 397 23.99 -83.19 28.99
C TYR F 397 24.21 -81.68 28.84
N TYR F 398 25.01 -81.26 27.88
CA TYR F 398 25.23 -79.83 27.72
C TYR F 398 24.42 -79.27 26.53
N ALA F 399 23.53 -78.34 26.81
CA ALA F 399 22.51 -77.99 25.83
C ALA F 399 22.80 -76.71 25.13
N ASP F 400 22.33 -76.63 23.89
CA ASP F 400 22.72 -75.56 22.99
C ASP F 400 21.90 -74.29 23.13
N PHE F 401 22.51 -73.22 22.64
CA PHE F 401 22.16 -71.81 22.88
C PHE F 401 21.66 -71.53 24.28
N GLU F 402 21.18 -70.31 24.40
CA GLU F 402 20.09 -70.03 25.27
C GLU F 402 18.81 -70.71 24.70
N GLY F 403 18.97 -71.39 23.55
CA GLY F 403 17.89 -72.04 22.76
C GLY F 403 16.81 -71.07 22.34
N VAL F 404 17.21 -69.79 22.19
CA VAL F 404 16.43 -68.60 22.58
C VAL F 404 14.98 -68.37 22.14
N LEU F 405 14.24 -67.66 23.01
CA LEU F 405 12.78 -67.49 22.88
C LEU F 405 12.33 -66.95 21.55
N ALA F 406 12.91 -65.85 21.09
CA ALA F 406 12.60 -65.39 19.74
C ALA F 406 12.59 -66.63 18.79
N PHE F 407 13.48 -67.59 19.03
CA PHE F 407 13.48 -68.84 18.26
C PHE F 407 12.68 -69.98 18.89
N LEU F 408 12.46 -69.97 20.22
CA LEU F 408 11.56 -70.94 20.89
C LEU F 408 10.23 -70.91 20.16
N GLN F 409 9.75 -69.69 19.91
CA GLN F 409 8.49 -69.47 19.21
C GLN F 409 8.59 -69.89 17.76
N ARG F 410 9.47 -69.25 16.99
CA ARG F 410 9.57 -69.54 15.55
C ARG F 410 9.54 -71.06 15.33
N LYS F 411 10.04 -71.80 16.33
CA LYS F 411 10.04 -73.26 16.35
C LYS F 411 8.79 -73.87 17.01
N MET F 412 8.37 -73.34 18.16
CA MET F 412 7.20 -73.90 18.85
C MET F 412 5.89 -73.42 18.21
N SER F 413 5.87 -72.18 17.72
CA SER F 413 4.80 -71.70 16.82
C SER F 413 4.73 -72.61 15.61
N GLN F 414 5.76 -73.41 15.41
CA GLN F 414 5.80 -74.33 14.28
C GLN F 414 5.42 -75.80 14.62
N THR F 415 5.63 -76.26 15.85
CA THR F 415 5.36 -77.68 16.22
C THR F 415 3.92 -78.15 15.92
N GLU F 416 2.95 -77.59 16.64
CA GLU F 416 1.58 -78.09 16.66
C GLU F 416 0.72 -77.00 16.04
N SER F 417 0.17 -77.25 14.83
CA SER F 417 -0.69 -76.28 14.05
C SER F 417 -2.17 -76.26 14.53
N GLU F 418 -2.53 -75.15 15.17
CA GLU F 418 -3.21 -75.28 16.44
C GLU F 418 -4.10 -74.14 16.83
N GLN F 419 -4.66 -74.29 18.03
CA GLN F 419 -5.08 -73.18 18.83
C GLN F 419 -3.83 -72.50 19.42
N MET F 420 -2.91 -73.31 19.95
CA MET F 420 -1.64 -72.84 20.52
C MET F 420 -0.75 -72.12 19.50
N LYS F 421 -0.80 -72.54 18.23
CA LYS F 421 -0.08 -71.86 17.13
C LYS F 421 -0.34 -70.36 17.15
N GLU F 422 -1.59 -69.98 17.45
CA GLU F 422 -1.96 -68.57 17.61
C GLU F 422 -1.79 -68.13 19.10
N ARG F 423 -1.77 -69.09 20.04
CA ARG F 423 -1.62 -68.80 21.48
C ARG F 423 -0.19 -68.38 21.75
N TYR F 424 0.71 -68.90 20.92
CA TYR F 424 2.09 -68.49 20.88
C TYR F 424 2.19 -67.12 20.24
N GLU F 425 1.54 -66.96 19.09
CA GLU F 425 1.57 -65.70 18.33
C GLU F 425 1.43 -64.53 19.32
N GLY F 426 0.73 -64.79 20.43
CA GLY F 426 0.30 -63.77 21.39
C GLY F 426 1.26 -62.91 22.21
N PHE F 427 2.53 -62.84 21.83
CA PHE F 427 3.41 -61.89 22.49
C PHE F 427 3.75 -60.84 21.47
N MET F 428 3.87 -61.33 20.23
CA MET F 428 4.40 -60.55 19.16
C MET F 428 3.36 -59.73 18.45
N ARG F 429 3.75 -58.50 18.14
CA ARG F 429 2.90 -57.52 17.49
C ARG F 429 3.15 -57.53 15.98
N ASP F 430 2.36 -56.75 15.25
CA ASP F 430 2.67 -56.36 13.87
C ASP F 430 3.38 -55.02 13.91
N VAL F 431 4.48 -54.90 13.19
CA VAL F 431 5.00 -53.57 12.90
C VAL F 431 5.21 -53.40 11.40
N PRO F 432 5.44 -52.17 10.96
CA PRO F 432 5.58 -51.88 9.52
C PRO F 432 6.84 -52.49 8.94
N CYS F 433 6.73 -53.12 7.77
CA CYS F 433 7.88 -53.83 7.19
C CYS F 433 8.99 -52.91 6.69
N PRO F 434 10.24 -53.25 7.01
CA PRO F 434 11.39 -52.48 6.52
C PRO F 434 11.47 -52.54 5.00
N VAL F 435 11.22 -53.73 4.45
CA VAL F 435 11.20 -53.91 3.00
C VAL F 435 10.06 -53.09 2.43
N CYS F 436 8.94 -53.10 3.15
CA CYS F 436 7.75 -52.36 2.77
C CYS F 436 8.02 -50.86 2.77
N ALA F 437 8.78 -50.40 3.75
CA ALA F 437 9.01 -48.98 3.92
C ALA F 437 7.82 -48.43 4.66
N GLY F 438 6.96 -49.34 5.13
CA GLY F 438 5.76 -48.98 5.86
C GLY F 438 4.59 -48.69 4.95
N THR F 439 4.77 -48.92 3.65
CA THR F 439 3.66 -48.68 2.71
C THR F 439 3.28 -49.76 1.65
N ARG F 440 4.07 -50.83 1.50
CA ARG F 440 3.74 -51.96 0.60
C ARG F 440 4.28 -52.09 -0.86
N LEU F 441 4.87 -51.04 -1.42
CA LEU F 441 5.57 -51.10 -2.70
C LEU F 441 7.02 -50.64 -2.60
N LYS F 442 7.79 -50.94 -3.64
CA LYS F 442 9.17 -50.50 -3.68
C LYS F 442 9.11 -48.99 -3.67
N PRO F 443 10.08 -48.36 -3.01
CA PRO F 443 10.03 -46.92 -2.78
C PRO F 443 9.98 -46.12 -4.07
N GLU F 444 10.72 -46.53 -5.10
CA GLU F 444 10.71 -45.76 -6.35
C GLU F 444 9.29 -45.54 -6.94
N ILE F 445 8.41 -46.55 -6.83
CA ILE F 445 6.98 -46.32 -7.08
C ILE F 445 6.53 -45.22 -6.12
N LEU F 446 7.05 -45.25 -4.89
CA LEU F 446 6.85 -44.14 -3.94
C LEU F 446 7.57 -42.85 -4.30
N ALA F 447 8.19 -42.82 -5.48
CA ALA F 447 8.87 -41.63 -5.97
C ALA F 447 7.99 -40.75 -6.89
N VAL F 448 6.91 -41.34 -7.41
CA VAL F 448 6.02 -40.63 -8.30
C VAL F 448 5.07 -39.82 -7.45
N THR F 449 5.25 -38.50 -7.49
CA THR F 449 4.50 -37.55 -6.67
C THR F 449 3.30 -36.94 -7.39
N LEU F 450 2.29 -36.53 -6.62
CA LEU F 450 1.08 -35.88 -7.18
C LEU F 450 0.87 -34.44 -6.71
N ALA F 451 0.82 -33.54 -7.71
CA ALA F 451 0.79 -32.08 -7.55
C ALA F 451 -0.01 -31.53 -6.37
N GLY F 452 0.53 -31.65 -5.15
CA GLY F 452 -0.19 -31.31 -3.92
C GLY F 452 0.46 -30.22 -3.06
N GLY F 456 2.85 -34.95 -3.10
CA GLY F 456 2.97 -36.11 -2.23
C GLY F 456 2.13 -37.27 -2.73
N GLU F 457 2.77 -38.26 -3.34
CA GLU F 457 2.07 -39.44 -3.86
C GLU F 457 1.25 -40.22 -2.82
N HIS F 458 0.42 -41.12 -3.32
CA HIS F 458 -0.58 -41.76 -2.51
C HIS F 458 -0.04 -42.92 -1.80
N GLY F 459 1.18 -43.30 -2.12
CA GLY F 459 1.84 -44.33 -1.34
C GLY F 459 2.00 -43.73 0.06
N ALA F 460 2.35 -42.44 0.10
CA ALA F 460 2.60 -41.73 1.36
C ALA F 460 1.38 -40.99 1.98
N LYS F 461 0.76 -40.09 1.21
CA LYS F 461 -0.43 -39.37 1.71
C LYS F 461 -1.85 -39.68 1.16
N SER F 462 -2.02 -39.74 -0.16
CA SER F 462 -3.36 -39.88 -0.79
C SER F 462 -4.17 -41.15 -0.40
N ILE F 463 -3.64 -42.31 -0.75
CA ILE F 463 -4.25 -43.60 -0.45
C ILE F 463 -4.03 -43.92 0.99
N ALA F 464 -2.74 -44.00 1.31
CA ALA F 464 -2.19 -44.45 2.61
C ALA F 464 -2.28 -43.65 3.94
N GLU F 465 -2.01 -42.35 3.90
CA GLU F 465 -1.96 -41.56 5.14
C GLU F 465 -3.11 -40.59 5.42
N VAL F 466 -3.42 -39.75 4.43
CA VAL F 466 -4.50 -38.77 4.59
C VAL F 466 -5.83 -39.48 4.72
N CYS F 467 -6.58 -39.04 5.73
CA CYS F 467 -7.92 -39.53 6.03
C CYS F 467 -8.95 -38.95 5.05
N GLU F 468 -10.21 -39.38 5.20
CA GLU F 468 -11.30 -39.01 4.29
C GLU F 468 -11.45 -37.54 4.06
N LEU F 469 -11.56 -36.74 5.10
CA LEU F 469 -11.68 -35.30 4.90
C LEU F 469 -10.42 -34.70 4.25
N SER F 470 -9.25 -35.11 4.75
CA SER F 470 -7.96 -34.64 4.23
C SER F 470 -7.63 -35.06 2.79
N ILE F 471 -7.92 -36.32 2.49
CA ILE F 471 -7.64 -36.94 1.20
C ILE F 471 -8.59 -36.43 0.13
N ALA F 472 -9.74 -35.93 0.55
CA ALA F 472 -10.68 -35.31 -0.37
C ALA F 472 -10.15 -33.91 -0.63
N ASP F 473 -10.03 -33.10 0.41
CA ASP F 473 -9.46 -31.75 0.28
C ASP F 473 -8.24 -31.79 -0.60
N CYS F 474 -7.30 -32.70 -0.34
CA CYS F 474 -6.17 -32.81 -1.22
C CYS F 474 -6.58 -33.32 -2.59
N ALA F 475 -7.19 -34.48 -2.69
CA ALA F 475 -7.54 -34.93 -4.02
C ALA F 475 -8.33 -33.79 -4.67
N ASP F 476 -9.17 -33.13 -3.89
CA ASP F 476 -9.92 -31.97 -4.38
C ASP F 476 -9.05 -30.75 -4.77
N PHE F 477 -8.01 -30.47 -3.98
CA PHE F 477 -7.13 -29.28 -4.21
C PHE F 477 -6.66 -29.52 -5.61
N LEU F 478 -5.90 -30.61 -5.73
CA LEU F 478 -5.56 -31.28 -6.97
C LEU F 478 -6.75 -31.36 -7.94
N GLY F 484 -4.79 -30.67 -13.97
CA GLY F 484 -3.99 -29.88 -14.90
C GLY F 484 -3.83 -30.49 -16.28
N PRO F 485 -4.41 -29.85 -17.32
CA PRO F 485 -4.61 -30.19 -18.75
C PRO F 485 -3.84 -31.38 -19.40
N ARG F 486 -2.70 -31.08 -20.04
CA ARG F 486 -1.93 -32.03 -20.88
C ARG F 486 -1.93 -33.49 -20.43
N GLU F 487 -2.10 -33.65 -19.12
CA GLU F 487 -1.97 -34.92 -18.41
C GLU F 487 -3.27 -35.19 -17.65
N GLN F 488 -4.07 -34.15 -17.45
CA GLN F 488 -5.39 -34.29 -16.85
C GLN F 488 -6.35 -34.76 -17.90
N ALA F 489 -6.22 -34.18 -19.09
CA ALA F 489 -7.08 -34.54 -20.20
C ALA F 489 -7.37 -36.03 -20.18
N ILE F 490 -6.30 -36.84 -20.03
CA ILE F 490 -6.38 -38.32 -19.96
C ILE F 490 -6.87 -38.91 -18.62
N ALA F 491 -6.60 -38.22 -17.50
CA ALA F 491 -6.88 -38.78 -16.16
C ALA F 491 -7.84 -38.04 -15.19
N GLY F 492 -8.36 -36.88 -15.61
CA GLY F 492 -9.35 -36.13 -14.83
C GLY F 492 -10.70 -36.82 -14.92
N GLN F 493 -10.86 -37.54 -16.04
CA GLN F 493 -11.96 -38.48 -16.23
C GLN F 493 -12.03 -39.43 -15.03
N VAL F 494 -10.87 -39.95 -14.63
CA VAL F 494 -10.73 -40.74 -13.42
C VAL F 494 -11.16 -39.90 -12.24
N LEU F 495 -10.40 -38.85 -11.96
CA LEU F 495 -10.53 -38.01 -10.77
C LEU F 495 -11.93 -37.64 -10.23
N LYS F 496 -12.89 -37.39 -11.14
CA LYS F 496 -14.24 -37.07 -10.70
C LYS F 496 -14.65 -38.24 -9.85
N GLU F 497 -14.58 -39.41 -10.47
CA GLU F 497 -14.87 -40.70 -9.87
C GLU F 497 -14.44 -40.86 -8.41
N ILE F 498 -13.26 -40.33 -8.10
CA ILE F 498 -12.64 -40.50 -6.80
C ILE F 498 -13.29 -39.56 -5.80
N ARG F 499 -13.51 -38.32 -6.21
CA ARG F 499 -14.11 -37.32 -5.32
C ARG F 499 -15.47 -37.82 -4.91
N SER F 500 -16.18 -38.40 -5.89
CA SER F 500 -17.56 -38.89 -5.70
C SER F 500 -17.51 -39.91 -4.59
N ARG F 501 -16.72 -40.95 -4.82
CA ARG F 501 -16.39 -41.96 -3.84
C ARG F 501 -16.06 -41.35 -2.48
N LEU F 502 -15.00 -40.55 -2.40
CA LEU F 502 -14.63 -39.90 -1.15
C LEU F 502 -15.83 -39.14 -0.55
N GLY F 503 -16.50 -38.34 -1.39
CA GLY F 503 -17.71 -37.62 -1.02
C GLY F 503 -18.68 -38.43 -0.18
N PHE F 504 -18.92 -39.66 -0.61
CA PHE F 504 -19.92 -40.52 0.04
C PHE F 504 -19.43 -41.14 1.31
N LEU F 505 -18.13 -41.41 1.35
CA LEU F 505 -17.50 -41.91 2.56
C LEU F 505 -17.73 -40.90 3.66
N LEU F 506 -17.51 -39.64 3.31
CA LEU F 506 -17.80 -38.54 4.18
C LEU F 506 -19.27 -38.54 4.60
N ASP F 507 -20.13 -38.80 3.62
CA ASP F 507 -21.58 -38.78 3.79
C ASP F 507 -22.07 -39.83 4.78
N VAL F 508 -21.35 -40.93 4.82
CA VAL F 508 -21.66 -42.02 5.73
C VAL F 508 -21.02 -41.72 7.11
N GLY F 509 -20.31 -40.58 7.16
CA GLY F 509 -19.52 -40.16 8.32
C GLY F 509 -18.31 -41.05 8.50
N LEU F 510 -17.64 -41.37 7.41
CA LEU F 510 -16.42 -42.16 7.53
C LEU F 510 -15.22 -41.26 7.22
N GLU F 511 -15.32 -40.00 7.60
CA GLU F 511 -14.26 -39.00 7.40
C GLU F 511 -12.91 -39.39 8.07
N TYR F 512 -13.00 -40.03 9.24
CA TYR F 512 -11.81 -40.40 10.02
C TYR F 512 -10.92 -41.46 9.38
N LEU F 513 -11.53 -42.42 8.69
CA LEU F 513 -10.82 -43.45 7.91
C LEU F 513 -9.69 -42.97 7.00
N SER F 514 -8.70 -43.84 6.84
CA SER F 514 -7.66 -43.72 5.84
C SER F 514 -8.01 -44.68 4.73
N LEU F 515 -7.66 -44.32 3.51
CA LEU F 515 -7.90 -45.22 2.41
C LEU F 515 -7.12 -46.51 2.57
N SER F 516 -6.16 -46.55 3.49
CA SER F 516 -5.30 -47.71 3.56
C SER F 516 -5.38 -48.47 4.88
N ARG F 517 -6.26 -48.04 5.77
CA ARG F 517 -6.58 -48.87 6.94
C ARG F 517 -6.97 -50.25 6.46
N ALA F 518 -6.55 -51.28 7.21
CA ALA F 518 -6.71 -52.63 6.73
C ALA F 518 -8.13 -53.08 6.94
N ALA F 519 -8.60 -53.85 5.95
CA ALA F 519 -9.94 -54.41 5.96
C ALA F 519 -10.21 -55.02 7.32
N ALA F 520 -9.26 -55.82 7.79
CA ALA F 520 -9.35 -56.48 9.09
C ALA F 520 -9.79 -55.59 10.28
N THR F 521 -9.25 -54.39 10.35
CA THR F 521 -9.60 -53.43 11.39
C THR F 521 -11.05 -52.90 11.38
N LEU F 522 -11.78 -53.16 10.30
CA LEU F 522 -13.09 -52.54 10.12
C LEU F 522 -14.18 -53.15 11.00
N SER F 523 -14.97 -52.29 11.63
CA SER F 523 -16.21 -52.71 12.27
C SER F 523 -17.24 -52.82 11.19
N GLY F 524 -17.95 -53.96 11.17
CA GLY F 524 -19.19 -54.12 10.38
C GLY F 524 -19.90 -52.78 10.28
N GLY F 525 -20.28 -52.22 11.44
CA GLY F 525 -20.84 -50.87 11.48
C GLY F 525 -20.24 -50.10 10.33
N GLU F 526 -18.91 -50.02 10.33
CA GLU F 526 -18.17 -49.22 9.37
C GLU F 526 -18.16 -49.88 8.03
N ALA F 527 -18.15 -51.21 8.05
CA ALA F 527 -18.00 -51.99 6.84
C ALA F 527 -19.25 -51.95 5.97
N GLN F 528 -20.43 -52.07 6.58
CA GLN F 528 -21.66 -52.11 5.81
C GLN F 528 -21.91 -50.69 5.38
N ARG F 529 -21.41 -49.75 6.18
CA ARG F 529 -21.48 -48.32 5.83
C ARG F 529 -20.58 -48.00 4.63
N ILE F 530 -19.41 -48.62 4.59
CA ILE F 530 -18.57 -48.56 3.38
C ILE F 530 -19.37 -49.16 2.24
N ARG F 531 -19.86 -50.38 2.48
CA ARG F 531 -20.58 -51.13 1.46
C ARG F 531 -21.75 -50.27 0.98
N LEU F 532 -22.42 -49.62 1.91
CA LEU F 532 -23.43 -48.67 1.53
C LEU F 532 -22.89 -47.62 0.60
N ALA F 533 -21.71 -47.10 0.92
CA ALA F 533 -21.18 -45.93 0.22
C ALA F 533 -20.78 -46.30 -1.20
N THR F 534 -20.32 -47.54 -1.36
CA THR F 534 -19.99 -48.01 -2.67
C THR F 534 -21.26 -48.23 -3.47
N GLN F 535 -22.35 -48.38 -2.72
CA GLN F 535 -23.65 -48.61 -3.33
C GLN F 535 -24.14 -47.32 -3.92
N ILE F 536 -24.31 -46.33 -3.07
CA ILE F 536 -24.82 -45.05 -3.54
C ILE F 536 -23.88 -44.45 -4.60
N GLY F 537 -22.61 -44.86 -4.55
CA GLY F 537 -21.66 -44.57 -5.63
C GLY F 537 -21.91 -45.36 -6.91
N SER F 538 -22.41 -46.59 -6.74
CA SER F 538 -22.70 -47.51 -7.85
C SER F 538 -23.25 -46.80 -9.06
N GLY F 539 -24.18 -45.89 -8.82
CA GLY F 539 -24.81 -45.17 -9.92
C GLY F 539 -26.07 -45.82 -10.45
N LEU F 540 -26.44 -46.96 -9.87
CA LEU F 540 -27.67 -47.65 -10.26
C LEU F 540 -28.90 -46.92 -9.75
N VAL F 541 -30.00 -47.13 -10.48
CA VAL F 541 -31.34 -46.68 -10.11
C VAL F 541 -32.36 -47.83 -10.27
N GLY F 542 -33.62 -47.54 -9.95
CA GLY F 542 -34.70 -48.54 -10.05
C GLY F 542 -34.42 -49.81 -9.27
N VAL F 543 -33.82 -49.65 -8.09
CA VAL F 543 -33.28 -50.75 -7.33
C VAL F 543 -33.93 -50.80 -5.96
N LEU F 544 -34.16 -52.00 -5.44
CA LEU F 544 -34.61 -52.11 -4.07
C LEU F 544 -33.42 -52.36 -3.15
N TYR F 545 -32.95 -51.33 -2.45
CA TYR F 545 -31.87 -51.49 -1.49
C TYR F 545 -32.35 -51.99 -0.13
N VAL F 546 -31.73 -53.02 0.39
CA VAL F 546 -32.21 -53.62 1.65
C VAL F 546 -31.16 -53.55 2.76
N LEU F 547 -31.41 -52.73 3.77
CA LEU F 547 -30.35 -52.33 4.68
C LEU F 547 -30.56 -52.81 6.08
N ASP F 548 -29.49 -53.30 6.69
CA ASP F 548 -29.64 -53.79 8.05
C ASP F 548 -29.13 -52.78 9.07
N GLU F 549 -30.05 -52.29 9.91
CA GLU F 549 -29.78 -51.26 10.93
C GLU F 549 -28.48 -50.48 10.83
N PRO F 550 -28.36 -49.66 9.78
CA PRO F 550 -27.10 -49.13 9.27
C PRO F 550 -26.59 -47.91 10.01
N SER F 551 -27.39 -47.42 10.96
CA SER F 551 -26.96 -46.38 11.89
C SER F 551 -25.98 -46.95 12.95
N ILE F 552 -25.78 -48.28 12.94
CA ILE F 552 -24.87 -48.92 13.87
C ILE F 552 -23.45 -48.40 13.74
N GLY F 553 -22.84 -48.26 14.92
CA GLY F 553 -21.50 -47.73 15.07
C GLY F 553 -21.43 -46.22 14.87
N LEU F 554 -22.57 -45.54 14.82
CA LEU F 554 -22.58 -44.14 14.46
C LEU F 554 -23.05 -43.24 15.58
N HIS F 555 -22.42 -42.07 15.68
CA HIS F 555 -22.77 -41.13 16.74
C HIS F 555 -23.84 -40.13 16.35
N GLN F 556 -24.67 -39.75 17.32
CA GLN F 556 -25.92 -39.05 17.06
C GLN F 556 -25.76 -37.87 16.11
N ARG F 557 -24.62 -37.21 16.12
CA ARG F 557 -24.40 -36.12 15.18
C ARG F 557 -24.52 -36.61 13.72
N ASP F 558 -24.00 -37.81 13.44
CA ASP F 558 -24.01 -38.38 12.11
C ASP F 558 -25.40 -38.90 11.71
N ASN F 559 -26.35 -38.95 12.65
CA ASN F 559 -27.69 -39.51 12.39
C ASN F 559 -28.52 -38.81 11.32
N ARG F 560 -28.56 -37.48 11.34
CA ARG F 560 -29.23 -36.71 10.28
C ARG F 560 -28.24 -36.22 9.22
N ARG F 561 -27.19 -37.00 9.01
CA ARG F 561 -26.22 -36.80 7.96
C ARG F 561 -26.17 -38.04 7.10
N LEU F 562 -26.66 -39.13 7.68
CA LEU F 562 -26.74 -40.45 7.07
C LEU F 562 -28.15 -40.65 6.48
N ILE F 563 -29.15 -40.34 7.31
CA ILE F 563 -30.53 -40.19 6.89
C ILE F 563 -30.52 -39.32 5.65
N GLU F 564 -29.99 -38.11 5.80
CA GLU F 564 -29.58 -37.29 4.67
C GLU F 564 -29.15 -38.14 3.43
N THR F 565 -28.21 -39.07 3.61
CA THR F 565 -27.64 -39.79 2.47
C THR F 565 -28.50 -40.95 1.95
N LEU F 566 -29.31 -41.53 2.83
CA LEU F 566 -30.28 -42.53 2.39
C LEU F 566 -31.30 -41.88 1.46
N THR F 567 -32.15 -41.03 2.02
CA THR F 567 -33.10 -40.31 1.21
C THR F 567 -32.42 -39.91 -0.10
N ARG F 568 -31.33 -39.17 -0.04
CA ARG F 568 -30.60 -38.80 -1.25
C ARG F 568 -30.53 -39.95 -2.26
N LEU F 569 -30.29 -41.18 -1.78
CA LEU F 569 -30.30 -42.40 -2.61
C LEU F 569 -31.72 -42.70 -3.14
N ARG F 570 -32.71 -42.69 -2.23
CA ARG F 570 -34.09 -42.87 -2.63
C ARG F 570 -34.43 -41.84 -3.69
N ASP F 571 -34.27 -40.55 -3.32
CA ASP F 571 -34.74 -39.44 -4.14
C ASP F 571 -34.06 -39.48 -5.48
N LEU F 572 -32.88 -40.09 -5.50
CA LEU F 572 -32.21 -40.43 -6.76
C LEU F 572 -33.10 -41.29 -7.69
N GLY F 573 -33.96 -42.13 -7.10
CA GLY F 573 -34.93 -42.96 -7.84
C GLY F 573 -34.90 -44.46 -7.56
N ASN F 574 -34.81 -44.82 -6.29
CA ASN F 574 -34.72 -46.20 -5.85
C ASN F 574 -35.56 -46.39 -4.67
N THR F 575 -35.67 -47.61 -4.21
CA THR F 575 -36.60 -47.84 -3.14
C THR F 575 -35.88 -48.57 -1.98
N LEU F 576 -36.03 -48.04 -0.77
CA LEU F 576 -35.30 -48.57 0.36
C LEU F 576 -36.14 -49.22 1.44
N ILE F 577 -35.59 -50.32 1.99
CA ILE F 577 -36.04 -50.90 3.24
C ILE F 577 -34.87 -50.92 4.21
N VAL F 578 -35.08 -50.31 5.38
CA VAL F 578 -34.11 -50.32 6.41
C VAL F 578 -34.77 -50.95 7.58
N VAL F 579 -34.13 -51.96 8.16
CA VAL F 579 -34.58 -52.51 9.41
C VAL F 579 -33.93 -51.60 10.45
N GLU F 580 -34.69 -51.07 11.41
CA GLU F 580 -34.16 -50.05 12.34
C GLU F 580 -34.81 -50.05 13.71
N HIS F 581 -34.29 -49.21 14.62
CA HIS F 581 -35.04 -48.76 15.84
C HIS F 581 -34.65 -47.38 16.25
N ASP F 582 -33.65 -46.82 15.56
CA ASP F 582 -33.28 -45.46 15.83
C ASP F 582 -34.52 -44.63 15.49
N GLU F 583 -35.07 -43.96 16.50
CA GLU F 583 -36.18 -43.00 16.34
C GLU F 583 -35.95 -42.03 15.16
N ASP F 584 -34.91 -41.21 15.25
CA ASP F 584 -34.52 -40.37 14.14
C ASP F 584 -34.80 -40.98 12.74
N THR F 585 -34.21 -42.13 12.44
CA THR F 585 -34.48 -42.82 11.18
C THR F 585 -35.98 -42.94 10.97
N ILE F 586 -36.67 -43.63 11.88
CA ILE F 586 -38.14 -43.81 11.83
C ILE F 586 -38.91 -42.51 11.59
N GLU F 587 -38.67 -41.51 12.43
CA GLU F 587 -39.30 -40.19 12.25
C GLU F 587 -39.26 -39.84 10.77
N HIS F 588 -38.08 -39.94 10.16
CA HIS F 588 -37.90 -39.59 8.76
C HIS F 588 -38.42 -40.63 7.80
N ALA F 589 -38.54 -41.87 8.26
CA ALA F 589 -38.93 -42.96 7.38
C ALA F 589 -40.21 -42.62 6.63
N ASP F 590 -40.54 -43.42 5.63
CA ASP F 590 -41.77 -43.20 4.90
C ASP F 590 -42.88 -44.09 5.46
N TRP F 591 -42.81 -45.39 5.18
CA TRP F 591 -43.75 -46.36 5.73
C TRP F 591 -43.09 -47.09 6.87
N ILE F 592 -43.85 -47.33 7.92
CA ILE F 592 -43.36 -48.17 8.99
C ILE F 592 -43.96 -49.51 8.71
N VAL F 593 -43.44 -50.56 9.32
CA VAL F 593 -43.94 -51.90 9.07
C VAL F 593 -43.77 -52.71 10.33
N ASP F 594 -44.37 -52.23 11.42
CA ASP F 594 -44.08 -52.77 12.74
C ASP F 594 -44.41 -54.26 12.72
N ILE F 595 -43.41 -55.12 12.84
CA ILE F 595 -43.69 -56.54 13.04
C ILE F 595 -43.13 -56.80 14.42
N GLY F 596 -43.87 -56.38 15.44
CA GLY F 596 -43.52 -56.69 16.82
C GLY F 596 -44.66 -57.32 17.61
N PRO F 597 -45.28 -58.40 17.08
CA PRO F 597 -46.11 -59.17 17.99
C PRO F 597 -45.18 -60.03 18.85
N GLY F 598 -44.51 -59.39 19.81
CA GLY F 598 -43.39 -59.99 20.53
C GLY F 598 -42.29 -60.41 19.57
N ALA F 599 -41.63 -61.53 19.91
CA ALA F 599 -40.59 -62.15 19.10
C ALA F 599 -40.78 -63.66 19.05
N GLY F 600 -40.18 -64.31 18.05
CA GLY F 600 -40.24 -65.76 17.86
C GLY F 600 -41.66 -66.23 17.65
N GLU F 601 -41.86 -67.56 17.73
CA GLU F 601 -43.18 -68.20 17.56
C GLU F 601 -44.36 -67.37 18.09
N HIS F 602 -44.20 -66.80 19.29
CA HIS F 602 -45.18 -65.89 19.87
C HIS F 602 -45.66 -64.87 18.85
N GLY F 603 -44.75 -64.04 18.34
CA GLY F 603 -45.11 -62.98 17.41
C GLY F 603 -45.00 -63.29 15.93
N GLY F 604 -44.50 -62.32 15.16
CA GLY F 604 -44.15 -62.51 13.75
C GLY F 604 -45.20 -62.24 12.67
N ARG F 605 -46.30 -61.60 13.06
CA ARG F 605 -47.35 -61.24 12.11
C ARG F 605 -47.37 -59.71 12.03
N ILE F 606 -47.69 -59.15 10.86
CA ILE F 606 -47.58 -57.69 10.64
C ILE F 606 -48.46 -56.88 11.59
N VAL F 607 -47.88 -56.01 12.40
CA VAL F 607 -48.65 -55.23 13.37
C VAL F 607 -48.80 -53.78 12.91
N HIS F 608 -48.48 -53.50 11.66
CA HIS F 608 -48.62 -52.15 11.14
C HIS F 608 -48.09 -52.07 9.72
N SER F 609 -48.59 -51.07 8.98
CA SER F 609 -48.17 -50.77 7.63
C SER F 609 -48.71 -49.38 7.28
N GLY F 610 -47.89 -48.36 7.50
CA GLY F 610 -48.26 -47.01 7.13
C GLY F 610 -47.79 -45.91 8.07
N PRO F 611 -47.88 -44.65 7.60
CA PRO F 611 -47.45 -43.40 8.22
C PRO F 611 -47.12 -43.47 9.72
N TYR F 612 -46.13 -42.67 10.14
CA TYR F 612 -45.64 -42.76 11.52
C TYR F 612 -46.63 -42.16 12.55
N ASP F 613 -47.37 -41.15 12.11
CA ASP F 613 -48.52 -40.61 12.85
C ASP F 613 -49.56 -41.69 13.12
N GLU F 614 -49.91 -42.44 12.06
CA GLU F 614 -50.88 -43.53 12.18
C GLU F 614 -50.26 -44.72 12.93
N LEU F 615 -49.01 -44.55 13.34
CA LEU F 615 -48.41 -45.41 14.34
C LEU F 615 -48.48 -44.76 15.74
N LEU F 616 -48.30 -43.44 15.82
CA LEU F 616 -48.57 -42.68 17.04
C LEU F 616 -49.99 -43.06 17.53
N ARG F 617 -51.02 -42.57 16.82
CA ARG F 617 -52.45 -42.91 17.07
C ARG F 617 -52.77 -44.34 16.59
N ASN F 618 -51.91 -45.27 16.98
CA ASN F 618 -52.08 -46.68 16.69
C ASN F 618 -51.68 -47.34 17.99
N LYS F 619 -52.44 -48.37 18.35
CA LYS F 619 -52.22 -49.09 19.60
C LYS F 619 -51.78 -50.51 19.33
N ASP F 620 -51.35 -51.19 20.41
CA ASP F 620 -51.02 -52.63 20.40
C ASP F 620 -49.74 -52.88 19.58
N SER F 621 -48.89 -51.83 19.59
CA SER F 621 -47.63 -51.72 18.85
C SER F 621 -46.63 -50.96 19.71
N ILE F 622 -45.79 -51.73 20.38
CA ILE F 622 -44.74 -51.20 21.24
C ILE F 622 -44.15 -49.94 20.61
N THR F 623 -43.77 -50.07 19.34
CA THR F 623 -43.07 -49.03 18.60
C THR F 623 -43.79 -47.68 18.76
N GLY F 624 -45.11 -47.75 18.74
CA GLY F 624 -45.96 -46.56 18.72
C GLY F 624 -46.33 -46.07 20.10
N ALA F 625 -46.02 -46.87 21.10
CA ALA F 625 -46.09 -46.39 22.45
C ALA F 625 -44.78 -45.63 22.71
N TYR F 626 -43.67 -46.33 22.45
CA TYR F 626 -42.34 -45.81 22.73
C TYR F 626 -42.05 -44.52 21.97
N LEU F 627 -42.28 -44.54 20.66
CA LEU F 627 -42.03 -43.39 19.79
C LEU F 627 -42.84 -42.17 20.19
N SER F 628 -44.03 -42.42 20.71
CA SER F 628 -45.01 -41.39 21.00
C SER F 628 -44.66 -40.59 22.26
N GLY F 629 -44.26 -41.33 23.30
CA GLY F 629 -44.05 -40.78 24.63
C GLY F 629 -45.04 -41.40 25.59
N ARG F 630 -45.67 -42.49 25.17
CA ARG F 630 -46.46 -43.30 26.06
C ARG F 630 -45.46 -44.02 26.96
N GLU F 631 -44.40 -44.55 26.36
CA GLU F 631 -43.34 -45.13 27.17
C GLU F 631 -42.23 -44.10 27.36
N SER F 632 -42.24 -43.44 28.52
CA SER F 632 -41.21 -42.46 28.87
C SER F 632 -39.99 -43.20 29.42
N ILE F 633 -38.82 -42.58 29.38
CA ILE F 633 -37.66 -43.27 29.93
C ILE F 633 -37.47 -43.09 31.44
N GLU F 634 -37.04 -44.19 32.05
CA GLU F 634 -36.81 -44.30 33.49
C GLU F 634 -35.37 -43.85 33.83
N ILE F 635 -35.23 -42.61 34.31
CA ILE F 635 -33.92 -41.94 34.52
C ILE F 635 -33.73 -41.50 35.98
N PRO F 636 -33.50 -42.45 36.93
CA PRO F 636 -33.64 -42.09 38.37
C PRO F 636 -33.38 -40.60 38.70
N ALA F 637 -34.41 -39.92 39.23
CA ALA F 637 -34.42 -38.47 39.53
C ALA F 637 -33.17 -37.98 40.28
N ILE F 638 -32.61 -38.85 41.12
CA ILE F 638 -31.24 -38.70 41.64
C ILE F 638 -30.30 -39.79 41.12
N ARG F 639 -29.08 -39.36 40.77
CA ARG F 639 -28.06 -40.17 40.10
C ARG F 639 -27.45 -41.23 41.05
N ARG F 640 -26.76 -42.22 40.47
CA ARG F 640 -25.93 -43.13 41.28
C ARG F 640 -24.52 -42.58 41.47
N SER F 641 -24.43 -41.56 42.34
CA SER F 641 -23.17 -40.92 42.74
C SER F 641 -22.16 -41.96 43.15
N VAL F 642 -20.92 -41.85 42.67
CA VAL F 642 -19.85 -42.79 43.08
C VAL F 642 -18.42 -42.23 43.23
N ASP F 643 -17.48 -43.16 43.40
CA ASP F 643 -16.30 -42.94 44.22
C ASP F 643 -15.29 -41.79 44.29
N PRO F 644 -15.12 -41.22 45.50
CA PRO F 644 -14.00 -40.30 45.74
C PRO F 644 -12.75 -40.97 46.38
N ARG F 645 -12.75 -42.31 46.51
CA ARG F 645 -11.56 -43.05 46.99
C ARG F 645 -11.37 -44.49 46.44
N ARG F 646 -11.95 -44.75 45.27
CA ARG F 646 -11.65 -45.95 44.45
C ARG F 646 -12.13 -45.67 43.02
N GLN F 647 -11.41 -46.22 42.05
CA GLN F 647 -11.71 -46.19 40.61
C GLN F 647 -10.71 -47.12 39.91
N LEU F 648 -10.97 -47.49 38.67
CA LEU F 648 -9.97 -48.25 37.89
C LEU F 648 -9.37 -47.40 36.74
N THR F 649 -8.04 -47.30 36.69
CA THR F 649 -7.39 -46.40 35.73
C THR F 649 -6.68 -47.13 34.61
N VAL F 650 -6.70 -46.53 33.43
CA VAL F 650 -5.73 -46.88 32.38
C VAL F 650 -4.64 -45.80 32.33
N VAL F 651 -3.43 -46.22 32.66
CA VAL F 651 -2.26 -45.35 32.66
C VAL F 651 -1.71 -45.20 31.24
N GLY F 652 -1.90 -43.99 30.71
CA GLY F 652 -1.35 -43.55 29.42
C GLY F 652 -1.56 -44.53 28.29
N ALA F 653 -2.68 -44.41 27.60
CA ALA F 653 -2.97 -45.31 26.50
C ALA F 653 -2.47 -44.75 25.18
N ARG F 654 -1.72 -45.54 24.43
CA ARG F 654 -1.07 -44.99 23.25
C ARG F 654 -1.24 -45.78 21.95
N GLU F 655 -2.26 -46.63 21.85
CA GLU F 655 -2.45 -47.39 20.60
C GLU F 655 -3.23 -46.61 19.55
N HIS F 656 -2.57 -46.40 18.42
CA HIS F 656 -3.08 -45.65 17.27
C HIS F 656 -3.63 -44.26 17.59
N ASN F 657 -4.89 -44.00 17.25
CA ASN F 657 -5.50 -42.67 17.43
C ASN F 657 -5.36 -42.08 18.84
N LEU F 658 -4.91 -42.91 19.77
CA LEU F 658 -4.81 -42.61 21.20
C LEU F 658 -3.60 -41.78 21.60
N ARG F 659 -3.78 -41.00 22.67
CA ARG F 659 -2.77 -40.05 23.14
C ARG F 659 -2.60 -40.20 24.64
N GLY F 660 -1.92 -41.27 25.03
CA GLY F 660 -1.51 -41.52 26.41
C GLY F 660 -2.23 -40.69 27.44
N ILE F 661 -3.48 -41.03 27.67
CA ILE F 661 -4.21 -40.36 28.72
C ILE F 661 -4.47 -41.28 29.87
N ASP F 662 -4.88 -40.67 30.97
CA ASP F 662 -5.13 -41.38 32.19
C ASP F 662 -6.62 -41.35 32.45
N VAL F 663 -7.20 -42.54 32.38
CA VAL F 663 -8.64 -42.69 32.39
C VAL F 663 -9.07 -43.57 33.55
N SER F 664 -9.72 -42.96 34.53
CA SER F 664 -10.26 -43.72 35.67
C SER F 664 -11.69 -44.15 35.40
N PHE F 665 -11.86 -45.46 35.18
CA PHE F 665 -13.15 -46.12 34.95
C PHE F 665 -13.80 -46.36 36.31
N PRO F 666 -14.73 -45.47 36.75
CA PRO F 666 -15.30 -45.74 38.08
C PRO F 666 -15.79 -47.19 38.24
N LEU F 667 -15.10 -47.94 39.11
CA LEU F 667 -15.33 -49.37 39.35
C LEU F 667 -16.77 -49.78 39.63
N GLY F 668 -17.04 -51.08 39.42
CA GLY F 668 -18.30 -51.74 39.81
C GLY F 668 -19.63 -51.30 39.21
N VAL F 669 -19.68 -50.05 38.74
CA VAL F 669 -20.95 -49.35 38.46
C VAL F 669 -21.26 -49.10 36.94
N LEU F 670 -22.08 -48.07 36.67
CA LEU F 670 -22.44 -47.70 35.30
C LEU F 670 -21.37 -46.87 34.58
N THR F 671 -20.53 -47.62 33.88
CA THR F 671 -19.55 -47.08 32.96
C THR F 671 -20.08 -47.23 31.54
N SER F 672 -20.17 -46.10 30.84
CA SER F 672 -20.40 -46.09 29.41
C SER F 672 -19.42 -45.10 28.74
N VAL F 673 -18.69 -45.58 27.74
CA VAL F 673 -17.85 -44.71 26.91
C VAL F 673 -18.77 -43.91 25.98
N THR F 674 -18.32 -42.76 25.50
CA THR F 674 -19.09 -42.00 24.53
C THR F 674 -18.07 -41.37 23.61
N GLY F 675 -18.51 -40.49 22.71
CA GLY F 675 -17.63 -39.87 21.73
C GLY F 675 -17.84 -40.50 20.37
N VAL F 676 -17.78 -39.67 19.34
CA VAL F 676 -17.97 -40.09 17.93
C VAL F 676 -17.25 -41.40 17.60
N SER F 677 -17.57 -41.95 16.43
CA SER F 677 -16.97 -43.18 15.95
C SER F 677 -15.48 -42.95 15.70
N GLY F 678 -14.68 -43.95 16.10
CA GLY F 678 -13.22 -44.01 15.86
C GLY F 678 -12.60 -42.76 16.43
N SER F 679 -13.05 -42.43 17.63
CA SER F 679 -12.56 -41.36 18.46
C SER F 679 -11.53 -41.97 19.39
N GLY F 680 -10.97 -43.09 18.96
CA GLY F 680 -10.12 -43.94 19.81
C GLY F 680 -10.98 -44.91 20.58
N LYS F 681 -12.24 -44.98 20.18
CA LYS F 681 -13.27 -45.51 21.02
C LYS F 681 -13.04 -46.88 21.66
N SER F 682 -12.63 -47.84 20.83
CA SER F 682 -12.56 -49.26 21.20
C SER F 682 -11.14 -49.66 21.56
N THR F 683 -10.16 -49.02 20.92
CA THR F 683 -8.75 -49.30 21.22
C THR F 683 -8.54 -49.28 22.72
N LEU F 684 -8.98 -48.20 23.38
CA LEU F 684 -8.90 -48.11 24.84
C LEU F 684 -9.57 -49.30 25.46
N VAL F 685 -10.88 -49.44 25.20
CA VAL F 685 -11.69 -50.44 25.92
C VAL F 685 -11.44 -51.91 25.47
N ASN F 686 -11.68 -52.20 24.19
CA ASN F 686 -11.55 -53.58 23.68
C ASN F 686 -10.12 -54.08 23.52
N ASP F 687 -9.15 -53.17 23.45
CA ASP F 687 -7.82 -53.56 23.02
C ASP F 687 -6.74 -53.29 24.04
N ILE F 688 -7.11 -52.60 25.10
CA ILE F 688 -6.17 -52.33 26.14
C ILE F 688 -6.80 -52.90 27.39
N LEU F 689 -7.67 -52.14 28.04
CA LEU F 689 -8.32 -52.58 29.28
C LEU F 689 -8.98 -53.98 29.18
N ALA F 690 -8.96 -54.57 28.00
CA ALA F 690 -9.59 -55.89 27.78
C ALA F 690 -8.59 -56.99 27.45
N ALA F 691 -7.57 -56.65 26.68
CA ALA F 691 -6.55 -57.63 26.31
C ALA F 691 -5.47 -57.66 27.40
N VAL F 692 -5.42 -56.61 28.24
CA VAL F 692 -4.68 -56.65 29.51
C VAL F 692 -5.42 -57.56 30.51
N LEU F 693 -6.68 -57.21 30.80
CA LEU F 693 -7.59 -58.03 31.61
C LEU F 693 -7.69 -59.50 31.15
N ALA F 694 -7.62 -59.73 29.85
CA ALA F 694 -7.68 -61.07 29.27
C ALA F 694 -6.43 -61.90 29.66
N ASN F 695 -5.27 -61.28 29.54
CA ASN F 695 -4.03 -61.95 29.84
C ASN F 695 -3.81 -62.10 31.34
N ARG F 696 -3.98 -61.00 32.08
CA ARG F 696 -3.73 -60.98 33.52
C ARG F 696 -4.63 -61.77 34.49
N LEU F 697 -5.95 -61.69 34.30
CA LEU F 697 -6.88 -62.38 35.20
C LEU F 697 -7.35 -63.70 34.62
N ASN F 698 -7.49 -63.71 33.30
CA ASN F 698 -7.92 -64.88 32.53
C ASN F 698 -6.79 -65.74 31.99
N GLY F 699 -5.58 -65.21 31.98
CA GLY F 699 -4.40 -66.01 31.66
C GLY F 699 -4.32 -66.54 30.23
N ALA F 700 -5.05 -65.88 29.34
CA ALA F 700 -4.89 -66.10 27.91
C ALA F 700 -3.85 -65.07 27.42
N ARG F 701 -3.05 -65.43 26.43
CA ARG F 701 -2.00 -64.55 25.86
C ARG F 701 -2.51 -63.78 24.59
N GLN F 702 -2.85 -62.50 24.75
CA GLN F 702 -3.34 -61.62 23.67
C GLN F 702 -2.49 -60.36 23.57
N VAL F 703 -2.57 -59.66 22.42
CA VAL F 703 -1.69 -58.52 22.11
C VAL F 703 -2.31 -57.13 22.32
N PRO F 704 -2.30 -56.58 23.56
CA PRO F 704 -2.73 -55.18 23.78
C PRO F 704 -2.09 -54.08 22.87
N GLY F 705 -2.30 -52.82 23.25
CA GLY F 705 -1.68 -51.67 22.58
C GLY F 705 -0.60 -51.06 23.45
N ARG F 706 0.43 -50.47 22.83
CA ARG F 706 1.69 -50.11 23.55
C ARG F 706 1.55 -49.13 24.72
N HIS F 707 0.50 -49.35 25.51
CA HIS F 707 0.24 -48.68 26.78
C HIS F 707 1.31 -49.00 27.83
N THR F 708 1.11 -48.48 29.04
CA THR F 708 1.96 -48.84 30.17
C THR F 708 1.34 -49.91 31.07
N ARG F 709 0.35 -49.50 31.87
CA ARG F 709 -0.26 -50.37 32.87
C ARG F 709 -1.65 -49.87 33.29
N VAL F 710 -2.15 -50.48 34.37
CA VAL F 710 -3.49 -50.23 34.89
C VAL F 710 -3.41 -49.68 36.34
N THR F 711 -4.41 -49.98 37.18
CA THR F 711 -4.43 -49.49 38.57
C THR F 711 -4.52 -50.64 39.61
N GLY F 712 -3.86 -50.42 40.75
CA GLY F 712 -3.86 -51.40 41.82
C GLY F 712 -3.43 -52.68 41.15
N LEU F 713 -4.15 -53.75 41.44
CA LEU F 713 -3.97 -54.98 40.72
C LEU F 713 -5.31 -55.67 40.53
N ASP F 714 -6.22 -55.08 39.76
CA ASP F 714 -7.48 -55.83 39.58
C ASP F 714 -8.12 -56.39 40.88
N TYR F 715 -8.88 -55.56 41.62
CA TYR F 715 -9.75 -56.06 42.71
C TYR F 715 -10.73 -57.07 42.12
N LEU F 716 -11.14 -56.92 40.86
CA LEU F 716 -12.11 -57.87 40.21
C LEU F 716 -11.69 -59.35 39.93
N ASP F 717 -12.63 -60.30 40.11
CA ASP F 717 -12.38 -61.76 39.92
C ASP F 717 -12.06 -62.37 38.53
N LYS F 718 -12.83 -62.06 37.48
CA LYS F 718 -12.46 -62.42 36.09
C LYS F 718 -13.18 -61.54 35.05
N LEU F 719 -13.04 -61.92 33.77
CA LEU F 719 -13.56 -61.15 32.62
C LEU F 719 -14.44 -61.98 31.68
N VAL F 720 -15.68 -61.53 31.47
CA VAL F 720 -16.59 -62.10 30.47
C VAL F 720 -17.24 -60.97 29.64
N ARG F 721 -17.45 -61.23 28.34
CA ARG F 721 -17.87 -60.21 27.35
C ARG F 721 -18.76 -60.83 26.22
N VAL F 722 -20.06 -60.51 26.19
CA VAL F 722 -21.03 -61.26 25.32
C VAL F 722 -21.16 -60.73 23.89
N ASP F 723 -21.96 -61.43 23.09
CA ASP F 723 -22.23 -61.06 21.68
C ASP F 723 -23.69 -61.31 21.26
N SER F 865 -31.75 -68.88 16.98
CA SER F 865 -32.49 -67.62 16.84
C SER F 865 -31.71 -66.29 17.14
N GLY F 866 -30.76 -65.98 16.24
CA GLY F 866 -30.06 -64.67 16.12
C GLY F 866 -30.08 -63.69 17.28
N GLY F 867 -30.95 -62.67 17.18
CA GLY F 867 -31.00 -61.62 18.20
C GLY F 867 -31.14 -62.12 19.62
N GLU F 868 -31.98 -63.15 19.79
CA GLU F 868 -32.46 -63.63 21.10
C GLU F 868 -31.35 -64.07 22.08
N ALA F 869 -30.11 -64.17 21.61
CA ALA F 869 -28.99 -64.80 22.36
C ALA F 869 -27.99 -63.90 23.12
N GLN F 870 -27.87 -62.62 22.72
CA GLN F 870 -27.12 -61.64 23.52
C GLN F 870 -27.56 -61.81 24.97
N ARG F 871 -28.88 -61.83 25.18
CA ARG F 871 -29.50 -62.05 26.48
C ARG F 871 -29.16 -63.37 27.14
N VAL F 872 -29.36 -64.49 26.44
CA VAL F 872 -29.26 -65.84 27.06
C VAL F 872 -28.02 -66.05 27.96
N LYS F 873 -26.85 -65.69 27.44
CA LYS F 873 -25.59 -65.81 28.17
C LYS F 873 -25.49 -64.73 29.28
N LEU F 874 -25.96 -63.51 28.97
CA LEU F 874 -26.04 -62.39 29.94
C LEU F 874 -27.09 -62.65 31.05
N ALA F 875 -28.06 -63.52 30.77
CA ALA F 875 -28.90 -64.07 31.83
C ALA F 875 -28.02 -65.04 32.63
N SER F 876 -27.43 -66.01 31.92
CA SER F 876 -26.55 -67.04 32.50
C SER F 876 -25.70 -66.51 33.64
N GLU F 877 -25.21 -65.28 33.48
CA GLU F 877 -24.46 -64.63 34.55
C GLU F 877 -25.34 -63.89 35.58
N LEU F 878 -26.30 -64.65 36.09
CA LEU F 878 -27.17 -64.26 37.18
C LEU F 878 -27.28 -65.53 37.99
N GLN F 879 -27.97 -66.51 37.42
CA GLN F 879 -28.12 -67.84 38.01
C GLN F 879 -26.79 -68.61 38.05
N LYS F 880 -26.15 -68.69 36.89
CA LYS F 880 -24.94 -69.48 36.67
C LYS F 880 -23.67 -69.02 37.40
N ARG F 881 -23.44 -67.72 37.38
CA ARG F 881 -22.25 -67.15 37.99
C ARG F 881 -22.65 -65.94 38.80
N SER F 882 -21.87 -65.61 39.81
CA SER F 882 -22.23 -64.44 40.68
C SER F 882 -21.23 -64.10 41.85
N THR F 883 -20.28 -63.20 41.59
CA THR F 883 -19.35 -62.67 42.63
C THR F 883 -19.63 -61.20 42.97
N GLY F 884 -18.70 -60.59 43.70
CA GLY F 884 -18.80 -59.19 44.06
C GLY F 884 -18.02 -58.19 43.24
N ARG F 885 -17.20 -58.65 42.30
CA ARG F 885 -16.46 -57.72 41.45
C ARG F 885 -16.21 -58.10 39.98
N THR F 886 -16.72 -59.25 39.56
CA THR F 886 -16.40 -59.82 38.23
C THR F 886 -16.68 -58.86 37.05
N VAL F 887 -15.78 -58.86 36.06
CA VAL F 887 -15.85 -57.84 35.02
C VAL F 887 -16.51 -58.32 33.72
N TYR F 888 -17.26 -57.39 33.11
CA TYR F 888 -17.98 -57.62 31.84
C TYR F 888 -17.83 -56.46 30.85
N ILE F 889 -17.22 -56.75 29.71
CA ILE F 889 -17.15 -55.80 28.60
C ILE F 889 -18.36 -55.98 27.69
N LEU F 890 -18.97 -54.86 27.34
CA LEU F 890 -20.12 -54.84 26.44
C LEU F 890 -19.97 -53.77 25.34
N ASP F 891 -19.42 -54.26 24.24
CA ASP F 891 -19.23 -53.53 22.99
C ASP F 891 -20.55 -53.50 22.23
N GLU F 892 -21.18 -52.33 22.20
CA GLU F 892 -22.47 -52.14 21.55
C GLU F 892 -23.43 -53.29 21.84
N PRO F 893 -24.19 -53.14 22.93
CA PRO F 893 -25.29 -54.04 23.26
C PRO F 893 -26.50 -53.69 22.38
N THR F 894 -26.91 -52.42 22.46
CA THR F 894 -27.96 -51.83 21.63
C THR F 894 -28.05 -52.49 20.25
N THR F 895 -26.94 -52.51 19.50
CA THR F 895 -26.90 -53.12 18.15
C THR F 895 -27.96 -54.21 18.03
N GLY F 896 -28.99 -53.89 17.25
CA GLY F 896 -30.07 -54.83 16.94
C GLY F 896 -31.22 -54.87 17.92
N LEU F 897 -31.11 -54.14 19.02
CA LEU F 897 -32.13 -54.21 20.06
C LEU F 897 -33.07 -53.02 20.06
N HIS F 898 -34.34 -53.33 20.33
CA HIS F 898 -35.46 -52.42 20.13
C HIS F 898 -35.67 -51.54 21.32
N PHE F 899 -36.43 -50.46 21.17
CA PHE F 899 -36.60 -49.57 22.30
C PHE F 899 -37.15 -50.38 23.47
N ASP F 900 -38.08 -51.28 23.21
CA ASP F 900 -38.60 -52.11 24.30
C ASP F 900 -37.51 -53.02 24.92
N ASP F 901 -36.67 -53.64 24.09
CA ASP F 901 -35.58 -54.48 24.57
C ASP F 901 -34.54 -53.65 25.31
N ILE F 902 -34.24 -52.50 24.73
CA ILE F 902 -33.32 -51.48 25.27
C ILE F 902 -33.59 -50.94 26.69
N ARG F 903 -34.85 -50.62 27.03
CA ARG F 903 -35.17 -50.14 28.39
C ARG F 903 -35.22 -51.32 29.36
N LYS F 904 -35.59 -52.48 28.83
CA LYS F 904 -35.68 -53.73 29.60
C LYS F 904 -34.40 -54.58 29.48
N LEU F 905 -33.26 -53.90 29.42
CA LEU F 905 -31.92 -54.49 29.58
C LEU F 905 -31.21 -53.63 30.62
N LEU F 906 -31.36 -52.32 30.53
CA LEU F 906 -30.67 -51.46 31.47
C LEU F 906 -31.09 -51.86 32.88
N ASN F 907 -32.36 -52.21 33.06
CA ASN F 907 -32.85 -52.64 34.37
C ASN F 907 -32.19 -53.93 34.91
N VAL F 908 -31.99 -54.93 34.04
CA VAL F 908 -31.36 -56.18 34.48
C VAL F 908 -29.94 -55.94 34.97
N ILE F 909 -29.23 -55.11 34.21
CA ILE F 909 -27.90 -54.60 34.55
C ILE F 909 -27.78 -53.93 35.93
N ASN F 910 -28.82 -53.17 36.33
CA ASN F 910 -28.89 -52.60 37.68
C ASN F 910 -28.72 -53.66 38.80
N GLY F 911 -29.43 -54.78 38.68
CA GLY F 911 -29.23 -55.96 39.54
C GLY F 911 -28.09 -56.87 39.10
N LEU F 912 -27.05 -56.26 38.53
CA LEU F 912 -25.75 -56.88 38.24
C LEU F 912 -24.62 -55.96 38.67
N VAL F 913 -24.84 -54.65 38.55
CA VAL F 913 -23.89 -53.58 38.96
C VAL F 913 -23.95 -53.23 40.46
N ASP F 914 -25.04 -53.66 41.11
CA ASP F 914 -25.18 -53.53 42.57
C ASP F 914 -24.53 -54.69 43.35
N LYS F 915 -24.71 -55.91 42.82
CA LYS F 915 -24.08 -57.14 43.33
C LYS F 915 -22.58 -56.97 43.57
N GLY F 916 -21.97 -56.13 42.74
CA GLY F 916 -20.55 -55.82 42.82
C GLY F 916 -19.91 -55.78 41.44
N ASN F 917 -20.15 -56.85 40.66
CA ASN F 917 -19.62 -57.02 39.30
C ASN F 917 -19.38 -55.71 38.55
N THR F 918 -18.16 -55.51 38.05
CA THR F 918 -17.85 -54.34 37.23
C THR F 918 -18.39 -54.58 35.83
N VAL F 919 -19.14 -53.62 35.30
CA VAL F 919 -19.71 -53.74 33.96
C VAL F 919 -19.39 -52.52 33.09
N ILE F 920 -18.62 -52.78 32.03
CA ILE F 920 -18.27 -51.78 31.02
C ILE F 920 -19.26 -51.89 29.88
N VAL F 921 -19.60 -50.74 29.30
CA VAL F 921 -20.52 -50.68 28.15
C VAL F 921 -20.26 -49.48 27.24
N ILE F 922 -20.04 -49.76 25.96
CA ILE F 922 -19.89 -48.71 24.96
C ILE F 922 -21.13 -48.64 24.08
N GLU F 923 -21.74 -47.46 24.05
CA GLU F 923 -23.00 -47.24 23.36
C GLU F 923 -23.15 -45.81 22.88
N HIS F 924 -23.72 -45.63 21.69
CA HIS F 924 -24.21 -44.32 21.31
C HIS F 924 -25.63 -44.12 21.78
N ASN F 925 -26.23 -45.21 22.23
CA ASN F 925 -27.59 -45.22 22.72
C ASN F 925 -27.90 -44.06 23.66
N LEU F 926 -28.44 -42.98 23.10
CA LEU F 926 -28.73 -41.77 23.87
C LEU F 926 -29.56 -42.10 25.09
N ASP F 927 -30.34 -43.18 25.00
CA ASP F 927 -31.11 -43.66 26.14
C ASP F 927 -30.22 -44.29 27.22
N VAL F 928 -29.29 -45.17 26.80
CA VAL F 928 -28.34 -45.86 27.72
C VAL F 928 -27.01 -45.08 27.99
N ILE F 929 -27.02 -43.77 27.69
CA ILE F 929 -25.98 -42.82 28.11
C ILE F 929 -26.58 -41.89 29.19
N LYS F 930 -27.64 -41.16 28.82
CA LYS F 930 -28.46 -40.39 29.76
C LYS F 930 -28.82 -41.19 31.03
N THR F 931 -28.77 -42.51 30.94
CA THR F 931 -29.08 -43.37 32.07
C THR F 931 -27.89 -43.46 33.04
N SER F 932 -26.68 -43.58 32.48
CA SER F 932 -25.43 -43.80 33.24
C SER F 932 -25.14 -42.77 34.36
N ASP F 933 -24.76 -43.29 35.53
CA ASP F 933 -24.22 -42.48 36.62
C ASP F 933 -22.95 -41.71 36.19
N TRP F 934 -22.13 -42.33 35.33
CA TRP F 934 -20.89 -41.75 34.79
C TRP F 934 -20.54 -42.13 33.34
N ILE F 935 -20.10 -41.11 32.60
CA ILE F 935 -19.73 -41.23 31.18
C ILE F 935 -18.37 -40.61 30.83
N ILE F 936 -17.54 -41.36 30.09
CA ILE F 936 -16.26 -40.82 29.60
C ILE F 936 -16.26 -40.59 28.08
N ASP F 937 -16.19 -39.31 27.73
CA ASP F 937 -16.42 -38.82 26.38
C ASP F 937 -15.10 -38.67 25.61
N LEU F 938 -14.95 -39.46 24.55
CA LEU F 938 -13.65 -39.65 23.92
C LEU F 938 -13.42 -38.91 22.61
N GLY F 939 -13.78 -37.65 22.55
CA GLY F 939 -13.62 -36.89 21.31
C GLY F 939 -12.26 -36.23 21.14
N PRO F 940 -12.21 -35.10 20.40
CA PRO F 940 -13.29 -34.49 19.64
C PRO F 940 -13.66 -35.27 18.36
N GLU F 941 -12.86 -35.12 17.31
CA GLU F 941 -13.08 -35.81 16.03
C GLU F 941 -12.75 -37.28 16.08
N GLY F 942 -12.99 -37.92 14.94
CA GLY F 942 -12.55 -39.27 14.76
C GLY F 942 -11.09 -39.22 14.39
N GLY F 943 -10.38 -40.30 14.74
CA GLY F 943 -8.96 -40.45 14.41
C GLY F 943 -8.09 -39.39 15.06
N ALA F 944 -7.02 -39.01 14.35
CA ALA F 944 -6.06 -38.01 14.86
C ALA F 944 -6.71 -36.73 15.43
N GLY F 945 -7.91 -36.39 14.98
CA GLY F 945 -8.60 -35.20 15.46
C GLY F 945 -9.29 -35.42 16.79
N GLY F 946 -9.37 -36.70 17.19
CA GLY F 946 -9.89 -37.06 18.50
C GLY F 946 -9.00 -38.12 19.12
N GLY F 947 -9.22 -38.40 20.40
CA GLY F 947 -8.43 -39.40 21.10
C GLY F 947 -7.98 -38.91 22.46
N THR F 948 -8.68 -37.92 22.97
CA THR F 948 -8.46 -37.46 24.34
C THR F 948 -9.75 -37.69 25.04
N VAL F 949 -9.78 -37.45 26.34
CA VAL F 949 -11.06 -37.27 26.99
C VAL F 949 -11.48 -35.85 26.64
N VAL F 950 -12.74 -35.65 26.28
CA VAL F 950 -13.23 -34.28 26.06
C VAL F 950 -14.28 -33.92 27.10
N ALA F 951 -14.83 -34.95 27.74
CA ALA F 951 -15.43 -34.81 29.07
C ALA F 951 -15.52 -36.14 29.76
N GLN F 952 -15.87 -36.07 31.04
CA GLN F 952 -16.08 -37.21 31.91
C GLN F 952 -16.99 -36.62 32.98
N GLY F 953 -18.04 -37.33 33.36
CA GLY F 953 -18.91 -36.78 34.39
C GLY F 953 -20.37 -37.17 34.41
N THR F 954 -21.07 -36.61 35.39
CA THR F 954 -22.51 -36.64 35.46
C THR F 954 -22.96 -36.22 34.07
N PRO F 955 -23.83 -37.04 33.43
CA PRO F 955 -24.49 -36.67 32.18
C PRO F 955 -24.75 -35.18 32.14
N GLU F 956 -24.92 -34.56 33.31
CA GLU F 956 -25.02 -33.11 33.39
C GLU F 956 -23.72 -32.34 33.03
N ASP F 957 -22.56 -32.80 33.52
CA ASP F 957 -21.28 -32.10 33.29
C ASP F 957 -20.83 -32.06 31.82
N VAL F 958 -20.93 -33.22 31.18
CA VAL F 958 -20.73 -33.39 29.75
C VAL F 958 -21.59 -32.37 29.02
N ALA F 959 -22.89 -32.40 29.30
CA ALA F 959 -23.89 -31.57 28.61
C ALA F 959 -23.65 -30.08 28.79
N ALA F 960 -22.68 -29.74 29.64
CA ALA F 960 -22.30 -28.36 29.77
C ALA F 960 -21.21 -28.13 28.75
N VAL F 961 -20.40 -29.16 28.49
CA VAL F 961 -19.17 -29.00 27.69
C VAL F 961 -19.43 -28.67 26.23
N PRO F 962 -19.23 -27.39 25.85
CA PRO F 962 -19.60 -26.87 24.53
C PRO F 962 -18.96 -27.68 23.41
N ALA F 963 -17.84 -28.33 23.71
CA ALA F 963 -17.12 -29.13 22.73
C ALA F 963 -17.75 -30.50 22.56
N SER F 964 -18.04 -31.16 23.68
CA SER F 964 -18.53 -32.52 23.69
C SER F 964 -19.77 -32.71 22.82
N TYR F 965 -19.67 -33.58 21.79
CA TYR F 965 -20.82 -33.89 20.91
C TYR F 965 -21.90 -34.67 21.62
N THR F 966 -21.54 -35.80 22.24
CA THR F 966 -22.41 -36.46 23.22
C THR F 966 -23.06 -35.43 24.13
N GLY F 967 -22.26 -34.47 24.57
CA GLY F 967 -22.69 -33.41 25.49
C GLY F 967 -23.89 -32.64 24.97
N LYS F 968 -23.73 -32.01 23.81
CA LYS F 968 -24.81 -31.32 23.08
C LYS F 968 -26.13 -32.10 23.06
N PHE F 969 -26.05 -33.37 22.66
CA PHE F 969 -27.18 -34.30 22.69
C PHE F 969 -27.60 -34.76 24.08
N LEU F 970 -27.14 -34.08 25.12
CA LEU F 970 -27.64 -34.36 26.47
C LEU F 970 -28.44 -33.20 27.09
N ALA F 971 -28.41 -32.06 26.40
CA ALA F 971 -29.26 -30.90 26.74
C ALA F 971 -30.59 -30.90 25.95
ZN ZN G . 52.89 -25.32 13.10
ZN ZN H . 103.65 13.11 -5.06
ZN ZN I . 90.97 3.12 8.06
ZN ZN J . -29.08 23.82 25.79
ZN ZN K . 32.13 46.53 40.39
ZN ZN L . 12.40 46.77 33.81
ZN ZN M . -30.70 28.29 -36.32
ZN ZN N . -63.50 -5.63 -45.33
ZN ZN O . -67.98 -24.20 -54.08
ZN ZN P . 17.37 14.23 45.97
ZN ZN Q . -44.66 -6.49 33.04
ZN ZN R . -24.97 -7.37 40.56
ZN ZN S . -34.85 -16.75 -61.42
ZN ZN T . -2.70 18.83 -55.53
#